data_1E5G
#
_entry.id   1E5G
#
_cell.length_a   1.000
_cell.length_b   1.000
_cell.length_c   1.000
_cell.angle_alpha   90.00
_cell.angle_beta   90.00
_cell.angle_gamma   90.00
#
_symmetry.space_group_name_H-M   'P 1'
#
_entity_poly.entity_id   1
_entity_poly.type   'polypeptide(L)'
_entity_poly.pdbx_seq_one_letter_code
;RRCPSPRDIDNGQLDIGGVDFGSSITYSCNSGYHLIGESKSYCELGSTGSMVWNPEAPICESVKCQSPPSISNGRHNGYE
DFYTDGSVVTYSCNSGYSLIGNSGVLCSGGEWSDPPTCQI
;
_entity_poly.pdbx_strand_id   A
#
# COMPACT_ATOMS: atom_id res chain seq x y z
N ARG A 1 20.76 1.27 27.23
CA ARG A 1 20.85 1.42 25.77
C ARG A 1 19.52 1.09 25.10
N ARG A 2 19.52 1.08 23.78
CA ARG A 2 18.34 0.77 23.01
C ARG A 2 17.16 1.67 23.38
N CYS A 3 16.13 1.64 22.55
CA CYS A 3 14.94 2.45 22.77
C CYS A 3 13.80 1.60 23.31
N PRO A 4 12.75 2.22 23.88
CA PRO A 4 11.60 1.50 24.43
C PRO A 4 10.79 0.81 23.34
N SER A 5 9.83 0.00 23.76
CA SER A 5 8.99 -0.74 22.82
C SER A 5 8.43 0.19 21.73
N PRO A 6 8.99 0.12 20.51
CA PRO A 6 8.54 0.95 19.41
C PRO A 6 7.02 0.92 19.23
N ARG A 7 6.48 1.96 18.61
CA ARG A 7 5.04 2.02 18.36
C ARG A 7 4.67 1.12 17.21
N ASP A 8 3.38 0.84 17.08
CA ASP A 8 2.90 -0.05 16.04
C ASP A 8 2.02 0.69 15.04
N ILE A 9 1.43 -0.06 14.13
CA ILE A 9 0.56 0.49 13.10
C ILE A 9 -0.59 -0.45 12.78
N ASP A 10 -1.76 0.11 12.52
CA ASP A 10 -2.90 -0.70 12.16
C ASP A 10 -2.79 -1.17 10.72
N ASN A 11 -3.56 -2.21 10.40
CA ASN A 11 -3.54 -2.80 9.07
C ASN A 11 -2.12 -2.85 8.50
N GLY A 12 -1.14 -2.96 9.40
CA GLY A 12 0.25 -2.98 8.99
C GLY A 12 1.13 -3.77 9.95
N GLN A 13 2.39 -3.99 9.54
CA GLN A 13 3.33 -4.74 10.37
C GLN A 13 4.70 -4.07 10.35
N LEU A 14 5.34 -4.00 11.50
CA LEU A 14 6.65 -3.39 11.61
C LEU A 14 7.76 -4.37 11.24
N ASP A 15 8.92 -3.83 10.91
CA ASP A 15 10.08 -4.64 10.57
C ASP A 15 11.27 -4.22 11.43
N ILE A 16 11.19 -4.55 12.72
CA ILE A 16 12.23 -4.16 13.67
C ILE A 16 13.53 -4.89 13.43
N GLY A 17 14.41 -4.29 12.65
CA GLY A 17 15.72 -4.87 12.40
C GLY A 17 16.76 -4.35 13.37
N GLY A 18 16.30 -3.76 14.48
CA GLY A 18 17.20 -3.22 15.48
C GLY A 18 16.55 -2.13 16.29
N VAL A 19 16.72 -2.19 17.61
CA VAL A 19 16.14 -1.20 18.50
C VAL A 19 17.22 -0.48 19.30
N ASP A 20 18.42 -0.42 18.73
CA ASP A 20 19.55 0.23 19.40
C ASP A 20 19.58 1.72 19.08
N PHE A 21 20.14 2.50 20.01
CA PHE A 21 20.25 3.94 19.82
C PHE A 21 20.85 4.27 18.46
N GLY A 22 19.99 4.57 17.49
CA GLY A 22 20.44 4.87 16.15
C GLY A 22 19.98 3.85 15.13
N SER A 23 19.14 2.92 15.55
CA SER A 23 18.62 1.90 14.64
C SER A 23 17.43 2.43 13.85
N SER A 24 16.70 1.54 13.19
CA SER A 24 15.54 1.95 12.41
C SER A 24 14.59 0.77 12.15
N ILE A 25 13.30 1.03 12.26
CA ILE A 25 12.27 0.01 12.02
C ILE A 25 11.63 0.25 10.65
N THR A 26 11.19 -0.83 10.02
CA THR A 26 10.56 -0.71 8.70
C THR A 26 9.06 -0.99 8.78
N TYR A 27 8.26 0.04 8.49
CA TYR A 27 6.81 -0.09 8.55
C TYR A 27 6.23 -0.58 7.23
N SER A 28 5.18 -1.39 7.33
CA SER A 28 4.53 -1.94 6.15
C SER A 28 3.06 -2.25 6.45
N CYS A 29 2.26 -2.38 5.39
CA CYS A 29 0.85 -2.68 5.54
C CYS A 29 0.62 -4.17 5.72
N ASN A 30 -0.60 -4.54 6.09
CA ASN A 30 -0.94 -5.95 6.31
C ASN A 30 -0.93 -6.72 4.99
N SER A 31 -2.04 -6.68 4.26
CA SER A 31 -2.15 -7.38 2.99
C SER A 31 -3.18 -6.72 2.09
N GLY A 32 -2.81 -6.52 0.83
CA GLY A 32 -3.72 -5.87 -0.11
C GLY A 32 -3.96 -4.42 0.23
N TYR A 33 -3.04 -3.83 0.98
CA TYR A 33 -3.15 -2.44 1.40
C TYR A 33 -2.04 -1.60 0.77
N HIS A 34 -2.06 -0.30 1.06
CA HIS A 34 -1.05 0.60 0.54
C HIS A 34 -0.64 1.62 1.59
N LEU A 35 0.60 1.51 2.06
CA LEU A 35 1.12 2.42 3.07
C LEU A 35 1.55 3.73 2.44
N ILE A 36 1.03 4.84 2.98
CA ILE A 36 1.36 6.16 2.46
C ILE A 36 2.33 6.88 3.37
N GLY A 37 2.95 7.93 2.84
CA GLY A 37 3.91 8.69 3.61
C GLY A 37 5.23 7.95 3.80
N GLU A 38 5.74 7.95 5.02
CA GLU A 38 6.98 7.26 5.32
C GLU A 38 6.74 5.79 5.60
N SER A 39 7.80 5.08 5.97
CA SER A 39 7.72 3.67 6.26
C SER A 39 8.87 3.21 7.15
N LYS A 40 9.51 4.14 7.84
CA LYS A 40 10.63 3.78 8.68
C LYS A 40 10.73 4.64 9.94
N SER A 41 10.88 3.97 11.08
CA SER A 41 11.07 4.63 12.37
C SER A 41 12.54 4.73 12.69
N TYR A 42 12.96 5.79 13.38
CA TYR A 42 14.38 5.89 13.75
C TYR A 42 14.56 6.07 15.24
N CYS A 43 15.28 5.13 15.84
CA CYS A 43 15.57 5.17 17.27
C CYS A 43 16.57 6.27 17.58
N GLU A 44 16.10 7.35 18.20
CA GLU A 44 16.97 8.45 18.54
C GLU A 44 16.71 8.96 19.95
N LEU A 45 17.37 10.05 20.32
CA LEU A 45 17.23 10.63 21.65
C LEU A 45 16.20 11.75 21.64
N GLY A 46 15.53 11.93 22.78
CA GLY A 46 14.52 12.97 22.88
C GLY A 46 15.13 14.36 22.94
N SER A 47 14.51 15.24 23.73
CA SER A 47 14.99 16.60 23.87
C SER A 47 15.93 16.74 25.06
N THR A 48 15.66 15.96 26.12
CA THR A 48 16.48 16.00 27.32
C THR A 48 17.39 14.77 27.38
N GLY A 49 17.70 14.22 26.22
CA GLY A 49 18.55 13.04 26.16
C GLY A 49 17.80 11.77 26.47
N SER A 50 16.47 11.82 26.31
CA SER A 50 15.64 10.68 26.59
C SER A 50 15.60 9.71 25.41
N MET A 51 14.78 8.67 25.53
CA MET A 51 14.64 7.67 24.48
C MET A 51 13.34 7.88 23.73
N VAL A 52 13.42 7.87 22.41
CA VAL A 52 12.25 8.08 21.58
C VAL A 52 12.40 7.38 20.23
N TRP A 53 11.35 7.42 19.43
CA TRP A 53 11.37 6.78 18.12
C TRP A 53 10.90 7.74 17.03
N ASN A 54 11.73 7.91 16.01
CA ASN A 54 11.39 8.77 14.88
C ASN A 54 10.26 8.17 14.08
N PRO A 55 9.62 8.96 13.19
CA PRO A 55 8.49 8.56 12.35
C PRO A 55 8.29 7.05 12.22
N GLU A 56 7.41 6.51 13.05
CA GLU A 56 7.14 5.07 13.07
C GLU A 56 5.96 4.70 12.19
N ALA A 57 4.75 4.94 12.68
CA ALA A 57 3.53 4.53 11.97
C ALA A 57 3.08 5.54 10.92
N PRO A 58 3.22 5.20 9.62
CA PRO A 58 2.77 6.05 8.53
C PRO A 58 1.29 5.79 8.21
N ILE A 59 0.89 6.06 6.97
CA ILE A 59 -0.49 5.82 6.56
C ILE A 59 -0.66 4.37 6.09
N CYS A 60 -1.91 3.94 6.00
CA CYS A 60 -2.21 2.58 5.55
C CYS A 60 -3.70 2.43 5.27
N GLU A 61 -4.03 1.90 4.08
CA GLU A 61 -5.42 1.73 3.69
C GLU A 61 -5.55 0.58 2.69
N SER A 62 -6.79 0.17 2.43
CA SER A 62 -7.06 -0.90 1.48
C SER A 62 -7.10 -0.34 0.06
N VAL A 63 -6.25 -0.88 -0.79
CA VAL A 63 -6.15 -0.45 -2.18
C VAL A 63 -7.52 -0.30 -2.82
N LYS A 64 -7.99 0.93 -2.91
CA LYS A 64 -9.27 1.22 -3.55
C LYS A 64 -9.07 1.58 -5.01
N CYS A 65 -9.27 0.62 -5.90
CA CYS A 65 -9.10 0.85 -7.32
C CYS A 65 -10.43 1.24 -7.95
N GLN A 66 -10.48 2.46 -8.48
CA GLN A 66 -11.68 2.96 -9.11
C GLN A 66 -11.92 2.25 -10.43
N SER A 67 -12.78 2.83 -11.27
CA SER A 67 -13.09 2.29 -12.55
C SER A 67 -11.84 1.76 -13.27
N PRO A 68 -11.91 0.53 -13.81
CA PRO A 68 -10.76 -0.10 -14.48
C PRO A 68 -10.19 0.78 -15.60
N PRO A 69 -8.98 0.45 -16.08
CA PRO A 69 -8.31 1.22 -17.13
C PRO A 69 -9.26 1.69 -18.22
N SER A 70 -8.82 2.68 -18.98
CA SER A 70 -9.62 3.23 -20.07
C SER A 70 -9.00 2.85 -21.41
N ILE A 71 -9.40 1.70 -21.94
CA ILE A 71 -8.88 1.21 -23.21
C ILE A 71 -9.36 2.07 -24.37
N SER A 72 -8.82 1.81 -25.55
CA SER A 72 -9.20 2.54 -26.74
C SER A 72 -10.33 1.84 -27.48
N ASN A 73 -11.25 2.61 -28.02
CA ASN A 73 -12.38 2.06 -28.75
C ASN A 73 -13.17 1.10 -27.88
N GLY A 74 -13.17 1.37 -26.58
CA GLY A 74 -13.90 0.51 -25.65
C GLY A 74 -13.99 1.08 -24.25
N ARG A 75 -14.38 0.24 -23.30
CA ARG A 75 -14.52 0.65 -21.91
C ARG A 75 -14.72 -0.54 -21.01
N HIS A 76 -14.96 -0.27 -19.73
CA HIS A 76 -15.17 -1.33 -18.75
C HIS A 76 -16.65 -1.43 -18.36
N ASN A 77 -16.99 -2.47 -17.60
CA ASN A 77 -18.37 -2.67 -17.16
C ASN A 77 -18.52 -2.29 -15.69
N GLY A 78 -18.27 -3.26 -14.81
CA GLY A 78 -18.38 -3.00 -13.39
C GLY A 78 -19.76 -2.55 -12.97
N TYR A 79 -20.11 -2.81 -11.71
CA TYR A 79 -21.41 -2.42 -11.18
C TYR A 79 -21.26 -1.31 -10.15
N GLU A 80 -20.15 -1.36 -9.41
CA GLU A 80 -19.87 -0.36 -8.39
C GLU A 80 -19.02 0.77 -8.96
N ASP A 81 -18.55 1.65 -8.07
CA ASP A 81 -17.74 2.78 -8.48
C ASP A 81 -16.28 2.57 -8.08
N PHE A 82 -16.06 1.73 -7.07
CA PHE A 82 -14.71 1.45 -6.60
C PHE A 82 -14.45 -0.05 -6.51
N TYR A 83 -13.20 -0.42 -6.26
CA TYR A 83 -12.82 -1.82 -6.17
C TYR A 83 -11.61 -2.00 -5.26
N THR A 84 -11.36 -3.23 -4.82
CA THR A 84 -10.23 -3.52 -3.94
C THR A 84 -9.63 -4.89 -4.23
N ASP A 85 -8.66 -5.27 -3.41
CA ASP A 85 -7.98 -6.55 -3.57
C ASP A 85 -8.96 -7.69 -3.69
N GLY A 86 -9.29 -8.04 -4.92
CA GLY A 86 -10.16 -9.17 -5.15
C GLY A 86 -11.38 -8.81 -5.96
N SER A 87 -11.30 -7.76 -6.77
CA SER A 87 -12.43 -7.35 -7.59
C SER A 87 -12.17 -7.62 -9.07
N VAL A 88 -13.23 -7.84 -9.83
CA VAL A 88 -13.12 -8.12 -11.25
C VAL A 88 -14.11 -7.28 -12.06
N VAL A 89 -13.77 -7.05 -13.32
CA VAL A 89 -14.61 -6.26 -14.21
C VAL A 89 -14.49 -6.73 -15.65
N THR A 90 -15.58 -6.64 -16.40
CA THR A 90 -15.59 -7.04 -17.79
C THR A 90 -15.47 -5.83 -18.71
N TYR A 91 -14.64 -5.94 -19.73
CA TYR A 91 -14.43 -4.85 -20.66
C TYR A 91 -15.29 -5.02 -21.91
N SER A 92 -15.51 -3.91 -22.62
CA SER A 92 -16.33 -3.94 -23.81
C SER A 92 -16.00 -2.77 -24.74
N CYS A 93 -16.03 -3.01 -26.04
CA CYS A 93 -15.75 -1.98 -27.02
C CYS A 93 -16.91 -0.99 -27.11
N ASN A 94 -16.67 0.14 -27.78
CA ASN A 94 -17.70 1.16 -27.94
C ASN A 94 -18.38 1.03 -29.29
N SER A 95 -17.80 1.66 -30.31
CA SER A 95 -18.35 1.63 -31.66
C SER A 95 -18.74 0.21 -32.06
N GLY A 96 -18.04 -0.77 -31.53
CA GLY A 96 -18.32 -2.16 -31.85
C GLY A 96 -17.09 -2.93 -32.31
N TYR A 97 -15.99 -2.75 -31.58
CA TYR A 97 -14.73 -3.41 -31.91
C TYR A 97 -14.72 -4.82 -31.35
N SER A 98 -13.57 -5.49 -31.44
CA SER A 98 -13.43 -6.85 -30.95
C SER A 98 -12.58 -6.91 -29.70
N LEU A 99 -13.22 -7.11 -28.56
CA LEU A 99 -12.54 -7.22 -27.28
C LEU A 99 -11.33 -8.13 -27.38
N ILE A 100 -10.16 -7.56 -27.23
CA ILE A 100 -8.91 -8.31 -27.31
C ILE A 100 -8.58 -8.91 -25.94
N GLY A 101 -7.79 -9.97 -25.95
CA GLY A 101 -7.44 -10.63 -24.71
C GLY A 101 -8.67 -11.07 -23.95
N ASN A 102 -8.72 -10.73 -22.67
CA ASN A 102 -9.86 -11.07 -21.84
C ASN A 102 -10.58 -9.82 -21.35
N SER A 103 -11.89 -9.86 -21.40
CA SER A 103 -12.71 -8.76 -20.95
C SER A 103 -12.59 -8.59 -19.44
N GLY A 104 -12.27 -9.68 -18.76
CA GLY A 104 -12.13 -9.65 -17.31
C GLY A 104 -10.87 -8.95 -16.87
N VAL A 105 -10.96 -8.21 -15.77
CA VAL A 105 -9.80 -7.48 -15.24
C VAL A 105 -9.77 -7.59 -13.71
N LEU A 106 -8.68 -8.13 -13.19
CA LEU A 106 -8.52 -8.30 -11.75
C LEU A 106 -8.11 -6.99 -11.08
N CYS A 107 -8.74 -6.69 -9.96
CA CYS A 107 -8.41 -5.51 -9.18
C CYS A 107 -7.68 -5.93 -7.90
N SER A 108 -6.38 -5.66 -7.83
CA SER A 108 -5.60 -6.04 -6.66
C SER A 108 -4.29 -5.27 -6.60
N GLY A 109 -4.07 -4.58 -5.49
CA GLY A 109 -2.84 -3.82 -5.31
C GLY A 109 -2.96 -2.39 -5.79
N GLY A 110 -4.18 -1.86 -5.77
CA GLY A 110 -4.41 -0.51 -6.21
C GLY A 110 -4.29 -0.37 -7.71
N GLU A 111 -4.37 -1.50 -8.42
CA GLU A 111 -4.25 -1.50 -9.87
C GLU A 111 -5.10 -2.61 -10.49
N TRP A 112 -5.08 -2.66 -11.81
CA TRP A 112 -5.82 -3.66 -12.55
C TRP A 112 -4.88 -4.52 -13.40
N SER A 113 -5.19 -5.80 -13.54
CA SER A 113 -4.35 -6.70 -14.31
C SER A 113 -5.17 -7.45 -15.36
N ASP A 114 -4.51 -7.78 -16.47
CA ASP A 114 -5.15 -8.52 -17.55
C ASP A 114 -6.17 -7.66 -18.30
N PRO A 115 -5.80 -6.42 -18.66
CA PRO A 115 -6.69 -5.51 -19.41
C PRO A 115 -6.74 -5.87 -20.89
N PRO A 116 -7.94 -5.84 -21.51
CA PRO A 116 -8.10 -6.17 -22.91
C PRO A 116 -7.94 -4.98 -23.85
N THR A 117 -8.21 -5.23 -25.11
CA THR A 117 -8.15 -4.19 -26.14
C THR A 117 -9.37 -4.27 -27.03
N CYS A 118 -9.39 -3.47 -28.08
CA CYS A 118 -10.51 -3.46 -29.01
C CYS A 118 -10.05 -3.24 -30.44
N GLN A 119 -9.85 -4.33 -31.17
CA GLN A 119 -9.41 -4.26 -32.55
C GLN A 119 -10.46 -4.84 -33.48
N ILE A 120 -10.34 -4.53 -34.76
CA ILE A 120 -11.27 -5.03 -35.77
C ILE A 120 -10.74 -6.32 -36.38
N ARG A 1 -16.00 -2.69 -29.14
CA ARG A 1 -16.86 -2.57 -27.97
C ARG A 1 -16.04 -2.66 -26.68
N ARG A 2 -15.77 -1.50 -26.09
CA ARG A 2 -15.00 -1.44 -24.86
C ARG A 2 -15.89 -1.56 -23.63
N CYS A 3 -15.27 -1.69 -22.47
CA CYS A 3 -15.98 -1.81 -21.21
C CYS A 3 -16.41 -0.41 -20.74
N PRO A 4 -17.16 -0.32 -19.62
CA PRO A 4 -17.61 0.96 -19.09
C PRO A 4 -16.62 1.55 -18.11
N SER A 5 -16.94 2.72 -17.57
CA SER A 5 -16.07 3.38 -16.61
C SER A 5 -15.64 2.41 -15.51
N PRO A 6 -14.38 1.92 -15.56
CA PRO A 6 -13.88 0.97 -14.58
C PRO A 6 -14.28 1.33 -13.16
N ARG A 7 -14.09 0.38 -12.24
CA ARG A 7 -14.39 0.61 -10.83
C ARG A 7 -13.36 1.56 -10.25
N ASP A 8 -13.44 1.78 -8.95
CA ASP A 8 -12.51 2.68 -8.27
C ASP A 8 -12.08 2.13 -6.92
N ILE A 9 -11.25 2.90 -6.23
CA ILE A 9 -10.75 2.53 -4.93
C ILE A 9 -10.54 3.76 -4.06
N ASP A 10 -10.81 3.62 -2.76
CA ASP A 10 -10.70 4.74 -1.83
C ASP A 10 -9.24 5.04 -1.49
N ASN A 11 -8.57 4.10 -0.85
CA ASN A 11 -7.18 4.28 -0.46
C ASN A 11 -6.23 3.80 -1.55
N GLY A 12 -6.54 4.17 -2.79
CA GLY A 12 -5.70 3.78 -3.90
C GLY A 12 -5.96 4.58 -5.15
N GLN A 13 -5.10 4.40 -6.16
CA GLN A 13 -5.25 5.09 -7.43
C GLN A 13 -5.12 4.09 -8.58
N LEU A 14 -6.06 4.15 -9.51
CA LEU A 14 -6.07 3.23 -10.64
C LEU A 14 -5.12 3.68 -11.75
N ASP A 15 -4.76 2.73 -12.60
CA ASP A 15 -3.87 3.01 -13.72
C ASP A 15 -4.47 2.45 -15.01
N ILE A 16 -5.42 3.18 -15.57
CA ILE A 16 -6.10 2.74 -16.79
C ILE A 16 -5.17 2.78 -17.99
N GLY A 17 -4.94 1.61 -18.58
CA GLY A 17 -4.11 1.51 -19.77
C GLY A 17 -4.84 0.81 -20.90
N GLY A 18 -6.16 0.71 -20.79
CA GLY A 18 -6.96 0.06 -21.80
C GLY A 18 -8.33 -0.33 -21.28
N VAL A 19 -9.37 0.19 -21.93
CA VAL A 19 -10.74 -0.11 -21.52
C VAL A 19 -11.46 -1.00 -22.54
N ASP A 20 -10.82 -1.24 -23.67
CA ASP A 20 -11.41 -2.08 -24.71
C ASP A 20 -11.47 -3.54 -24.27
N PHE A 21 -12.37 -4.30 -24.89
CA PHE A 21 -12.52 -5.71 -24.56
C PHE A 21 -11.17 -6.42 -24.58
N GLY A 22 -10.76 -6.91 -23.42
CA GLY A 22 -9.49 -7.60 -23.32
C GLY A 22 -8.40 -6.75 -22.70
N SER A 23 -8.74 -5.52 -22.31
CA SER A 23 -7.77 -4.63 -21.69
C SER A 23 -7.68 -4.90 -20.19
N SER A 24 -6.64 -4.36 -19.56
CA SER A 24 -6.45 -4.55 -18.13
C SER A 24 -5.99 -3.27 -17.46
N ILE A 25 -6.41 -3.08 -16.22
CA ILE A 25 -6.05 -1.88 -15.45
C ILE A 25 -5.05 -2.23 -14.36
N THR A 26 -4.49 -1.20 -13.72
CA THR A 26 -3.54 -1.41 -12.64
C THR A 26 -3.92 -0.61 -11.40
N TYR A 27 -4.21 -1.31 -10.32
CA TYR A 27 -4.61 -0.66 -9.08
C TYR A 27 -3.43 -0.46 -8.15
N SER A 28 -3.44 0.64 -7.41
CA SER A 28 -2.38 0.95 -6.47
C SER A 28 -2.93 1.71 -5.27
N CYS A 29 -2.17 1.74 -4.19
CA CYS A 29 -2.59 2.42 -2.98
C CYS A 29 -2.30 3.92 -3.07
N ASN A 30 -2.81 4.69 -2.10
CA ASN A 30 -2.62 6.13 -2.10
C ASN A 30 -1.14 6.49 -2.00
N SER A 31 -0.60 6.46 -0.78
CA SER A 31 0.80 6.80 -0.55
C SER A 31 1.25 6.31 0.82
N GLY A 32 2.21 5.39 0.82
CA GLY A 32 2.69 4.84 2.07
C GLY A 32 1.85 3.64 2.52
N TYR A 33 0.72 3.44 1.85
CA TYR A 33 -0.17 2.33 2.18
C TYR A 33 0.35 1.03 1.60
N HIS A 34 -0.43 -0.03 1.73
CA HIS A 34 -0.07 -1.32 1.16
C HIS A 34 -1.29 -2.03 0.60
N LEU A 35 -1.35 -2.13 -0.71
CA LEU A 35 -2.47 -2.76 -1.38
C LEU A 35 -2.42 -4.27 -1.22
N ILE A 36 -3.46 -4.85 -0.65
CA ILE A 36 -3.51 -6.29 -0.46
C ILE A 36 -4.45 -6.93 -1.47
N GLY A 37 -4.12 -8.14 -1.86
CA GLY A 37 -4.94 -8.86 -2.84
C GLY A 37 -4.51 -8.57 -4.26
N GLU A 38 -5.49 -8.29 -5.13
CA GLU A 38 -5.23 -8.01 -6.52
C GLU A 38 -4.65 -6.63 -6.74
N SER A 39 -4.42 -6.30 -8.00
CA SER A 39 -3.86 -5.02 -8.38
C SER A 39 -4.09 -4.74 -9.86
N LYS A 40 -5.11 -5.36 -10.44
CA LYS A 40 -5.38 -5.19 -11.85
C LYS A 40 -6.81 -5.61 -12.21
N SER A 41 -7.51 -4.73 -12.93
CA SER A 41 -8.86 -5.01 -13.41
C SER A 41 -8.80 -5.48 -14.84
N TYR A 42 -9.54 -6.54 -15.19
CA TYR A 42 -9.48 -7.03 -16.57
C TYR A 42 -10.79 -6.83 -17.32
N CYS A 43 -10.72 -6.04 -18.38
CA CYS A 43 -11.87 -5.78 -19.23
C CYS A 43 -12.23 -7.01 -20.02
N GLU A 44 -12.76 -8.00 -19.32
CA GLU A 44 -13.12 -9.27 -19.94
C GLU A 44 -14.58 -9.27 -20.37
N LEU A 45 -14.96 -10.32 -21.08
CA LEU A 45 -16.33 -10.45 -21.57
C LEU A 45 -17.25 -11.02 -20.48
N GLY A 46 -18.51 -10.62 -20.53
CA GLY A 46 -19.47 -11.11 -19.54
C GLY A 46 -19.89 -12.53 -19.80
N SER A 47 -21.19 -12.74 -19.95
CA SER A 47 -21.73 -14.08 -20.21
C SER A 47 -22.37 -14.16 -21.58
N THR A 48 -22.95 -13.05 -22.02
CA THR A 48 -23.61 -12.99 -23.33
C THR A 48 -22.74 -12.28 -24.34
N GLY A 49 -21.42 -12.43 -24.20
CA GLY A 49 -20.51 -11.79 -25.12
C GLY A 49 -20.39 -10.29 -24.89
N SER A 50 -20.79 -9.84 -23.71
CA SER A 50 -20.72 -8.43 -23.37
C SER A 50 -19.33 -8.05 -22.86
N MET A 51 -19.24 -6.88 -22.25
CA MET A 51 -17.98 -6.40 -21.69
C MET A 51 -18.10 -6.20 -20.19
N VAL A 52 -17.11 -6.68 -19.45
CA VAL A 52 -17.10 -6.56 -17.99
C VAL A 52 -15.70 -6.31 -17.48
N TRP A 53 -15.60 -5.96 -16.20
CA TRP A 53 -14.31 -5.66 -15.60
C TRP A 53 -13.97 -6.62 -14.48
N ASN A 54 -12.89 -7.38 -14.67
CA ASN A 54 -12.41 -8.31 -13.67
C ASN A 54 -11.83 -7.54 -12.49
N PRO A 55 -11.55 -8.24 -11.36
CA PRO A 55 -11.03 -7.68 -10.12
C PRO A 55 -10.42 -6.29 -10.26
N GLU A 56 -11.20 -5.29 -9.85
CA GLU A 56 -10.81 -3.89 -9.99
C GLU A 56 -10.21 -3.31 -8.72
N ALA A 57 -11.03 -3.13 -7.69
CA ALA A 57 -10.62 -2.48 -6.45
C ALA A 57 -10.36 -3.49 -5.33
N PRO A 58 -9.23 -4.18 -5.38
CA PRO A 58 -8.79 -5.11 -4.33
C PRO A 58 -8.70 -4.41 -2.98
N ILE A 59 -7.85 -4.89 -2.09
CA ILE A 59 -7.70 -4.29 -0.76
C ILE A 59 -6.63 -3.21 -0.74
N CYS A 60 -6.66 -2.40 0.32
CA CYS A 60 -5.70 -1.31 0.49
C CYS A 60 -5.80 -0.76 1.91
N GLU A 61 -4.70 -0.82 2.65
CA GLU A 61 -4.67 -0.34 4.03
C GLU A 61 -3.47 0.56 4.27
N SER A 62 -3.41 1.13 5.47
CA SER A 62 -2.32 2.01 5.85
C SER A 62 -1.28 1.25 6.66
N VAL A 63 -0.04 1.25 6.19
CA VAL A 63 1.04 0.56 6.88
C VAL A 63 1.06 0.88 8.36
N LYS A 64 0.54 -0.03 9.17
CA LYS A 64 0.47 0.16 10.60
C LYS A 64 1.67 -0.47 11.31
N CYS A 65 2.66 0.36 11.65
CA CYS A 65 3.80 -0.11 12.41
C CYS A 65 3.41 -0.22 13.87
N GLN A 66 3.70 -1.34 14.49
CA GLN A 66 3.35 -1.52 15.89
C GLN A 66 4.19 -0.60 16.74
N SER A 67 4.05 -0.73 18.05
CA SER A 67 4.76 0.12 18.97
C SER A 67 6.26 -0.15 18.95
N PRO A 68 7.06 0.79 18.39
CA PRO A 68 8.51 0.71 18.41
C PRO A 68 9.05 0.17 19.66
N PRO A 69 10.37 0.09 19.75
CA PRO A 69 11.33 0.14 18.64
C PRO A 69 11.30 -1.09 17.75
N SER A 70 12.34 -1.19 16.93
CA SER A 70 12.58 -2.35 16.09
C SER A 70 14.07 -2.72 16.20
N ILE A 71 14.73 -2.23 17.25
CA ILE A 71 16.14 -2.45 17.48
C ILE A 71 16.37 -3.42 18.63
N SER A 72 17.58 -3.37 19.21
CA SER A 72 17.92 -4.22 20.34
C SER A 72 18.58 -3.40 21.45
N ASN A 73 18.14 -3.64 22.68
CA ASN A 73 18.68 -2.92 23.83
C ASN A 73 18.24 -1.46 23.81
N GLY A 74 17.08 -1.20 23.22
CA GLY A 74 16.57 0.16 23.17
C GLY A 74 15.07 0.23 23.29
N ARG A 75 14.53 1.45 23.19
CA ARG A 75 13.09 1.67 23.34
C ARG A 75 12.62 2.89 22.58
N HIS A 76 11.39 3.28 22.88
CA HIS A 76 10.75 4.42 22.23
C HIS A 76 9.99 5.28 23.24
N ASN A 77 9.37 6.33 22.73
CA ASN A 77 8.53 7.19 23.54
C ASN A 77 7.13 7.27 22.93
N GLY A 78 7.02 7.90 21.77
CA GLY A 78 5.75 7.99 21.07
C GLY A 78 4.61 8.46 21.94
N TYR A 79 3.46 8.68 21.31
CA TYR A 79 2.26 9.13 22.02
C TYR A 79 1.14 8.12 21.89
N GLU A 80 1.13 7.40 20.77
CA GLU A 80 0.09 6.41 20.50
C GLU A 80 0.60 5.00 20.72
N ASP A 81 -0.23 4.01 20.39
CA ASP A 81 0.13 2.61 20.51
C ASP A 81 0.54 2.06 19.14
N PHE A 82 -0.04 2.64 18.09
CA PHE A 82 0.27 2.23 16.73
C PHE A 82 0.65 3.45 15.89
N TYR A 83 1.04 3.20 14.65
CA TYR A 83 1.47 4.28 13.77
C TYR A 83 1.05 4.03 12.34
N THR A 84 1.37 4.98 11.45
CA THR A 84 0.97 4.87 10.05
C THR A 84 2.10 5.32 9.11
N ASP A 85 1.81 5.27 7.82
CA ASP A 85 2.78 5.64 6.80
C ASP A 85 3.25 7.07 6.98
N GLY A 86 4.39 7.21 7.64
CA GLY A 86 4.98 8.52 7.83
C GLY A 86 4.99 8.97 9.28
N SER A 87 5.25 8.05 10.19
CA SER A 87 5.32 8.39 11.61
C SER A 87 6.77 8.40 12.10
N VAL A 88 7.04 9.16 13.16
CA VAL A 88 8.39 9.26 13.70
C VAL A 88 8.38 9.15 15.22
N VAL A 89 9.44 8.56 15.76
CA VAL A 89 9.55 8.37 17.20
C VAL A 89 11.01 8.38 17.65
N THR A 90 11.29 9.07 18.76
CA THR A 90 12.64 9.11 19.32
C THR A 90 12.84 7.95 20.27
N TYR A 91 13.96 7.25 20.13
CA TYR A 91 14.21 6.05 20.92
C TYR A 91 15.13 6.31 22.09
N SER A 92 14.91 5.54 23.16
CA SER A 92 15.73 5.62 24.36
C SER A 92 16.22 4.23 24.76
N CYS A 93 17.48 4.15 25.19
CA CYS A 93 18.06 2.86 25.54
C CYS A 93 17.45 2.30 26.82
N ASN A 94 17.26 0.98 26.84
CA ASN A 94 16.67 0.29 27.98
C ASN A 94 17.43 0.55 29.28
N SER A 95 18.48 -0.25 29.52
CA SER A 95 19.25 -0.18 30.76
C SER A 95 20.09 1.09 30.85
N GLY A 96 20.30 1.75 29.71
CA GLY A 96 21.09 2.97 29.71
C GLY A 96 22.20 2.95 28.68
N TYR A 97 21.98 2.24 27.59
CA TYR A 97 22.96 2.16 26.51
C TYR A 97 23.06 3.51 25.81
N SER A 98 23.80 3.54 24.71
CA SER A 98 23.98 4.77 23.95
C SER A 98 23.20 4.73 22.65
N LEU A 99 22.13 5.52 22.60
CA LEU A 99 21.30 5.62 21.40
C LEU A 99 22.17 5.85 20.18
N ILE A 100 22.37 4.80 19.40
CA ILE A 100 23.19 4.87 18.21
C ILE A 100 22.42 5.44 17.04
N GLY A 101 23.13 6.01 16.09
CA GLY A 101 22.49 6.61 14.94
C GLY A 101 21.45 7.63 15.35
N ASN A 102 20.25 7.50 14.78
CA ASN A 102 19.18 8.43 15.07
C ASN A 102 18.10 7.79 15.93
N SER A 103 17.70 8.51 16.98
CA SER A 103 16.61 8.09 17.83
C SER A 103 15.32 8.18 17.03
N GLY A 104 15.28 9.14 16.10
CA GLY A 104 14.15 9.29 15.23
C GLY A 104 13.99 8.08 14.32
N VAL A 105 12.82 7.46 14.37
CA VAL A 105 12.56 6.26 13.59
C VAL A 105 11.30 6.44 12.75
N LEU A 106 11.43 6.23 11.44
CA LEU A 106 10.30 6.42 10.53
C LEU A 106 9.40 5.21 10.48
N CYS A 107 8.09 5.47 10.53
CA CYS A 107 7.09 4.42 10.39
C CYS A 107 6.61 4.39 8.94
N SER A 108 7.05 3.39 8.21
CA SER A 108 6.69 3.25 6.80
C SER A 108 6.94 1.84 6.29
N GLY A 109 6.39 1.55 5.12
CA GLY A 109 6.57 0.24 4.51
C GLY A 109 6.04 -0.89 5.36
N GLY A 110 5.23 -0.57 6.37
CA GLY A 110 4.68 -1.58 7.25
C GLY A 110 5.61 -1.89 8.42
N GLU A 111 6.65 -1.09 8.57
CA GLU A 111 7.62 -1.27 9.64
C GLU A 111 8.34 0.03 9.93
N TRP A 112 9.30 -0.02 10.84
CA TRP A 112 10.07 1.16 11.21
C TRP A 112 11.38 1.21 10.43
N SER A 113 11.66 2.36 9.84
CA SER A 113 12.86 2.55 9.04
C SER A 113 13.85 3.48 9.73
N ASP A 114 15.12 3.35 9.38
CA ASP A 114 16.17 4.18 9.94
C ASP A 114 16.18 4.11 11.48
N PRO A 115 16.06 2.91 12.06
CA PRO A 115 16.09 2.74 13.51
C PRO A 115 17.51 2.79 14.07
N PRO A 116 17.67 3.20 15.34
CA PRO A 116 18.97 3.32 15.97
C PRO A 116 19.44 2.03 16.63
N THR A 117 20.52 2.15 17.39
CA THR A 117 21.05 1.04 18.15
C THR A 117 21.32 1.48 19.58
N CYS A 118 21.76 0.55 20.42
CA CYS A 118 22.03 0.87 21.81
C CYS A 118 23.31 0.18 22.28
N GLN A 119 24.40 0.92 22.26
CA GLN A 119 25.70 0.38 22.68
C GLN A 119 26.33 1.24 23.77
N ILE A 120 27.31 0.66 24.44
CA ILE A 120 28.00 1.37 25.52
C ILE A 120 29.22 2.11 24.98
N ARG A 1 15.67 8.09 29.59
CA ARG A 1 15.41 8.93 28.43
C ARG A 1 14.69 8.13 27.33
N ARG A 2 14.32 8.82 26.26
CA ARG A 2 13.62 8.18 25.15
C ARG A 2 14.59 7.41 24.26
N CYS A 3 14.08 6.93 23.13
CA CYS A 3 14.89 6.16 22.19
C CYS A 3 15.55 7.08 21.17
N PRO A 4 16.62 6.60 20.51
CA PRO A 4 17.34 7.37 19.50
C PRO A 4 16.52 7.58 18.23
N SER A 5 17.08 8.32 17.28
CA SER A 5 16.39 8.59 16.03
C SER A 5 15.94 7.30 15.36
N PRO A 6 14.61 7.06 15.27
CA PRO A 6 14.07 5.86 14.65
C PRO A 6 14.49 5.73 13.18
N ARG A 7 14.61 4.49 12.71
CA ARG A 7 14.98 4.26 11.33
C ARG A 7 13.97 4.91 10.39
N ASP A 8 14.26 4.89 9.10
CA ASP A 8 13.37 5.51 8.14
C ASP A 8 13.03 4.57 6.99
N ILE A 9 12.31 5.10 6.01
CA ILE A 9 11.90 4.32 4.85
C ILE A 9 11.98 5.16 3.57
N ASP A 10 12.28 4.50 2.45
CA ASP A 10 12.39 5.19 1.18
C ASP A 10 11.03 5.37 0.51
N ASN A 11 10.35 4.25 0.27
CA ASN A 11 9.04 4.28 -0.37
C ASN A 11 7.93 4.29 0.67
N GLY A 12 8.14 5.07 1.72
CA GLY A 12 7.14 5.17 2.78
C GLY A 12 7.37 6.36 3.69
N GLN A 13 6.51 6.52 4.67
CA GLN A 13 6.62 7.62 5.63
C GLN A 13 6.31 7.14 7.04
N LEU A 14 7.14 7.54 8.01
CA LEU A 14 6.96 7.14 9.38
C LEU A 14 5.87 7.95 10.07
N ASP A 15 5.29 7.36 11.11
CA ASP A 15 4.28 8.02 11.91
C ASP A 15 4.66 7.93 13.38
N ILE A 16 5.66 8.71 13.77
CA ILE A 16 6.18 8.67 15.13
C ILE A 16 5.27 9.40 16.11
N GLY A 17 4.50 8.62 16.87
CA GLY A 17 3.65 9.19 17.88
C GLY A 17 4.25 9.08 19.27
N GLY A 18 5.56 8.81 19.31
CA GLY A 18 6.25 8.68 20.58
C GLY A 18 7.59 7.99 20.43
N VAL A 19 8.62 8.56 21.04
CA VAL A 19 9.96 8.00 20.96
C VAL A 19 10.45 7.50 22.32
N ASP A 20 9.70 7.79 23.38
CA ASP A 20 10.09 7.36 24.72
C ASP A 20 9.95 5.85 24.88
N PHE A 21 10.59 5.31 25.91
CA PHE A 21 10.56 3.89 26.18
C PHE A 21 9.11 3.39 26.27
N GLY A 22 8.73 2.57 25.31
CA GLY A 22 7.37 2.04 25.28
C GLY A 22 6.54 2.64 24.15
N SER A 23 7.10 3.62 23.45
CA SER A 23 6.39 4.25 22.35
C SER A 23 6.46 3.38 21.09
N SER A 24 5.53 3.59 20.17
CA SER A 24 5.50 2.82 18.94
C SER A 24 5.28 3.73 17.74
N ILE A 25 6.05 3.48 16.68
CA ILE A 25 5.93 4.26 15.45
C ILE A 25 5.04 3.52 14.46
N THR A 26 4.67 4.19 13.38
CA THR A 26 3.81 3.56 12.37
C THR A 26 4.36 3.79 10.97
N TYR A 27 4.86 2.74 10.35
CA TYR A 27 5.43 2.82 9.01
C TYR A 27 4.33 2.72 7.96
N SER A 28 4.45 3.54 6.93
CA SER A 28 3.47 3.54 5.84
C SER A 28 4.15 3.82 4.51
N CYS A 29 3.46 3.46 3.42
CA CYS A 29 4.00 3.67 2.08
C CYS A 29 3.71 5.08 1.60
N ASN A 30 4.37 5.49 0.51
CA ASN A 30 4.19 6.82 -0.05
C ASN A 30 2.76 7.01 -0.56
N SER A 31 2.53 6.58 -1.80
CA SER A 31 1.21 6.69 -2.41
C SER A 31 1.01 5.61 -3.46
N GLY A 32 -0.18 5.01 -3.47
CA GLY A 32 -0.47 3.95 -4.41
C GLY A 32 0.47 2.78 -4.25
N TYR A 33 1.01 2.63 -3.04
CA TYR A 33 1.96 1.57 -2.75
C TYR A 33 1.39 0.61 -1.71
N HIS A 34 2.09 -0.49 -1.46
CA HIS A 34 1.67 -1.46 -0.47
C HIS A 34 2.82 -1.84 0.45
N LEU A 35 2.64 -1.64 1.74
CA LEU A 35 3.66 -1.95 2.72
C LEU A 35 3.60 -3.41 3.12
N ILE A 36 4.74 -4.09 3.03
CA ILE A 36 4.80 -5.50 3.38
C ILE A 36 5.56 -5.72 4.69
N GLY A 37 5.21 -6.78 5.39
CA GLY A 37 5.87 -7.08 6.66
C GLY A 37 5.26 -6.30 7.81
N GLU A 38 6.12 -5.78 8.68
CA GLU A 38 5.65 -4.99 9.82
C GLU A 38 5.24 -3.60 9.38
N SER A 39 4.76 -2.81 10.33
CA SER A 39 4.31 -1.46 10.04
C SER A 39 4.36 -0.58 11.29
N LYS A 40 5.13 -1.00 12.28
CA LYS A 40 5.20 -0.26 13.53
C LYS A 40 6.47 -0.60 14.32
N SER A 41 7.29 0.42 14.59
CA SER A 41 8.50 0.24 15.39
C SER A 41 8.17 0.42 16.85
N TYR A 42 8.61 -0.50 17.71
CA TYR A 42 8.31 -0.35 19.13
C TYR A 42 9.54 0.05 19.92
N CYS A 43 9.47 1.24 20.51
CA CYS A 43 10.57 1.75 21.32
C CYS A 43 10.68 0.95 22.59
N GLU A 44 11.32 -0.20 22.50
CA GLU A 44 11.49 -1.08 23.65
C GLU A 44 12.86 -0.87 24.29
N LEU A 45 13.27 -1.81 25.14
CA LEU A 45 14.54 -1.72 25.82
C LEU A 45 15.55 -2.69 25.22
N GLY A 46 16.82 -2.30 25.24
CA GLY A 46 17.87 -3.15 24.69
C GLY A 46 18.14 -4.36 25.57
N SER A 47 19.43 -4.58 25.87
CA SER A 47 19.83 -5.70 26.70
C SER A 47 20.37 -5.23 28.04
N THR A 48 21.01 -4.06 28.03
CA THR A 48 21.57 -3.49 29.25
C THR A 48 20.63 -2.47 29.87
N GLY A 49 19.34 -2.71 29.72
CA GLY A 49 18.35 -1.80 30.26
C GLY A 49 18.27 -0.49 29.47
N SER A 50 18.81 -0.49 28.26
CA SER A 50 18.79 0.69 27.42
C SER A 50 17.49 0.75 26.61
N MET A 51 17.49 1.59 25.58
CA MET A 51 16.33 1.74 24.72
C MET A 51 16.66 1.36 23.28
N VAL A 52 15.67 0.84 22.57
CA VAL A 52 15.84 0.44 21.19
C VAL A 52 14.52 0.50 20.45
N TRP A 53 14.53 0.10 19.18
CA TRP A 53 13.33 0.16 18.36
C TRP A 53 13.00 -1.19 17.74
N ASN A 54 11.82 -1.70 18.04
CA ASN A 54 11.34 -2.96 17.47
C ASN A 54 10.97 -2.73 16.01
N PRO A 55 10.77 -3.83 15.24
CA PRO A 55 10.43 -3.80 13.81
C PRO A 55 9.91 -2.46 13.31
N GLU A 56 10.77 -1.72 12.60
CA GLU A 56 10.43 -0.39 12.11
C GLU A 56 10.19 -0.37 10.61
N ALA A 57 11.27 -0.31 9.83
CA ALA A 57 11.18 -0.20 8.38
C ALA A 57 10.81 -1.51 7.70
N PRO A 58 9.58 -1.63 7.19
CA PRO A 58 9.10 -2.81 6.49
C PRO A 58 9.35 -2.69 4.98
N ILE A 59 8.56 -3.40 4.17
CA ILE A 59 8.69 -3.34 2.73
C ILE A 59 7.68 -2.35 2.15
N CYS A 60 7.84 -2.03 0.87
CA CYS A 60 6.95 -1.11 0.20
C CYS A 60 7.15 -1.13 -1.32
N GLU A 61 6.05 -1.14 -2.06
CA GLU A 61 6.11 -1.16 -3.52
C GLU A 61 4.83 -0.59 -4.13
N SER A 62 4.81 -0.47 -5.44
CA SER A 62 3.65 0.07 -6.15
C SER A 62 2.72 -1.05 -6.61
N VAL A 63 1.57 -1.15 -5.95
CA VAL A 63 0.58 -2.16 -6.28
C VAL A 63 0.32 -2.21 -7.79
N LYS A 64 0.99 -3.13 -8.47
CA LYS A 64 0.83 -3.27 -9.92
C LYS A 64 -0.44 -4.05 -10.26
N CYS A 65 -1.33 -3.42 -11.03
CA CYS A 65 -2.57 -4.07 -11.45
C CYS A 65 -2.46 -4.51 -12.90
N GLN A 66 -2.54 -5.81 -13.13
CA GLN A 66 -2.46 -6.34 -14.48
C GLN A 66 -3.73 -6.00 -15.26
N SER A 67 -4.01 -6.78 -16.30
CA SER A 67 -5.18 -6.56 -17.13
C SER A 67 -6.43 -6.35 -16.28
N PRO A 68 -7.30 -5.40 -16.67
CA PRO A 68 -8.54 -5.11 -15.93
C PRO A 68 -9.43 -6.35 -15.83
N PRO A 69 -10.38 -6.35 -14.87
CA PRO A 69 -11.28 -7.49 -14.67
C PRO A 69 -11.84 -8.04 -15.97
N SER A 70 -12.27 -9.30 -15.93
CA SER A 70 -12.83 -9.95 -17.10
C SER A 70 -14.34 -10.12 -16.95
N ILE A 71 -15.09 -9.11 -17.39
CA ILE A 71 -16.54 -9.15 -17.28
C ILE A 71 -17.14 -10.18 -18.22
N SER A 72 -18.45 -10.34 -18.15
CA SER A 72 -19.15 -11.30 -19.00
C SER A 72 -19.64 -10.62 -20.28
N ASN A 73 -19.57 -11.36 -21.38
CA ASN A 73 -20.01 -10.84 -22.67
C ASN A 73 -19.32 -9.53 -23.00
N GLY A 74 -18.09 -9.38 -22.50
CA GLY A 74 -17.34 -8.16 -22.76
C GLY A 74 -15.86 -8.30 -22.48
N ARG A 75 -15.14 -7.19 -22.63
CA ARG A 75 -13.70 -7.15 -22.41
C ARG A 75 -13.27 -5.73 -22.08
N HIS A 76 -11.96 -5.54 -21.95
CA HIS A 76 -11.42 -4.22 -21.63
C HIS A 76 -10.44 -3.74 -22.69
N ASN A 77 -10.17 -2.45 -22.71
CA ASN A 77 -9.24 -1.85 -23.67
C ASN A 77 -7.83 -1.87 -23.12
N GLY A 78 -6.93 -1.10 -23.73
CA GLY A 78 -5.55 -1.08 -23.29
C GLY A 78 -4.83 -2.36 -23.67
N TYR A 79 -5.30 -3.46 -23.10
CA TYR A 79 -4.75 -4.76 -23.32
C TYR A 79 -3.27 -4.75 -23.09
N GLU A 80 -2.91 -3.96 -22.10
CA GLU A 80 -1.53 -3.81 -21.71
C GLU A 80 -1.07 -5.05 -20.96
N ASP A 81 0.08 -4.96 -20.30
CA ASP A 81 0.58 -6.08 -19.53
C ASP A 81 0.50 -5.80 -18.04
N PHE A 82 0.51 -4.52 -17.69
CA PHE A 82 0.44 -4.12 -16.30
C PHE A 82 -0.05 -2.69 -16.17
N TYR A 83 -0.55 -2.36 -14.98
CA TYR A 83 -1.04 -1.03 -14.69
C TYR A 83 -0.66 -0.62 -13.27
N THR A 84 -0.82 0.66 -12.96
CA THR A 84 -0.45 1.15 -11.64
C THR A 84 -1.51 2.07 -11.06
N ASP A 85 -1.23 2.61 -9.88
CA ASP A 85 -2.16 3.50 -9.21
C ASP A 85 -2.39 4.76 -10.02
N GLY A 86 -3.45 4.74 -10.80
CA GLY A 86 -3.81 5.89 -11.61
C GLY A 86 -4.02 5.57 -13.07
N SER A 87 -4.13 4.27 -13.39
CA SER A 87 -4.36 3.87 -14.77
C SER A 87 -5.85 3.78 -15.06
N VAL A 88 -6.22 3.94 -16.32
CA VAL A 88 -7.61 3.88 -16.72
C VAL A 88 -7.79 3.01 -17.97
N VAL A 89 -8.94 2.36 -18.05
CA VAL A 89 -9.25 1.50 -19.19
C VAL A 89 -10.74 1.53 -19.49
N THR A 90 -11.09 1.30 -20.74
CA THR A 90 -12.48 1.30 -21.16
C THR A 90 -12.94 -0.11 -21.49
N TYR A 91 -14.12 -0.48 -20.99
CA TYR A 91 -14.66 -1.81 -21.23
C TYR A 91 -15.57 -1.83 -22.45
N SER A 92 -15.73 -3.01 -23.03
CA SER A 92 -16.57 -3.17 -24.21
C SER A 92 -17.19 -4.56 -24.26
N CYS A 93 -18.37 -4.65 -24.86
CA CYS A 93 -19.07 -5.93 -24.96
C CYS A 93 -18.61 -6.72 -26.19
N ASN A 94 -18.76 -8.04 -26.12
CA ASN A 94 -18.34 -8.89 -27.22
C ASN A 94 -19.49 -9.15 -28.20
N SER A 95 -20.46 -9.98 -27.78
CA SER A 95 -21.59 -10.30 -28.62
C SER A 95 -22.26 -9.02 -29.14
N GLY A 96 -22.06 -7.93 -28.41
CA GLY A 96 -22.64 -6.66 -28.82
C GLY A 96 -23.57 -6.08 -27.77
N TYR A 97 -23.29 -6.38 -26.50
CA TYR A 97 -24.11 -5.87 -25.41
C TYR A 97 -23.82 -4.40 -25.17
N SER A 98 -24.44 -3.85 -24.15
CA SER A 98 -24.21 -2.47 -23.75
C SER A 98 -23.73 -2.44 -22.30
N LEU A 99 -22.42 -2.32 -22.13
CA LEU A 99 -21.85 -2.38 -20.81
C LEU A 99 -22.50 -1.41 -19.86
N ILE A 100 -22.45 -1.80 -18.60
CA ILE A 100 -23.11 -1.09 -17.54
C ILE A 100 -22.12 -0.66 -16.47
N GLY A 101 -22.38 0.49 -15.88
CA GLY A 101 -21.48 0.99 -14.85
C GLY A 101 -20.24 1.61 -15.46
N ASN A 102 -20.45 2.29 -16.55
CA ASN A 102 -19.41 3.00 -17.31
C ASN A 102 -18.23 2.09 -17.69
N SER A 103 -17.76 2.27 -18.92
CA SER A 103 -16.65 1.48 -19.44
C SER A 103 -15.34 1.85 -18.75
N GLY A 104 -15.28 3.06 -18.22
CA GLY A 104 -14.07 3.52 -17.55
C GLY A 104 -13.77 2.71 -16.30
N VAL A 105 -12.51 2.31 -16.15
CA VAL A 105 -12.07 1.55 -14.98
C VAL A 105 -10.79 2.14 -14.40
N LEU A 106 -10.84 2.54 -13.13
CA LEU A 106 -9.67 3.13 -12.50
C LEU A 106 -8.77 2.06 -11.89
N CYS A 107 -7.53 2.01 -12.36
CA CYS A 107 -6.55 1.08 -11.82
C CYS A 107 -5.86 1.72 -10.62
N SER A 108 -6.26 1.31 -9.43
CA SER A 108 -5.70 1.87 -8.21
C SER A 108 -5.84 0.91 -7.04
N GLY A 109 -4.87 0.95 -6.13
CA GLY A 109 -4.90 0.09 -4.97
C GLY A 109 -4.65 -1.36 -5.32
N GLY A 110 -3.98 -1.59 -6.44
CA GLY A 110 -3.70 -2.95 -6.87
C GLY A 110 -4.92 -3.65 -7.44
N GLU A 111 -6.02 -2.91 -7.59
CA GLU A 111 -7.24 -3.47 -8.15
C GLU A 111 -7.88 -2.48 -9.11
N TRP A 112 -8.94 -2.91 -9.78
CA TRP A 112 -9.63 -2.06 -10.73
C TRP A 112 -10.96 -1.60 -10.17
N SER A 113 -11.20 -0.30 -10.22
CA SER A 113 -12.42 0.27 -9.70
C SER A 113 -13.43 0.57 -10.80
N ASP A 114 -14.69 0.70 -10.41
CA ASP A 114 -15.79 1.01 -11.33
C ASP A 114 -15.75 0.13 -12.59
N PRO A 115 -15.61 -1.19 -12.44
CA PRO A 115 -15.67 -2.12 -13.56
C PRO A 115 -17.11 -2.35 -13.99
N PRO A 116 -17.39 -2.33 -15.30
CA PRO A 116 -18.74 -2.44 -15.80
C PRO A 116 -19.18 -3.86 -16.15
N THR A 117 -20.40 -3.95 -16.67
CA THR A 117 -20.98 -5.22 -17.08
C THR A 117 -21.27 -5.17 -18.57
N CYS A 118 -22.23 -5.98 -19.03
CA CYS A 118 -22.61 -5.98 -20.44
C CYS A 118 -24.06 -6.45 -20.60
N GLN A 119 -24.98 -5.49 -20.53
CA GLN A 119 -26.40 -5.79 -20.65
C GLN A 119 -26.97 -5.13 -21.90
N ILE A 120 -28.14 -5.62 -22.33
CA ILE A 120 -28.80 -5.07 -23.51
C ILE A 120 -29.76 -3.95 -23.13
N ARG A 1 22.48 3.15 25.60
CA ARG A 1 21.33 2.29 25.85
C ARG A 1 20.34 2.36 24.69
N ARG A 2 19.82 1.21 24.30
CA ARG A 2 18.85 1.14 23.21
C ARG A 2 17.44 1.45 23.69
N CYS A 3 16.51 1.53 22.76
CA CYS A 3 15.12 1.81 23.08
C CYS A 3 14.32 0.52 23.25
N PRO A 4 13.15 0.60 23.90
CA PRO A 4 12.30 -0.58 24.12
C PRO A 4 11.74 -1.13 22.82
N SER A 5 11.09 -2.29 22.91
CA SER A 5 10.50 -2.91 21.73
C SER A 5 9.54 -1.94 21.04
N PRO A 6 9.88 -1.48 19.82
CA PRO A 6 9.03 -0.53 19.08
C PRO A 6 7.61 -1.06 18.92
N ARG A 7 6.66 -0.15 18.82
CA ARG A 7 5.26 -0.51 18.66
C ARG A 7 5.04 -1.20 17.33
N ASP A 8 4.03 -2.05 17.28
CA ASP A 8 3.75 -2.83 16.11
C ASP A 8 2.62 -2.22 15.27
N ILE A 9 2.28 -2.90 14.20
CA ILE A 9 1.23 -2.44 13.30
C ILE A 9 0.57 -3.62 12.59
N ASP A 10 -0.74 -3.54 12.43
CA ASP A 10 -1.48 -4.57 11.72
C ASP A 10 -1.36 -4.40 10.23
N ASN A 11 -1.90 -5.36 9.50
CA ASN A 11 -1.89 -5.35 8.03
C ASN A 11 -0.57 -4.79 7.48
N GLY A 12 0.51 -5.02 8.23
CA GLY A 12 1.81 -4.53 7.82
C GLY A 12 2.94 -5.13 8.63
N GLN A 13 4.13 -4.56 8.50
CA GLN A 13 5.30 -5.04 9.23
C GLN A 13 6.33 -3.93 9.41
N LEU A 14 7.05 -3.96 10.52
CA LEU A 14 8.05 -2.95 10.81
C LEU A 14 9.39 -3.29 10.16
N ASP A 15 10.22 -2.28 9.97
CA ASP A 15 11.55 -2.46 9.41
C ASP A 15 12.59 -1.85 10.34
N ILE A 16 12.89 -2.55 11.44
CA ILE A 16 13.82 -2.05 12.44
C ILE A 16 15.26 -2.14 11.98
N GLY A 17 15.80 -1.01 11.55
CA GLY A 17 17.20 -0.95 11.16
C GLY A 17 18.05 -0.30 12.22
N GLY A 18 17.52 -0.25 13.45
CA GLY A 18 18.24 0.35 14.56
C GLY A 18 17.32 0.73 15.70
N VAL A 19 17.72 0.42 16.93
CA VAL A 19 16.90 0.71 18.09
C VAL A 19 17.68 1.47 19.16
N ASP A 20 18.61 2.31 18.73
CA ASP A 20 19.42 3.08 19.67
C ASP A 20 18.98 4.53 19.68
N PHE A 21 19.41 5.24 20.73
CA PHE A 21 19.07 6.65 20.89
C PHE A 21 19.30 7.45 19.62
N GLY A 22 18.25 7.61 18.83
CA GLY A 22 18.36 8.38 17.61
C GLY A 22 18.13 7.53 16.36
N SER A 23 17.96 6.23 16.54
CA SER A 23 17.72 5.34 15.41
C SER A 23 16.33 5.58 14.83
N SER A 24 16.03 4.93 13.71
CA SER A 24 14.72 5.08 13.09
C SER A 24 14.25 3.79 12.45
N ILE A 25 12.96 3.55 12.51
CA ILE A 25 12.36 2.34 11.96
C ILE A 25 11.61 2.65 10.66
N THR A 26 11.17 1.61 9.97
CA THR A 26 10.43 1.79 8.72
C THR A 26 9.19 0.92 8.69
N TYR A 27 8.03 1.56 8.68
CA TYR A 27 6.76 0.84 8.66
C TYR A 27 6.32 0.53 7.24
N SER A 28 5.61 -0.58 7.07
CA SER A 28 5.13 -1.00 5.77
C SER A 28 3.90 -1.88 5.88
N CYS A 29 3.01 -1.78 4.90
CA CYS A 29 1.79 -2.58 4.89
C CYS A 29 2.10 -4.02 4.49
N ASN A 30 1.11 -4.90 4.66
CA ASN A 30 1.28 -6.31 4.35
C ASN A 30 1.34 -6.55 2.85
N SER A 31 0.18 -6.67 2.22
CA SER A 31 0.11 -6.91 0.79
C SER A 31 -1.18 -6.33 0.21
N GLY A 32 -1.05 -5.64 -0.92
CA GLY A 32 -2.20 -5.04 -1.56
C GLY A 32 -2.81 -3.93 -0.72
N TYR A 33 -1.98 -3.33 0.13
CA TYR A 33 -2.42 -2.26 1.02
C TYR A 33 -1.68 -0.96 0.73
N HIS A 34 -2.14 0.13 1.33
CA HIS A 34 -1.49 1.43 1.17
C HIS A 34 -1.38 2.13 2.51
N LEU A 35 -0.14 2.29 2.99
CA LEU A 35 0.11 2.92 4.26
C LEU A 35 0.08 4.44 4.12
N ILE A 36 -0.83 5.08 4.85
CA ILE A 36 -0.98 6.53 4.78
C ILE A 36 -0.17 7.22 5.87
N GLY A 37 0.08 8.51 5.70
CA GLY A 37 0.85 9.26 6.67
C GLY A 37 2.33 8.96 6.59
N GLU A 38 2.98 8.82 7.75
CA GLU A 38 4.40 8.51 7.79
C GLU A 38 4.65 7.02 7.62
N SER A 39 5.90 6.62 7.75
CA SER A 39 6.28 5.24 7.59
C SER A 39 7.58 4.93 8.33
N LYS A 40 7.91 5.75 9.32
CA LYS A 40 9.15 5.59 10.06
C LYS A 40 9.06 6.08 11.49
N SER A 41 9.51 5.23 12.41
CA SER A 41 9.56 5.58 13.84
C SER A 41 10.93 6.14 14.16
N TYR A 42 11.01 7.09 15.10
CA TYR A 42 12.33 7.63 15.45
C TYR A 42 12.65 7.42 16.92
N CYS A 43 13.70 6.65 17.16
CA CYS A 43 14.13 6.34 18.51
C CYS A 43 14.56 7.60 19.25
N GLU A 44 13.82 7.94 20.29
CA GLU A 44 14.13 9.10 21.11
C GLU A 44 13.84 8.82 22.56
N LEU A 45 13.90 9.85 23.39
CA LEU A 45 13.66 9.68 24.80
C LEU A 45 12.26 10.17 25.19
N GLY A 46 11.61 9.45 26.10
CA GLY A 46 10.28 9.81 26.53
C GLY A 46 10.24 11.18 27.18
N SER A 47 9.67 11.25 28.38
CA SER A 47 9.55 12.51 29.10
C SER A 47 10.25 12.44 30.46
N THR A 48 10.12 11.29 31.13
CA THR A 48 10.73 11.11 32.45
C THR A 48 12.13 10.52 32.33
N GLY A 49 12.91 11.03 31.38
CA GLY A 49 14.26 10.54 31.19
C GLY A 49 14.30 9.09 30.76
N SER A 50 13.22 8.63 30.14
CA SER A 50 13.12 7.26 29.66
C SER A 50 13.54 7.17 28.20
N MET A 51 13.10 6.12 27.52
CA MET A 51 13.42 5.94 26.12
C MET A 51 12.14 5.65 25.34
N VAL A 52 11.79 6.55 24.43
CA VAL A 52 10.57 6.42 23.66
C VAL A 52 10.83 6.28 22.17
N TRP A 53 9.76 6.22 21.42
CA TRP A 53 9.83 6.09 19.96
C TRP A 53 8.93 7.12 19.27
N ASN A 54 9.49 7.78 18.26
CA ASN A 54 8.73 8.76 17.48
C ASN A 54 7.78 8.05 16.53
N PRO A 55 6.81 8.78 15.94
CA PRO A 55 5.79 8.27 15.03
C PRO A 55 6.12 6.91 14.41
N GLU A 56 5.58 5.86 15.04
CA GLU A 56 5.84 4.49 14.62
C GLU A 56 4.80 3.97 13.63
N ALA A 57 3.62 3.62 14.13
CA ALA A 57 2.58 3.00 13.29
C ALA A 57 1.67 4.03 12.64
N PRO A 58 1.77 4.21 11.30
CA PRO A 58 0.92 5.11 10.55
C PRO A 58 -0.39 4.44 10.17
N ILE A 59 -1.03 4.90 9.10
CA ILE A 59 -2.28 4.30 8.64
C ILE A 59 -2.01 3.19 7.64
N CYS A 60 -3.03 2.38 7.37
CA CYS A 60 -2.90 1.28 6.42
C CYS A 60 -4.27 0.78 5.99
N GLU A 61 -4.41 0.47 4.71
CA GLU A 61 -5.66 -0.03 4.17
C GLU A 61 -5.43 -0.75 2.84
N SER A 62 -6.47 -1.42 2.35
CA SER A 62 -6.38 -2.14 1.08
C SER A 62 -6.58 -1.20 -0.10
N VAL A 63 -5.54 -1.09 -0.92
CA VAL A 63 -5.58 -0.23 -2.10
C VAL A 63 -6.87 -0.43 -2.89
N LYS A 64 -7.87 0.40 -2.62
CA LYS A 64 -9.15 0.30 -3.30
C LYS A 64 -9.04 0.79 -4.73
N CYS A 65 -9.33 -0.10 -5.69
CA CYS A 65 -9.28 0.26 -7.10
C CYS A 65 -10.68 0.55 -7.62
N GLN A 66 -10.88 1.79 -8.05
CA GLN A 66 -12.19 2.20 -8.56
C GLN A 66 -12.47 1.54 -9.91
N SER A 67 -13.38 2.12 -10.67
CA SER A 67 -13.74 1.58 -11.97
C SER A 67 -12.50 1.29 -12.81
N PRO A 68 -12.49 0.16 -13.54
CA PRO A 68 -11.35 -0.22 -14.37
C PRO A 68 -11.05 0.81 -15.46
N PRO A 69 -9.83 0.78 -16.02
CA PRO A 69 -9.41 1.74 -17.05
C PRO A 69 -10.48 2.00 -18.09
N SER A 70 -10.40 3.15 -18.75
CA SER A 70 -11.35 3.52 -19.78
C SER A 70 -10.68 3.48 -21.15
N ILE A 71 -10.75 2.32 -21.80
CA ILE A 71 -10.14 2.14 -23.11
C ILE A 71 -10.86 2.95 -24.18
N SER A 72 -10.27 2.99 -25.37
CA SER A 72 -10.85 3.72 -26.48
C SER A 72 -11.76 2.82 -27.30
N ASN A 73 -12.89 3.36 -27.73
CA ASN A 73 -13.85 2.60 -28.51
C ASN A 73 -14.37 1.41 -27.73
N GLY A 74 -14.39 1.54 -26.40
CA GLY A 74 -14.87 0.46 -25.57
C GLY A 74 -15.17 0.90 -24.15
N ARG A 75 -15.33 -0.08 -23.25
CA ARG A 75 -15.62 0.20 -21.86
C ARG A 75 -15.48 -1.05 -21.01
N HIS A 76 -15.81 -0.93 -19.73
CA HIS A 76 -15.69 -2.05 -18.81
C HIS A 76 -17.06 -2.47 -18.29
N ASN A 77 -17.11 -3.63 -17.63
CA ASN A 77 -18.36 -4.13 -17.07
C ASN A 77 -18.51 -3.71 -15.61
N GLY A 78 -17.93 -4.50 -14.71
CA GLY A 78 -18.00 -4.17 -13.30
C GLY A 78 -19.42 -4.15 -12.76
N TYR A 79 -19.59 -4.64 -11.54
CA TYR A 79 -20.91 -4.67 -10.92
C TYR A 79 -20.96 -3.73 -9.73
N GLU A 80 -19.82 -3.60 -9.05
CA GLU A 80 -19.72 -2.73 -7.88
C GLU A 80 -19.16 -1.37 -8.27
N ASP A 81 -18.85 -0.55 -7.27
CA ASP A 81 -18.30 0.78 -7.52
C ASP A 81 -16.80 0.81 -7.25
N PHE A 82 -16.33 -0.15 -6.45
CA PHE A 82 -14.91 -0.23 -6.10
C PHE A 82 -14.39 -1.65 -6.23
N TYR A 83 -13.07 -1.81 -6.15
CA TYR A 83 -12.44 -3.12 -6.25
C TYR A 83 -11.19 -3.18 -5.37
N THR A 84 -10.66 -4.38 -5.17
CA THR A 84 -9.47 -4.56 -4.34
C THR A 84 -8.50 -5.55 -4.96
N ASP A 85 -7.43 -5.85 -4.24
CA ASP A 85 -6.41 -6.78 -4.72
C ASP A 85 -6.98 -8.17 -4.90
N GLY A 86 -7.36 -8.47 -6.12
CA GLY A 86 -7.90 -9.77 -6.44
C GLY A 86 -9.26 -9.71 -7.09
N SER A 87 -9.56 -8.61 -7.78
CA SER A 87 -10.84 -8.46 -8.46
C SER A 87 -10.66 -8.55 -9.97
N VAL A 88 -11.72 -8.89 -10.67
CA VAL A 88 -11.66 -9.03 -12.12
C VAL A 88 -12.85 -8.37 -12.80
N VAL A 89 -12.64 -7.92 -14.03
CA VAL A 89 -13.69 -7.28 -14.81
C VAL A 89 -13.49 -7.56 -16.29
N THR A 90 -14.60 -7.65 -17.02
CA THR A 90 -14.53 -7.91 -18.45
C THR A 90 -14.88 -6.67 -19.25
N TYR A 91 -13.98 -6.31 -20.16
CA TYR A 91 -14.15 -5.12 -20.98
C TYR A 91 -15.02 -5.41 -22.20
N SER A 92 -15.51 -4.37 -22.84
CA SER A 92 -16.35 -4.51 -24.03
C SER A 92 -16.32 -3.26 -24.90
N CYS A 93 -16.36 -3.47 -26.21
CA CYS A 93 -16.35 -2.35 -27.16
C CYS A 93 -17.71 -1.66 -27.18
N ASN A 94 -17.73 -0.40 -27.61
CA ASN A 94 -18.96 0.37 -27.64
C ASN A 94 -19.61 0.31 -29.02
N SER A 95 -18.85 0.68 -30.03
CA SER A 95 -19.33 0.71 -31.40
C SER A 95 -19.42 -0.70 -31.98
N GLY A 96 -18.69 -1.64 -31.38
CA GLY A 96 -18.70 -3.01 -31.86
C GLY A 96 -17.34 -3.47 -32.34
N TYR A 97 -16.29 -2.89 -31.76
CA TYR A 97 -14.93 -3.23 -32.11
C TYR A 97 -14.58 -4.63 -31.64
N SER A 98 -13.35 -5.04 -31.91
CA SER A 98 -12.87 -6.35 -31.48
C SER A 98 -11.90 -6.18 -30.33
N LEU A 99 -12.41 -6.33 -29.11
CA LEU A 99 -11.61 -6.15 -27.92
C LEU A 99 -10.28 -6.88 -28.00
N ILE A 100 -9.23 -6.14 -27.73
CA ILE A 100 -7.88 -6.67 -27.76
C ILE A 100 -7.28 -6.70 -26.36
N GLY A 101 -6.26 -7.54 -26.17
CA GLY A 101 -5.62 -7.62 -24.87
C GLY A 101 -6.52 -8.19 -23.80
N ASN A 102 -7.39 -9.08 -24.23
CA ASN A 102 -8.35 -9.78 -23.36
C ASN A 102 -9.17 -8.82 -22.49
N SER A 103 -10.48 -9.02 -22.49
CA SER A 103 -11.40 -8.20 -21.71
C SER A 103 -11.13 -8.35 -20.22
N GLY A 104 -10.56 -9.48 -19.83
CA GLY A 104 -10.26 -9.73 -18.44
C GLY A 104 -9.25 -8.76 -17.88
N VAL A 105 -9.58 -8.12 -16.76
CA VAL A 105 -8.69 -7.16 -16.13
C VAL A 105 -8.56 -7.45 -14.63
N LEU A 106 -7.34 -7.65 -14.17
CA LEU A 106 -7.10 -7.95 -12.76
C LEU A 106 -6.97 -6.68 -11.93
N CYS A 107 -7.79 -6.56 -10.91
CA CYS A 107 -7.71 -5.44 -9.99
C CYS A 107 -6.72 -5.75 -8.89
N SER A 108 -5.56 -5.09 -8.92
CA SER A 108 -4.52 -5.33 -7.93
C SER A 108 -3.61 -4.13 -7.79
N GLY A 109 -2.83 -4.12 -6.72
CA GLY A 109 -1.90 -3.03 -6.46
C GLY A 109 -2.55 -1.67 -6.62
N GLY A 110 -3.84 -1.57 -6.32
CA GLY A 110 -4.53 -0.31 -6.45
C GLY A 110 -4.69 0.14 -7.89
N GLU A 111 -4.41 -0.78 -8.82
CA GLU A 111 -4.53 -0.47 -10.24
C GLU A 111 -5.05 -1.68 -11.00
N TRP A 112 -5.27 -1.51 -12.30
CA TRP A 112 -5.79 -2.59 -13.14
C TRP A 112 -4.73 -3.07 -14.11
N SER A 113 -4.49 -4.37 -14.12
CA SER A 113 -3.48 -4.95 -14.99
C SER A 113 -4.11 -5.71 -16.15
N ASP A 114 -3.41 -5.72 -17.28
CA ASP A 114 -3.87 -6.42 -18.48
C ASP A 114 -5.12 -5.77 -19.08
N PRO A 115 -5.14 -4.43 -19.20
CA PRO A 115 -6.26 -3.72 -19.81
C PRO A 115 -6.34 -3.98 -21.31
N PRO A 116 -7.56 -4.18 -21.85
CA PRO A 116 -7.76 -4.47 -23.26
C PRO A 116 -7.89 -3.22 -24.12
N THR A 117 -8.18 -3.45 -25.40
CA THR A 117 -8.37 -2.38 -26.35
C THR A 117 -9.59 -2.65 -27.20
N CYS A 118 -9.65 -2.05 -28.39
CA CYS A 118 -10.78 -2.28 -29.28
C CYS A 118 -10.39 -2.00 -30.73
N GLN A 119 -9.92 -3.03 -31.40
CA GLN A 119 -9.52 -2.92 -32.80
C GLN A 119 -10.41 -3.78 -33.68
N ILE A 120 -10.44 -3.45 -34.96
CA ILE A 120 -11.26 -4.16 -35.92
C ILE A 120 -10.50 -5.36 -36.50
N ARG A 1 -22.03 -4.58 -25.13
CA ARG A 1 -20.76 -4.51 -25.83
C ARG A 1 -19.68 -3.90 -24.93
N ARG A 2 -19.56 -4.42 -23.72
CA ARG A 2 -18.58 -3.92 -22.76
C ARG A 2 -17.22 -4.58 -22.98
N CYS A 3 -16.31 -4.34 -22.05
CA CYS A 3 -14.97 -4.90 -22.11
C CYS A 3 -14.88 -6.22 -21.35
N PRO A 4 -13.84 -7.02 -21.61
CA PRO A 4 -13.66 -8.31 -20.94
C PRO A 4 -13.28 -8.15 -19.47
N SER A 5 -13.14 -9.26 -18.77
CA SER A 5 -12.80 -9.24 -17.36
C SER A 5 -11.48 -8.51 -17.12
N PRO A 6 -11.52 -7.29 -16.54
CA PRO A 6 -10.32 -6.51 -16.29
C PRO A 6 -9.25 -7.31 -15.56
N ARG A 7 -8.00 -7.01 -15.86
CA ARG A 7 -6.88 -7.70 -15.22
C ARG A 7 -6.93 -7.49 -13.72
N ASP A 8 -6.40 -8.46 -13.00
CA ASP A 8 -6.45 -8.44 -11.56
C ASP A 8 -5.15 -7.92 -10.95
N ILE A 9 -5.10 -7.92 -9.62
CA ILE A 9 -3.94 -7.47 -8.89
C ILE A 9 -3.70 -8.35 -7.67
N ASP A 10 -2.45 -8.43 -7.23
CA ASP A 10 -2.10 -9.28 -6.09
C ASP A 10 -2.23 -8.52 -4.77
N ASN A 11 -1.36 -7.53 -4.58
CA ASN A 11 -1.39 -6.74 -3.36
C ASN A 11 -2.29 -5.52 -3.48
N GLY A 12 -3.43 -5.71 -4.13
CA GLY A 12 -4.36 -4.60 -4.29
C GLY A 12 -5.78 -5.07 -4.61
N GLN A 13 -6.69 -4.11 -4.79
CA GLN A 13 -8.07 -4.42 -5.10
C GLN A 13 -8.60 -3.49 -6.19
N LEU A 14 -9.13 -4.07 -7.26
CA LEU A 14 -9.66 -3.29 -8.37
C LEU A 14 -10.90 -2.52 -7.94
N ASP A 15 -11.16 -1.41 -8.63
CA ASP A 15 -12.34 -0.59 -8.35
C ASP A 15 -13.12 -0.36 -9.65
N ILE A 16 -13.82 -1.40 -10.09
CA ILE A 16 -14.57 -1.34 -11.34
C ILE A 16 -15.79 -0.44 -11.25
N GLY A 17 -15.62 0.81 -11.68
CA GLY A 17 -16.74 1.74 -11.71
C GLY A 17 -17.39 1.78 -13.07
N GLY A 18 -17.19 0.72 -13.85
CA GLY A 18 -17.75 0.65 -15.19
C GLY A 18 -16.93 -0.28 -16.07
N VAL A 19 -17.61 -1.07 -16.90
CA VAL A 19 -16.92 -2.03 -17.76
C VAL A 19 -17.28 -1.85 -19.24
N ASP A 20 -18.28 -1.01 -19.52
CA ASP A 20 -18.69 -0.79 -20.90
C ASP A 20 -17.63 -0.01 -21.68
N PHE A 21 -17.75 -0.02 -22.99
CA PHE A 21 -16.80 0.69 -23.86
C PHE A 21 -16.64 2.13 -23.40
N GLY A 22 -15.41 2.48 -23.03
CA GLY A 22 -15.14 3.82 -22.57
C GLY A 22 -15.08 3.93 -21.05
N SER A 23 -15.50 2.87 -20.36
CA SER A 23 -15.51 2.85 -18.90
C SER A 23 -14.09 3.08 -18.37
N SER A 24 -13.98 3.10 -17.04
CA SER A 24 -12.68 3.30 -16.40
C SER A 24 -12.65 2.66 -15.01
N ILE A 25 -11.57 1.93 -14.72
CA ILE A 25 -11.41 1.27 -13.43
C ILE A 25 -10.48 2.06 -12.52
N THR A 26 -10.36 1.63 -11.28
CA THR A 26 -9.48 2.28 -10.32
C THR A 26 -8.76 1.26 -9.45
N TYR A 27 -7.47 1.07 -9.72
CA TYR A 27 -6.67 0.11 -8.96
C TYR A 27 -6.27 0.66 -7.60
N SER A 28 -6.36 -0.20 -6.59
CA SER A 28 -6.00 0.19 -5.23
C SER A 28 -5.24 -0.92 -4.52
N CYS A 29 -4.63 -0.60 -3.39
CA CYS A 29 -3.86 -1.58 -2.63
C CYS A 29 -4.73 -2.26 -1.59
N ASN A 30 -4.24 -3.39 -1.06
CA ASN A 30 -4.99 -4.14 -0.05
C ASN A 30 -5.23 -3.30 1.21
N SER A 31 -4.24 -3.30 2.09
CA SER A 31 -4.33 -2.54 3.34
C SER A 31 -2.94 -2.23 3.88
N GLY A 32 -2.73 -0.98 4.26
CA GLY A 32 -1.43 -0.56 4.76
C GLY A 32 -0.35 -0.66 3.70
N TYR A 33 -0.78 -0.55 2.45
CA TYR A 33 0.12 -0.66 1.31
C TYR A 33 0.13 0.64 0.51
N HIS A 34 0.93 0.66 -0.56
CA HIS A 34 0.94 1.79 -1.48
C HIS A 34 0.95 1.29 -2.92
N LEU A 35 0.21 1.97 -3.78
CA LEU A 35 0.11 1.58 -5.17
C LEU A 35 1.12 2.36 -6.01
N ILE A 36 1.75 1.67 -6.95
CA ILE A 36 2.77 2.30 -7.78
C ILE A 36 2.28 2.44 -9.23
N GLY A 37 2.77 3.46 -9.90
CA GLY A 37 2.38 3.71 -11.27
C GLY A 37 0.94 4.19 -11.37
N GLU A 38 0.27 3.81 -12.46
CA GLU A 38 -1.13 4.20 -12.67
C GLU A 38 -2.01 3.63 -11.57
N SER A 39 -3.30 3.95 -11.62
CA SER A 39 -4.25 3.47 -10.63
C SER A 39 -5.64 3.38 -11.23
N LYS A 40 -5.71 3.20 -12.54
CA LYS A 40 -6.98 3.13 -13.24
C LYS A 40 -6.89 2.16 -14.43
N SER A 41 -7.94 2.16 -15.25
CA SER A 41 -7.99 1.31 -16.42
C SER A 41 -9.14 1.74 -17.34
N TYR A 42 -8.81 2.49 -18.36
CA TYR A 42 -9.83 3.01 -19.27
C TYR A 42 -10.25 1.97 -20.30
N CYS A 43 -11.52 1.56 -20.23
CA CYS A 43 -12.07 0.61 -21.16
C CYS A 43 -12.10 1.20 -22.55
N GLU A 44 -11.16 0.79 -23.39
CA GLU A 44 -11.08 1.31 -24.75
C GLU A 44 -10.88 0.18 -25.75
N LEU A 45 -10.97 0.53 -27.02
CA LEU A 45 -10.79 -0.42 -28.10
C LEU A 45 -9.36 -0.41 -28.61
N GLY A 46 -8.83 -1.58 -28.94
CA GLY A 46 -7.47 -1.66 -29.43
C GLY A 46 -6.99 -3.08 -29.61
N SER A 47 -7.83 -3.91 -30.22
CA SER A 47 -7.50 -5.31 -30.47
C SER A 47 -8.00 -5.75 -31.84
N THR A 48 -7.53 -5.07 -32.87
CA THR A 48 -7.95 -5.38 -34.24
C THR A 48 -9.43 -5.15 -34.42
N GLY A 49 -9.98 -4.23 -33.63
CA GLY A 49 -11.40 -3.94 -33.71
C GLY A 49 -12.17 -4.53 -32.54
N SER A 50 -11.49 -4.68 -31.41
CA SER A 50 -12.10 -5.24 -30.22
C SER A 50 -12.06 -4.26 -29.06
N MET A 51 -12.21 -4.78 -27.85
CA MET A 51 -12.18 -3.95 -26.66
C MET A 51 -11.04 -4.40 -25.73
N VAL A 52 -10.47 -3.43 -25.02
CA VAL A 52 -9.35 -3.69 -24.13
C VAL A 52 -9.38 -2.74 -22.94
N TRP A 53 -8.34 -2.81 -22.11
CA TRP A 53 -8.27 -1.95 -20.94
C TRP A 53 -6.93 -1.20 -20.89
N ASN A 54 -7.00 0.13 -20.83
CA ASN A 54 -5.79 0.94 -20.78
C ASN A 54 -5.96 2.12 -19.83
N PRO A 55 -5.10 2.25 -18.79
CA PRO A 55 -4.00 1.32 -18.53
C PRO A 55 -4.47 0.00 -17.94
N GLU A 56 -3.52 -0.79 -17.43
CA GLU A 56 -3.83 -2.08 -16.84
C GLU A 56 -3.64 -2.05 -15.31
N ALA A 57 -3.33 -3.21 -14.74
CA ALA A 57 -3.12 -3.33 -13.30
C ALA A 57 -1.72 -2.84 -12.92
N PRO A 58 -1.63 -1.73 -12.18
CA PRO A 58 -0.34 -1.17 -11.76
C PRO A 58 0.38 -2.04 -10.73
N ILE A 59 1.17 -1.41 -9.86
CA ILE A 59 1.91 -2.15 -8.84
C ILE A 59 1.31 -1.93 -7.46
N CYS A 60 1.89 -2.59 -6.46
CA CYS A 60 1.42 -2.47 -5.08
C CYS A 60 2.40 -3.14 -4.13
N GLU A 61 2.81 -2.39 -3.10
CA GLU A 61 3.75 -2.92 -2.12
C GLU A 61 3.30 -2.56 -0.71
N SER A 62 4.03 -3.06 0.28
CA SER A 62 3.70 -2.79 1.68
C SER A 62 4.57 -1.67 2.22
N VAL A 63 3.91 -0.63 2.75
CA VAL A 63 4.61 0.50 3.33
C VAL A 63 5.68 0.04 4.31
N LYS A 64 6.90 -0.12 3.83
CA LYS A 64 8.01 -0.58 4.66
C LYS A 64 8.60 0.56 5.48
N CYS A 65 8.73 0.34 6.79
CA CYS A 65 9.34 1.31 7.69
C CYS A 65 10.68 0.79 8.19
N GLN A 66 11.73 1.54 7.90
CA GLN A 66 13.07 1.13 8.32
C GLN A 66 13.22 1.23 9.83
N SER A 67 14.46 1.29 10.31
CA SER A 67 14.75 1.37 11.73
C SER A 67 13.87 2.44 12.40
N PRO A 68 13.30 2.13 13.58
CA PRO A 68 12.44 3.08 14.30
C PRO A 68 13.16 4.39 14.60
N PRO A 69 12.40 5.45 14.91
CA PRO A 69 12.97 6.76 15.20
C PRO A 69 14.20 6.70 16.09
N SER A 70 15.02 7.74 16.05
CA SER A 70 16.24 7.79 16.84
C SER A 70 16.11 8.84 17.94
N ILE A 71 15.60 8.42 19.10
CA ILE A 71 15.42 9.33 20.22
C ILE A 71 16.75 9.74 20.83
N SER A 72 16.69 10.55 21.88
CA SER A 72 17.90 11.01 22.56
C SER A 72 18.16 10.17 23.80
N ASN A 73 19.43 9.98 24.12
CA ASN A 73 19.82 9.19 25.28
C ASN A 73 19.16 7.82 25.26
N GLY A 74 18.91 7.30 24.05
CA GLY A 74 18.29 6.00 23.92
C GLY A 74 18.21 5.53 22.47
N ARG A 75 17.50 4.43 22.26
CA ARG A 75 17.37 3.85 20.92
C ARG A 75 16.34 2.73 20.93
N HIS A 76 16.20 2.06 19.80
CA HIS A 76 15.27 0.94 19.68
C HIS A 76 16.00 -0.38 20.00
N ASN A 77 15.25 -1.47 20.04
CA ASN A 77 15.83 -2.77 20.38
C ASN A 77 15.95 -3.67 19.14
N GLY A 78 14.96 -3.61 18.26
CA GLY A 78 14.96 -4.46 17.08
C GLY A 78 16.31 -4.48 16.38
N TYR A 79 16.67 -3.37 15.76
CA TYR A 79 17.91 -3.24 15.05
C TYR A 79 17.90 -4.16 13.85
N GLU A 80 16.71 -4.44 13.35
CA GLU A 80 16.57 -5.31 12.21
C GLU A 80 17.11 -4.63 10.94
N ASP A 81 16.22 -4.05 10.15
CA ASP A 81 16.61 -3.36 8.95
C ASP A 81 15.39 -2.69 8.33
N PHE A 82 14.27 -3.38 8.42
CA PHE A 82 13.03 -2.88 7.86
C PHE A 82 11.82 -3.43 8.60
N TYR A 83 10.70 -2.73 8.45
CA TYR A 83 9.45 -3.12 9.10
C TYR A 83 8.27 -2.81 8.19
N THR A 84 7.08 -3.29 8.55
CA THR A 84 5.89 -3.07 7.74
C THR A 84 4.70 -2.63 8.59
N ASP A 85 3.58 -2.37 7.92
CA ASP A 85 2.37 -1.94 8.60
C ASP A 85 1.89 -3.02 9.55
N GLY A 86 2.18 -2.81 10.81
CA GLY A 86 1.76 -3.74 11.84
C GLY A 86 2.91 -4.29 12.65
N SER A 87 4.07 -3.64 12.57
CA SER A 87 5.24 -4.09 13.33
C SER A 87 5.40 -3.26 14.59
N VAL A 88 6.10 -3.82 15.57
CA VAL A 88 6.31 -3.14 16.84
C VAL A 88 7.75 -3.27 17.30
N VAL A 89 8.20 -2.27 18.07
CA VAL A 89 9.56 -2.26 18.60
C VAL A 89 9.59 -1.58 19.96
N THR A 90 10.53 -2.01 20.80
CA THR A 90 10.65 -1.46 22.13
C THR A 90 11.92 -0.63 22.26
N TYR A 91 11.75 0.61 22.70
CA TYR A 91 12.88 1.52 22.85
C TYR A 91 13.59 1.32 24.17
N SER A 92 14.88 1.68 24.19
CA SER A 92 15.68 1.53 25.39
C SER A 92 16.82 2.54 25.42
N CYS A 93 17.19 2.96 26.62
CA CYS A 93 18.25 3.94 26.80
C CYS A 93 19.63 3.37 26.46
N ASN A 94 20.58 4.26 26.20
CA ASN A 94 21.93 3.86 25.87
C ASN A 94 22.76 3.61 27.12
N SER A 95 23.06 4.68 27.85
CA SER A 95 23.88 4.59 29.06
C SER A 95 23.07 4.06 30.25
N GLY A 96 21.87 4.58 30.42
CA GLY A 96 21.02 4.15 31.51
C GLY A 96 20.01 5.19 31.93
N TYR A 97 19.42 5.85 30.95
CA TYR A 97 18.41 6.88 31.20
C TYR A 97 17.07 6.23 31.54
N SER A 98 15.99 7.02 31.51
CA SER A 98 14.67 6.49 31.82
C SER A 98 13.73 6.61 30.62
N LEU A 99 13.47 5.48 29.96
CA LEU A 99 12.56 5.42 28.83
C LEU A 99 11.28 6.16 29.14
N ILE A 100 11.02 7.20 28.37
CA ILE A 100 9.83 8.02 28.57
C ILE A 100 8.69 7.55 27.67
N GLY A 101 7.48 7.93 28.02
CA GLY A 101 6.33 7.52 27.24
C GLY A 101 6.19 6.02 27.19
N ASN A 102 6.15 5.49 25.98
CA ASN A 102 6.04 4.05 25.78
C ASN A 102 7.16 3.54 24.89
N SER A 103 7.94 2.58 25.40
CA SER A 103 9.04 2.00 24.64
C SER A 103 8.52 1.39 23.35
N GLY A 104 7.26 0.97 23.37
CA GLY A 104 6.65 0.36 22.19
C GLY A 104 6.43 1.35 21.07
N VAL A 105 6.77 0.95 19.85
CA VAL A 105 6.58 1.81 18.68
C VAL A 105 5.89 1.04 17.56
N LEU A 106 4.73 1.51 17.16
CA LEU A 106 3.95 0.84 16.12
C LEU A 106 4.42 1.25 14.73
N CYS A 107 4.89 0.28 13.95
CA CYS A 107 5.30 0.53 12.58
C CYS A 107 4.08 0.43 11.68
N SER A 108 3.55 1.59 11.29
CA SER A 108 2.36 1.64 10.45
C SER A 108 2.52 2.70 9.37
N GLY A 109 1.71 2.59 8.33
CA GLY A 109 1.76 3.54 7.23
C GLY A 109 3.18 3.79 6.73
N GLY A 110 4.05 2.82 6.94
CA GLY A 110 5.43 2.97 6.51
C GLY A 110 6.24 3.85 7.45
N GLU A 111 5.64 4.23 8.57
CA GLU A 111 6.31 5.07 9.56
C GLU A 111 6.12 4.52 10.96
N TRP A 112 6.63 5.24 11.95
CA TRP A 112 6.52 4.81 13.33
C TRP A 112 5.66 5.77 14.14
N SER A 113 4.92 5.22 15.09
CA SER A 113 4.04 6.03 15.93
C SER A 113 4.24 5.73 17.40
N ASP A 114 4.06 6.75 18.23
CA ASP A 114 4.20 6.61 19.68
C ASP A 114 5.66 6.41 20.10
N PRO A 115 6.59 7.20 19.54
CA PRO A 115 8.01 7.12 19.91
C PRO A 115 8.25 7.73 21.30
N PRO A 116 9.07 7.06 22.13
CA PRO A 116 9.33 7.52 23.49
C PRO A 116 10.51 8.48 23.60
N THR A 117 10.82 8.82 24.83
CA THR A 117 11.98 9.65 25.14
C THR A 117 12.82 8.91 26.15
N CYS A 118 13.71 9.62 26.80
CA CYS A 118 14.59 8.97 27.73
C CYS A 118 15.38 9.99 28.55
N GLN A 119 14.82 10.30 29.71
CA GLN A 119 15.42 11.27 30.61
C GLN A 119 15.77 10.62 31.94
N ILE A 120 16.40 11.41 32.80
CA ILE A 120 16.80 10.93 34.12
C ILE A 120 15.73 11.27 35.15
N ARG A 1 -16.59 -2.06 -29.78
CA ARG A 1 -15.60 -3.07 -29.47
C ARG A 1 -14.91 -2.79 -28.14
N ARG A 2 -13.72 -3.36 -27.94
CA ARG A 2 -12.94 -3.18 -26.73
C ARG A 2 -13.81 -3.24 -25.47
N CYS A 3 -13.24 -2.83 -24.35
CA CYS A 3 -13.95 -2.85 -23.07
C CYS A 3 -14.23 -1.43 -22.59
N PRO A 4 -15.17 -1.27 -21.65
CA PRO A 4 -15.49 0.04 -21.09
C PRO A 4 -14.32 0.57 -20.28
N SER A 5 -14.40 1.82 -19.85
CA SER A 5 -13.32 2.41 -19.08
C SER A 5 -12.94 1.50 -17.92
N PRO A 6 -11.67 1.04 -17.88
CA PRO A 6 -11.19 0.16 -16.82
C PRO A 6 -11.57 0.66 -15.43
N ARG A 7 -11.86 -0.28 -14.52
CA ARG A 7 -12.19 0.07 -13.15
C ARG A 7 -11.11 0.95 -12.57
N ASP A 8 -11.24 1.28 -11.30
CA ASP A 8 -10.25 2.13 -10.66
C ASP A 8 -10.02 1.73 -9.21
N ILE A 9 -9.13 2.48 -8.57
CA ILE A 9 -8.76 2.24 -7.18
C ILE A 9 -8.61 3.55 -6.43
N ASP A 10 -8.80 3.50 -5.12
CA ASP A 10 -8.72 4.71 -4.29
C ASP A 10 -7.27 5.10 -4.01
N ASN A 11 -6.59 4.27 -3.22
CA ASN A 11 -5.20 4.55 -2.87
C ASN A 11 -4.25 3.84 -3.82
N GLY A 12 -4.62 3.82 -5.10
CA GLY A 12 -3.80 3.17 -6.09
C GLY A 12 -3.87 3.82 -7.46
N GLN A 13 -3.12 3.29 -8.41
CA GLN A 13 -3.07 3.80 -9.77
C GLN A 13 -3.01 2.66 -10.76
N LEU A 14 -3.81 2.74 -11.81
CA LEU A 14 -3.85 1.68 -12.81
C LEU A 14 -2.81 1.89 -13.90
N ASP A 15 -2.38 0.79 -14.50
CA ASP A 15 -1.41 0.82 -15.58
C ASP A 15 -2.00 0.11 -16.80
N ILE A 16 -2.83 0.83 -17.54
CA ILE A 16 -3.53 0.27 -18.69
C ILE A 16 -2.62 0.10 -19.90
N GLY A 17 -2.43 -1.14 -20.30
CA GLY A 17 -1.66 -1.44 -21.49
C GLY A 17 -2.54 -1.91 -22.63
N GLY A 18 -3.84 -1.61 -22.51
CA GLY A 18 -4.80 -2.03 -23.52
C GLY A 18 -6.20 -2.11 -22.97
N VAL A 19 -7.20 -2.16 -23.85
CA VAL A 19 -8.59 -2.23 -23.42
C VAL A 19 -9.40 -3.11 -24.35
N ASP A 20 -8.74 -4.01 -25.06
CA ASP A 20 -9.42 -4.93 -25.98
C ASP A 20 -9.75 -6.24 -25.29
N PHE A 21 -10.72 -6.96 -25.84
CA PHE A 21 -11.14 -8.25 -25.28
C PHE A 21 -9.95 -9.19 -25.17
N GLY A 22 -9.23 -9.10 -24.06
CA GLY A 22 -8.07 -9.94 -23.83
C GLY A 22 -6.88 -9.16 -23.31
N SER A 23 -6.95 -7.82 -23.39
CA SER A 23 -5.89 -6.98 -22.90
C SER A 23 -5.69 -7.18 -21.41
N SER A 24 -4.86 -6.34 -20.79
CA SER A 24 -4.62 -6.45 -19.37
C SER A 24 -4.09 -5.15 -18.78
N ILE A 25 -4.59 -4.81 -17.60
CA ILE A 25 -4.17 -3.61 -16.88
C ILE A 25 -3.22 -3.97 -15.75
N THR A 26 -2.69 -2.97 -15.05
CA THR A 26 -1.77 -3.21 -13.95
C THR A 26 -2.07 -2.28 -12.78
N TYR A 27 -2.53 -2.85 -11.67
CA TYR A 27 -2.88 -2.06 -10.50
C TYR A 27 -1.68 -1.81 -9.61
N SER A 28 -1.70 -0.67 -8.94
CA SER A 28 -0.61 -0.29 -8.04
C SER A 28 -1.10 0.72 -7.01
N CYS A 29 -0.32 0.90 -5.94
CA CYS A 29 -0.69 1.83 -4.88
C CYS A 29 -0.18 3.24 -5.19
N ASN A 30 -0.69 4.21 -4.46
CA ASN A 30 -0.29 5.60 -4.65
C ASN A 30 1.17 5.81 -4.25
N SER A 31 1.43 5.75 -2.95
CA SER A 31 2.78 5.92 -2.44
C SER A 31 2.90 5.38 -1.02
N GLY A 32 4.03 4.76 -0.71
CA GLY A 32 4.25 4.20 0.61
C GLY A 32 3.12 3.30 1.03
N TYR A 33 2.48 2.66 0.06
CA TYR A 33 1.36 1.77 0.33
C TYR A 33 1.69 0.33 -0.09
N HIS A 34 0.76 -0.58 0.19
CA HIS A 34 0.90 -1.96 -0.26
C HIS A 34 -0.40 -2.42 -0.89
N LEU A 35 -0.27 -3.17 -1.97
CA LEU A 35 -1.42 -3.62 -2.73
C LEU A 35 -1.93 -4.95 -2.22
N ILE A 36 -3.25 -5.08 -2.15
CA ILE A 36 -3.86 -6.33 -1.70
C ILE A 36 -4.68 -6.95 -2.82
N GLY A 37 -4.45 -8.23 -3.02
CA GLY A 37 -5.09 -8.96 -4.09
C GLY A 37 -4.16 -9.13 -5.27
N GLU A 38 -4.68 -8.95 -6.47
CA GLU A 38 -3.88 -9.04 -7.68
C GLU A 38 -3.23 -7.70 -8.01
N SER A 39 -2.60 -7.61 -9.17
CA SER A 39 -1.95 -6.37 -9.59
C SER A 39 -2.07 -6.20 -11.10
N LYS A 40 -3.10 -6.80 -11.67
CA LYS A 40 -3.32 -6.73 -13.10
C LYS A 40 -4.77 -7.09 -13.43
N SER A 41 -5.43 -6.20 -14.16
CA SER A 41 -6.81 -6.44 -14.57
C SER A 41 -6.85 -7.02 -15.97
N TYR A 42 -7.85 -7.83 -16.24
CA TYR A 42 -7.97 -8.47 -17.54
C TYR A 42 -9.32 -8.14 -18.20
N CYS A 43 -9.24 -7.64 -19.43
CA CYS A 43 -10.44 -7.30 -20.18
C CYS A 43 -11.11 -8.56 -20.72
N GLU A 44 -12.04 -9.10 -19.94
CA GLU A 44 -12.73 -10.32 -20.31
C GLU A 44 -14.22 -10.09 -20.52
N LEU A 45 -14.92 -11.16 -20.89
CA LEU A 45 -16.35 -11.08 -21.16
C LEU A 45 -17.15 -11.13 -19.86
N GLY A 46 -18.36 -10.60 -19.91
CA GLY A 46 -19.23 -10.61 -18.75
C GLY A 46 -20.42 -9.67 -18.90
N SER A 47 -21.28 -9.65 -17.90
CA SER A 47 -22.46 -8.78 -17.92
C SER A 47 -23.48 -9.27 -18.92
N THR A 48 -23.87 -10.52 -18.76
CA THR A 48 -24.86 -11.14 -19.64
C THR A 48 -24.30 -11.41 -21.03
N GLY A 49 -22.97 -11.40 -21.14
CA GLY A 49 -22.34 -11.66 -22.43
C GLY A 49 -21.80 -10.40 -23.09
N SER A 50 -21.22 -9.53 -22.28
CA SER A 50 -20.65 -8.29 -22.79
C SER A 50 -19.16 -8.19 -22.44
N MET A 51 -18.58 -7.01 -22.66
CA MET A 51 -17.17 -6.81 -22.37
C MET A 51 -16.98 -6.18 -20.99
N VAL A 52 -16.29 -6.89 -20.11
CA VAL A 52 -16.04 -6.41 -18.76
C VAL A 52 -14.56 -6.59 -18.39
N TRP A 53 -14.23 -6.27 -17.15
CA TRP A 53 -12.86 -6.40 -16.68
C TRP A 53 -12.78 -7.34 -15.48
N ASN A 54 -11.74 -8.18 -15.47
CA ASN A 54 -11.55 -9.14 -14.38
C ASN A 54 -10.07 -9.40 -14.14
N PRO A 55 -9.64 -9.53 -12.86
CA PRO A 55 -10.52 -9.45 -11.70
C PRO A 55 -10.95 -8.03 -11.36
N GLU A 56 -11.22 -7.79 -10.08
CA GLU A 56 -11.65 -6.47 -9.62
C GLU A 56 -10.55 -5.42 -9.81
N ALA A 57 -10.24 -4.64 -8.78
CA ALA A 57 -9.22 -3.62 -8.89
C ALA A 57 -7.87 -4.20 -8.95
N PRO A 58 -7.23 -4.53 -7.85
CA PRO A 58 -7.79 -4.66 -6.50
C PRO A 58 -7.46 -3.47 -5.56
N ILE A 59 -7.27 -3.74 -4.27
CA ILE A 59 -7.06 -2.68 -3.29
C ILE A 59 -5.59 -2.31 -3.08
N CYS A 60 -5.40 -1.30 -2.24
CA CYS A 60 -4.08 -0.80 -1.88
C CYS A 60 -4.17 -0.04 -0.56
N GLU A 61 -3.55 -0.60 0.47
CA GLU A 61 -3.59 0.02 1.80
C GLU A 61 -2.30 0.74 2.11
N SER A 62 -2.26 1.39 3.27
CA SER A 62 -1.06 2.12 3.70
C SER A 62 -0.23 1.27 4.65
N VAL A 63 1.02 1.06 4.28
CA VAL A 63 1.95 0.28 5.10
C VAL A 63 1.87 0.69 6.56
N LYS A 64 1.10 -0.07 7.34
CA LYS A 64 0.92 0.20 8.75
C LYS A 64 2.05 -0.40 9.59
N CYS A 65 2.84 0.46 10.23
CA CYS A 65 3.91 0.00 11.10
C CYS A 65 3.44 -0.03 12.54
N GLN A 66 3.46 -1.20 13.14
CA GLN A 66 3.03 -1.37 14.52
C GLN A 66 4.02 -0.71 15.48
N SER A 67 4.02 -1.15 16.73
CA SER A 67 4.91 -0.58 17.73
C SER A 67 6.35 -0.57 17.22
N PRO A 68 7.10 0.52 17.48
CA PRO A 68 8.48 0.65 17.02
C PRO A 68 9.37 -0.48 17.55
N PRO A 69 10.49 -0.76 16.84
CA PRO A 69 11.40 -1.84 17.24
C PRO A 69 11.78 -1.79 18.71
N SER A 70 12.19 -2.94 19.23
CA SER A 70 12.61 -3.04 20.63
C SER A 70 14.13 -3.07 20.71
N ILE A 71 14.74 -1.91 20.86
CA ILE A 71 16.19 -1.80 20.93
C ILE A 71 16.74 -2.43 22.20
N SER A 72 18.04 -2.65 22.22
CA SER A 72 18.70 -3.25 23.37
C SER A 72 18.88 -2.23 24.48
N ASN A 73 18.66 -2.66 25.72
CA ASN A 73 18.80 -1.79 26.88
C ASN A 73 17.98 -0.51 26.70
N GLY A 74 16.91 -0.61 25.92
CA GLY A 74 16.06 0.54 25.69
C GLY A 74 14.68 0.16 25.17
N ARG A 75 13.95 1.15 24.67
CA ARG A 75 12.60 0.93 24.16
C ARG A 75 12.08 2.16 23.44
N HIS A 76 10.82 2.11 23.04
CA HIS A 76 10.20 3.21 22.33
C HIS A 76 9.28 4.02 23.25
N ASN A 77 8.67 5.06 22.68
CA ASN A 77 7.78 5.94 23.40
C ASN A 77 6.50 6.13 22.61
N GLY A 78 6.19 5.16 21.76
CA GLY A 78 5.05 5.26 20.88
C GLY A 78 3.83 5.87 21.54
N TYR A 79 3.04 6.59 20.73
CA TYR A 79 1.84 7.24 21.24
C TYR A 79 0.61 6.43 20.88
N GLU A 80 0.58 5.95 19.66
CA GLU A 80 -0.54 5.16 19.16
C GLU A 80 -0.20 3.68 19.17
N ASP A 81 -1.13 2.88 18.68
CA ASP A 81 -0.93 1.43 18.60
C ASP A 81 -0.34 1.05 17.25
N PHE A 82 -0.62 1.87 16.25
CA PHE A 82 -0.13 1.64 14.89
C PHE A 82 0.47 2.91 14.31
N TYR A 83 1.20 2.77 13.22
CA TYR A 83 1.85 3.91 12.59
C TYR A 83 1.88 3.77 11.07
N THR A 84 2.14 4.86 10.37
CA THR A 84 2.19 4.86 8.91
C THR A 84 3.22 5.84 8.37
N ASP A 85 3.25 5.97 7.05
CA ASP A 85 4.19 6.86 6.39
C ASP A 85 4.07 8.28 6.92
N GLY A 86 4.92 8.59 7.90
CA GLY A 86 4.95 9.93 8.44
C GLY A 86 4.78 9.97 9.95
N SER A 87 5.15 8.89 10.63
CA SER A 87 5.04 8.86 12.09
C SER A 87 6.41 8.88 12.75
N VAL A 88 6.46 9.41 13.97
CA VAL A 88 7.71 9.49 14.72
C VAL A 88 7.46 9.28 16.20
N VAL A 89 8.32 8.47 16.82
CA VAL A 89 8.22 8.18 18.22
C VAL A 89 9.59 8.28 18.88
N THR A 90 9.61 8.64 20.15
CA THR A 90 10.86 8.78 20.87
C THR A 90 11.23 7.47 21.56
N TYR A 91 12.51 7.22 21.71
CA TYR A 91 12.98 6.00 22.35
C TYR A 91 13.54 6.30 23.73
N SER A 92 13.56 5.28 24.59
CA SER A 92 14.06 5.46 25.95
C SER A 92 14.79 4.22 26.45
N CYS A 93 15.81 4.44 27.28
CA CYS A 93 16.60 3.36 27.84
C CYS A 93 15.80 2.55 28.85
N ASN A 94 16.28 1.34 29.12
CA ASN A 94 15.60 0.43 30.04
C ASN A 94 15.34 1.08 31.39
N SER A 95 16.38 1.14 32.21
CA SER A 95 16.27 1.65 33.56
C SER A 95 17.00 2.98 33.71
N GLY A 96 18.07 3.16 32.94
CA GLY A 96 18.81 4.39 33.00
C GLY A 96 20.05 4.37 32.13
N TYR A 97 19.99 3.66 31.02
CA TYR A 97 21.09 3.58 30.08
C TYR A 97 21.28 4.91 29.37
N SER A 98 22.10 4.92 28.32
CA SER A 98 22.28 6.12 27.53
C SER A 98 21.99 5.82 26.06
N LEU A 99 20.94 6.42 25.55
CA LEU A 99 20.49 6.17 24.21
C LEU A 99 21.46 6.72 23.17
N ILE A 100 21.58 5.97 22.10
CA ILE A 100 22.48 6.30 21.01
C ILE A 100 21.73 6.40 19.68
N GLY A 101 22.31 7.13 18.73
CA GLY A 101 21.69 7.26 17.42
C GLY A 101 20.34 7.92 17.45
N ASN A 102 20.17 8.82 18.39
CA ASN A 102 18.94 9.57 18.56
C ASN A 102 17.75 8.65 18.84
N SER A 103 16.95 9.04 19.81
CA SER A 103 15.81 8.26 20.25
C SER A 103 14.65 8.30 19.25
N GLY A 104 14.52 9.40 18.53
CA GLY A 104 13.44 9.52 17.56
C GLY A 104 13.51 8.47 16.49
N VAL A 105 12.35 7.96 16.09
CA VAL A 105 12.27 6.91 15.07
C VAL A 105 11.20 7.22 14.04
N LEU A 106 11.60 7.35 12.78
CA LEU A 106 10.66 7.65 11.71
C LEU A 106 9.93 6.38 11.26
N CYS A 107 8.62 6.50 11.09
CA CYS A 107 7.81 5.40 10.62
C CYS A 107 7.39 5.63 9.17
N SER A 108 8.02 4.92 8.25
CA SER A 108 7.72 5.07 6.83
C SER A 108 7.94 3.77 6.07
N GLY A 109 6.95 3.40 5.27
CA GLY A 109 7.04 2.18 4.48
C GLY A 109 6.71 0.95 5.29
N GLY A 110 5.93 1.15 6.35
CA GLY A 110 5.57 0.05 7.21
C GLY A 110 6.70 -0.36 8.13
N GLU A 111 7.83 0.35 8.03
CA GLU A 111 8.98 0.06 8.87
C GLU A 111 9.41 1.30 9.64
N TRP A 112 10.44 1.15 10.45
CA TRP A 112 10.95 2.25 11.25
C TRP A 112 12.40 2.55 10.92
N SER A 113 12.72 3.81 10.73
CA SER A 113 14.08 4.22 10.45
C SER A 113 14.68 4.96 11.65
N ASP A 114 16.01 5.03 11.68
CA ASP A 114 16.72 5.69 12.77
C ASP A 114 16.57 4.98 14.12
N PRO A 115 16.49 3.64 14.16
CA PRO A 115 16.37 2.90 15.41
C PRO A 115 17.65 3.01 16.23
N PRO A 116 17.54 3.46 17.49
CA PRO A 116 18.70 3.70 18.34
C PRO A 116 19.11 2.52 19.19
N THR A 117 20.09 2.79 20.04
CA THR A 117 20.61 1.82 20.99
C THR A 117 20.77 2.49 22.33
N CYS A 118 21.16 1.73 23.34
CA CYS A 118 21.40 2.33 24.65
C CYS A 118 22.71 1.86 25.24
N GLN A 119 23.69 2.73 25.19
CA GLN A 119 25.00 2.43 25.73
C GLN A 119 25.24 3.18 27.02
N ILE A 120 26.08 2.62 27.85
CA ILE A 120 26.40 3.22 29.13
C ILE A 120 27.23 4.48 28.95
N ARG A 1 -17.54 -1.54 -29.63
CA ARG A 1 -17.63 -0.40 -28.72
C ARG A 1 -16.76 -0.61 -27.48
N ARG A 2 -16.48 0.47 -26.77
CA ARG A 2 -15.65 0.41 -25.58
C ARG A 2 -16.46 -0.05 -24.37
N CYS A 3 -15.77 -0.59 -23.37
CA CYS A 3 -16.40 -1.06 -22.15
C CYS A 3 -16.93 0.12 -21.33
N PRO A 4 -17.84 -0.15 -20.39
CA PRO A 4 -18.42 0.90 -19.54
C PRO A 4 -17.42 1.44 -18.53
N SER A 5 -17.78 2.54 -17.87
CA SER A 5 -16.92 3.17 -16.88
C SER A 5 -16.40 2.14 -15.88
N PRO A 6 -15.13 1.74 -15.98
CA PRO A 6 -14.53 0.77 -15.06
C PRO A 6 -14.85 1.06 -13.61
N ARG A 7 -14.70 0.04 -12.76
CA ARG A 7 -14.95 0.19 -11.34
C ARG A 7 -13.93 1.13 -10.73
N ASP A 8 -14.20 1.57 -9.52
CA ASP A 8 -13.35 2.53 -8.86
C ASP A 8 -12.72 1.97 -7.60
N ILE A 9 -11.94 2.81 -6.93
CA ILE A 9 -11.27 2.44 -5.70
C ILE A 9 -11.21 3.62 -4.74
N ASP A 10 -11.28 3.33 -3.44
CA ASP A 10 -11.28 4.39 -2.43
C ASP A 10 -9.85 4.78 -2.05
N ASN A 11 -9.09 3.83 -1.52
CA ASN A 11 -7.72 4.09 -1.11
C ASN A 11 -6.74 3.73 -2.21
N GLY A 12 -7.16 3.95 -3.45
CA GLY A 12 -6.29 3.65 -4.58
C GLY A 12 -6.54 4.56 -5.77
N GLN A 13 -5.80 4.34 -6.84
CA GLN A 13 -5.94 5.14 -8.06
C GLN A 13 -5.87 4.25 -9.31
N LEU A 14 -6.86 4.38 -10.18
CA LEU A 14 -6.92 3.59 -11.39
C LEU A 14 -5.94 4.10 -12.44
N ASP A 15 -5.51 3.19 -13.32
CA ASP A 15 -4.60 3.54 -14.40
C ASP A 15 -5.19 3.06 -15.73
N ILE A 16 -6.15 3.81 -16.25
CA ILE A 16 -6.84 3.43 -17.48
C ILE A 16 -5.92 3.52 -18.70
N GLY A 17 -5.42 2.37 -19.12
CA GLY A 17 -4.56 2.32 -20.28
C GLY A 17 -5.31 1.77 -21.49
N GLY A 18 -6.62 1.89 -21.46
CA GLY A 18 -7.45 1.38 -22.55
C GLY A 18 -8.78 0.86 -22.03
N VAL A 19 -9.85 1.25 -22.71
CA VAL A 19 -11.20 0.83 -22.31
C VAL A 19 -11.91 0.06 -23.43
N ASP A 20 -11.13 -0.49 -24.35
CA ASP A 20 -11.68 -1.26 -25.45
C ASP A 20 -11.45 -2.74 -25.24
N PHE A 21 -12.36 -3.56 -25.76
CA PHE A 21 -12.24 -5.02 -25.61
C PHE A 21 -10.84 -5.49 -25.99
N GLY A 22 -10.12 -6.00 -25.00
CA GLY A 22 -8.76 -6.45 -25.24
C GLY A 22 -7.73 -5.59 -24.54
N SER A 23 -8.19 -4.64 -23.71
CA SER A 23 -7.28 -3.77 -22.99
C SER A 23 -7.17 -4.20 -21.54
N SER A 24 -6.67 -3.31 -20.69
CA SER A 24 -6.51 -3.62 -19.27
C SER A 24 -6.18 -2.37 -18.47
N ILE A 25 -6.70 -2.30 -17.25
CA ILE A 25 -6.46 -1.17 -16.37
C ILE A 25 -5.42 -1.53 -15.31
N THR A 26 -4.95 -0.53 -14.57
CA THR A 26 -3.96 -0.76 -13.52
C THR A 26 -4.37 -0.11 -12.21
N TYR A 27 -4.64 -0.94 -11.21
CA TYR A 27 -5.07 -0.46 -9.91
C TYR A 27 -3.89 -0.26 -8.97
N SER A 28 -3.89 0.85 -8.24
CA SER A 28 -2.83 1.16 -7.28
C SER A 28 -3.41 1.84 -6.05
N CYS A 29 -2.61 1.93 -4.99
CA CYS A 29 -3.05 2.57 -3.76
C CYS A 29 -2.88 4.08 -3.84
N ASN A 30 -3.42 4.80 -2.86
CA ASN A 30 -3.32 6.25 -2.83
C ASN A 30 -1.90 6.69 -2.53
N SER A 31 -1.55 6.72 -1.24
CA SER A 31 -0.22 7.14 -0.81
C SER A 31 0.10 6.56 0.56
N GLY A 32 1.29 5.97 0.68
CA GLY A 32 1.69 5.38 1.94
C GLY A 32 0.86 4.16 2.29
N TYR A 33 0.26 3.55 1.26
CA TYR A 33 -0.58 2.37 1.45
C TYR A 33 0.06 1.14 0.79
N HIS A 34 -0.67 0.04 0.80
CA HIS A 34 -0.20 -1.19 0.17
C HIS A 34 -1.38 -1.96 -0.43
N LEU A 35 -1.40 -2.04 -1.75
CA LEU A 35 -2.46 -2.72 -2.46
C LEU A 35 -2.27 -4.23 -2.41
N ILE A 36 -3.28 -4.94 -1.91
CA ILE A 36 -3.20 -6.40 -1.81
C ILE A 36 -3.95 -7.06 -2.96
N GLY A 37 -3.50 -8.27 -3.30
CA GLY A 37 -4.13 -8.99 -4.39
C GLY A 37 -3.59 -8.56 -5.75
N GLU A 38 -4.50 -8.41 -6.71
CA GLU A 38 -4.11 -7.98 -8.05
C GLU A 38 -4.05 -6.46 -8.15
N SER A 39 -3.79 -5.97 -9.34
CA SER A 39 -3.70 -4.55 -9.59
C SER A 39 -3.98 -4.21 -11.04
N LYS A 40 -4.71 -5.08 -11.72
CA LYS A 40 -5.01 -4.87 -13.12
C LYS A 40 -6.35 -5.47 -13.52
N SER A 41 -7.17 -4.65 -14.19
CA SER A 41 -8.48 -5.07 -14.67
C SER A 41 -8.41 -5.38 -16.16
N TYR A 42 -9.30 -6.27 -16.62
CA TYR A 42 -9.28 -6.62 -18.05
C TYR A 42 -10.65 -6.43 -18.69
N CYS A 43 -10.69 -5.57 -19.70
CA CYS A 43 -11.93 -5.27 -20.42
C CYS A 43 -12.37 -6.46 -21.25
N GLU A 44 -13.54 -7.01 -20.92
CA GLU A 44 -14.09 -8.15 -21.65
C GLU A 44 -15.61 -8.17 -21.53
N LEU A 45 -16.22 -9.20 -22.11
CA LEU A 45 -17.68 -9.34 -22.08
C LEU A 45 -18.11 -10.25 -20.95
N GLY A 46 -19.40 -10.22 -20.62
CA GLY A 46 -19.91 -11.05 -19.56
C GLY A 46 -20.36 -12.41 -20.04
N SER A 47 -21.52 -12.85 -19.58
CA SER A 47 -22.06 -14.15 -19.97
C SER A 47 -22.98 -14.02 -21.18
N THR A 48 -23.80 -12.98 -21.18
CA THR A 48 -24.74 -12.74 -22.27
C THR A 48 -24.15 -11.78 -23.30
N GLY A 49 -22.88 -11.99 -23.64
CA GLY A 49 -22.23 -11.14 -24.61
C GLY A 49 -22.25 -9.67 -24.22
N SER A 50 -22.48 -9.41 -22.93
CA SER A 50 -22.52 -8.05 -22.43
C SER A 50 -21.11 -7.50 -22.23
N MET A 51 -21.01 -6.34 -21.59
CA MET A 51 -19.73 -5.70 -21.34
C MET A 51 -19.41 -5.69 -19.85
N VAL A 52 -18.19 -6.06 -19.50
CA VAL A 52 -17.77 -6.11 -18.12
C VAL A 52 -16.27 -5.83 -17.99
N TRP A 53 -15.78 -5.78 -16.76
CA TRP A 53 -14.37 -5.54 -16.52
C TRP A 53 -13.80 -6.61 -15.59
N ASN A 54 -12.70 -7.21 -16.00
CA ASN A 54 -12.04 -8.24 -15.21
C ASN A 54 -11.40 -7.61 -13.97
N PRO A 55 -11.07 -8.44 -12.96
CA PRO A 55 -10.47 -8.03 -11.69
C PRO A 55 -9.88 -6.63 -11.70
N GLU A 56 -10.69 -5.66 -11.26
CA GLU A 56 -10.27 -4.27 -11.25
C GLU A 56 -9.87 -3.81 -9.85
N ALA A 57 -10.86 -3.45 -9.03
CA ALA A 57 -10.61 -2.92 -7.69
C ALA A 57 -10.13 -4.00 -6.71
N PRO A 58 -8.83 -3.97 -6.36
CA PRO A 58 -8.24 -4.91 -5.40
C PRO A 58 -8.33 -4.36 -3.97
N ILE A 59 -7.44 -4.83 -3.10
CA ILE A 59 -7.42 -4.35 -1.72
C ILE A 59 -6.46 -3.19 -1.57
N CYS A 60 -6.57 -2.47 -0.46
CA CYS A 60 -5.70 -1.33 -0.19
C CYS A 60 -5.87 -0.84 1.24
N GLU A 61 -4.74 -0.56 1.90
CA GLU A 61 -4.77 -0.08 3.27
C GLU A 61 -3.46 0.64 3.62
N SER A 62 -3.43 1.25 4.79
CA SER A 62 -2.25 1.97 5.24
C SER A 62 -1.32 1.04 6.02
N VAL A 63 -0.19 0.70 5.41
CA VAL A 63 0.78 -0.18 6.03
C VAL A 63 1.02 0.19 7.49
N LYS A 64 0.30 -0.48 8.39
CA LYS A 64 0.42 -0.22 9.82
C LYS A 64 1.70 -0.81 10.39
N CYS A 65 2.47 0.03 11.07
CA CYS A 65 3.72 -0.39 11.70
C CYS A 65 3.53 -0.51 13.20
N GLN A 66 3.61 -1.73 13.70
CA GLN A 66 3.43 -1.99 15.12
C GLN A 66 4.61 -1.42 15.90
N SER A 67 4.80 -1.92 17.12
CA SER A 67 5.89 -1.46 17.98
C SER A 67 7.20 -1.33 17.20
N PRO A 68 7.94 -0.23 17.39
CA PRO A 68 9.21 0.01 16.69
C PRO A 68 10.22 -1.11 16.95
N PRO A 69 11.24 -1.21 16.09
CA PRO A 69 12.28 -2.25 16.22
C PRO A 69 12.74 -2.45 17.65
N SER A 70 13.27 -3.65 17.92
CA SER A 70 13.78 -3.97 19.26
C SER A 70 15.30 -3.95 19.26
N ILE A 71 15.86 -2.78 19.57
CA ILE A 71 17.31 -2.62 19.58
C ILE A 71 17.95 -3.38 20.74
N SER A 72 19.27 -3.37 20.78
CA SER A 72 20.01 -4.06 21.84
C SER A 72 20.32 -3.11 22.97
N ASN A 73 20.22 -3.60 24.20
CA ASN A 73 20.51 -2.78 25.37
C ASN A 73 19.61 -1.56 25.42
N GLY A 74 18.42 -1.68 24.84
CA GLY A 74 17.49 -0.57 24.84
C GLY A 74 16.08 -0.96 24.42
N ARG A 75 15.23 0.04 24.23
CA ARG A 75 13.85 -0.18 23.84
C ARG A 75 13.27 1.06 23.18
N HIS A 76 11.98 1.02 22.91
CA HIS A 76 11.29 2.13 22.28
C HIS A 76 10.21 2.70 23.20
N ASN A 77 9.63 3.83 22.78
CA ASN A 77 8.55 4.46 23.53
C ASN A 77 7.27 4.49 22.69
N GLY A 78 6.38 5.43 22.99
CA GLY A 78 5.15 5.52 22.24
C GLY A 78 3.93 5.58 23.12
N TYR A 79 2.81 6.04 22.55
CA TYR A 79 1.56 6.13 23.29
C TYR A 79 0.56 5.11 22.79
N GLU A 80 0.53 4.93 21.48
CA GLU A 80 -0.37 4.01 20.84
C GLU A 80 0.19 2.59 20.84
N ASP A 81 -0.55 1.69 20.21
CA ASP A 81 -0.13 0.30 20.09
C ASP A 81 0.31 0.01 18.65
N PHE A 82 -0.03 0.91 17.73
CA PHE A 82 0.36 0.75 16.34
C PHE A 82 0.79 2.09 15.74
N TYR A 83 1.19 2.09 14.48
CA TYR A 83 1.64 3.32 13.83
C TYR A 83 1.47 3.21 12.31
N THR A 84 1.54 4.35 11.63
CA THR A 84 1.37 4.37 10.18
C THR A 84 2.21 5.48 9.54
N ASP A 85 2.04 5.65 8.23
CA ASP A 85 2.78 6.66 7.49
C ASP A 85 2.62 8.03 8.12
N GLY A 86 3.60 8.39 8.94
CA GLY A 86 3.59 9.68 9.58
C GLY A 86 3.66 9.61 11.09
N SER A 87 4.13 8.48 11.62
CA SER A 87 4.23 8.32 13.07
C SER A 87 5.70 8.30 13.50
N VAL A 88 5.97 8.81 14.70
CA VAL A 88 7.33 8.85 15.22
C VAL A 88 7.39 8.25 16.62
N VAL A 89 8.59 7.83 17.01
CA VAL A 89 8.81 7.24 18.33
C VAL A 89 10.24 7.48 18.79
N THR A 90 10.42 7.62 20.10
CA THR A 90 11.74 7.85 20.67
C THR A 90 12.25 6.61 21.40
N TYR A 91 13.48 6.24 21.09
CA TYR A 91 14.09 5.05 21.69
C TYR A 91 14.79 5.39 23.00
N SER A 92 14.99 4.37 23.83
CA SER A 92 15.65 4.56 25.12
C SER A 92 16.36 3.28 25.56
N CYS A 93 17.57 3.43 26.10
CA CYS A 93 18.36 2.29 26.55
C CYS A 93 17.80 1.69 27.83
N ASN A 94 18.11 0.41 28.06
CA ASN A 94 17.63 -0.30 29.24
C ASN A 94 18.62 -0.19 30.40
N SER A 95 19.75 -0.89 30.28
CA SER A 95 20.77 -0.87 31.32
C SER A 95 21.17 0.56 31.67
N GLY A 96 20.96 1.47 30.72
CA GLY A 96 21.30 2.86 30.94
C GLY A 96 22.32 3.38 29.93
N TYR A 97 22.29 2.81 28.73
CA TYR A 97 23.20 3.23 27.68
C TYR A 97 22.77 4.57 27.12
N SER A 98 23.46 5.02 26.08
CA SER A 98 23.13 6.25 25.39
C SER A 98 22.89 5.94 23.93
N LEU A 99 21.62 5.82 23.54
CA LEU A 99 21.30 5.44 22.20
C LEU A 99 21.98 6.31 21.17
N ILE A 100 22.17 5.70 20.02
CA ILE A 100 22.89 6.30 18.93
C ILE A 100 22.01 6.44 17.70
N GLY A 101 22.29 7.45 16.89
CA GLY A 101 21.48 7.67 15.71
C GLY A 101 20.11 8.22 16.06
N ASN A 102 20.10 9.00 17.11
CA ASN A 102 18.90 9.65 17.64
C ASN A 102 17.77 8.67 17.95
N SER A 103 17.03 8.99 19.00
CA SER A 103 15.92 8.15 19.45
C SER A 103 14.74 8.21 18.51
N GLY A 104 14.66 9.28 17.74
CA GLY A 104 13.55 9.46 16.81
C GLY A 104 13.51 8.38 15.74
N VAL A 105 12.35 7.75 15.59
CA VAL A 105 12.15 6.72 14.57
C VAL A 105 10.91 7.04 13.74
N LEU A 106 11.06 7.09 12.43
CA LEU A 106 9.95 7.41 11.55
C LEU A 106 9.16 6.16 11.19
N CYS A 107 7.83 6.28 11.25
CA CYS A 107 6.95 5.18 10.88
C CYS A 107 6.27 5.46 9.55
N SER A 108 6.72 4.80 8.49
CA SER A 108 6.14 4.99 7.17
C SER A 108 6.56 3.88 6.21
N GLY A 109 5.57 3.21 5.63
CA GLY A 109 5.86 2.14 4.70
C GLY A 109 5.82 0.77 5.35
N GLY A 110 5.05 0.67 6.44
CA GLY A 110 4.96 -0.58 7.16
C GLY A 110 6.26 -0.97 7.85
N GLU A 111 7.17 -0.01 7.95
CA GLU A 111 8.45 -0.25 8.61
C GLU A 111 8.93 1.01 9.34
N TRP A 112 10.01 0.87 10.10
CA TRP A 112 10.56 1.98 10.85
C TRP A 112 11.91 2.40 10.28
N SER A 113 12.16 3.71 10.25
CA SER A 113 13.40 4.24 9.71
C SER A 113 14.19 4.98 10.78
N ASP A 114 15.46 5.21 10.49
CA ASP A 114 16.36 5.92 11.39
C ASP A 114 16.26 5.43 12.83
N PRO A 115 16.31 4.10 13.04
CA PRO A 115 16.29 3.52 14.39
C PRO A 115 17.66 3.62 15.04
N PRO A 116 17.75 3.80 16.37
CA PRO A 116 19.02 3.98 17.04
C PRO A 116 19.59 2.72 17.67
N THR A 117 20.71 2.90 18.33
CA THR A 117 21.40 1.83 19.05
C THR A 117 21.45 2.19 20.52
N CYS A 118 22.42 1.61 21.24
CA CYS A 118 22.60 1.93 22.65
C CYS A 118 24.04 1.74 23.07
N GLN A 119 24.83 2.79 22.93
CA GLN A 119 26.24 2.75 23.27
C GLN A 119 26.56 3.81 24.33
N ILE A 120 27.67 3.62 25.02
CA ILE A 120 28.10 4.55 26.06
C ILE A 120 28.89 5.71 25.46
N ARG A 1 -21.19 -4.56 -24.19
CA ARG A 1 -19.95 -5.03 -24.81
C ARG A 1 -18.78 -4.91 -23.84
N ARG A 2 -18.39 -6.04 -23.27
CA ARG A 2 -17.29 -6.08 -22.31
C ARG A 2 -15.98 -5.60 -22.93
N CYS A 3 -15.12 -5.03 -22.11
CA CYS A 3 -13.82 -4.57 -22.54
C CYS A 3 -12.93 -5.77 -22.86
N PRO A 4 -11.67 -5.55 -23.31
CA PRO A 4 -10.75 -6.62 -23.62
C PRO A 4 -9.95 -7.05 -22.41
N SER A 5 -8.97 -7.92 -22.62
CA SER A 5 -8.12 -8.37 -21.54
C SER A 5 -7.46 -7.17 -20.85
N PRO A 6 -7.92 -6.80 -19.64
CA PRO A 6 -7.37 -5.66 -18.92
C PRO A 6 -5.86 -5.73 -18.79
N ARG A 7 -5.25 -4.60 -18.48
CA ARG A 7 -3.80 -4.54 -18.32
C ARG A 7 -3.37 -5.43 -17.17
N ASP A 8 -2.09 -5.40 -16.86
CA ASP A 8 -1.56 -6.22 -15.77
C ASP A 8 -0.47 -5.48 -15.02
N ILE A 9 0.14 -6.17 -14.06
CA ILE A 9 1.21 -5.61 -13.26
C ILE A 9 2.25 -6.66 -12.92
N ASP A 10 3.46 -6.22 -12.59
CA ASP A 10 4.55 -7.13 -12.26
C ASP A 10 4.63 -7.39 -10.76
N ASN A 11 4.76 -6.31 -9.99
CA ASN A 11 4.87 -6.43 -8.53
C ASN A 11 3.50 -6.35 -7.87
N GLY A 12 2.54 -7.09 -8.43
CA GLY A 12 1.20 -7.09 -7.89
C GLY A 12 0.27 -8.04 -8.61
N GLN A 13 -0.99 -8.07 -8.17
CA GLN A 13 -1.99 -8.94 -8.78
C GLN A 13 -3.31 -8.19 -8.95
N LEU A 14 -3.95 -8.37 -10.09
CA LEU A 14 -5.21 -7.69 -10.38
C LEU A 14 -6.39 -8.43 -9.77
N ASP A 15 -7.47 -7.70 -9.52
CA ASP A 15 -8.68 -8.28 -8.95
C ASP A 15 -9.87 -7.96 -9.86
N ILE A 16 -10.06 -8.77 -10.89
CA ILE A 16 -11.13 -8.56 -11.85
C ILE A 16 -12.50 -8.79 -11.24
N GLY A 17 -13.24 -7.70 -11.04
CA GLY A 17 -14.58 -7.81 -10.50
C GLY A 17 -15.63 -7.41 -11.52
N GLY A 18 -15.27 -7.45 -12.80
CA GLY A 18 -16.19 -7.10 -13.85
C GLY A 18 -15.50 -6.45 -15.04
N VAL A 19 -15.74 -6.98 -16.23
CA VAL A 19 -15.13 -6.45 -17.43
C VAL A 19 -16.17 -5.90 -18.40
N ASP A 20 -17.35 -5.58 -17.88
CA ASP A 20 -18.43 -5.03 -18.69
C ASP A 20 -18.38 -3.51 -18.72
N PHE A 21 -18.86 -2.93 -19.81
CA PHE A 21 -18.87 -1.48 -19.96
C PHE A 21 -19.52 -0.81 -18.74
N GLY A 22 -18.68 -0.38 -17.81
CA GLY A 22 -19.19 0.28 -16.62
C GLY A 22 -18.75 -0.41 -15.34
N SER A 23 -17.78 -1.32 -15.45
CA SER A 23 -17.27 -2.03 -14.28
C SER A 23 -15.95 -1.43 -13.82
N SER A 24 -15.21 -2.17 -13.01
CA SER A 24 -13.92 -1.70 -12.52
C SER A 24 -13.11 -2.84 -11.90
N ILE A 25 -11.80 -2.76 -12.06
CA ILE A 25 -10.90 -3.77 -11.52
C ILE A 25 -10.20 -3.25 -10.27
N THR A 26 -9.46 -4.12 -9.59
CA THR A 26 -8.75 -3.72 -8.39
C THR A 26 -7.32 -4.26 -8.39
N TYR A 27 -6.36 -3.35 -8.44
CA TYR A 27 -4.95 -3.73 -8.46
C TYR A 27 -4.41 -3.87 -7.04
N SER A 28 -3.43 -4.75 -6.87
CA SER A 28 -2.82 -4.98 -5.57
C SER A 28 -1.37 -5.44 -5.72
N CYS A 29 -0.55 -5.17 -4.70
CA CYS A 29 0.85 -5.56 -4.74
C CYS A 29 1.01 -7.05 -4.44
N ASN A 30 2.21 -7.57 -4.69
CA ASN A 30 2.48 -8.99 -4.48
C ASN A 30 2.47 -9.35 -2.99
N SER A 31 3.61 -9.13 -2.33
CA SER A 31 3.73 -9.43 -0.91
C SER A 31 4.78 -8.57 -0.25
N GLY A 32 4.44 -7.97 0.89
CA GLY A 32 5.36 -7.10 1.59
C GLY A 32 5.61 -5.81 0.83
N TYR A 33 4.67 -5.45 -0.03
CA TYR A 33 4.78 -4.24 -0.82
C TYR A 33 3.67 -3.26 -0.49
N HIS A 34 3.67 -2.12 -1.16
CA HIS A 34 2.64 -1.11 -0.97
C HIS A 34 2.34 -0.41 -2.28
N LEU A 35 1.11 -0.59 -2.76
CA LEU A 35 0.69 0.00 -4.02
C LEU A 35 0.44 1.49 -3.85
N ILE A 36 1.09 2.28 -4.70
CA ILE A 36 0.94 3.73 -4.62
C ILE A 36 0.00 4.23 -5.71
N GLY A 37 -0.59 5.39 -5.45
CA GLY A 37 -1.53 5.96 -6.41
C GLY A 37 -2.86 5.22 -6.43
N GLU A 38 -3.49 5.17 -7.60
CA GLU A 38 -4.76 4.46 -7.74
C GLU A 38 -4.57 2.98 -7.52
N SER A 39 -5.65 2.22 -7.70
CA SER A 39 -5.61 0.78 -7.53
C SER A 39 -6.83 0.13 -8.16
N LYS A 40 -7.41 0.78 -9.16
CA LYS A 40 -8.60 0.26 -9.81
C LYS A 40 -8.72 0.73 -11.26
N SER A 41 -8.91 -0.22 -12.16
CA SER A 41 -9.11 0.08 -13.59
C SER A 41 -10.60 0.19 -13.85
N TYR A 42 -11.02 1.13 -14.71
CA TYR A 42 -12.45 1.27 -14.97
C TYR A 42 -12.80 0.98 -16.42
N CYS A 43 -13.65 -0.01 -16.61
CA CYS A 43 -14.11 -0.42 -17.93
C CYS A 43 -15.06 0.62 -18.51
N GLU A 44 -14.54 1.45 -19.40
CA GLU A 44 -15.33 2.50 -20.03
C GLU A 44 -15.31 2.35 -21.55
N LEU A 45 -15.89 3.34 -22.23
CA LEU A 45 -15.95 3.32 -23.69
C LEU A 45 -14.88 4.22 -24.28
N GLY A 46 -14.41 3.89 -25.48
CA GLY A 46 -13.39 4.68 -26.14
C GLY A 46 -13.93 5.98 -26.68
N SER A 47 -13.36 6.43 -27.78
CA SER A 47 -13.78 7.69 -28.41
C SER A 47 -14.87 7.42 -29.45
N THR A 48 -14.74 6.32 -30.18
CA THR A 48 -15.70 5.97 -31.21
C THR A 48 -16.64 4.87 -30.72
N GLY A 49 -17.13 5.02 -29.49
CA GLY A 49 -18.03 4.03 -28.94
C GLY A 49 -17.38 2.68 -28.76
N SER A 50 -16.05 2.65 -28.73
CA SER A 50 -15.31 1.41 -28.58
C SER A 50 -15.23 1.02 -27.11
N MET A 51 -14.28 0.14 -26.79
CA MET A 51 -14.10 -0.31 -25.41
C MET A 51 -12.68 -0.01 -24.95
N VAL A 52 -12.55 0.40 -23.70
CA VAL A 52 -11.25 0.73 -23.14
C VAL A 52 -11.23 0.52 -21.63
N TRP A 53 -10.06 0.66 -21.03
CA TRP A 53 -9.92 0.47 -19.59
C TRP A 53 -9.27 1.69 -18.93
N ASN A 54 -9.95 2.26 -17.96
CA ASN A 54 -9.44 3.40 -17.21
C ASN A 54 -8.27 2.98 -16.32
N PRO A 55 -7.51 3.96 -15.79
CA PRO A 55 -6.34 3.74 -14.94
C PRO A 55 -6.32 2.37 -14.25
N GLU A 56 -5.58 1.44 -14.85
CA GLU A 56 -5.49 0.08 -14.33
C GLU A 56 -4.28 -0.12 -13.42
N ALA A 57 -3.11 -0.28 -14.04
CA ALA A 57 -1.89 -0.56 -13.30
C ALA A 57 -1.30 0.69 -12.65
N PRO A 58 -1.38 0.79 -11.30
CA PRO A 58 -0.81 1.91 -10.55
C PRO A 58 0.64 1.64 -10.20
N ILE A 59 1.13 2.29 -9.14
CA ILE A 59 2.51 2.07 -8.70
C ILE A 59 2.58 0.92 -7.71
N CYS A 60 3.79 0.49 -7.39
CA CYS A 60 3.99 -0.58 -6.45
C CYS A 60 5.47 -0.71 -6.10
N GLU A 61 5.76 -0.84 -4.80
CA GLU A 61 7.12 -0.99 -4.33
C GLU A 61 7.15 -1.72 -3.00
N SER A 62 8.34 -1.86 -2.44
CA SER A 62 8.50 -2.55 -1.17
C SER A 62 8.05 -1.67 -0.01
N VAL A 63 7.52 -2.33 1.00
CA VAL A 63 7.03 -1.67 2.17
C VAL A 63 8.15 -0.92 2.88
N LYS A 64 8.20 0.40 2.67
CA LYS A 64 9.25 1.21 3.26
C LYS A 64 8.73 2.05 4.43
N CYS A 65 9.32 1.82 5.60
CA CYS A 65 8.99 2.59 6.80
C CYS A 65 10.16 3.48 7.17
N GLN A 66 9.95 4.79 7.17
CA GLN A 66 11.02 5.72 7.50
C GLN A 66 11.37 5.61 8.98
N SER A 67 11.97 6.66 9.52
CA SER A 67 12.37 6.66 10.92
C SER A 67 11.19 6.27 11.81
N PRO A 68 11.44 5.41 12.81
CA PRO A 68 10.38 4.94 13.72
C PRO A 68 9.64 6.10 14.39
N PRO A 69 8.41 5.84 14.88
CA PRO A 69 7.60 6.86 15.53
C PRO A 69 8.38 7.72 16.50
N SER A 70 7.88 8.93 16.75
CA SER A 70 8.54 9.85 17.66
C SER A 70 7.82 9.89 19.00
N ILE A 71 8.24 9.02 19.91
CA ILE A 71 7.63 8.96 21.23
C ILE A 71 7.96 10.18 22.06
N SER A 72 7.39 10.26 23.26
CA SER A 72 7.62 11.40 24.15
C SER A 72 8.76 11.10 25.12
N ASN A 73 9.55 12.12 25.41
CA ASN A 73 10.67 11.98 26.33
C ASN A 73 11.57 10.83 25.92
N GLY A 74 11.63 10.55 24.61
CA GLY A 74 12.46 9.48 24.13
C GLY A 74 12.75 9.55 22.64
N ARG A 75 13.31 8.48 22.10
CA ARG A 75 13.66 8.41 20.69
C ARG A 75 13.91 6.97 20.28
N HIS A 76 14.35 6.79 19.03
CA HIS A 76 14.61 5.45 18.51
C HIS A 76 16.10 5.23 18.25
N ASN A 77 16.46 3.97 18.02
CA ASN A 77 17.84 3.61 17.74
C ASN A 77 18.09 3.54 16.24
N GLY A 78 17.20 4.15 15.46
CA GLY A 78 17.31 4.07 14.03
C GLY A 78 18.70 4.40 13.53
N TYR A 79 19.19 3.61 12.59
CA TYR A 79 20.52 3.81 12.04
C TYR A 79 20.45 4.34 10.62
N GLU A 80 19.47 3.86 9.88
CA GLU A 80 19.29 4.28 8.50
C GLU A 80 18.22 5.36 8.39
N ASP A 81 17.92 5.76 7.16
CA ASP A 81 16.90 6.78 6.92
C ASP A 81 15.55 6.13 6.60
N PHE A 82 15.59 4.90 6.11
CA PHE A 82 14.38 4.18 5.77
C PHE A 82 14.46 2.74 6.27
N TYR A 83 13.33 2.03 6.21
CA TYR A 83 13.28 0.65 6.65
C TYR A 83 12.37 -0.16 5.72
N THR A 84 12.50 -1.48 5.75
CA THR A 84 11.71 -2.33 4.88
C THR A 84 10.87 -3.34 5.65
N ASP A 85 10.05 -4.07 4.91
CA ASP A 85 9.16 -5.07 5.50
C ASP A 85 9.96 -6.13 6.23
N GLY A 86 10.10 -5.94 7.53
CA GLY A 86 10.82 -6.89 8.35
C GLY A 86 11.99 -6.28 9.09
N SER A 87 12.00 -4.96 9.21
CA SER A 87 13.07 -4.28 9.93
C SER A 87 12.69 -4.02 11.37
N VAL A 88 13.68 -3.85 12.23
CA VAL A 88 13.42 -3.59 13.64
C VAL A 88 14.44 -2.62 14.21
N VAL A 89 13.96 -1.75 15.09
CA VAL A 89 14.80 -0.75 15.73
C VAL A 89 14.35 -0.55 17.19
N THR A 90 15.32 -0.38 18.07
CA THR A 90 15.04 -0.25 19.49
C THR A 90 14.79 1.21 19.88
N TYR A 91 13.95 1.40 20.89
CA TYR A 91 13.63 2.74 21.36
C TYR A 91 14.35 3.03 22.68
N SER A 92 14.48 4.31 23.00
CA SER A 92 15.14 4.73 24.24
C SER A 92 14.69 6.12 24.65
N CYS A 93 14.77 6.40 25.95
CA CYS A 93 14.37 7.71 26.47
C CYS A 93 15.49 8.73 26.26
N ASN A 94 15.12 10.01 26.32
CA ASN A 94 16.09 11.08 26.12
C ASN A 94 16.78 11.47 27.42
N SER A 95 16.04 12.11 28.32
CA SER A 95 16.59 12.55 29.60
C SER A 95 16.96 11.35 30.47
N GLY A 96 16.28 10.24 30.27
CA GLY A 96 16.56 9.04 31.05
C GLY A 96 15.32 8.45 31.68
N TYR A 97 14.19 8.52 30.97
CA TYR A 97 12.93 7.98 31.45
C TYR A 97 12.97 6.45 31.44
N SER A 98 11.85 5.84 31.76
CA SER A 98 11.74 4.39 31.75
C SER A 98 10.86 3.94 30.59
N LEU A 99 11.50 3.53 29.50
CA LEU A 99 10.79 3.12 28.31
C LEU A 99 9.64 2.17 28.61
N ILE A 100 8.46 2.58 28.20
CA ILE A 100 7.26 1.80 28.39
C ILE A 100 7.09 0.77 27.28
N GLY A 101 6.38 -0.31 27.58
CA GLY A 101 6.16 -1.34 26.59
C GLY A 101 7.45 -2.01 26.16
N ASN A 102 7.70 -2.04 24.86
CA ASN A 102 8.91 -2.64 24.33
C ASN A 102 9.70 -1.64 23.49
N SER A 103 11.03 -1.70 23.61
CA SER A 103 11.90 -0.81 22.87
C SER A 103 11.96 -1.20 21.40
N GLY A 104 11.78 -2.49 21.14
CA GLY A 104 11.84 -2.97 19.77
C GLY A 104 10.58 -2.70 18.99
N VAL A 105 10.74 -2.09 17.82
CA VAL A 105 9.60 -1.79 16.94
C VAL A 105 9.77 -2.53 15.62
N LEU A 106 8.68 -3.06 15.10
CA LEU A 106 8.73 -3.79 13.84
C LEU A 106 8.37 -2.92 12.66
N CYS A 107 9.19 -2.97 11.62
CA CYS A 107 8.94 -2.24 10.39
C CYS A 107 8.30 -3.18 9.38
N SER A 108 6.97 -3.15 9.32
CA SER A 108 6.23 -4.02 8.41
C SER A 108 4.91 -3.38 7.99
N GLY A 109 4.45 -3.77 6.81
CA GLY A 109 3.18 -3.25 6.30
C GLY A 109 3.28 -1.83 5.75
N GLY A 110 4.47 -1.25 5.83
CA GLY A 110 4.65 0.12 5.39
C GLY A 110 4.66 1.10 6.55
N GLU A 111 4.54 0.57 7.77
CA GLU A 111 4.53 1.39 8.97
C GLU A 111 5.19 0.66 10.12
N TRP A 112 5.29 1.34 11.26
CA TRP A 112 5.90 0.75 12.45
C TRP A 112 4.83 0.26 13.40
N SER A 113 5.20 -0.70 14.25
CA SER A 113 4.26 -1.28 15.21
C SER A 113 4.96 -1.60 16.53
N ASP A 114 4.18 -1.63 17.60
CA ASP A 114 4.69 -1.93 18.93
C ASP A 114 5.64 -0.84 19.42
N PRO A 115 5.26 0.44 19.30
CA PRO A 115 6.08 1.57 19.76
C PRO A 115 5.96 1.76 21.27
N PRO A 116 7.08 2.06 21.96
CA PRO A 116 7.07 2.25 23.39
C PRO A 116 6.85 3.69 23.80
N THR A 117 6.95 3.94 25.10
CA THR A 117 6.81 5.27 25.66
C THR A 117 8.00 5.58 26.55
N CYS A 118 7.84 6.52 27.47
CA CYS A 118 8.91 6.85 28.39
C CYS A 118 8.37 7.50 29.65
N GLN A 119 8.06 6.68 30.64
CA GLN A 119 7.53 7.16 31.91
C GLN A 119 8.52 6.88 33.03
N ILE A 120 8.23 7.43 34.20
CA ILE A 120 9.08 7.25 35.36
C ILE A 120 8.50 6.18 36.30
N ARG A 1 11.54 4.49 30.23
CA ARG A 1 12.57 3.48 30.06
C ARG A 1 12.72 3.13 28.59
N ARG A 2 13.49 2.07 28.30
CA ARG A 2 13.68 1.61 26.93
C ARG A 2 13.92 2.78 25.97
N CYS A 3 13.79 2.52 24.68
CA CYS A 3 13.96 3.56 23.68
C CYS A 3 12.70 4.43 23.58
N PRO A 4 12.83 5.63 23.00
CA PRO A 4 11.69 6.53 22.85
C PRO A 4 10.69 6.02 21.83
N SER A 5 9.51 6.63 21.80
CA SER A 5 8.46 6.22 20.89
C SER A 5 8.98 6.14 19.46
N PRO A 6 9.20 4.92 18.94
CA PRO A 6 9.68 4.73 17.57
C PRO A 6 8.86 5.52 16.56
N ARG A 7 9.49 5.92 15.46
CA ARG A 7 8.79 6.65 14.41
C ARG A 7 7.60 5.85 13.95
N ASP A 8 6.64 6.51 13.34
CA ASP A 8 5.42 5.83 12.90
C ASP A 8 5.32 5.80 11.39
N ILE A 9 4.18 5.31 10.91
CA ILE A 9 3.94 5.20 9.47
C ILE A 9 2.45 5.28 9.19
N ASP A 10 2.09 5.99 8.13
CA ASP A 10 0.69 6.19 7.76
C ASP A 10 0.16 5.00 6.98
N ASN A 11 0.79 4.68 5.86
CA ASN A 11 0.35 3.58 5.01
C ASN A 11 1.04 2.28 5.40
N GLY A 12 1.08 2.02 6.70
CA GLY A 12 1.70 0.81 7.20
C GLY A 12 1.56 0.67 8.70
N GLN A 13 2.11 -0.41 9.25
CA GLN A 13 2.04 -0.67 10.68
C GLN A 13 3.39 -1.14 11.22
N LEU A 14 3.76 -0.60 12.37
CA LEU A 14 5.02 -0.97 13.00
C LEU A 14 4.94 -2.34 13.65
N ASP A 15 6.08 -3.01 13.73
CA ASP A 15 6.17 -4.31 14.38
C ASP A 15 7.16 -4.24 15.53
N ILE A 16 6.78 -3.52 16.58
CA ILE A 16 7.66 -3.32 17.72
C ILE A 16 7.64 -4.50 18.68
N GLY A 17 8.56 -5.44 18.45
CA GLY A 17 8.67 -6.58 19.34
C GLY A 17 9.65 -6.32 20.46
N GLY A 18 9.99 -5.05 20.67
CA GLY A 18 10.93 -4.68 21.72
C GLY A 18 11.42 -3.26 21.56
N VAL A 19 11.42 -2.49 22.65
CA VAL A 19 11.83 -1.10 22.60
C VAL A 19 13.04 -0.81 23.49
N ASP A 20 13.52 -1.82 24.22
CA ASP A 20 14.68 -1.63 25.09
C ASP A 20 15.96 -1.58 24.27
N PHE A 21 17.02 -1.10 24.90
CA PHE A 21 18.32 -0.99 24.23
C PHE A 21 18.73 -2.30 23.60
N GLY A 22 18.84 -2.31 22.28
CA GLY A 22 19.22 -3.50 21.56
C GLY A 22 18.06 -4.20 20.88
N SER A 23 16.85 -3.69 21.10
CA SER A 23 15.66 -4.28 20.48
C SER A 23 15.59 -3.93 19.00
N SER A 24 14.59 -4.46 18.32
CA SER A 24 14.42 -4.20 16.89
C SER A 24 12.95 -4.10 16.50
N ILE A 25 12.66 -3.31 15.48
CA ILE A 25 11.30 -3.14 14.98
C ILE A 25 11.19 -3.59 13.53
N THR A 26 9.96 -3.77 13.06
CA THR A 26 9.73 -4.17 11.68
C THR A 26 8.61 -3.36 11.06
N TYR A 27 8.97 -2.51 10.09
CA TYR A 27 8.00 -1.66 9.41
C TYR A 27 7.32 -2.41 8.28
N SER A 28 6.00 -2.26 8.18
CA SER A 28 5.24 -2.94 7.15
C SER A 28 4.13 -2.03 6.61
N CYS A 29 3.83 -2.18 5.33
CA CYS A 29 2.80 -1.38 4.68
C CYS A 29 1.41 -1.85 5.12
N ASN A 30 0.38 -1.12 4.69
CA ASN A 30 -0.99 -1.44 5.07
C ASN A 30 -1.50 -2.67 4.31
N SER A 31 -1.97 -2.46 3.09
CA SER A 31 -2.49 -3.54 2.27
C SER A 31 -2.38 -3.20 0.79
N GLY A 32 -1.64 -4.01 0.04
CA GLY A 32 -1.44 -3.74 -1.37
C GLY A 32 -0.40 -2.65 -1.60
N TYR A 33 0.15 -2.10 -0.52
CA TYR A 33 1.15 -1.05 -0.62
C TYR A 33 2.55 -1.64 -0.68
N HIS A 34 3.51 -0.81 -1.04
CA HIS A 34 4.91 -1.24 -1.08
C HIS A 34 5.74 -0.36 -0.16
N LEU A 35 6.49 -0.98 0.74
CA LEU A 35 7.32 -0.25 1.68
C LEU A 35 8.67 0.07 1.05
N ILE A 36 8.96 1.35 0.90
CA ILE A 36 10.20 1.77 0.27
C ILE A 36 11.29 2.00 1.30
N GLY A 37 12.54 1.86 0.84
CA GLY A 37 13.67 2.04 1.73
C GLY A 37 13.79 0.93 2.75
N GLU A 38 14.35 1.24 3.91
CA GLU A 38 14.51 0.26 4.97
C GLU A 38 13.16 -0.36 5.32
N SER A 39 13.16 -1.30 6.27
CA SER A 39 11.95 -1.98 6.68
C SER A 39 12.04 -2.45 8.14
N LYS A 40 12.95 -1.87 8.89
CA LYS A 40 13.15 -2.25 10.28
C LYS A 40 13.77 -1.10 11.07
N SER A 41 13.90 -1.31 12.38
CA SER A 41 14.48 -0.31 13.25
C SER A 41 15.21 -0.97 14.41
N TYR A 42 16.49 -0.66 14.56
CA TYR A 42 17.29 -1.26 15.63
C TYR A 42 17.50 -0.30 16.78
N CYS A 43 16.93 -0.63 17.94
CA CYS A 43 17.08 0.18 19.13
C CYS A 43 18.53 0.21 19.57
N GLU A 44 19.32 1.01 18.87
CA GLU A 44 20.75 1.10 19.13
C GLU A 44 21.05 2.32 20.00
N LEU A 45 22.32 2.45 20.39
CA LEU A 45 22.75 3.55 21.23
C LEU A 45 23.15 4.76 20.39
N GLY A 46 22.77 5.94 20.87
CA GLY A 46 23.08 7.17 20.14
C GLY A 46 24.54 7.53 20.20
N SER A 47 24.83 8.82 20.19
CA SER A 47 26.21 9.30 20.23
C SER A 47 26.66 9.56 21.66
N THR A 48 25.75 10.09 22.48
CA THR A 48 26.08 10.39 23.88
C THR A 48 25.73 9.21 24.77
N GLY A 49 26.01 8.00 24.31
CA GLY A 49 25.72 6.82 25.09
C GLY A 49 24.24 6.65 25.37
N SER A 50 23.41 7.32 24.58
CA SER A 50 21.97 7.24 24.74
C SER A 50 21.42 6.04 23.98
N MET A 51 20.10 6.05 23.72
CA MET A 51 19.46 4.97 22.99
C MET A 51 18.53 5.53 21.92
N VAL A 52 18.84 5.21 20.67
CA VAL A 52 18.06 5.70 19.54
C VAL A 52 17.60 4.56 18.65
N TRP A 53 16.94 4.90 17.55
CA TRP A 53 16.44 3.91 16.61
C TRP A 53 17.11 4.05 15.24
N ASN A 54 17.69 2.95 14.75
CA ASN A 54 18.36 2.96 13.45
C ASN A 54 18.28 1.57 12.80
N PRO A 55 17.65 1.46 11.62
CA PRO A 55 17.05 2.57 10.89
C PRO A 55 15.75 3.06 11.54
N GLU A 56 15.05 3.96 10.86
CA GLU A 56 13.80 4.51 11.35
C GLU A 56 12.61 4.03 10.51
N ALA A 57 11.56 4.83 10.47
CA ALA A 57 10.36 4.50 9.69
C ALA A 57 10.59 4.79 8.21
N PRO A 58 10.66 3.76 7.37
CA PRO A 58 10.89 3.93 5.92
C PRO A 58 9.69 4.55 5.22
N ILE A 59 9.52 4.22 3.95
CA ILE A 59 8.41 4.77 3.16
C ILE A 59 7.34 3.72 2.88
N CYS A 60 6.30 4.12 2.17
CA CYS A 60 5.22 3.23 1.82
C CYS A 60 4.33 3.86 0.75
N GLU A 61 4.25 3.22 -0.40
CA GLU A 61 3.44 3.72 -1.50
C GLU A 61 2.27 2.78 -1.77
N SER A 62 1.30 3.25 -2.56
CA SER A 62 0.14 2.44 -2.89
C SER A 62 0.19 1.97 -4.34
N VAL A 63 0.19 0.65 -4.52
CA VAL A 63 0.25 0.07 -5.86
C VAL A 63 -0.74 0.74 -6.80
N LYS A 64 -0.26 1.72 -7.55
CA LYS A 64 -1.10 2.45 -8.49
C LYS A 64 -1.35 1.64 -9.76
N CYS A 65 -2.63 1.46 -10.09
CA CYS A 65 -3.01 0.72 -11.28
C CYS A 65 -3.47 1.67 -12.37
N GLN A 66 -2.86 1.56 -13.54
CA GLN A 66 -3.22 2.39 -14.66
C GLN A 66 -4.55 1.96 -15.25
N SER A 67 -4.88 2.51 -16.40
CA SER A 67 -6.10 2.18 -17.09
C SER A 67 -6.39 0.68 -17.04
N PRO A 68 -7.64 0.29 -16.75
CA PRO A 68 -8.01 -1.13 -16.66
C PRO A 68 -7.68 -1.89 -17.93
N PRO A 69 -7.58 -3.23 -17.84
CA PRO A 69 -7.24 -4.08 -18.98
C PRO A 69 -7.93 -3.65 -20.27
N SER A 70 -7.33 -4.02 -21.40
CA SER A 70 -7.89 -3.68 -22.70
C SER A 70 -8.47 -4.91 -23.39
N ILE A 71 -9.74 -5.17 -23.14
CA ILE A 71 -10.42 -6.33 -23.71
C ILE A 71 -10.59 -6.18 -25.23
N SER A 72 -11.02 -7.25 -25.87
CA SER A 72 -11.23 -7.24 -27.31
C SER A 72 -12.67 -6.85 -27.65
N ASN A 73 -12.82 -5.95 -28.60
CA ASN A 73 -14.14 -5.49 -29.01
C ASN A 73 -14.79 -4.68 -27.90
N GLY A 74 -13.97 -4.08 -27.06
CA GLY A 74 -14.49 -3.28 -25.96
C GLY A 74 -13.40 -2.51 -25.23
N ARG A 75 -13.77 -1.90 -24.11
CA ARG A 75 -12.83 -1.13 -23.32
C ARG A 75 -13.43 -0.75 -21.97
N HIS A 76 -12.70 0.04 -21.21
CA HIS A 76 -13.16 0.49 -19.89
C HIS A 76 -13.84 1.85 -19.98
N ASN A 77 -14.38 2.31 -18.87
CA ASN A 77 -15.05 3.62 -18.83
C ASN A 77 -14.40 4.54 -17.81
N GLY A 78 -13.15 4.26 -17.47
CA GLY A 78 -12.46 5.07 -16.49
C GLY A 78 -12.50 6.55 -16.82
N TYR A 79 -12.46 7.38 -15.78
CA TYR A 79 -12.49 8.82 -15.96
C TYR A 79 -11.12 9.43 -15.67
N GLU A 80 -10.38 8.77 -14.80
CA GLU A 80 -9.04 9.22 -14.43
C GLU A 80 -7.99 8.54 -15.30
N ASP A 81 -6.72 8.74 -14.95
CA ASP A 81 -5.62 8.14 -15.70
C ASP A 81 -4.97 7.01 -14.91
N PHE A 82 -5.15 7.04 -13.60
CA PHE A 82 -4.57 6.02 -12.73
C PHE A 82 -5.54 5.61 -11.64
N TYR A 83 -5.20 4.52 -10.95
CA TYR A 83 -6.05 4.00 -9.87
C TYR A 83 -5.20 3.43 -8.75
N THR A 84 -5.82 3.10 -7.63
CA THR A 84 -5.11 2.55 -6.48
C THR A 84 -5.83 1.32 -5.92
N ASP A 85 -5.22 0.68 -4.94
CA ASP A 85 -5.80 -0.49 -4.31
C ASP A 85 -7.14 -0.17 -3.68
N GLY A 86 -8.19 -0.42 -4.43
CA GLY A 86 -9.54 -0.18 -3.94
C GLY A 86 -10.38 0.66 -4.89
N SER A 87 -10.08 0.59 -6.18
CA SER A 87 -10.83 1.34 -7.17
C SER A 87 -11.68 0.40 -8.03
N VAL A 88 -12.63 0.96 -8.76
CA VAL A 88 -13.51 0.16 -9.61
C VAL A 88 -13.74 0.85 -10.96
N VAL A 89 -14.05 0.05 -11.97
CA VAL A 89 -14.31 0.56 -13.31
C VAL A 89 -15.25 -0.35 -14.06
N THR A 90 -16.05 0.23 -14.95
CA THR A 90 -16.99 -0.54 -15.76
C THR A 90 -16.48 -0.64 -17.19
N TYR A 91 -16.70 -1.79 -17.82
CA TYR A 91 -16.24 -2.02 -19.18
C TYR A 91 -17.38 -1.87 -20.18
N SER A 92 -17.03 -1.55 -21.41
CA SER A 92 -18.03 -1.38 -22.46
C SER A 92 -17.46 -1.77 -23.82
N CYS A 93 -18.30 -2.40 -24.65
CA CYS A 93 -17.89 -2.83 -25.98
C CYS A 93 -17.76 -1.63 -26.92
N ASN A 94 -17.05 -1.83 -28.03
CA ASN A 94 -16.83 -0.76 -28.99
C ASN A 94 -17.91 -0.77 -30.09
N SER A 95 -17.86 -1.78 -30.95
CA SER A 95 -18.81 -1.89 -32.05
C SER A 95 -20.24 -2.09 -31.52
N GLY A 96 -20.34 -2.60 -30.31
CA GLY A 96 -21.65 -2.83 -29.72
C GLY A 96 -21.86 -4.28 -29.32
N TYR A 97 -20.78 -4.94 -28.91
CA TYR A 97 -20.85 -6.33 -28.50
C TYR A 97 -21.60 -6.46 -27.18
N SER A 98 -21.66 -7.69 -26.68
CA SER A 98 -22.32 -7.96 -25.41
C SER A 98 -21.28 -8.28 -24.34
N LEU A 99 -20.99 -7.30 -23.48
CA LEU A 99 -19.99 -7.48 -22.44
C LEU A 99 -20.16 -8.79 -21.71
N ILE A 100 -19.09 -9.57 -21.68
CA ILE A 100 -19.07 -10.85 -21.01
C ILE A 100 -18.63 -10.68 -19.57
N GLY A 101 -19.08 -11.58 -18.70
CA GLY A 101 -18.72 -11.49 -17.30
C GLY A 101 -19.34 -10.29 -16.61
N ASN A 102 -18.51 -9.50 -15.96
CA ASN A 102 -18.97 -8.31 -15.26
C ASN A 102 -18.20 -7.08 -15.72
N SER A 103 -18.94 -6.00 -16.02
CA SER A 103 -18.31 -4.76 -16.47
C SER A 103 -17.41 -4.18 -15.39
N GLY A 104 -17.80 -4.39 -14.13
CA GLY A 104 -17.03 -3.87 -13.02
C GLY A 104 -15.66 -4.53 -12.90
N VAL A 105 -14.66 -3.73 -12.59
CA VAL A 105 -13.29 -4.24 -12.43
C VAL A 105 -12.63 -3.62 -11.20
N LEU A 106 -12.23 -4.47 -10.26
CA LEU A 106 -11.60 -3.99 -9.03
C LEU A 106 -10.13 -3.67 -9.25
N CYS A 107 -9.73 -2.47 -8.84
CA CYS A 107 -8.34 -2.07 -8.92
C CYS A 107 -7.64 -2.39 -7.61
N SER A 108 -6.88 -3.47 -7.60
CA SER A 108 -6.19 -3.91 -6.39
C SER A 108 -4.83 -4.51 -6.70
N GLY A 109 -3.99 -4.61 -5.68
CA GLY A 109 -2.67 -5.17 -5.85
C GLY A 109 -1.94 -4.60 -7.05
N GLY A 110 -2.26 -3.36 -7.39
CA GLY A 110 -1.63 -2.72 -8.54
C GLY A 110 -2.08 -3.33 -9.86
N GLU A 111 -3.18 -4.08 -9.82
CA GLU A 111 -3.71 -4.71 -11.02
C GLU A 111 -5.23 -4.67 -11.01
N TRP A 112 -5.84 -5.26 -12.04
CA TRP A 112 -7.28 -5.27 -12.15
C TRP A 112 -7.83 -6.69 -12.10
N SER A 113 -8.97 -6.86 -11.44
CA SER A 113 -9.59 -8.18 -11.30
C SER A 113 -11.02 -8.18 -11.82
N ASP A 114 -11.46 -9.33 -12.32
CA ASP A 114 -12.81 -9.48 -12.84
C ASP A 114 -13.01 -8.71 -14.15
N PRO A 115 -12.07 -8.83 -15.10
CA PRO A 115 -12.18 -8.16 -16.40
C PRO A 115 -13.13 -8.91 -17.34
N PRO A 116 -14.03 -8.17 -18.02
CA PRO A 116 -15.01 -8.78 -18.93
C PRO A 116 -14.49 -8.92 -20.35
N THR A 117 -15.40 -9.34 -21.23
CA THR A 117 -15.10 -9.50 -22.64
C THR A 117 -16.17 -8.81 -23.48
N CYS A 118 -16.26 -9.20 -24.74
CA CYS A 118 -17.26 -8.63 -25.62
C CYS A 118 -17.63 -9.60 -26.74
N GLN A 119 -18.64 -10.40 -26.49
CA GLN A 119 -19.11 -11.38 -27.45
C GLN A 119 -20.58 -11.16 -27.78
N ILE A 120 -20.98 -11.65 -28.94
CA ILE A 120 -22.37 -11.49 -29.37
C ILE A 120 -23.23 -12.63 -28.85
N ARG A 1 -21.11 -7.36 -26.20
CA ARG A 1 -21.61 -6.64 -25.04
C ARG A 1 -20.53 -6.49 -23.97
N ARG A 2 -20.84 -5.70 -22.94
CA ARG A 2 -19.92 -5.47 -21.83
C ARG A 2 -18.48 -5.32 -22.30
N CYS A 3 -17.55 -5.45 -21.34
CA CYS A 3 -16.12 -5.33 -21.61
C CYS A 3 -15.40 -6.59 -21.18
N PRO A 4 -14.15 -6.79 -21.64
CA PRO A 4 -13.36 -7.96 -21.28
C PRO A 4 -13.03 -7.98 -19.80
N SER A 5 -12.53 -9.10 -19.32
CA SER A 5 -12.19 -9.25 -17.91
C SER A 5 -11.26 -8.12 -17.46
N PRO A 6 -11.78 -7.14 -16.69
CA PRO A 6 -10.99 -6.02 -16.21
C PRO A 6 -9.60 -6.46 -15.73
N ARG A 7 -8.66 -5.52 -15.70
CA ARG A 7 -7.32 -5.81 -15.24
C ARG A 7 -7.30 -5.94 -13.73
N ASP A 8 -6.21 -6.45 -13.19
CA ASP A 8 -6.11 -6.70 -11.78
C ASP A 8 -4.94 -5.95 -11.15
N ILE A 9 -4.72 -6.19 -9.87
CA ILE A 9 -3.65 -5.56 -9.13
C ILE A 9 -3.16 -6.45 -8.00
N ASP A 10 -1.87 -6.36 -7.69
CA ASP A 10 -1.30 -7.15 -6.62
C ASP A 10 -1.44 -6.39 -5.30
N ASN A 11 -1.42 -7.14 -4.20
CA ASN A 11 -1.55 -6.54 -2.87
C ASN A 11 -2.68 -5.52 -2.83
N GLY A 12 -3.67 -5.71 -3.69
CA GLY A 12 -4.79 -4.80 -3.76
C GLY A 12 -6.08 -5.50 -4.15
N GLN A 13 -7.17 -4.75 -4.17
CA GLN A 13 -8.47 -5.31 -4.52
C GLN A 13 -9.26 -4.36 -5.40
N LEU A 14 -9.88 -4.89 -6.44
CA LEU A 14 -10.70 -4.08 -7.33
C LEU A 14 -12.13 -4.00 -6.81
N ASP A 15 -12.85 -2.98 -7.26
CA ASP A 15 -14.24 -2.81 -6.90
C ASP A 15 -15.11 -2.71 -8.15
N ILE A 16 -15.26 -3.85 -8.83
CA ILE A 16 -16.03 -3.88 -10.08
C ILE A 16 -17.53 -3.80 -9.82
N GLY A 17 -18.06 -2.59 -9.91
CA GLY A 17 -19.49 -2.39 -9.75
C GLY A 17 -20.20 -2.35 -11.08
N GLY A 18 -19.54 -2.87 -12.12
CA GLY A 18 -20.12 -2.88 -13.45
C GLY A 18 -19.09 -3.03 -14.53
N VAL A 19 -19.33 -3.93 -15.48
CA VAL A 19 -18.40 -4.18 -16.57
C VAL A 19 -19.02 -3.89 -17.92
N ASP A 20 -19.90 -2.89 -17.97
CA ASP A 20 -20.57 -2.53 -19.21
C ASP A 20 -19.99 -1.25 -19.80
N PHE A 21 -20.27 -1.02 -21.07
CA PHE A 21 -19.80 0.17 -21.77
C PHE A 21 -20.34 1.43 -21.10
N GLY A 22 -19.56 1.96 -20.17
CA GLY A 22 -19.97 3.14 -19.44
C GLY A 22 -19.93 2.95 -17.94
N SER A 23 -19.47 1.78 -17.49
CA SER A 23 -19.37 1.49 -16.07
C SER A 23 -18.04 1.98 -15.52
N SER A 24 -17.69 1.54 -14.31
CA SER A 24 -16.44 1.95 -13.70
C SER A 24 -16.05 1.02 -12.55
N ILE A 25 -14.75 0.84 -12.39
CA ILE A 25 -14.21 0.00 -11.34
C ILE A 25 -13.43 0.84 -10.34
N THR A 26 -13.22 0.32 -9.14
CA THR A 26 -12.47 1.04 -8.12
C THR A 26 -11.28 0.22 -7.64
N TYR A 27 -10.09 0.79 -7.81
CA TYR A 27 -8.86 0.11 -7.41
C TYR A 27 -8.46 0.46 -5.99
N SER A 28 -7.94 -0.53 -5.28
CA SER A 28 -7.53 -0.32 -3.89
C SER A 28 -6.49 -1.35 -3.46
N CYS A 29 -5.82 -1.07 -2.34
CA CYS A 29 -4.81 -1.96 -1.80
C CYS A 29 -5.42 -2.98 -0.84
N ASN A 30 -4.62 -3.93 -0.40
CA ASN A 30 -5.09 -4.97 0.51
C ASN A 30 -5.17 -4.45 1.94
N SER A 31 -4.05 -4.47 2.64
CA SER A 31 -3.99 -4.00 4.01
C SER A 31 -2.61 -3.45 4.34
N GLY A 32 -2.57 -2.30 5.01
CA GLY A 32 -1.30 -1.69 5.35
C GLY A 32 -0.52 -1.29 4.12
N TYR A 33 -1.23 -1.03 3.03
CA TYR A 33 -0.60 -0.66 1.78
C TYR A 33 -1.08 0.71 1.31
N HIS A 34 -0.44 1.24 0.27
CA HIS A 34 -0.82 2.53 -0.30
C HIS A 34 -0.88 2.44 -1.82
N LEU A 35 -2.00 2.87 -2.37
CA LEU A 35 -2.21 2.82 -3.81
C LEU A 35 -1.68 4.08 -4.47
N ILE A 36 -0.79 3.90 -5.44
CA ILE A 36 -0.21 5.04 -6.15
C ILE A 36 -0.75 5.15 -7.55
N GLY A 37 -1.16 6.36 -7.89
CA GLY A 37 -1.76 6.64 -9.19
C GLY A 37 -3.23 7.00 -9.05
N GLU A 38 -4.04 6.62 -10.03
CA GLU A 38 -5.48 6.86 -9.96
C GLU A 38 -6.09 5.88 -8.95
N SER A 39 -7.22 5.26 -9.29
CA SER A 39 -7.86 4.27 -8.43
C SER A 39 -9.21 3.85 -8.98
N LYS A 40 -9.37 3.95 -10.31
CA LYS A 40 -10.65 3.59 -10.93
C LYS A 40 -10.48 3.30 -12.42
N SER A 41 -11.09 2.21 -12.88
CA SER A 41 -11.08 1.85 -14.30
C SER A 41 -12.44 2.09 -14.91
N TYR A 42 -12.47 2.52 -16.17
CA TYR A 42 -13.78 2.78 -16.80
C TYR A 42 -13.94 2.05 -18.12
N CYS A 43 -14.97 1.20 -18.18
CA CYS A 43 -15.27 0.44 -19.37
C CYS A 43 -15.66 1.37 -20.51
N GLU A 44 -14.71 1.65 -21.39
CA GLU A 44 -14.97 2.53 -22.53
C GLU A 44 -14.63 1.82 -23.84
N LEU A 45 -14.71 2.58 -24.93
CA LEU A 45 -14.43 2.04 -26.26
C LEU A 45 -13.02 2.40 -26.71
N GLY A 46 -12.43 1.56 -27.55
CA GLY A 46 -11.10 1.80 -28.05
C GLY A 46 -11.07 2.87 -29.13
N SER A 47 -10.50 2.52 -30.28
CA SER A 47 -10.40 3.46 -31.39
C SER A 47 -11.30 3.02 -32.54
N THR A 48 -11.46 1.71 -32.69
CA THR A 48 -12.29 1.16 -33.75
C THR A 48 -13.66 0.78 -33.23
N GLY A 49 -14.11 1.50 -32.20
CA GLY A 49 -15.40 1.23 -31.61
C GLY A 49 -15.41 -0.07 -30.81
N SER A 50 -14.23 -0.50 -30.38
CA SER A 50 -14.10 -1.73 -29.61
C SER A 50 -14.45 -1.49 -28.14
N MET A 51 -14.01 -2.41 -27.29
CA MET A 51 -14.27 -2.31 -25.86
C MET A 51 -12.97 -2.35 -25.07
N VAL A 52 -12.73 -1.33 -24.27
CA VAL A 52 -11.52 -1.24 -23.48
C VAL A 52 -11.82 -0.78 -22.06
N TRP A 53 -10.78 -0.66 -21.24
CA TRP A 53 -10.93 -0.22 -19.87
C TRP A 53 -10.06 0.99 -19.57
N ASN A 54 -10.67 2.04 -19.04
CA ASN A 54 -9.95 3.23 -18.65
C ASN A 54 -9.10 2.90 -17.43
N PRO A 55 -8.16 3.80 -17.02
CA PRO A 55 -7.27 3.61 -15.88
C PRO A 55 -7.54 2.35 -15.09
N GLU A 56 -6.93 1.27 -15.59
CA GLU A 56 -7.10 -0.07 -15.08
C GLU A 56 -6.49 -0.23 -13.72
N ALA A 57 -5.22 0.12 -13.61
CA ALA A 57 -4.50 0.04 -12.36
C ALA A 57 -5.12 0.98 -11.39
N PRO A 58 -4.44 1.60 -10.44
CA PRO A 58 -2.98 1.81 -10.27
C PRO A 58 -2.25 0.67 -9.56
N ILE A 59 -1.10 1.02 -8.99
CA ILE A 59 -0.25 0.05 -8.31
C ILE A 59 -0.51 0.06 -6.81
N CYS A 60 0.14 -0.86 -6.09
CA CYS A 60 -0.04 -0.97 -4.65
C CYS A 60 1.24 -1.44 -3.97
N GLU A 61 1.59 -0.78 -2.87
CA GLU A 61 2.80 -1.14 -2.13
C GLU A 61 2.55 -1.05 -0.63
N SER A 62 3.54 -1.47 0.16
CA SER A 62 3.42 -1.43 1.62
C SER A 62 3.89 -0.09 2.18
N VAL A 63 2.98 0.61 2.84
CA VAL A 63 3.28 1.91 3.45
C VAL A 63 4.65 1.92 4.11
N LYS A 64 5.64 2.45 3.40
CA LYS A 64 7.00 2.52 3.91
C LYS A 64 7.11 3.47 5.10
N CYS A 65 7.84 3.04 6.13
CA CYS A 65 8.05 3.86 7.31
C CYS A 65 9.53 4.19 7.47
N GLN A 66 9.83 5.47 7.56
CA GLN A 66 11.21 5.93 7.71
C GLN A 66 11.74 5.55 9.08
N SER A 67 12.75 6.26 9.55
CA SER A 67 13.33 5.99 10.85
C SER A 67 12.24 5.97 11.93
N PRO A 68 12.39 5.11 12.95
CA PRO A 68 11.41 5.00 14.03
C PRO A 68 11.34 6.27 14.87
N PRO A 69 10.24 6.46 15.62
CA PRO A 69 10.05 7.64 16.45
C PRO A 69 11.32 8.06 17.18
N SER A 70 11.37 9.35 17.55
CA SER A 70 12.52 9.89 18.27
C SER A 70 12.17 10.15 19.72
N ILE A 71 12.42 9.15 20.57
CA ILE A 71 12.11 9.27 21.98
C ILE A 71 13.02 10.27 22.67
N SER A 72 12.77 10.52 23.95
CA SER A 72 13.59 11.46 24.71
C SER A 72 14.70 10.74 25.46
N ASN A 73 15.86 11.37 25.49
CA ASN A 73 17.02 10.80 26.17
C ASN A 73 17.36 9.44 25.61
N GLY A 74 17.06 9.23 24.33
CA GLY A 74 17.34 7.95 23.71
C GLY A 74 17.30 8.03 22.19
N ARG A 75 17.30 6.86 21.56
CA ARG A 75 17.28 6.78 20.11
C ARG A 75 16.86 5.39 19.65
N HIS A 76 16.88 5.18 18.34
CA HIS A 76 16.52 3.89 17.76
C HIS A 76 17.75 3.22 17.16
N ASN A 77 17.59 1.96 16.75
CA ASN A 77 18.68 1.22 16.15
C ASN A 77 18.60 1.28 14.63
N GLY A 78 17.82 0.38 14.04
CA GLY A 78 17.65 0.37 12.60
C GLY A 78 18.95 0.13 11.86
N TYR A 79 18.87 -0.61 10.76
CA TYR A 79 20.04 -0.90 9.94
C TYR A 79 19.90 -0.25 8.57
N GLU A 80 18.68 -0.16 8.08
CA GLU A 80 18.40 0.44 6.79
C GLU A 80 17.95 1.89 6.95
N ASP A 81 17.50 2.50 5.86
CA ASP A 81 17.04 3.87 5.89
C ASP A 81 15.51 3.95 5.93
N PHE A 82 14.86 2.88 5.48
CA PHE A 82 13.40 2.84 5.48
C PHE A 82 12.88 1.51 6.02
N TYR A 83 11.56 1.40 6.10
CA TYR A 83 10.93 0.19 6.62
C TYR A 83 9.55 0.00 5.99
N THR A 84 9.00 -1.20 6.12
CA THR A 84 7.70 -1.50 5.55
C THR A 84 6.78 -2.13 6.60
N ASP A 85 5.55 -2.41 6.19
CA ASP A 85 4.57 -3.01 7.09
C ASP A 85 5.01 -4.40 7.52
N GLY A 86 5.53 -4.44 8.72
CA GLY A 86 5.98 -5.70 9.30
C GLY A 86 7.45 -5.69 9.67
N SER A 87 8.00 -4.50 9.86
CA SER A 87 9.41 -4.37 10.25
C SER A 87 9.53 -4.06 11.73
N VAL A 88 10.71 -4.31 12.30
CA VAL A 88 10.94 -4.07 13.71
C VAL A 88 12.25 -3.34 13.96
N VAL A 89 12.32 -2.61 15.06
CA VAL A 89 13.51 -1.87 15.44
C VAL A 89 13.66 -1.82 16.96
N THR A 90 14.89 -1.79 17.42
CA THR A 90 15.17 -1.74 18.85
C THR A 90 15.62 -0.35 19.27
N TYR A 91 15.04 0.15 20.35
CA TYR A 91 15.37 1.48 20.84
C TYR A 91 16.45 1.39 21.92
N SER A 92 17.14 2.51 22.14
CA SER A 92 18.20 2.57 23.14
C SER A 92 18.43 3.99 23.62
N CYS A 93 18.73 4.12 24.90
CA CYS A 93 18.97 5.44 25.51
C CYS A 93 20.30 6.02 25.05
N ASN A 94 20.45 7.33 25.20
CA ASN A 94 21.66 8.03 24.80
C ASN A 94 22.62 8.18 25.97
N SER A 95 22.28 9.05 26.91
CA SER A 95 23.12 9.31 28.07
C SER A 95 23.29 8.06 28.93
N GLY A 96 22.36 7.12 28.79
CA GLY A 96 22.44 5.90 29.57
C GLY A 96 21.21 5.68 30.43
N TYR A 97 20.07 6.16 29.96
CA TYR A 97 18.82 6.00 30.68
C TYR A 97 18.35 4.55 30.64
N SER A 98 17.15 4.30 31.14
CA SER A 98 16.61 2.95 31.16
C SER A 98 15.46 2.81 30.16
N LEU A 99 15.72 2.07 29.10
CA LEU A 99 14.72 1.80 28.06
C LEU A 99 13.41 1.38 28.69
N ILE A 100 12.40 2.22 28.54
CA ILE A 100 11.09 1.93 29.09
C ILE A 100 10.28 1.07 28.14
N GLY A 101 9.40 0.25 28.69
CA GLY A 101 8.60 -0.63 27.88
C GLY A 101 9.47 -1.59 27.08
N ASN A 102 9.18 -1.71 25.80
CA ASN A 102 9.92 -2.60 24.93
C ASN A 102 10.74 -1.82 23.89
N SER A 103 12.00 -2.20 23.73
CA SER A 103 12.88 -1.57 22.76
C SER A 103 12.38 -1.82 21.34
N GLY A 104 11.68 -2.94 21.17
CA GLY A 104 11.15 -3.30 19.87
C GLY A 104 10.02 -2.38 19.41
N VAL A 105 10.04 -2.02 18.14
CA VAL A 105 9.01 -1.15 17.56
C VAL A 105 8.53 -1.69 16.23
N LEU A 106 7.22 -1.92 16.11
CA LEU A 106 6.66 -2.48 14.88
C LEU A 106 6.45 -1.40 13.81
N CYS A 107 6.99 -1.66 12.63
CA CYS A 107 6.80 -0.77 11.50
C CYS A 107 5.59 -1.23 10.69
N SER A 108 4.49 -0.51 10.84
CA SER A 108 3.26 -0.86 10.16
C SER A 108 2.41 0.37 9.90
N GLY A 109 1.41 0.21 9.04
CA GLY A 109 0.52 1.32 8.70
C GLY A 109 1.27 2.59 8.39
N GLY A 110 2.48 2.45 7.85
CA GLY A 110 3.29 3.62 7.52
C GLY A 110 3.76 4.36 8.76
N GLU A 111 3.53 3.76 9.93
CA GLU A 111 3.94 4.38 11.19
C GLU A 111 4.57 3.34 12.12
N TRP A 112 4.99 3.79 13.29
CA TRP A 112 5.62 2.91 14.26
C TRP A 112 4.74 2.77 15.50
N SER A 113 4.62 1.54 15.99
CA SER A 113 3.81 1.27 17.17
C SER A 113 4.61 0.58 18.26
N ASP A 114 4.17 0.72 19.50
CA ASP A 114 4.84 0.11 20.64
C ASP A 114 6.23 0.72 20.91
N PRO A 115 6.36 2.05 20.83
CA PRO A 115 7.65 2.72 21.08
C PRO A 115 7.95 2.85 22.58
N PRO A 116 9.22 2.71 22.98
CA PRO A 116 9.63 2.78 24.37
C PRO A 116 10.01 4.19 24.81
N THR A 117 10.53 4.28 26.02
CA THR A 117 10.99 5.53 26.58
C THR A 117 12.37 5.36 27.22
N CYS A 118 12.87 6.43 27.82
CA CYS A 118 14.18 6.37 28.47
C CYS A 118 14.19 7.19 29.75
N GLN A 119 13.97 6.52 30.87
CA GLN A 119 13.95 7.18 32.16
C GLN A 119 15.01 6.60 33.09
N ILE A 120 15.22 7.26 34.22
CA ILE A 120 16.20 6.81 35.19
C ILE A 120 15.54 5.96 36.28
N ARG A 1 12.67 9.56 29.35
CA ARG A 1 12.31 8.18 29.63
C ARG A 1 12.10 7.40 28.35
N ARG A 2 11.75 6.12 28.47
CA ARG A 2 11.49 5.26 27.32
C ARG A 2 12.52 5.50 26.21
N CYS A 3 12.18 5.07 25.00
CA CYS A 3 13.06 5.24 23.85
C CYS A 3 12.81 6.58 23.18
N PRO A 4 13.75 7.04 22.35
CA PRO A 4 13.62 8.32 21.64
C PRO A 4 12.56 8.24 20.55
N SER A 5 12.20 9.39 20.00
CA SER A 5 11.18 9.44 18.97
C SER A 5 11.47 8.42 17.86
N PRO A 6 10.65 7.38 17.74
CA PRO A 6 10.83 6.35 16.72
C PRO A 6 10.64 6.90 15.31
N ARG A 7 11.23 6.21 14.33
CA ARG A 7 11.09 6.62 12.94
C ARG A 7 9.63 6.77 12.58
N ASP A 8 9.36 7.14 11.34
CA ASP A 8 7.99 7.36 10.90
C ASP A 8 7.72 6.86 9.47
N ILE A 9 8.75 6.36 8.80
CA ILE A 9 8.66 5.90 7.42
C ILE A 9 8.11 7.00 6.51
N ASP A 10 8.42 6.91 5.22
CA ASP A 10 8.03 7.95 4.27
C ASP A 10 6.65 7.69 3.68
N ASN A 11 6.51 6.58 2.96
CA ASN A 11 5.24 6.26 2.30
C ASN A 11 4.37 5.38 3.18
N GLY A 12 4.56 5.48 4.49
CA GLY A 12 3.77 4.68 5.41
C GLY A 12 3.53 5.39 6.74
N GLN A 13 2.77 4.73 7.61
CA GLN A 13 2.45 5.28 8.93
C GLN A 13 2.56 4.18 9.99
N LEU A 14 3.13 4.52 11.14
CA LEU A 14 3.31 3.55 12.20
C LEU A 14 2.15 3.57 13.20
N ASP A 15 2.19 2.63 14.14
CA ASP A 15 1.20 2.54 15.19
C ASP A 15 1.90 2.35 16.53
N ILE A 16 2.24 3.46 17.17
CA ILE A 16 2.97 3.41 18.44
C ILE A 16 2.09 2.93 19.59
N GLY A 17 2.45 1.78 20.14
CA GLY A 17 1.74 1.24 21.29
C GLY A 17 2.66 1.02 22.47
N GLY A 18 3.81 1.69 22.44
CA GLY A 18 4.79 1.55 23.52
C GLY A 18 6.17 1.97 23.07
N VAL A 19 6.84 2.80 23.87
CA VAL A 19 8.16 3.30 23.51
C VAL A 19 9.21 3.00 24.58
N ASP A 20 8.84 2.25 25.61
CA ASP A 20 9.77 1.91 26.67
C ASP A 20 10.71 0.80 26.22
N PHE A 21 11.80 0.64 26.97
CA PHE A 21 12.80 -0.38 26.67
C PHE A 21 12.18 -1.77 26.62
N GLY A 22 11.95 -2.26 25.40
CA GLY A 22 11.38 -3.58 25.23
C GLY A 22 10.00 -3.54 24.58
N SER A 23 9.59 -2.37 24.11
CA SER A 23 8.30 -2.22 23.45
C SER A 23 8.41 -2.49 21.95
N SER A 24 7.36 -2.17 21.22
CA SER A 24 7.36 -2.38 19.77
C SER A 24 6.29 -1.52 19.08
N ILE A 25 6.56 -1.16 17.84
CA ILE A 25 5.63 -0.35 17.06
C ILE A 25 5.11 -1.14 15.85
N THR A 26 4.10 -0.60 15.18
CA THR A 26 3.53 -1.26 14.01
C THR A 26 3.58 -0.35 12.78
N TYR A 27 4.39 -0.74 11.80
CA TYR A 27 4.55 0.04 10.58
C TYR A 27 3.52 -0.35 9.52
N SER A 28 3.02 0.66 8.82
CA SER A 28 2.05 0.45 7.76
C SER A 28 2.28 1.44 6.63
N CYS A 29 1.59 1.24 5.51
CA CYS A 29 1.72 2.13 4.37
C CYS A 29 0.74 3.29 4.46
N ASN A 30 0.95 4.31 3.63
CA ASN A 30 0.09 5.48 3.64
C ASN A 30 -1.33 5.11 3.19
N SER A 31 -1.55 5.08 1.88
CA SER A 31 -2.86 4.74 1.33
C SER A 31 -2.72 4.14 -0.06
N GLY A 32 -3.43 3.04 -0.31
CA GLY A 32 -3.35 2.40 -1.60
C GLY A 32 -1.97 1.85 -1.89
N TYR A 33 -1.20 1.61 -0.84
CA TYR A 33 0.15 1.09 -0.97
C TYR A 33 0.28 -0.29 -0.36
N HIS A 34 1.45 -0.91 -0.54
CA HIS A 34 1.71 -2.22 0.03
C HIS A 34 3.11 -2.28 0.63
N LEU A 35 3.16 -2.41 1.96
CA LEU A 35 4.43 -2.45 2.67
C LEU A 35 5.07 -3.82 2.55
N ILE A 36 6.35 -3.84 2.17
CA ILE A 36 7.07 -5.10 2.02
C ILE A 36 8.03 -5.33 3.18
N GLY A 37 8.33 -6.59 3.45
CA GLY A 37 9.23 -6.93 4.55
C GLY A 37 8.51 -6.95 5.88
N GLU A 38 9.15 -6.40 6.91
CA GLU A 38 8.57 -6.36 8.23
C GLU A 38 7.55 -5.21 8.34
N SER A 39 7.04 -5.01 9.56
CA SER A 39 6.06 -3.98 9.81
C SER A 39 6.00 -3.64 11.29
N LYS A 40 7.09 -3.87 12.00
CA LYS A 40 7.12 -3.60 13.42
C LYS A 40 8.53 -3.28 13.92
N SER A 41 8.64 -2.20 14.69
CA SER A 41 9.91 -1.79 15.29
C SER A 41 10.00 -2.32 16.71
N TYR A 42 11.20 -2.53 17.22
CA TYR A 42 11.32 -3.00 18.61
C TYR A 42 12.30 -2.14 19.41
N CYS A 43 11.75 -1.46 20.40
CA CYS A 43 12.54 -0.60 21.26
C CYS A 43 13.56 -1.41 22.05
N GLU A 44 14.83 -1.25 21.70
CA GLU A 44 15.90 -1.96 22.36
C GLU A 44 17.09 -1.05 22.62
N LEU A 45 18.15 -1.64 23.16
CA LEU A 45 19.36 -0.88 23.48
C LEU A 45 20.24 -0.72 22.24
N GLY A 46 21.24 0.15 22.35
CA GLY A 46 22.14 0.38 21.24
C GLY A 46 23.40 -0.46 21.33
N SER A 47 24.52 0.18 21.65
CA SER A 47 25.79 -0.53 21.77
C SER A 47 26.50 -0.15 23.07
N THR A 48 26.52 1.14 23.38
CA THR A 48 27.16 1.62 24.59
C THR A 48 26.13 1.82 25.70
N GLY A 49 25.05 1.06 25.63
CA GLY A 49 24.00 1.17 26.63
C GLY A 49 22.98 2.24 26.28
N SER A 50 22.96 2.65 25.01
CA SER A 50 22.04 3.67 24.55
C SER A 50 20.67 3.07 24.20
N MET A 51 19.74 3.93 23.82
CA MET A 51 18.40 3.50 23.45
C MET A 51 18.20 3.62 21.95
N VAL A 52 17.73 2.54 21.32
CA VAL A 52 17.51 2.52 19.89
C VAL A 52 16.20 1.81 19.55
N TRP A 53 15.94 1.64 18.25
CA TRP A 53 14.72 0.99 17.81
C TRP A 53 15.03 -0.10 16.77
N ASN A 54 14.41 -1.26 16.92
CA ASN A 54 14.59 -2.35 15.97
C ASN A 54 13.81 -2.06 14.70
N PRO A 55 14.06 -2.81 13.61
CA PRO A 55 13.41 -2.66 12.31
C PRO A 55 12.24 -1.70 12.29
N GLU A 56 12.55 -0.45 11.96
CA GLU A 56 11.58 0.62 11.97
C GLU A 56 10.73 0.69 10.70
N ALA A 57 11.23 1.39 9.68
CA ALA A 57 10.48 1.59 8.45
C ALA A 57 10.87 0.58 7.37
N PRO A 58 9.98 -0.39 7.06
CA PRO A 58 10.21 -1.38 6.01
C PRO A 58 10.03 -0.76 4.63
N ILE A 59 9.64 -1.58 3.66
CA ILE A 59 9.41 -1.10 2.30
C ILE A 59 7.97 -0.62 2.13
N CYS A 60 7.72 0.09 1.04
CA CYS A 60 6.38 0.60 0.77
C CYS A 60 6.27 1.06 -0.68
N GLU A 61 5.15 0.74 -1.32
CA GLU A 61 4.92 1.11 -2.70
C GLU A 61 3.44 1.08 -3.04
N SER A 62 3.09 1.61 -4.21
CA SER A 62 1.70 1.63 -4.65
C SER A 62 1.29 0.29 -5.23
N VAL A 63 0.23 -0.27 -4.67
CA VAL A 63 -0.29 -1.56 -5.12
C VAL A 63 -0.49 -1.57 -6.62
N LYS A 64 0.41 -2.23 -7.31
CA LYS A 64 0.37 -2.30 -8.77
C LYS A 64 -0.77 -3.18 -9.27
N CYS A 65 -1.65 -2.59 -10.08
CA CYS A 65 -2.75 -3.34 -10.69
C CYS A 65 -2.48 -3.48 -12.17
N GLN A 66 -2.42 -4.72 -12.64
CA GLN A 66 -2.15 -4.97 -14.05
C GLN A 66 -3.34 -4.55 -14.90
N SER A 67 -3.39 -5.05 -16.12
CA SER A 67 -4.49 -4.73 -17.02
C SER A 67 -5.83 -5.02 -16.35
N PRO A 68 -6.84 -4.16 -16.57
CA PRO A 68 -8.16 -4.34 -15.98
C PRO A 68 -8.77 -5.68 -16.36
N PRO A 69 -9.75 -6.16 -15.58
CA PRO A 69 -10.41 -7.44 -15.83
C PRO A 69 -10.64 -7.71 -17.32
N SER A 70 -10.72 -8.99 -17.68
CA SER A 70 -10.93 -9.38 -19.06
C SER A 70 -12.35 -9.91 -19.26
N ILE A 71 -13.26 -9.00 -19.60
CA ILE A 71 -14.65 -9.37 -19.82
C ILE A 71 -14.81 -10.18 -21.10
N SER A 72 -16.06 -10.53 -21.42
CA SER A 72 -16.36 -11.28 -22.62
C SER A 72 -16.96 -10.38 -23.69
N ASN A 73 -16.60 -10.62 -24.94
CA ASN A 73 -17.11 -9.82 -26.05
C ASN A 73 -16.70 -8.37 -25.90
N GLY A 74 -15.55 -8.14 -25.27
CA GLY A 74 -15.06 -6.79 -25.07
C GLY A 74 -13.70 -6.75 -24.43
N ARG A 75 -13.29 -5.56 -24.01
CA ARG A 75 -11.99 -5.36 -23.39
C ARG A 75 -11.89 -3.95 -22.82
N HIS A 76 -10.71 -3.62 -22.33
CA HIS A 76 -10.47 -2.31 -21.73
C HIS A 76 -9.70 -1.41 -22.69
N ASN A 77 -9.60 -0.13 -22.32
CA ASN A 77 -8.89 0.85 -23.15
C ASN A 77 -7.52 1.18 -22.56
N GLY A 78 -7.02 0.31 -21.70
CA GLY A 78 -5.73 0.55 -21.09
C GLY A 78 -4.63 0.77 -22.11
N TYR A 79 -3.73 1.71 -21.82
CA TYR A 79 -2.63 2.01 -22.73
C TYR A 79 -1.31 1.52 -22.15
N GLU A 80 -1.25 1.45 -20.83
CA GLU A 80 -0.06 0.98 -20.15
C GLU A 80 -0.16 -0.51 -19.83
N ASP A 81 0.80 -1.03 -19.07
CA ASP A 81 0.81 -2.43 -18.71
C ASP A 81 0.36 -2.62 -17.27
N PHE A 82 0.54 -1.59 -16.46
CA PHE A 82 0.15 -1.63 -15.05
C PHE A 82 -0.60 -0.37 -14.65
N TYR A 83 -1.08 -0.35 -13.40
CA TYR A 83 -1.81 0.80 -12.89
C TYR A 83 -1.58 0.96 -11.39
N THR A 84 -1.69 2.19 -10.90
CA THR A 84 -1.48 2.46 -9.49
C THR A 84 -2.81 2.65 -8.77
N ASP A 85 -2.74 2.81 -7.45
CA ASP A 85 -3.93 3.00 -6.64
C ASP A 85 -4.55 4.36 -6.92
N GLY A 86 -5.62 4.34 -7.68
CA GLY A 86 -6.32 5.55 -8.02
C GLY A 86 -6.38 5.80 -9.52
N SER A 87 -6.26 4.73 -10.31
CA SER A 87 -6.31 4.83 -11.76
C SER A 87 -7.69 4.43 -12.28
N VAL A 88 -7.98 4.80 -13.52
CA VAL A 88 -9.26 4.47 -14.13
C VAL A 88 -9.09 3.98 -15.55
N VAL A 89 -10.09 3.26 -16.04
CA VAL A 89 -10.07 2.72 -17.40
C VAL A 89 -11.49 2.53 -17.92
N THR A 90 -11.64 2.65 -19.23
CA THR A 90 -12.95 2.47 -19.86
C THR A 90 -12.99 1.16 -20.64
N TYR A 91 -14.08 0.42 -20.50
CA TYR A 91 -14.22 -0.85 -21.19
C TYR A 91 -14.94 -0.67 -22.51
N SER A 92 -14.71 -1.59 -23.43
CA SER A 92 -15.33 -1.53 -24.75
C SER A 92 -15.42 -2.91 -25.40
N CYS A 93 -16.49 -3.13 -26.14
CA CYS A 93 -16.72 -4.41 -26.80
C CYS A 93 -15.74 -4.63 -27.95
N ASN A 94 -15.72 -5.85 -28.46
CA ASN A 94 -14.86 -6.20 -29.59
C ASN A 94 -15.65 -6.18 -30.89
N SER A 95 -16.33 -7.29 -31.18
CA SER A 95 -17.13 -7.40 -32.39
C SER A 95 -18.13 -6.27 -32.51
N GLY A 96 -18.69 -5.84 -31.37
CA GLY A 96 -19.66 -4.77 -31.37
C GLY A 96 -20.85 -5.06 -30.48
N TYR A 97 -20.57 -5.51 -29.27
CA TYR A 97 -21.62 -5.82 -28.30
C TYR A 97 -22.05 -4.57 -27.56
N SER A 98 -22.86 -4.74 -26.51
CA SER A 98 -23.33 -3.61 -25.72
C SER A 98 -22.82 -3.71 -24.28
N LEU A 99 -21.80 -2.91 -23.97
CA LEU A 99 -21.21 -2.91 -22.64
C LEU A 99 -22.28 -2.80 -21.58
N ILE A 100 -22.11 -3.59 -20.55
CA ILE A 100 -23.04 -3.63 -19.42
C ILE A 100 -22.45 -2.88 -18.23
N GLY A 101 -23.32 -2.46 -17.32
CA GLY A 101 -22.87 -1.73 -16.17
C GLY A 101 -22.20 -0.42 -16.54
N ASN A 102 -20.98 -0.22 -16.07
CA ASN A 102 -20.24 1.00 -16.36
C ASN A 102 -18.89 0.67 -17.00
N SER A 103 -18.58 1.35 -18.10
CA SER A 103 -17.31 1.15 -18.80
C SER A 103 -16.13 1.53 -17.91
N GLY A 104 -16.38 2.42 -16.96
CA GLY A 104 -15.34 2.87 -16.07
C GLY A 104 -14.96 1.84 -15.03
N VAL A 105 -13.67 1.77 -14.72
CA VAL A 105 -13.15 0.83 -13.73
C VAL A 105 -12.08 1.49 -12.89
N LEU A 106 -12.24 1.43 -11.56
CA LEU A 106 -11.28 2.06 -10.66
C LEU A 106 -10.16 1.10 -10.28
N CYS A 107 -8.92 1.49 -10.55
CA CYS A 107 -7.77 0.71 -10.16
C CYS A 107 -7.38 1.07 -8.74
N SER A 108 -7.75 0.20 -7.80
CA SER A 108 -7.48 0.45 -6.39
C SER A 108 -7.24 -0.85 -5.63
N GLY A 109 -6.72 -0.72 -4.42
CA GLY A 109 -6.47 -1.89 -3.59
C GLY A 109 -5.73 -2.99 -4.33
N GLY A 110 -5.00 -2.62 -5.38
CA GLY A 110 -4.27 -3.60 -6.15
C GLY A 110 -5.20 -4.45 -7.02
N GLU A 111 -6.40 -3.93 -7.25
CA GLU A 111 -7.39 -4.62 -8.08
C GLU A 111 -8.30 -3.63 -8.76
N TRP A 112 -9.26 -4.13 -9.53
CA TRP A 112 -10.19 -3.28 -10.25
C TRP A 112 -11.60 -3.44 -9.71
N SER A 113 -12.31 -2.33 -9.56
CA SER A 113 -13.67 -2.36 -9.04
C SER A 113 -14.66 -1.78 -10.05
N ASP A 114 -15.87 -2.33 -10.05
CA ASP A 114 -16.94 -1.88 -10.94
C ASP A 114 -16.65 -2.24 -12.40
N PRO A 115 -16.25 -3.49 -12.67
CA PRO A 115 -15.99 -3.95 -14.03
C PRO A 115 -17.30 -4.26 -14.77
N PRO A 116 -17.42 -3.84 -16.04
CA PRO A 116 -18.63 -4.04 -16.81
C PRO A 116 -18.65 -5.36 -17.58
N THR A 117 -19.75 -5.56 -18.28
CA THR A 117 -19.92 -6.73 -19.13
C THR A 117 -20.15 -6.28 -20.54
N CYS A 118 -20.71 -7.13 -21.36
CA CYS A 118 -20.89 -6.78 -22.74
C CYS A 118 -21.76 -7.80 -23.45
N GLN A 119 -23.05 -7.53 -23.46
CA GLN A 119 -24.03 -8.39 -24.07
C GLN A 119 -24.76 -7.67 -25.19
N ILE A 120 -25.64 -8.39 -25.88
CA ILE A 120 -26.41 -7.83 -26.97
C ILE A 120 -27.76 -7.30 -26.47
N ARG A 1 -22.06 -5.81 -25.49
CA ARG A 1 -21.60 -6.69 -24.42
C ARG A 1 -20.56 -5.99 -23.54
N ARG A 2 -20.45 -6.45 -22.31
CA ARG A 2 -19.50 -5.87 -21.36
C ARG A 2 -18.07 -6.10 -21.81
N CYS A 3 -17.13 -5.76 -20.94
CA CYS A 3 -15.71 -5.95 -21.21
C CYS A 3 -15.31 -7.38 -20.85
N PRO A 4 -14.05 -7.78 -21.09
CA PRO A 4 -13.57 -9.11 -20.79
C PRO A 4 -12.99 -9.21 -19.38
N SER A 5 -12.28 -10.29 -19.11
CA SER A 5 -11.66 -10.48 -17.80
C SER A 5 -10.67 -9.36 -17.52
N PRO A 6 -11.00 -8.44 -16.60
CA PRO A 6 -10.14 -7.31 -16.26
C PRO A 6 -8.75 -7.77 -15.81
N ARG A 7 -7.74 -6.95 -16.08
CA ARG A 7 -6.38 -7.29 -15.70
C ARG A 7 -6.28 -7.47 -14.19
N ASP A 8 -5.12 -7.90 -13.72
CA ASP A 8 -4.94 -8.12 -12.31
C ASP A 8 -3.69 -7.42 -11.79
N ILE A 9 -3.35 -7.72 -10.54
CA ILE A 9 -2.20 -7.11 -9.90
C ILE A 9 -1.61 -8.03 -8.83
N ASP A 10 -0.29 -7.97 -8.66
CA ASP A 10 0.37 -8.76 -7.64
C ASP A 10 0.38 -7.99 -6.34
N ASN A 11 0.44 -8.71 -5.23
CA ASN A 11 0.43 -8.08 -3.91
C ASN A 11 -0.71 -7.06 -3.82
N GLY A 12 -1.75 -7.28 -4.63
CA GLY A 12 -2.89 -6.38 -4.65
C GLY A 12 -4.19 -7.10 -4.92
N GLN A 13 -5.30 -6.38 -4.77
CA GLN A 13 -6.62 -6.95 -4.99
C GLN A 13 -7.50 -5.99 -5.78
N LEU A 14 -8.26 -6.53 -6.72
CA LEU A 14 -9.14 -5.73 -7.55
C LEU A 14 -10.49 -5.51 -6.85
N ASP A 15 -11.15 -4.43 -7.21
CA ASP A 15 -12.48 -4.13 -6.67
C ASP A 15 -13.47 -3.94 -7.80
N ILE A 16 -13.82 -5.05 -8.45
CA ILE A 16 -14.72 -5.00 -9.60
C ILE A 16 -16.15 -4.67 -9.19
N GLY A 17 -16.50 -3.40 -9.29
CA GLY A 17 -17.86 -2.99 -8.99
C GLY A 17 -18.72 -2.95 -10.24
N GLY A 18 -18.26 -3.66 -11.29
CA GLY A 18 -18.99 -3.68 -12.53
C GLY A 18 -18.10 -4.00 -13.71
N VAL A 19 -18.60 -4.79 -14.65
CA VAL A 19 -17.82 -5.18 -15.83
C VAL A 19 -18.41 -4.62 -17.12
N ASP A 20 -19.63 -4.09 -17.06
CA ASP A 20 -20.31 -3.55 -18.24
C ASP A 20 -19.64 -2.26 -18.71
N PHE A 21 -19.89 -1.90 -19.97
CA PHE A 21 -19.34 -0.66 -20.54
C PHE A 21 -19.65 0.51 -19.61
N GLY A 22 -18.61 1.25 -19.27
CA GLY A 22 -18.78 2.37 -18.37
C GLY A 22 -18.52 1.98 -16.92
N SER A 23 -18.41 0.68 -16.66
CA SER A 23 -18.13 0.21 -15.31
C SER A 23 -16.75 0.67 -14.86
N SER A 24 -16.31 0.20 -13.70
CA SER A 24 -15.01 0.60 -13.19
C SER A 24 -14.51 -0.36 -12.10
N ILE A 25 -13.21 -0.55 -12.07
CA ILE A 25 -12.58 -1.41 -11.07
C ILE A 25 -11.61 -0.61 -10.22
N THR A 26 -11.41 -1.03 -8.98
CA THR A 26 -10.51 -0.32 -8.08
C THR A 26 -9.31 -1.17 -7.69
N TYR A 27 -8.14 -0.75 -8.12
CA TYR A 27 -6.91 -1.46 -7.83
C TYR A 27 -6.41 -1.15 -6.43
N SER A 28 -6.00 -2.20 -5.73
CA SER A 28 -5.54 -2.04 -4.36
C SER A 28 -4.46 -3.06 -3.99
N CYS A 29 -3.95 -2.95 -2.77
CA CYS A 29 -2.90 -3.82 -2.27
C CYS A 29 -3.46 -5.02 -1.51
N ASN A 30 -2.59 -5.97 -1.20
CA ASN A 30 -2.99 -7.17 -0.48
C ASN A 30 -3.12 -6.88 1.01
N SER A 31 -1.98 -6.81 1.70
CA SER A 31 -1.96 -6.55 3.13
C SER A 31 -0.64 -5.91 3.53
N GLY A 32 -0.70 -4.91 4.41
CA GLY A 32 0.49 -4.23 4.85
C GLY A 32 1.28 -3.69 3.67
N TYR A 33 0.57 -3.36 2.60
CA TYR A 33 1.20 -2.84 1.38
C TYR A 33 0.66 -1.46 1.03
N HIS A 34 1.39 -0.76 0.18
CA HIS A 34 0.96 0.55 -0.30
C HIS A 34 0.99 0.57 -1.83
N LEU A 35 -0.06 1.10 -2.42
CA LEU A 35 -0.23 1.08 -3.86
C LEU A 35 0.54 2.21 -4.54
N ILE A 36 1.19 1.89 -5.64
CA ILE A 36 1.94 2.90 -6.39
C ILE A 36 1.33 3.12 -7.76
N GLY A 37 1.01 4.38 -8.02
CA GLY A 37 0.41 4.77 -9.29
C GLY A 37 -1.07 5.06 -9.15
N GLU A 38 -1.84 4.73 -10.19
CA GLU A 38 -3.28 4.93 -10.19
C GLU A 38 -3.93 4.12 -9.06
N SER A 39 -5.03 3.43 -9.36
CA SER A 39 -5.73 2.59 -8.42
C SER A 39 -7.12 2.24 -8.94
N LYS A 40 -7.33 2.29 -10.25
CA LYS A 40 -8.66 2.01 -10.80
C LYS A 40 -8.63 1.71 -12.31
N SER A 41 -9.53 0.82 -12.73
CA SER A 41 -9.69 0.49 -14.15
C SER A 41 -11.10 0.82 -14.60
N TYR A 42 -11.29 1.13 -15.89
CA TYR A 42 -12.64 1.49 -16.34
C TYR A 42 -13.04 0.80 -17.63
N CYS A 43 -14.11 0.03 -17.53
CA CYS A 43 -14.65 -0.71 -18.66
C CYS A 43 -15.18 0.26 -19.72
N GLU A 44 -14.62 0.17 -20.92
CA GLU A 44 -15.05 1.02 -22.01
C GLU A 44 -14.63 0.43 -23.35
N LEU A 45 -15.18 1.02 -24.40
CA LEU A 45 -14.90 0.58 -25.75
C LEU A 45 -13.52 1.02 -26.20
N GLY A 46 -12.96 0.31 -27.18
CA GLY A 46 -11.64 0.65 -27.68
C GLY A 46 -11.69 1.81 -28.65
N SER A 47 -11.13 1.61 -29.84
CA SER A 47 -11.11 2.65 -30.85
C SER A 47 -11.97 2.27 -32.05
N THR A 48 -12.03 0.98 -32.35
CA THR A 48 -12.83 0.50 -33.47
C THR A 48 -14.19 0.00 -32.99
N GLY A 49 -14.72 0.63 -31.96
CA GLY A 49 -16.01 0.24 -31.43
C GLY A 49 -15.96 -1.08 -30.68
N SER A 50 -14.76 -1.49 -30.28
CA SER A 50 -14.58 -2.74 -29.55
C SER A 50 -14.78 -2.52 -28.06
N MET A 51 -14.28 -3.46 -27.26
CA MET A 51 -14.39 -3.37 -25.81
C MET A 51 -13.02 -3.49 -25.17
N VAL A 52 -12.81 -2.73 -24.10
CA VAL A 52 -11.53 -2.73 -23.41
C VAL A 52 -11.68 -2.19 -21.99
N TRP A 53 -10.56 -2.10 -21.29
CA TRP A 53 -10.56 -1.59 -19.92
C TRP A 53 -9.56 -0.45 -19.76
N ASN A 54 -9.99 0.61 -19.09
CA ASN A 54 -9.12 1.72 -18.78
C ASN A 54 -8.13 1.24 -17.75
N PRO A 55 -7.06 2.03 -17.47
CA PRO A 55 -5.98 1.70 -16.56
C PRO A 55 -6.16 0.38 -15.81
N GLU A 56 -5.20 -0.49 -16.00
CA GLU A 56 -5.26 -1.85 -15.49
C GLU A 56 -4.68 -1.96 -14.12
N ALA A 57 -3.40 -1.66 -14.00
CA ALA A 57 -2.70 -1.73 -12.74
C ALA A 57 -3.27 -0.70 -11.83
N PRO A 58 -2.58 -0.14 -10.84
CA PRO A 58 -1.11 -0.06 -10.61
C PRO A 58 -0.52 -1.23 -9.83
N ILE A 59 0.62 -0.97 -9.18
CA ILE A 59 1.34 -1.98 -8.42
C ILE A 59 1.10 -1.82 -6.92
N CYS A 60 1.90 -2.52 -6.11
CA CYS A 60 1.75 -2.45 -4.67
C CYS A 60 2.98 -3.02 -3.96
N GLU A 61 3.42 -2.34 -2.92
CA GLU A 61 4.59 -2.77 -2.16
C GLU A 61 4.40 -2.55 -0.66
N SER A 62 5.06 -3.38 0.14
CA SER A 62 4.98 -3.29 1.59
C SER A 62 5.22 -1.85 2.06
N VAL A 63 4.44 -1.43 3.05
CA VAL A 63 4.55 -0.09 3.61
C VAL A 63 5.87 0.11 4.33
N LYS A 64 6.75 0.90 3.72
CA LYS A 64 8.07 1.17 4.27
C LYS A 64 7.99 2.20 5.41
N CYS A 65 8.58 1.84 6.55
CA CYS A 65 8.65 2.73 7.70
C CYS A 65 10.06 3.25 7.86
N GLN A 66 10.21 4.57 7.78
CA GLN A 66 11.53 5.18 7.92
C GLN A 66 12.04 5.06 9.34
N SER A 67 12.96 5.95 9.72
CA SER A 67 13.53 5.93 11.06
C SER A 67 12.44 5.84 12.12
N PRO A 68 12.65 5.04 13.19
CA PRO A 68 11.69 4.88 14.27
C PRO A 68 11.40 6.20 14.97
N PRO A 69 10.25 6.29 15.68
CA PRO A 69 9.87 7.52 16.38
C PRO A 69 11.02 8.12 17.17
N SER A 70 10.95 9.44 17.38
CA SER A 70 11.97 10.15 18.11
C SER A 70 11.47 10.54 19.50
N ILE A 71 11.71 9.69 20.47
CA ILE A 71 11.25 9.94 21.83
C ILE A 71 12.04 11.08 22.45
N SER A 72 11.54 11.57 23.59
CA SER A 72 12.20 12.67 24.29
C SER A 72 13.30 12.15 25.21
N ASN A 73 14.41 12.87 25.24
CA ASN A 73 15.53 12.49 26.09
C ASN A 73 16.03 11.09 25.73
N GLY A 74 15.85 10.70 24.48
CA GLY A 74 16.30 9.39 24.04
C GLY A 74 16.38 9.26 22.53
N ARG A 75 16.43 8.02 22.06
CA ARG A 75 16.54 7.76 20.63
C ARG A 75 16.35 6.27 20.35
N HIS A 76 16.52 5.89 19.09
CA HIS A 76 16.35 4.51 18.67
C HIS A 76 17.67 3.85 18.28
N ASN A 77 17.65 2.53 18.14
CA ASN A 77 18.82 1.78 17.71
C ASN A 77 18.75 1.49 16.23
N GLY A 78 17.95 2.26 15.50
CA GLY A 78 17.78 2.03 14.09
C GLY A 78 19.08 1.74 13.38
N TYR A 79 19.12 0.64 12.65
CA TYR A 79 20.33 0.21 11.96
C TYR A 79 20.29 0.59 10.50
N GLU A 80 19.12 0.47 9.90
CA GLU A 80 18.94 0.78 8.50
C GLU A 80 18.36 2.18 8.32
N ASP A 81 18.21 2.59 7.07
CA ASP A 81 17.63 3.88 6.76
C ASP A 81 16.12 3.76 6.62
N PHE A 82 15.65 2.57 6.28
CA PHE A 82 14.24 2.31 6.12
C PHE A 82 13.85 0.99 6.75
N TYR A 83 12.54 0.80 6.96
CA TYR A 83 12.03 -0.41 7.58
C TYR A 83 10.71 -0.83 6.94
N THR A 84 10.21 -2.00 7.32
CA THR A 84 8.95 -2.52 6.76
C THR A 84 8.25 -3.48 7.73
N ASP A 85 7.15 -4.06 7.26
CA ASP A 85 6.38 -5.00 8.07
C ASP A 85 7.24 -6.17 8.50
N GLY A 86 7.75 -6.06 9.71
CA GLY A 86 8.56 -7.12 10.26
C GLY A 86 9.90 -6.64 10.81
N SER A 87 10.02 -5.34 11.01
CA SER A 87 11.28 -4.79 11.55
C SER A 87 11.11 -4.40 13.01
N VAL A 88 12.19 -4.48 13.76
CA VAL A 88 12.16 -4.13 15.17
C VAL A 88 13.50 -3.50 15.61
N VAL A 89 13.40 -2.40 16.33
CA VAL A 89 14.56 -1.70 16.80
C VAL A 89 14.43 -1.35 18.28
N THR A 90 15.55 -1.32 18.99
CA THR A 90 15.55 -0.99 20.41
C THR A 90 15.75 0.50 20.63
N TYR A 91 15.17 1.02 21.68
CA TYR A 91 15.30 2.44 22.00
C TYR A 91 16.22 2.66 23.19
N SER A 92 16.75 3.86 23.30
CA SER A 92 17.67 4.18 24.39
C SER A 92 17.67 5.68 24.70
N CYS A 93 17.96 6.03 25.95
CA CYS A 93 17.99 7.42 26.37
C CYS A 93 19.30 8.10 25.94
N ASN A 94 19.29 9.42 25.93
CA ASN A 94 20.46 10.19 25.52
C ASN A 94 21.36 10.53 26.71
N SER A 95 20.89 11.43 27.57
CA SER A 95 21.65 11.86 28.73
C SER A 95 21.85 10.71 29.72
N GLY A 96 21.00 9.70 29.62
CA GLY A 96 21.10 8.56 30.51
C GLY A 96 19.83 8.33 31.32
N TYR A 97 18.69 8.69 30.73
CA TYR A 97 17.41 8.51 31.39
C TYR A 97 17.06 7.04 31.50
N SER A 98 15.85 6.75 31.97
CA SER A 98 15.40 5.38 32.13
C SER A 98 14.36 5.02 31.07
N LEU A 99 14.79 4.26 30.07
CA LEU A 99 13.91 3.81 28.99
C LEU A 99 12.57 3.36 29.53
N ILE A 100 11.53 4.10 29.20
CA ILE A 100 10.19 3.80 29.64
C ILE A 100 9.51 2.82 28.71
N GLY A 101 8.54 2.10 29.24
CA GLY A 101 7.86 1.10 28.43
C GLY A 101 8.82 0.08 27.86
N ASN A 102 8.74 -0.13 26.56
CA ASN A 102 9.59 -1.09 25.88
C ASN A 102 10.54 -0.40 24.90
N SER A 103 11.80 -0.80 24.94
CA SER A 103 12.81 -0.26 24.04
C SER A 103 12.57 -0.74 22.62
N GLY A 104 11.99 -1.93 22.50
CA GLY A 104 11.72 -2.49 21.19
C GLY A 104 10.54 -1.82 20.51
N VAL A 105 10.69 -1.55 19.21
CA VAL A 105 9.64 -0.91 18.44
C VAL A 105 9.36 -1.70 17.18
N LEU A 106 8.12 -2.17 17.02
CA LEU A 106 7.75 -2.97 15.86
C LEU A 106 7.48 -2.08 14.64
N CYS A 107 8.04 -2.47 13.51
CA CYS A 107 7.82 -1.76 12.27
C CYS A 107 6.87 -2.55 11.39
N SER A 108 5.64 -2.09 11.28
CA SER A 108 4.64 -2.75 10.46
C SER A 108 3.41 -1.86 10.25
N GLY A 109 3.10 -1.59 8.99
CA GLY A 109 1.97 -0.75 8.66
C GLY A 109 2.38 0.65 8.29
N GLY A 110 3.60 0.79 7.77
CA GLY A 110 4.11 2.09 7.39
C GLY A 110 4.38 2.98 8.58
N GLU A 111 4.32 2.40 9.78
CA GLU A 111 4.56 3.15 11.00
C GLU A 111 5.19 2.26 12.07
N TRP A 112 5.41 2.83 13.25
CA TRP A 112 6.02 2.11 14.34
C TRP A 112 5.04 1.98 15.51
N SER A 113 5.19 0.92 16.29
CA SER A 113 4.32 0.69 17.44
C SER A 113 5.13 0.29 18.67
N ASP A 114 4.57 0.54 19.84
CA ASP A 114 5.22 0.20 21.10
C ASP A 114 6.45 1.08 21.37
N PRO A 115 6.37 2.40 21.12
CA PRO A 115 7.48 3.32 21.35
C PRO A 115 7.64 3.66 22.83
N PRO A 116 8.88 3.69 23.34
CA PRO A 116 9.16 3.96 24.74
C PRO A 116 9.38 5.44 25.03
N THR A 117 9.78 5.72 26.27
CA THR A 117 10.08 7.07 26.70
C THR A 117 11.41 7.10 27.45
N CYS A 118 11.65 8.17 28.18
CA CYS A 118 12.90 8.29 28.93
C CYS A 118 12.70 9.17 30.17
N GLN A 119 12.39 8.51 31.28
CA GLN A 119 12.18 9.20 32.54
C GLN A 119 13.19 8.74 33.57
N ILE A 120 13.31 9.50 34.65
CA ILE A 120 14.25 9.17 35.72
C ILE A 120 13.56 8.36 36.82
N ARG A 1 -14.79 -2.75 -29.70
CA ARG A 1 -15.47 -2.37 -28.47
C ARG A 1 -14.61 -2.69 -27.25
N ARG A 2 -14.36 -1.68 -26.43
CA ARG A 2 -13.55 -1.84 -25.23
C ARG A 2 -14.38 -2.46 -24.11
N CYS A 3 -13.82 -2.46 -22.90
CA CYS A 3 -14.50 -3.01 -21.75
C CYS A 3 -15.35 -1.95 -21.05
N PRO A 4 -16.31 -2.38 -20.22
CA PRO A 4 -17.18 -1.46 -19.48
C PRO A 4 -16.44 -0.68 -18.42
N SER A 5 -17.09 0.32 -17.84
CA SER A 5 -16.47 1.16 -16.82
C SER A 5 -15.93 0.31 -15.66
N PRO A 6 -14.59 0.16 -15.58
CA PRO A 6 -13.96 -0.64 -14.52
C PRO A 6 -14.55 -0.31 -13.15
N ARG A 7 -14.49 -1.29 -12.24
CA ARG A 7 -14.98 -1.10 -10.89
C ARG A 7 -14.09 -0.13 -10.14
N ASP A 8 -14.59 0.39 -9.04
CA ASP A 8 -13.88 1.38 -8.29
C ASP A 8 -13.42 0.87 -6.93
N ILE A 9 -12.74 1.74 -6.20
CA ILE A 9 -12.25 1.39 -4.86
C ILE A 9 -12.62 2.48 -3.86
N ASP A 10 -12.76 2.10 -2.60
CA ASP A 10 -13.15 3.04 -1.55
C ASP A 10 -11.98 3.89 -1.07
N ASN A 11 -10.98 3.24 -0.50
CA ASN A 11 -9.82 3.94 0.03
C ASN A 11 -8.70 4.00 -0.99
N GLY A 12 -9.06 4.04 -2.27
CA GLY A 12 -8.07 4.09 -3.32
C GLY A 12 -8.54 4.81 -4.57
N GLN A 13 -7.66 4.87 -5.57
CA GLN A 13 -7.97 5.51 -6.84
C GLN A 13 -7.39 4.69 -7.99
N LEU A 14 -8.17 4.48 -9.04
CA LEU A 14 -7.73 3.69 -10.18
C LEU A 14 -6.82 4.50 -11.11
N ASP A 15 -6.10 3.78 -11.96
CA ASP A 15 -5.23 4.39 -12.95
C ASP A 15 -5.49 3.77 -14.32
N ILE A 16 -6.57 4.19 -14.96
CA ILE A 16 -6.97 3.63 -16.24
C ILE A 16 -6.02 4.03 -17.36
N GLY A 17 -5.19 3.09 -17.77
CA GLY A 17 -4.26 3.33 -18.86
C GLY A 17 -4.65 2.53 -20.10
N GLY A 18 -5.93 2.16 -20.17
CA GLY A 18 -6.42 1.38 -21.29
C GLY A 18 -7.63 0.54 -20.90
N VAL A 19 -8.69 0.62 -21.69
CA VAL A 19 -9.91 -0.11 -21.40
C VAL A 19 -10.31 -1.06 -22.53
N ASP A 20 -9.51 -1.10 -23.59
CA ASP A 20 -9.79 -1.99 -24.73
C ASP A 20 -9.49 -3.44 -24.37
N PHE A 21 -10.04 -4.36 -25.16
CA PHE A 21 -9.83 -5.78 -24.93
C PHE A 21 -8.34 -6.10 -24.82
N GLY A 22 -7.89 -6.37 -23.60
CA GLY A 22 -6.49 -6.69 -23.38
C GLY A 22 -5.76 -5.63 -22.61
N SER A 23 -6.45 -4.55 -22.24
CA SER A 23 -5.83 -3.46 -21.50
C SER A 23 -5.66 -3.82 -20.03
N SER A 24 -5.08 -2.91 -19.26
CA SER A 24 -4.87 -3.14 -17.84
C SER A 24 -4.93 -1.83 -17.06
N ILE A 25 -5.47 -1.90 -15.85
CA ILE A 25 -5.59 -0.71 -15.00
C ILE A 25 -4.65 -0.82 -13.80
N THR A 26 -4.52 0.26 -13.06
CA THR A 26 -3.66 0.27 -11.88
C THR A 26 -4.39 0.82 -10.65
N TYR A 27 -4.62 -0.05 -9.68
CA TYR A 27 -5.31 0.34 -8.46
C TYR A 27 -4.32 0.88 -7.42
N SER A 28 -4.73 1.91 -6.71
CA SER A 28 -3.89 2.51 -5.69
C SER A 28 -4.73 3.03 -4.52
N CYS A 29 -4.12 3.17 -3.36
CA CYS A 29 -4.83 3.67 -2.18
C CYS A 29 -4.94 5.19 -2.23
N ASN A 30 -5.74 5.75 -1.32
CA ASN A 30 -5.93 7.19 -1.26
C ASN A 30 -4.66 7.89 -0.79
N SER A 31 -4.40 7.81 0.50
CA SER A 31 -3.21 8.43 1.09
C SER A 31 -2.88 7.80 2.44
N GLY A 32 -1.58 7.59 2.68
CA GLY A 32 -1.16 6.98 3.92
C GLY A 32 -1.79 5.63 4.15
N TYR A 33 -2.18 4.99 3.06
CA TYR A 33 -2.82 3.68 3.13
C TYR A 33 -1.96 2.61 2.45
N HIS A 34 -2.36 1.36 2.62
CA HIS A 34 -1.65 0.25 2.00
C HIS A 34 -2.63 -0.69 1.29
N LEU A 35 -2.42 -0.90 0.00
CA LEU A 35 -3.28 -1.76 -0.78
C LEU A 35 -2.81 -3.21 -0.68
N ILE A 36 -3.76 -4.12 -0.46
CA ILE A 36 -3.44 -5.53 -0.33
C ILE A 36 -4.00 -6.33 -1.50
N GLY A 37 -3.39 -7.48 -1.75
CA GLY A 37 -3.84 -8.33 -2.85
C GLY A 37 -3.27 -7.88 -4.18
N GLU A 38 -4.16 -7.71 -5.17
CA GLU A 38 -3.74 -7.26 -6.48
C GLU A 38 -3.61 -5.75 -6.53
N SER A 39 -3.36 -5.21 -7.72
CA SER A 39 -3.22 -3.78 -7.90
C SER A 39 -3.38 -3.39 -9.36
N LYS A 40 -4.08 -4.22 -10.12
CA LYS A 40 -4.24 -3.99 -11.53
C LYS A 40 -5.37 -4.83 -12.11
N SER A 41 -6.31 -4.18 -12.79
CA SER A 41 -7.41 -4.88 -13.45
C SER A 41 -7.04 -5.12 -14.90
N TYR A 42 -7.34 -6.32 -15.41
CA TYR A 42 -7.00 -6.60 -16.80
C TYR A 42 -8.24 -6.81 -17.65
N CYS A 43 -8.40 -5.93 -18.65
CA CYS A 43 -9.53 -5.99 -19.56
C CYS A 43 -9.48 -7.26 -20.39
N GLU A 44 -10.14 -8.30 -19.91
CA GLU A 44 -10.18 -9.57 -20.61
C GLU A 44 -11.61 -10.00 -20.87
N LEU A 45 -11.75 -11.06 -21.64
CA LEU A 45 -13.06 -11.60 -21.98
C LEU A 45 -13.36 -12.85 -21.15
N GLY A 46 -14.63 -13.11 -20.90
CA GLY A 46 -15.00 -14.28 -20.12
C GLY A 46 -16.49 -14.54 -20.11
N SER A 47 -17.29 -13.48 -20.09
CA SER A 47 -18.74 -13.61 -20.06
C SER A 47 -19.26 -14.24 -21.36
N THR A 48 -19.02 -15.54 -21.51
CA THR A 48 -19.47 -16.27 -22.69
C THR A 48 -19.07 -15.55 -23.97
N GLY A 49 -17.98 -14.81 -23.91
CA GLY A 49 -17.51 -14.08 -25.08
C GLY A 49 -17.57 -12.57 -24.91
N SER A 50 -17.98 -12.12 -23.74
CA SER A 50 -18.08 -10.68 -23.46
C SER A 50 -16.72 -10.12 -23.04
N MET A 51 -16.74 -8.98 -22.38
CA MET A 51 -15.51 -8.35 -21.91
C MET A 51 -15.63 -7.98 -20.44
N VAL A 52 -14.82 -8.66 -19.63
CA VAL A 52 -14.82 -8.46 -18.19
C VAL A 52 -13.50 -7.81 -17.76
N TRP A 53 -13.32 -7.66 -16.46
CA TRP A 53 -12.11 -7.06 -15.92
C TRP A 53 -11.44 -7.98 -14.90
N ASN A 54 -10.18 -8.30 -15.15
CA ASN A 54 -9.42 -9.12 -14.23
C ASN A 54 -9.14 -8.33 -12.96
N PRO A 55 -8.66 -8.98 -11.88
CA PRO A 55 -8.37 -8.37 -10.57
C PRO A 55 -8.48 -6.86 -10.55
N GLU A 56 -9.69 -6.38 -10.24
CA GLU A 56 -10.00 -4.95 -10.21
C GLU A 56 -9.62 -4.30 -8.89
N ALA A 57 -10.56 -4.23 -7.94
CA ALA A 57 -10.34 -3.55 -6.67
C ALA A 57 -9.82 -4.50 -5.59
N PRO A 58 -8.53 -4.36 -5.21
CA PRO A 58 -7.93 -5.16 -4.15
C PRO A 58 -8.32 -4.62 -2.77
N ILE A 59 -7.46 -4.87 -1.78
CA ILE A 59 -7.73 -4.38 -0.42
C ILE A 59 -7.05 -3.03 -0.20
N CYS A 60 -7.39 -2.39 0.90
CA CYS A 60 -6.81 -1.09 1.23
C CYS A 60 -7.20 -0.68 2.65
N GLU A 61 -6.24 -0.12 3.38
CA GLU A 61 -6.48 0.33 4.75
C GLU A 61 -5.38 1.29 5.19
N SER A 62 -5.56 1.88 6.38
CA SER A 62 -4.57 2.80 6.90
C SER A 62 -3.38 2.06 7.49
N VAL A 63 -2.23 2.22 6.85
CA VAL A 63 -1.00 1.56 7.27
C VAL A 63 -0.85 1.53 8.78
N LYS A 64 -1.15 0.39 9.38
CA LYS A 64 -1.00 0.24 10.82
C LYS A 64 0.33 -0.41 11.16
N CYS A 65 1.29 0.39 11.62
CA CYS A 65 2.60 -0.11 11.99
C CYS A 65 2.63 -0.41 13.49
N GLN A 66 2.94 -1.67 13.82
CA GLN A 66 3.01 -2.06 15.22
C GLN A 66 4.22 -1.41 15.88
N SER A 67 4.72 -2.03 16.94
CA SER A 67 5.87 -1.50 17.65
C SER A 67 7.01 -1.20 16.67
N PRO A 68 7.75 -0.10 16.91
CA PRO A 68 8.87 0.30 16.04
C PRO A 68 9.95 -0.78 15.97
N PRO A 69 10.85 -0.69 14.98
CA PRO A 69 11.92 -1.67 14.81
C PRO A 69 12.57 -2.06 16.14
N SER A 70 13.22 -3.21 16.14
CA SER A 70 13.90 -3.70 17.33
C SER A 70 15.41 -3.63 17.16
N ILE A 71 15.99 -2.48 17.53
CA ILE A 71 17.43 -2.29 17.40
C ILE A 71 18.20 -3.14 18.39
N SER A 72 19.52 -3.17 18.22
CA SER A 72 20.38 -3.94 19.11
C SER A 72 20.83 -3.09 20.28
N ASN A 73 20.91 -3.71 21.46
CA ASN A 73 21.33 -3.02 22.66
C ASN A 73 20.45 -1.81 22.92
N GLY A 74 19.19 -1.88 22.50
CA GLY A 74 18.28 -0.78 22.71
C GLY A 74 16.82 -1.18 22.58
N ARG A 75 15.94 -0.19 22.58
CA ARG A 75 14.51 -0.42 22.47
C ARG A 75 13.78 0.85 22.11
N HIS A 76 12.46 0.77 22.08
CA HIS A 76 11.62 1.92 21.74
C HIS A 76 10.72 2.31 22.90
N ASN A 77 10.08 3.47 22.79
CA ASN A 77 9.19 3.95 23.83
C ASN A 77 7.73 3.65 23.48
N GLY A 78 7.13 4.53 22.69
CA GLY A 78 5.75 4.32 22.28
C GLY A 78 4.77 4.35 23.44
N TYR A 79 3.56 4.83 23.17
CA TYR A 79 2.52 4.90 24.19
C TYR A 79 1.40 3.93 23.88
N GLU A 80 1.11 3.77 22.59
CA GLU A 80 0.06 2.87 22.13
C GLU A 80 0.63 1.52 21.71
N ASP A 81 -0.22 0.68 21.14
CA ASP A 81 0.20 -0.64 20.69
C ASP A 81 0.45 -0.67 19.18
N PHE A 82 -0.17 0.26 18.47
CA PHE A 82 -0.01 0.35 17.02
C PHE A 82 0.30 1.78 16.59
N TYR A 83 0.46 1.98 15.29
CA TYR A 83 0.77 3.31 14.75
C TYR A 83 0.36 3.43 13.30
N THR A 84 0.21 4.65 12.81
CA THR A 84 -0.21 4.87 11.44
C THR A 84 0.49 6.06 10.80
N ASP A 85 0.12 6.34 9.55
CA ASP A 85 0.72 7.44 8.81
C ASP A 85 0.72 8.73 9.61
N GLY A 86 1.83 8.98 10.28
CA GLY A 86 1.96 10.20 11.05
C GLY A 86 2.25 9.96 12.51
N SER A 87 2.82 8.80 12.85
CA SER A 87 3.14 8.49 14.23
C SER A 87 4.64 8.49 14.45
N VAL A 88 5.06 8.89 15.64
CA VAL A 88 6.48 8.93 15.98
C VAL A 88 6.76 8.20 17.28
N VAL A 89 8.02 7.82 17.48
CA VAL A 89 8.44 7.12 18.68
C VAL A 89 9.91 7.41 18.98
N THR A 90 10.25 7.42 20.25
CA THR A 90 11.63 7.69 20.66
C THR A 90 12.31 6.43 21.17
N TYR A 91 13.45 6.13 20.58
CA TYR A 91 14.20 4.93 20.93
C TYR A 91 15.09 5.16 22.16
N SER A 92 15.52 4.07 22.78
CA SER A 92 16.36 4.16 23.96
C SER A 92 17.20 2.89 24.15
N CYS A 93 18.47 3.07 24.51
CA CYS A 93 19.37 1.95 24.72
C CYS A 93 18.97 1.17 25.97
N ASN A 94 19.39 -0.09 26.05
CA ASN A 94 19.08 -0.94 27.18
C ASN A 94 20.15 -0.87 28.26
N SER A 95 21.32 -1.44 27.96
CA SER A 95 22.43 -1.46 28.92
C SER A 95 22.91 -0.04 29.23
N GLY A 96 22.64 0.88 28.32
CA GLY A 96 23.07 2.26 28.52
C GLY A 96 23.96 2.77 27.41
N TYR A 97 23.74 2.26 26.21
CA TYR A 97 24.52 2.66 25.05
C TYR A 97 24.21 4.09 24.65
N SER A 98 24.80 4.53 23.55
CA SER A 98 24.56 5.86 23.03
C SER A 98 23.76 5.79 21.73
N LEU A 99 22.45 5.98 21.83
CA LEU A 99 21.58 5.88 20.68
C LEU A 99 22.10 6.68 19.51
N ILE A 100 22.10 6.04 18.36
CA ILE A 100 22.59 6.63 17.13
C ILE A 100 21.46 6.82 16.11
N GLY A 101 21.64 7.77 15.20
CA GLY A 101 20.62 8.02 14.19
C GLY A 101 19.35 8.61 14.75
N ASN A 102 19.49 9.25 15.90
CA ASN A 102 18.36 9.88 16.57
C ASN A 102 17.28 8.87 16.93
N SER A 103 16.77 8.99 18.15
CA SER A 103 15.75 8.09 18.65
C SER A 103 14.42 8.29 17.94
N GLY A 104 14.22 9.48 17.39
CA GLY A 104 12.98 9.77 16.70
C GLY A 104 12.76 8.90 15.48
N VAL A 105 11.65 8.17 15.47
CA VAL A 105 11.31 7.31 14.34
C VAL A 105 9.94 7.70 13.77
N LEU A 106 9.81 7.65 12.47
CA LEU A 106 8.55 8.03 11.81
C LEU A 106 7.76 6.80 11.38
N CYS A 107 6.48 6.80 11.71
CA CYS A 107 5.59 5.71 11.30
C CYS A 107 4.70 6.17 10.15
N SER A 108 5.01 5.72 8.94
CA SER A 108 4.22 6.11 7.77
C SER A 108 4.52 5.22 6.57
N GLY A 109 3.50 4.53 6.09
CA GLY A 109 3.67 3.67 4.94
C GLY A 109 3.76 2.20 5.30
N GLY A 110 3.26 1.86 6.49
CA GLY A 110 3.31 0.49 6.94
C GLY A 110 4.66 0.12 7.52
N GLU A 111 5.58 1.08 7.57
CA GLU A 111 6.91 0.84 8.10
C GLU A 111 7.45 2.06 8.83
N TRP A 112 8.57 1.88 9.52
CA TRP A 112 9.22 2.95 10.25
C TRP A 112 10.45 3.43 9.50
N SER A 113 10.71 4.73 9.57
CA SER A 113 11.87 5.31 8.88
C SER A 113 12.80 6.01 9.85
N ASP A 114 14.09 6.01 9.50
CA ASP A 114 15.10 6.67 10.32
C ASP A 114 15.28 5.99 11.68
N PRO A 115 15.33 4.65 11.73
CA PRO A 115 15.54 3.91 12.98
C PRO A 115 16.96 4.11 13.51
N PRO A 116 17.12 4.20 14.84
CA PRO A 116 18.42 4.43 15.45
C PRO A 116 19.17 3.16 15.80
N THR A 117 20.28 3.34 16.49
CA THR A 117 21.11 2.23 16.93
C THR A 117 21.52 2.45 18.38
N CYS A 118 22.60 1.80 18.81
CA CYS A 118 23.09 1.98 20.16
C CYS A 118 24.58 1.66 20.25
N GLN A 119 25.40 2.68 20.03
CA GLN A 119 26.84 2.54 20.08
C GLN A 119 27.42 3.31 21.25
N ILE A 120 28.63 2.95 21.64
CA ILE A 120 29.31 3.60 22.75
C ILE A 120 30.12 4.81 22.26
N ARG A 1 -21.35 -5.20 -25.78
CA ARG A 1 -21.95 -4.45 -24.69
C ARG A 1 -20.89 -4.06 -23.66
N ARG A 2 -20.93 -2.81 -23.21
CA ARG A 2 -20.00 -2.31 -22.20
C ARG A 2 -18.58 -2.81 -22.47
N CYS A 3 -17.75 -2.73 -21.43
CA CYS A 3 -16.37 -3.18 -21.53
C CYS A 3 -16.24 -4.62 -21.08
N PRO A 4 -15.12 -5.29 -21.42
CA PRO A 4 -14.88 -6.67 -21.03
C PRO A 4 -14.67 -6.79 -19.52
N SER A 5 -14.65 -8.01 -19.03
CA SER A 5 -14.48 -8.25 -17.60
C SER A 5 -13.29 -7.46 -17.05
N PRO A 6 -13.56 -6.37 -16.31
CA PRO A 6 -12.51 -5.53 -15.73
C PRO A 6 -11.33 -6.34 -15.22
N ARG A 7 -10.13 -5.76 -15.33
CA ARG A 7 -8.93 -6.42 -14.86
C ARG A 7 -8.95 -6.57 -13.35
N ASP A 8 -8.26 -7.58 -12.86
CA ASP A 8 -8.20 -7.85 -11.43
C ASP A 8 -6.90 -7.34 -10.82
N ILE A 9 -6.64 -7.75 -9.59
CA ILE A 9 -5.44 -7.32 -8.88
C ILE A 9 -5.20 -8.14 -7.63
N ASP A 10 -3.93 -8.39 -7.32
CA ASP A 10 -3.57 -9.12 -6.12
C ASP A 10 -3.26 -8.13 -5.00
N ASN A 11 -3.32 -8.61 -3.76
CA ASN A 11 -3.06 -7.75 -2.60
C ASN A 11 -3.86 -6.45 -2.70
N GLY A 12 -4.97 -6.51 -3.43
CA GLY A 12 -5.80 -5.33 -3.60
C GLY A 12 -7.22 -5.68 -4.01
N GLN A 13 -8.01 -4.64 -4.30
CA GLN A 13 -9.41 -4.85 -4.65
C GLN A 13 -9.80 -4.08 -5.91
N LEU A 14 -11.08 -4.07 -6.20
CA LEU A 14 -11.63 -3.37 -7.35
C LEU A 14 -12.95 -2.69 -6.99
N ASP A 15 -13.13 -1.48 -7.48
CA ASP A 15 -14.35 -0.73 -7.22
C ASP A 15 -15.06 -0.45 -8.53
N ILE A 16 -15.67 -1.48 -9.10
CA ILE A 16 -16.32 -1.37 -10.40
C ILE A 16 -17.73 -0.80 -10.29
N GLY A 17 -17.84 0.51 -10.47
CA GLY A 17 -19.13 1.16 -10.44
C GLY A 17 -19.80 1.15 -11.80
N GLY A 18 -19.24 0.38 -12.74
CA GLY A 18 -19.80 0.32 -14.07
C GLY A 18 -18.77 -0.12 -15.11
N VAL A 19 -19.22 -0.82 -16.14
CA VAL A 19 -18.33 -1.31 -17.18
C VAL A 19 -18.70 -0.77 -18.56
N ASP A 20 -19.76 0.04 -18.63
CA ASP A 20 -20.20 0.60 -19.91
C ASP A 20 -19.21 1.63 -20.44
N PHE A 21 -19.19 1.80 -21.75
CA PHE A 21 -18.29 2.76 -22.39
C PHE A 21 -18.37 4.11 -21.70
N GLY A 22 -17.30 4.47 -21.00
CA GLY A 22 -17.27 5.73 -20.29
C GLY A 22 -17.21 5.53 -18.78
N SER A 23 -17.40 4.29 -18.33
CA SER A 23 -17.36 4.00 -16.90
C SER A 23 -15.94 4.07 -16.37
N SER A 24 -15.78 3.86 -15.07
CA SER A 24 -14.46 3.91 -14.44
C SER A 24 -14.41 3.04 -13.19
N ILE A 25 -13.30 2.32 -13.01
CA ILE A 25 -13.13 1.47 -11.84
C ILE A 25 -12.19 2.12 -10.83
N THR A 26 -12.17 1.60 -9.61
CA THR A 26 -11.30 2.11 -8.57
C THR A 26 -10.53 0.98 -7.90
N TYR A 27 -9.22 0.95 -8.15
CA TYR A 27 -8.37 -0.09 -7.58
C TYR A 27 -7.95 0.25 -6.16
N SER A 28 -7.79 -0.78 -5.32
CA SER A 28 -7.40 -0.57 -3.94
C SER A 28 -6.54 -1.72 -3.43
N CYS A 29 -6.00 -1.55 -2.22
CA CYS A 29 -5.17 -2.58 -1.61
C CYS A 29 -6.00 -3.43 -0.66
N ASN A 30 -5.53 -4.66 -0.41
CA ASN A 30 -6.25 -5.58 0.47
C ASN A 30 -6.49 -4.96 1.84
N SER A 31 -5.51 -5.09 2.73
CA SER A 31 -5.62 -4.55 4.08
C SER A 31 -4.25 -4.20 4.63
N GLY A 32 -4.14 -3.03 5.25
CA GLY A 32 -2.86 -2.60 5.80
C GLY A 32 -1.81 -2.46 4.72
N TYR A 33 -2.26 -2.24 3.49
CA TYR A 33 -1.36 -2.09 2.36
C TYR A 33 -1.46 -0.69 1.76
N HIS A 34 -0.61 -0.40 0.78
CA HIS A 34 -0.64 0.88 0.10
C HIS A 34 -0.47 0.69 -1.40
N LEU A 35 -1.50 1.06 -2.15
CA LEU A 35 -1.49 0.92 -3.59
C LEU A 35 -0.66 2.02 -4.23
N ILE A 36 0.32 1.62 -5.03
CA ILE A 36 1.20 2.59 -5.68
C ILE A 36 0.73 2.88 -7.10
N GLY A 37 1.06 4.08 -7.58
CA GLY A 37 0.66 4.46 -8.93
C GLY A 37 -0.81 4.83 -8.99
N GLU A 38 -1.42 4.61 -10.16
CA GLU A 38 -2.83 4.91 -10.34
C GLU A 38 -3.68 4.09 -9.39
N SER A 39 -5.00 4.30 -9.45
CA SER A 39 -5.92 3.60 -8.57
C SER A 39 -7.30 3.46 -9.22
N LYS A 40 -7.34 3.58 -10.54
CA LYS A 40 -8.60 3.50 -11.26
C LYS A 40 -8.46 2.78 -12.60
N SER A 41 -9.54 2.78 -13.36
CA SER A 41 -9.57 2.14 -14.67
C SER A 41 -10.73 2.68 -15.48
N TYR A 42 -10.43 3.47 -16.50
CA TYR A 42 -11.47 4.09 -17.31
C TYR A 42 -11.83 3.23 -18.51
N CYS A 43 -13.08 2.80 -18.56
CA CYS A 43 -13.58 1.99 -19.66
C CYS A 43 -13.56 2.79 -20.95
N GLU A 44 -12.45 2.70 -21.66
CA GLU A 44 -12.29 3.43 -22.91
C GLU A 44 -12.13 2.45 -24.07
N LEU A 45 -12.07 2.99 -25.27
CA LEU A 45 -11.96 2.20 -26.48
C LEU A 45 -10.50 1.91 -26.82
N GLY A 46 -10.24 0.73 -27.37
CA GLY A 46 -8.90 0.35 -27.74
C GLY A 46 -8.40 1.09 -28.97
N SER A 47 -8.22 0.34 -30.06
CA SER A 47 -7.74 0.93 -31.31
C SER A 47 -8.65 0.55 -32.47
N THR A 48 -9.07 -0.71 -32.50
CA THR A 48 -9.95 -1.20 -33.57
C THR A 48 -11.41 -1.06 -33.17
N GLY A 49 -11.80 0.12 -32.71
CA GLY A 49 -13.16 0.37 -32.32
C GLY A 49 -13.65 -0.62 -31.28
N SER A 50 -12.75 -1.05 -30.40
CA SER A 50 -13.08 -1.99 -29.34
C SER A 50 -13.16 -1.30 -27.99
N MET A 51 -13.35 -2.11 -26.94
CA MET A 51 -13.43 -1.58 -25.58
C MET A 51 -12.26 -2.09 -24.76
N VAL A 52 -11.78 -1.26 -23.83
CA VAL A 52 -10.66 -1.62 -22.99
C VAL A 52 -10.73 -0.91 -21.65
N TRP A 53 -9.72 -1.12 -20.81
CA TRP A 53 -9.68 -0.51 -19.49
C TRP A 53 -8.32 0.14 -19.24
N ASN A 54 -8.34 1.43 -18.91
CA ASN A 54 -7.10 2.16 -18.66
C ASN A 54 -7.28 3.18 -17.53
N PRO A 55 -6.41 3.15 -16.49
CA PRO A 55 -5.31 2.19 -16.37
C PRO A 55 -5.82 0.77 -16.08
N GLU A 56 -4.92 -0.09 -15.60
CA GLU A 56 -5.29 -1.46 -15.29
C GLU A 56 -5.23 -1.73 -13.77
N ALA A 57 -4.31 -2.59 -13.32
CA ALA A 57 -4.17 -2.93 -11.92
C ALA A 57 -2.80 -2.54 -11.41
N PRO A 58 -2.65 -1.28 -10.95
CA PRO A 58 -1.38 -0.74 -10.42
C PRO A 58 -0.72 -1.64 -9.38
N ILE A 59 0.14 -1.03 -8.56
CA ILE A 59 0.90 -1.76 -7.56
C ILE A 59 0.19 -1.78 -6.21
N CYS A 60 0.64 -2.66 -5.33
CA CYS A 60 0.10 -2.79 -3.98
C CYS A 60 1.08 -3.53 -3.09
N GLU A 61 1.22 -3.04 -1.85
CA GLU A 61 2.13 -3.67 -0.90
C GLU A 61 1.82 -3.24 0.53
N SER A 62 2.64 -3.71 1.48
CA SER A 62 2.44 -3.37 2.88
C SER A 62 3.08 -2.03 3.22
N VAL A 63 2.33 -1.19 3.90
CA VAL A 63 2.79 0.13 4.31
C VAL A 63 4.19 0.08 4.89
N LYS A 64 5.17 0.45 4.08
CA LYS A 64 6.57 0.46 4.51
C LYS A 64 6.84 1.59 5.50
N CYS A 65 7.34 1.23 6.68
CA CYS A 65 7.68 2.20 7.70
C CYS A 65 9.20 2.38 7.76
N GLN A 66 9.66 3.61 7.58
CA GLN A 66 11.07 3.90 7.61
C GLN A 66 11.61 3.75 9.03
N SER A 67 12.72 4.42 9.33
CA SER A 67 13.30 4.35 10.66
C SER A 67 12.26 4.68 11.71
N PRO A 68 12.34 4.03 12.89
CA PRO A 68 11.39 4.26 13.98
C PRO A 68 11.42 5.70 14.50
N PRO A 69 10.41 6.10 15.27
CA PRO A 69 10.31 7.46 15.81
C PRO A 69 11.64 7.96 16.36
N SER A 70 11.74 9.29 16.49
CA SER A 70 12.95 9.91 17.02
C SER A 70 12.69 10.45 18.42
N ILE A 71 12.94 9.62 19.42
CA ILE A 71 12.71 10.01 20.82
C ILE A 71 13.72 11.06 21.26
N SER A 72 13.53 11.57 22.47
CA SER A 72 14.42 12.58 23.03
C SER A 72 15.49 11.93 23.90
N ASN A 73 16.70 12.47 23.85
CA ASN A 73 17.80 11.94 24.64
C ASN A 73 18.01 10.46 24.37
N GLY A 74 17.69 10.05 23.15
CA GLY A 74 17.87 8.65 22.76
C GLY A 74 17.74 8.44 21.27
N ARG A 75 17.69 7.18 20.86
CA ARG A 75 17.56 6.84 19.45
C ARG A 75 17.13 5.40 19.26
N HIS A 76 17.06 4.97 18.01
CA HIS A 76 16.64 3.63 17.67
C HIS A 76 17.81 2.78 17.19
N ASN A 77 17.58 1.49 16.98
CA ASN A 77 18.62 0.59 16.51
C ASN A 77 18.41 0.26 15.03
N GLY A 78 17.58 -0.74 14.76
CA GLY A 78 17.29 -1.12 13.39
C GLY A 78 18.53 -1.56 12.63
N TYR A 79 18.37 -2.58 11.79
CA TYR A 79 19.47 -3.10 10.99
C TYR A 79 19.25 -2.78 9.52
N GLU A 80 17.99 -2.74 9.12
CA GLU A 80 17.63 -2.44 7.75
C GLU A 80 17.32 -0.96 7.57
N ASP A 81 16.82 -0.60 6.40
CA ASP A 81 16.49 0.79 6.11
C ASP A 81 14.99 1.03 6.14
N PHE A 82 14.20 -0.04 6.11
CA PHE A 82 12.75 0.07 6.12
C PHE A 82 12.11 -1.00 6.99
N TYR A 83 10.78 -0.95 7.10
CA TYR A 83 10.05 -1.90 7.91
C TYR A 83 8.59 -2.01 7.44
N THR A 84 7.90 -3.05 7.90
CA THR A 84 6.50 -3.25 7.51
C THR A 84 5.70 -3.93 8.61
N ASP A 85 4.45 -4.25 8.31
CA ASP A 85 3.56 -4.89 9.28
C ASP A 85 4.19 -6.15 9.86
N GLY A 86 4.83 -5.98 10.99
CA GLY A 86 5.43 -7.11 11.67
C GLY A 86 6.92 -6.92 11.93
N SER A 87 7.38 -5.67 11.95
CA SER A 87 8.79 -5.39 12.20
C SER A 87 8.98 -4.74 13.56
N VAL A 88 10.08 -5.05 14.22
CA VAL A 88 10.36 -4.50 15.54
C VAL A 88 11.75 -3.87 15.58
N VAL A 89 11.93 -2.93 16.50
CA VAL A 89 13.22 -2.25 16.67
C VAL A 89 13.46 -1.89 18.14
N THR A 90 14.72 -1.93 18.54
CA THR A 90 15.10 -1.62 19.91
C THR A 90 15.66 -0.21 20.01
N TYR A 91 15.20 0.54 21.00
CA TYR A 91 15.65 1.91 21.21
C TYR A 91 16.80 1.96 22.21
N SER A 92 17.57 3.03 22.18
CA SER A 92 18.69 3.19 23.09
C SER A 92 19.01 4.66 23.33
N CYS A 93 19.33 5.00 24.57
CA CYS A 93 19.67 6.37 24.94
C CYS A 93 21.02 6.77 24.36
N ASN A 94 21.20 8.07 24.11
CA ASN A 94 22.43 8.58 23.53
C ASN A 94 23.41 9.01 24.61
N SER A 95 22.95 9.89 25.47
CA SER A 95 23.78 10.42 26.55
C SER A 95 23.99 9.40 27.66
N GLY A 96 23.20 8.34 27.65
CA GLY A 96 23.31 7.32 28.68
C GLY A 96 22.11 7.30 29.60
N TYR A 97 20.99 7.79 29.09
CA TYR A 97 19.75 7.85 29.88
C TYR A 97 19.21 6.45 30.12
N SER A 98 18.01 6.39 30.70
CA SER A 98 17.37 5.11 31.00
C SER A 98 16.17 4.86 30.09
N LEU A 99 16.35 3.95 29.14
CA LEU A 99 15.30 3.58 28.21
C LEU A 99 13.98 3.36 28.94
N ILE A 100 13.02 4.24 28.67
CA ILE A 100 11.71 4.17 29.29
C ILE A 100 10.80 3.24 28.51
N GLY A 101 9.78 2.72 29.17
CA GLY A 101 8.86 1.81 28.52
C GLY A 101 9.58 0.59 27.97
N ASN A 102 9.31 0.27 26.71
CA ASN A 102 9.94 -0.87 26.07
C ASN A 102 10.79 -0.42 24.88
N SER A 103 12.06 -0.84 24.88
CA SER A 103 12.96 -0.50 23.79
C SER A 103 12.41 -0.99 22.46
N GLY A 104 11.62 -2.06 22.54
CA GLY A 104 11.03 -2.64 21.35
C GLY A 104 9.88 -1.80 20.81
N VAL A 105 9.90 -1.54 19.51
CA VAL A 105 8.84 -0.76 18.86
C VAL A 105 8.25 -1.55 17.70
N LEU A 106 6.93 -1.70 17.70
CA LEU A 106 6.26 -2.46 16.65
C LEU A 106 6.07 -1.62 15.39
N CYS A 107 6.36 -2.21 14.25
CA CYS A 107 6.16 -1.56 12.96
C CYS A 107 4.98 -2.19 12.23
N SER A 108 3.87 -1.45 12.15
CA SER A 108 2.68 -1.94 11.49
C SER A 108 1.71 -0.81 11.18
N GLY A 109 1.26 -0.74 9.93
CA GLY A 109 0.34 0.30 9.54
C GLY A 109 1.06 1.57 9.12
N GLY A 110 2.25 1.41 8.56
CA GLY A 110 3.04 2.56 8.15
C GLY A 110 3.42 3.44 9.33
N GLU A 111 3.36 2.86 10.53
CA GLU A 111 3.69 3.61 11.74
C GLU A 111 4.35 2.71 12.77
N TRP A 112 4.72 3.31 13.89
CA TRP A 112 5.37 2.59 14.97
C TRP A 112 4.58 2.70 16.25
N SER A 113 4.58 1.63 17.05
CA SER A 113 3.84 1.62 18.30
C SER A 113 4.74 1.27 19.48
N ASP A 114 4.20 1.50 20.69
CA ASP A 114 4.92 1.20 21.92
C ASP A 114 6.36 1.72 21.91
N PRO A 115 6.55 3.01 21.59
CA PRO A 115 7.88 3.64 21.58
C PRO A 115 8.32 4.04 22.98
N PRO A 116 9.62 3.91 23.28
CA PRO A 116 10.16 4.23 24.60
C PRO A 116 10.63 5.67 24.76
N THR A 117 11.26 5.93 25.88
CA THR A 117 11.82 7.24 26.18
C THR A 117 13.18 7.09 26.84
N CYS A 118 13.76 8.21 27.26
CA CYS A 118 15.07 8.19 27.89
C CYS A 118 15.14 9.18 29.05
N GLN A 119 14.92 8.67 30.25
CA GLN A 119 14.95 9.48 31.45
C GLN A 119 15.99 8.96 32.44
N ILE A 120 16.28 9.78 33.45
CA ILE A 120 17.25 9.41 34.47
C ILE A 120 16.56 8.78 35.68
N ARG A 1 -17.55 -2.42 -29.19
CA ARG A 1 -18.32 -2.63 -27.97
C ARG A 1 -17.44 -3.14 -26.84
N ARG A 2 -16.70 -2.23 -26.22
CA ARG A 2 -15.81 -2.59 -25.12
C ARG A 2 -16.38 -2.12 -23.78
N CYS A 3 -15.63 -2.34 -22.72
CA CYS A 3 -16.04 -1.91 -21.39
C CYS A 3 -15.79 -0.40 -21.24
N PRO A 4 -16.18 0.22 -20.12
CA PRO A 4 -16.00 1.63 -19.91
C PRO A 4 -14.68 1.94 -19.22
N SER A 5 -14.38 3.22 -19.05
CA SER A 5 -13.15 3.64 -18.40
C SER A 5 -13.03 2.96 -17.04
N PRO A 6 -12.13 1.95 -16.91
CA PRO A 6 -11.95 1.23 -15.65
C PRO A 6 -11.67 2.18 -14.50
N ARG A 7 -12.22 1.87 -13.34
CA ARG A 7 -12.04 2.71 -12.16
C ARG A 7 -10.59 3.08 -11.95
N ASP A 8 -10.36 4.36 -11.96
CA ASP A 8 -9.04 4.96 -11.82
C ASP A 8 -8.36 4.58 -10.52
N ILE A 9 -9.19 4.40 -9.51
CA ILE A 9 -8.75 4.13 -8.15
C ILE A 9 -7.85 5.24 -7.62
N ASP A 10 -8.00 5.56 -6.34
CA ASP A 10 -7.18 6.58 -5.72
C ASP A 10 -5.96 5.94 -5.08
N ASN A 11 -4.94 6.76 -4.84
CA ASN A 11 -3.71 6.29 -4.22
C ASN A 11 -3.18 5.05 -4.95
N GLY A 12 -3.55 4.90 -6.22
CA GLY A 12 -3.12 3.75 -7.00
C GLY A 12 -3.08 4.03 -8.49
N GLN A 13 -2.65 3.04 -9.26
CA GLN A 13 -2.57 3.18 -10.72
C GLN A 13 -3.04 1.90 -11.40
N LEU A 14 -3.74 2.06 -12.51
CA LEU A 14 -4.27 0.92 -13.25
C LEU A 14 -3.27 0.41 -14.28
N ASP A 15 -3.41 -0.86 -14.64
CA ASP A 15 -2.58 -1.47 -15.67
C ASP A 15 -3.47 -2.08 -16.74
N ILE A 16 -4.06 -1.21 -17.56
CA ILE A 16 -4.99 -1.64 -18.58
C ILE A 16 -4.28 -2.25 -19.79
N GLY A 17 -4.36 -3.57 -19.89
CA GLY A 17 -3.79 -4.25 -21.03
C GLY A 17 -4.84 -4.64 -22.04
N GLY A 18 -6.04 -4.07 -21.91
CA GLY A 18 -7.13 -4.37 -22.82
C GLY A 18 -8.48 -4.09 -22.20
N VAL A 19 -9.35 -3.41 -22.94
CA VAL A 19 -10.68 -3.06 -22.45
C VAL A 19 -11.79 -3.80 -23.20
N ASP A 20 -11.40 -4.78 -24.03
CA ASP A 20 -12.38 -5.54 -24.81
C ASP A 20 -13.15 -6.52 -23.91
N PHE A 21 -14.34 -6.90 -24.36
CA PHE A 21 -15.17 -7.83 -23.61
C PHE A 21 -14.42 -9.11 -23.31
N GLY A 22 -13.77 -9.16 -22.16
CA GLY A 22 -13.01 -10.33 -21.78
C GLY A 22 -11.60 -9.99 -21.34
N SER A 23 -11.14 -8.80 -21.69
CA SER A 23 -9.79 -8.35 -21.31
C SER A 23 -9.61 -8.39 -19.80
N SER A 24 -8.48 -7.89 -19.33
CA SER A 24 -8.20 -7.86 -17.90
C SER A 24 -7.28 -6.69 -17.53
N ILE A 25 -7.42 -6.19 -16.31
CA ILE A 25 -6.60 -5.08 -15.83
C ILE A 25 -5.82 -5.48 -14.58
N THR A 26 -4.85 -4.66 -14.22
CA THR A 26 -4.04 -4.91 -13.02
C THR A 26 -3.99 -3.66 -12.15
N TYR A 27 -4.68 -3.70 -11.01
CA TYR A 27 -4.71 -2.57 -10.10
C TYR A 27 -3.51 -2.57 -9.17
N SER A 28 -3.00 -1.38 -8.87
CA SER A 28 -1.84 -1.26 -7.98
C SER A 28 -1.85 0.09 -7.26
N CYS A 29 -1.16 0.13 -6.12
CA CYS A 29 -1.07 1.35 -5.32
C CYS A 29 0.02 2.27 -5.86
N ASN A 30 -0.05 3.53 -5.47
CA ASN A 30 0.92 4.52 -5.92
C ASN A 30 2.35 4.09 -5.58
N SER A 31 2.82 4.47 -4.39
CA SER A 31 4.17 4.12 -3.96
C SER A 31 4.23 4.03 -2.44
N GLY A 32 4.90 3.01 -1.93
CA GLY A 32 5.00 2.82 -0.50
C GLY A 32 3.65 2.54 0.14
N TYR A 33 2.68 2.15 -0.69
CA TYR A 33 1.34 1.87 -0.20
C TYR A 33 1.07 0.36 -0.21
N HIS A 34 -0.17 -0.02 0.08
CA HIS A 34 -0.55 -1.42 0.08
C HIS A 34 -2.00 -1.58 -0.37
N LEU A 35 -2.18 -2.19 -1.53
CA LEU A 35 -3.51 -2.41 -2.08
C LEU A 35 -4.17 -3.61 -1.41
N ILE A 36 -5.36 -3.40 -0.86
CA ILE A 36 -6.08 -4.47 -0.17
C ILE A 36 -7.12 -5.10 -1.08
N GLY A 37 -7.65 -6.24 -0.65
CA GLY A 37 -8.65 -6.93 -1.43
C GLY A 37 -8.09 -7.49 -2.73
N GLU A 38 -8.77 -7.20 -3.84
CA GLU A 38 -8.34 -7.68 -5.15
C GLU A 38 -7.28 -6.74 -5.73
N SER A 39 -6.82 -7.07 -6.94
CA SER A 39 -5.81 -6.26 -7.62
C SER A 39 -5.90 -6.45 -9.13
N LYS A 40 -7.08 -6.81 -9.61
CA LYS A 40 -7.29 -7.03 -11.03
C LYS A 40 -8.72 -6.71 -11.43
N SER A 41 -8.97 -6.65 -12.73
CA SER A 41 -10.29 -6.36 -13.25
C SER A 41 -10.49 -7.05 -14.60
N TYR A 42 -11.48 -7.92 -14.68
CA TYR A 42 -11.74 -8.64 -15.92
C TYR A 42 -12.95 -8.06 -16.64
N CYS A 43 -12.70 -7.53 -17.83
CA CYS A 43 -13.75 -6.94 -18.64
C CYS A 43 -14.82 -7.98 -18.95
N GLU A 44 -15.91 -7.93 -18.21
CA GLU A 44 -16.99 -8.89 -18.37
C GLU A 44 -18.29 -8.20 -18.76
N LEU A 45 -19.37 -8.97 -18.75
CA LEU A 45 -20.68 -8.44 -19.10
C LEU A 45 -21.52 -8.18 -17.85
N GLY A 46 -22.36 -7.16 -17.91
CA GLY A 46 -23.19 -6.81 -16.77
C GLY A 46 -24.35 -7.77 -16.60
N SER A 47 -25.49 -7.25 -16.15
CA SER A 47 -26.67 -8.07 -15.94
C SER A 47 -27.57 -8.06 -17.17
N THR A 48 -27.67 -6.90 -17.83
CA THR A 48 -28.50 -6.77 -19.01
C THR A 48 -27.68 -6.95 -20.29
N GLY A 49 -26.78 -7.93 -20.28
CA GLY A 49 -25.96 -8.20 -21.44
C GLY A 49 -25.05 -7.04 -21.79
N SER A 50 -24.81 -6.16 -20.83
CA SER A 50 -23.92 -5.01 -21.05
C SER A 50 -22.47 -5.40 -20.82
N MET A 51 -21.63 -4.38 -20.60
CA MET A 51 -20.21 -4.61 -20.34
C MET A 51 -19.80 -3.98 -19.03
N VAL A 52 -19.05 -4.73 -18.22
CA VAL A 52 -18.59 -4.23 -16.92
C VAL A 52 -17.20 -4.75 -16.60
N TRP A 53 -16.71 -4.37 -15.42
CA TRP A 53 -15.39 -4.80 -14.96
C TRP A 53 -15.50 -5.57 -13.65
N ASN A 54 -14.99 -6.80 -13.64
CA ASN A 54 -15.06 -7.63 -12.45
C ASN A 54 -13.76 -8.40 -12.23
N PRO A 55 -13.07 -8.19 -11.09
CA PRO A 55 -13.49 -7.24 -10.05
C PRO A 55 -13.28 -5.79 -10.48
N GLU A 56 -13.44 -4.87 -9.54
CA GLU A 56 -13.26 -3.45 -9.81
C GLU A 56 -12.02 -2.91 -9.11
N ALA A 57 -12.01 -1.62 -8.83
CA ALA A 57 -10.88 -0.97 -8.15
C ALA A 57 -10.86 -1.37 -6.68
N PRO A 58 -9.84 -2.14 -6.25
CA PRO A 58 -9.72 -2.60 -4.87
C PRO A 58 -9.38 -1.46 -3.91
N ILE A 59 -8.69 -1.80 -2.82
CA ILE A 59 -8.32 -0.82 -1.82
C ILE A 59 -6.87 -0.36 -1.97
N CYS A 60 -6.52 0.74 -1.30
CA CYS A 60 -5.18 1.28 -1.34
C CYS A 60 -4.95 2.22 -0.17
N GLU A 61 -3.78 2.11 0.46
CA GLU A 61 -3.45 2.98 1.59
C GLU A 61 -1.95 2.95 1.87
N SER A 62 -1.53 3.75 2.84
CA SER A 62 -0.12 3.82 3.20
C SER A 62 0.20 2.88 4.37
N VAL A 63 1.06 1.91 4.11
CA VAL A 63 1.45 0.93 5.12
C VAL A 63 1.67 1.58 6.48
N LYS A 64 0.63 1.58 7.30
CA LYS A 64 0.69 2.21 8.62
C LYS A 64 1.57 1.41 9.57
N CYS A 65 2.59 2.07 10.10
CA CYS A 65 3.49 1.43 11.06
C CYS A 65 3.20 1.97 12.46
N GLN A 66 2.74 1.09 13.34
CA GLN A 66 2.41 1.51 14.70
C GLN A 66 3.68 1.85 15.48
N SER A 67 3.58 1.79 16.80
CA SER A 67 4.71 2.11 17.67
C SER A 67 5.98 1.40 17.20
N PRO A 68 7.13 2.11 17.19
CA PRO A 68 8.40 1.53 16.78
C PRO A 68 8.78 0.32 17.63
N PRO A 69 9.72 -0.52 17.14
CA PRO A 69 10.16 -1.71 17.86
C PRO A 69 10.31 -1.49 19.36
N SER A 70 10.23 -2.57 20.12
CA SER A 70 10.36 -2.50 21.57
C SER A 70 11.70 -3.09 22.01
N ILE A 71 12.72 -2.24 22.07
CA ILE A 71 14.05 -2.68 22.46
C ILE A 71 14.10 -3.03 23.95
N SER A 72 15.24 -3.54 24.38
CA SER A 72 15.43 -3.92 25.78
C SER A 72 16.16 -2.82 26.55
N ASN A 73 15.70 -2.58 27.76
CA ASN A 73 16.31 -1.56 28.62
C ASN A 73 16.08 -0.16 28.04
N GLY A 74 15.00 -0.01 27.28
CA GLY A 74 14.71 1.27 26.68
C GLY A 74 13.35 1.31 26.00
N ARG A 75 13.14 2.33 25.18
CA ARG A 75 11.88 2.50 24.47
C ARG A 75 12.02 3.56 23.40
N HIS A 76 10.91 3.87 22.73
CA HIS A 76 10.91 4.87 21.68
C HIS A 76 10.27 6.18 22.15
N ASN A 77 10.34 7.20 21.31
CA ASN A 77 9.76 8.49 21.63
C ASN A 77 8.40 8.66 20.95
N GLY A 78 8.43 9.09 19.69
CA GLY A 78 7.20 9.24 18.95
C GLY A 78 6.24 10.25 19.56
N TYR A 79 5.45 10.89 18.72
CA TYR A 79 4.48 11.87 19.18
C TYR A 79 3.06 11.37 18.95
N GLU A 80 2.88 10.62 17.88
CA GLU A 80 1.57 10.07 17.52
C GLU A 80 1.45 8.63 17.98
N ASP A 81 0.37 7.97 17.58
CA ASP A 81 0.13 6.58 17.94
C ASP A 81 0.44 5.65 16.78
N PHE A 82 0.39 6.18 15.57
CA PHE A 82 0.67 5.41 14.37
C PHE A 82 1.68 6.12 13.48
N TYR A 83 2.09 5.48 12.40
CA TYR A 83 3.06 6.06 11.48
C TYR A 83 2.86 5.54 10.06
N THR A 84 3.45 6.23 9.09
CA THR A 84 3.32 5.84 7.69
C THR A 84 4.69 5.80 7.01
N ASP A 85 4.73 5.23 5.82
CA ASP A 85 5.97 5.12 5.06
C ASP A 85 6.61 6.49 4.89
N GLY A 86 7.53 6.80 5.79
CA GLY A 86 8.24 8.06 5.73
C GLY A 86 8.25 8.80 7.05
N SER A 87 8.13 8.07 8.17
CA SER A 87 8.14 8.68 9.49
C SER A 87 9.42 8.34 10.23
N VAL A 88 9.72 9.10 11.27
CA VAL A 88 10.93 8.88 12.07
C VAL A 88 10.63 8.96 13.56
N VAL A 89 11.46 8.29 14.35
CA VAL A 89 11.31 8.27 15.80
C VAL A 89 12.66 8.10 16.48
N THR A 90 12.81 8.70 17.65
CA THR A 90 14.05 8.60 18.41
C THR A 90 13.88 7.66 19.60
N TYR A 91 14.83 6.76 19.77
CA TYR A 91 14.79 5.79 20.86
C TYR A 91 15.50 6.31 22.10
N SER A 92 15.16 5.74 23.25
CA SER A 92 15.76 6.15 24.51
C SER A 92 15.66 5.05 25.55
N CYS A 93 16.62 5.00 26.47
CA CYS A 93 16.64 3.99 27.52
C CYS A 93 15.69 4.35 28.65
N ASN A 94 15.29 3.34 29.43
CA ASN A 94 14.36 3.54 30.52
C ASN A 94 15.07 4.04 31.78
N SER A 95 15.89 3.18 32.37
CA SER A 95 16.60 3.51 33.60
C SER A 95 17.73 4.50 33.33
N GLY A 96 18.24 4.49 32.11
CA GLY A 96 19.32 5.39 31.76
C GLY A 96 20.51 4.67 31.15
N TYR A 97 20.23 3.65 30.35
CA TYR A 97 21.27 2.89 29.69
C TYR A 97 21.96 3.73 28.63
N SER A 98 22.84 3.10 27.87
CA SER A 98 23.54 3.79 26.79
C SER A 98 23.02 3.31 25.45
N LEU A 99 22.13 4.09 24.85
CA LEU A 99 21.52 3.72 23.58
C LEU A 99 22.57 3.27 22.58
N ILE A 100 22.33 2.09 22.03
CA ILE A 100 23.22 1.52 21.04
C ILE A 100 22.78 1.93 19.64
N GLY A 101 23.74 1.99 18.72
CA GLY A 101 23.42 2.38 17.36
C GLY A 101 22.86 3.79 17.30
N ASN A 102 21.80 3.96 16.50
CA ASN A 102 21.18 5.26 16.35
C ASN A 102 19.77 5.28 16.95
N SER A 103 19.46 6.37 17.65
CA SER A 103 18.16 6.52 18.27
C SER A 103 17.07 6.68 17.22
N GLY A 104 17.47 7.21 16.06
CA GLY A 104 16.52 7.42 14.98
C GLY A 104 16.06 6.13 14.32
N VAL A 105 14.77 6.07 14.01
CA VAL A 105 14.21 4.90 13.36
C VAL A 105 13.28 5.31 12.22
N LEU A 106 13.50 4.75 11.03
CA LEU A 106 12.71 5.09 9.87
C LEU A 106 11.46 4.22 9.75
N CYS A 107 10.30 4.87 9.65
CA CYS A 107 9.04 4.16 9.46
C CYS A 107 8.77 4.01 7.97
N SER A 108 9.04 2.82 7.46
CA SER A 108 8.86 2.56 6.03
C SER A 108 8.35 1.14 5.79
N GLY A 109 7.79 0.92 4.62
CA GLY A 109 7.27 -0.38 4.25
C GLY A 109 6.42 -0.99 5.34
N GLY A 110 5.75 -0.15 6.13
CA GLY A 110 4.93 -0.64 7.21
C GLY A 110 5.75 -1.24 8.33
N GLU A 111 7.03 -0.90 8.37
CA GLU A 111 7.94 -1.40 9.39
C GLU A 111 8.96 -0.34 9.78
N TRP A 112 9.84 -0.68 10.71
CA TRP A 112 10.85 0.25 11.18
C TRP A 112 12.24 -0.25 10.85
N SER A 113 13.18 0.68 10.68
CA SER A 113 14.55 0.33 10.34
C SER A 113 15.55 1.10 11.21
N ASP A 114 16.74 0.54 11.35
CA ASP A 114 17.80 1.16 12.13
C ASP A 114 17.40 1.32 13.60
N PRO A 115 16.85 0.26 14.21
CA PRO A 115 16.47 0.28 15.64
C PRO A 115 17.68 0.10 16.54
N PRO A 116 17.77 0.88 17.63
CA PRO A 116 18.90 0.83 18.55
C PRO A 116 18.69 -0.13 19.70
N THR A 117 19.64 -0.11 20.62
CA THR A 117 19.58 -0.92 21.83
C THR A 117 19.84 -0.04 23.04
N CYS A 118 19.98 -0.65 24.20
CA CYS A 118 20.25 0.09 25.42
C CYS A 118 21.18 -0.70 26.32
N GLN A 119 22.48 -0.52 26.12
CA GLN A 119 23.48 -1.24 26.88
C GLN A 119 24.35 -0.31 27.69
N ILE A 120 25.30 -0.89 28.40
CA ILE A 120 26.22 -0.13 29.23
C ILE A 120 27.59 -0.03 28.59
N ARG A 1 21.83 3.06 26.56
CA ARG A 1 20.59 2.34 26.83
C ARG A 1 19.61 2.47 25.67
N ARG A 2 19.76 1.61 24.67
CA ARG A 2 18.89 1.64 23.50
C ARG A 2 17.44 1.41 23.89
N CYS A 3 16.55 1.48 22.91
CA CYS A 3 15.12 1.29 23.16
C CYS A 3 14.73 -0.17 22.98
N PRO A 4 13.59 -0.58 23.56
CA PRO A 4 13.09 -1.96 23.47
C PRO A 4 12.59 -2.28 22.07
N SER A 5 12.34 -3.56 21.83
CA SER A 5 11.83 -4.01 20.53
C SER A 5 10.63 -3.16 20.10
N PRO A 6 10.84 -2.23 19.15
CA PRO A 6 9.75 -1.36 18.67
C PRO A 6 8.65 -2.15 17.98
N ARG A 7 7.47 -1.57 17.92
CA ARG A 7 6.33 -2.21 17.27
C ARG A 7 6.71 -2.67 15.88
N ASP A 8 5.76 -3.26 15.17
CA ASP A 8 6.03 -3.78 13.83
C ASP A 8 4.88 -3.54 12.85
N ILE A 9 3.74 -3.05 13.34
CA ILE A 9 2.55 -2.82 12.53
C ILE A 9 2.10 -4.09 11.81
N ASP A 10 0.78 -4.27 11.72
CA ASP A 10 0.21 -5.47 11.11
C ASP A 10 0.20 -5.35 9.58
N ASN A 11 -0.38 -4.26 9.08
CA ASN A 11 -0.50 -4.06 7.64
C ASN A 11 0.68 -3.26 7.11
N GLY A 12 1.89 -3.63 7.54
CA GLY A 12 3.08 -2.94 7.09
C GLY A 12 4.35 -3.45 7.75
N GLN A 13 5.48 -2.85 7.37
CA GLN A 13 6.78 -3.21 7.93
C GLN A 13 7.59 -1.94 8.20
N LEU A 14 8.35 -1.95 9.29
CA LEU A 14 9.15 -0.78 9.64
C LEU A 14 10.56 -0.90 9.09
N ASP A 15 11.30 0.21 9.16
CA ASP A 15 12.68 0.25 8.71
C ASP A 15 13.58 0.77 9.83
N ILE A 16 14.10 -0.15 10.64
CA ILE A 16 14.92 0.22 11.79
C ILE A 16 16.25 0.82 11.36
N GLY A 17 16.37 2.13 11.53
CA GLY A 17 17.61 2.82 11.22
C GLY A 17 18.27 3.38 12.47
N GLY A 18 17.93 2.81 13.62
CA GLY A 18 18.47 3.27 14.88
C GLY A 18 17.50 3.06 16.03
N VAL A 19 17.96 2.36 17.06
CA VAL A 19 17.12 2.07 18.22
C VAL A 19 17.72 2.63 19.49
N ASP A 20 18.32 3.81 19.39
CA ASP A 20 18.93 4.46 20.54
C ASP A 20 18.15 5.71 20.93
N PHE A 21 18.17 6.04 22.22
CA PHE A 21 17.46 7.21 22.72
C PHE A 21 17.76 8.45 21.87
N GLY A 22 16.93 8.68 20.85
CA GLY A 22 17.14 9.82 19.97
C GLY A 22 17.09 9.44 18.50
N SER A 23 16.89 8.15 18.21
CA SER A 23 16.83 7.69 16.83
C SER A 23 15.38 7.68 16.34
N SER A 24 15.15 7.07 15.18
CA SER A 24 13.82 7.00 14.62
C SER A 24 13.70 5.87 13.59
N ILE A 25 12.53 5.27 13.52
CA ILE A 25 12.27 4.18 12.58
C ILE A 25 11.40 4.67 11.42
N THR A 26 11.26 3.84 10.39
CA THR A 26 10.45 4.21 9.24
C THR A 26 9.36 3.17 8.98
N TYR A 27 8.11 3.57 9.18
CA TYR A 27 6.98 2.66 8.98
C TYR A 27 6.51 2.66 7.54
N SER A 28 6.12 1.48 7.05
CA SER A 28 5.62 1.34 5.69
C SER A 28 4.60 0.20 5.60
N CYS A 29 3.78 0.23 4.56
CA CYS A 29 2.76 -0.79 4.38
C CYS A 29 3.38 -2.08 3.82
N ASN A 30 2.58 -3.13 3.74
CA ASN A 30 3.06 -4.41 3.23
C ASN A 30 3.21 -4.39 1.71
N SER A 31 2.11 -4.63 1.02
CA SER A 31 2.12 -4.65 -0.44
C SER A 31 0.76 -4.22 -0.99
N GLY A 32 0.79 -3.40 -2.03
CA GLY A 32 -0.45 -2.91 -2.62
C GLY A 32 -1.29 -2.15 -1.62
N TYR A 33 -0.63 -1.60 -0.61
CA TYR A 33 -1.31 -0.84 0.43
C TYR A 33 -0.88 0.62 0.43
N HIS A 34 -1.60 1.45 1.18
CA HIS A 34 -1.26 2.85 1.29
C HIS A 34 -1.31 3.28 2.76
N LEU A 35 -0.14 3.62 3.30
CA LEU A 35 -0.03 4.01 4.70
C LEU A 35 -0.53 5.44 4.89
N ILE A 36 -1.31 5.64 5.95
CA ILE A 36 -1.87 6.95 6.23
C ILE A 36 -1.30 7.52 7.52
N GLY A 37 -1.27 8.84 7.60
CA GLY A 37 -0.74 9.50 8.78
C GLY A 37 0.78 9.56 8.75
N GLU A 38 1.41 9.31 9.90
CA GLU A 38 2.86 9.31 9.99
C GLU A 38 3.45 8.02 9.47
N SER A 39 4.77 7.92 9.54
CA SER A 39 5.47 6.75 9.06
C SER A 39 6.84 6.64 9.72
N LYS A 40 6.98 7.23 10.90
CA LYS A 40 8.26 7.23 11.59
C LYS A 40 8.11 7.27 13.10
N SER A 41 8.71 6.30 13.78
CA SER A 41 8.71 6.23 15.25
C SER A 41 9.95 6.93 15.78
N TYR A 42 9.86 7.56 16.95
CA TYR A 42 11.04 8.22 17.50
C TYR A 42 11.40 7.66 18.87
N CYS A 43 12.54 7.00 18.92
CA CYS A 43 13.04 6.42 20.16
C CYS A 43 13.33 7.51 21.17
N GLU A 44 12.37 7.78 22.04
CA GLU A 44 12.50 8.82 23.04
C GLU A 44 12.42 8.25 24.44
N LEU A 45 12.35 9.14 25.43
CA LEU A 45 12.28 8.74 26.83
C LEU A 45 10.85 8.73 27.33
N GLY A 46 10.55 7.84 28.26
CA GLY A 46 9.20 7.74 28.80
C GLY A 46 8.95 8.78 29.88
N SER A 47 8.17 8.41 30.89
CA SER A 47 7.86 9.30 32.00
C SER A 47 8.94 9.25 33.06
N THR A 48 9.32 8.03 33.44
CA THR A 48 10.35 7.84 34.45
C THR A 48 11.73 7.74 33.82
N GLY A 49 12.03 8.66 32.92
CA GLY A 49 13.32 8.66 32.24
C GLY A 49 13.65 7.32 31.65
N SER A 50 12.62 6.57 31.26
CA SER A 50 12.81 5.25 30.67
C SER A 50 12.93 5.35 29.15
N MET A 51 12.87 4.20 28.49
CA MET A 51 12.98 4.14 27.04
C MET A 51 11.63 3.83 26.41
N VAL A 52 11.29 4.57 25.37
CA VAL A 52 10.02 4.38 24.68
C VAL A 52 10.15 4.72 23.20
N TRP A 53 9.04 4.60 22.47
CA TRP A 53 9.05 4.88 21.05
C TRP A 53 7.92 5.85 20.67
N ASN A 54 8.29 6.97 20.08
CA ASN A 54 7.33 7.97 19.64
C ASN A 54 6.52 7.43 18.47
N PRO A 55 5.41 8.11 18.10
CA PRO A 55 4.52 7.71 17.01
C PRO A 55 5.14 6.75 16.00
N GLU A 56 4.93 5.46 16.23
CA GLU A 56 5.50 4.42 15.39
C GLU A 56 4.50 3.92 14.35
N ALA A 57 3.57 3.06 14.78
CA ALA A 57 2.61 2.44 13.88
C ALA A 57 1.50 3.40 13.44
N PRO A 58 1.52 3.84 12.17
CA PRO A 58 0.49 4.71 11.61
C PRO A 58 -0.67 3.89 11.04
N ILE A 59 -1.42 4.47 10.11
CA ILE A 59 -2.53 3.76 9.49
C ILE A 59 -2.06 2.99 8.26
N CYS A 60 -2.95 2.23 7.67
CA CYS A 60 -2.63 1.45 6.47
C CYS A 60 -3.89 0.83 5.87
N GLU A 61 -3.92 0.73 4.55
CA GLU A 61 -5.05 0.15 3.85
C GLU A 61 -4.67 -0.29 2.45
N SER A 62 -5.50 -1.13 1.85
CA SER A 62 -5.24 -1.64 0.50
C SER A 62 -5.91 -0.78 -0.56
N VAL A 63 -5.10 -0.20 -1.43
CA VAL A 63 -5.61 0.65 -2.51
C VAL A 63 -6.64 -0.10 -3.34
N LYS A 64 -7.92 0.06 -3.00
CA LYS A 64 -8.98 -0.63 -3.71
C LYS A 64 -9.28 0.08 -5.04
N CYS A 65 -9.45 -0.71 -6.09
CA CYS A 65 -9.77 -0.17 -7.40
C CYS A 65 -11.22 -0.46 -7.75
N GLN A 66 -11.99 0.59 -8.00
CA GLN A 66 -13.40 0.44 -8.33
C GLN A 66 -13.56 -0.20 -9.71
N SER A 67 -14.74 -0.05 -10.29
CA SER A 67 -15.02 -0.62 -11.60
C SER A 67 -13.91 -0.24 -12.58
N PRO A 68 -13.47 -1.19 -13.43
CA PRO A 68 -12.41 -0.94 -14.41
C PRO A 68 -12.77 0.20 -15.35
N PRO A 69 -11.76 0.82 -16.00
CA PRO A 69 -11.97 1.94 -16.91
C PRO A 69 -13.16 1.73 -17.83
N SER A 70 -13.71 2.84 -18.32
CA SER A 70 -14.86 2.79 -19.23
C SER A 70 -14.44 3.11 -20.65
N ILE A 71 -14.06 2.08 -21.40
CA ILE A 71 -13.63 2.26 -22.78
C ILE A 71 -14.79 2.64 -23.67
N SER A 72 -14.48 3.03 -24.90
CA SER A 72 -15.51 3.42 -25.87
C SER A 72 -15.93 2.22 -26.71
N ASN A 73 -17.23 2.10 -26.93
CA ASN A 73 -17.77 1.00 -27.72
C ASN A 73 -17.53 -0.33 -27.02
N GLY A 74 -17.47 -0.30 -25.69
CA GLY A 74 -17.25 -1.51 -24.94
C GLY A 74 -17.46 -1.32 -23.45
N ARG A 75 -17.03 -2.31 -22.66
CA ARG A 75 -17.18 -2.27 -21.23
C ARG A 75 -16.39 -3.39 -20.57
N HIS A 76 -16.56 -3.53 -19.27
CA HIS A 76 -15.86 -4.56 -18.51
C HIS A 76 -16.83 -5.66 -18.07
N ASN A 77 -16.27 -6.73 -17.50
CA ASN A 77 -17.08 -7.85 -17.02
C ASN A 77 -17.15 -7.89 -15.50
N GLY A 78 -16.63 -6.85 -14.85
CA GLY A 78 -16.63 -6.83 -13.40
C GLY A 78 -17.99 -7.13 -12.81
N TYR A 79 -18.01 -7.99 -11.79
CA TYR A 79 -19.25 -8.36 -11.13
C TYR A 79 -19.36 -7.69 -9.77
N GLU A 80 -18.21 -7.39 -9.19
CA GLU A 80 -18.16 -6.75 -7.90
C GLU A 80 -18.23 -5.23 -8.05
N ASP A 81 -18.04 -4.51 -6.96
CA ASP A 81 -18.07 -3.06 -6.98
C ASP A 81 -16.68 -2.47 -6.79
N PHE A 82 -15.79 -3.25 -6.19
CA PHE A 82 -14.43 -2.81 -5.95
C PHE A 82 -13.43 -3.93 -6.25
N TYR A 83 -12.15 -3.55 -6.26
CA TYR A 83 -11.08 -4.50 -6.51
C TYR A 83 -9.84 -4.10 -5.72
N THR A 84 -8.84 -4.97 -5.67
CA THR A 84 -7.63 -4.69 -4.91
C THR A 84 -6.38 -5.02 -5.71
N ASP A 85 -5.22 -4.70 -5.14
CA ASP A 85 -3.95 -4.95 -5.80
C ASP A 85 -3.75 -6.43 -6.06
N GLY A 86 -4.03 -6.81 -7.29
CA GLY A 86 -3.88 -8.19 -7.70
C GLY A 86 -5.14 -8.79 -8.28
N SER A 87 -6.03 -7.94 -8.78
CA SER A 87 -7.27 -8.41 -9.38
C SER A 87 -7.23 -8.24 -10.90
N VAL A 88 -8.11 -8.95 -11.59
CA VAL A 88 -8.17 -8.88 -13.04
C VAL A 88 -9.60 -8.85 -13.54
N VAL A 89 -9.79 -8.33 -14.75
CA VAL A 89 -11.10 -8.25 -15.36
C VAL A 89 -10.99 -8.30 -16.88
N THR A 90 -12.00 -8.86 -17.52
CA THR A 90 -12.02 -8.97 -18.97
C THR A 90 -12.98 -7.95 -19.56
N TYR A 91 -12.51 -7.23 -20.56
CA TYR A 91 -13.32 -6.20 -21.20
C TYR A 91 -14.12 -6.79 -22.36
N SER A 92 -15.19 -6.11 -22.74
CA SER A 92 -16.04 -6.58 -23.83
C SER A 92 -16.70 -5.43 -24.56
N CYS A 93 -16.65 -5.48 -25.90
CA CYS A 93 -17.25 -4.45 -26.73
C CYS A 93 -18.78 -4.51 -26.65
N ASN A 94 -19.44 -3.44 -27.06
CA ASN A 94 -20.90 -3.39 -27.04
C ASN A 94 -21.47 -3.74 -28.40
N SER A 95 -21.56 -2.74 -29.28
CA SER A 95 -22.10 -2.93 -30.62
C SER A 95 -21.54 -4.19 -31.28
N GLY A 96 -20.33 -4.58 -30.87
CA GLY A 96 -19.71 -5.77 -31.43
C GLY A 96 -18.35 -5.49 -32.01
N TYR A 97 -17.60 -4.60 -31.36
CA TYR A 97 -16.28 -4.24 -31.81
C TYR A 97 -15.27 -5.32 -31.47
N SER A 98 -14.00 -5.05 -31.71
CA SER A 98 -12.93 -5.99 -31.44
C SER A 98 -12.03 -5.51 -30.31
N LEU A 99 -12.17 -6.15 -29.16
CA LEU A 99 -11.37 -5.81 -27.98
C LEU A 99 -9.90 -5.65 -28.35
N ILE A 100 -9.38 -4.45 -28.12
CA ILE A 100 -8.00 -4.14 -28.44
C ILE A 100 -7.16 -4.08 -27.17
N GLY A 101 -5.85 -4.19 -27.31
CA GLY A 101 -4.97 -4.13 -26.16
C GLY A 101 -5.39 -5.11 -25.07
N ASN A 102 -5.83 -6.27 -25.52
CA ASN A 102 -6.27 -7.36 -24.65
C ASN A 102 -7.31 -6.90 -23.63
N SER A 103 -8.45 -7.57 -23.64
CA SER A 103 -9.54 -7.28 -22.73
C SER A 103 -9.10 -7.34 -21.27
N GLY A 104 -8.08 -8.16 -21.02
CA GLY A 104 -7.58 -8.31 -19.66
C GLY A 104 -7.07 -7.02 -19.06
N VAL A 105 -7.43 -6.76 -17.81
CA VAL A 105 -7.01 -5.57 -17.11
C VAL A 105 -6.59 -5.90 -15.68
N LEU A 106 -5.42 -5.42 -15.28
CA LEU A 106 -4.88 -5.71 -13.95
C LEU A 106 -5.26 -4.62 -12.95
N CYS A 107 -5.88 -5.02 -11.85
CA CYS A 107 -6.22 -4.10 -10.78
C CYS A 107 -5.04 -4.00 -9.82
N SER A 108 -4.36 -2.87 -9.85
CA SER A 108 -3.19 -2.66 -9.00
C SER A 108 -2.95 -1.18 -8.75
N GLY A 109 -2.10 -0.89 -7.79
CA GLY A 109 -1.79 0.50 -7.46
C GLY A 109 -3.04 1.37 -7.35
N GLY A 110 -4.12 0.76 -6.90
CA GLY A 110 -5.37 1.49 -6.77
C GLY A 110 -5.92 1.96 -8.11
N GLU A 111 -5.45 1.32 -9.18
CA GLU A 111 -5.91 1.68 -10.52
C GLU A 111 -5.88 0.45 -11.44
N TRP A 112 -6.23 0.67 -12.70
CA TRP A 112 -6.26 -0.40 -13.68
C TRP A 112 -5.19 -0.19 -14.74
N SER A 113 -4.35 -1.20 -14.94
CA SER A 113 -3.28 -1.12 -15.92
C SER A 113 -3.57 -1.99 -17.13
N ASP A 114 -3.14 -1.53 -18.30
CA ASP A 114 -3.32 -2.27 -19.54
C ASP A 114 -4.78 -2.32 -19.97
N PRO A 115 -5.50 -1.18 -19.90
CA PRO A 115 -6.90 -1.13 -20.34
C PRO A 115 -7.02 -1.25 -21.86
N PRO A 116 -8.03 -1.99 -22.34
CA PRO A 116 -8.21 -2.23 -23.77
C PRO A 116 -9.06 -1.18 -24.46
N THR A 117 -9.40 -1.49 -25.70
CA THR A 117 -10.24 -0.63 -26.52
C THR A 117 -11.21 -1.46 -27.35
N CYS A 118 -11.92 -0.82 -28.26
CA CYS A 118 -12.87 -1.52 -29.09
C CYS A 118 -12.86 -0.95 -30.51
N GLN A 119 -12.10 -1.60 -31.39
CA GLN A 119 -12.00 -1.17 -32.77
C GLN A 119 -12.25 -2.32 -33.72
N ILE A 120 -12.65 -1.98 -34.94
CA ILE A 120 -12.94 -2.99 -35.95
C ILE A 120 -11.65 -3.44 -36.64
N ARG A 1 21.47 0.97 27.12
CA ARG A 1 20.02 0.74 27.19
C ARG A 1 19.33 1.04 25.87
N ARG A 2 18.77 0.01 25.26
CA ARG A 2 18.04 0.16 24.00
C ARG A 2 16.56 0.37 24.26
N CYS A 3 15.82 0.71 23.21
CA CYS A 3 14.39 0.95 23.33
C CYS A 3 13.61 -0.36 23.41
N PRO A 4 12.39 -0.32 23.98
CA PRO A 4 11.54 -1.51 24.12
C PRO A 4 10.96 -1.97 22.79
N SER A 5 10.22 -3.07 22.83
CA SER A 5 9.59 -3.61 21.64
C SER A 5 8.85 -2.53 20.86
N PRO A 6 9.42 -2.06 19.74
CA PRO A 6 8.80 -1.02 18.92
C PRO A 6 7.30 -1.23 18.75
N ARG A 7 6.55 -0.13 18.73
CA ARG A 7 5.11 -0.21 18.54
C ARG A 7 4.79 -0.88 17.22
N ASP A 8 3.64 -1.52 17.16
CA ASP A 8 3.26 -2.28 16.00
C ASP A 8 2.21 -1.58 15.15
N ILE A 9 1.84 -2.23 14.05
CA ILE A 9 0.82 -1.71 13.14
C ILE A 9 -0.08 -2.85 12.68
N ASP A 10 -1.35 -2.53 12.43
CA ASP A 10 -2.32 -3.55 12.03
C ASP A 10 -2.25 -3.83 10.53
N ASN A 11 -2.40 -2.79 9.73
CA ASN A 11 -2.39 -2.93 8.27
C ASN A 11 -1.00 -2.68 7.71
N GLY A 12 0.02 -2.93 8.51
CA GLY A 12 1.38 -2.70 8.07
C GLY A 12 2.39 -3.64 8.70
N GLN A 13 3.66 -3.47 8.35
CA GLN A 13 4.75 -4.28 8.90
C GLN A 13 5.95 -3.41 9.19
N LEU A 14 6.52 -3.57 10.38
CA LEU A 14 7.68 -2.76 10.79
C LEU A 14 8.96 -3.25 10.14
N ASP A 15 9.96 -2.37 10.12
CA ASP A 15 11.27 -2.69 9.59
C ASP A 15 12.34 -2.29 10.59
N ILE A 16 12.47 -3.07 11.66
CA ILE A 16 13.41 -2.77 12.73
C ILE A 16 14.86 -3.03 12.31
N GLY A 17 15.57 -1.97 11.97
CA GLY A 17 16.97 -2.09 11.63
C GLY A 17 17.86 -1.73 12.80
N GLY A 18 17.30 -1.77 14.01
CA GLY A 18 18.05 -1.42 15.20
C GLY A 18 17.12 -0.97 16.32
N VAL A 19 17.48 -1.28 17.56
CA VAL A 19 16.66 -0.93 18.71
C VAL A 19 17.43 -0.13 19.75
N ASP A 20 18.74 0.02 19.56
CA ASP A 20 19.58 0.73 20.51
C ASP A 20 19.30 2.24 20.49
N PHE A 21 19.60 2.91 21.60
CA PHE A 21 19.41 4.36 21.71
C PHE A 21 19.99 5.06 20.49
N GLY A 22 19.11 5.45 19.57
CA GLY A 22 19.55 6.12 18.37
C GLY A 22 19.19 5.34 17.11
N SER A 23 18.84 4.07 17.27
CA SER A 23 18.46 3.24 16.14
C SER A 23 17.21 3.79 15.47
N SER A 24 16.90 3.31 14.28
CA SER A 24 15.72 3.78 13.56
C SER A 24 14.97 2.62 12.90
N ILE A 25 13.65 2.77 12.83
CA ILE A 25 12.79 1.74 12.25
C ILE A 25 12.15 2.26 10.96
N THR A 26 11.44 1.36 10.26
CA THR A 26 10.75 1.74 9.04
C THR A 26 9.41 1.03 8.93
N TYR A 27 8.34 1.79 9.13
CA TYR A 27 6.99 1.26 9.05
C TYR A 27 6.57 1.05 7.60
N SER A 28 5.84 -0.03 7.35
CA SER A 28 5.34 -0.33 6.01
C SER A 28 3.93 -0.90 6.06
N CYS A 29 3.26 -0.93 4.92
CA CYS A 29 1.91 -1.45 4.86
C CYS A 29 1.91 -2.96 4.61
N ASN A 30 0.77 -3.60 4.84
CA ASN A 30 0.64 -5.03 4.64
C ASN A 30 0.85 -5.42 3.18
N SER A 31 -0.22 -5.33 2.39
CA SER A 31 -0.17 -5.67 0.98
C SER A 31 -1.25 -4.92 0.20
N GLY A 32 -0.85 -4.33 -0.92
CA GLY A 32 -1.79 -3.57 -1.72
C GLY A 32 -2.32 -2.36 -0.97
N TYR A 33 -1.55 -1.89 0.00
CA TYR A 33 -1.94 -0.75 0.81
C TYR A 33 -0.97 0.42 0.61
N HIS A 34 -1.32 1.57 1.16
CA HIS A 34 -0.46 2.74 1.08
C HIS A 34 -0.36 3.43 2.44
N LEU A 35 0.84 3.45 2.99
CA LEU A 35 1.08 4.07 4.29
C LEU A 35 1.06 5.58 4.17
N ILE A 36 0.26 6.22 5.02
CA ILE A 36 0.15 7.67 5.00
C ILE A 36 0.97 8.29 6.13
N GLY A 37 1.43 9.50 5.90
CA GLY A 37 2.23 10.18 6.91
C GLY A 37 3.65 9.69 6.96
N GLU A 38 4.19 9.56 8.18
CA GLU A 38 5.55 9.09 8.37
C GLU A 38 5.67 7.61 8.04
N SER A 39 6.89 7.10 8.09
CA SER A 39 7.15 5.69 7.83
C SER A 39 8.46 5.26 8.47
N LYS A 40 8.84 5.95 9.55
CA LYS A 40 10.07 5.66 10.24
C LYS A 40 9.95 5.99 11.72
N SER A 41 10.71 5.29 12.54
CA SER A 41 10.71 5.49 13.99
C SER A 41 12.13 5.60 14.50
N TYR A 42 12.36 6.47 15.49
CA TYR A 42 13.70 6.66 16.03
C TYR A 42 13.78 6.28 17.49
N CYS A 43 14.73 5.40 17.80
CA CYS A 43 14.94 4.94 19.17
C CYS A 43 15.60 6.03 19.99
N GLU A 44 14.91 6.49 21.02
CA GLU A 44 15.44 7.52 21.90
C GLU A 44 14.70 7.54 23.23
N LEU A 45 15.28 8.25 24.18
CA LEU A 45 14.71 8.35 25.52
C LEU A 45 13.61 9.41 25.58
N GLY A 46 12.55 9.10 26.32
CA GLY A 46 11.45 10.03 26.45
C GLY A 46 10.31 9.47 27.29
N SER A 47 10.51 9.44 28.60
CA SER A 47 9.50 8.91 29.52
C SER A 47 9.94 9.08 30.96
N THR A 48 10.18 10.34 31.34
CA THR A 48 10.63 10.65 32.69
C THR A 48 12.00 10.03 32.98
N GLY A 49 12.68 9.58 31.92
CA GLY A 49 14.00 8.98 32.10
C GLY A 49 14.05 7.56 31.59
N SER A 50 13.31 7.28 30.52
CA SER A 50 13.28 5.94 29.93
C SER A 50 13.46 5.99 28.42
N MET A 51 13.33 4.83 27.80
CA MET A 51 13.47 4.72 26.36
C MET A 51 12.11 4.80 25.68
N VAL A 52 12.12 5.18 24.42
CA VAL A 52 10.88 5.33 23.66
C VAL A 52 11.15 5.32 22.16
N TRP A 53 10.10 5.51 21.37
CA TRP A 53 10.21 5.50 19.92
C TRP A 53 9.47 6.69 19.31
N ASN A 54 10.18 7.46 18.48
CA ASN A 54 9.59 8.63 17.84
C ASN A 54 10.26 8.87 16.48
N PRO A 55 9.49 8.93 15.37
CA PRO A 55 8.02 8.78 15.38
C PRO A 55 7.56 7.37 15.75
N GLU A 56 6.25 7.16 15.66
CA GLU A 56 5.64 5.88 16.01
C GLU A 56 5.08 5.19 14.76
N ALA A 57 3.94 4.51 14.90
CA ALA A 57 3.30 3.82 13.78
C ALA A 57 2.39 4.76 12.99
N PRO A 58 2.71 5.01 11.71
CA PRO A 58 1.92 5.91 10.86
C PRO A 58 0.58 5.30 10.45
N ILE A 59 0.08 5.71 9.28
CA ILE A 59 -1.20 5.22 8.77
C ILE A 59 -1.00 4.15 7.70
N CYS A 60 -2.08 3.46 7.38
CA CYS A 60 -2.05 2.42 6.37
C CYS A 60 -3.47 2.07 5.91
N GLU A 61 -3.74 2.25 4.63
CA GLU A 61 -5.07 1.97 4.09
C GLU A 61 -4.98 1.22 2.77
N SER A 62 -6.13 0.76 2.29
CA SER A 62 -6.20 0.03 1.03
C SER A 62 -6.51 0.98 -0.12
N VAL A 63 -5.48 1.32 -0.89
CA VAL A 63 -5.62 2.19 -2.03
C VAL A 63 -6.62 1.60 -3.04
N LYS A 64 -7.88 1.95 -2.85
CA LYS A 64 -8.96 1.45 -3.70
C LYS A 64 -8.82 1.90 -5.14
N CYS A 65 -9.38 1.11 -6.05
CA CYS A 65 -9.38 1.44 -7.48
C CYS A 65 -10.81 1.59 -7.98
N GLN A 66 -11.10 2.72 -8.61
CA GLN A 66 -12.43 2.96 -9.13
C GLN A 66 -12.69 2.11 -10.38
N SER A 67 -13.67 2.51 -11.17
CA SER A 67 -14.00 1.78 -12.39
C SER A 67 -12.75 1.56 -13.22
N PRO A 68 -12.59 0.36 -13.80
CA PRO A 68 -11.42 0.03 -14.62
C PRO A 68 -11.25 1.01 -15.77
N PRO A 69 -10.06 1.05 -16.38
CA PRO A 69 -9.76 1.95 -17.50
C PRO A 69 -10.92 2.07 -18.47
N SER A 70 -10.97 3.17 -19.20
CA SER A 70 -12.02 3.40 -20.17
C SER A 70 -11.49 3.27 -21.60
N ILE A 71 -11.53 2.05 -22.12
CA ILE A 71 -11.05 1.79 -23.47
C ILE A 71 -11.98 2.42 -24.51
N SER A 72 -11.57 2.36 -25.78
CA SER A 72 -12.37 2.92 -26.86
C SER A 72 -13.23 1.86 -27.51
N ASN A 73 -14.47 2.22 -27.82
CA ASN A 73 -15.40 1.29 -28.46
C ASN A 73 -15.63 0.07 -27.57
N GLY A 74 -15.52 0.26 -26.26
CA GLY A 74 -15.72 -0.84 -25.34
C GLY A 74 -16.03 -0.39 -23.93
N ARG A 75 -16.04 -1.33 -23.00
CA ARG A 75 -16.32 -1.04 -21.60
C ARG A 75 -15.93 -2.21 -20.71
N HIS A 76 -16.24 -2.09 -19.43
CA HIS A 76 -15.93 -3.13 -18.46
C HIS A 76 -17.19 -3.77 -17.92
N ASN A 77 -17.03 -4.88 -17.20
CA ASN A 77 -18.17 -5.59 -16.63
C ASN A 77 -18.09 -5.59 -15.12
N GLY A 78 -18.16 -4.41 -14.51
CA GLY A 78 -18.08 -4.33 -13.07
C GLY A 78 -19.45 -4.37 -12.41
N TYR A 79 -19.49 -4.87 -11.19
CA TYR A 79 -20.74 -4.97 -10.44
C TYR A 79 -20.77 -3.96 -9.31
N GLU A 80 -19.60 -3.65 -8.78
CA GLU A 80 -19.47 -2.70 -7.69
C GLU A 80 -19.11 -1.31 -8.22
N ASP A 81 -18.81 -0.40 -7.30
CA ASP A 81 -18.45 0.96 -7.67
C ASP A 81 -16.95 1.19 -7.51
N PHE A 82 -16.33 0.40 -6.64
CA PHE A 82 -14.90 0.51 -6.39
C PHE A 82 -14.24 -0.87 -6.39
N TYR A 83 -12.91 -0.87 -6.28
CA TYR A 83 -12.15 -2.12 -6.26
C TYR A 83 -10.93 -1.97 -5.37
N THR A 84 -10.31 -3.10 -5.01
CA THR A 84 -9.13 -3.07 -4.15
C THR A 84 -7.99 -3.88 -4.74
N ASP A 85 -6.83 -3.78 -4.10
CA ASP A 85 -5.64 -4.49 -4.56
C ASP A 85 -5.89 -5.99 -4.58
N GLY A 86 -6.22 -6.48 -5.77
CA GLY A 86 -6.47 -7.91 -5.94
C GLY A 86 -7.81 -8.20 -6.58
N SER A 87 -8.44 -7.19 -7.17
CA SER A 87 -9.72 -7.36 -7.83
C SER A 87 -9.53 -7.53 -9.33
N VAL A 88 -10.50 -8.14 -10.00
CA VAL A 88 -10.42 -8.36 -11.43
C VAL A 88 -11.72 -7.97 -12.13
N VAL A 89 -11.60 -7.65 -13.42
CA VAL A 89 -12.75 -7.26 -14.23
C VAL A 89 -12.56 -7.68 -15.68
N THR A 90 -13.66 -7.95 -16.37
CA THR A 90 -13.60 -8.33 -17.76
C THR A 90 -14.11 -7.21 -18.65
N TYR A 91 -13.36 -6.92 -19.71
CA TYR A 91 -13.73 -5.85 -20.63
C TYR A 91 -14.54 -6.40 -21.80
N SER A 92 -15.33 -5.52 -22.41
CA SER A 92 -16.15 -5.91 -23.54
C SER A 92 -16.44 -4.73 -24.46
N CYS A 93 -16.49 -4.99 -25.76
CA CYS A 93 -16.74 -3.95 -26.74
C CYS A 93 -18.20 -3.49 -26.71
N ASN A 94 -18.45 -2.28 -27.21
CA ASN A 94 -19.79 -1.72 -27.21
C ASN A 94 -20.58 -2.15 -28.46
N SER A 95 -20.20 -1.62 -29.61
CA SER A 95 -20.90 -1.92 -30.86
C SER A 95 -20.68 -3.37 -31.29
N GLY A 96 -19.62 -3.98 -30.78
CA GLY A 96 -19.32 -5.36 -31.13
C GLY A 96 -17.93 -5.53 -31.72
N TYR A 97 -17.00 -4.71 -31.27
CA TYR A 97 -15.62 -4.76 -31.74
C TYR A 97 -14.95 -6.05 -31.24
N SER A 98 -13.64 -6.14 -31.46
CA SER A 98 -12.89 -7.32 -31.04
C SER A 98 -12.01 -7.00 -29.84
N LEU A 99 -12.42 -7.49 -28.67
CA LEU A 99 -11.65 -7.29 -27.44
C LEU A 99 -10.18 -7.60 -27.67
N ILE A 100 -9.37 -6.55 -27.66
CA ILE A 100 -7.94 -6.70 -27.88
C ILE A 100 -7.24 -7.05 -26.59
N GLY A 101 -6.05 -7.64 -26.69
CA GLY A 101 -5.32 -8.03 -25.51
C GLY A 101 -6.10 -9.03 -24.67
N ASN A 102 -6.32 -8.68 -23.42
CA ASN A 102 -7.07 -9.53 -22.51
C ASN A 102 -8.23 -8.76 -21.88
N SER A 103 -9.42 -9.38 -21.89
CA SER A 103 -10.59 -8.75 -21.31
C SER A 103 -10.44 -8.61 -19.80
N GLY A 104 -9.71 -9.55 -19.20
CA GLY A 104 -9.49 -9.52 -17.77
C GLY A 104 -8.50 -8.43 -17.37
N VAL A 105 -8.82 -7.72 -16.30
CA VAL A 105 -7.95 -6.67 -15.78
C VAL A 105 -7.66 -6.89 -14.30
N LEU A 106 -6.51 -6.39 -13.84
CA LEU A 106 -6.13 -6.59 -12.45
C LEU A 106 -6.17 -5.27 -11.68
N CYS A 107 -7.02 -5.23 -10.66
CA CYS A 107 -7.11 -4.05 -9.80
C CYS A 107 -6.06 -4.16 -8.69
N SER A 108 -4.93 -3.49 -8.90
CA SER A 108 -3.83 -3.54 -7.94
C SER A 108 -3.29 -2.13 -7.64
N GLY A 109 -2.76 -1.98 -6.44
CA GLY A 109 -2.20 -0.70 -6.03
C GLY A 109 -3.12 0.47 -6.34
N GLY A 110 -4.43 0.21 -6.31
CA GLY A 110 -5.39 1.26 -6.61
C GLY A 110 -5.55 1.52 -8.10
N GLU A 111 -4.74 0.86 -8.91
CA GLU A 111 -4.81 1.04 -10.35
C GLU A 111 -5.10 -0.29 -11.06
N TRP A 112 -5.28 -0.23 -12.37
CA TRP A 112 -5.57 -1.41 -13.16
C TRP A 112 -4.41 -1.74 -14.09
N SER A 113 -4.27 -3.02 -14.43
CA SER A 113 -3.18 -3.46 -15.30
C SER A 113 -3.68 -4.44 -16.36
N ASP A 114 -3.06 -4.38 -17.54
CA ASP A 114 -3.41 -5.27 -18.63
C ASP A 114 -4.79 -4.96 -19.22
N PRO A 115 -5.08 -3.67 -19.48
CA PRO A 115 -6.35 -3.25 -20.08
C PRO A 115 -6.40 -3.56 -21.58
N PRO A 116 -7.54 -4.04 -22.09
CA PRO A 116 -7.70 -4.40 -23.49
C PRO A 116 -8.14 -3.25 -24.37
N THR A 117 -8.39 -3.58 -25.63
CA THR A 117 -8.89 -2.62 -26.60
C THR A 117 -10.07 -3.20 -27.36
N CYS A 118 -10.51 -2.49 -28.39
CA CYS A 118 -11.65 -2.95 -29.18
C CYS A 118 -11.48 -2.57 -30.65
N GLN A 119 -10.93 -3.48 -31.43
CA GLN A 119 -10.73 -3.24 -32.85
C GLN A 119 -11.48 -4.27 -33.69
N ILE A 120 -11.55 -4.01 -34.98
CA ILE A 120 -12.24 -4.90 -35.90
C ILE A 120 -11.26 -5.89 -36.54
N ARG A 1 20.69 3.64 28.11
CA ARG A 1 19.58 2.70 28.00
C ARG A 1 18.75 2.96 26.74
N ARG A 2 18.90 2.09 25.76
CA ARG A 2 18.15 2.23 24.51
C ARG A 2 16.67 1.96 24.74
N CYS A 3 15.86 2.22 23.72
CA CYS A 3 14.42 2.00 23.81
C CYS A 3 14.10 0.52 23.65
N PRO A 4 12.91 0.09 24.12
CA PRO A 4 12.50 -1.32 24.03
C PRO A 4 12.22 -1.75 22.60
N SER A 5 12.03 -3.05 22.41
CA SER A 5 11.76 -3.59 21.09
C SER A 5 10.62 -2.84 20.40
N PRO A 6 10.95 -2.00 19.40
CA PRO A 6 9.94 -1.22 18.68
C PRO A 6 8.70 -2.05 18.35
N ARG A 7 7.56 -1.37 18.23
CA ARG A 7 6.31 -2.04 17.89
C ARG A 7 6.35 -2.51 16.45
N ASP A 8 5.57 -3.54 16.17
CA ASP A 8 5.55 -4.14 14.87
C ASP A 8 4.40 -3.61 14.01
N ILE A 9 4.27 -4.17 12.82
CA ILE A 9 3.21 -3.77 11.89
C ILE A 9 2.83 -4.92 10.98
N ASP A 10 1.55 -5.00 10.65
CA ASP A 10 1.06 -6.04 9.76
C ASP A 10 1.20 -5.58 8.31
N ASN A 11 1.21 -6.54 7.38
CA ASN A 11 1.35 -6.24 5.96
C ASN A 11 2.43 -5.18 5.73
N GLY A 12 3.41 -5.16 6.61
CA GLY A 12 4.49 -4.18 6.50
C GLY A 12 5.77 -4.65 7.16
N GLN A 13 6.84 -3.88 6.98
CA GLN A 13 8.14 -4.22 7.57
C GLN A 13 8.80 -2.97 8.15
N LEU A 14 9.34 -3.12 9.35
CA LEU A 14 10.01 -2.01 10.03
C LEU A 14 11.41 -1.78 9.48
N ASP A 15 11.95 -0.59 9.71
CA ASP A 15 13.29 -0.25 9.27
C ASP A 15 14.08 0.39 10.41
N ILE A 16 14.50 -0.44 11.36
CA ILE A 16 15.24 0.05 12.53
C ILE A 16 16.64 0.53 12.17
N GLY A 17 16.89 1.81 12.41
CA GLY A 17 18.20 2.38 12.17
C GLY A 17 18.72 3.13 13.38
N GLY A 18 18.14 2.83 14.54
CA GLY A 18 18.55 3.48 15.77
C GLY A 18 17.49 3.36 16.85
N VAL A 19 17.85 2.71 17.95
CA VAL A 19 16.91 2.50 19.06
C VAL A 19 17.36 3.26 20.31
N ASP A 20 18.13 4.31 20.13
CA ASP A 20 18.60 5.12 21.25
C ASP A 20 17.77 6.39 21.39
N PHE A 21 17.58 6.83 22.63
CA PHE A 21 16.80 8.03 22.89
C PHE A 21 17.23 9.19 21.99
N GLY A 22 16.48 9.39 20.92
CA GLY A 22 16.81 10.46 19.98
C GLY A 22 16.93 9.98 18.55
N SER A 23 16.62 8.70 18.30
CA SER A 23 16.70 8.15 16.96
C SER A 23 15.31 8.08 16.32
N SER A 24 15.16 7.21 15.31
CA SER A 24 13.88 7.06 14.64
C SER A 24 13.88 5.84 13.72
N ILE A 25 12.71 5.21 13.61
CA ILE A 25 12.55 4.03 12.76
C ILE A 25 11.78 4.39 11.50
N THR A 26 11.78 3.49 10.53
CA THR A 26 11.06 3.72 9.28
C THR A 26 10.14 2.55 8.97
N TYR A 27 8.85 2.83 8.84
CA TYR A 27 7.87 1.79 8.57
C TYR A 27 7.57 1.69 7.08
N SER A 28 7.24 0.48 6.63
CA SER A 28 6.92 0.24 5.22
C SER A 28 5.95 -0.93 5.09
N CYS A 29 5.20 -0.95 3.99
CA CYS A 29 4.25 -2.02 3.74
C CYS A 29 4.93 -3.24 3.16
N ASN A 30 4.21 -4.35 3.09
CA ASN A 30 4.75 -5.59 2.57
C ASN A 30 4.97 -5.51 1.06
N SER A 31 3.92 -5.79 0.29
CA SER A 31 4.00 -5.75 -1.16
C SER A 31 2.64 -5.44 -1.78
N GLY A 32 2.62 -4.50 -2.71
CA GLY A 32 1.37 -4.11 -3.35
C GLY A 32 0.42 -3.42 -2.39
N TYR A 33 0.98 -2.87 -1.31
CA TYR A 33 0.19 -2.18 -0.31
C TYR A 33 0.52 -0.70 -0.29
N HIS A 34 -0.20 0.06 0.54
CA HIS A 34 0.05 1.49 0.67
C HIS A 34 -0.08 1.92 2.12
N LEU A 35 1.04 2.33 2.70
CA LEU A 35 1.07 2.77 4.09
C LEU A 35 0.55 4.19 4.24
N ILE A 36 -0.50 4.34 5.03
CA ILE A 36 -1.11 5.66 5.24
C ILE A 36 -0.63 6.28 6.54
N GLY A 37 -0.93 7.57 6.72
CA GLY A 37 -0.52 8.26 7.92
C GLY A 37 0.99 8.46 7.99
N GLU A 38 1.56 8.18 9.15
CA GLU A 38 2.99 8.32 9.34
C GLU A 38 3.73 7.12 8.76
N SER A 39 5.03 7.06 9.01
CA SER A 39 5.85 5.96 8.52
C SER A 39 7.21 5.97 9.20
N LYS A 40 7.26 6.48 10.43
CA LYS A 40 8.50 6.57 11.16
C LYS A 40 8.26 6.70 12.67
N SER A 41 8.90 5.84 13.46
CA SER A 41 8.78 5.87 14.91
C SER A 41 9.89 6.71 15.50
N TYR A 42 9.61 7.46 16.56
CA TYR A 42 10.68 8.26 17.18
C TYR A 42 10.93 7.84 18.61
N CYS A 43 12.12 7.31 18.85
CA CYS A 43 12.52 6.87 20.18
C CYS A 43 12.71 8.05 21.10
N GLU A 44 11.71 8.33 21.92
CA GLU A 44 11.77 9.46 22.85
C GLU A 44 11.62 8.97 24.29
N LEU A 45 11.50 9.92 25.21
CA LEU A 45 11.36 9.62 26.62
C LEU A 45 9.90 9.54 27.02
N GLY A 46 9.58 8.64 27.94
CA GLY A 46 8.21 8.49 28.40
C GLY A 46 7.75 9.66 29.25
N SER A 47 7.04 9.35 30.33
CA SER A 47 6.54 10.38 31.24
C SER A 47 7.53 10.64 32.37
N THR A 48 8.06 9.56 32.95
CA THR A 48 9.01 9.67 34.04
C THR A 48 10.45 9.50 33.54
N GLY A 49 10.75 10.14 32.42
CA GLY A 49 12.08 10.04 31.85
C GLY A 49 12.41 8.63 31.38
N SER A 50 11.39 7.82 31.17
CA SER A 50 11.58 6.45 30.72
C SER A 50 11.82 6.41 29.21
N MET A 51 11.64 5.23 28.62
CA MET A 51 11.84 5.06 27.19
C MET A 51 10.52 4.72 26.50
N VAL A 52 10.33 5.27 25.32
CA VAL A 52 9.12 5.03 24.54
C VAL A 52 9.37 5.25 23.06
N TRP A 53 8.36 4.96 22.24
CA TRP A 53 8.49 5.11 20.80
C TRP A 53 7.36 5.94 20.21
N ASN A 54 7.72 7.03 19.55
CA ASN A 54 6.74 7.89 18.90
C ASN A 54 6.14 7.16 17.70
N PRO A 55 5.04 7.67 17.12
CA PRO A 55 4.32 7.09 15.99
C PRO A 55 5.10 6.02 15.23
N GLU A 56 4.87 4.77 15.64
CA GLU A 56 5.58 3.63 15.05
C GLU A 56 4.83 3.04 13.87
N ALA A 57 3.76 2.29 14.15
CA ALA A 57 3.02 1.58 13.10
C ALA A 57 1.86 2.41 12.54
N PRO A 58 2.00 2.91 11.29
CA PRO A 58 0.94 3.67 10.63
C PRO A 58 -0.10 2.74 10.01
N ILE A 59 -0.79 3.21 8.97
CA ILE A 59 -1.77 2.39 8.28
C ILE A 59 -1.11 1.59 7.17
N CYS A 60 -1.82 0.59 6.65
CA CYS A 60 -1.30 -0.25 5.58
C CYS A 60 -2.41 -1.12 5.01
N GLU A 61 -2.54 -1.12 3.69
CA GLU A 61 -3.57 -1.89 3.03
C GLU A 61 -3.19 -2.21 1.59
N SER A 62 -4.00 -3.03 0.93
CA SER A 62 -3.75 -3.39 -0.46
C SER A 62 -4.34 -2.36 -1.40
N VAL A 63 -3.48 -1.71 -2.17
CA VAL A 63 -3.91 -0.69 -3.12
C VAL A 63 -5.17 -1.12 -3.87
N LYS A 64 -6.31 -0.69 -3.36
CA LYS A 64 -7.59 -1.06 -3.95
C LYS A 64 -7.92 -0.20 -5.17
N CYS A 65 -8.31 -0.87 -6.25
CA CYS A 65 -8.63 -0.18 -7.50
C CYS A 65 -10.14 -0.18 -7.74
N GLN A 66 -10.68 1.00 -8.04
CA GLN A 66 -12.10 1.12 -8.31
C GLN A 66 -12.44 0.54 -9.69
N SER A 67 -13.56 0.96 -10.25
CA SER A 67 -13.98 0.48 -11.56
C SER A 67 -12.84 0.58 -12.58
N PRO A 68 -12.63 -0.46 -13.40
CA PRO A 68 -11.57 -0.48 -14.41
C PRO A 68 -11.67 0.70 -15.36
N PRO A 69 -10.59 1.00 -16.10
CA PRO A 69 -10.56 2.12 -17.04
C PRO A 69 -11.83 2.23 -17.87
N SER A 70 -12.09 3.43 -18.38
CA SER A 70 -13.27 3.67 -19.20
C SER A 70 -12.86 3.83 -20.66
N ILE A 71 -12.85 2.72 -21.39
CA ILE A 71 -12.45 2.73 -22.79
C ILE A 71 -13.49 3.43 -23.66
N SER A 72 -13.15 3.62 -24.92
CA SER A 72 -14.06 4.27 -25.86
C SER A 72 -14.85 3.22 -26.63
N ASN A 73 -16.10 3.53 -26.92
CA ASN A 73 -16.95 2.62 -27.68
C ASN A 73 -17.09 1.28 -26.96
N GLY A 74 -16.97 1.31 -25.63
CA GLY A 74 -17.08 0.09 -24.85
C GLY A 74 -17.11 0.37 -23.36
N ARG A 75 -16.95 -0.68 -22.57
CA ARG A 75 -16.97 -0.55 -21.11
C ARG A 75 -16.45 -1.82 -20.44
N HIS A 76 -16.49 -1.82 -19.12
CA HIS A 76 -16.01 -2.96 -18.34
C HIS A 76 -17.18 -3.79 -17.82
N ASN A 77 -16.86 -4.91 -17.18
CA ASN A 77 -17.88 -5.79 -16.61
C ASN A 77 -17.90 -5.68 -15.10
N GLY A 78 -17.05 -6.47 -14.44
CA GLY A 78 -16.96 -6.42 -13.00
C GLY A 78 -18.27 -6.71 -12.30
N TYR A 79 -18.18 -7.20 -11.06
CA TYR A 79 -19.36 -7.50 -10.29
C TYR A 79 -19.47 -6.59 -9.06
N GLU A 80 -18.32 -6.23 -8.52
CA GLU A 80 -18.26 -5.35 -7.36
C GLU A 80 -18.06 -3.90 -7.78
N ASP A 81 -17.81 -3.04 -6.80
CA ASP A 81 -17.61 -1.62 -7.08
C ASP A 81 -16.14 -1.25 -7.03
N PHE A 82 -15.37 -2.01 -6.25
CA PHE A 82 -13.94 -1.77 -6.11
C PHE A 82 -13.14 -3.04 -6.36
N TYR A 83 -11.82 -2.96 -6.20
CA TYR A 83 -10.95 -4.10 -6.42
C TYR A 83 -9.64 -3.94 -5.67
N THR A 84 -8.85 -5.01 -5.64
CA THR A 84 -7.57 -4.97 -4.93
C THR A 84 -6.45 -5.58 -5.77
N ASP A 85 -5.24 -5.58 -5.23
CA ASP A 85 -4.08 -6.12 -5.92
C ASP A 85 -4.25 -7.60 -6.17
N GLY A 86 -4.74 -7.93 -7.35
CA GLY A 86 -4.93 -9.32 -7.73
C GLY A 86 -6.34 -9.61 -8.20
N SER A 87 -7.01 -8.61 -8.78
CA SER A 87 -8.35 -8.78 -9.29
C SER A 87 -8.38 -8.75 -10.81
N VAL A 88 -9.46 -9.21 -11.40
CA VAL A 88 -9.58 -9.22 -12.86
C VAL A 88 -10.98 -8.81 -13.30
N VAL A 89 -11.05 -8.22 -14.49
CA VAL A 89 -12.32 -7.77 -15.05
C VAL A 89 -12.32 -7.93 -16.56
N THR A 90 -13.48 -8.22 -17.13
CA THR A 90 -13.62 -8.39 -18.56
C THR A 90 -14.31 -7.20 -19.19
N TYR A 91 -13.71 -6.67 -20.25
CA TYR A 91 -14.26 -5.51 -20.94
C TYR A 91 -15.22 -5.94 -22.05
N SER A 92 -16.07 -5.02 -22.48
CA SER A 92 -17.04 -5.29 -23.52
C SER A 92 -17.49 -4.01 -24.22
N CYS A 93 -17.61 -4.08 -25.53
CA CYS A 93 -18.03 -2.92 -26.33
C CYS A 93 -19.50 -2.60 -26.09
N ASN A 94 -19.90 -1.37 -26.40
CA ASN A 94 -21.27 -0.93 -26.22
C ASN A 94 -22.16 -1.41 -27.35
N SER A 95 -22.14 -0.66 -28.47
CA SER A 95 -22.98 -1.01 -29.62
C SER A 95 -22.61 -2.38 -30.18
N GLY A 96 -21.35 -2.76 -30.04
CA GLY A 96 -20.90 -4.05 -30.52
C GLY A 96 -19.62 -3.96 -31.33
N TYR A 97 -18.70 -3.12 -30.88
CA TYR A 97 -17.42 -2.95 -31.54
C TYR A 97 -16.57 -4.20 -31.40
N SER A 98 -15.33 -4.11 -31.86
CA SER A 98 -14.41 -5.25 -31.79
C SER A 98 -13.38 -5.04 -30.70
N LEU A 99 -13.59 -5.67 -29.55
CA LEU A 99 -12.68 -5.51 -28.43
C LEU A 99 -11.23 -5.74 -28.85
N ILE A 100 -10.42 -4.72 -28.62
CA ILE A 100 -9.01 -4.77 -28.94
C ILE A 100 -8.23 -5.29 -27.75
N GLY A 101 -7.06 -5.86 -28.01
CA GLY A 101 -6.25 -6.39 -26.93
C GLY A 101 -6.94 -7.54 -26.23
N ASN A 102 -7.04 -7.45 -24.90
CA ASN A 102 -7.70 -8.49 -24.12
C ASN A 102 -8.78 -7.89 -23.23
N SER A 103 -9.92 -8.59 -23.15
CA SER A 103 -11.02 -8.16 -22.33
C SER A 103 -10.65 -8.16 -20.85
N GLY A 104 -9.78 -9.08 -20.48
CA GLY A 104 -9.34 -9.19 -19.10
C GLY A 104 -8.42 -8.06 -18.68
N VAL A 105 -8.64 -7.56 -17.47
CA VAL A 105 -7.82 -6.48 -16.94
C VAL A 105 -7.39 -6.79 -15.50
N LEU A 106 -6.09 -6.87 -15.27
CA LEU A 106 -5.56 -7.19 -13.95
C LEU A 106 -5.57 -5.97 -13.04
N CYS A 107 -6.20 -6.11 -11.88
CA CYS A 107 -6.22 -5.05 -10.88
C CYS A 107 -5.02 -5.20 -9.95
N SER A 108 -4.01 -4.38 -10.16
CA SER A 108 -2.80 -4.45 -9.36
C SER A 108 -2.22 -3.06 -9.12
N GLY A 109 -1.36 -2.97 -8.10
CA GLY A 109 -0.73 -1.70 -7.77
C GLY A 109 -1.70 -0.54 -7.76
N GLY A 110 -2.94 -0.81 -7.38
CA GLY A 110 -3.96 0.24 -7.35
C GLY A 110 -4.30 0.76 -8.73
N GLU A 111 -3.94 0.00 -9.76
CA GLU A 111 -4.21 0.38 -11.13
C GLU A 111 -4.64 -0.83 -11.95
N TRP A 112 -4.96 -0.60 -13.21
CA TRP A 112 -5.39 -1.66 -14.10
C TRP A 112 -4.40 -1.86 -15.24
N SER A 113 -4.13 -3.11 -15.57
CA SER A 113 -3.18 -3.43 -16.62
C SER A 113 -3.85 -4.28 -17.71
N ASP A 114 -3.41 -4.07 -18.96
CA ASP A 114 -3.94 -4.82 -20.09
C ASP A 114 -5.37 -4.42 -20.44
N PRO A 115 -5.65 -3.11 -20.49
CA PRO A 115 -6.99 -2.62 -20.85
C PRO A 115 -7.21 -2.66 -22.36
N PRO A 116 -8.38 -3.15 -22.81
CA PRO A 116 -8.67 -3.27 -24.23
C PRO A 116 -9.27 -2.02 -24.83
N THR A 117 -9.59 -2.12 -26.11
CA THR A 117 -10.21 -1.02 -26.85
C THR A 117 -11.38 -1.54 -27.65
N CYS A 118 -12.08 -0.66 -28.35
CA CYS A 118 -13.20 -1.08 -29.15
C CYS A 118 -13.15 -0.46 -30.54
N GLN A 119 -12.81 -1.29 -31.51
CA GLN A 119 -12.68 -0.84 -32.89
C GLN A 119 -13.73 -1.48 -33.78
N ILE A 120 -13.63 -1.19 -35.07
CA ILE A 120 -14.58 -1.69 -36.04
C ILE A 120 -13.90 -2.57 -37.07
N ARG A 1 -20.13 -3.09 -27.53
CA ARG A 1 -18.93 -3.93 -27.49
C ARG A 1 -18.12 -3.67 -26.22
N ARG A 2 -18.51 -4.32 -25.13
CA ARG A 2 -17.81 -4.18 -23.86
C ARG A 2 -16.37 -4.66 -23.98
N CYS A 3 -15.66 -4.68 -22.86
CA CYS A 3 -14.27 -5.11 -22.83
C CYS A 3 -14.14 -6.50 -22.23
N PRO A 4 -13.03 -7.20 -22.53
CA PRO A 4 -12.79 -8.54 -21.98
C PRO A 4 -12.52 -8.47 -20.49
N SER A 5 -12.46 -9.62 -19.84
CA SER A 5 -12.20 -9.65 -18.41
C SER A 5 -10.93 -8.84 -18.07
N PRO A 6 -11.06 -7.84 -17.19
CA PRO A 6 -9.92 -7.01 -16.79
C PRO A 6 -8.79 -7.81 -16.18
N ARG A 7 -7.59 -7.25 -16.21
CA ARG A 7 -6.43 -7.91 -15.63
C ARG A 7 -6.52 -7.92 -14.13
N ASP A 8 -6.06 -9.01 -13.54
CA ASP A 8 -6.13 -9.19 -12.12
C ASP A 8 -4.95 -8.52 -11.41
N ILE A 9 -4.82 -8.78 -10.12
CA ILE A 9 -3.75 -8.20 -9.33
C ILE A 9 -3.44 -9.04 -8.11
N ASP A 10 -2.16 -9.11 -7.75
CA ASP A 10 -1.74 -9.84 -6.57
C ASP A 10 -1.73 -8.91 -5.37
N ASN A 11 -1.80 -9.49 -4.18
CA ASN A 11 -1.81 -8.70 -2.95
C ASN A 11 -2.83 -7.56 -3.04
N GLY A 12 -3.85 -7.76 -3.87
CA GLY A 12 -4.86 -6.74 -4.06
C GLY A 12 -6.17 -7.31 -4.58
N GLN A 13 -7.15 -6.42 -4.80
CA GLN A 13 -8.46 -6.84 -5.28
C GLN A 13 -9.06 -5.80 -6.21
N LEU A 14 -9.60 -6.23 -7.34
CA LEU A 14 -10.21 -5.32 -8.29
C LEU A 14 -11.61 -4.91 -7.85
N ASP A 15 -12.04 -3.74 -8.33
CA ASP A 15 -13.38 -3.24 -8.04
C ASP A 15 -14.12 -2.97 -9.34
N ILE A 16 -14.50 -4.04 -10.02
CA ILE A 16 -15.15 -3.93 -11.33
C ILE A 16 -16.56 -3.34 -11.21
N GLY A 17 -16.68 -2.06 -11.53
CA GLY A 17 -17.98 -1.42 -11.52
C GLY A 17 -18.56 -1.31 -12.93
N GLY A 18 -18.01 -2.09 -13.85
CA GLY A 18 -18.46 -2.06 -15.23
C GLY A 18 -17.37 -2.51 -16.19
N VAL A 19 -17.77 -3.08 -17.33
CA VAL A 19 -16.81 -3.57 -18.31
C VAL A 19 -17.17 -3.13 -19.73
N ASP A 20 -18.08 -2.18 -19.85
CA ASP A 20 -18.49 -1.69 -21.17
C ASP A 20 -17.56 -0.60 -21.66
N PHE A 21 -17.52 -0.41 -22.98
CA PHE A 21 -16.68 0.61 -23.58
C PHE A 21 -16.89 1.97 -22.92
N GLY A 22 -15.95 2.35 -22.06
CA GLY A 22 -16.07 3.62 -21.37
C GLY A 22 -16.21 3.45 -19.86
N SER A 23 -16.25 2.20 -19.39
CA SER A 23 -16.38 1.94 -17.97
C SER A 23 -15.03 2.11 -17.27
N SER A 24 -14.99 1.83 -15.97
CA SER A 24 -13.76 1.96 -15.22
C SER A 24 -13.74 1.00 -14.03
N ILE A 25 -12.54 0.67 -13.57
CA ILE A 25 -12.37 -0.25 -12.45
C ILE A 25 -11.58 0.41 -11.32
N THR A 26 -11.60 -0.21 -10.15
CA THR A 26 -10.88 0.32 -9.00
C THR A 26 -10.00 -0.76 -8.37
N TYR A 27 -8.68 -0.57 -8.44
CA TYR A 27 -7.74 -1.53 -7.89
C TYR A 27 -7.45 -1.22 -6.42
N SER A 28 -7.25 -2.27 -5.62
CA SER A 28 -6.98 -2.12 -4.20
C SER A 28 -6.06 -3.23 -3.70
N CYS A 29 -5.52 -3.03 -2.49
CA CYS A 29 -4.63 -4.02 -1.89
C CYS A 29 -5.43 -5.02 -1.06
N ASN A 30 -4.84 -6.19 -0.83
CA ASN A 30 -5.51 -7.24 -0.07
C ASN A 30 -5.91 -6.76 1.33
N SER A 31 -4.99 -6.90 2.28
CA SER A 31 -5.26 -6.47 3.66
C SER A 31 -3.96 -6.10 4.37
N GLY A 32 -3.99 -4.96 5.04
CA GLY A 32 -2.82 -4.49 5.75
C GLY A 32 -1.71 -4.05 4.79
N TYR A 33 -2.09 -3.80 3.54
CA TYR A 33 -1.14 -3.38 2.52
C TYR A 33 -1.40 -1.95 2.09
N HIS A 34 -0.61 -1.48 1.14
CA HIS A 34 -0.80 -0.14 0.58
C HIS A 34 -0.54 -0.16 -0.91
N LEU A 35 -1.60 0.03 -1.68
CA LEU A 35 -1.51 0.03 -3.14
C LEU A 35 -0.83 1.29 -3.63
N ILE A 36 0.23 1.12 -4.41
CA ILE A 36 0.97 2.26 -4.92
C ILE A 36 0.70 2.49 -6.39
N GLY A 37 1.08 3.65 -6.87
CA GLY A 37 0.87 3.99 -8.27
C GLY A 37 -0.60 4.23 -8.57
N GLU A 38 -1.12 3.47 -9.54
CA GLU A 38 -2.51 3.61 -9.95
C GLU A 38 -3.45 2.89 -9.01
N SER A 39 -4.74 3.06 -9.26
CA SER A 39 -5.78 2.44 -8.45
C SER A 39 -7.08 2.32 -9.22
N LYS A 40 -7.00 2.38 -10.55
CA LYS A 40 -8.20 2.32 -11.38
C LYS A 40 -7.87 1.94 -12.83
N SER A 41 -8.84 1.30 -13.48
CA SER A 41 -8.70 0.90 -14.89
C SER A 41 -9.80 1.55 -15.71
N TYR A 42 -9.55 1.76 -17.00
CA TYR A 42 -10.59 2.38 -17.83
C TYR A 42 -10.80 1.62 -19.14
N CYS A 43 -11.98 1.05 -19.27
CA CYS A 43 -12.35 0.30 -20.46
C CYS A 43 -12.43 1.21 -21.68
N GLU A 44 -11.46 1.06 -22.58
CA GLU A 44 -11.43 1.88 -23.78
C GLU A 44 -11.18 1.03 -25.03
N LEU A 45 -11.00 1.69 -26.16
CA LEU A 45 -10.76 0.99 -27.42
C LEU A 45 -9.28 0.66 -27.60
N GLY A 46 -9.01 -0.28 -28.49
CA GLY A 46 -7.64 -0.69 -28.75
C GLY A 46 -6.92 0.26 -29.68
N SER A 47 -6.07 -0.29 -30.54
CA SER A 47 -5.32 0.52 -31.50
C SER A 47 -5.94 0.44 -32.88
N THR A 48 -6.55 -0.70 -33.19
CA THR A 48 -7.21 -0.90 -34.48
C THR A 48 -8.71 -1.02 -34.32
N GLY A 49 -9.24 -0.44 -33.25
CA GLY A 49 -10.67 -0.50 -33.00
C GLY A 49 -11.06 -1.73 -32.21
N SER A 50 -10.18 -2.16 -31.33
CA SER A 50 -10.45 -3.34 -30.50
C SER A 50 -10.84 -2.94 -29.08
N MET A 51 -10.93 -3.93 -28.20
CA MET A 51 -11.30 -3.69 -26.81
C MET A 51 -10.11 -3.90 -25.88
N VAL A 52 -9.81 -2.88 -25.08
CA VAL A 52 -8.71 -2.95 -24.14
C VAL A 52 -9.07 -2.30 -22.81
N TRP A 53 -8.11 -2.24 -21.89
CA TRP A 53 -8.35 -1.66 -20.58
C TRP A 53 -7.24 -0.69 -20.19
N ASN A 54 -7.64 0.50 -19.73
CA ASN A 54 -6.67 1.47 -19.25
C ASN A 54 -6.07 0.98 -17.96
N PRO A 55 -4.93 1.55 -17.53
CA PRO A 55 -4.17 1.19 -16.34
C PRO A 55 -4.86 0.19 -15.41
N GLU A 56 -4.31 -1.02 -15.39
CA GLU A 56 -4.89 -2.12 -14.62
C GLU A 56 -4.20 -2.30 -13.25
N ALA A 57 -3.51 -3.43 -13.05
CA ALA A 57 -2.89 -3.73 -11.76
C ALA A 57 -1.71 -2.81 -11.45
N PRO A 58 -1.89 -1.87 -10.50
CA PRO A 58 -0.83 -0.97 -10.06
C PRO A 58 0.07 -1.68 -9.05
N ILE A 59 0.73 -0.93 -8.17
CA ILE A 59 1.61 -1.54 -7.18
C ILE A 59 0.84 -1.96 -5.94
N CYS A 60 1.52 -2.70 -5.08
CA CYS A 60 0.93 -3.18 -3.83
C CYS A 60 2.01 -3.82 -2.96
N GLU A 61 1.93 -3.61 -1.66
CA GLU A 61 2.92 -4.17 -0.75
C GLU A 61 2.49 -4.00 0.70
N SER A 62 3.18 -4.70 1.61
CA SER A 62 2.88 -4.60 3.03
C SER A 62 3.44 -3.30 3.60
N VAL A 63 2.56 -2.47 4.17
CA VAL A 63 2.96 -1.20 4.74
C VAL A 63 4.28 -1.31 5.51
N LYS A 64 5.36 -0.94 4.83
CA LYS A 64 6.70 -1.04 5.40
C LYS A 64 7.10 0.27 6.07
N CYS A 65 7.53 0.17 7.32
CA CYS A 65 7.92 1.33 8.11
C CYS A 65 9.44 1.47 8.14
N GLN A 66 9.91 2.69 7.87
CA GLN A 66 11.34 2.96 7.89
C GLN A 66 11.85 3.05 9.32
N SER A 67 13.00 3.69 9.50
CA SER A 67 13.60 3.85 10.83
C SER A 67 12.56 4.35 11.84
N PRO A 68 12.54 3.77 13.06
CA PRO A 68 11.58 4.17 14.10
C PRO A 68 11.73 5.63 14.49
N PRO A 69 10.69 6.22 15.09
CA PRO A 69 10.69 7.63 15.50
C PRO A 69 11.97 8.06 16.19
N SER A 70 12.21 9.36 16.21
CA SER A 70 13.39 9.91 16.86
C SER A 70 13.01 10.66 18.14
N ILE A 71 13.05 9.95 19.26
CA ILE A 71 12.68 10.53 20.55
C ILE A 71 13.70 11.58 20.98
N SER A 72 13.40 12.25 22.09
CA SER A 72 14.29 13.27 22.62
C SER A 72 15.23 12.69 23.67
N ASN A 73 16.48 13.09 23.61
CA ASN A 73 17.49 12.61 24.56
C ASN A 73 17.78 11.14 24.34
N GLY A 74 17.58 10.66 23.12
CA GLY A 74 17.83 9.27 22.83
C GLY A 74 17.74 8.95 21.35
N ARG A 75 17.65 7.66 21.04
CA ARG A 75 17.57 7.20 19.66
C ARG A 75 17.04 5.77 19.60
N HIS A 76 17.03 5.21 18.40
CA HIS A 76 16.57 3.85 18.20
C HIS A 76 17.73 2.94 17.82
N ASN A 77 17.48 1.64 17.81
CA ASN A 77 18.51 0.67 17.45
C ASN A 77 18.32 0.19 16.02
N GLY A 78 17.45 -0.80 15.84
CA GLY A 78 17.19 -1.31 14.51
C GLY A 78 18.43 -1.90 13.85
N TYR A 79 18.22 -2.91 13.02
CA TYR A 79 19.33 -3.58 12.35
C TYR A 79 19.22 -3.37 10.84
N GLU A 80 18.00 -3.37 10.34
CA GLU A 80 17.73 -3.17 8.92
C GLU A 80 17.46 -1.70 8.62
N ASP A 81 17.04 -1.42 7.39
CA ASP A 81 16.74 -0.06 6.99
C ASP A 81 15.24 0.22 7.01
N PHE A 82 14.46 -0.84 6.85
CA PHE A 82 13.01 -0.72 6.86
C PHE A 82 12.38 -1.73 7.81
N TYR A 83 11.05 -1.76 7.84
CA TYR A 83 10.32 -2.65 8.73
C TYR A 83 8.91 -2.90 8.21
N THR A 84 8.24 -3.92 8.74
CA THR A 84 6.89 -4.25 8.29
C THR A 84 5.97 -4.56 9.47
N ASP A 85 4.73 -4.94 9.15
CA ASP A 85 3.74 -5.26 10.16
C ASP A 85 4.16 -6.44 11.00
N GLY A 86 4.74 -6.14 12.14
CA GLY A 86 5.17 -7.18 13.06
C GLY A 86 6.63 -7.07 13.43
N SER A 87 7.19 -5.86 13.37
CA SER A 87 8.58 -5.66 13.72
C SER A 87 8.70 -4.87 15.02
N VAL A 88 9.89 -4.92 15.63
CA VAL A 88 10.13 -4.21 16.88
C VAL A 88 11.55 -3.66 16.93
N VAL A 89 11.70 -2.54 17.63
CA VAL A 89 13.00 -1.90 17.78
C VAL A 89 13.17 -1.36 19.19
N THR A 90 14.40 -1.38 19.69
CA THR A 90 14.69 -0.89 21.04
C THR A 90 15.31 0.50 20.98
N TYR A 91 14.86 1.38 21.87
CA TYR A 91 15.36 2.75 21.90
C TYR A 91 16.42 2.91 22.99
N SER A 92 17.28 3.90 22.83
CA SER A 92 18.35 4.15 23.80
C SER A 92 18.68 5.64 23.89
N CYS A 93 18.95 6.11 25.11
CA CYS A 93 19.29 7.51 25.33
C CYS A 93 20.66 7.84 24.74
N ASN A 94 20.92 9.13 24.56
CA ASN A 94 22.18 9.60 24.01
C ASN A 94 23.14 10.00 25.12
N SER A 95 22.83 11.10 25.79
CA SER A 95 23.66 11.62 26.87
C SER A 95 23.69 10.65 28.05
N GLY A 96 22.60 9.90 28.21
CA GLY A 96 22.51 8.95 29.30
C GLY A 96 21.25 9.12 30.13
N TYR A 97 20.15 9.46 29.47
CA TYR A 97 18.88 9.65 30.13
C TYR A 97 18.27 8.31 30.54
N SER A 98 17.03 8.34 31.00
CA SER A 98 16.34 7.13 31.42
C SER A 98 15.12 6.89 30.55
N LEU A 99 15.23 5.98 29.58
CA LEU A 99 14.14 5.68 28.69
C LEU A 99 12.86 5.41 29.46
N ILE A 100 11.79 6.03 28.99
CA ILE A 100 10.49 5.91 29.61
C ILE A 100 9.61 4.94 28.83
N GLY A 101 8.61 4.38 29.50
CA GLY A 101 7.73 3.44 28.84
C GLY A 101 8.44 2.16 28.47
N ASN A 102 8.35 1.78 27.21
CA ASN A 102 9.01 0.58 26.72
C ASN A 102 9.90 0.90 25.51
N SER A 103 11.16 0.49 25.61
CA SER A 103 12.12 0.71 24.54
C SER A 103 11.66 0.05 23.25
N GLY A 104 10.87 -1.01 23.40
CA GLY A 104 10.37 -1.73 22.25
C GLY A 104 9.29 -0.97 21.51
N VAL A 105 9.54 -0.70 20.23
CA VAL A 105 8.58 0.01 19.39
C VAL A 105 8.06 -0.91 18.29
N LEU A 106 6.76 -1.21 18.32
CA LEU A 106 6.17 -2.12 17.36
C LEU A 106 5.95 -1.47 16.00
N CYS A 107 6.47 -2.11 14.96
CA CYS A 107 6.28 -1.64 13.59
C CYS A 107 5.04 -2.30 13.01
N SER A 108 3.95 -1.53 12.92
CA SER A 108 2.69 -2.07 12.41
C SER A 108 1.96 -1.04 11.55
N GLY A 109 1.20 -1.54 10.60
CA GLY A 109 0.44 -0.67 9.71
C GLY A 109 1.27 0.46 9.16
N GLY A 110 2.51 0.16 8.75
CA GLY A 110 3.38 1.18 8.21
C GLY A 110 3.71 2.26 9.23
N GLU A 111 3.41 1.99 10.49
CA GLU A 111 3.68 2.95 11.55
C GLU A 111 4.32 2.25 12.75
N TRP A 112 4.73 3.04 13.73
CA TRP A 112 5.37 2.52 14.92
C TRP A 112 4.54 2.79 16.16
N SER A 113 4.27 1.75 16.95
CA SER A 113 3.58 1.94 18.21
C SER A 113 4.58 2.15 19.32
N ASP A 114 4.33 3.21 20.08
CA ASP A 114 5.22 3.81 21.03
C ASP A 114 5.58 5.06 20.32
N PRO A 115 6.78 5.52 20.16
CA PRO A 115 8.03 5.18 20.85
C PRO A 115 7.99 5.53 22.34
N PRO A 116 9.09 5.26 23.06
CA PRO A 116 9.23 5.62 24.46
C PRO A 116 9.77 7.02 24.62
N THR A 117 9.94 7.42 25.87
CA THR A 117 10.53 8.71 26.16
C THR A 117 11.91 8.51 26.75
N CYS A 118 12.42 9.53 27.38
CA CYS A 118 13.77 9.45 27.90
C CYS A 118 14.08 10.63 28.80
N GLN A 119 13.71 10.48 30.06
CA GLN A 119 13.91 11.52 31.06
C GLN A 119 14.91 11.08 32.11
N ILE A 120 15.20 11.99 33.03
CA ILE A 120 16.14 11.70 34.11
C ILE A 120 15.39 11.22 35.36
N ARG A 1 17.69 8.93 28.92
CA ARG A 1 17.54 9.66 27.67
C ARG A 1 16.76 8.83 26.66
N ARG A 2 15.80 9.48 25.98
CA ARG A 2 14.99 8.81 24.98
C ARG A 2 15.79 8.57 23.71
N CYS A 3 15.18 7.86 22.76
CA CYS A 3 15.84 7.56 21.50
C CYS A 3 15.76 8.74 20.54
N PRO A 4 16.64 8.78 19.53
CA PRO A 4 16.66 9.86 18.54
C PRO A 4 15.45 9.81 17.62
N SER A 5 15.32 10.82 16.77
CA SER A 5 14.20 10.88 15.84
C SER A 5 14.06 9.57 15.07
N PRO A 6 13.00 8.79 15.35
CA PRO A 6 12.78 7.50 14.66
C PRO A 6 12.64 7.68 13.16
N ARG A 7 12.79 6.58 12.43
CA ARG A 7 12.67 6.61 10.98
C ARG A 7 11.35 7.26 10.57
N ASP A 8 11.08 7.25 9.28
CA ASP A 8 9.87 7.88 8.76
C ASP A 8 9.22 7.06 7.65
N ILE A 9 9.74 5.87 7.42
CA ILE A 9 9.25 5.00 6.34
C ILE A 9 9.35 5.71 5.00
N ASP A 10 8.66 5.18 4.00
CA ASP A 10 8.65 5.79 2.67
C ASP A 10 7.23 6.04 2.21
N ASN A 11 6.53 4.97 1.88
CA ASN A 11 5.15 5.06 1.45
C ASN A 11 4.22 4.75 2.61
N GLY A 12 4.67 5.04 3.82
CA GLY A 12 3.88 4.77 5.00
C GLY A 12 3.93 5.89 6.03
N GLN A 13 3.29 5.66 7.18
CA GLN A 13 3.25 6.64 8.25
C GLN A 13 3.56 5.99 9.60
N LEU A 14 4.23 6.74 10.47
CA LEU A 14 4.60 6.23 11.79
C LEU A 14 3.46 6.36 12.78
N ASP A 15 3.49 5.51 13.80
CA ASP A 15 2.53 5.55 14.90
C ASP A 15 3.29 5.55 16.22
N ILE A 16 3.99 6.64 16.48
CA ILE A 16 4.84 6.73 17.67
C ILE A 16 4.04 6.93 18.94
N GLY A 17 4.13 5.96 19.84
CA GLY A 17 3.49 6.07 21.12
C GLY A 17 4.51 6.09 22.25
N GLY A 18 5.75 6.42 21.91
CA GLY A 18 6.81 6.46 22.89
C GLY A 18 8.19 6.39 22.25
N VAL A 19 9.04 7.36 22.57
CA VAL A 19 10.38 7.43 22.00
C VAL A 19 11.47 7.17 23.04
N ASP A 20 11.07 6.81 24.26
CA ASP A 20 12.02 6.55 25.32
C ASP A 20 12.46 5.09 25.30
N PHE A 21 13.53 4.79 26.01
CA PHE A 21 14.05 3.43 26.08
C PHE A 21 12.98 2.49 26.62
N GLY A 22 12.58 1.53 25.78
CA GLY A 22 11.56 0.58 26.18
C GLY A 22 10.22 0.84 25.53
N SER A 23 10.19 1.80 24.59
CA SER A 23 8.96 2.11 23.88
C SER A 23 8.89 1.33 22.57
N SER A 24 7.93 1.69 21.72
CA SER A 24 7.78 1.03 20.43
C SER A 24 6.86 1.82 19.51
N ILE A 25 7.21 1.84 18.24
CA ILE A 25 6.43 2.56 17.24
C ILE A 25 5.67 1.57 16.37
N THR A 26 4.68 2.07 15.63
CA THR A 26 3.90 1.22 14.74
C THR A 26 3.97 1.71 13.31
N TYR A 27 4.51 0.87 12.43
CA TYR A 27 4.69 1.23 11.04
C TYR A 27 3.49 0.83 10.19
N SER A 28 3.06 1.74 9.32
CA SER A 28 1.93 1.50 8.44
C SER A 28 2.11 2.20 7.11
N CYS A 29 1.43 1.73 6.07
CA CYS A 29 1.52 2.32 4.75
C CYS A 29 0.66 3.57 4.65
N ASN A 30 0.88 4.34 3.59
CA ASN A 30 0.12 5.57 3.38
C ASN A 30 -1.35 5.28 3.11
N SER A 31 -1.68 4.98 1.86
CA SER A 31 -3.05 4.68 1.48
C SER A 31 -3.08 3.83 0.20
N GLY A 32 -3.90 2.79 0.22
CA GLY A 32 -3.98 1.91 -0.93
C GLY A 32 -2.70 1.13 -1.14
N TYR A 33 -1.94 0.96 -0.07
CA TYR A 33 -0.68 0.24 -0.12
C TYR A 33 -0.70 -0.97 0.79
N HIS A 34 0.36 -1.77 0.73
CA HIS A 34 0.49 -2.94 1.59
C HIS A 34 1.89 -3.01 2.19
N LEU A 35 1.96 -2.91 3.52
CA LEU A 35 3.23 -2.96 4.21
C LEU A 35 3.68 -4.40 4.40
N ILE A 36 4.91 -4.69 3.98
CA ILE A 36 5.44 -6.04 4.07
C ILE A 36 6.47 -6.15 5.19
N GLY A 37 6.55 -7.33 5.78
CA GLY A 37 7.48 -7.57 6.87
C GLY A 37 6.92 -7.15 8.21
N GLU A 38 7.77 -6.56 9.05
CA GLU A 38 7.35 -6.10 10.37
C GLU A 38 6.52 -4.84 10.25
N SER A 39 6.20 -4.24 11.40
CA SER A 39 5.41 -3.04 11.45
C SER A 39 5.54 -2.32 12.78
N LYS A 40 6.65 -2.58 13.48
CA LYS A 40 6.85 -1.98 14.79
C LYS A 40 8.34 -1.83 15.14
N SER A 41 8.73 -0.61 15.47
CA SER A 41 10.11 -0.30 15.88
C SER A 41 10.22 -0.36 17.38
N TYR A 42 11.37 -0.79 17.90
CA TYR A 42 11.55 -0.81 19.36
C TYR A 42 12.73 0.03 19.81
N CYS A 43 12.43 1.01 20.64
CA CYS A 43 13.45 1.92 21.14
C CYS A 43 14.39 1.21 22.11
N GLU A 44 15.67 1.16 21.74
CA GLU A 44 16.68 0.52 22.57
C GLU A 44 18.07 1.07 22.26
N LEU A 45 19.07 0.54 22.95
CA LEU A 45 20.45 0.97 22.75
C LEU A 45 21.14 0.05 21.75
N GLY A 46 22.22 0.55 21.15
CA GLY A 46 22.95 -0.24 20.18
C GLY A 46 24.40 0.18 20.03
N SER A 47 24.62 1.46 19.71
CA SER A 47 25.96 1.97 19.52
C SER A 47 26.77 1.89 20.80
N THR A 48 27.25 0.70 21.12
CA THR A 48 28.06 0.48 22.31
C THR A 48 27.38 1.06 23.55
N GLY A 49 26.04 1.12 23.52
CA GLY A 49 25.30 1.66 24.64
C GLY A 49 24.45 2.86 24.25
N SER A 50 24.76 3.45 23.11
CA SER A 50 24.01 4.62 22.62
C SER A 50 22.53 4.28 22.48
N MET A 51 21.83 5.06 21.67
CA MET A 51 20.41 4.86 21.45
C MET A 51 20.13 4.54 19.98
N VAL A 52 19.21 3.61 19.77
CA VAL A 52 18.86 3.16 18.43
C VAL A 52 17.40 2.73 18.38
N TRP A 53 16.96 2.23 17.23
CA TRP A 53 15.59 1.78 17.06
C TRP A 53 15.54 0.40 16.43
N ASN A 54 14.86 -0.52 17.11
CA ASN A 54 14.70 -1.88 16.61
C ASN A 54 13.80 -1.86 15.38
N PRO A 55 13.75 -2.98 14.60
CA PRO A 55 12.96 -3.13 13.38
C PRO A 55 11.93 -2.02 13.17
N GLU A 56 12.38 -0.94 12.54
CA GLU A 56 11.54 0.23 12.34
C GLU A 56 10.77 0.18 11.02
N ALA A 57 11.47 0.45 9.92
CA ALA A 57 10.83 0.57 8.62
C ALA A 57 10.83 -0.72 7.81
N PRO A 58 9.65 -1.37 7.67
CA PRO A 58 9.49 -2.55 6.85
C PRO A 58 9.33 -2.18 5.39
N ILE A 59 8.68 -3.03 4.60
CA ILE A 59 8.44 -2.71 3.19
C ILE A 59 7.09 -2.03 3.02
N CYS A 60 6.81 -1.61 1.80
CA CYS A 60 5.55 -0.96 1.48
C CYS A 60 5.42 -0.77 -0.03
N GLU A 61 4.19 -0.90 -0.52
CA GLU A 61 3.92 -0.74 -1.94
C GLU A 61 2.43 -0.61 -2.21
N SER A 62 2.07 -0.37 -3.46
CA SER A 62 0.68 -0.24 -3.84
C SER A 62 0.18 -1.53 -4.46
N VAL A 63 -0.88 -2.08 -3.88
CA VAL A 63 -1.48 -3.31 -4.36
C VAL A 63 -1.63 -3.30 -5.88
N LYS A 64 -0.63 -3.83 -6.56
CA LYS A 64 -0.60 -3.84 -8.02
C LYS A 64 -1.73 -4.67 -8.61
N CYS A 65 -2.42 -4.10 -9.59
CA CYS A 65 -3.50 -4.79 -10.29
C CYS A 65 -3.14 -4.94 -11.76
N GLN A 66 -3.09 -6.18 -12.23
CA GLN A 66 -2.73 -6.45 -13.61
C GLN A 66 -3.83 -5.97 -14.55
N SER A 67 -3.85 -6.51 -15.77
CA SER A 67 -4.86 -6.13 -16.75
C SER A 67 -6.27 -6.24 -16.15
N PRO A 68 -7.15 -5.29 -16.46
CA PRO A 68 -8.52 -5.29 -15.92
C PRO A 68 -9.27 -6.56 -16.33
N PRO A 69 -10.36 -6.90 -15.60
CA PRO A 69 -11.15 -8.10 -15.86
C PRO A 69 -11.35 -8.36 -17.34
N SER A 70 -11.62 -9.62 -17.67
CA SER A 70 -11.84 -10.03 -19.06
C SER A 70 -13.31 -10.34 -19.30
N ILE A 71 -14.07 -9.33 -19.71
CA ILE A 71 -15.49 -9.49 -19.98
C ILE A 71 -15.74 -10.35 -21.22
N SER A 72 -17.00 -10.50 -21.58
CA SER A 72 -17.38 -11.28 -22.75
C SER A 72 -17.78 -10.37 -23.91
N ASN A 73 -17.47 -10.78 -25.12
CA ASN A 73 -17.81 -10.00 -26.30
C ASN A 73 -17.24 -8.60 -26.21
N GLY A 74 -16.14 -8.47 -25.49
CA GLY A 74 -15.49 -7.17 -25.34
C GLY A 74 -14.10 -7.27 -24.74
N ARG A 75 -13.58 -6.15 -24.25
CA ARG A 75 -12.26 -6.11 -23.66
C ARG A 75 -12.00 -4.79 -22.96
N HIS A 76 -10.79 -4.62 -22.47
CA HIS A 76 -10.41 -3.39 -21.78
C HIS A 76 -9.40 -2.60 -22.61
N ASN A 77 -9.16 -1.35 -22.21
CA ASN A 77 -8.21 -0.50 -22.93
C ASN A 77 -6.82 -0.60 -22.31
N GLY A 78 -6.56 0.21 -21.28
CA GLY A 78 -5.27 0.18 -20.62
C GLY A 78 -4.11 0.50 -21.54
N TYR A 79 -3.12 1.20 -21.01
CA TYR A 79 -1.94 1.57 -21.79
C TYR A 79 -0.71 0.86 -21.25
N GLU A 80 -0.67 0.71 -19.94
CA GLU A 80 0.45 0.06 -19.27
C GLU A 80 0.19 -1.44 -19.10
N ASP A 81 1.05 -2.11 -18.36
CA ASP A 81 0.91 -3.54 -18.13
C ASP A 81 0.37 -3.82 -16.74
N PHE A 82 0.55 -2.86 -15.83
CA PHE A 82 0.08 -3.01 -14.46
C PHE A 82 -0.65 -1.77 -13.98
N TYR A 83 -1.26 -1.86 -12.80
CA TYR A 83 -2.01 -0.74 -12.23
C TYR A 83 -1.92 -0.75 -10.71
N THR A 84 -2.27 0.37 -10.09
CA THR A 84 -2.21 0.50 -8.64
C THR A 84 -3.48 1.13 -8.07
N ASP A 85 -3.48 1.38 -6.77
CA ASP A 85 -4.62 1.96 -6.10
C ASP A 85 -4.88 3.38 -6.60
N GLY A 86 -5.81 3.49 -7.51
CA GLY A 86 -6.18 4.78 -8.05
C GLY A 86 -6.06 4.86 -9.57
N SER A 87 -6.09 3.71 -10.23
CA SER A 87 -6.01 3.67 -11.68
C SER A 87 -7.39 3.44 -12.29
N VAL A 88 -7.55 3.84 -13.56
CA VAL A 88 -8.81 3.67 -14.25
C VAL A 88 -8.60 3.16 -15.67
N VAL A 89 -9.57 2.41 -16.16
CA VAL A 89 -9.51 1.85 -17.51
C VAL A 89 -10.90 1.82 -18.13
N THR A 90 -10.95 2.00 -19.44
CA THR A 90 -12.22 1.98 -20.16
C THR A 90 -12.37 0.70 -20.96
N TYR A 91 -13.52 0.03 -20.81
CA TYR A 91 -13.79 -1.21 -21.50
C TYR A 91 -14.42 -0.95 -22.86
N SER A 92 -14.29 -1.92 -23.76
CA SER A 92 -14.84 -1.79 -25.10
C SER A 92 -15.20 -3.16 -25.69
N CYS A 93 -16.31 -3.22 -26.40
CA CYS A 93 -16.76 -4.46 -27.02
C CYS A 93 -15.87 -4.84 -28.21
N ASN A 94 -15.96 -6.09 -28.63
CA ASN A 94 -15.15 -6.57 -29.75
C ASN A 94 -15.94 -6.54 -31.06
N SER A 95 -16.91 -7.44 -31.19
CA SER A 95 -17.71 -7.52 -32.40
C SER A 95 -18.49 -6.23 -32.64
N GLY A 96 -18.71 -5.47 -31.57
CA GLY A 96 -19.44 -4.22 -31.69
C GLY A 96 -20.66 -4.18 -30.79
N TYR A 97 -20.57 -4.86 -29.65
CA TYR A 97 -21.66 -4.89 -28.69
C TYR A 97 -21.84 -3.53 -28.03
N SER A 98 -22.73 -3.46 -27.05
CA SER A 98 -22.97 -2.23 -26.31
C SER A 98 -22.51 -2.37 -24.87
N LEU A 99 -21.39 -1.73 -24.54
CA LEU A 99 -20.83 -1.80 -23.20
C LEU A 99 -21.91 -1.59 -22.14
N ILE A 100 -22.03 -2.57 -21.26
CA ILE A 100 -23.00 -2.52 -20.19
C ILE A 100 -22.39 -1.89 -18.94
N GLY A 101 -23.24 -1.28 -18.12
CA GLY A 101 -22.75 -0.64 -16.92
C GLY A 101 -21.85 0.53 -17.22
N ASN A 102 -20.70 0.56 -16.58
CA ASN A 102 -19.72 1.62 -16.79
C ASN A 102 -18.45 1.07 -17.42
N SER A 103 -17.90 1.81 -18.37
CA SER A 103 -16.68 1.39 -19.06
C SER A 103 -15.46 1.65 -18.19
N GLY A 104 -15.55 2.67 -17.35
CA GLY A 104 -14.46 2.99 -16.44
C GLY A 104 -14.36 1.99 -15.31
N VAL A 105 -13.15 1.45 -15.12
CA VAL A 105 -12.92 0.48 -14.06
C VAL A 105 -11.85 0.98 -13.10
N LEU A 106 -12.21 1.09 -11.83
CA LEU A 106 -11.27 1.59 -10.82
C LEU A 106 -10.30 0.51 -10.36
N CYS A 107 -9.01 0.78 -10.50
CA CYS A 107 -7.99 -0.14 -10.02
C CYS A 107 -7.66 0.20 -8.58
N SER A 108 -8.16 -0.60 -7.66
CA SER A 108 -7.94 -0.37 -6.23
C SER A 108 -7.81 -1.68 -5.47
N GLY A 109 -7.28 -1.60 -4.25
CA GLY A 109 -7.11 -2.78 -3.43
C GLY A 109 -6.53 -3.96 -4.18
N GLY A 110 -5.71 -3.66 -5.19
CA GLY A 110 -5.11 -4.72 -5.98
C GLY A 110 -6.13 -5.49 -6.80
N GLU A 111 -7.29 -4.86 -7.03
CA GLU A 111 -8.36 -5.47 -7.80
C GLU A 111 -9.08 -4.42 -8.63
N TRP A 112 -10.02 -4.86 -9.46
CA TRP A 112 -10.78 -3.97 -10.30
C TRP A 112 -12.24 -3.91 -9.87
N SER A 113 -12.83 -2.72 -9.97
CA SER A 113 -14.22 -2.53 -9.57
C SER A 113 -15.01 -1.83 -10.67
N ASP A 114 -16.30 -2.17 -10.75
CA ASP A 114 -17.19 -1.57 -11.74
C ASP A 114 -16.88 -2.06 -13.16
N PRO A 115 -16.72 -3.38 -13.34
CA PRO A 115 -16.48 -3.95 -14.67
C PRO A 115 -17.76 -4.05 -15.48
N PRO A 116 -17.73 -3.64 -16.76
CA PRO A 116 -18.91 -3.65 -17.62
C PRO A 116 -19.11 -4.96 -18.36
N THR A 117 -20.10 -4.96 -19.24
CA THR A 117 -20.39 -6.11 -20.07
C THR A 117 -20.50 -5.68 -21.53
N CYS A 118 -21.09 -6.52 -22.36
CA CYS A 118 -21.25 -6.20 -23.76
C CYS A 118 -22.47 -6.90 -24.35
N GLN A 119 -23.61 -6.21 -24.31
CA GLN A 119 -24.84 -6.75 -24.83
C GLN A 119 -25.42 -5.84 -25.91
N ILE A 120 -26.27 -6.43 -26.75
CA ILE A 120 -26.90 -5.68 -27.83
C ILE A 120 -28.19 -5.04 -27.37
N ARG A 1 23.49 2.61 24.79
CA ARG A 1 22.60 1.48 24.58
C ARG A 1 21.56 1.78 23.51
N ARG A 2 21.35 0.83 22.61
CA ARG A 2 20.37 1.00 21.53
C ARG A 2 18.95 0.78 22.05
N CYS A 3 17.99 0.82 21.14
CA CYS A 3 16.60 0.62 21.50
C CYS A 3 16.20 -0.84 21.31
N PRO A 4 15.08 -1.26 21.91
CA PRO A 4 14.60 -2.64 21.81
C PRO A 4 14.33 -3.03 20.36
N SER A 5 13.59 -4.11 20.17
CA SER A 5 13.26 -4.57 18.83
C SER A 5 12.14 -3.73 18.21
N PRO A 6 12.46 -2.83 17.27
CA PRO A 6 11.46 -1.98 16.63
C PRO A 6 10.36 -2.82 15.97
N ARG A 7 9.13 -2.32 16.05
CA ARG A 7 7.99 -3.03 15.47
C ARG A 7 8.27 -3.39 14.02
N ASP A 8 7.42 -4.24 13.45
CA ASP A 8 7.62 -4.70 12.09
C ASP A 8 6.38 -4.54 11.21
N ILE A 9 5.28 -4.12 11.82
CA ILE A 9 4.01 -3.96 11.14
C ILE A 9 3.57 -5.25 10.44
N ASP A 10 2.27 -5.37 10.20
CA ASP A 10 1.72 -6.57 9.57
C ASP A 10 1.43 -6.34 8.08
N ASN A 11 0.77 -5.22 7.78
CA ASN A 11 0.43 -4.90 6.40
C ASN A 11 1.49 -4.01 5.77
N GLY A 12 2.75 -4.28 6.10
CA GLY A 12 3.84 -3.50 5.56
C GLY A 12 5.19 -3.92 6.08
N GLN A 13 6.19 -3.09 5.86
CA GLN A 13 7.55 -3.37 6.31
C GLN A 13 8.16 -2.12 6.93
N LEU A 14 9.37 -2.24 7.44
CA LEU A 14 10.06 -1.11 8.05
C LEU A 14 11.44 -0.89 7.45
N ASP A 15 11.88 0.36 7.48
CA ASP A 15 13.20 0.72 6.98
C ASP A 15 14.04 1.26 8.13
N ILE A 16 14.65 0.34 8.88
CA ILE A 16 15.43 0.72 10.05
C ILE A 16 16.80 1.26 9.68
N GLY A 17 16.96 2.57 9.75
CA GLY A 17 18.24 3.18 9.48
C GLY A 17 18.99 3.51 10.76
N GLY A 18 18.60 2.85 11.84
CA GLY A 18 19.24 3.08 13.13
C GLY A 18 18.32 2.74 14.28
N VAL A 19 18.89 2.17 15.34
CA VAL A 19 18.11 1.77 16.51
C VAL A 19 18.72 2.32 17.79
N ASP A 20 19.36 3.47 17.70
CA ASP A 20 19.97 4.10 18.87
C ASP A 20 19.16 5.31 19.31
N PHE A 21 19.42 5.78 20.52
CA PHE A 21 18.72 6.91 21.07
C PHE A 21 18.92 8.16 20.21
N GLY A 22 18.03 8.35 19.24
CA GLY A 22 18.13 9.50 18.37
C GLY A 22 17.88 9.17 16.90
N SER A 23 17.68 7.89 16.60
CA SER A 23 17.43 7.47 15.23
C SER A 23 15.94 7.40 14.95
N SER A 24 15.59 6.91 13.76
CA SER A 24 14.19 6.79 13.36
C SER A 24 14.03 5.74 12.29
N ILE A 25 12.90 5.02 12.33
CA ILE A 25 12.60 3.99 11.35
C ILE A 25 11.62 4.52 10.31
N THR A 26 11.48 3.80 9.20
CA THR A 26 10.56 4.20 8.14
C THR A 26 9.61 3.07 7.78
N TYR A 27 8.32 3.28 8.03
CA TYR A 27 7.33 2.25 7.76
C TYR A 27 6.72 2.39 6.37
N SER A 28 6.35 1.25 5.79
CA SER A 28 5.73 1.22 4.47
C SER A 28 4.80 0.02 4.36
N CYS A 29 3.72 0.18 3.60
CA CYS A 29 2.75 -0.90 3.42
C CYS A 29 3.35 -2.04 2.61
N ASN A 30 2.66 -3.17 2.60
CA ASN A 30 3.15 -4.35 1.89
C ASN A 30 3.10 -4.14 0.38
N SER A 31 1.95 -4.41 -0.23
CA SER A 31 1.78 -4.24 -1.66
C SER A 31 0.33 -3.93 -2.00
N GLY A 32 0.13 -2.95 -2.86
CA GLY A 32 -1.21 -2.56 -3.24
C GLY A 32 -1.97 -1.95 -2.07
N TYR A 33 -1.21 -1.38 -1.12
CA TYR A 33 -1.81 -0.78 0.06
C TYR A 33 -1.43 0.70 0.17
N HIS A 34 -2.06 1.39 1.12
CA HIS A 34 -1.77 2.79 1.37
C HIS A 34 -1.71 3.05 2.88
N LEU A 35 -0.51 3.37 3.36
CA LEU A 35 -0.31 3.62 4.78
C LEU A 35 -0.85 4.99 5.17
N ILE A 36 -1.66 5.02 6.24
CA ILE A 36 -2.25 6.26 6.70
C ILE A 36 -1.55 6.76 7.96
N GLY A 37 -1.67 8.06 8.20
CA GLY A 37 -1.04 8.66 9.36
C GLY A 37 0.47 8.78 9.19
N GLU A 38 1.21 8.55 10.27
CA GLU A 38 2.66 8.62 10.23
C GLU A 38 3.23 7.41 9.49
N SER A 39 4.55 7.29 9.51
CA SER A 39 5.23 6.18 8.86
C SER A 39 6.69 6.12 9.28
N LYS A 40 6.96 6.56 10.50
CA LYS A 40 8.33 6.58 11.01
C LYS A 40 8.36 6.45 12.53
N SER A 41 9.12 5.47 13.01
CA SER A 41 9.27 5.23 14.44
C SER A 41 10.48 5.99 14.96
N TYR A 42 10.36 6.61 16.12
CA TYR A 42 11.51 7.36 16.66
C TYR A 42 12.01 6.74 17.96
N CYS A 43 13.29 6.35 17.95
CA CYS A 43 13.92 5.74 19.10
C CYS A 43 14.15 6.76 20.20
N GLU A 44 13.53 6.54 21.34
CA GLU A 44 13.68 7.44 22.47
C GLU A 44 13.61 6.67 23.79
N LEU A 45 13.73 7.40 24.90
CA LEU A 45 13.69 6.79 26.22
C LEU A 45 12.28 6.83 26.80
N GLY A 46 11.90 5.78 27.52
CA GLY A 46 10.58 5.72 28.12
C GLY A 46 10.37 6.81 29.14
N SER A 47 9.99 6.41 30.36
CA SER A 47 9.75 7.37 31.43
C SER A 47 10.61 7.06 32.65
N THR A 48 10.86 5.77 32.89
CA THR A 48 11.67 5.35 34.03
C THR A 48 13.13 5.19 33.64
N GLY A 49 13.54 5.88 32.59
CA GLY A 49 14.91 5.80 32.13
C GLY A 49 15.15 4.62 31.20
N SER A 50 14.08 4.08 30.63
CA SER A 50 14.18 2.95 29.72
C SER A 50 14.22 3.41 28.28
N MET A 51 13.94 2.49 27.35
CA MET A 51 13.95 2.81 25.93
C MET A 51 12.56 2.56 25.33
N VAL A 52 12.31 3.18 24.20
CA VAL A 52 11.02 3.05 23.52
C VAL A 52 11.10 3.51 22.07
N TRP A 53 10.01 3.31 21.33
CA TRP A 53 9.97 3.70 19.93
C TRP A 53 8.71 4.52 19.64
N ASN A 54 8.91 5.72 19.08
CA ASN A 54 7.81 6.58 18.71
C ASN A 54 7.05 5.97 17.53
N PRO A 55 5.83 6.49 17.24
CA PRO A 55 4.96 6.03 16.16
C PRO A 55 5.62 5.08 15.16
N GLU A 56 5.33 3.79 15.34
CA GLU A 56 5.94 2.74 14.54
C GLU A 56 5.04 2.22 13.43
N ALA A 57 4.01 1.48 13.81
CA ALA A 57 3.12 0.82 12.86
C ALA A 57 1.80 1.56 12.71
N PRO A 58 1.81 2.67 11.96
CA PRO A 58 0.59 3.44 11.64
C PRO A 58 -0.47 2.57 10.98
N ILE A 59 -1.35 3.19 10.19
CA ILE A 59 -2.42 2.46 9.51
C ILE A 59 -1.94 1.92 8.16
N CYS A 60 -2.72 1.01 7.60
CA CYS A 60 -2.41 0.42 6.31
C CYS A 60 -3.62 -0.29 5.72
N GLU A 61 -3.99 0.06 4.50
CA GLU A 61 -5.14 -0.54 3.84
C GLU A 61 -4.87 -0.73 2.34
N SER A 62 -5.77 -1.43 1.67
CA SER A 62 -5.64 -1.70 0.24
C SER A 62 -6.17 -0.54 -0.60
N VAL A 63 -5.29 0.06 -1.38
CA VAL A 63 -5.67 1.16 -2.26
C VAL A 63 -6.90 0.80 -3.09
N LYS A 64 -8.05 1.27 -2.65
CA LYS A 64 -9.31 1.01 -3.34
C LYS A 64 -9.30 1.61 -4.75
N CYS A 65 -9.83 0.85 -5.71
CA CYS A 65 -9.89 1.31 -7.10
C CYS A 65 -11.33 1.30 -7.60
N GLN A 66 -11.77 2.43 -8.13
CA GLN A 66 -13.13 2.55 -8.65
C GLN A 66 -13.25 1.84 -9.99
N SER A 67 -14.35 2.09 -10.67
CA SER A 67 -14.61 1.51 -11.96
C SER A 67 -13.36 1.51 -12.84
N PRO A 68 -13.06 0.38 -13.50
CA PRO A 68 -11.88 0.25 -14.35
C PRO A 68 -11.85 1.29 -15.47
N PRO A 69 -10.68 1.50 -16.08
CA PRO A 69 -10.50 2.47 -17.16
C PRO A 69 -11.66 2.47 -18.16
N SER A 70 -11.77 3.56 -18.90
CA SER A 70 -12.82 3.70 -19.90
C SER A 70 -12.23 3.65 -21.30
N ILE A 71 -12.14 2.44 -21.86
CA ILE A 71 -11.57 2.25 -23.19
C ILE A 71 -12.48 2.82 -24.27
N SER A 72 -11.98 2.84 -25.49
CA SER A 72 -12.75 3.36 -26.62
C SER A 72 -13.58 2.25 -27.25
N ASN A 73 -14.80 2.59 -27.66
CA ASN A 73 -15.69 1.63 -28.28
C ASN A 73 -15.93 0.44 -27.35
N GLY A 74 -15.86 0.68 -26.05
CA GLY A 74 -16.07 -0.38 -25.09
C GLY A 74 -16.20 0.14 -23.66
N ARG A 75 -16.24 -0.79 -22.71
CA ARG A 75 -16.36 -0.43 -21.30
C ARG A 75 -16.06 -1.63 -20.42
N HIS A 76 -16.22 -1.46 -19.12
CA HIS A 76 -15.95 -2.52 -18.16
C HIS A 76 -17.23 -3.06 -17.54
N ASN A 77 -17.09 -4.20 -16.86
CA ASN A 77 -18.23 -4.82 -16.18
C ASN A 77 -17.92 -4.97 -14.69
N GLY A 78 -18.61 -5.90 -14.04
CA GLY A 78 -18.38 -6.13 -12.62
C GLY A 78 -19.66 -6.25 -11.82
N TYR A 79 -19.52 -6.54 -10.54
CA TYR A 79 -20.67 -6.69 -9.67
C TYR A 79 -20.72 -5.57 -8.63
N GLU A 80 -19.54 -5.03 -8.31
CA GLU A 80 -19.42 -3.97 -7.33
C GLU A 80 -19.22 -2.63 -8.00
N ASP A 81 -19.02 -1.60 -7.18
CA ASP A 81 -18.78 -0.25 -7.69
C ASP A 81 -17.32 0.15 -7.49
N PHE A 82 -16.68 -0.48 -6.51
CA PHE A 82 -15.28 -0.22 -6.22
C PHE A 82 -14.48 -1.51 -6.25
N TYR A 83 -13.17 -1.41 -6.02
CA TYR A 83 -12.30 -2.58 -6.03
C TYR A 83 -11.08 -2.35 -5.16
N THR A 84 -10.32 -3.41 -4.90
CA THR A 84 -9.13 -3.32 -4.07
C THR A 84 -7.92 -3.98 -4.72
N ASP A 85 -6.79 -3.94 -4.04
CA ASP A 85 -5.56 -4.52 -4.55
C ASP A 85 -5.69 -6.02 -4.71
N GLY A 86 -6.04 -6.43 -5.91
CA GLY A 86 -6.18 -7.84 -6.21
C GLY A 86 -7.55 -8.19 -6.75
N SER A 87 -8.18 -7.23 -7.42
CA SER A 87 -9.50 -7.46 -8.01
C SER A 87 -9.39 -7.54 -9.52
N VAL A 88 -10.40 -8.13 -10.16
CA VAL A 88 -10.40 -8.27 -11.61
C VAL A 88 -11.75 -7.87 -12.20
N VAL A 89 -11.71 -7.49 -13.47
CA VAL A 89 -12.91 -7.09 -14.20
C VAL A 89 -12.79 -7.43 -15.67
N THR A 90 -13.92 -7.73 -16.29
CA THR A 90 -13.93 -8.11 -17.70
C THR A 90 -14.54 -7.00 -18.56
N TYR A 91 -13.73 -6.48 -19.47
CA TYR A 91 -14.16 -5.40 -20.35
C TYR A 91 -15.07 -5.88 -21.45
N SER A 92 -15.76 -4.95 -22.10
CA SER A 92 -16.68 -5.29 -23.18
C SER A 92 -16.89 -4.13 -24.14
N CYS A 93 -16.85 -4.42 -25.43
CA CYS A 93 -17.06 -3.40 -26.46
C CYS A 93 -18.51 -2.93 -26.47
N ASN A 94 -18.74 -1.73 -26.99
CA ASN A 94 -20.08 -1.16 -27.05
C ASN A 94 -20.83 -1.61 -28.29
N SER A 95 -20.49 -1.03 -29.44
CA SER A 95 -21.15 -1.38 -30.70
C SER A 95 -20.99 -2.85 -31.01
N GLY A 96 -19.92 -3.45 -30.50
CA GLY A 96 -19.65 -4.86 -30.75
C GLY A 96 -18.30 -5.10 -31.37
N TYR A 97 -17.32 -4.31 -30.94
CA TYR A 97 -15.96 -4.43 -31.46
C TYR A 97 -15.33 -5.71 -30.96
N SER A 98 -14.04 -5.88 -31.25
CA SER A 98 -13.30 -7.06 -30.82
C SER A 98 -12.26 -6.67 -29.78
N LEU A 99 -12.58 -6.89 -28.51
CA LEU A 99 -11.70 -6.52 -27.43
C LEU A 99 -10.28 -6.99 -27.67
N ILE A 100 -9.35 -6.17 -27.24
CA ILE A 100 -7.94 -6.42 -27.42
C ILE A 100 -7.23 -6.56 -26.08
N GLY A 101 -6.06 -7.19 -26.09
CA GLY A 101 -5.32 -7.37 -24.86
C GLY A 101 -6.16 -7.99 -23.77
N ASN A 102 -7.18 -8.71 -24.18
CA ASN A 102 -8.07 -9.40 -23.26
C ASN A 102 -8.79 -8.42 -22.34
N SER A 103 -10.08 -8.64 -22.18
CA SER A 103 -10.92 -7.77 -21.34
C SER A 103 -10.48 -7.81 -19.88
N GLY A 104 -9.90 -8.92 -19.46
CA GLY A 104 -9.46 -9.05 -18.09
C GLY A 104 -8.55 -7.91 -17.64
N VAL A 105 -8.91 -7.29 -16.53
CA VAL A 105 -8.11 -6.20 -15.98
C VAL A 105 -7.81 -6.46 -14.50
N LEU A 106 -6.67 -5.95 -14.03
CA LEU A 106 -6.28 -6.17 -12.64
C LEU A 106 -6.43 -4.89 -11.81
N CYS A 107 -7.10 -5.01 -10.68
CA CYS A 107 -7.24 -3.89 -9.76
C CYS A 107 -6.12 -3.93 -8.73
N SER A 108 -5.16 -3.03 -8.87
CA SER A 108 -4.03 -2.99 -7.97
C SER A 108 -3.42 -1.59 -7.88
N GLY A 109 -2.61 -1.37 -6.86
CA GLY A 109 -1.97 -0.08 -6.67
C GLY A 109 -2.93 1.09 -6.86
N GLY A 110 -4.18 0.88 -6.49
CA GLY A 110 -5.18 1.93 -6.64
C GLY A 110 -5.44 2.28 -8.09
N GLU A 111 -5.08 1.37 -8.98
CA GLU A 111 -5.28 1.58 -10.41
C GLU A 111 -5.57 0.26 -11.11
N TRP A 112 -5.70 0.32 -12.42
CA TRP A 112 -5.99 -0.87 -13.22
C TRP A 112 -4.87 -1.13 -14.22
N SER A 113 -4.29 -2.32 -14.13
CA SER A 113 -3.19 -2.69 -15.02
C SER A 113 -3.67 -3.68 -16.09
N ASP A 114 -3.06 -3.57 -17.26
CA ASP A 114 -3.39 -4.46 -18.38
C ASP A 114 -4.77 -4.15 -18.99
N PRO A 115 -5.12 -2.86 -19.16
CA PRO A 115 -6.39 -2.48 -19.78
C PRO A 115 -6.42 -2.84 -21.25
N PRO A 116 -7.59 -3.23 -21.79
CA PRO A 116 -7.70 -3.65 -23.18
C PRO A 116 -8.17 -2.54 -24.12
N THR A 117 -8.40 -2.95 -25.36
CA THR A 117 -8.90 -2.05 -26.39
C THR A 117 -10.05 -2.72 -27.12
N CYS A 118 -10.72 -1.99 -27.99
CA CYS A 118 -11.82 -2.55 -28.75
C CYS A 118 -11.65 -2.23 -30.23
N GLN A 119 -11.02 -3.15 -30.94
CA GLN A 119 -10.76 -2.98 -32.35
C GLN A 119 -11.45 -4.04 -33.18
N ILE A 120 -11.26 -3.96 -34.48
CA ILE A 120 -11.86 -4.90 -35.41
C ILE A 120 -10.85 -5.92 -35.89
N ARG A 1 22.04 4.56 25.94
CA ARG A 1 20.69 4.22 26.39
C ARG A 1 19.72 4.25 25.21
N ARG A 2 19.46 3.07 24.64
CA ARG A 2 18.55 2.97 23.52
C ARG A 2 17.13 2.64 23.98
N CYS A 3 16.18 2.74 23.05
CA CYS A 3 14.79 2.43 23.34
C CYS A 3 14.58 0.91 23.34
N PRO A 4 13.37 0.44 23.65
CA PRO A 4 13.08 -0.99 23.70
C PRO A 4 12.55 -1.51 22.37
N SER A 5 12.29 -2.81 22.31
CA SER A 5 11.77 -3.44 21.11
C SER A 5 10.58 -2.63 20.56
N PRO A 6 10.80 -1.85 19.48
CA PRO A 6 9.76 -1.01 18.90
C PRO A 6 8.45 -1.76 18.67
N ARG A 7 7.37 -1.01 18.55
CA ARG A 7 6.07 -1.60 18.27
C ARG A 7 6.08 -2.22 16.89
N ASP A 8 4.96 -2.77 16.50
CA ASP A 8 4.88 -3.46 15.22
C ASP A 8 3.54 -3.19 14.53
N ILE A 9 3.48 -3.56 13.26
CA ILE A 9 2.28 -3.36 12.46
C ILE A 9 1.77 -4.70 11.96
N ASP A 10 0.45 -4.81 11.81
CA ASP A 10 -0.18 -6.05 11.39
C ASP A 10 -0.02 -6.29 9.89
N ASN A 11 -0.51 -5.36 9.08
CA ASN A 11 -0.45 -5.50 7.62
C ASN A 11 0.79 -4.82 7.06
N GLY A 12 1.88 -4.82 7.82
CA GLY A 12 3.09 -4.19 7.36
C GLY A 12 4.34 -4.73 8.03
N GLN A 13 5.47 -4.08 7.77
CA GLN A 13 6.75 -4.46 8.36
C GLN A 13 7.59 -3.23 8.63
N LEU A 14 8.33 -3.23 9.74
CA LEU A 14 9.15 -2.09 10.11
C LEU A 14 10.55 -2.19 9.51
N ASP A 15 11.27 -1.07 9.55
CA ASP A 15 12.64 -1.01 9.07
C ASP A 15 13.52 -0.30 10.11
N ILE A 16 14.00 -1.06 11.08
CA ILE A 16 14.80 -0.49 12.16
C ILE A 16 16.19 -0.10 11.70
N GLY A 17 16.41 1.20 11.55
CA GLY A 17 17.72 1.71 11.19
C GLY A 17 18.42 2.32 12.39
N GLY A 18 17.98 1.94 13.59
CA GLY A 18 18.56 2.47 14.80
C GLY A 18 17.58 2.42 15.96
N VAL A 19 18.09 2.06 17.14
CA VAL A 19 17.23 1.94 18.32
C VAL A 19 17.69 2.88 19.44
N ASP A 20 18.84 3.51 19.27
CA ASP A 20 19.39 4.40 20.30
C ASP A 20 18.56 5.66 20.43
N PHE A 21 18.76 6.37 21.53
CA PHE A 21 18.04 7.61 21.78
C PHE A 21 18.17 8.56 20.60
N GLY A 22 17.05 8.90 20.01
CA GLY A 22 17.06 9.78 18.85
C GLY A 22 16.98 9.01 17.55
N SER A 23 17.00 7.69 17.62
CA SER A 23 16.93 6.86 16.41
C SER A 23 15.54 6.94 15.79
N SER A 24 15.38 6.33 14.63
CA SER A 24 14.10 6.35 13.94
C SER A 24 13.88 5.06 13.14
N ILE A 25 12.63 4.65 13.01
CA ILE A 25 12.30 3.44 12.27
C ILE A 25 11.46 3.77 11.05
N THR A 26 11.24 2.77 10.19
CA THR A 26 10.45 2.98 8.97
C THR A 26 9.39 1.89 8.83
N TYR A 27 8.12 2.32 8.82
CA TYR A 27 7.01 1.38 8.70
C TYR A 27 6.53 1.26 7.27
N SER A 28 6.22 0.03 6.86
CA SER A 28 5.74 -0.24 5.51
C SER A 28 4.67 -1.32 5.52
N CYS A 29 3.83 -1.34 4.49
CA CYS A 29 2.77 -2.33 4.40
C CYS A 29 3.34 -3.69 3.95
N ASN A 30 2.52 -4.72 4.01
CA ASN A 30 2.95 -6.07 3.63
C ASN A 30 3.26 -6.13 2.14
N SER A 31 2.23 -6.33 1.32
CA SER A 31 2.39 -6.41 -0.12
C SER A 31 1.08 -6.10 -0.83
N GLY A 32 1.16 -5.25 -1.85
CA GLY A 32 -0.03 -4.86 -2.58
C GLY A 32 -0.98 -4.04 -1.73
N TYR A 33 -0.44 -3.40 -0.70
CA TYR A 33 -1.25 -2.59 0.20
C TYR A 33 -0.85 -1.12 0.10
N HIS A 34 -1.50 -0.29 0.91
CA HIS A 34 -1.18 1.13 0.97
C HIS A 34 -1.27 1.63 2.41
N LEU A 35 -0.13 1.97 2.97
CA LEU A 35 -0.06 2.43 4.35
C LEU A 35 -0.51 3.89 4.45
N ILE A 36 -1.45 4.15 5.33
CA ILE A 36 -1.97 5.50 5.50
C ILE A 36 -1.41 6.13 6.76
N GLY A 37 -1.27 7.45 6.75
CA GLY A 37 -0.73 8.17 7.88
C GLY A 37 0.78 8.29 7.82
N GLU A 38 1.45 7.97 8.92
CA GLU A 38 2.91 8.04 8.99
C GLU A 38 3.52 6.72 8.55
N SER A 39 4.85 6.65 8.64
CA SER A 39 5.59 5.46 8.25
C SER A 39 6.98 5.47 8.85
N LYS A 40 7.13 6.15 9.97
CA LYS A 40 8.42 6.25 10.62
C LYS A 40 8.26 6.50 12.11
N SER A 41 8.94 5.68 12.91
CA SER A 41 8.89 5.80 14.35
C SER A 41 10.16 6.46 14.86
N TYR A 42 10.06 7.17 15.98
CA TYR A 42 11.26 7.86 16.49
C TYR A 42 11.56 7.54 17.94
N CYS A 43 12.77 7.02 18.15
CA CYS A 43 13.23 6.69 19.49
C CYS A 43 13.50 7.96 20.28
N GLU A 44 12.53 8.36 21.10
CA GLU A 44 12.67 9.58 21.89
C GLU A 44 12.31 9.33 23.35
N LEU A 45 12.56 10.33 24.17
CA LEU A 45 12.31 10.27 25.60
C LEU A 45 10.81 10.36 25.89
N GLY A 46 10.40 9.77 27.01
CA GLY A 46 9.01 9.80 27.40
C GLY A 46 8.63 11.07 28.15
N SER A 47 8.02 10.91 29.32
CA SER A 47 7.61 12.04 30.12
C SER A 47 8.50 12.21 31.35
N THR A 48 8.85 11.10 31.97
CA THR A 48 9.70 11.12 33.16
C THR A 48 11.16 10.95 32.80
N GLY A 49 11.56 11.52 31.67
CA GLY A 49 12.93 11.41 31.22
C GLY A 49 13.32 9.99 30.83
N SER A 50 12.31 9.17 30.55
CA SER A 50 12.55 7.78 30.16
C SER A 50 12.76 7.68 28.66
N MET A 51 12.60 6.47 28.13
CA MET A 51 12.77 6.21 26.70
C MET A 51 11.47 5.68 26.10
N VAL A 52 11.18 6.10 24.87
CA VAL A 52 9.97 5.67 24.19
C VAL A 52 10.15 5.71 22.68
N TRP A 53 9.08 5.40 21.96
CA TRP A 53 9.13 5.39 20.50
C TRP A 53 8.00 6.21 19.89
N ASN A 54 8.36 7.16 19.02
CA ASN A 54 7.37 7.96 18.32
C ASN A 54 6.63 7.08 17.32
N PRO A 55 5.47 7.56 16.79
CA PRO A 55 4.57 6.83 15.90
C PRO A 55 5.14 5.56 15.31
N GLU A 56 4.46 4.47 15.58
CA GLU A 56 4.92 3.14 15.20
C GLU A 56 4.10 2.50 14.08
N ALA A 57 2.94 1.93 14.44
CA ALA A 57 2.13 1.19 13.49
C ALA A 57 0.94 1.99 12.98
N PRO A 58 1.19 2.89 12.02
CA PRO A 58 0.13 3.68 11.37
C PRO A 58 -0.97 2.79 10.78
N ILE A 59 -1.66 3.28 9.75
CA ILE A 59 -2.73 2.52 9.12
C ILE A 59 -2.20 1.70 7.95
N CYS A 60 -3.01 0.76 7.47
CA CYS A 60 -2.63 -0.09 6.35
C CYS A 60 -3.84 -0.87 5.85
N GLU A 61 -4.01 -0.91 4.54
CA GLU A 61 -5.13 -1.63 3.94
C GLU A 61 -4.79 -2.10 2.53
N SER A 62 -5.66 -2.92 1.97
CA SER A 62 -5.45 -3.46 0.62
C SER A 62 -5.91 -2.47 -0.44
N VAL A 63 -5.05 -2.24 -1.42
CA VAL A 63 -5.34 -1.33 -2.52
C VAL A 63 -6.72 -1.57 -3.10
N LYS A 64 -7.67 -0.74 -2.70
CA LYS A 64 -9.04 -0.87 -3.19
C LYS A 64 -9.23 -0.10 -4.50
N CYS A 65 -9.19 -0.82 -5.61
CA CYS A 65 -9.42 -0.22 -6.92
C CYS A 65 -10.90 -0.19 -7.23
N GLN A 66 -11.44 1.00 -7.46
CA GLN A 66 -12.86 1.12 -7.76
C GLN A 66 -13.15 0.53 -9.14
N SER A 67 -14.20 1.01 -9.78
CA SER A 67 -14.58 0.51 -11.08
C SER A 67 -13.40 0.53 -12.04
N PRO A 68 -13.34 -0.43 -12.99
CA PRO A 68 -12.26 -0.50 -13.98
C PRO A 68 -12.31 0.66 -14.97
N PRO A 69 -11.17 0.98 -15.60
CA PRO A 69 -11.08 2.07 -16.58
C PRO A 69 -12.25 2.07 -17.56
N SER A 70 -12.45 3.21 -18.22
CA SER A 70 -13.51 3.35 -19.20
C SER A 70 -12.94 3.62 -20.58
N ILE A 71 -12.69 2.54 -21.32
CA ILE A 71 -12.12 2.65 -22.66
C ILE A 71 -13.13 3.24 -23.63
N SER A 72 -12.69 3.45 -24.87
CA SER A 72 -13.56 3.99 -25.90
C SER A 72 -14.28 2.87 -26.64
N ASN A 73 -15.48 3.16 -27.14
CA ASN A 73 -16.25 2.20 -27.89
C ASN A 73 -16.33 0.85 -27.17
N GLY A 74 -16.23 0.91 -25.85
CA GLY A 74 -16.29 -0.31 -25.05
C GLY A 74 -16.50 -0.03 -23.58
N ARG A 75 -16.27 -1.05 -22.76
CA ARG A 75 -16.44 -0.93 -21.32
C ARG A 75 -15.87 -2.15 -20.61
N HIS A 76 -16.06 -2.21 -19.31
CA HIS A 76 -15.55 -3.31 -18.50
C HIS A 76 -16.68 -4.24 -18.04
N ASN A 77 -16.29 -5.41 -17.56
CA ASN A 77 -17.26 -6.37 -17.03
C ASN A 77 -17.46 -6.11 -15.54
N GLY A 78 -16.68 -6.77 -14.69
CA GLY A 78 -16.75 -6.56 -13.24
C GLY A 78 -18.16 -6.33 -12.72
N TYR A 79 -18.58 -5.08 -12.76
CA TYR A 79 -19.88 -4.66 -12.30
C TYR A 79 -19.93 -4.70 -10.78
N GLU A 80 -18.78 -4.49 -10.18
CA GLU A 80 -18.66 -4.47 -8.75
C GLU A 80 -18.59 -3.03 -8.25
N ASP A 81 -18.30 -2.85 -6.97
CA ASP A 81 -18.19 -1.52 -6.42
C ASP A 81 -16.74 -1.20 -6.09
N PHE A 82 -15.97 -2.23 -5.82
CA PHE A 82 -14.57 -2.07 -5.49
C PHE A 82 -13.78 -3.32 -5.86
N TYR A 83 -12.47 -3.17 -5.94
CA TYR A 83 -11.60 -4.29 -6.30
C TYR A 83 -10.33 -4.25 -5.46
N THR A 84 -9.57 -5.34 -5.48
CA THR A 84 -8.35 -5.41 -4.69
C THR A 84 -7.17 -5.89 -5.51
N ASP A 85 -5.99 -5.91 -4.89
CA ASP A 85 -4.78 -6.36 -5.57
C ASP A 85 -4.91 -7.82 -5.95
N GLY A 86 -5.23 -8.03 -7.20
CA GLY A 86 -5.36 -9.38 -7.72
C GLY A 86 -6.70 -9.63 -8.37
N SER A 87 -7.46 -8.57 -8.62
CA SER A 87 -8.76 -8.73 -9.28
C SER A 87 -8.59 -8.66 -10.79
N VAL A 88 -9.57 -9.18 -11.52
CA VAL A 88 -9.52 -9.18 -12.97
C VAL A 88 -10.92 -9.11 -13.57
N VAL A 89 -11.08 -8.20 -14.52
CA VAL A 89 -12.36 -8.00 -15.16
C VAL A 89 -12.20 -8.00 -16.69
N THR A 90 -13.17 -8.55 -17.39
CA THR A 90 -13.11 -8.63 -18.83
C THR A 90 -13.84 -7.45 -19.47
N TYR A 91 -13.15 -6.78 -20.37
CA TYR A 91 -13.71 -5.63 -21.06
C TYR A 91 -14.55 -6.05 -22.27
N SER A 92 -15.37 -5.13 -22.75
CA SER A 92 -16.23 -5.43 -23.89
C SER A 92 -16.58 -4.18 -24.68
N CYS A 93 -16.47 -4.28 -26.01
CA CYS A 93 -16.80 -3.16 -26.88
C CYS A 93 -18.30 -2.91 -26.89
N ASN A 94 -18.71 -1.70 -27.28
CA ASN A 94 -20.12 -1.34 -27.31
C ASN A 94 -20.74 -1.59 -28.69
N SER A 95 -20.49 -0.68 -29.62
CA SER A 95 -21.04 -0.79 -30.97
C SER A 95 -20.74 -2.15 -31.58
N GLY A 96 -19.61 -2.72 -31.20
CA GLY A 96 -19.22 -4.02 -31.72
C GLY A 96 -17.79 -4.03 -32.23
N TYR A 97 -16.90 -3.34 -31.52
CA TYR A 97 -15.50 -3.27 -31.90
C TYR A 97 -14.77 -4.55 -31.49
N SER A 98 -13.45 -4.53 -31.66
CA SER A 98 -12.62 -5.67 -31.29
C SER A 98 -11.75 -5.33 -30.10
N LEU A 99 -12.01 -6.01 -28.98
CA LEU A 99 -11.26 -5.80 -27.76
C LEU A 99 -9.76 -5.96 -28.00
N ILE A 100 -9.04 -4.87 -27.82
CA ILE A 100 -7.59 -4.86 -28.03
C ILE A 100 -6.85 -4.97 -26.69
N GLY A 101 -5.59 -5.33 -26.74
CA GLY A 101 -4.80 -5.46 -25.52
C GLY A 101 -5.46 -6.33 -24.50
N ASN A 102 -6.24 -7.26 -24.98
CA ASN A 102 -6.95 -8.21 -24.13
C ASN A 102 -7.91 -7.50 -23.19
N SER A 103 -9.14 -7.96 -23.19
CA SER A 103 -10.20 -7.37 -22.36
C SER A 103 -9.86 -7.45 -20.88
N GLY A 104 -9.10 -8.47 -20.51
CA GLY A 104 -8.74 -8.65 -19.10
C GLY A 104 -7.98 -7.47 -18.54
N VAL A 105 -8.34 -7.08 -17.32
CA VAL A 105 -7.69 -5.96 -16.64
C VAL A 105 -7.35 -6.34 -15.21
N LEU A 106 -6.07 -6.32 -14.87
CA LEU A 106 -5.64 -6.68 -13.53
C LEU A 106 -5.79 -5.52 -12.55
N CYS A 107 -6.53 -5.76 -11.47
CA CYS A 107 -6.68 -4.77 -10.42
C CYS A 107 -5.55 -4.95 -9.41
N SER A 108 -4.61 -4.01 -9.41
CA SER A 108 -3.46 -4.09 -8.52
C SER A 108 -2.86 -2.71 -8.25
N GLY A 109 -2.00 -2.64 -7.25
CA GLY A 109 -1.35 -1.39 -6.90
C GLY A 109 -2.30 -0.22 -6.84
N GLY A 110 -3.54 -0.48 -6.44
CA GLY A 110 -4.53 0.59 -6.35
C GLY A 110 -4.92 1.14 -7.71
N GLU A 111 -4.57 0.41 -8.77
CA GLU A 111 -4.89 0.83 -10.12
C GLU A 111 -5.15 -0.38 -11.01
N TRP A 112 -5.61 -0.13 -12.22
CA TRP A 112 -5.89 -1.19 -13.18
C TRP A 112 -4.80 -1.26 -14.23
N SER A 113 -4.24 -2.45 -14.41
CA SER A 113 -3.17 -2.64 -15.38
C SER A 113 -3.63 -3.50 -16.56
N ASP A 114 -3.02 -3.26 -17.71
CA ASP A 114 -3.34 -4.00 -18.92
C ASP A 114 -4.74 -3.67 -19.44
N PRO A 115 -5.12 -2.38 -19.49
CA PRO A 115 -6.42 -1.96 -20.01
C PRO A 115 -6.48 -2.09 -21.52
N PRO A 116 -7.62 -2.53 -22.07
CA PRO A 116 -7.78 -2.75 -23.50
C PRO A 116 -8.31 -1.55 -24.26
N THR A 117 -8.66 -1.81 -25.51
CA THR A 117 -9.24 -0.79 -26.38
C THR A 117 -10.39 -1.40 -27.17
N CYS A 118 -10.75 -0.76 -28.27
CA CYS A 118 -11.83 -1.26 -29.12
C CYS A 118 -11.67 -0.74 -30.54
N GLN A 119 -10.95 -1.50 -31.34
CA GLN A 119 -10.70 -1.12 -32.73
C GLN A 119 -11.18 -2.20 -33.69
N ILE A 120 -11.42 -1.80 -34.93
CA ILE A 120 -11.88 -2.73 -35.95
C ILE A 120 -10.71 -3.36 -36.68
N ARG A 1 21.78 4.35 27.09
CA ARG A 1 20.42 3.83 27.25
C ARG A 1 19.68 3.84 25.93
N ARG A 2 18.82 2.84 25.72
CA ARG A 2 18.04 2.74 24.50
C ARG A 2 16.55 2.86 24.80
N CYS A 3 15.72 2.68 23.78
CA CYS A 3 14.28 2.79 23.91
C CYS A 3 13.66 1.41 24.15
N PRO A 4 12.41 1.38 24.67
CA PRO A 4 11.71 0.13 24.94
C PRO A 4 11.36 -0.64 23.68
N SER A 5 10.53 -1.66 23.82
CA SER A 5 10.13 -2.49 22.68
C SER A 5 9.26 -1.68 21.70
N PRO A 6 9.78 -1.38 20.50
CA PRO A 6 9.04 -0.61 19.50
C PRO A 6 7.67 -1.21 19.23
N ARG A 7 6.65 -0.36 19.23
CA ARG A 7 5.29 -0.81 18.96
C ARG A 7 5.22 -1.58 17.66
N ASP A 8 4.16 -2.34 17.49
CA ASP A 8 4.01 -3.16 16.30
C ASP A 8 2.93 -2.61 15.38
N ILE A 9 2.66 -3.34 14.30
CA ILE A 9 1.66 -2.94 13.32
C ILE A 9 0.98 -4.15 12.71
N ASP A 10 -0.29 -4.00 12.36
CA ASP A 10 -1.04 -5.09 11.74
C ASP A 10 -0.92 -4.99 10.22
N ASN A 11 -1.19 -6.10 9.54
CA ASN A 11 -1.11 -6.14 8.08
C ASN A 11 0.19 -5.51 7.60
N GLY A 12 1.22 -5.55 8.44
CA GLY A 12 2.50 -4.96 8.08
C GLY A 12 3.67 -5.60 8.81
N GLN A 13 4.83 -4.95 8.73
CA GLN A 13 6.03 -5.47 9.38
C GLN A 13 6.99 -4.32 9.71
N LEU A 14 7.53 -4.35 10.93
CA LEU A 14 8.46 -3.33 11.37
C LEU A 14 9.84 -3.50 10.74
N ASP A 15 10.61 -2.42 10.74
CA ASP A 15 11.96 -2.44 10.21
C ASP A 15 12.90 -1.72 11.17
N ILE A 16 13.18 -2.36 12.31
CA ILE A 16 14.02 -1.77 13.34
C ILE A 16 15.50 -1.79 12.97
N GLY A 17 16.06 -0.61 12.75
CA GLY A 17 17.47 -0.50 12.46
C GLY A 17 18.23 0.09 13.64
N GLY A 18 17.60 0.08 14.82
CA GLY A 18 18.23 0.63 16.01
C GLY A 18 17.21 1.11 17.02
N VAL A 19 17.44 0.80 18.29
CA VAL A 19 16.50 1.17 19.35
C VAL A 19 17.16 2.07 20.39
N ASP A 20 18.14 2.86 19.96
CA ASP A 20 18.84 3.75 20.87
C ASP A 20 18.31 5.18 20.75
N PHE A 21 18.45 5.97 21.82
CA PHE A 21 17.99 7.35 21.83
C PHE A 21 18.47 8.09 20.58
N GLY A 22 17.54 8.38 19.69
CA GLY A 22 17.88 9.06 18.45
C GLY A 22 17.81 8.14 17.24
N SER A 23 17.54 6.86 17.47
CA SER A 23 17.45 5.89 16.39
C SER A 23 16.20 6.14 15.55
N SER A 24 15.83 5.16 14.74
CA SER A 24 14.64 5.28 13.89
C SER A 24 14.24 3.93 13.31
N ILE A 25 12.94 3.72 13.20
CA ILE A 25 12.41 2.47 12.65
C ILE A 25 11.73 2.71 11.31
N THR A 26 11.31 1.65 10.66
CA THR A 26 10.64 1.76 9.37
C THR A 26 9.42 0.84 9.33
N TYR A 27 8.24 1.45 9.27
CA TYR A 27 7.00 0.68 9.23
C TYR A 27 6.61 0.36 7.79
N SER A 28 6.17 -0.87 7.56
CA SER A 28 5.78 -1.30 6.22
C SER A 28 4.60 -2.26 6.27
N CYS A 29 3.87 -2.34 5.15
CA CYS A 29 2.71 -3.21 5.06
C CYS A 29 3.13 -4.63 4.69
N ASN A 30 2.21 -5.58 4.85
CA ASN A 30 2.49 -6.98 4.56
C ASN A 30 2.75 -7.20 3.06
N SER A 31 1.67 -7.40 2.31
CA SER A 31 1.78 -7.63 0.87
C SER A 31 0.53 -7.16 0.15
N GLY A 32 0.71 -6.44 -0.96
CA GLY A 32 -0.41 -5.94 -1.72
C GLY A 32 -1.20 -4.89 -0.95
N TYR A 33 -0.56 -4.28 0.03
CA TYR A 33 -1.20 -3.27 0.85
C TYR A 33 -0.56 -1.90 0.63
N HIS A 34 -1.02 -0.90 1.38
CA HIS A 34 -0.47 0.45 1.26
C HIS A 34 -0.53 1.16 2.62
N LEU A 35 0.63 1.42 3.19
CA LEU A 35 0.70 2.09 4.48
C LEU A 35 0.38 3.57 4.33
N ILE A 36 -0.50 4.07 5.19
CA ILE A 36 -0.89 5.47 5.14
C ILE A 36 -0.21 6.27 6.25
N GLY A 37 -0.05 7.56 6.01
CA GLY A 37 0.60 8.42 6.98
C GLY A 37 2.11 8.26 6.98
N GLU A 38 2.70 8.13 8.16
CA GLU A 38 4.14 7.96 8.29
C GLU A 38 4.54 6.51 8.02
N SER A 39 5.83 6.26 8.01
CA SER A 39 6.35 4.91 7.79
C SER A 39 7.74 4.77 8.39
N LYS A 40 8.00 5.56 9.43
CA LYS A 40 9.30 5.55 10.10
C LYS A 40 9.18 6.16 11.49
N SER A 41 9.54 5.38 12.51
CA SER A 41 9.50 5.85 13.89
C SER A 41 10.84 6.43 14.29
N TYR A 42 10.83 7.29 15.30
CA TYR A 42 12.06 7.92 15.78
C TYR A 42 12.21 7.79 17.29
N CYS A 43 13.17 6.98 17.70
CA CYS A 43 13.45 6.78 19.11
C CYS A 43 13.83 8.09 19.77
N GLU A 44 12.82 8.84 20.18
CA GLU A 44 13.03 10.14 20.80
C GLU A 44 12.97 10.03 22.31
N LEU A 45 12.98 11.18 22.98
CA LEU A 45 12.93 11.21 24.44
C LEU A 45 11.57 11.69 24.94
N GLY A 46 11.06 11.01 25.96
CA GLY A 46 9.78 11.38 26.54
C GLY A 46 9.87 11.61 28.03
N SER A 47 8.74 11.82 28.67
CA SER A 47 8.71 12.04 30.12
C SER A 47 9.75 13.08 30.53
N THR A 48 10.07 13.97 29.60
CA THR A 48 11.06 15.03 29.84
C THR A 48 12.49 14.49 29.74
N GLY A 49 12.78 13.44 30.50
CA GLY A 49 14.11 12.86 30.47
C GLY A 49 14.10 11.35 30.31
N SER A 50 13.22 10.88 29.43
CA SER A 50 13.11 9.44 29.17
C SER A 50 13.26 9.14 27.68
N MET A 51 12.93 7.91 27.31
CA MET A 51 13.01 7.49 25.91
C MET A 51 11.64 7.04 25.41
N VAL A 52 11.36 7.32 24.14
CA VAL A 52 10.09 6.95 23.55
C VAL A 52 10.21 6.78 22.04
N TRP A 53 9.10 6.43 21.40
CA TRP A 53 9.07 6.22 19.96
C TRP A 53 8.04 7.12 19.29
N ASN A 54 8.48 7.92 18.33
CA ASN A 54 7.58 8.83 17.63
C ASN A 54 8.02 9.05 16.18
N PRO A 55 7.12 8.84 15.21
CA PRO A 55 5.74 8.40 15.44
C PRO A 55 5.66 6.91 15.76
N GLU A 56 4.45 6.37 15.73
CA GLU A 56 4.23 4.97 16.04
C GLU A 56 3.82 4.19 14.77
N ALA A 57 3.10 3.10 14.97
CA ALA A 57 2.64 2.27 13.86
C ALA A 57 1.56 2.99 13.05
N PRO A 58 1.89 3.37 11.81
CA PRO A 58 0.94 4.10 10.94
C PRO A 58 -0.21 3.21 10.47
N ILE A 59 -0.74 3.50 9.29
CA ILE A 59 -1.86 2.74 8.74
C ILE A 59 -1.39 1.69 7.74
N CYS A 60 -2.28 0.77 7.40
CA CYS A 60 -1.97 -0.29 6.44
C CYS A 60 -3.25 -0.95 5.95
N GLU A 61 -3.42 -1.02 4.63
CA GLU A 61 -4.62 -1.62 4.05
C GLU A 61 -4.34 -2.16 2.65
N SER A 62 -5.34 -2.77 2.04
CA SER A 62 -5.22 -3.32 0.71
C SER A 62 -5.59 -2.28 -0.35
N VAL A 63 -4.61 -1.91 -1.17
CA VAL A 63 -4.82 -0.92 -2.22
C VAL A 63 -6.14 -1.15 -2.96
N LYS A 64 -7.17 -0.43 -2.55
CA LYS A 64 -8.49 -0.57 -3.15
C LYS A 64 -8.58 0.15 -4.49
N CYS A 65 -8.89 -0.60 -5.55
CA CYS A 65 -9.04 -0.03 -6.88
C CYS A 65 -10.51 0.07 -7.23
N GLN A 66 -10.95 1.27 -7.60
CA GLN A 66 -12.33 1.48 -7.96
C GLN A 66 -12.65 0.81 -9.29
N SER A 67 -13.70 1.25 -9.95
CA SER A 67 -14.09 0.69 -11.23
C SER A 67 -12.90 0.71 -12.20
N PRO A 68 -12.76 -0.32 -13.04
CA PRO A 68 -11.66 -0.42 -14.00
C PRO A 68 -11.66 0.76 -14.98
N PRO A 69 -10.51 1.02 -15.63
CA PRO A 69 -10.36 2.13 -16.57
C PRO A 69 -11.51 2.21 -17.57
N SER A 70 -11.72 3.40 -18.12
CA SER A 70 -12.76 3.63 -19.11
C SER A 70 -12.14 3.83 -20.48
N ILE A 71 -11.99 2.74 -21.23
CA ILE A 71 -11.39 2.80 -22.55
C ILE A 71 -12.31 3.52 -23.54
N SER A 72 -11.78 3.79 -24.73
CA SER A 72 -12.55 4.47 -25.76
C SER A 72 -13.32 3.48 -26.62
N ASN A 73 -14.58 3.79 -26.88
CA ASN A 73 -15.43 2.93 -27.70
C ASN A 73 -15.71 1.62 -26.99
N GLY A 74 -15.66 1.65 -25.66
CA GLY A 74 -15.92 0.45 -24.88
C GLY A 74 -16.14 0.73 -23.42
N ARG A 75 -16.04 -0.32 -22.61
CA ARG A 75 -16.25 -0.20 -21.17
C ARG A 75 -15.85 -1.47 -20.45
N HIS A 76 -16.08 -1.50 -19.15
CA HIS A 76 -15.75 -2.67 -18.33
C HIS A 76 -17.02 -3.29 -17.75
N ASN A 77 -16.87 -4.50 -17.19
CA ASN A 77 -18.01 -5.20 -16.60
C ASN A 77 -18.10 -4.91 -15.10
N GLY A 78 -17.42 -5.71 -14.30
CA GLY A 78 -17.44 -5.52 -12.86
C GLY A 78 -18.83 -5.63 -12.26
N TYR A 79 -18.93 -6.31 -11.12
CA TYR A 79 -20.20 -6.49 -10.44
C TYR A 79 -20.22 -5.70 -9.13
N GLU A 80 -19.04 -5.49 -8.57
CA GLU A 80 -18.91 -4.76 -7.32
C GLU A 80 -18.66 -3.28 -7.58
N ASP A 81 -18.34 -2.54 -6.52
CA ASP A 81 -18.09 -1.11 -6.64
C ASP A 81 -16.60 -0.82 -6.49
N PHE A 82 -15.87 -1.73 -5.86
CA PHE A 82 -14.44 -1.56 -5.65
C PHE A 82 -13.69 -2.87 -5.86
N TYR A 83 -12.36 -2.79 -5.90
CA TYR A 83 -11.53 -3.97 -6.09
C TYR A 83 -10.24 -3.87 -5.28
N THR A 84 -9.55 -4.99 -5.14
CA THR A 84 -8.30 -5.03 -4.37
C THR A 84 -7.16 -5.59 -5.22
N ASP A 85 -5.98 -5.68 -4.61
CA ASP A 85 -4.81 -6.19 -5.30
C ASP A 85 -4.96 -7.67 -5.61
N GLY A 86 -5.41 -7.94 -6.82
CA GLY A 86 -5.59 -9.32 -7.25
C GLY A 86 -6.97 -9.58 -7.81
N SER A 87 -7.58 -8.56 -8.42
CA SER A 87 -8.91 -8.69 -9.01
C SER A 87 -8.82 -8.65 -10.54
N VAL A 88 -9.89 -9.08 -11.20
CA VAL A 88 -9.93 -9.09 -12.66
C VAL A 88 -11.30 -8.66 -13.17
N VAL A 89 -11.31 -8.02 -14.33
CA VAL A 89 -12.55 -7.57 -14.96
C VAL A 89 -12.45 -7.67 -16.48
N THR A 90 -13.57 -7.95 -17.12
CA THR A 90 -13.60 -8.06 -18.57
C THR A 90 -14.16 -6.81 -19.21
N TYR A 91 -13.52 -6.36 -20.30
CA TYR A 91 -13.95 -5.16 -20.99
C TYR A 91 -14.82 -5.50 -22.19
N SER A 92 -15.63 -4.53 -22.62
CA SER A 92 -16.51 -4.73 -23.77
C SER A 92 -16.75 -3.42 -24.53
N CYS A 93 -16.79 -3.51 -25.85
CA CYS A 93 -17.01 -2.34 -26.69
C CYS A 93 -18.45 -1.85 -26.56
N ASN A 94 -18.68 -0.59 -26.91
CA ASN A 94 -20.01 0.00 -26.81
C ASN A 94 -20.78 -0.12 -28.12
N SER A 95 -20.35 0.63 -29.13
CA SER A 95 -21.02 0.61 -30.42
C SER A 95 -20.93 -0.76 -31.08
N GLY A 96 -19.94 -1.55 -30.66
CA GLY A 96 -19.77 -2.88 -31.22
C GLY A 96 -18.40 -3.07 -31.85
N TYR A 97 -17.41 -2.38 -31.32
CA TYR A 97 -16.05 -2.48 -31.83
C TYR A 97 -15.45 -3.84 -31.51
N SER A 98 -14.18 -4.01 -31.86
CA SER A 98 -13.47 -5.25 -31.57
C SER A 98 -12.42 -5.01 -30.50
N LEU A 99 -12.70 -5.45 -29.27
CA LEU A 99 -11.81 -5.23 -28.16
C LEU A 99 -10.37 -5.60 -28.50
N ILE A 100 -9.49 -4.66 -28.21
CA ILE A 100 -8.06 -4.85 -28.44
C ILE A 100 -7.40 -5.39 -27.19
N GLY A 101 -6.24 -6.01 -27.36
CA GLY A 101 -5.55 -6.58 -26.21
C GLY A 101 -6.35 -7.69 -25.56
N ASN A 102 -6.56 -7.56 -24.27
CA ASN A 102 -7.33 -8.55 -23.51
C ASN A 102 -8.42 -7.89 -22.69
N SER A 103 -9.62 -8.46 -22.73
CA SER A 103 -10.75 -7.95 -21.99
C SER A 103 -10.45 -7.96 -20.49
N GLY A 104 -9.67 -8.94 -20.08
CA GLY A 104 -9.32 -9.08 -18.68
C GLY A 104 -8.36 -7.99 -18.21
N VAL A 105 -8.72 -7.32 -17.12
CA VAL A 105 -7.90 -6.27 -16.56
C VAL A 105 -7.54 -6.60 -15.11
N LEU A 106 -6.24 -6.64 -14.82
CA LEU A 106 -5.78 -7.00 -13.48
C LEU A 106 -5.82 -5.81 -12.53
N CYS A 107 -6.49 -6.00 -11.40
CA CYS A 107 -6.57 -4.98 -10.37
C CYS A 107 -5.48 -5.21 -9.33
N SER A 108 -4.34 -4.58 -9.53
CA SER A 108 -3.21 -4.76 -8.63
C SER A 108 -2.63 -3.42 -8.18
N GLY A 109 -1.95 -3.45 -7.03
CA GLY A 109 -1.36 -2.24 -6.50
C GLY A 109 -2.29 -1.04 -6.52
N GLY A 110 -3.59 -1.32 -6.45
CA GLY A 110 -4.57 -0.25 -6.46
C GLY A 110 -4.81 0.31 -7.86
N GLU A 111 -4.10 -0.23 -8.84
CA GLU A 111 -4.25 0.21 -10.22
C GLU A 111 -4.59 -0.96 -11.12
N TRP A 112 -5.20 -0.66 -12.26
CA TRP A 112 -5.59 -1.69 -13.22
C TRP A 112 -4.54 -1.85 -14.30
N SER A 113 -4.25 -3.10 -14.66
CA SER A 113 -3.28 -3.38 -15.70
C SER A 113 -3.88 -4.18 -16.84
N ASP A 114 -3.06 -4.43 -17.84
CA ASP A 114 -3.47 -5.18 -19.03
C ASP A 114 -4.87 -4.76 -19.52
N PRO A 115 -5.08 -3.44 -19.69
CA PRO A 115 -6.37 -2.92 -20.18
C PRO A 115 -6.46 -2.96 -21.70
N PRO A 116 -7.65 -3.29 -22.25
CA PRO A 116 -7.86 -3.38 -23.68
C PRO A 116 -8.33 -2.09 -24.32
N THR A 117 -8.70 -2.20 -25.58
CA THR A 117 -9.21 -1.07 -26.35
C THR A 117 -10.44 -1.50 -27.15
N CYS A 118 -10.74 -0.75 -28.20
CA CYS A 118 -11.88 -1.10 -29.05
C CYS A 118 -11.72 -0.52 -30.44
N GLN A 119 -11.11 -1.31 -31.32
CA GLN A 119 -10.87 -0.90 -32.69
C GLN A 119 -11.53 -1.86 -33.66
N ILE A 120 -11.73 -1.39 -34.89
CA ILE A 120 -12.34 -2.21 -35.92
C ILE A 120 -11.29 -3.08 -36.62
N ARG A 1 -17.78 -1.77 -28.92
CA ARG A 1 -16.36 -1.45 -28.98
C ARG A 1 -15.78 -1.26 -27.58
N ARG A 2 -14.46 -1.38 -27.48
CA ARG A 2 -13.76 -1.21 -26.21
C ARG A 2 -14.51 -1.88 -25.06
N CYS A 3 -14.12 -1.52 -23.83
CA CYS A 3 -14.74 -2.08 -22.64
C CYS A 3 -15.47 -0.99 -21.85
N PRO A 4 -16.42 -1.38 -21.00
CA PRO A 4 -17.18 -0.43 -20.18
C PRO A 4 -16.31 0.22 -19.13
N SER A 5 -16.82 1.26 -18.48
CA SER A 5 -16.06 1.96 -17.47
C SER A 5 -15.52 1.00 -16.41
N PRO A 6 -14.19 0.93 -16.26
CA PRO A 6 -13.56 0.04 -15.28
C PRO A 6 -14.04 0.33 -13.86
N ARG A 7 -14.05 -0.72 -13.03
CA ARG A 7 -14.48 -0.59 -11.65
C ARG A 7 -13.46 0.21 -10.85
N ASP A 8 -13.98 1.11 -10.03
CA ASP A 8 -13.14 1.99 -9.25
C ASP A 8 -12.57 1.29 -8.03
N ILE A 9 -11.83 2.06 -7.24
CA ILE A 9 -11.19 1.53 -6.04
C ILE A 9 -11.16 2.59 -4.94
N ASP A 10 -11.23 2.14 -3.69
CA ASP A 10 -11.16 3.05 -2.55
C ASP A 10 -9.73 3.17 -2.07
N ASN A 11 -9.46 4.21 -1.29
CA ASN A 11 -8.11 4.45 -0.78
C ASN A 11 -7.08 4.31 -1.89
N GLY A 12 -7.51 4.58 -3.12
CA GLY A 12 -6.62 4.47 -4.27
C GLY A 12 -7.28 4.92 -5.55
N GLN A 13 -6.51 4.98 -6.63
CA GLN A 13 -7.04 5.41 -7.93
C GLN A 13 -6.52 4.51 -9.04
N LEU A 14 -7.26 4.47 -10.16
CA LEU A 14 -6.85 3.65 -11.29
C LEU A 14 -5.99 4.45 -12.26
N ASP A 15 -5.35 3.75 -13.17
CA ASP A 15 -4.51 4.38 -14.19
C ASP A 15 -4.88 3.86 -15.57
N ILE A 16 -5.98 4.38 -16.12
CA ILE A 16 -6.48 3.92 -17.41
C ILE A 16 -5.56 4.32 -18.56
N GLY A 17 -5.04 3.32 -19.24
CA GLY A 17 -4.18 3.55 -20.40
C GLY A 17 -4.60 2.71 -21.59
N GLY A 18 -5.84 2.22 -21.57
CA GLY A 18 -6.35 1.40 -22.64
C GLY A 18 -7.57 0.60 -22.21
N VAL A 19 -8.71 0.90 -22.82
CA VAL A 19 -9.96 0.22 -22.49
C VAL A 19 -10.46 -0.64 -23.64
N ASP A 20 -9.54 -1.15 -24.44
CA ASP A 20 -9.90 -1.99 -25.59
C ASP A 20 -9.69 -3.46 -25.28
N PHE A 21 -10.30 -4.32 -26.09
CA PHE A 21 -10.20 -5.76 -25.91
C PHE A 21 -8.75 -6.21 -26.03
N GLY A 22 -8.05 -6.22 -24.90
CA GLY A 22 -6.67 -6.64 -24.89
C GLY A 22 -5.74 -5.63 -24.23
N SER A 23 -6.32 -4.63 -23.57
CA SER A 23 -5.52 -3.60 -22.89
C SER A 23 -5.34 -3.96 -21.42
N SER A 24 -5.00 -2.97 -20.61
CA SER A 24 -4.83 -3.19 -19.18
C SER A 24 -4.71 -1.87 -18.42
N ILE A 25 -5.32 -1.83 -17.24
CA ILE A 25 -5.28 -0.64 -16.40
C ILE A 25 -4.25 -0.80 -15.29
N THR A 26 -3.97 0.28 -14.58
CA THR A 26 -3.01 0.23 -13.48
C THR A 26 -3.55 0.90 -12.23
N TYR A 27 -3.83 0.09 -11.22
CA TYR A 27 -4.39 0.61 -9.97
C TYR A 27 -3.30 1.08 -9.02
N SER A 28 -3.68 1.98 -8.11
CA SER A 28 -2.73 2.51 -7.13
C SER A 28 -3.47 3.02 -5.90
N CYS A 29 -2.80 2.97 -4.76
CA CYS A 29 -3.39 3.43 -3.51
C CYS A 29 -3.40 4.94 -3.43
N ASN A 30 -4.09 5.48 -2.42
CA ASN A 30 -4.19 6.92 -2.24
C ASN A 30 -2.82 7.53 -1.92
N SER A 31 -2.37 7.37 -0.69
CA SER A 31 -1.08 7.91 -0.26
C SER A 31 -0.62 7.24 1.03
N GLY A 32 0.67 6.88 1.08
CA GLY A 32 1.21 6.24 2.27
C GLY A 32 0.52 4.93 2.56
N TYR A 33 -0.07 4.33 1.53
CA TYR A 33 -0.78 3.07 1.66
C TYR A 33 -0.04 1.96 0.94
N HIS A 34 -0.64 0.76 0.95
CA HIS A 34 -0.04 -0.37 0.26
C HIS A 34 -1.12 -1.23 -0.40
N LEU A 35 -1.11 -1.25 -1.73
CA LEU A 35 -2.09 -2.00 -2.49
C LEU A 35 -1.72 -3.48 -2.52
N ILE A 36 -2.61 -4.32 -2.02
CA ILE A 36 -2.37 -5.76 -1.97
C ILE A 36 -3.04 -6.47 -3.14
N GLY A 37 -2.60 -7.69 -3.41
CA GLY A 37 -3.16 -8.46 -4.50
C GLY A 37 -2.73 -7.93 -5.86
N GLU A 38 -3.66 -7.93 -6.81
CA GLU A 38 -3.38 -7.42 -8.14
C GLU A 38 -3.24 -5.91 -8.13
N SER A 39 -3.11 -5.33 -9.31
CA SER A 39 -3.00 -3.88 -9.45
C SER A 39 -3.13 -3.48 -10.92
N LYS A 40 -3.88 -4.27 -11.69
CA LYS A 40 -4.03 -4.03 -13.11
C LYS A 40 -5.23 -4.79 -13.67
N SER A 41 -6.22 -4.05 -14.17
CA SER A 41 -7.40 -4.67 -14.77
C SER A 41 -7.14 -5.01 -16.22
N TYR A 42 -7.49 -6.21 -16.66
CA TYR A 42 -7.25 -6.58 -18.06
C TYR A 42 -8.56 -6.69 -18.83
N CYS A 43 -8.69 -5.84 -19.84
CA CYS A 43 -9.88 -5.81 -20.68
C CYS A 43 -9.92 -7.02 -21.60
N GLU A 44 -10.73 -8.01 -21.24
CA GLU A 44 -10.84 -9.22 -22.03
C GLU A 44 -12.28 -9.46 -22.46
N LEU A 45 -12.52 -10.60 -23.10
CA LEU A 45 -13.85 -10.95 -23.58
C LEU A 45 -14.71 -11.50 -22.46
N GLY A 46 -15.99 -11.10 -22.47
CA GLY A 46 -16.92 -11.57 -21.46
C GLY A 46 -17.49 -12.94 -21.78
N SER A 47 -18.73 -12.96 -22.25
CA SER A 47 -19.39 -14.21 -22.60
C SER A 47 -19.11 -14.58 -24.05
N THR A 48 -17.84 -14.56 -24.43
CA THR A 48 -17.41 -14.89 -25.79
C THR A 48 -17.63 -13.70 -26.73
N GLY A 49 -18.84 -13.13 -26.72
CA GLY A 49 -19.13 -12.01 -27.59
C GLY A 49 -19.45 -10.74 -26.82
N SER A 50 -18.81 -10.58 -25.66
CA SER A 50 -19.03 -9.40 -24.83
C SER A 50 -17.70 -8.85 -24.31
N MET A 51 -17.79 -7.86 -23.44
CA MET A 51 -16.60 -7.24 -22.86
C MET A 51 -16.59 -7.40 -21.34
N VAL A 52 -15.41 -7.30 -20.76
CA VAL A 52 -15.24 -7.44 -19.32
C VAL A 52 -13.87 -6.94 -18.89
N TRP A 53 -13.65 -6.89 -17.57
CA TRP A 53 -12.38 -6.42 -17.04
C TRP A 53 -11.80 -7.40 -16.04
N ASN A 54 -10.57 -7.85 -16.31
CA ASN A 54 -9.87 -8.75 -15.40
C ASN A 54 -9.44 -7.98 -14.15
N PRO A 55 -9.00 -8.69 -13.08
CA PRO A 55 -8.58 -8.12 -11.81
C PRO A 55 -8.28 -6.62 -11.86
N GLU A 56 -9.28 -5.82 -11.49
CA GLU A 56 -9.16 -4.36 -11.55
C GLU A 56 -8.78 -3.77 -10.20
N ALA A 57 -9.77 -3.64 -9.31
CA ALA A 57 -9.56 -3.02 -8.01
C ALA A 57 -9.10 -4.03 -6.95
N PRO A 58 -7.81 -3.95 -6.54
CA PRO A 58 -7.25 -4.83 -5.53
C PRO A 58 -7.48 -4.28 -4.12
N ILE A 59 -6.63 -4.67 -3.18
CA ILE A 59 -6.73 -4.18 -1.81
C ILE A 59 -5.91 -2.91 -1.63
N CYS A 60 -6.16 -2.21 -0.53
CA CYS A 60 -5.43 -0.98 -0.25
C CYS A 60 -5.59 -0.60 1.22
N GLU A 61 -4.46 -0.34 1.89
CA GLU A 61 -4.49 0.02 3.29
C GLU A 61 -3.28 0.87 3.65
N SER A 62 -3.20 1.30 4.91
CA SER A 62 -2.10 2.11 5.38
C SER A 62 -0.96 1.24 5.91
N VAL A 63 0.20 1.33 5.25
CA VAL A 63 1.37 0.56 5.64
C VAL A 63 1.56 0.58 7.16
N LYS A 64 1.16 -0.51 7.80
CA LYS A 64 1.23 -0.63 9.25
C LYS A 64 2.62 -1.02 9.73
N CYS A 65 3.18 -0.22 10.63
CA CYS A 65 4.47 -0.52 11.23
C CYS A 65 4.29 -0.98 12.67
N GLN A 66 4.73 -2.20 12.95
CA GLN A 66 4.61 -2.75 14.29
C GLN A 66 5.57 -2.05 15.24
N SER A 67 5.87 -2.70 16.35
CA SER A 67 6.78 -2.15 17.34
C SER A 67 8.11 -1.75 16.69
N PRO A 68 8.65 -0.58 17.06
CA PRO A 68 9.93 -0.07 16.50
C PRO A 68 11.06 -1.07 16.70
N PRO A 69 12.15 -0.91 15.93
CA PRO A 69 13.31 -1.79 16.01
C PRO A 69 13.70 -2.12 17.44
N SER A 70 14.39 -3.25 17.61
CA SER A 70 14.84 -3.68 18.92
C SER A 70 16.32 -3.40 19.10
N ILE A 71 16.63 -2.23 19.63
CA ILE A 71 18.02 -1.83 19.84
C ILE A 71 18.66 -2.65 20.95
N SER A 72 19.98 -2.54 21.07
CA SER A 72 20.71 -3.27 22.10
C SER A 72 20.92 -2.39 23.33
N ASN A 73 20.64 -2.97 24.49
CA ASN A 73 20.80 -2.24 25.75
C ASN A 73 19.73 -1.17 25.90
N GLY A 74 18.59 -1.40 25.26
CA GLY A 74 17.50 -0.43 25.35
C GLY A 74 16.19 -0.96 24.80
N ARG A 75 15.23 -0.06 24.64
CA ARG A 75 13.91 -0.41 24.13
C ARG A 75 13.14 0.82 23.71
N HIS A 76 11.89 0.63 23.33
CA HIS A 76 11.03 1.73 22.89
C HIS A 76 9.86 1.92 23.84
N ASN A 77 9.17 3.06 23.71
CA ASN A 77 8.02 3.35 24.56
C ASN A 77 6.73 3.19 23.78
N GLY A 78 6.48 4.12 22.86
CA GLY A 78 5.31 4.03 22.01
C GLY A 78 4.02 4.30 22.76
N TYR A 79 2.97 4.63 22.01
CA TYR A 79 1.67 4.90 22.59
C TYR A 79 0.67 3.82 22.22
N GLU A 80 0.76 3.37 20.98
CA GLU A 80 -0.14 2.34 20.47
C GLU A 80 0.58 1.00 20.33
N ASP A 81 -0.12 0.03 19.76
CA ASP A 81 0.47 -1.28 19.52
C ASP A 81 1.10 -1.30 18.13
N PHE A 82 0.43 -0.63 17.21
CA PHE A 82 0.91 -0.54 15.83
C PHE A 82 1.15 0.92 15.45
N TYR A 83 1.65 1.13 14.24
CA TYR A 83 1.95 2.47 13.77
C TYR A 83 1.70 2.61 12.27
N THR A 84 1.59 3.85 11.80
CA THR A 84 1.33 4.11 10.39
C THR A 84 2.20 5.25 9.87
N ASP A 85 2.01 5.59 8.60
CA ASP A 85 2.78 6.67 7.98
C ASP A 85 2.57 7.99 8.70
N GLY A 86 3.46 8.25 9.64
CA GLY A 86 3.40 9.49 10.39
C GLY A 86 3.30 9.28 11.89
N SER A 87 3.84 8.14 12.37
CA SER A 87 3.82 7.85 13.80
C SER A 87 5.21 8.03 14.40
N VAL A 88 5.26 8.32 15.70
CA VAL A 88 6.53 8.52 16.37
C VAL A 88 6.54 7.88 17.76
N VAL A 89 7.65 7.24 18.08
CA VAL A 89 7.83 6.59 19.37
C VAL A 89 9.24 6.86 19.90
N THR A 90 9.34 7.06 21.20
CA THR A 90 10.63 7.37 21.82
C THR A 90 11.32 6.12 22.31
N TYR A 91 12.64 6.09 22.16
CA TYR A 91 13.44 4.96 22.60
C TYR A 91 14.04 5.24 23.97
N SER A 92 14.47 4.18 24.66
CA SER A 92 15.05 4.32 25.98
C SER A 92 15.89 3.10 26.35
N CYS A 93 17.04 3.34 26.98
CA CYS A 93 17.93 2.25 27.38
C CYS A 93 17.32 1.44 28.52
N ASN A 94 17.88 0.26 28.76
CA ASN A 94 17.37 -0.60 29.83
C ASN A 94 18.21 -0.44 31.10
N SER A 95 19.31 -1.19 31.18
CA SER A 95 20.18 -1.15 32.35
C SER A 95 20.49 0.29 32.76
N GLY A 96 20.43 1.20 31.80
CA GLY A 96 20.72 2.60 32.06
C GLY A 96 21.86 3.13 31.23
N TYR A 97 21.74 2.96 29.92
CA TYR A 97 22.77 3.39 28.98
C TYR A 97 22.50 4.81 28.48
N SER A 98 23.31 5.24 27.52
CA SER A 98 23.16 6.57 26.94
C SER A 98 22.64 6.47 25.52
N LEU A 99 21.35 6.75 25.33
CA LEU A 99 20.73 6.64 24.02
C LEU A 99 21.54 7.37 22.97
N ILE A 100 21.81 6.65 21.90
CA ILE A 100 22.57 7.19 20.78
C ILE A 100 21.62 7.71 19.71
N GLY A 101 22.12 8.61 18.87
CA GLY A 101 21.30 9.17 17.82
C GLY A 101 20.09 9.91 18.37
N ASN A 102 18.93 9.57 17.84
CA ASN A 102 17.68 10.21 18.28
C ASN A 102 16.71 9.17 18.85
N SER A 103 16.14 9.47 20.01
CA SER A 103 15.19 8.59 20.66
C SER A 103 13.90 8.50 19.86
N GLY A 104 13.54 9.60 19.21
CA GLY A 104 12.32 9.63 18.42
C GLY A 104 12.47 8.95 17.08
N VAL A 105 11.69 7.93 16.85
CA VAL A 105 11.69 7.21 15.57
C VAL A 105 10.43 7.52 14.79
N LEU A 106 10.56 7.66 13.48
CA LEU A 106 9.41 7.97 12.65
C LEU A 106 8.86 6.73 11.95
N CYS A 107 7.57 6.51 12.09
CA CYS A 107 6.90 5.40 11.44
C CYS A 107 6.40 5.86 10.06
N SER A 108 7.09 5.41 9.02
CA SER A 108 6.72 5.80 7.67
C SER A 108 6.92 4.66 6.69
N GLY A 109 6.06 4.60 5.68
CA GLY A 109 6.15 3.56 4.67
C GLY A 109 6.16 2.17 5.27
N GLY A 110 5.42 1.99 6.36
CA GLY A 110 5.36 0.69 7.01
C GLY A 110 6.67 0.29 7.65
N GLU A 111 7.60 1.23 7.76
CA GLU A 111 8.89 0.96 8.36
C GLU A 111 9.31 2.10 9.27
N TRP A 112 10.39 1.88 10.02
CA TRP A 112 10.88 2.88 10.95
C TRP A 112 12.19 3.50 10.46
N SER A 113 12.44 4.75 10.86
CA SER A 113 13.64 5.44 10.47
C SER A 113 14.22 6.24 11.62
N ASP A 114 15.54 6.39 11.64
CA ASP A 114 16.24 7.15 12.67
C ASP A 114 16.21 6.42 14.02
N PRO A 115 16.54 5.12 14.04
CA PRO A 115 16.58 4.34 15.27
C PRO A 115 17.87 4.60 16.06
N PRO A 116 17.78 4.77 17.39
CA PRO A 116 18.93 5.05 18.22
C PRO A 116 19.65 3.81 18.71
N THR A 117 20.63 4.03 19.57
CA THR A 117 21.40 2.96 20.18
C THR A 117 21.54 3.23 21.66
N CYS A 118 22.16 2.31 22.39
CA CYS A 118 22.32 2.49 23.81
C CYS A 118 23.70 2.09 24.28
N GLN A 119 24.49 3.10 24.59
CA GLN A 119 25.85 2.89 25.03
C GLN A 119 26.28 3.96 26.01
N ILE A 120 27.52 3.87 26.45
CA ILE A 120 28.06 4.80 27.42
C ILE A 120 28.97 5.82 26.76
N ARG A 1 14.34 4.26 31.34
CA ARG A 1 13.74 2.98 30.95
C ARG A 1 13.27 3.01 29.50
N ARG A 2 13.23 1.84 28.87
CA ARG A 2 12.78 1.73 27.51
C ARG A 2 13.43 2.75 26.59
N CYS A 3 13.07 2.72 25.32
CA CYS A 3 13.60 3.65 24.33
C CYS A 3 12.61 4.79 24.13
N PRO A 4 13.06 5.90 23.52
CA PRO A 4 12.20 7.05 23.28
C PRO A 4 11.12 6.74 22.24
N SER A 5 10.17 7.65 22.08
CA SER A 5 9.08 7.46 21.14
C SER A 5 9.62 7.08 19.76
N PRO A 6 9.51 5.81 19.36
CA PRO A 6 9.98 5.35 18.06
C PRO A 6 9.34 6.13 16.92
N ARG A 7 10.08 6.33 15.83
CA ARG A 7 9.58 7.05 14.69
C ARG A 7 8.29 6.43 14.18
N ASP A 8 7.66 7.06 13.22
CA ASP A 8 6.42 6.56 12.66
C ASP A 8 6.44 6.56 11.14
N ILE A 9 5.30 6.29 10.54
CA ILE A 9 5.17 6.26 9.09
C ILE A 9 3.81 6.79 8.65
N ASP A 10 3.78 7.48 7.52
CA ASP A 10 2.54 8.06 7.01
C ASP A 10 1.69 7.01 6.30
N ASN A 11 2.26 6.41 5.26
CA ASN A 11 1.55 5.39 4.48
C ASN A 11 1.86 4.00 5.00
N GLY A 12 1.97 3.87 6.32
CA GLY A 12 2.27 2.59 6.92
C GLY A 12 1.85 2.50 8.38
N GLN A 13 2.14 1.37 9.01
CA GLN A 13 1.80 1.15 10.41
C GLN A 13 2.96 0.46 11.12
N LEU A 14 3.22 0.87 12.36
CA LEU A 14 4.31 0.29 13.13
C LEU A 14 3.88 -0.96 13.88
N ASP A 15 4.84 -1.82 14.17
CA ASP A 15 4.60 -3.04 14.92
C ASP A 15 5.51 -3.08 16.14
N ILE A 16 5.23 -2.22 17.11
CA ILE A 16 6.04 -2.11 18.31
C ILE A 16 5.77 -3.26 19.27
N GLY A 17 6.71 -4.20 19.32
CA GLY A 17 6.58 -5.32 20.23
C GLY A 17 7.60 -5.27 21.35
N GLY A 18 8.63 -4.44 21.18
CA GLY A 18 9.66 -4.30 22.19
C GLY A 18 10.39 -2.98 22.08
N VAL A 19 10.17 -2.09 23.05
CA VAL A 19 10.80 -0.78 23.05
C VAL A 19 11.81 -0.65 24.18
N ASP A 20 12.73 -1.61 24.29
CA ASP A 20 13.76 -1.55 25.32
C ASP A 20 15.13 -1.31 24.70
N PHE A 21 16.08 -0.91 25.53
CA PHE A 21 17.43 -0.62 25.06
C PHE A 21 17.99 -1.80 24.28
N GLY A 22 17.87 -1.74 22.96
CA GLY A 22 18.36 -2.82 22.12
C GLY A 22 17.25 -3.71 21.62
N SER A 23 16.06 -3.13 21.43
CA SER A 23 14.91 -3.87 20.94
C SER A 23 14.74 -3.63 19.44
N SER A 24 13.53 -3.86 18.93
CA SER A 24 13.28 -3.63 17.51
C SER A 24 11.80 -3.59 17.18
N ILE A 25 11.44 -2.68 16.29
CA ILE A 25 10.05 -2.53 15.84
C ILE A 25 9.89 -3.10 14.43
N THR A 26 8.65 -3.21 13.98
CA THR A 26 8.37 -3.70 12.63
C THR A 26 7.47 -2.75 11.87
N TYR A 27 8.03 -2.13 10.84
CA TYR A 27 7.27 -1.17 10.03
C TYR A 27 6.51 -1.89 8.91
N SER A 28 5.37 -1.33 8.53
CA SER A 28 4.54 -1.91 7.47
C SER A 28 3.73 -0.83 6.77
N CYS A 29 3.16 -1.16 5.61
CA CYS A 29 2.35 -0.21 4.85
C CYS A 29 0.92 -0.21 5.35
N ASN A 30 0.15 0.77 4.90
CA ASN A 30 -1.25 0.90 5.30
C ASN A 30 -2.08 -0.27 4.77
N SER A 31 -2.52 -0.16 3.52
CA SER A 31 -3.31 -1.21 2.88
C SER A 31 -3.17 -1.13 1.37
N GLY A 32 -3.00 -2.28 0.74
CA GLY A 32 -2.83 -2.32 -0.70
C GLY A 32 -1.62 -1.53 -1.13
N TYR A 33 -0.63 -1.46 -0.26
CA TYR A 33 0.60 -0.72 -0.54
C TYR A 33 1.81 -1.63 -0.48
N HIS A 34 2.97 -1.10 -0.86
CA HIS A 34 4.21 -1.84 -0.75
C HIS A 34 5.27 -1.01 -0.04
N LEU A 35 5.95 -1.63 0.90
CA LEU A 35 6.98 -0.94 1.68
C LEU A 35 8.36 -1.23 1.10
N ILE A 36 9.05 -0.17 0.71
CA ILE A 36 10.39 -0.33 0.13
C ILE A 36 11.47 -0.05 1.17
N GLY A 37 12.60 -0.71 1.01
CA GLY A 37 13.71 -0.54 1.93
C GLY A 37 13.61 -1.47 3.13
N GLU A 38 13.86 -0.94 4.32
CA GLU A 38 13.78 -1.73 5.54
C GLU A 38 12.35 -1.79 6.06
N SER A 39 12.18 -2.38 7.23
CA SER A 39 10.87 -2.54 7.83
C SER A 39 10.97 -2.77 9.32
N LYS A 40 12.09 -2.36 9.92
CA LYS A 40 12.29 -2.58 11.34
C LYS A 40 13.24 -1.56 11.95
N SER A 41 12.79 -0.89 13.01
CA SER A 41 13.61 0.08 13.74
C SER A 41 14.31 -0.61 14.89
N TYR A 42 15.57 -0.25 15.16
CA TYR A 42 16.28 -0.88 16.28
C TYR A 42 16.75 0.14 17.30
N CYS A 43 16.19 0.12 18.49
CA CYS A 43 16.61 1.07 19.48
C CYS A 43 17.92 0.66 20.13
N GLU A 44 18.91 1.50 19.95
CA GLU A 44 20.23 1.25 20.52
C GLU A 44 20.78 2.51 21.20
N LEU A 45 22.04 2.45 21.58
CA LEU A 45 22.68 3.58 22.24
C LEU A 45 23.23 4.58 21.23
N GLY A 46 22.83 5.84 21.37
CA GLY A 46 23.29 6.87 20.45
C GLY A 46 24.53 7.60 20.96
N SER A 47 24.42 8.20 22.13
CA SER A 47 25.52 8.94 22.72
C SER A 47 26.38 8.03 23.60
N THR A 48 26.74 6.87 23.05
CA THR A 48 27.56 5.91 23.78
C THR A 48 26.89 5.50 25.09
N GLY A 49 25.57 5.56 25.10
CA GLY A 49 24.82 5.20 26.30
C GLY A 49 23.39 5.71 26.26
N SER A 50 23.19 6.81 25.56
CA SER A 50 21.86 7.40 25.44
C SER A 50 20.91 6.45 24.70
N MET A 51 19.80 6.98 24.22
CA MET A 51 18.82 6.18 23.51
C MET A 51 18.61 6.71 22.10
N VAL A 52 18.41 5.80 21.16
CA VAL A 52 18.20 6.15 19.77
C VAL A 52 17.45 5.02 19.06
N TRP A 53 17.02 5.26 17.84
CA TRP A 53 16.30 4.24 17.09
C TRP A 53 16.86 4.06 15.68
N ASN A 54 17.29 2.84 15.39
CA ASN A 54 17.84 2.50 14.07
C ASN A 54 16.73 2.51 13.02
N PRO A 55 17.10 2.46 11.72
CA PRO A 55 16.18 2.51 10.59
C PRO A 55 14.74 2.13 10.93
N GLU A 56 13.92 3.14 11.17
CA GLU A 56 12.52 2.93 11.54
C GLU A 56 11.60 3.02 10.33
N ALA A 57 11.31 4.24 9.90
CA ALA A 57 10.37 4.48 8.80
C ALA A 57 11.02 4.31 7.43
N PRO A 58 10.69 3.22 6.71
CA PRO A 58 11.20 2.97 5.38
C PRO A 58 10.34 3.68 4.33
N ILE A 59 10.34 3.17 3.10
CA ILE A 59 9.51 3.75 2.05
C ILE A 59 8.19 3.00 1.95
N CYS A 60 7.20 3.65 1.36
CA CYS A 60 5.89 3.05 1.19
C CYS A 60 5.13 3.74 0.06
N GLU A 61 4.46 2.94 -0.75
CA GLU A 61 3.68 3.45 -1.87
C GLU A 61 2.50 2.55 -2.16
N SER A 62 1.68 2.95 -3.12
CA SER A 62 0.52 2.17 -3.51
C SER A 62 0.78 1.45 -4.83
N VAL A 63 0.31 0.22 -4.92
CA VAL A 63 0.46 -0.57 -6.14
C VAL A 63 -0.36 0.04 -7.28
N LYS A 64 0.05 1.23 -7.70
CA LYS A 64 -0.63 1.96 -8.75
C LYS A 64 -0.95 1.09 -9.96
N CYS A 65 -2.22 0.84 -10.19
CA CYS A 65 -2.66 0.08 -11.36
C CYS A 65 -3.09 1.04 -12.44
N GLN A 66 -2.51 0.89 -13.62
CA GLN A 66 -2.84 1.77 -14.72
C GLN A 66 -4.14 1.34 -15.39
N SER A 67 -4.39 1.89 -16.58
CA SER A 67 -5.61 1.59 -17.32
C SER A 67 -5.94 0.09 -17.25
N PRO A 68 -7.22 -0.26 -16.98
CA PRO A 68 -7.65 -1.65 -16.88
C PRO A 68 -7.37 -2.44 -18.15
N PRO A 69 -7.36 -3.78 -18.07
CA PRO A 69 -7.09 -4.65 -19.21
C PRO A 69 -7.77 -4.16 -20.49
N SER A 70 -7.20 -4.54 -21.62
CA SER A 70 -7.74 -4.14 -22.93
C SER A 70 -8.43 -5.32 -23.61
N ILE A 71 -9.73 -5.45 -23.38
CA ILE A 71 -10.50 -6.53 -23.97
C ILE A 71 -10.66 -6.32 -25.47
N SER A 72 -11.28 -7.29 -26.14
CA SER A 72 -11.51 -7.19 -27.58
C SER A 72 -12.89 -6.62 -27.86
N ASN A 73 -13.00 -5.90 -28.97
CA ASN A 73 -14.28 -5.33 -29.38
C ASN A 73 -14.91 -4.54 -28.23
N GLY A 74 -14.08 -4.01 -27.35
CA GLY A 74 -14.58 -3.25 -26.22
C GLY A 74 -13.55 -2.32 -25.64
N ARG A 75 -13.82 -1.84 -24.42
CA ARG A 75 -12.92 -0.92 -23.76
C ARG A 75 -13.33 -0.72 -22.29
N HIS A 76 -12.62 0.18 -21.62
CA HIS A 76 -12.90 0.47 -20.22
C HIS A 76 -13.19 1.95 -20.03
N ASN A 77 -13.72 2.31 -18.87
CA ASN A 77 -14.03 3.69 -18.55
C ASN A 77 -13.20 4.17 -17.37
N GLY A 78 -13.67 5.21 -16.69
CA GLY A 78 -12.94 5.72 -15.54
C GLY A 78 -12.89 7.24 -15.52
N TYR A 79 -12.46 7.79 -14.39
CA TYR A 79 -12.38 9.23 -14.23
C TYR A 79 -10.93 9.69 -14.09
N GLU A 80 -10.10 8.82 -13.52
CA GLU A 80 -8.70 9.14 -13.32
C GLU A 80 -7.84 8.50 -14.40
N ASP A 81 -6.52 8.61 -14.24
CA ASP A 81 -5.58 8.03 -15.19
C ASP A 81 -4.95 6.76 -14.61
N PHE A 82 -4.88 6.69 -13.30
CA PHE A 82 -4.32 5.53 -12.61
C PHE A 82 -5.31 4.97 -11.60
N TYR A 83 -4.91 3.92 -10.91
CA TYR A 83 -5.77 3.29 -9.91
C TYR A 83 -4.94 2.61 -8.83
N THR A 84 -5.59 2.22 -7.73
CA THR A 84 -4.89 1.57 -6.63
C THR A 84 -5.73 0.44 -6.04
N ASP A 85 -5.22 -0.15 -4.96
CA ASP A 85 -5.93 -1.25 -4.30
C ASP A 85 -7.27 -0.79 -3.77
N GLY A 86 -8.30 -1.03 -4.55
CA GLY A 86 -9.64 -0.67 -4.15
C GLY A 86 -10.35 0.19 -5.16
N SER A 87 -9.88 0.18 -6.41
CA SER A 87 -10.51 0.97 -7.46
C SER A 87 -11.40 0.07 -8.33
N VAL A 88 -12.40 0.68 -8.95
CA VAL A 88 -13.31 -0.07 -9.81
C VAL A 88 -13.55 0.65 -11.13
N VAL A 89 -13.77 -0.12 -12.18
CA VAL A 89 -14.00 0.44 -13.50
C VAL A 89 -15.01 -0.42 -14.27
N THR A 90 -15.80 0.23 -15.12
CA THR A 90 -16.81 -0.47 -15.91
C THR A 90 -16.39 -0.56 -17.36
N TYR A 91 -16.39 -1.78 -17.90
CA TYR A 91 -16.00 -2.00 -19.28
C TYR A 91 -17.19 -1.80 -20.22
N SER A 92 -16.91 -1.51 -21.47
CA SER A 92 -17.96 -1.29 -22.47
C SER A 92 -17.49 -1.69 -23.86
N CYS A 93 -18.42 -2.20 -24.67
CA CYS A 93 -18.12 -2.63 -26.02
C CYS A 93 -17.95 -1.43 -26.95
N ASN A 94 -17.21 -1.61 -28.03
CA ASN A 94 -16.97 -0.54 -28.99
C ASN A 94 -18.10 -0.42 -30.00
N SER A 95 -18.10 -1.30 -30.99
CA SER A 95 -19.11 -1.28 -32.05
C SER A 95 -20.52 -1.45 -31.47
N GLY A 96 -20.60 -2.06 -30.29
CA GLY A 96 -21.89 -2.28 -29.67
C GLY A 96 -22.14 -3.73 -29.33
N TYR A 97 -21.08 -4.45 -28.99
CA TYR A 97 -21.18 -5.86 -28.64
C TYR A 97 -21.89 -6.03 -27.31
N SER A 98 -21.96 -7.28 -26.86
CA SER A 98 -22.60 -7.59 -25.59
C SER A 98 -21.56 -7.95 -24.55
N LEU A 99 -21.24 -7.01 -23.67
CA LEU A 99 -20.25 -7.22 -22.63
C LEU A 99 -20.45 -8.55 -21.92
N ILE A 100 -19.40 -9.34 -21.88
CA ILE A 100 -19.43 -10.64 -21.25
C ILE A 100 -18.91 -10.54 -19.81
N GLY A 101 -19.34 -11.46 -18.97
CA GLY A 101 -18.92 -11.44 -17.58
C GLY A 101 -19.46 -10.24 -16.84
N ASN A 102 -18.57 -9.47 -16.24
CA ASN A 102 -18.95 -8.27 -15.51
C ASN A 102 -18.14 -7.07 -15.98
N SER A 103 -18.84 -5.95 -16.21
CA SER A 103 -18.19 -4.73 -16.65
C SER A 103 -17.29 -4.16 -15.56
N GLY A 104 -17.67 -4.41 -14.31
CA GLY A 104 -16.89 -3.92 -13.19
C GLY A 104 -15.58 -4.65 -13.04
N VAL A 105 -14.50 -3.90 -12.86
CA VAL A 105 -13.17 -4.47 -12.68
C VAL A 105 -12.52 -3.94 -11.43
N LEU A 106 -12.16 -4.84 -10.51
CA LEU A 106 -11.54 -4.44 -9.26
C LEU A 106 -10.04 -4.21 -9.40
N CYS A 107 -9.62 -2.98 -9.16
CA CYS A 107 -8.22 -2.62 -9.19
C CYS A 107 -7.59 -2.98 -7.86
N SER A 108 -6.83 -4.07 -7.84
CA SER A 108 -6.20 -4.54 -6.61
C SER A 108 -4.85 -5.19 -6.90
N GLY A 109 -4.04 -5.34 -5.86
CA GLY A 109 -2.74 -5.95 -5.99
C GLY A 109 -1.96 -5.41 -7.17
N GLY A 110 -2.21 -4.15 -7.53
CA GLY A 110 -1.52 -3.54 -8.65
C GLY A 110 -1.96 -4.13 -9.98
N GLU A 111 -3.09 -4.84 -9.98
CA GLU A 111 -3.62 -5.45 -11.18
C GLU A 111 -5.13 -5.34 -11.23
N TRP A 112 -5.74 -5.91 -12.25
CA TRP A 112 -7.18 -5.87 -12.42
C TRP A 112 -7.77 -7.27 -12.39
N SER A 113 -8.97 -7.38 -11.82
CA SER A 113 -9.64 -8.67 -11.71
C SER A 113 -11.07 -8.59 -12.22
N ASP A 114 -11.54 -9.68 -12.80
CA ASP A 114 -12.90 -9.78 -13.31
C ASP A 114 -13.09 -8.97 -14.60
N PRO A 115 -12.16 -9.10 -15.56
CA PRO A 115 -12.26 -8.40 -16.85
C PRO A 115 -13.28 -9.08 -17.76
N PRO A 116 -14.14 -8.30 -18.43
CA PRO A 116 -15.18 -8.83 -19.30
C PRO A 116 -14.75 -9.00 -20.75
N THR A 117 -15.71 -9.36 -21.58
CA THR A 117 -15.48 -9.52 -23.01
C THR A 117 -16.52 -8.74 -23.79
N CYS A 118 -16.67 -9.07 -25.07
CA CYS A 118 -17.66 -8.39 -25.90
C CYS A 118 -18.05 -9.26 -27.08
N GLN A 119 -19.09 -10.06 -26.89
CA GLN A 119 -19.57 -10.96 -27.93
C GLN A 119 -21.00 -10.62 -28.31
N ILE A 120 -21.41 -11.08 -29.49
CA ILE A 120 -22.74 -10.83 -29.99
C ILE A 120 -23.71 -11.92 -29.55
N ARG A 1 14.29 6.83 31.00
CA ARG A 1 14.25 7.54 29.74
C ARG A 1 13.91 6.60 28.58
N ARG A 2 13.01 7.06 27.71
CA ARG A 2 12.59 6.27 26.56
C ARG A 2 13.54 6.47 25.38
N CYS A 3 13.13 5.98 24.22
CA CYS A 3 13.93 6.11 23.01
C CYS A 3 13.55 7.39 22.25
N PRO A 4 14.41 7.83 21.32
CA PRO A 4 14.16 9.04 20.54
C PRO A 4 13.08 8.81 19.49
N SER A 5 12.60 9.89 18.89
CA SER A 5 11.56 9.80 17.88
C SER A 5 11.96 8.80 16.79
N PRO A 6 11.29 7.63 16.75
CA PRO A 6 11.59 6.61 15.75
C PRO A 6 11.62 7.17 14.34
N ARG A 7 12.30 6.46 13.44
CA ARG A 7 12.37 6.86 12.04
C ARG A 7 10.97 7.04 11.49
N ASP A 8 10.87 7.47 10.25
CA ASP A 8 9.57 7.70 9.64
C ASP A 8 9.39 6.92 8.35
N ILE A 9 8.25 7.12 7.70
CA ILE A 9 7.94 6.43 6.47
C ILE A 9 7.27 7.38 5.46
N ASP A 10 7.45 7.11 4.18
CA ASP A 10 6.91 7.96 3.13
C ASP A 10 5.50 7.54 2.70
N ASN A 11 5.40 6.35 2.13
CA ASN A 11 4.11 5.85 1.66
C ASN A 11 3.42 5.01 2.74
N GLY A 12 3.73 5.30 4.00
CA GLY A 12 3.13 4.57 5.10
C GLY A 12 2.86 5.45 6.31
N GLN A 13 2.70 4.81 7.47
CA GLN A 13 2.44 5.52 8.71
C GLN A 13 2.86 4.66 9.91
N LEU A 14 3.59 5.27 10.84
CA LEU A 14 4.07 4.56 12.01
C LEU A 14 2.95 4.24 12.99
N ASP A 15 3.12 3.14 13.72
CA ASP A 15 2.17 2.72 14.73
C ASP A 15 2.89 2.60 16.07
N ILE A 16 3.28 3.73 16.62
CA ILE A 16 4.05 3.76 17.86
C ILE A 16 3.16 3.58 19.08
N GLY A 17 3.15 2.37 19.61
CA GLY A 17 2.40 2.09 20.83
C GLY A 17 3.29 2.09 22.06
N GLY A 18 4.46 2.71 21.92
CA GLY A 18 5.40 2.76 23.02
C GLY A 18 6.79 3.14 22.55
N VAL A 19 7.50 3.96 23.34
CA VAL A 19 8.83 4.41 22.97
C VAL A 19 9.85 4.14 24.08
N ASP A 20 9.40 3.64 25.22
CA ASP A 20 10.29 3.36 26.34
C ASP A 20 11.20 2.19 26.01
N PHE A 21 12.35 2.12 26.68
CA PHE A 21 13.32 1.05 26.44
C PHE A 21 12.64 -0.31 26.46
N GLY A 22 12.66 -0.99 25.33
CA GLY A 22 12.03 -2.29 25.23
C GLY A 22 10.72 -2.24 24.47
N SER A 23 10.27 -1.03 24.12
CA SER A 23 9.02 -0.87 23.40
C SER A 23 9.14 -1.43 21.98
N SER A 24 8.12 -1.23 21.17
CA SER A 24 8.11 -1.72 19.79
C SER A 24 7.09 -0.98 18.95
N ILE A 25 7.47 -0.65 17.72
CA ILE A 25 6.57 0.06 16.80
C ILE A 25 6.08 -0.86 15.70
N THR A 26 5.07 -0.40 14.97
CA THR A 26 4.53 -1.17 13.86
C THR A 26 4.37 -0.29 12.62
N TYR A 27 5.19 -0.56 11.62
CA TYR A 27 5.15 0.21 10.38
C TYR A 27 4.07 -0.29 9.44
N SER A 28 3.28 0.63 8.92
CA SER A 28 2.20 0.30 8.01
C SER A 28 2.18 1.26 6.83
N CYS A 29 1.54 0.85 5.75
CA CYS A 29 1.45 1.68 4.56
C CYS A 29 0.28 2.65 4.67
N ASN A 30 0.13 3.53 3.68
CA ASN A 30 -0.94 4.51 3.69
C ASN A 30 -2.22 3.92 3.13
N SER A 31 -2.33 3.93 1.80
CA SER A 31 -3.50 3.38 1.13
C SER A 31 -3.14 2.94 -0.28
N GLY A 32 -3.50 1.70 -0.61
CA GLY A 32 -3.16 1.17 -1.91
C GLY A 32 -1.69 0.80 -2.00
N TYR A 33 -1.11 0.44 -0.85
CA TYR A 33 0.29 0.06 -0.81
C TYR A 33 0.50 -1.19 0.01
N HIS A 34 1.61 -1.87 -0.24
CA HIS A 34 1.99 -3.03 0.55
C HIS A 34 3.28 -2.68 1.28
N LEU A 35 3.35 -3.00 2.57
CA LEU A 35 4.54 -2.71 3.33
C LEU A 35 5.59 -3.78 3.09
N ILE A 36 6.62 -3.42 2.36
CA ILE A 36 7.67 -4.37 2.03
C ILE A 36 8.81 -4.30 3.04
N GLY A 37 9.41 -5.45 3.30
CA GLY A 37 10.49 -5.51 4.28
C GLY A 37 9.97 -5.58 5.70
N GLU A 38 10.75 -5.08 6.66
CA GLU A 38 10.34 -5.07 8.06
C GLU A 38 8.97 -4.42 8.20
N SER A 39 8.41 -4.47 9.41
CA SER A 39 7.09 -3.91 9.67
C SER A 39 6.95 -3.51 11.13
N LYS A 40 8.06 -3.25 11.79
CA LYS A 40 8.05 -2.90 13.20
C LYS A 40 9.32 -2.13 13.58
N SER A 41 9.50 -1.92 14.87
CA SER A 41 10.68 -1.21 15.36
C SER A 41 10.83 -1.43 16.86
N TYR A 42 11.70 -2.36 17.24
CA TYR A 42 11.94 -2.66 18.64
C TYR A 42 12.97 -1.71 19.24
N CYS A 43 12.54 -0.96 20.24
CA CYS A 43 13.42 -0.03 20.94
C CYS A 43 14.45 -0.79 21.76
N GLU A 44 15.72 -0.65 21.40
CA GLU A 44 16.78 -1.35 22.10
C GLU A 44 18.04 -0.49 22.18
N LEU A 45 19.01 -0.98 22.94
CA LEU A 45 20.28 -0.30 23.13
C LEU A 45 20.99 -0.08 21.81
N GLY A 46 21.82 0.96 21.77
CA GLY A 46 22.55 1.28 20.56
C GLY A 46 23.93 0.68 20.54
N SER A 47 24.95 1.52 20.77
CA SER A 47 26.33 1.06 20.78
C SER A 47 27.02 1.46 22.07
N THR A 48 27.12 2.77 22.30
CA THR A 48 27.76 3.29 23.50
C THR A 48 26.75 3.45 24.63
N GLY A 49 26.01 2.39 24.92
CA GLY A 49 25.03 2.44 25.98
C GLY A 49 23.95 3.48 25.72
N SER A 50 23.53 3.60 24.46
CA SER A 50 22.51 4.57 24.09
C SER A 50 21.20 3.88 23.75
N MET A 51 20.25 4.65 23.21
CA MET A 51 18.96 4.10 22.83
C MET A 51 18.75 4.21 21.32
N VAL A 52 18.23 3.13 20.73
CA VAL A 52 17.99 3.10 19.29
C VAL A 52 16.76 2.25 18.98
N TRP A 53 16.48 2.07 17.69
CA TRP A 53 15.33 1.29 17.26
C TRP A 53 15.74 0.22 16.25
N ASN A 54 15.19 -0.98 16.41
CA ASN A 54 15.50 -2.08 15.52
C ASN A 54 14.34 -3.07 15.44
N PRO A 55 13.80 -3.34 14.22
CA PRO A 55 14.27 -2.72 12.97
C PRO A 55 13.87 -1.25 12.86
N GLU A 56 14.00 -0.68 11.67
CA GLU A 56 13.68 0.71 11.43
C GLU A 56 12.44 0.83 10.54
N ALA A 57 12.33 1.96 9.86
CA ALA A 57 11.20 2.21 8.97
C ALA A 57 11.37 1.43 7.66
N PRO A 58 10.50 0.44 7.41
CA PRO A 58 10.58 -0.39 6.20
C PRO A 58 10.25 0.40 4.94
N ILE A 59 9.70 -0.28 3.94
CA ILE A 59 9.34 0.35 2.69
C ILE A 59 7.96 -0.11 2.22
N CYS A 60 7.53 0.37 1.06
CA CYS A 60 6.24 -0.01 0.51
C CYS A 60 6.25 0.01 -1.01
N GLU A 61 5.32 -0.74 -1.59
CA GLU A 61 5.16 -0.79 -3.03
C GLU A 61 3.71 -0.57 -3.41
N SER A 62 3.44 0.59 -3.99
CA SER A 62 2.09 0.97 -4.38
C SER A 62 1.42 -0.15 -5.19
N VAL A 63 0.20 -0.48 -4.79
CA VAL A 63 -0.57 -1.53 -5.43
C VAL A 63 -0.67 -1.35 -6.93
N LYS A 64 0.09 -2.15 -7.66
CA LYS A 64 0.07 -2.12 -9.12
C LYS A 64 -0.98 -3.08 -9.66
N CYS A 65 -2.01 -2.55 -10.29
CA CYS A 65 -3.07 -3.37 -10.87
C CYS A 65 -2.78 -3.65 -12.33
N GLN A 66 -2.76 -4.92 -12.67
CA GLN A 66 -2.52 -5.33 -14.04
C GLN A 66 -3.72 -5.00 -14.90
N SER A 67 -3.90 -5.71 -16.01
CA SER A 67 -5.02 -5.48 -16.89
C SER A 67 -6.33 -5.53 -16.11
N PRO A 68 -7.31 -4.69 -16.48
CA PRO A 68 -8.61 -4.63 -15.79
C PRO A 68 -9.36 -5.96 -15.86
N PRO A 69 -10.41 -6.13 -15.03
CA PRO A 69 -11.20 -7.36 -14.99
C PRO A 69 -11.45 -7.95 -16.38
N SER A 70 -11.89 -9.21 -16.40
CA SER A 70 -12.19 -9.89 -17.65
C SER A 70 -13.68 -10.22 -17.74
N ILE A 71 -14.45 -9.28 -18.26
CA ILE A 71 -15.89 -9.46 -18.39
C ILE A 71 -16.21 -10.51 -19.46
N SER A 72 -17.50 -10.65 -19.76
CA SER A 72 -17.93 -11.62 -20.78
C SER A 72 -18.23 -10.92 -22.09
N ASN A 73 -18.00 -11.63 -23.19
CA ASN A 73 -18.29 -11.09 -24.52
C ASN A 73 -17.75 -9.68 -24.67
N GLY A 74 -16.66 -9.39 -23.96
CA GLY A 74 -16.05 -8.08 -24.03
C GLY A 74 -14.62 -8.06 -23.53
N ARG A 75 -14.07 -6.86 -23.41
CA ARG A 75 -12.69 -6.69 -22.95
C ARG A 75 -12.38 -5.22 -22.68
N HIS A 76 -11.12 -4.95 -22.37
CA HIS A 76 -10.68 -3.59 -22.08
C HIS A 76 -9.63 -3.14 -23.09
N ASN A 77 -9.26 -1.86 -23.04
CA ASN A 77 -8.26 -1.32 -23.95
C ASN A 77 -6.95 -1.00 -23.23
N GLY A 78 -6.95 0.10 -22.49
CA GLY A 78 -5.76 0.49 -21.76
C GLY A 78 -4.64 0.94 -22.67
N TYR A 79 -3.75 1.78 -22.13
CA TYR A 79 -2.61 2.29 -22.90
C TYR A 79 -1.30 1.69 -22.39
N GLU A 80 -1.23 1.49 -21.08
CA GLU A 80 -0.06 0.92 -20.45
C GLU A 80 -0.23 -0.57 -20.20
N ASP A 81 0.72 -1.17 -19.49
CA ASP A 81 0.67 -2.59 -19.17
C ASP A 81 0.21 -2.81 -17.74
N PHE A 82 0.41 -1.80 -16.90
CA PHE A 82 0.02 -1.88 -15.49
C PHE A 82 -0.78 -0.65 -15.09
N TYR A 83 -1.23 -0.63 -13.83
CA TYR A 83 -2.02 0.49 -13.34
C TYR A 83 -1.84 0.64 -11.83
N THR A 84 -2.24 1.80 -11.30
CA THR A 84 -2.13 2.07 -9.88
C THR A 84 -3.23 3.00 -9.39
N ASP A 85 -3.14 3.39 -8.12
CA ASP A 85 -4.14 4.25 -7.52
C ASP A 85 -4.37 5.51 -8.34
N GLY A 86 -5.35 5.45 -9.22
CA GLY A 86 -5.70 6.59 -10.03
C GLY A 86 -5.65 6.33 -11.51
N SER A 87 -5.84 5.07 -11.92
CA SER A 87 -5.84 4.73 -13.33
C SER A 87 -7.24 4.36 -13.81
N VAL A 88 -7.50 4.57 -15.10
CA VAL A 88 -8.80 4.27 -15.67
C VAL A 88 -8.66 3.54 -17.01
N VAL A 89 -9.68 2.75 -17.34
CA VAL A 89 -9.70 2.00 -18.59
C VAL A 89 -11.12 1.86 -19.10
N THR A 90 -11.26 1.83 -20.42
CA THR A 90 -12.57 1.69 -21.04
C THR A 90 -12.77 0.29 -21.58
N TYR A 91 -13.93 -0.28 -21.30
CA TYR A 91 -14.24 -1.63 -21.76
C TYR A 91 -14.95 -1.60 -23.10
N SER A 92 -14.78 -2.68 -23.86
CA SER A 92 -15.40 -2.79 -25.18
C SER A 92 -15.76 -4.24 -25.47
N CYS A 93 -16.93 -4.44 -26.08
CA CYS A 93 -17.38 -5.79 -26.41
C CYS A 93 -16.53 -6.39 -27.52
N ASN A 94 -16.56 -7.72 -27.62
CA ASN A 94 -15.78 -8.42 -28.64
C ASN A 94 -16.62 -8.67 -29.90
N SER A 95 -17.34 -9.79 -29.91
CA SER A 95 -18.17 -10.16 -31.06
C SER A 95 -18.97 -8.97 -31.59
N GLY A 96 -19.36 -8.08 -30.68
CA GLY A 96 -20.13 -6.91 -31.07
C GLY A 96 -21.34 -6.67 -30.18
N TYR A 97 -21.15 -6.88 -28.88
CA TYR A 97 -22.22 -6.69 -27.92
C TYR A 97 -22.36 -5.21 -27.55
N SER A 98 -23.21 -4.94 -26.57
CA SER A 98 -23.43 -3.57 -26.12
C SER A 98 -22.90 -3.37 -24.70
N LEU A 99 -21.82 -2.60 -24.60
CA LEU A 99 -21.21 -2.29 -23.31
C LEU A 99 -22.26 -1.91 -22.28
N ILE A 100 -22.40 -2.74 -21.27
CA ILE A 100 -23.37 -2.50 -20.21
C ILE A 100 -22.71 -1.75 -19.07
N GLY A 101 -23.52 -1.01 -18.31
CA GLY A 101 -22.98 -0.22 -17.22
C GLY A 101 -22.08 0.89 -17.72
N ASN A 102 -20.85 0.92 -17.21
CA ASN A 102 -19.88 1.93 -17.62
C ASN A 102 -18.62 1.27 -18.16
N SER A 103 -18.15 1.74 -19.31
CA SER A 103 -16.94 1.20 -19.92
C SER A 103 -15.72 1.57 -19.09
N GLY A 104 -15.80 2.72 -18.42
CA GLY A 104 -14.69 3.17 -17.60
C GLY A 104 -14.53 2.35 -16.34
N VAL A 105 -13.28 2.00 -16.03
CA VAL A 105 -12.97 1.22 -14.83
C VAL A 105 -11.86 1.87 -14.02
N LEU A 106 -12.17 2.21 -12.77
CA LEU A 106 -11.19 2.87 -11.91
C LEU A 106 -10.21 1.86 -11.31
N CYS A 107 -8.92 2.17 -11.42
CA CYS A 107 -7.89 1.32 -10.84
C CYS A 107 -7.37 1.94 -9.56
N SER A 108 -7.78 1.38 -8.43
CA SER A 108 -7.35 1.90 -7.13
C SER A 108 -7.35 0.82 -6.05
N GLY A 109 -6.20 0.62 -5.42
CA GLY A 109 -6.08 -0.37 -4.37
C GLY A 109 -5.63 -1.72 -4.89
N GLY A 110 -5.01 -1.72 -6.06
CA GLY A 110 -4.55 -2.97 -6.65
C GLY A 110 -5.66 -3.73 -7.37
N GLU A 111 -6.87 -3.17 -7.34
CA GLU A 111 -8.00 -3.79 -8.01
C GLU A 111 -8.75 -2.77 -8.86
N TRP A 112 -9.83 -3.20 -9.47
CA TRP A 112 -10.62 -2.34 -10.33
C TRP A 112 -12.05 -2.21 -9.81
N SER A 113 -12.73 -1.14 -10.21
CA SER A 113 -14.10 -0.90 -9.78
C SER A 113 -14.95 -0.38 -10.93
N ASP A 114 -16.25 -0.65 -10.85
CA ASP A 114 -17.19 -0.20 -11.87
C ASP A 114 -16.99 -0.92 -13.20
N PRO A 115 -16.83 -2.25 -13.19
CA PRO A 115 -16.66 -3.03 -14.41
C PRO A 115 -17.99 -3.25 -15.13
N PRO A 116 -18.01 -3.14 -16.47
CA PRO A 116 -19.22 -3.29 -17.27
C PRO A 116 -19.45 -4.71 -17.74
N THR A 117 -20.44 -4.84 -18.61
CA THR A 117 -20.79 -6.13 -19.20
C THR A 117 -20.95 -5.96 -20.70
N CYS A 118 -21.51 -6.98 -21.35
CA CYS A 118 -21.72 -6.92 -22.79
C CYS A 118 -22.97 -7.71 -23.18
N GLN A 119 -24.08 -7.01 -23.25
CA GLN A 119 -25.35 -7.62 -23.61
C GLN A 119 -25.89 -7.02 -24.90
N ILE A 120 -26.84 -7.70 -25.50
CA ILE A 120 -27.45 -7.25 -26.74
C ILE A 120 -28.68 -6.39 -26.46
N ARG A 1 16.17 6.50 30.21
CA ARG A 1 16.54 7.12 28.95
C ARG A 1 15.68 6.59 27.80
N ARG A 2 15.34 7.47 26.87
CA ARG A 2 14.51 7.08 25.73
C ARG A 2 15.37 6.53 24.60
N CYS A 3 14.83 6.55 23.38
CA CYS A 3 15.56 6.02 22.23
C CYS A 3 15.88 7.11 21.21
N PRO A 4 16.84 6.86 20.31
CA PRO A 4 17.23 7.82 19.28
C PRO A 4 16.16 7.97 18.20
N SER A 5 16.38 8.89 17.28
CA SER A 5 15.42 9.13 16.21
C SER A 5 15.13 7.84 15.44
N PRO A 6 13.92 7.27 15.61
CA PRO A 6 13.54 6.04 14.92
C PRO A 6 13.89 6.08 13.44
N ARG A 7 13.87 4.90 12.81
CA ARG A 7 14.15 4.81 11.39
C ARG A 7 12.96 5.33 10.60
N ASP A 8 13.21 5.72 9.36
CA ASP A 8 12.15 6.26 8.53
C ASP A 8 11.75 5.29 7.42
N ILE A 9 10.85 5.75 6.57
CA ILE A 9 10.36 4.94 5.46
C ILE A 9 9.95 5.81 4.28
N ASP A 10 10.16 5.30 3.08
CA ASP A 10 9.77 6.02 1.88
C ASP A 10 8.30 5.75 1.57
N ASN A 11 7.69 6.63 0.79
CA ASN A 11 6.29 6.48 0.41
C ASN A 11 5.43 6.14 1.64
N GLY A 12 5.84 6.62 2.79
CA GLY A 12 5.11 6.35 4.02
C GLY A 12 5.39 7.38 5.11
N GLN A 13 4.69 7.24 6.24
CA GLN A 13 4.86 8.16 7.36
C GLN A 13 4.78 7.40 8.69
N LEU A 14 5.67 7.74 9.62
CA LEU A 14 5.70 7.09 10.91
C LEU A 14 4.69 7.71 11.88
N ASP A 15 4.31 6.92 12.88
CA ASP A 15 3.39 7.39 13.91
C ASP A 15 4.02 7.19 15.28
N ILE A 16 4.97 8.07 15.62
CA ILE A 16 5.70 7.96 16.88
C ILE A 16 4.84 8.33 18.08
N GLY A 17 4.41 7.30 18.80
CA GLY A 17 3.63 7.53 20.01
C GLY A 17 4.47 7.35 21.27
N GLY A 18 5.79 7.35 21.09
CA GLY A 18 6.70 7.19 22.22
C GLY A 18 8.05 6.64 21.79
N VAL A 19 9.11 7.28 22.25
CA VAL A 19 10.46 6.87 21.90
C VAL A 19 11.20 6.34 23.14
N ASP A 20 10.49 6.23 24.26
CA ASP A 20 11.10 5.75 25.51
C ASP A 20 11.47 4.28 25.42
N PHE A 21 12.44 3.87 26.24
CA PHE A 21 12.89 2.49 26.28
C PHE A 21 11.72 1.54 26.51
N GLY A 22 11.10 1.10 25.43
CA GLY A 22 9.97 0.21 25.52
C GLY A 22 8.76 0.70 24.74
N SER A 23 8.85 1.92 24.20
CA SER A 23 7.75 2.48 23.42
C SER A 23 7.65 1.80 22.07
N SER A 24 6.57 2.10 21.34
CA SER A 24 6.36 1.51 20.03
C SER A 24 5.86 2.56 19.04
N ILE A 25 6.17 2.35 17.77
CA ILE A 25 5.77 3.28 16.72
C ILE A 25 4.78 2.62 15.77
N THR A 26 4.19 3.41 14.88
CA THR A 26 3.24 2.90 13.90
C THR A 26 3.53 3.44 12.51
N TYR A 27 3.91 2.55 11.60
CA TYR A 27 4.25 2.97 10.24
C TYR A 27 3.03 2.96 9.33
N SER A 28 3.08 3.79 8.29
CA SER A 28 1.98 3.88 7.33
C SER A 28 2.49 4.38 5.98
N CYS A 29 1.78 4.06 4.91
CA CYS A 29 2.17 4.48 3.57
C CYS A 29 1.72 5.91 3.29
N ASN A 30 2.24 6.48 2.22
CA ASN A 30 1.90 7.86 1.85
C ASN A 30 0.45 7.98 1.41
N SER A 31 0.20 7.70 0.12
CA SER A 31 -1.16 7.78 -0.41
C SER A 31 -1.32 6.85 -1.61
N GLY A 32 -2.40 6.08 -1.61
CA GLY A 32 -2.65 5.15 -2.69
C GLY A 32 -1.65 4.02 -2.71
N TYR A 33 -1.03 3.77 -1.54
CA TYR A 33 -0.04 2.71 -1.42
C TYR A 33 -0.53 1.62 -0.46
N HIS A 34 0.25 0.55 -0.35
CA HIS A 34 -0.10 -0.53 0.56
C HIS A 34 1.15 -1.02 1.28
N LEU A 35 1.17 -0.83 2.59
CA LEU A 35 2.31 -1.24 3.42
C LEU A 35 2.25 -2.74 3.68
N ILE A 36 3.34 -3.43 3.35
CA ILE A 36 3.40 -4.87 3.54
C ILE A 36 4.21 -5.23 4.77
N GLY A 37 4.01 -6.44 5.27
CA GLY A 37 4.73 -6.90 6.45
C GLY A 37 4.23 -6.21 7.72
N GLU A 38 5.16 -5.77 8.55
CA GLU A 38 4.82 -5.10 9.80
C GLU A 38 4.47 -3.64 9.55
N SER A 39 4.26 -2.92 10.65
CA SER A 39 3.92 -1.50 10.57
C SER A 39 4.06 -0.86 11.94
N LYS A 40 4.96 -1.39 12.77
CA LYS A 40 5.15 -0.88 14.11
C LYS A 40 6.55 -1.18 14.63
N SER A 41 7.23 -0.15 15.10
CA SER A 41 8.57 -0.28 15.67
C SER A 41 8.49 -0.44 17.17
N TYR A 42 9.41 -1.18 17.77
CA TYR A 42 9.39 -1.33 19.24
C TYR A 42 10.71 -0.91 19.85
N CYS A 43 10.66 0.15 20.62
CA CYS A 43 11.84 0.67 21.30
C CYS A 43 12.34 -0.32 22.33
N GLU A 44 13.34 -1.09 21.94
CA GLU A 44 13.90 -2.10 22.82
C GLU A 44 15.40 -1.87 23.04
N LEU A 45 15.98 -2.68 23.91
CA LEU A 45 17.39 -2.56 24.24
C LEU A 45 18.26 -3.28 23.22
N GLY A 46 19.45 -2.75 22.99
CA GLY A 46 20.36 -3.35 22.02
C GLY A 46 21.02 -4.61 22.55
N SER A 47 22.34 -4.69 22.42
CA SER A 47 23.08 -5.84 22.88
C SER A 47 23.92 -5.51 24.11
N THR A 48 24.36 -4.26 24.21
CA THR A 48 25.17 -3.82 25.33
C THR A 48 24.33 -3.00 26.31
N GLY A 49 23.08 -3.41 26.49
CA GLY A 49 22.20 -2.70 27.40
C GLY A 49 21.86 -1.31 26.91
N SER A 50 22.01 -1.09 25.61
CA SER A 50 21.72 0.21 25.02
C SER A 50 20.25 0.29 24.59
N MET A 51 19.96 1.25 23.73
CA MET A 51 18.60 1.44 23.22
C MET A 51 18.57 1.28 21.71
N VAL A 52 17.54 0.59 21.22
CA VAL A 52 17.39 0.36 19.79
C VAL A 52 15.92 0.38 19.40
N TRP A 53 15.63 0.08 18.13
CA TRP A 53 14.27 0.09 17.65
C TRP A 53 13.92 -1.20 16.91
N ASN A 54 12.90 -1.89 17.40
CA ASN A 54 12.42 -3.11 16.77
C ASN A 54 11.76 -2.76 15.43
N PRO A 55 11.52 -3.77 14.57
CA PRO A 55 10.92 -3.61 13.24
C PRO A 55 10.21 -2.28 13.01
N GLU A 56 10.94 -1.32 12.45
CA GLU A 56 10.41 0.02 12.21
C GLU A 56 9.78 0.16 10.82
N ALA A 57 10.62 0.26 9.80
CA ALA A 57 10.15 0.49 8.44
C ALA A 57 9.82 -0.81 7.69
N PRO A 58 8.53 -1.09 7.46
CA PRO A 58 8.10 -2.27 6.71
C PRO A 58 8.14 -2.02 5.21
N ILE A 59 7.31 -2.74 4.45
CA ILE A 59 7.25 -2.56 3.00
C ILE A 59 6.25 -1.48 2.64
N CYS A 60 6.32 -1.02 1.40
CA CYS A 60 5.41 0.01 0.91
C CYS A 60 5.47 0.09 -0.61
N GLU A 61 4.30 0.09 -1.25
CA GLU A 61 4.24 0.16 -2.70
C GLU A 61 2.92 0.75 -3.16
N SER A 62 2.84 1.07 -4.45
CA SER A 62 1.63 1.65 -5.02
C SER A 62 0.69 0.55 -5.50
N VAL A 63 -0.45 0.43 -4.81
CA VAL A 63 -1.46 -0.56 -5.16
C VAL A 63 -1.70 -0.58 -6.66
N LYS A 64 -1.17 -1.60 -7.32
CA LYS A 64 -1.25 -1.70 -8.77
C LYS A 64 -2.28 -2.75 -9.20
N CYS A 65 -3.09 -2.38 -10.20
CA CYS A 65 -4.10 -3.27 -10.76
C CYS A 65 -3.50 -4.04 -11.92
N GLN A 66 -3.79 -5.32 -11.98
CA GLN A 66 -3.29 -6.13 -13.07
C GLN A 66 -3.98 -5.74 -14.35
N SER A 67 -3.79 -6.53 -15.38
CA SER A 67 -4.39 -6.23 -16.66
C SER A 67 -5.88 -6.54 -16.67
N PRO A 68 -6.73 -5.50 -16.75
CA PRO A 68 -8.18 -5.65 -16.91
C PRO A 68 -8.58 -6.80 -17.72
N PRO A 69 -9.88 -6.91 -17.97
CA PRO A 69 -10.99 -6.27 -17.24
C PRO A 69 -11.26 -6.87 -15.88
N SER A 70 -12.44 -6.56 -15.36
CA SER A 70 -12.97 -7.14 -14.15
C SER A 70 -14.44 -7.49 -14.38
N ILE A 71 -14.82 -7.63 -15.66
CA ILE A 71 -16.19 -7.90 -16.06
C ILE A 71 -16.32 -9.31 -16.64
N SER A 72 -17.40 -9.52 -17.39
CA SER A 72 -17.63 -10.79 -18.05
C SER A 72 -18.04 -10.60 -19.49
N ASN A 73 -17.71 -11.56 -20.34
CA ASN A 73 -18.07 -11.50 -21.75
C ASN A 73 -17.55 -10.24 -22.41
N GLY A 74 -16.41 -9.74 -21.93
CA GLY A 74 -15.84 -8.53 -22.52
C GLY A 74 -14.32 -8.46 -22.42
N ARG A 75 -13.79 -7.25 -22.56
CA ARG A 75 -12.35 -7.04 -22.54
C ARG A 75 -12.01 -5.58 -22.27
N HIS A 76 -10.74 -5.25 -22.37
CA HIS A 76 -10.26 -3.91 -22.04
C HIS A 76 -9.50 -3.27 -23.20
N ASN A 77 -9.16 -2.00 -23.03
CA ASN A 77 -8.32 -1.28 -23.98
C ASN A 77 -6.93 -1.07 -23.36
N GLY A 78 -6.67 0.12 -22.81
CA GLY A 78 -5.40 0.39 -22.16
C GLY A 78 -4.21 0.18 -23.08
N TYR A 79 -3.81 -1.08 -23.24
CA TYR A 79 -2.72 -1.54 -24.07
C TYR A 79 -1.45 -1.76 -23.24
N GLU A 80 -1.60 -1.76 -21.92
CA GLU A 80 -0.49 -2.00 -21.03
C GLU A 80 -0.58 -3.41 -20.45
N ASP A 81 0.31 -3.71 -19.51
CA ASP A 81 0.32 -5.01 -18.85
C ASP A 81 -0.09 -4.87 -17.39
N PHE A 82 0.10 -3.68 -16.84
CA PHE A 82 -0.25 -3.41 -15.46
C PHE A 82 -0.69 -1.96 -15.29
N TYR A 83 -1.21 -1.63 -14.11
CA TYR A 83 -1.71 -0.28 -13.86
C TYR A 83 -1.50 0.12 -12.40
N THR A 84 -1.83 1.35 -12.06
CA THR A 84 -1.65 1.83 -10.69
C THR A 84 -2.75 2.79 -10.26
N ASP A 85 -2.78 3.11 -8.98
CA ASP A 85 -3.78 4.00 -8.41
C ASP A 85 -3.87 5.29 -9.21
N GLY A 86 -4.81 5.31 -10.15
CA GLY A 86 -5.02 6.49 -10.95
C GLY A 86 -4.96 6.21 -12.45
N SER A 87 -5.32 4.99 -12.85
CA SER A 87 -5.31 4.64 -14.27
C SER A 87 -6.74 4.44 -14.78
N VAL A 88 -6.91 4.59 -16.08
CA VAL A 88 -8.22 4.42 -16.70
C VAL A 88 -8.11 3.64 -18.01
N VAL A 89 -9.14 2.85 -18.30
CA VAL A 89 -9.16 2.03 -19.50
C VAL A 89 -10.57 1.88 -20.04
N THR A 90 -10.70 1.87 -21.36
CA THR A 90 -11.99 1.70 -22.00
C THR A 90 -12.18 0.25 -22.44
N TYR A 91 -13.29 -0.34 -22.02
CA TYR A 91 -13.53 -1.75 -22.27
C TYR A 91 -14.37 -1.99 -23.51
N SER A 92 -14.39 -3.25 -23.94
CA SER A 92 -15.16 -3.66 -25.10
C SER A 92 -15.55 -5.13 -24.99
N CYS A 93 -16.72 -5.48 -25.49
CA CYS A 93 -17.21 -6.85 -25.43
C CYS A 93 -16.40 -7.77 -26.33
N ASN A 94 -16.39 -9.06 -26.00
CA ASN A 94 -15.68 -10.04 -26.81
C ASN A 94 -16.56 -10.62 -27.90
N SER A 95 -17.32 -11.66 -27.56
CA SER A 95 -18.22 -12.31 -28.51
C SER A 95 -19.05 -11.30 -29.28
N GLY A 96 -19.28 -10.14 -28.67
CA GLY A 96 -20.06 -9.10 -29.32
C GLY A 96 -21.25 -8.64 -28.49
N TYR A 97 -21.08 -8.67 -27.18
CA TYR A 97 -22.13 -8.26 -26.26
C TYR A 97 -22.31 -6.74 -26.27
N SER A 98 -23.11 -6.24 -25.33
CA SER A 98 -23.33 -4.80 -25.20
C SER A 98 -22.84 -4.32 -23.84
N LEU A 99 -21.62 -3.79 -23.82
CA LEU A 99 -21.02 -3.32 -22.59
C LEU A 99 -21.96 -2.45 -21.79
N ILE A 100 -21.93 -2.64 -20.49
CA ILE A 100 -22.78 -1.92 -19.58
C ILE A 100 -21.97 -1.23 -18.49
N GLY A 101 -22.57 -0.25 -17.83
CA GLY A 101 -21.90 0.44 -16.74
C GLY A 101 -20.66 1.20 -17.17
N ASN A 102 -20.64 1.57 -18.42
CA ASN A 102 -19.54 2.34 -19.00
C ASN A 102 -18.25 1.55 -19.06
N SER A 103 -17.65 1.58 -20.23
CA SER A 103 -16.39 0.90 -20.48
C SER A 103 -15.26 1.49 -19.64
N GLY A 104 -15.42 2.74 -19.25
CA GLY A 104 -14.41 3.39 -18.43
C GLY A 104 -14.21 2.67 -17.11
N VAL A 105 -12.96 2.38 -16.78
CA VAL A 105 -12.62 1.66 -15.57
C VAL A 105 -11.45 2.30 -14.84
N LEU A 106 -11.66 2.66 -13.58
CA LEU A 106 -10.63 3.34 -12.80
C LEU A 106 -9.72 2.35 -12.08
N CYS A 107 -8.43 2.51 -12.27
CA CYS A 107 -7.44 1.68 -11.59
C CYS A 107 -7.08 2.33 -10.26
N SER A 108 -7.71 1.85 -9.19
CA SER A 108 -7.47 2.39 -7.86
C SER A 108 -7.35 1.26 -6.83
N GLY A 109 -6.74 1.56 -5.70
CA GLY A 109 -6.56 0.55 -4.68
C GLY A 109 -5.95 -0.72 -5.22
N GLY A 110 -5.16 -0.55 -6.28
CA GLY A 110 -4.51 -1.70 -6.91
C GLY A 110 -5.50 -2.60 -7.61
N GLU A 111 -6.72 -2.10 -7.82
CA GLU A 111 -7.75 -2.86 -8.51
C GLU A 111 -8.57 -1.93 -9.40
N TRP A 112 -9.51 -2.50 -10.13
CA TRP A 112 -10.34 -1.72 -11.03
C TRP A 112 -11.68 -1.41 -10.39
N SER A 113 -12.01 -0.12 -10.36
CA SER A 113 -13.26 0.33 -9.76
C SER A 113 -14.28 0.72 -10.82
N ASP A 114 -15.55 0.55 -10.48
CA ASP A 114 -16.65 0.87 -11.38
C ASP A 114 -16.50 0.16 -12.73
N PRO A 115 -16.11 -1.13 -12.74
CA PRO A 115 -15.99 -1.90 -13.98
C PRO A 115 -17.34 -2.07 -14.65
N PRO A 116 -17.36 -2.20 -15.98
CA PRO A 116 -18.61 -2.35 -16.72
C PRO A 116 -19.15 -3.76 -16.68
N THR A 117 -20.21 -3.96 -17.45
CA THR A 117 -20.78 -5.27 -17.65
C THR A 117 -20.78 -5.55 -19.12
N CYS A 118 -21.58 -6.48 -19.55
CA CYS A 118 -21.54 -6.86 -20.94
C CYS A 118 -22.70 -7.80 -21.25
N GLN A 119 -23.85 -7.19 -21.51
CA GLN A 119 -25.07 -7.91 -21.74
C GLN A 119 -25.58 -7.71 -23.16
N ILE A 120 -26.57 -8.52 -23.53
CA ILE A 120 -27.18 -8.45 -24.86
C ILE A 120 -28.36 -7.47 -24.85
N ARG A 1 17.77 7.44 29.99
CA ARG A 1 17.79 8.13 28.71
C ARG A 1 16.88 7.43 27.70
N ARG A 2 16.48 8.16 26.66
CA ARG A 2 15.61 7.60 25.63
C ARG A 2 16.44 7.03 24.48
N CYS A 3 15.81 6.87 23.32
CA CYS A 3 16.47 6.31 22.16
C CYS A 3 16.80 7.41 21.13
N PRO A 4 17.74 7.13 20.21
CA PRO A 4 18.14 8.08 19.19
C PRO A 4 17.01 8.37 18.20
N SER A 5 17.24 9.33 17.31
CA SER A 5 16.25 9.69 16.31
C SER A 5 15.81 8.46 15.52
N PRO A 6 14.58 7.98 15.74
CA PRO A 6 14.07 6.80 15.04
C PRO A 6 14.32 6.86 13.55
N ARG A 7 14.26 5.69 12.90
CA ARG A 7 14.45 5.62 11.47
C ARG A 7 13.21 6.11 10.75
N ASP A 8 13.28 6.22 9.44
CA ASP A 8 12.15 6.70 8.66
C ASP A 8 11.78 5.75 7.54
N ILE A 9 10.80 6.15 6.75
CA ILE A 9 10.31 5.35 5.64
C ILE A 9 9.87 6.23 4.48
N ASP A 10 10.12 5.79 3.26
CA ASP A 10 9.68 6.52 2.09
C ASP A 10 8.22 6.21 1.81
N ASN A 11 7.56 7.11 1.11
CA ASN A 11 6.14 6.92 0.78
C ASN A 11 5.36 6.54 2.05
N GLY A 12 5.87 6.97 3.20
CA GLY A 12 5.21 6.65 4.46
C GLY A 12 5.51 7.67 5.54
N GLN A 13 4.80 7.56 6.66
CA GLN A 13 4.98 8.47 7.79
C GLN A 13 4.96 7.70 9.11
N LEU A 14 5.78 8.13 10.06
CA LEU A 14 5.83 7.46 11.36
C LEU A 14 4.89 8.08 12.36
N ASP A 15 4.63 7.34 13.44
CA ASP A 15 3.78 7.82 14.52
C ASP A 15 4.51 7.67 15.85
N ILE A 16 5.52 8.51 16.07
CA ILE A 16 6.33 8.45 17.28
C ILE A 16 5.58 8.95 18.49
N GLY A 17 5.02 8.01 19.26
CA GLY A 17 4.33 8.37 20.49
C GLY A 17 5.24 8.26 21.70
N GLY A 18 6.55 8.20 21.45
CA GLY A 18 7.52 8.08 22.52
C GLY A 18 8.84 7.56 22.01
N VAL A 19 9.93 7.90 22.71
CA VAL A 19 11.26 7.46 22.28
C VAL A 19 12.10 6.93 23.44
N ASP A 20 11.46 6.70 24.59
CA ASP A 20 12.18 6.19 25.76
C ASP A 20 12.18 4.67 25.78
N PHE A 21 13.08 4.10 26.58
CA PHE A 21 13.20 2.66 26.71
C PHE A 21 11.85 2.02 26.98
N GLY A 22 11.15 1.65 25.91
CA GLY A 22 9.84 1.04 26.06
C GLY A 22 8.80 1.68 25.15
N SER A 23 9.15 2.78 24.50
CA SER A 23 8.22 3.46 23.60
C SER A 23 8.12 2.70 22.28
N SER A 24 7.03 2.90 21.56
CA SER A 24 6.84 2.24 20.27
C SER A 24 6.34 3.23 19.23
N ILE A 25 6.83 3.06 18.00
CA ILE A 25 6.46 3.94 16.90
C ILE A 25 5.52 3.21 15.95
N THR A 26 4.70 3.97 15.23
CA THR A 26 3.78 3.39 14.27
C THR A 26 4.10 3.84 12.86
N TYR A 27 4.42 2.88 12.00
CA TYR A 27 4.78 3.18 10.62
C TYR A 27 3.57 3.06 9.70
N SER A 28 3.44 4.00 8.77
CA SER A 28 2.34 4.00 7.83
C SER A 28 2.77 4.57 6.48
N CYS A 29 2.01 4.25 5.44
CA CYS A 29 2.31 4.74 4.10
C CYS A 29 1.78 6.16 3.90
N ASN A 30 2.10 6.76 2.77
CA ASN A 30 1.65 8.12 2.49
C ASN A 30 0.19 8.16 2.10
N SER A 31 -0.10 7.82 0.85
CA SER A 31 -1.47 7.81 0.35
C SER A 31 -1.61 6.89 -0.86
N GLY A 32 -2.65 6.08 -0.87
CA GLY A 32 -2.86 5.15 -1.96
C GLY A 32 -1.78 4.08 -2.01
N TYR A 33 -1.15 3.85 -0.87
CA TYR A 33 -0.08 2.87 -0.78
C TYR A 33 -0.45 1.76 0.19
N HIS A 34 0.34 0.68 0.17
CA HIS A 34 0.11 -0.43 1.08
C HIS A 34 1.43 -0.86 1.72
N LEU A 35 1.46 -0.81 3.05
CA LEU A 35 2.66 -1.16 3.81
C LEU A 35 2.76 -2.65 4.00
N ILE A 36 3.91 -3.22 3.65
CA ILE A 36 4.13 -4.66 3.78
C ILE A 36 5.06 -4.95 4.94
N GLY A 37 4.87 -6.12 5.56
CA GLY A 37 5.68 -6.50 6.68
C GLY A 37 5.18 -5.91 7.98
N GLU A 38 6.09 -5.52 8.86
CA GLU A 38 5.72 -4.91 10.13
C GLU A 38 5.20 -3.51 9.91
N SER A 39 4.91 -2.82 10.99
CA SER A 39 4.40 -1.45 10.92
C SER A 39 4.43 -0.81 12.30
N LYS A 40 5.37 -1.25 13.14
CA LYS A 40 5.50 -0.71 14.48
C LYS A 40 6.91 -0.93 15.02
N SER A 41 7.53 0.14 15.49
CA SER A 41 8.88 0.09 16.02
C SER A 41 8.85 0.11 17.53
N TYR A 42 9.87 -0.48 18.17
CA TYR A 42 9.91 -0.50 19.63
C TYR A 42 11.25 0.01 20.15
N CYS A 43 11.17 1.01 21.01
CA CYS A 43 12.36 1.62 21.59
C CYS A 43 12.99 0.71 22.63
N GLU A 44 14.23 0.32 22.36
CA GLU A 44 14.96 -0.54 23.27
C GLU A 44 16.45 -0.43 23.00
N LEU A 45 17.22 -0.97 23.92
CA LEU A 45 18.67 -0.93 23.77
C LEU A 45 19.18 -2.23 23.15
N GLY A 46 20.02 -2.08 22.13
CA GLY A 46 20.56 -3.24 21.44
C GLY A 46 21.54 -2.84 20.37
N SER A 47 22.81 -2.81 20.73
CA SER A 47 23.86 -2.43 19.81
C SER A 47 25.20 -2.52 20.51
N THR A 48 25.34 -3.57 21.31
CA THR A 48 26.54 -3.81 22.09
C THR A 48 26.57 -2.96 23.34
N GLY A 49 25.38 -2.65 23.85
CA GLY A 49 25.29 -1.82 25.04
C GLY A 49 24.87 -0.40 24.72
N SER A 50 24.36 -0.20 23.50
CA SER A 50 23.90 1.11 23.07
C SER A 50 22.38 1.15 23.07
N MET A 51 21.82 2.08 22.34
CA MET A 51 20.37 2.22 22.27
C MET A 51 19.90 2.00 20.83
N VAL A 52 18.82 1.25 20.67
CA VAL A 52 18.36 0.91 19.34
C VAL A 52 16.84 1.03 19.23
N TRP A 53 16.35 0.66 18.06
CA TRP A 53 14.92 0.69 17.77
C TRP A 53 14.47 -0.62 17.11
N ASN A 54 13.34 -1.14 17.59
CA ASN A 54 12.78 -2.36 17.03
C ASN A 54 12.04 -2.05 15.73
N PRO A 55 11.76 -3.09 14.91
CA PRO A 55 11.09 -3.00 13.62
C PRO A 55 10.46 -1.65 13.32
N GLU A 56 11.25 -0.80 12.68
CA GLU A 56 10.82 0.55 12.34
C GLU A 56 10.18 0.63 10.95
N ALA A 57 10.98 0.95 9.93
CA ALA A 57 10.46 1.13 8.58
C ALA A 57 10.27 -0.18 7.84
N PRO A 58 9.01 -0.60 7.62
CA PRO A 58 8.69 -1.80 6.86
C PRO A 58 8.71 -1.52 5.36
N ILE A 59 7.96 -2.31 4.59
CA ILE A 59 7.87 -2.09 3.15
C ILE A 59 6.69 -1.21 2.81
N CYS A 60 6.74 -0.57 1.65
CA CYS A 60 5.66 0.30 1.21
C CYS A 60 5.78 0.59 -0.28
N GLU A 61 4.63 0.68 -0.94
CA GLU A 61 4.60 0.96 -2.37
C GLU A 61 3.17 1.25 -2.81
N SER A 62 3.02 1.72 -4.05
CA SER A 62 1.70 1.99 -4.59
C SER A 62 0.98 0.70 -4.92
N VAL A 63 0.11 0.28 -4.02
CA VAL A 63 -0.66 -0.92 -4.18
C VAL A 63 -1.22 -1.04 -5.60
N LYS A 64 -0.49 -1.72 -6.46
CA LYS A 64 -0.87 -1.87 -7.86
C LYS A 64 -2.10 -2.74 -8.03
N CYS A 65 -2.70 -2.68 -9.22
CA CYS A 65 -3.86 -3.48 -9.54
C CYS A 65 -3.59 -4.36 -10.74
N GLN A 66 -3.92 -5.63 -10.62
CA GLN A 66 -3.72 -6.58 -11.70
C GLN A 66 -4.66 -6.27 -12.85
N SER A 67 -4.94 -7.27 -13.69
CA SER A 67 -5.84 -7.08 -14.81
C SER A 67 -7.16 -6.48 -14.33
N PRO A 68 -7.75 -5.58 -15.12
CA PRO A 68 -9.03 -4.93 -14.76
C PRO A 68 -10.13 -5.95 -14.51
N PRO A 69 -11.22 -5.52 -13.83
CA PRO A 69 -12.35 -6.40 -13.50
C PRO A 69 -12.70 -7.35 -14.63
N SER A 70 -13.38 -8.44 -14.28
CA SER A 70 -13.80 -9.43 -15.26
C SER A 70 -15.30 -9.38 -15.47
N ILE A 71 -15.74 -8.55 -16.41
CA ILE A 71 -17.16 -8.39 -16.70
C ILE A 71 -17.73 -9.63 -17.37
N SER A 72 -19.04 -9.64 -17.57
CA SER A 72 -19.71 -10.76 -18.22
C SER A 72 -19.93 -10.46 -19.70
N ASN A 73 -19.75 -11.48 -20.53
CA ASN A 73 -19.92 -11.32 -21.97
C ASN A 73 -18.98 -10.27 -22.51
N GLY A 74 -17.82 -10.13 -21.86
CA GLY A 74 -16.84 -9.16 -22.29
C GLY A 74 -15.53 -9.27 -21.53
N ARG A 75 -14.65 -8.29 -21.73
CA ARG A 75 -13.35 -8.30 -21.07
C ARG A 75 -12.64 -6.96 -21.27
N HIS A 76 -11.40 -6.89 -20.78
CA HIS A 76 -10.60 -5.68 -20.90
C HIS A 76 -9.61 -5.79 -22.05
N ASN A 77 -8.84 -4.72 -22.28
CA ASN A 77 -7.87 -4.71 -23.37
C ASN A 77 -6.47 -4.43 -22.84
N GLY A 78 -6.26 -4.61 -21.54
CA GLY A 78 -4.96 -4.38 -20.96
C GLY A 78 -3.86 -5.09 -21.70
N TYR A 79 -2.64 -4.55 -21.63
CA TYR A 79 -1.50 -5.15 -22.30
C TYR A 79 -0.57 -5.80 -21.29
N GLU A 80 -0.56 -5.24 -20.08
CA GLU A 80 0.28 -5.77 -19.02
C GLU A 80 -0.55 -6.61 -18.05
N ASP A 81 0.07 -7.02 -16.95
CA ASP A 81 -0.61 -7.83 -15.95
C ASP A 81 -0.89 -7.00 -14.69
N PHE A 82 -0.24 -5.85 -14.57
CA PHE A 82 -0.42 -5.01 -13.39
C PHE A 82 -0.61 -3.55 -13.77
N TYR A 83 -1.07 -2.76 -12.80
CA TYR A 83 -1.31 -1.34 -13.00
C TYR A 83 -1.14 -0.55 -11.70
N THR A 84 -0.82 0.73 -11.83
CA THR A 84 -0.59 1.57 -10.66
C THR A 84 -1.68 2.63 -10.51
N ASP A 85 -1.48 3.52 -9.53
CA ASP A 85 -2.44 4.58 -9.27
C ASP A 85 -2.45 5.62 -10.38
N GLY A 86 -3.38 5.46 -11.29
CA GLY A 86 -3.51 6.37 -12.40
C GLY A 86 -3.45 5.70 -13.75
N SER A 87 -3.77 4.40 -13.77
CA SER A 87 -3.76 3.64 -15.02
C SER A 87 -5.17 3.57 -15.61
N VAL A 88 -5.25 3.35 -16.91
CA VAL A 88 -6.54 3.25 -17.59
C VAL A 88 -6.56 2.09 -18.57
N VAL A 89 -7.75 1.53 -18.77
CA VAL A 89 -7.93 0.41 -19.68
C VAL A 89 -9.31 0.45 -20.32
N THR A 90 -9.40 0.00 -21.57
CA THR A 90 -10.66 -0.04 -22.28
C THR A 90 -11.24 -1.45 -22.27
N TYR A 91 -12.55 -1.54 -22.13
CA TYR A 91 -13.21 -2.85 -22.10
C TYR A 91 -13.83 -3.19 -23.45
N SER A 92 -14.01 -4.48 -23.68
CA SER A 92 -14.59 -4.95 -24.94
C SER A 92 -15.35 -6.26 -24.73
N CYS A 93 -16.48 -6.39 -25.43
CA CYS A 93 -17.30 -7.58 -25.33
C CYS A 93 -16.62 -8.76 -26.02
N ASN A 94 -17.12 -9.97 -25.75
CA ASN A 94 -16.56 -11.18 -26.36
C ASN A 94 -17.37 -11.60 -27.58
N SER A 95 -18.42 -12.38 -27.34
CA SER A 95 -19.28 -12.87 -28.42
C SER A 95 -19.65 -11.74 -29.39
N GLY A 96 -19.71 -10.52 -28.87
CA GLY A 96 -20.05 -9.37 -29.70
C GLY A 96 -21.18 -8.56 -29.12
N TYR A 97 -21.15 -8.35 -27.81
CA TYR A 97 -22.17 -7.58 -27.12
C TYR A 97 -21.90 -6.09 -27.26
N SER A 98 -22.71 -5.28 -26.58
CA SER A 98 -22.55 -3.84 -26.61
C SER A 98 -22.12 -3.33 -25.25
N LEU A 99 -20.86 -2.93 -25.14
CA LEU A 99 -20.31 -2.47 -23.89
C LEU A 99 -21.20 -1.43 -23.23
N ILE A 100 -21.46 -1.66 -21.96
CA ILE A 100 -22.28 -0.77 -21.16
C ILE A 100 -21.40 0.20 -20.37
N GLY A 101 -21.97 1.35 -20.02
CA GLY A 101 -21.21 2.33 -19.27
C GLY A 101 -20.05 2.90 -20.07
N ASN A 102 -18.87 2.88 -19.47
CA ASN A 102 -17.67 3.40 -20.12
C ASN A 102 -16.60 2.32 -20.23
N SER A 103 -16.06 2.15 -21.44
CA SER A 103 -15.02 1.17 -21.68
C SER A 103 -13.78 1.47 -20.84
N GLY A 104 -13.54 2.75 -20.60
CA GLY A 104 -12.39 3.17 -19.83
C GLY A 104 -12.52 2.83 -18.35
N VAL A 105 -11.46 2.30 -17.78
CA VAL A 105 -11.44 1.94 -16.36
C VAL A 105 -10.20 2.50 -15.68
N LEU A 106 -10.40 3.34 -14.68
CA LEU A 106 -9.28 3.94 -13.96
C LEU A 106 -8.74 3.01 -12.89
N CYS A 107 -7.41 2.89 -12.84
CA CYS A 107 -6.76 2.06 -11.84
C CYS A 107 -6.14 2.93 -10.75
N SER A 108 -6.80 3.02 -9.61
CA SER A 108 -6.30 3.86 -8.52
C SER A 108 -6.38 3.15 -7.17
N GLY A 109 -5.22 2.84 -6.58
CA GLY A 109 -5.18 2.21 -5.28
C GLY A 109 -5.39 0.71 -5.36
N GLY A 110 -4.70 0.07 -6.29
CA GLY A 110 -4.82 -1.38 -6.43
C GLY A 110 -6.22 -1.82 -6.82
N GLU A 111 -7.06 -0.87 -7.21
CA GLU A 111 -8.42 -1.18 -7.62
C GLU A 111 -8.78 -0.45 -8.90
N TRP A 112 -9.96 -0.76 -9.42
CA TRP A 112 -10.43 -0.15 -10.66
C TRP A 112 -11.75 0.57 -10.44
N SER A 113 -12.03 1.54 -11.30
CA SER A 113 -13.27 2.31 -11.20
C SER A 113 -13.91 2.53 -12.56
N ASP A 114 -15.23 2.64 -12.56
CA ASP A 114 -15.99 2.86 -13.78
C ASP A 114 -15.92 1.65 -14.73
N PRO A 115 -16.13 0.43 -14.20
CA PRO A 115 -16.12 -0.78 -15.02
C PRO A 115 -17.41 -0.95 -15.82
N PRO A 116 -17.31 -1.28 -17.11
CA PRO A 116 -18.48 -1.43 -17.97
C PRO A 116 -19.05 -2.84 -17.96
N THR A 117 -20.04 -3.04 -18.82
CA THR A 117 -20.69 -4.33 -18.98
C THR A 117 -20.75 -4.72 -20.45
N CYS A 118 -21.65 -5.62 -20.79
CA CYS A 118 -21.81 -6.05 -22.16
C CYS A 118 -23.17 -6.66 -22.40
N GLN A 119 -24.11 -5.82 -22.79
CA GLN A 119 -25.47 -6.25 -23.05
C GLN A 119 -25.88 -5.95 -24.49
N ILE A 120 -26.89 -6.67 -24.97
CA ILE A 120 -27.38 -6.47 -26.32
C ILE A 120 -28.39 -5.34 -26.39
N ARG A 1 15.50 5.91 30.59
CA ARG A 1 16.38 5.84 29.43
C ARG A 1 15.66 5.27 28.22
N ARG A 2 14.66 6.01 27.73
CA ARG A 2 13.89 5.58 26.58
C ARG A 2 14.44 6.18 25.30
N CYS A 3 13.77 5.91 24.18
CA CYS A 3 14.22 6.44 22.89
C CYS A 3 13.27 7.51 22.39
N PRO A 4 13.74 8.36 21.45
CA PRO A 4 12.92 9.43 20.89
C PRO A 4 11.79 8.88 20.03
N SER A 5 10.87 9.75 19.63
CA SER A 5 9.74 9.35 18.83
C SER A 5 10.19 8.55 17.61
N PRO A 6 9.99 7.22 17.61
CA PRO A 6 10.38 6.36 16.49
C PRO A 6 9.65 6.73 15.22
N ARG A 7 10.20 6.32 14.08
CA ARG A 7 9.59 6.59 12.79
C ARG A 7 8.12 6.22 12.79
N ASP A 8 7.44 6.46 11.68
CA ASP A 8 6.01 6.17 11.61
C ASP A 8 5.58 5.65 10.23
N ILE A 9 6.49 5.65 9.25
CA ILE A 9 6.19 5.22 7.89
C ILE A 9 4.96 5.95 7.33
N ASP A 10 4.78 5.91 6.02
CA ASP A 10 3.67 6.63 5.38
C ASP A 10 2.54 5.69 4.97
N ASN A 11 2.86 4.67 4.17
CA ASN A 11 1.85 3.73 3.69
C ASN A 11 1.76 2.51 4.58
N GLY A 12 2.04 2.72 5.87
CA GLY A 12 1.97 1.63 6.83
C GLY A 12 1.78 2.11 8.25
N GLN A 13 1.70 1.18 9.20
CA GLN A 13 1.51 1.51 10.60
C GLN A 13 2.47 0.69 11.47
N LEU A 14 3.03 1.32 12.48
CA LEU A 14 3.98 0.66 13.36
C LEU A 14 3.30 -0.04 14.52
N ASP A 15 4.00 -0.98 15.11
CA ASP A 15 3.54 -1.71 16.29
C ASP A 15 4.56 -1.56 17.40
N ILE A 16 4.48 -0.45 18.14
CA ILE A 16 5.44 -0.16 19.18
C ILE A 16 5.17 -0.96 20.45
N GLY A 17 6.02 -1.94 20.71
CA GLY A 17 5.91 -2.73 21.91
C GLY A 17 6.99 -2.37 22.92
N GLY A 18 7.59 -1.20 22.74
CA GLY A 18 8.65 -0.76 23.63
C GLY A 18 9.60 0.21 22.94
N VAL A 19 9.91 1.31 23.61
CA VAL A 19 10.77 2.33 23.06
C VAL A 19 12.06 2.48 23.91
N ASP A 20 12.22 1.60 24.90
CA ASP A 20 13.38 1.66 25.78
C ASP A 20 14.62 1.12 25.10
N PHE A 21 15.79 1.61 25.54
CA PHE A 21 17.07 1.17 24.98
C PHE A 21 17.16 -0.35 25.00
N GLY A 22 16.82 -0.97 23.88
CA GLY A 22 16.87 -2.42 23.78
C GLY A 22 15.55 -3.03 23.33
N SER A 23 14.60 -2.19 22.94
CA SER A 23 13.31 -2.68 22.47
C SER A 23 13.27 -2.75 20.95
N SER A 24 12.11 -3.06 20.40
CA SER A 24 11.96 -3.13 18.96
C SER A 24 10.51 -2.89 18.55
N ILE A 25 10.33 -2.27 17.39
CA ILE A 25 8.99 -1.97 16.88
C ILE A 25 8.65 -2.88 15.70
N THR A 26 7.41 -2.81 15.24
CA THR A 26 6.98 -3.64 14.12
C THR A 26 6.30 -2.81 13.04
N TYR A 27 6.88 -2.80 11.85
CA TYR A 27 6.32 -2.02 10.75
C TYR A 27 5.42 -2.87 9.87
N SER A 28 4.34 -2.27 9.42
CA SER A 28 3.38 -2.95 8.57
C SER A 28 2.72 -1.96 7.62
N CYS A 29 2.27 -2.45 6.47
CA CYS A 29 1.62 -1.60 5.49
C CYS A 29 0.20 -1.24 5.92
N ASN A 30 -0.39 -0.27 5.23
CA ASN A 30 -1.75 0.17 5.56
C ASN A 30 -2.78 -0.83 5.06
N SER A 31 -3.12 -0.74 3.78
CA SER A 31 -4.08 -1.64 3.16
C SER A 31 -3.83 -1.76 1.67
N GLY A 32 -3.58 -2.98 1.22
CA GLY A 32 -3.30 -3.21 -0.18
C GLY A 32 -1.88 -2.82 -0.56
N TYR A 33 -1.03 -2.62 0.44
CA TYR A 33 0.36 -2.24 0.18
C TYR A 33 1.30 -3.37 0.57
N HIS A 34 2.47 -3.39 -0.06
CA HIS A 34 3.50 -4.35 0.30
C HIS A 34 4.69 -3.63 0.90
N LEU A 35 5.01 -3.95 2.15
CA LEU A 35 6.12 -3.31 2.83
C LEU A 35 7.42 -4.01 2.46
N ILE A 36 8.25 -3.33 1.68
CA ILE A 36 9.51 -3.91 1.23
C ILE A 36 10.64 -3.56 2.18
N GLY A 37 11.60 -4.47 2.29
CA GLY A 37 12.73 -4.27 3.17
C GLY A 37 12.51 -4.87 4.54
N GLU A 38 12.82 -4.11 5.59
CA GLU A 38 12.64 -4.59 6.96
C GLU A 38 11.21 -4.35 7.42
N SER A 39 10.95 -4.61 8.70
CA SER A 39 9.63 -4.44 9.27
C SER A 39 9.70 -4.33 10.78
N LYS A 40 10.84 -3.93 11.30
CA LYS A 40 11.04 -3.83 12.73
C LYS A 40 12.20 -2.91 13.07
N SER A 41 11.91 -1.89 13.88
CA SER A 41 12.92 -0.94 14.32
C SER A 41 13.53 -1.38 15.64
N TYR A 42 14.82 -1.13 15.84
CA TYR A 42 15.44 -1.53 17.11
C TYR A 42 16.01 -0.32 17.84
N CYS A 43 15.44 -0.06 19.00
CA CYS A 43 15.86 1.04 19.85
C CYS A 43 17.25 0.77 20.43
N GLU A 44 18.26 1.29 19.77
CA GLU A 44 19.64 1.10 20.21
C GLU A 44 20.31 2.45 20.50
N LEU A 45 21.62 2.42 20.67
CA LEU A 45 22.37 3.62 20.96
C LEU A 45 23.16 4.10 19.73
N GLY A 46 23.22 5.40 19.54
CA GLY A 46 23.95 5.97 18.44
C GLY A 46 24.97 6.99 18.90
N SER A 47 25.58 7.69 17.95
CA SER A 47 26.57 8.71 18.28
C SER A 47 27.56 8.22 19.34
N THR A 48 27.75 6.91 19.38
CA THR A 48 28.68 6.29 20.32
C THR A 48 28.19 6.42 21.76
N GLY A 49 26.90 6.67 21.94
CA GLY A 49 26.36 6.80 23.28
C GLY A 49 24.92 7.31 23.31
N SER A 50 24.56 8.10 22.31
CA SER A 50 23.22 8.66 22.22
C SER A 50 22.18 7.59 21.93
N MET A 51 20.94 7.99 21.78
CA MET A 51 19.85 7.08 21.48
C MET A 51 19.51 7.14 19.99
N VAL A 52 19.02 6.03 19.47
CA VAL A 52 18.66 5.95 18.06
C VAL A 52 17.73 4.77 17.79
N TRP A 53 17.29 4.65 16.55
CA TRP A 53 16.39 3.58 16.18
C TRP A 53 16.90 2.81 14.96
N ASN A 54 17.11 1.51 15.12
CA ASN A 54 17.56 0.66 14.04
C ASN A 54 16.45 0.51 13.00
N PRO A 55 16.77 -0.04 11.81
CA PRO A 55 15.84 -0.24 10.69
C PRO A 55 14.37 -0.09 11.06
N GLU A 56 13.87 1.15 10.93
CA GLU A 56 12.50 1.49 11.33
C GLU A 56 11.51 1.41 10.19
N ALA A 57 11.54 2.42 9.31
CA ALA A 57 10.56 2.56 8.25
C ALA A 57 11.04 2.01 6.92
N PRO A 58 10.87 0.69 6.72
CA PRO A 58 11.18 0.02 5.44
C PRO A 58 10.53 0.72 4.25
N ILE A 59 10.32 -0.02 3.17
CA ILE A 59 9.69 0.53 1.98
C ILE A 59 8.23 0.12 1.91
N CYS A 60 7.52 0.62 0.89
CA CYS A 60 6.11 0.30 0.70
C CYS A 60 5.63 0.80 -0.65
N GLU A 61 4.91 -0.05 -1.37
CA GLU A 61 4.39 0.32 -2.68
C GLU A 61 2.95 -0.17 -2.85
N SER A 62 2.03 0.77 -2.94
CA SER A 62 0.62 0.44 -3.11
C SER A 62 0.44 -0.51 -4.29
N VAL A 63 -0.24 -1.63 -4.03
CA VAL A 63 -0.49 -2.63 -5.05
C VAL A 63 -0.85 -2.02 -6.40
N LYS A 64 0.15 -1.89 -7.26
CA LYS A 64 -0.05 -1.31 -8.58
C LYS A 64 -0.80 -2.28 -9.50
N CYS A 65 -2.02 -1.90 -9.89
CA CYS A 65 -2.82 -2.72 -10.79
C CYS A 65 -2.57 -2.30 -12.23
N GLN A 66 -2.13 -3.25 -13.05
CA GLN A 66 -1.87 -2.99 -14.44
C GLN A 66 -3.18 -2.72 -15.18
N SER A 67 -3.16 -2.86 -16.50
CA SER A 67 -4.36 -2.63 -17.30
C SER A 67 -5.51 -3.48 -16.78
N PRO A 68 -6.75 -2.94 -16.82
CA PRO A 68 -7.93 -3.65 -16.35
C PRO A 68 -8.19 -4.93 -17.15
N PRO A 69 -8.98 -5.86 -16.60
CA PRO A 69 -9.30 -7.12 -17.26
C PRO A 69 -9.51 -6.97 -18.76
N SER A 70 -9.34 -8.06 -19.49
CA SER A 70 -9.52 -8.07 -20.93
C SER A 70 -10.76 -8.86 -21.33
N ILE A 71 -11.89 -8.16 -21.40
CA ILE A 71 -13.15 -8.80 -21.75
C ILE A 71 -13.14 -9.22 -23.22
N SER A 72 -14.24 -9.84 -23.65
CA SER A 72 -14.36 -10.29 -25.03
C SER A 72 -15.18 -9.31 -25.86
N ASN A 73 -14.78 -9.13 -27.10
CA ASN A 73 -15.48 -8.22 -28.01
C ASN A 73 -15.50 -6.80 -27.45
N GLY A 74 -14.47 -6.46 -26.66
CA GLY A 74 -14.40 -5.14 -26.09
C GLY A 74 -13.04 -4.82 -25.51
N ARG A 75 -12.96 -3.74 -24.74
CA ARG A 75 -11.72 -3.31 -24.12
C ARG A 75 -11.98 -2.36 -22.98
N HIS A 76 -10.90 -1.84 -22.42
CA HIS A 76 -10.98 -0.91 -21.30
C HIS A 76 -10.60 0.50 -21.73
N ASN A 77 -10.81 1.47 -20.86
CA ASN A 77 -10.47 2.86 -21.16
C ASN A 77 -9.22 3.30 -20.37
N GLY A 78 -9.43 3.95 -19.23
CA GLY A 78 -8.30 4.38 -18.41
C GLY A 78 -7.37 5.33 -19.15
N TYR A 79 -6.48 4.74 -19.96
CA TYR A 79 -5.49 5.44 -20.75
C TYR A 79 -4.16 5.55 -20.02
N GLU A 80 -4.04 4.81 -18.92
CA GLU A 80 -2.81 4.81 -18.16
C GLU A 80 -2.06 3.50 -18.37
N ASP A 81 -0.98 3.32 -17.62
CA ASP A 81 -0.19 2.10 -17.72
C ASP A 81 -0.33 1.27 -16.45
N PHE A 82 -0.66 1.95 -15.35
CA PHE A 82 -0.84 1.28 -14.07
C PHE A 82 -1.93 1.97 -13.26
N TYR A 83 -2.37 1.30 -12.20
CA TYR A 83 -3.43 1.84 -11.35
C TYR A 83 -3.19 1.45 -9.88
N THR A 84 -3.89 2.11 -8.97
CA THR A 84 -3.73 1.85 -7.55
C THR A 84 -5.06 1.58 -6.86
N ASP A 85 -5.00 1.29 -5.57
CA ASP A 85 -6.18 1.01 -4.78
C ASP A 85 -7.10 2.21 -4.74
N GLY A 86 -8.07 2.21 -5.63
CA GLY A 86 -9.06 3.27 -5.69
C GLY A 86 -9.16 3.92 -7.05
N SER A 87 -8.72 3.22 -8.10
CA SER A 87 -8.81 3.73 -9.45
C SER A 87 -10.04 3.19 -10.16
N VAL A 88 -10.47 3.87 -11.21
CA VAL A 88 -11.65 3.45 -11.95
C VAL A 88 -11.39 3.53 -13.46
N VAL A 89 -12.00 2.60 -14.19
CA VAL A 89 -11.86 2.55 -15.65
C VAL A 89 -13.17 2.17 -16.31
N THR A 90 -13.39 2.68 -17.50
CA THR A 90 -14.61 2.39 -18.25
C THR A 90 -14.31 1.46 -19.42
N TYR A 91 -15.10 0.40 -19.53
CA TYR A 91 -14.93 -0.58 -20.60
C TYR A 91 -15.74 -0.20 -21.84
N SER A 92 -15.30 -0.69 -22.99
CA SER A 92 -15.98 -0.39 -24.25
C SER A 92 -15.82 -1.54 -25.25
N CYS A 93 -16.92 -1.88 -25.91
CA CYS A 93 -16.91 -2.94 -26.91
C CYS A 93 -16.12 -2.51 -28.15
N ASN A 94 -15.67 -3.50 -28.93
CA ASN A 94 -14.89 -3.22 -30.13
C ASN A 94 -15.80 -3.12 -31.37
N SER A 95 -16.25 -4.26 -31.87
CA SER A 95 -17.10 -4.30 -33.04
C SER A 95 -18.35 -3.44 -32.84
N GLY A 96 -18.71 -3.21 -31.59
CA GLY A 96 -19.89 -2.40 -31.30
C GLY A 96 -20.92 -3.16 -30.47
N TYR A 97 -20.45 -4.05 -29.61
CA TYR A 97 -21.33 -4.84 -28.77
C TYR A 97 -21.97 -3.95 -27.71
N SER A 98 -22.67 -4.57 -26.76
CA SER A 98 -23.34 -3.83 -25.70
C SER A 98 -22.66 -4.05 -24.36
N LEU A 99 -21.99 -3.00 -23.88
CA LEU A 99 -21.31 -3.04 -22.59
C LEU A 99 -22.25 -3.59 -21.52
N ILE A 100 -21.99 -4.81 -21.09
CA ILE A 100 -22.81 -5.48 -20.10
C ILE A 100 -22.38 -5.10 -18.70
N GLY A 101 -23.29 -5.27 -17.74
CA GLY A 101 -22.98 -4.93 -16.36
C GLY A 101 -22.63 -3.47 -16.21
N ASN A 102 -21.49 -3.21 -15.60
CA ASN A 102 -21.03 -1.84 -15.41
C ASN A 102 -19.70 -1.62 -16.12
N SER A 103 -19.61 -0.53 -16.86
CA SER A 103 -18.39 -0.18 -17.59
C SER A 103 -17.28 0.20 -16.61
N GLY A 104 -17.68 0.73 -15.47
CA GLY A 104 -16.73 1.14 -14.46
C GLY A 104 -16.10 -0.03 -13.73
N VAL A 105 -14.78 -0.02 -13.63
CA VAL A 105 -14.05 -1.08 -12.93
C VAL A 105 -13.19 -0.50 -11.82
N LEU A 106 -13.41 -0.95 -10.60
CA LEU A 106 -12.67 -0.45 -9.45
C LEU A 106 -11.30 -1.12 -9.34
N CYS A 107 -10.26 -0.32 -9.37
CA CYS A 107 -8.90 -0.81 -9.20
C CYS A 107 -8.58 -0.89 -7.72
N SER A 108 -8.56 -2.09 -7.17
CA SER A 108 -8.28 -2.29 -5.76
C SER A 108 -7.56 -3.60 -5.50
N GLY A 109 -6.91 -3.67 -4.34
CA GLY A 109 -6.18 -4.88 -3.97
C GLY A 109 -5.30 -5.40 -5.10
N GLY A 110 -4.75 -4.48 -5.89
CA GLY A 110 -3.90 -4.88 -6.99
C GLY A 110 -4.67 -5.64 -8.07
N GLU A 111 -5.99 -5.60 -8.00
CA GLU A 111 -6.83 -6.28 -8.98
C GLU A 111 -8.00 -5.39 -9.40
N TRP A 112 -8.84 -5.92 -10.27
CA TRP A 112 -9.99 -5.17 -10.77
C TRP A 112 -11.29 -5.87 -10.40
N SER A 113 -12.31 -5.09 -10.06
CA SER A 113 -13.60 -5.64 -9.67
C SER A 113 -14.73 -4.99 -10.44
N ASP A 114 -15.81 -5.75 -10.66
CA ASP A 114 -16.98 -5.26 -11.36
C ASP A 114 -16.73 -5.06 -12.85
N PRO A 115 -16.10 -6.04 -13.52
CA PRO A 115 -15.83 -5.97 -14.95
C PRO A 115 -17.08 -6.28 -15.78
N PRO A 116 -17.28 -5.57 -16.90
CA PRO A 116 -18.45 -5.76 -17.76
C PRO A 116 -18.24 -6.80 -18.84
N THR A 117 -19.22 -6.88 -19.72
CA THR A 117 -19.17 -7.80 -20.86
C THR A 117 -19.61 -7.08 -22.12
N CYS A 118 -19.65 -7.81 -23.23
CA CYS A 118 -20.05 -7.22 -24.50
C CYS A 118 -20.93 -8.17 -25.29
N GLN A 119 -22.23 -7.97 -25.19
CA GLN A 119 -23.19 -8.82 -25.88
C GLN A 119 -24.11 -7.99 -26.77
N ILE A 120 -24.64 -8.63 -27.80
CA ILE A 120 -25.54 -7.96 -28.74
C ILE A 120 -26.97 -7.97 -28.21
N ARG A 1 16.01 9.14 29.52
CA ARG A 1 16.26 9.75 28.22
C ARG A 1 15.46 9.05 27.12
N ARG A 2 15.06 9.82 26.11
CA ARG A 2 14.29 9.29 25.00
C ARG A 2 15.15 8.39 24.11
N CYS A 3 14.51 7.79 23.11
CA CYS A 3 15.21 6.91 22.18
C CYS A 3 15.87 7.71 21.08
N PRO A 4 16.85 7.11 20.37
CA PRO A 4 17.56 7.77 19.28
C PRO A 4 16.65 7.97 18.07
N SER A 5 17.11 8.74 17.11
CA SER A 5 16.31 9.00 15.92
C SER A 5 15.84 7.70 15.28
N PRO A 6 14.51 7.46 15.23
CA PRO A 6 13.94 6.25 14.64
C PRO A 6 14.37 6.07 13.19
N ARG A 7 14.30 4.83 12.72
CA ARG A 7 14.66 4.51 11.34
C ARG A 7 13.69 5.19 10.39
N ASP A 8 13.94 5.04 9.09
CA ASP A 8 13.09 5.67 8.09
C ASP A 8 12.68 4.68 7.01
N ILE A 9 12.03 5.20 5.97
CA ILE A 9 11.57 4.39 4.86
C ILE A 9 11.65 5.16 3.54
N ASP A 10 11.84 4.44 2.44
CA ASP A 10 11.97 5.08 1.12
C ASP A 10 10.61 5.45 0.55
N ASN A 11 9.85 4.43 0.15
CA ASN A 11 8.53 4.66 -0.43
C ASN A 11 7.45 4.65 0.64
N GLY A 12 7.74 5.30 1.76
CA GLY A 12 6.78 5.35 2.84
C GLY A 12 6.94 6.58 3.72
N GLN A 13 6.18 6.64 4.81
CA GLN A 13 6.23 7.75 5.75
C GLN A 13 6.00 7.25 7.18
N LEU A 14 6.82 7.73 8.10
CA LEU A 14 6.71 7.33 9.50
C LEU A 14 5.65 8.14 10.23
N ASP A 15 5.14 7.57 11.31
CA ASP A 15 4.17 8.24 12.17
C ASP A 15 4.64 8.19 13.61
N ILE A 16 5.65 9.00 13.91
CA ILE A 16 6.27 9.01 15.23
C ILE A 16 5.44 9.82 16.22
N GLY A 17 4.59 9.13 16.98
CA GLY A 17 3.80 9.80 18.00
C GLY A 17 4.48 9.77 19.36
N GLY A 18 5.78 9.48 19.36
CA GLY A 18 6.53 9.41 20.60
C GLY A 18 7.87 8.73 20.42
N VAL A 19 8.85 9.11 21.22
CA VAL A 19 10.19 8.52 21.12
C VAL A 19 10.75 8.22 22.50
N ASP A 20 9.87 7.86 23.44
CA ASP A 20 10.30 7.54 24.80
C ASP A 20 10.31 6.03 25.03
N PHE A 21 11.12 5.59 25.99
CA PHE A 21 11.22 4.18 26.32
C PHE A 21 9.84 3.57 26.53
N GLY A 22 9.26 3.04 25.46
CA GLY A 22 7.94 2.45 25.54
C GLY A 22 7.01 2.97 24.47
N SER A 23 7.41 4.04 23.78
CA SER A 23 6.59 4.61 22.72
C SER A 23 6.55 3.69 21.51
N SER A 24 5.79 4.09 20.49
CA SER A 24 5.68 3.29 19.28
C SER A 24 5.45 4.17 18.06
N ILE A 25 6.05 3.79 16.94
CA ILE A 25 5.92 4.55 15.70
C ILE A 25 4.97 3.84 14.74
N THR A 26 4.62 4.50 13.64
CA THR A 26 3.73 3.91 12.65
C THR A 26 4.22 4.15 11.24
N TYR A 27 4.67 3.09 10.58
CA TYR A 27 5.18 3.18 9.22
C TYR A 27 4.06 3.05 8.19
N SER A 28 4.18 3.81 7.10
CA SER A 28 3.20 3.79 6.04
C SER A 28 3.85 4.02 4.68
N CYS A 29 3.11 3.78 3.61
CA CYS A 29 3.62 3.98 2.26
C CYS A 29 3.41 5.42 1.80
N ASN A 30 4.08 5.80 0.72
CA ASN A 30 3.97 7.15 0.19
C ASN A 30 2.57 7.40 -0.37
N SER A 31 2.35 7.00 -1.61
CA SER A 31 1.05 7.18 -2.26
C SER A 31 0.82 6.14 -3.35
N GLY A 32 -0.34 5.51 -3.31
CA GLY A 32 -0.66 4.49 -4.29
C GLY A 32 0.20 3.26 -4.14
N TYR A 33 0.80 3.09 -2.97
CA TYR A 33 1.66 1.94 -2.70
C TYR A 33 1.03 1.01 -1.67
N HIS A 34 1.71 -0.08 -1.37
CA HIS A 34 1.24 -1.02 -0.37
C HIS A 34 2.40 -1.49 0.51
N LEU A 35 2.35 -1.11 1.77
CA LEU A 35 3.38 -1.47 2.73
C LEU A 35 3.23 -2.91 3.19
N ILE A 36 4.27 -3.72 2.94
CA ILE A 36 4.23 -5.12 3.34
C ILE A 36 4.93 -5.31 4.68
N GLY A 37 4.53 -6.34 5.41
CA GLY A 37 5.10 -6.61 6.71
C GLY A 37 4.42 -5.81 7.80
N GLU A 38 5.20 -5.25 8.71
CA GLU A 38 4.65 -4.44 9.80
C GLU A 38 4.52 -2.99 9.38
N SER A 39 4.08 -2.19 10.34
CA SER A 39 3.91 -0.77 10.14
C SER A 39 4.00 -0.05 11.47
N LYS A 40 4.68 -0.65 12.42
CA LYS A 40 4.81 -0.05 13.74
C LYS A 40 6.10 -0.44 14.42
N SER A 41 6.83 0.56 14.91
CA SER A 41 8.08 0.35 15.62
C SER A 41 7.88 0.66 17.10
N TYR A 42 8.65 -0.01 17.96
CA TYR A 42 8.48 0.21 19.39
C TYR A 42 9.76 0.59 20.09
N CYS A 43 9.73 1.74 20.75
CA CYS A 43 10.88 2.24 21.48
C CYS A 43 11.09 1.41 22.75
N GLU A 44 12.07 0.51 22.69
CA GLU A 44 12.35 -0.36 23.83
C GLU A 44 13.83 -0.33 24.19
N LEU A 45 14.22 -1.15 25.17
CA LEU A 45 15.60 -1.21 25.62
C LEU A 45 16.44 -2.11 24.74
N GLY A 46 17.75 -1.89 24.77
CA GLY A 46 18.66 -2.68 23.96
C GLY A 46 19.03 -3.99 24.62
N SER A 47 20.16 -4.55 24.23
CA SER A 47 20.62 -5.83 24.78
C SER A 47 21.38 -5.60 26.08
N THR A 48 22.07 -4.47 26.18
CA THR A 48 22.83 -4.14 27.39
C THR A 48 22.17 -3.01 28.17
N GLY A 49 20.86 -2.87 27.98
CA GLY A 49 20.12 -1.83 28.68
C GLY A 49 20.19 -0.50 27.97
N SER A 50 20.39 -0.53 26.66
CA SER A 50 20.47 0.68 25.86
C SER A 50 19.11 1.04 25.29
N MET A 51 19.12 1.95 24.30
CA MET A 51 17.89 2.37 23.65
C MET A 51 17.82 1.85 22.22
N VAL A 52 16.70 1.23 21.88
CA VAL A 52 16.49 0.68 20.55
C VAL A 52 15.06 0.86 20.09
N TRP A 53 14.78 0.43 18.86
CA TRP A 53 13.44 0.55 18.29
C TRP A 53 12.98 -0.77 17.67
N ASN A 54 11.79 -1.22 18.05
CA ASN A 54 11.22 -2.42 17.47
C ASN A 54 10.85 -2.14 16.01
N PRO A 55 10.60 -3.20 15.21
CA PRO A 55 10.32 -3.13 13.79
C PRO A 55 9.97 -1.75 13.27
N GLU A 56 10.85 -1.26 12.43
CA GLU A 56 10.74 0.09 11.90
C GLU A 56 10.28 0.11 10.44
N ALA A 57 11.26 0.22 9.52
CA ALA A 57 10.94 0.33 8.09
C ALA A 57 10.60 -1.02 7.46
N PRO A 58 9.31 -1.23 7.12
CA PRO A 58 8.85 -2.45 6.47
C PRO A 58 9.00 -2.34 4.95
N ILE A 59 8.19 -3.09 4.20
CA ILE A 59 8.24 -3.04 2.75
C ILE A 59 7.30 -1.98 2.22
N CYS A 60 7.48 -1.59 0.96
CA CYS A 60 6.63 -0.59 0.33
C CYS A 60 6.90 -0.52 -1.16
N GLU A 61 5.84 -0.67 -1.96
CA GLU A 61 5.97 -0.64 -3.41
C GLU A 61 4.67 -0.19 -4.05
N SER A 62 4.71 -0.02 -5.37
CA SER A 62 3.51 0.39 -6.11
C SER A 62 2.64 -0.82 -6.41
N VAL A 63 1.68 -1.05 -5.53
CA VAL A 63 0.76 -2.15 -5.66
C VAL A 63 0.21 -2.25 -7.07
N LYS A 64 0.76 -3.20 -7.82
CA LYS A 64 0.40 -3.41 -9.22
C LYS A 64 -1.01 -3.97 -9.39
N CYS A 65 -1.58 -3.75 -10.56
CA CYS A 65 -2.90 -4.25 -10.91
C CYS A 65 -2.87 -4.92 -12.28
N GLN A 66 -3.12 -6.22 -12.29
CA GLN A 66 -3.09 -6.98 -13.53
C GLN A 66 -4.27 -6.62 -14.42
N SER A 67 -4.55 -7.48 -15.41
CA SER A 67 -5.64 -7.26 -16.34
C SER A 67 -6.93 -6.87 -15.60
N PRO A 68 -7.71 -5.92 -16.16
CA PRO A 68 -8.95 -5.46 -15.53
C PRO A 68 -10.00 -6.57 -15.41
N PRO A 69 -10.81 -6.55 -14.34
CA PRO A 69 -11.79 -7.58 -14.01
C PRO A 69 -13.23 -7.08 -13.95
N SER A 70 -14.08 -7.85 -13.26
CA SER A 70 -15.46 -7.46 -12.93
C SER A 70 -16.52 -7.99 -13.87
N ILE A 71 -16.51 -7.53 -15.12
CA ILE A 71 -17.61 -7.86 -16.04
C ILE A 71 -17.54 -9.27 -16.58
N SER A 72 -18.57 -9.60 -17.34
CA SER A 72 -18.67 -10.87 -18.04
C SER A 72 -19.26 -10.61 -19.43
N ASN A 73 -18.79 -11.36 -20.42
CA ASN A 73 -19.24 -11.18 -21.79
C ASN A 73 -18.59 -9.95 -22.42
N GLY A 74 -17.45 -9.56 -21.89
CA GLY A 74 -16.73 -8.42 -22.43
C GLY A 74 -15.23 -8.57 -22.29
N ARG A 75 -14.53 -7.45 -22.40
CA ARG A 75 -13.08 -7.41 -22.29
C ARG A 75 -12.61 -6.00 -21.98
N HIS A 76 -11.31 -5.80 -21.98
CA HIS A 76 -10.75 -4.50 -21.66
C HIS A 76 -9.63 -4.11 -22.62
N ASN A 77 -9.48 -2.81 -22.83
CA ASN A 77 -8.44 -2.29 -23.70
C ASN A 77 -7.08 -2.34 -23.01
N GLY A 78 -6.20 -1.37 -23.28
CA GLY A 78 -4.89 -1.39 -22.68
C GLY A 78 -3.97 -2.35 -23.39
N TYR A 79 -4.30 -3.64 -23.30
CA TYR A 79 -3.54 -4.69 -23.93
C TYR A 79 -2.18 -4.79 -23.30
N GLU A 80 -2.11 -4.41 -22.04
CA GLU A 80 -0.89 -4.48 -21.29
C GLU A 80 -0.87 -5.75 -20.46
N ASP A 81 0.15 -5.88 -19.62
CA ASP A 81 0.26 -7.04 -18.74
C ASP A 81 0.01 -6.65 -17.29
N PHE A 82 0.23 -5.38 -16.99
CA PHE A 82 0.04 -4.88 -15.64
C PHE A 82 -0.34 -3.40 -15.65
N TYR A 83 -0.87 -2.94 -14.53
CA TYR A 83 -1.26 -1.54 -14.39
C TYR A 83 -0.92 -1.03 -13.00
N THR A 84 -0.82 0.29 -12.86
CA THR A 84 -0.44 0.89 -11.59
C THR A 84 -1.49 1.85 -11.07
N ASP A 85 -1.23 2.40 -9.88
CA ASP A 85 -2.15 3.34 -9.25
C ASP A 85 -2.29 4.59 -10.09
N GLY A 86 -3.33 4.61 -10.90
CA GLY A 86 -3.60 5.77 -11.73
C GLY A 86 -3.76 5.41 -13.21
N SER A 87 -3.89 4.11 -13.50
CA SER A 87 -4.06 3.67 -14.88
C SER A 87 -5.54 3.55 -15.21
N VAL A 88 -5.86 3.65 -16.50
CA VAL A 88 -7.24 3.56 -16.95
C VAL A 88 -7.37 2.59 -18.11
N VAL A 89 -8.58 2.07 -18.30
CA VAL A 89 -8.85 1.13 -19.39
C VAL A 89 -10.31 1.18 -19.80
N THR A 90 -10.58 0.86 -21.06
CA THR A 90 -11.93 0.87 -21.58
C THR A 90 -12.39 -0.55 -21.90
N TYR A 91 -13.50 -0.94 -21.28
CA TYR A 91 -14.04 -2.28 -21.45
C TYR A 91 -14.85 -2.38 -22.75
N SER A 92 -14.98 -3.61 -23.26
CA SER A 92 -15.73 -3.83 -24.50
C SER A 92 -16.42 -5.20 -24.48
N CYS A 93 -17.68 -5.24 -24.87
CA CYS A 93 -18.44 -6.50 -24.91
C CYS A 93 -17.96 -7.40 -26.04
N ASN A 94 -18.07 -8.71 -25.82
CA ASN A 94 -17.69 -9.68 -26.85
C ASN A 94 -18.90 -10.13 -27.66
N SER A 95 -19.65 -11.09 -27.12
CA SER A 95 -20.83 -11.63 -27.78
C SER A 95 -21.65 -10.55 -28.48
N GLY A 96 -21.61 -9.33 -27.92
CA GLY A 96 -22.35 -8.23 -28.51
C GLY A 96 -23.25 -7.52 -27.51
N TYR A 97 -22.81 -7.47 -26.26
CA TYR A 97 -23.57 -6.81 -25.21
C TYR A 97 -23.37 -5.30 -25.26
N SER A 98 -23.86 -4.60 -24.25
CA SER A 98 -23.74 -3.15 -24.18
C SER A 98 -22.95 -2.74 -22.95
N LEU A 99 -21.78 -2.16 -23.17
CA LEU A 99 -20.93 -1.71 -22.07
C LEU A 99 -21.71 -0.84 -21.10
N ILE A 100 -22.06 -1.41 -19.96
CA ILE A 100 -22.80 -0.69 -18.93
C ILE A 100 -21.84 -0.14 -17.88
N GLY A 101 -22.21 0.97 -17.24
CA GLY A 101 -21.37 1.55 -16.21
C GLY A 101 -20.09 2.15 -16.76
N ASN A 102 -20.15 2.52 -18.02
CA ASN A 102 -19.00 3.12 -18.70
C ASN A 102 -17.81 2.18 -18.73
N SER A 103 -17.17 2.12 -19.88
CA SER A 103 -16.02 1.27 -20.08
C SER A 103 -14.80 1.77 -19.33
N GLY A 104 -14.80 3.04 -18.97
CA GLY A 104 -13.68 3.61 -18.25
C GLY A 104 -13.49 2.99 -16.87
N VAL A 105 -12.30 2.44 -16.64
CA VAL A 105 -11.97 1.83 -15.36
C VAL A 105 -10.74 2.48 -14.77
N LEU A 106 -10.67 2.55 -13.45
CA LEU A 106 -9.54 3.19 -12.79
C LEU A 106 -8.68 2.17 -12.05
N CYS A 107 -7.44 2.02 -12.49
CA CYS A 107 -6.49 1.12 -11.86
C CYS A 107 -5.85 1.83 -10.67
N SER A 108 -6.37 1.56 -9.48
CA SER A 108 -5.88 2.19 -8.26
C SER A 108 -5.78 1.20 -7.11
N GLY A 109 -4.98 1.54 -6.12
CA GLY A 109 -4.81 0.69 -4.95
C GLY A 109 -4.55 -0.76 -5.34
N GLY A 110 -4.00 -0.97 -6.53
CA GLY A 110 -3.71 -2.31 -6.98
C GLY A 110 -4.92 -3.01 -7.59
N GLU A 111 -6.08 -2.36 -7.51
CA GLU A 111 -7.30 -2.93 -8.07
C GLU A 111 -7.96 -1.94 -9.02
N TRP A 112 -9.08 -2.35 -9.59
CA TRP A 112 -9.81 -1.50 -10.51
C TRP A 112 -11.13 -1.04 -9.89
N SER A 113 -11.51 0.20 -10.19
CA SER A 113 -12.73 0.76 -9.64
C SER A 113 -13.67 1.25 -10.74
N ASP A 114 -14.94 1.44 -10.38
CA ASP A 114 -15.96 1.92 -11.31
C ASP A 114 -15.93 1.14 -12.63
N PRO A 115 -15.88 -0.20 -12.57
CA PRO A 115 -15.89 -1.03 -13.77
C PRO A 115 -17.28 -1.12 -14.39
N PRO A 116 -17.36 -1.56 -15.66
CA PRO A 116 -18.61 -1.67 -16.38
C PRO A 116 -19.25 -3.04 -16.33
N THR A 117 -20.23 -3.25 -17.20
CA THR A 117 -20.92 -4.51 -17.33
C THR A 117 -21.35 -4.71 -18.78
N CYS A 118 -21.83 -5.90 -19.11
CA CYS A 118 -22.26 -6.18 -20.46
C CYS A 118 -23.72 -6.64 -20.49
N GLN A 119 -24.62 -5.68 -20.64
CA GLN A 119 -26.04 -5.99 -20.71
C GLN A 119 -26.58 -5.65 -22.08
N ILE A 120 -27.71 -6.25 -22.42
CA ILE A 120 -28.33 -6.03 -23.72
C ILE A 120 -29.37 -4.91 -23.64
N ARG A 1 -14.35 -2.94 -30.13
CA ARG A 1 -14.31 -1.66 -29.42
C ARG A 1 -13.59 -1.81 -28.08
N ARG A 2 -13.62 -0.73 -27.30
CA ARG A 2 -12.97 -0.72 -25.98
C ARG A 2 -14.01 -0.81 -24.88
N CYS A 3 -13.54 -1.13 -23.67
CA CYS A 3 -14.41 -1.20 -22.51
C CYS A 3 -14.89 0.20 -22.13
N PRO A 4 -15.77 0.35 -21.12
CA PRO A 4 -16.23 1.66 -20.71
C PRO A 4 -15.23 2.29 -19.75
N SER A 5 -15.47 3.54 -19.36
CA SER A 5 -14.56 4.21 -18.45
C SER A 5 -14.29 3.36 -17.22
N PRO A 6 -13.10 2.73 -17.15
CA PRO A 6 -12.73 1.86 -16.04
C PRO A 6 -13.23 2.38 -14.69
N ARG A 7 -13.39 1.46 -13.74
CA ARG A 7 -13.84 1.82 -12.41
C ARG A 7 -12.67 2.32 -11.57
N ASP A 8 -13.00 2.97 -10.46
CA ASP A 8 -11.99 3.56 -9.62
C ASP A 8 -11.93 2.87 -8.26
N ILE A 9 -11.12 3.43 -7.36
CA ILE A 9 -10.97 2.89 -6.02
C ILE A 9 -11.09 4.01 -4.97
N ASP A 10 -11.57 3.66 -3.79
CA ASP A 10 -11.77 4.65 -2.74
C ASP A 10 -10.46 5.03 -2.07
N ASN A 11 -9.87 4.09 -1.34
CA ASN A 11 -8.62 4.36 -0.63
C ASN A 11 -7.42 3.97 -1.48
N GLY A 12 -7.48 4.30 -2.76
CA GLY A 12 -6.39 3.98 -3.65
C GLY A 12 -6.42 4.79 -4.95
N GLN A 13 -5.52 4.45 -5.87
CA GLN A 13 -5.46 5.12 -7.16
C GLN A 13 -5.42 4.09 -8.29
N LEU A 14 -5.59 4.56 -9.52
CA LEU A 14 -5.60 3.67 -10.67
C LEU A 14 -4.48 4.03 -11.66
N ASP A 15 -4.09 3.05 -12.45
CA ASP A 15 -3.06 3.26 -13.47
C ASP A 15 -3.56 2.75 -14.82
N ILE A 16 -4.42 3.54 -15.45
CA ILE A 16 -5.01 3.17 -16.73
C ILE A 16 -3.98 3.18 -17.85
N GLY A 17 -3.63 2.00 -18.34
CA GLY A 17 -2.68 1.90 -19.43
C GLY A 17 -3.33 1.36 -20.70
N GLY A 18 -4.66 1.39 -20.75
CA GLY A 18 -5.37 0.90 -21.91
C GLY A 18 -6.76 0.40 -21.56
N VAL A 19 -7.74 0.72 -22.40
CA VAL A 19 -9.12 0.30 -22.14
C VAL A 19 -9.70 -0.48 -23.31
N ASP A 20 -8.84 -1.12 -24.09
CA ASP A 20 -9.30 -1.90 -25.24
C ASP A 20 -9.47 -3.36 -24.87
N PHE A 21 -10.39 -4.03 -25.58
CA PHE A 21 -10.66 -5.45 -25.33
C PHE A 21 -9.37 -6.25 -25.23
N GLY A 22 -8.87 -6.40 -24.01
CA GLY A 22 -7.65 -7.14 -23.80
C GLY A 22 -6.61 -6.35 -23.03
N SER A 23 -6.94 -5.12 -22.64
CA SER A 23 -6.02 -4.28 -21.90
C SER A 23 -6.07 -4.62 -20.41
N SER A 24 -5.29 -3.89 -19.62
CA SER A 24 -5.24 -4.12 -18.18
C SER A 24 -4.83 -2.86 -17.45
N ILE A 25 -5.40 -2.68 -16.26
CA ILE A 25 -5.13 -1.51 -15.45
C ILE A 25 -4.32 -1.92 -14.22
N THR A 26 -3.74 -0.94 -13.53
CA THR A 26 -2.96 -1.22 -12.34
C THR A 26 -3.48 -0.40 -11.15
N TYR A 27 -4.13 -1.10 -10.23
CA TYR A 27 -4.69 -0.47 -9.04
C TYR A 27 -3.64 -0.28 -7.97
N SER A 28 -3.79 0.79 -7.20
CA SER A 28 -2.86 1.10 -6.11
C SER A 28 -3.59 1.78 -4.96
N CYS A 29 -2.90 1.90 -3.83
CA CYS A 29 -3.49 2.53 -2.66
C CYS A 29 -3.10 4.00 -2.59
N ASN A 30 -3.77 4.75 -1.71
CA ASN A 30 -3.51 6.18 -1.58
C ASN A 30 -2.03 6.44 -1.30
N SER A 31 -1.65 6.39 -0.02
CA SER A 31 -0.27 6.61 0.39
C SER A 31 -0.03 6.02 1.77
N GLY A 32 0.98 5.17 1.87
CA GLY A 32 1.26 4.52 3.14
C GLY A 32 0.25 3.44 3.46
N TYR A 33 -0.50 3.00 2.45
CA TYR A 33 -1.50 1.96 2.62
C TYR A 33 -1.04 0.66 1.99
N HIS A 34 -1.92 -0.34 1.96
CA HIS A 34 -1.59 -1.62 1.35
C HIS A 34 -2.85 -2.27 0.77
N LEU A 35 -2.90 -2.33 -0.56
CA LEU A 35 -4.03 -2.94 -1.24
C LEU A 35 -3.90 -4.46 -1.21
N ILE A 36 -4.98 -5.12 -0.85
CA ILE A 36 -4.98 -6.57 -0.72
C ILE A 36 -5.55 -7.24 -1.96
N GLY A 37 -5.27 -8.54 -2.09
CA GLY A 37 -5.72 -9.28 -3.25
C GLY A 37 -5.08 -8.75 -4.52
N GLU A 38 -5.77 -8.91 -5.65
CA GLU A 38 -5.26 -8.40 -6.91
C GLU A 38 -5.07 -6.90 -6.84
N SER A 39 -4.77 -6.29 -7.97
CA SER A 39 -4.55 -4.87 -8.04
C SER A 39 -4.44 -4.44 -9.49
N LYS A 40 -5.19 -5.12 -10.34
CA LYS A 40 -5.18 -4.86 -11.77
C LYS A 40 -6.53 -5.21 -12.40
N SER A 41 -7.09 -4.28 -13.15
CA SER A 41 -8.36 -4.51 -13.83
C SER A 41 -8.10 -4.94 -15.27
N TYR A 42 -8.82 -5.96 -15.76
CA TYR A 42 -8.55 -6.42 -17.12
C TYR A 42 -9.75 -6.21 -18.04
N CYS A 43 -9.52 -5.49 -19.13
CA CYS A 43 -10.55 -5.21 -20.11
C CYS A 43 -10.89 -6.44 -20.93
N GLU A 44 -12.06 -7.02 -20.66
CA GLU A 44 -12.50 -8.21 -21.38
C GLU A 44 -13.97 -8.12 -21.76
N LEU A 45 -14.50 -9.19 -22.34
CA LEU A 45 -15.89 -9.23 -22.75
C LEU A 45 -16.79 -9.67 -21.60
N GLY A 46 -18.08 -9.39 -21.72
CA GLY A 46 -19.02 -9.76 -20.68
C GLY A 46 -19.84 -10.98 -21.03
N SER A 47 -20.97 -10.75 -21.70
CA SER A 47 -21.86 -11.84 -22.08
C SER A 47 -21.56 -12.33 -23.50
N THR A 48 -20.28 -12.57 -23.77
CA THR A 48 -19.86 -13.06 -25.08
C THR A 48 -20.07 -12.00 -26.15
N GLY A 49 -20.02 -10.73 -25.74
CA GLY A 49 -20.22 -9.65 -26.68
C GLY A 49 -20.20 -8.29 -26.01
N SER A 50 -20.67 -8.24 -24.76
CA SER A 50 -20.70 -6.99 -24.02
C SER A 50 -19.32 -6.64 -23.48
N MET A 51 -19.16 -5.41 -23.01
CA MET A 51 -17.89 -4.93 -22.49
C MET A 51 -17.90 -4.94 -20.96
N VAL A 52 -16.81 -5.44 -20.38
CA VAL A 52 -16.68 -5.52 -18.94
C VAL A 52 -15.24 -5.37 -18.51
N TRP A 53 -15.03 -5.12 -17.22
CA TRP A 53 -13.68 -4.96 -16.67
C TRP A 53 -13.41 -5.98 -15.58
N ASN A 54 -12.31 -6.70 -15.71
CA ASN A 54 -11.91 -7.69 -14.72
C ASN A 54 -11.46 -7.00 -13.44
N PRO A 55 -11.35 -7.78 -12.32
CA PRO A 55 -10.96 -7.29 -11.00
C PRO A 55 -10.35 -5.90 -10.98
N GLU A 56 -11.21 -4.92 -10.70
CA GLU A 56 -10.82 -3.51 -10.74
C GLU A 56 -10.36 -2.99 -9.39
N ALA A 57 -11.29 -2.83 -8.45
CA ALA A 57 -10.98 -2.20 -7.16
C ALA A 57 -10.93 -3.20 -6.01
N PRO A 58 -9.84 -3.97 -5.94
CA PRO A 58 -9.57 -4.92 -4.84
C PRO A 58 -9.63 -4.26 -3.45
N ILE A 59 -8.71 -4.60 -2.54
CA ILE A 59 -8.77 -4.07 -1.18
C ILE A 59 -7.76 -2.96 -0.93
N CYS A 60 -7.94 -2.24 0.18
CA CYS A 60 -7.04 -1.17 0.56
C CYS A 60 -7.13 -0.89 2.07
N GLU A 61 -5.98 -0.73 2.70
CA GLU A 61 -5.93 -0.45 4.13
C GLU A 61 -4.65 0.28 4.51
N SER A 62 -4.60 0.80 5.73
CA SER A 62 -3.45 1.53 6.22
C SER A 62 -2.53 0.62 7.04
N VAL A 63 -1.37 0.31 6.48
CA VAL A 63 -0.39 -0.53 7.16
C VAL A 63 -0.11 -0.03 8.57
N LYS A 64 -0.70 -0.69 9.55
CA LYS A 64 -0.53 -0.31 10.95
C LYS A 64 0.80 -0.85 11.51
N CYS A 65 1.68 0.05 11.91
CA CYS A 65 2.95 -0.33 12.51
C CYS A 65 2.86 -0.25 14.02
N GLN A 66 3.00 -1.40 14.66
CA GLN A 66 2.91 -1.45 16.11
C GLN A 66 4.12 -0.78 16.76
N SER A 67 4.33 -1.05 18.04
CA SER A 67 5.45 -0.46 18.77
C SER A 67 6.73 -0.53 17.95
N PRO A 68 7.53 0.56 17.95
CA PRO A 68 8.78 0.60 17.19
C PRO A 68 9.72 -0.54 17.56
N PRO A 69 10.70 -0.85 16.68
CA PRO A 69 11.65 -1.95 16.91
C PRO A 69 12.15 -2.01 18.35
N SER A 70 12.58 -3.20 18.75
CA SER A 70 13.10 -3.40 20.09
C SER A 70 14.61 -3.58 20.05
N ILE A 71 15.33 -2.47 20.17
CA ILE A 71 16.78 -2.50 20.13
C ILE A 71 17.36 -3.17 21.37
N SER A 72 18.67 -3.41 21.34
CA SER A 72 19.35 -4.04 22.46
C SER A 72 19.87 -2.99 23.43
N ASN A 73 19.71 -3.26 24.72
CA ASN A 73 20.17 -2.34 25.75
C ASN A 73 19.46 -1.01 25.63
N GLY A 74 18.24 -1.03 25.10
CA GLY A 74 17.49 0.20 24.95
C GLY A 74 16.00 -0.03 24.71
N ARG A 75 15.32 1.02 24.27
CA ARG A 75 13.89 0.96 24.01
C ARG A 75 13.42 2.16 23.21
N HIS A 76 12.12 2.25 23.01
CA HIS A 76 11.52 3.36 22.27
C HIS A 76 10.78 4.31 23.20
N ASN A 77 10.24 5.38 22.64
CA ASN A 77 9.50 6.36 23.42
C ASN A 77 8.00 6.28 23.17
N GLY A 78 7.61 5.57 22.11
CA GLY A 78 6.19 5.44 21.77
C GLY A 78 5.32 5.13 22.98
N TYR A 79 4.16 5.78 23.05
CA TYR A 79 3.24 5.58 24.16
C TYR A 79 2.00 4.84 23.69
N GLU A 80 1.69 4.96 22.41
CA GLU A 80 0.53 4.31 21.83
C GLU A 80 0.81 2.84 21.58
N ASP A 81 -0.10 2.17 20.88
CA ASP A 81 0.06 0.76 20.59
C ASP A 81 0.33 0.53 19.10
N PHE A 82 -0.05 1.50 18.28
CA PHE A 82 0.12 1.39 16.84
C PHE A 82 0.50 2.72 16.21
N TYR A 83 0.99 2.65 14.97
CA TYR A 83 1.37 3.84 14.22
C TYR A 83 1.08 3.63 12.73
N THR A 84 1.17 4.71 11.95
CA THR A 84 0.90 4.63 10.52
C THR A 84 1.95 5.36 9.70
N ASP A 85 1.73 5.44 8.39
CA ASP A 85 2.65 6.09 7.49
C ASP A 85 2.74 7.58 7.78
N GLY A 86 3.82 7.94 8.43
CA GLY A 86 4.05 9.32 8.78
C GLY A 86 4.20 9.53 10.27
N SER A 87 4.46 8.45 11.00
CA SER A 87 4.63 8.54 12.45
C SER A 87 6.10 8.47 12.83
N VAL A 88 6.45 9.15 13.92
CA VAL A 88 7.83 9.16 14.39
C VAL A 88 7.92 8.81 15.87
N VAL A 89 9.07 8.31 16.28
CA VAL A 89 9.29 7.93 17.67
C VAL A 89 10.76 8.06 18.06
N THR A 90 11.01 8.38 19.31
CA THR A 90 12.37 8.54 19.80
C THR A 90 12.80 7.33 20.64
N TYR A 91 14.04 6.90 20.44
CA TYR A 91 14.56 5.75 21.15
C TYR A 91 15.41 6.17 22.34
N SER A 92 15.53 5.28 23.32
CA SER A 92 16.31 5.56 24.50
C SER A 92 16.87 4.28 25.11
N CYS A 93 18.10 4.36 25.64
CA CYS A 93 18.74 3.21 26.25
C CYS A 93 18.09 2.87 27.58
N ASN A 94 18.28 1.63 28.03
CA ASN A 94 17.68 1.17 29.27
C ASN A 94 18.56 1.52 30.48
N SER A 95 19.70 0.84 30.60
CA SER A 95 20.61 1.08 31.71
C SER A 95 21.25 2.45 31.62
N GLY A 96 21.31 3.00 30.42
CA GLY A 96 21.92 4.31 30.23
C GLY A 96 23.03 4.29 29.20
N TYR A 97 22.88 3.47 28.17
CA TYR A 97 23.86 3.36 27.11
C TYR A 97 23.87 4.62 26.27
N SER A 98 24.66 4.59 25.21
CA SER A 98 24.74 5.74 24.30
C SER A 98 24.03 5.42 22.99
N LEU A 99 22.81 5.94 22.85
CA LEU A 99 22.00 5.69 21.67
C LEU A 99 22.81 5.90 20.41
N ILE A 100 22.81 4.88 19.57
CA ILE A 100 23.51 4.92 18.30
C ILE A 100 22.62 5.47 17.21
N GLY A 101 23.22 6.07 16.19
CA GLY A 101 22.43 6.65 15.12
C GLY A 101 21.51 7.74 15.63
N ASN A 102 20.25 7.68 15.21
CA ASN A 102 19.27 8.66 15.64
C ASN A 102 18.16 8.01 16.45
N SER A 103 17.77 8.69 17.53
CA SER A 103 16.70 8.20 18.38
C SER A 103 15.37 8.20 17.64
N GLY A 104 15.26 9.10 16.67
CA GLY A 104 14.05 9.20 15.88
C GLY A 104 13.87 8.02 14.94
N VAL A 105 12.65 7.52 14.85
CA VAL A 105 12.34 6.41 13.96
C VAL A 105 11.10 6.72 13.13
N LEU A 106 11.20 6.50 11.82
CA LEU A 106 10.09 6.80 10.92
C LEU A 106 9.18 5.59 10.75
N CYS A 107 7.88 5.82 10.96
CA CYS A 107 6.89 4.78 10.76
C CYS A 107 6.22 4.95 9.40
N SER A 108 6.62 4.12 8.44
CA SER A 108 6.08 4.22 7.08
C SER A 108 6.04 2.85 6.41
N GLY A 109 4.82 2.36 6.18
CA GLY A 109 4.65 1.07 5.55
C GLY A 109 4.50 -0.05 6.54
N GLY A 110 3.76 0.21 7.62
CA GLY A 110 3.58 -0.80 8.64
C GLY A 110 4.89 -1.25 9.25
N GLU A 111 5.92 -0.43 9.08
CA GLU A 111 7.24 -0.77 9.61
C GLU A 111 7.95 0.49 10.11
N TRP A 112 9.18 0.32 10.58
CA TRP A 112 9.96 1.42 11.10
C TRP A 112 11.31 1.53 10.40
N SER A 113 11.77 2.76 10.20
CA SER A 113 13.04 2.99 9.51
C SER A 113 13.98 3.81 10.38
N ASP A 114 15.25 3.84 9.97
CA ASP A 114 16.30 4.59 10.66
C ASP A 114 16.25 4.38 12.17
N PRO A 115 16.21 3.12 12.62
CA PRO A 115 16.21 2.80 14.06
C PRO A 115 17.62 2.86 14.64
N PRO A 116 17.77 3.27 15.91
CA PRO A 116 19.07 3.40 16.56
C PRO A 116 19.48 2.18 17.35
N THR A 117 20.58 2.31 18.06
CA THR A 117 21.10 1.25 18.92
C THR A 117 21.43 1.81 20.29
N CYS A 118 22.25 1.08 21.05
CA CYS A 118 22.65 1.53 22.37
C CYS A 118 23.98 0.94 22.77
N GLN A 119 25.06 1.63 22.42
CA GLN A 119 26.39 1.18 22.75
C GLN A 119 27.09 2.21 23.64
N ILE A 120 28.25 1.83 24.16
CA ILE A 120 29.01 2.72 25.03
C ILE A 120 30.04 3.51 24.22
N ARG A 1 13.69 4.94 30.43
CA ARG A 1 14.74 4.53 29.50
C ARG A 1 14.16 4.28 28.11
N ARG A 2 13.52 5.30 27.55
CA ARG A 2 12.91 5.18 26.22
C ARG A 2 13.98 5.11 25.14
N CYS A 3 13.53 5.08 23.89
CA CYS A 3 14.45 5.01 22.75
C CYS A 3 14.48 6.34 22.00
N PRO A 4 15.53 6.57 21.19
CA PRO A 4 15.67 7.81 20.42
C PRO A 4 14.61 7.93 19.33
N SER A 5 14.57 9.09 18.68
CA SER A 5 13.61 9.34 17.62
C SER A 5 13.62 8.21 16.59
N PRO A 6 12.53 7.41 16.52
CA PRO A 6 12.44 6.31 15.57
C PRO A 6 12.63 6.77 14.13
N ARG A 7 13.27 5.94 13.32
CA ARG A 7 13.49 6.27 11.92
C ARG A 7 12.18 6.66 11.27
N ASP A 8 12.26 7.37 10.15
CA ASP A 8 11.07 7.83 9.47
C ASP A 8 10.88 7.14 8.12
N ILE A 9 9.88 7.60 7.39
CA ILE A 9 9.57 7.04 6.08
C ILE A 9 9.08 8.14 5.13
N ASP A 10 9.52 8.07 3.88
CA ASP A 10 9.16 9.07 2.88
C ASP A 10 7.84 8.74 2.20
N ASN A 11 7.72 7.49 1.75
CA ASN A 11 6.51 7.05 1.05
C ASN A 11 5.53 6.41 2.02
N GLY A 12 5.60 6.80 3.29
CA GLY A 12 4.71 6.24 4.29
C GLY A 12 4.55 7.14 5.50
N GLN A 13 3.92 6.61 6.55
CA GLN A 13 3.69 7.36 7.78
C GLN A 13 3.87 6.46 9.00
N LEU A 14 4.65 6.92 9.97
CA LEU A 14 4.90 6.14 11.17
C LEU A 14 3.69 6.13 12.09
N ASP A 15 3.62 5.09 12.93
CA ASP A 15 2.55 4.97 13.92
C ASP A 15 3.15 4.64 15.28
N ILE A 16 3.77 5.64 15.89
CA ILE A 16 4.44 5.47 17.18
C ILE A 16 3.44 5.21 18.30
N GLY A 17 3.30 3.95 18.69
CA GLY A 17 2.43 3.60 19.78
C GLY A 17 3.19 3.30 21.06
N GLY A 18 4.45 3.74 21.10
CA GLY A 18 5.28 3.51 22.28
C GLY A 18 6.76 3.57 21.95
N VAL A 19 7.49 4.40 22.68
CA VAL A 19 8.93 4.55 22.45
C VAL A 19 9.74 4.10 23.66
N ASP A 20 9.12 3.32 24.54
CA ASP A 20 9.82 2.82 25.72
C ASP A 20 10.55 1.52 25.42
N PHE A 21 11.46 1.15 26.31
CA PHE A 21 12.23 -0.07 26.16
C PHE A 21 11.31 -1.29 26.14
N GLY A 22 10.89 -1.69 24.95
CA GLY A 22 10.01 -2.84 24.82
C GLY A 22 8.72 -2.54 24.07
N SER A 23 8.67 -1.37 23.43
CA SER A 23 7.50 -0.98 22.66
C SER A 23 7.69 -1.32 21.19
N SER A 24 6.76 -0.87 20.36
CA SER A 24 6.82 -1.13 18.93
C SER A 24 6.07 -0.09 18.12
N ILE A 25 6.56 0.20 16.93
CA ILE A 25 5.94 1.18 16.05
C ILE A 25 5.24 0.48 14.89
N THR A 26 4.48 1.25 14.11
CA THR A 26 3.78 0.70 12.96
C THR A 26 3.99 1.55 11.72
N TYR A 27 4.68 0.97 10.73
CA TYR A 27 4.96 1.68 9.49
C TYR A 27 3.85 1.47 8.47
N SER A 28 3.45 2.55 7.81
CA SER A 28 2.39 2.46 6.81
C SER A 28 2.73 3.33 5.60
N CYS A 29 2.12 3.03 4.46
CA CYS A 29 2.36 3.79 3.25
C CYS A 29 1.41 4.98 3.15
N ASN A 30 1.82 5.97 2.37
CA ASN A 30 1.00 7.19 2.20
C ASN A 30 -0.41 6.84 1.76
N SER A 31 -0.64 6.82 0.44
CA SER A 31 -1.96 6.51 -0.11
C SER A 31 -1.82 5.81 -1.45
N GLY A 32 -2.54 4.70 -1.60
CA GLY A 32 -2.47 3.93 -2.83
C GLY A 32 -1.12 3.27 -3.01
N TYR A 33 -0.43 3.06 -1.90
CA TYR A 33 0.89 2.45 -1.91
C TYR A 33 0.89 1.12 -1.18
N HIS A 34 1.97 0.35 -1.33
CA HIS A 34 2.09 -0.93 -0.65
C HIS A 34 3.45 -1.03 0.05
N LEU A 35 3.41 -1.28 1.34
CA LEU A 35 4.63 -1.40 2.13
C LEU A 35 5.16 -2.82 2.11
N ILE A 36 6.41 -2.98 1.70
CA ILE A 36 7.03 -4.30 1.63
C ILE A 36 7.96 -4.53 2.81
N GLY A 37 8.34 -5.78 3.02
CA GLY A 37 9.22 -6.12 4.12
C GLY A 37 8.51 -6.08 5.46
N GLU A 38 9.16 -5.49 6.46
CA GLU A 38 8.58 -5.38 7.79
C GLU A 38 7.49 -4.30 7.80
N SER A 39 6.99 -4.01 8.99
CA SER A 39 5.94 -3.01 9.14
C SER A 39 5.82 -2.57 10.59
N LYS A 40 6.89 -2.72 11.35
CA LYS A 40 6.87 -2.38 12.76
C LYS A 40 8.28 -2.32 13.34
N SER A 41 8.62 -1.20 13.97
CA SER A 41 9.92 -1.04 14.61
C SER A 41 9.81 -1.44 16.07
N TYR A 42 10.80 -2.14 16.60
CA TYR A 42 10.74 -2.55 18.01
C TYR A 42 11.84 -1.92 18.84
N CYS A 43 11.43 -1.14 19.83
CA CYS A 43 12.37 -0.47 20.72
C CYS A 43 13.07 -1.48 21.62
N GLU A 44 14.37 -1.63 21.41
CA GLU A 44 15.16 -2.56 22.22
C GLU A 44 16.52 -1.97 22.56
N LEU A 45 17.39 -2.78 23.14
CA LEU A 45 18.73 -2.34 23.52
C LEU A 45 19.76 -2.77 22.49
N GLY A 46 20.75 -1.91 22.25
CA GLY A 46 21.80 -2.23 21.30
C GLY A 46 22.64 -3.41 21.75
N SER A 47 23.92 -3.39 21.38
CA SER A 47 24.84 -4.46 21.76
C SER A 47 25.53 -4.14 23.07
N THR A 48 25.87 -2.88 23.27
CA THR A 48 26.54 -2.44 24.50
C THR A 48 25.54 -1.85 25.47
N GLY A 49 24.28 -2.27 25.36
CA GLY A 49 23.24 -1.77 26.23
C GLY A 49 22.74 -0.40 25.80
N SER A 50 22.93 -0.08 24.53
CA SER A 50 22.53 1.20 23.98
C SER A 50 21.04 1.20 23.62
N MET A 51 20.61 2.29 23.02
CA MET A 51 19.22 2.43 22.59
C MET A 51 19.13 2.30 21.07
N VAL A 52 18.23 1.44 20.61
CA VAL A 52 18.07 1.20 19.18
C VAL A 52 16.63 0.84 18.85
N TRP A 53 16.36 0.68 17.57
CA TRP A 53 15.02 0.34 17.11
C TRP A 53 15.07 -0.82 16.12
N ASN A 54 14.30 -1.87 16.40
CA ASN A 54 14.22 -3.01 15.51
C ASN A 54 13.51 -2.62 14.22
N PRO A 55 13.54 -3.49 13.18
CA PRO A 55 12.92 -3.26 11.87
C PRO A 55 11.99 -2.04 11.81
N GLU A 56 12.58 -0.89 11.50
CA GLU A 56 11.84 0.37 11.45
C GLU A 56 11.13 0.59 10.11
N ALA A 57 11.74 1.37 9.21
CA ALA A 57 11.13 1.71 7.94
C ALA A 57 11.34 0.65 6.87
N PRO A 58 10.27 -0.08 6.49
CA PRO A 58 10.34 -1.08 5.43
C PRO A 58 10.32 -0.44 4.04
N ILE A 59 9.83 -1.17 3.05
CA ILE A 59 9.72 -0.63 1.69
C ILE A 59 8.34 -0.04 1.47
N CYS A 60 8.18 0.69 0.38
CA CYS A 60 6.89 1.30 0.06
C CYS A 60 6.87 1.80 -1.39
N GLU A 61 5.78 1.51 -2.09
CA GLU A 61 5.63 1.91 -3.48
C GLU A 61 4.16 2.00 -3.86
N SER A 62 3.91 2.40 -5.11
CA SER A 62 2.54 2.53 -5.61
C SER A 62 2.03 1.20 -6.14
N VAL A 63 1.04 0.65 -5.46
CA VAL A 63 0.45 -0.63 -5.86
C VAL A 63 0.22 -0.71 -7.36
N LYS A 64 1.15 -1.34 -8.06
CA LYS A 64 1.06 -1.50 -9.50
C LYS A 64 -0.04 -2.49 -9.89
N CYS A 65 -1.14 -1.97 -10.44
CA CYS A 65 -2.24 -2.83 -10.87
C CYS A 65 -2.09 -3.17 -12.34
N GLN A 66 -2.09 -4.46 -12.65
CA GLN A 66 -1.95 -4.91 -14.02
C GLN A 66 -3.26 -4.71 -14.79
N SER A 67 -3.46 -5.49 -15.84
CA SER A 67 -4.67 -5.38 -16.65
C SER A 67 -5.92 -5.39 -15.77
N PRO A 68 -6.91 -4.54 -16.08
CA PRO A 68 -8.15 -4.46 -15.31
C PRO A 68 -8.92 -5.77 -15.33
N PRO A 69 -9.88 -5.94 -14.40
CA PRO A 69 -10.68 -7.16 -14.30
C PRO A 69 -11.06 -7.74 -15.65
N SER A 70 -11.33 -9.04 -15.67
CA SER A 70 -11.72 -9.72 -16.90
C SER A 70 -13.19 -10.11 -16.85
N ILE A 71 -14.06 -9.22 -17.31
CA ILE A 71 -15.49 -9.46 -17.30
C ILE A 71 -15.87 -10.56 -18.29
N SER A 72 -17.13 -10.93 -18.30
CA SER A 72 -17.63 -11.94 -19.22
C SER A 72 -18.23 -11.29 -20.45
N ASN A 73 -18.08 -11.93 -21.59
CA ASN A 73 -18.66 -11.42 -22.82
C ASN A 73 -18.12 -10.04 -23.15
N GLY A 74 -16.90 -9.77 -22.71
CA GLY A 74 -16.28 -8.48 -22.96
C GLY A 74 -14.81 -8.44 -22.60
N ARG A 75 -14.28 -7.22 -22.45
CA ARG A 75 -12.87 -7.03 -22.12
C ARG A 75 -12.59 -5.58 -21.77
N HIS A 76 -11.31 -5.27 -21.55
CA HIS A 76 -10.89 -3.92 -21.21
C HIS A 76 -10.22 -3.25 -22.40
N ASN A 77 -9.86 -1.98 -22.23
CA ASN A 77 -9.18 -1.22 -23.29
C ASN A 77 -7.96 -0.50 -22.74
N GLY A 78 -6.87 -1.23 -22.59
CA GLY A 78 -5.66 -0.63 -22.08
C GLY A 78 -4.57 -0.51 -23.13
N TYR A 79 -3.71 0.50 -22.97
CA TYR A 79 -2.62 0.71 -23.91
C TYR A 79 -1.29 0.31 -23.28
N GLU A 80 -1.23 0.40 -21.96
CA GLU A 80 -0.02 0.04 -21.23
C GLU A 80 -0.09 -1.40 -20.74
N ASP A 81 0.89 -1.79 -19.93
CA ASP A 81 0.93 -3.14 -19.39
C ASP A 81 0.65 -3.14 -17.89
N PHE A 82 0.83 -1.98 -17.25
CA PHE A 82 0.62 -1.86 -15.82
C PHE A 82 -0.10 -0.56 -15.48
N TYR A 83 -0.57 -0.46 -14.24
CA TYR A 83 -1.28 0.72 -13.78
C TYR A 83 -0.94 1.00 -12.32
N THR A 84 -1.24 2.22 -11.86
CA THR A 84 -0.95 2.61 -10.50
C THR A 84 -2.17 3.19 -9.81
N ASP A 85 -2.02 3.58 -8.54
CA ASP A 85 -3.11 4.16 -7.77
C ASP A 85 -3.56 5.47 -8.37
N GLY A 86 -4.58 5.40 -9.21
CA GLY A 86 -5.12 6.59 -9.83
C GLY A 86 -5.19 6.49 -11.35
N SER A 87 -5.32 5.27 -11.86
CA SER A 87 -5.41 5.06 -13.30
C SER A 87 -6.84 4.72 -13.70
N VAL A 88 -7.15 4.87 -14.98
CA VAL A 88 -8.49 4.59 -15.47
C VAL A 88 -8.45 3.76 -16.75
N VAL A 89 -9.51 2.98 -16.97
CA VAL A 89 -9.62 2.14 -18.15
C VAL A 89 -11.08 1.94 -18.52
N THR A 90 -11.35 1.82 -19.81
CA THR A 90 -12.70 1.60 -20.29
C THR A 90 -12.87 0.14 -20.71
N TYR A 91 -14.05 -0.40 -20.47
CA TYR A 91 -14.34 -1.78 -20.83
C TYR A 91 -15.11 -1.85 -22.13
N SER A 92 -15.03 -2.99 -22.81
CA SER A 92 -15.71 -3.17 -24.08
C SER A 92 -16.03 -4.64 -24.34
N CYS A 93 -17.18 -4.88 -24.95
CA CYS A 93 -17.62 -6.24 -25.24
C CYS A 93 -16.77 -6.91 -26.31
N ASN A 94 -16.90 -8.22 -26.42
CA ASN A 94 -16.15 -8.99 -27.41
C ASN A 94 -17.00 -9.20 -28.67
N SER A 95 -17.83 -10.24 -28.65
CA SER A 95 -18.68 -10.56 -29.79
C SER A 95 -19.58 -9.39 -30.17
N GLY A 96 -20.13 -8.71 -29.17
CA GLY A 96 -20.99 -7.58 -29.42
C GLY A 96 -22.09 -7.44 -28.39
N TYR A 97 -21.73 -7.62 -27.13
CA TYR A 97 -22.66 -7.51 -26.02
C TYR A 97 -22.90 -6.05 -25.66
N SER A 98 -23.50 -5.80 -24.49
CA SER A 98 -23.77 -4.43 -24.05
C SER A 98 -23.09 -4.12 -22.71
N LEU A 99 -22.04 -3.30 -22.78
CA LEU A 99 -21.31 -2.87 -21.59
C LEU A 99 -22.27 -2.39 -20.52
N ILE A 100 -22.28 -3.08 -19.40
CA ILE A 100 -23.16 -2.75 -18.30
C ILE A 100 -22.50 -1.78 -17.33
N GLY A 101 -23.31 -1.01 -16.63
CA GLY A 101 -22.79 -0.06 -15.68
C GLY A 101 -21.90 0.97 -16.35
N ASN A 102 -20.71 1.16 -15.81
CA ASN A 102 -19.75 2.11 -16.38
C ASN A 102 -18.53 1.39 -16.93
N SER A 103 -18.20 1.68 -18.18
CA SER A 103 -17.05 1.07 -18.83
C SER A 103 -15.76 1.47 -18.13
N GLY A 104 -15.77 2.66 -17.54
CA GLY A 104 -14.60 3.16 -16.84
C GLY A 104 -14.29 2.38 -15.58
N VAL A 105 -13.00 2.23 -15.28
CA VAL A 105 -12.56 1.51 -14.09
C VAL A 105 -11.36 2.20 -13.44
N LEU A 106 -11.46 2.46 -12.15
CA LEU A 106 -10.39 3.14 -11.42
C LEU A 106 -9.35 2.14 -10.93
N CYS A 107 -8.08 2.42 -11.24
CA CYS A 107 -6.98 1.60 -10.77
C CYS A 107 -6.46 2.16 -9.45
N SER A 108 -6.80 1.49 -8.36
CA SER A 108 -6.40 1.95 -7.04
C SER A 108 -6.23 0.79 -6.06
N GLY A 109 -5.57 1.07 -4.95
CA GLY A 109 -5.34 0.05 -3.93
C GLY A 109 -4.89 -1.27 -4.51
N GLY A 110 -4.15 -1.23 -5.61
CA GLY A 110 -3.68 -2.45 -6.23
C GLY A 110 -4.80 -3.28 -6.83
N GLU A 111 -5.98 -2.68 -6.95
CA GLU A 111 -7.13 -3.35 -7.51
C GLU A 111 -7.96 -2.38 -8.35
N TRP A 112 -8.93 -2.91 -9.06
CA TRP A 112 -9.78 -2.10 -9.91
C TRP A 112 -11.19 -1.98 -9.33
N SER A 113 -11.69 -0.76 -9.26
CA SER A 113 -13.02 -0.51 -8.71
C SER A 113 -13.98 -0.02 -9.78
N ASP A 114 -15.26 -0.34 -9.60
CA ASP A 114 -16.30 0.08 -10.52
C ASP A 114 -16.21 -0.65 -11.86
N PRO A 115 -16.00 -1.97 -11.86
CA PRO A 115 -15.94 -2.77 -13.08
C PRO A 115 -17.34 -3.01 -13.65
N PRO A 116 -17.50 -2.96 -14.98
CA PRO A 116 -18.79 -3.15 -15.62
C PRO A 116 -19.07 -4.59 -16.00
N THR A 117 -20.23 -4.79 -16.59
CA THR A 117 -20.62 -6.10 -17.10
C THR A 117 -20.84 -6.00 -18.58
N CYS A 118 -21.53 -6.97 -19.13
CA CYS A 118 -21.72 -6.98 -20.56
C CYS A 118 -22.74 -8.04 -20.96
N GLN A 119 -23.99 -7.62 -21.04
CA GLN A 119 -25.08 -8.50 -21.38
C GLN A 119 -25.73 -8.08 -22.68
N ILE A 120 -26.68 -8.89 -23.14
CA ILE A 120 -27.38 -8.62 -24.39
C ILE A 120 -28.63 -7.77 -24.14
N ARG A 1 -16.83 -3.81 -29.70
CA ARG A 1 -17.73 -3.66 -28.56
C ARG A 1 -16.96 -3.72 -27.25
N ARG A 2 -16.22 -2.65 -26.96
CA ARG A 2 -15.41 -2.60 -25.75
C ARG A 2 -16.23 -2.07 -24.57
N CYS A 3 -15.66 -2.17 -23.38
CA CYS A 3 -16.30 -1.71 -22.17
C CYS A 3 -16.16 -0.20 -22.01
N PRO A 4 -17.01 0.42 -21.17
CA PRO A 4 -16.94 1.86 -20.92
C PRO A 4 -15.70 2.23 -20.11
N SER A 5 -15.44 3.52 -19.95
CA SER A 5 -14.27 3.96 -19.21
C SER A 5 -14.19 3.27 -17.85
N PRO A 6 -13.13 2.49 -17.62
CA PRO A 6 -12.94 1.78 -16.35
C PRO A 6 -12.89 2.71 -15.16
N ARG A 7 -13.10 2.15 -13.97
CA ARG A 7 -13.06 2.94 -12.74
C ARG A 7 -11.68 3.54 -12.55
N ASP A 8 -11.50 4.28 -11.48
CA ASP A 8 -10.22 4.91 -11.20
C ASP A 8 -9.83 4.74 -9.73
N ILE A 9 -8.77 5.43 -9.33
CA ILE A 9 -8.28 5.36 -7.96
C ILE A 9 -7.57 6.66 -7.58
N ASP A 10 -7.61 6.99 -6.30
CA ASP A 10 -6.98 8.21 -5.80
C ASP A 10 -5.58 7.92 -5.26
N ASN A 11 -5.49 6.95 -4.36
CA ASN A 11 -4.22 6.58 -3.75
C ASN A 11 -3.58 5.42 -4.51
N GLY A 12 -3.65 5.48 -5.84
CA GLY A 12 -3.08 4.45 -6.67
C GLY A 12 -3.05 4.83 -8.14
N GLN A 13 -2.74 3.87 -9.00
CA GLN A 13 -2.67 4.13 -10.43
C GLN A 13 -3.08 2.89 -11.23
N LEU A 14 -3.99 3.07 -12.19
CA LEU A 14 -4.45 1.97 -13.00
C LEU A 14 -3.45 1.60 -14.09
N ASP A 15 -3.61 0.40 -14.62
CA ASP A 15 -2.77 -0.09 -15.71
C ASP A 15 -3.65 -0.69 -16.79
N ILE A 16 -4.32 0.18 -17.54
CA ILE A 16 -5.26 -0.25 -18.56
C ILE A 16 -4.56 -0.64 -19.85
N GLY A 17 -4.52 -1.95 -20.12
CA GLY A 17 -3.91 -2.43 -21.35
C GLY A 17 -4.96 -2.81 -22.38
N GLY A 18 -6.20 -2.37 -22.16
CA GLY A 18 -7.27 -2.68 -23.09
C GLY A 18 -8.63 -2.56 -22.44
N VAL A 19 -9.66 -2.32 -23.25
CA VAL A 19 -11.02 -2.18 -22.73
C VAL A 19 -12.02 -3.00 -23.54
N ASP A 20 -11.53 -3.83 -24.45
CA ASP A 20 -12.41 -4.66 -25.27
C ASP A 20 -13.03 -5.79 -24.45
N PHE A 21 -14.20 -6.27 -24.89
CA PHE A 21 -14.88 -7.35 -24.18
C PHE A 21 -13.94 -8.51 -23.92
N GLY A 22 -13.33 -8.50 -22.74
CA GLY A 22 -12.41 -9.55 -22.38
C GLY A 22 -11.06 -9.02 -21.92
N SER A 23 -10.86 -7.70 -22.00
CA SER A 23 -9.61 -7.09 -21.59
C SER A 23 -9.44 -7.19 -20.08
N SER A 24 -8.38 -6.58 -19.57
CA SER A 24 -8.11 -6.59 -18.13
C SER A 24 -7.21 -5.42 -17.73
N ILE A 25 -7.52 -4.82 -16.59
CA ILE A 25 -6.74 -3.69 -16.10
C ILE A 25 -5.91 -4.11 -14.89
N THR A 26 -5.00 -3.23 -14.46
CA THR A 26 -4.15 -3.52 -13.31
C THR A 26 -4.09 -2.33 -12.36
N TYR A 27 -4.60 -2.52 -11.15
CA TYR A 27 -4.62 -1.44 -10.16
C TYR A 27 -3.38 -1.49 -9.26
N SER A 28 -2.81 -0.32 -8.98
CA SER A 28 -1.63 -0.22 -8.13
C SER A 28 -1.69 1.02 -7.25
N CYS A 29 -0.78 1.12 -6.30
CA CYS A 29 -0.74 2.26 -5.38
C CYS A 29 0.15 3.37 -5.92
N ASN A 30 0.00 4.57 -5.37
CA ASN A 30 0.79 5.71 -5.79
C ASN A 30 2.27 5.50 -5.53
N SER A 31 2.70 5.75 -4.30
CA SER A 31 4.10 5.59 -3.92
C SER A 31 4.23 5.35 -2.42
N GLY A 32 5.07 4.40 -2.05
CA GLY A 32 5.27 4.07 -0.65
C GLY A 32 4.00 3.56 0.00
N TYR A 33 3.09 3.04 -0.82
CA TYR A 33 1.82 2.52 -0.34
C TYR A 33 1.70 1.03 -0.59
N HIS A 34 0.63 0.43 -0.08
CA HIS A 34 0.36 -0.97 -0.30
C HIS A 34 -1.12 -1.17 -0.66
N LEU A 35 -1.35 -1.80 -1.81
CA LEU A 35 -2.71 -2.02 -2.29
C LEU A 35 -3.33 -3.23 -1.61
N ILE A 36 -4.63 -3.14 -1.35
CA ILE A 36 -5.34 -4.23 -0.69
C ILE A 36 -6.53 -4.69 -1.52
N GLY A 37 -6.89 -5.95 -1.37
CA GLY A 37 -7.99 -6.50 -2.14
C GLY A 37 -7.57 -6.96 -3.51
N GLU A 38 -8.27 -6.48 -4.54
CA GLU A 38 -7.94 -6.83 -5.91
C GLU A 38 -6.86 -5.90 -6.45
N SER A 39 -6.29 -6.26 -7.59
CA SER A 39 -5.26 -5.46 -8.22
C SER A 39 -5.28 -5.64 -9.74
N LYS A 40 -6.42 -6.09 -10.25
CA LYS A 40 -6.59 -6.32 -11.67
C LYS A 40 -8.06 -6.44 -12.01
N SER A 41 -8.52 -5.60 -12.95
CA SER A 41 -9.91 -5.61 -13.36
C SER A 41 -10.08 -6.32 -14.67
N TYR A 42 -11.28 -6.82 -14.94
CA TYR A 42 -11.52 -7.57 -16.17
C TYR A 42 -12.77 -7.11 -16.89
N CYS A 43 -12.60 -6.72 -18.16
CA CYS A 43 -13.71 -6.30 -18.98
C CYS A 43 -14.59 -7.49 -19.33
N GLU A 44 -15.65 -7.67 -18.56
CA GLU A 44 -16.56 -8.79 -18.78
C GLU A 44 -18.01 -8.31 -18.87
N LEU A 45 -18.87 -9.23 -19.25
CA LEU A 45 -20.29 -8.94 -19.39
C LEU A 45 -20.93 -8.60 -18.04
N GLY A 46 -22.10 -7.96 -18.11
CA GLY A 46 -22.80 -7.59 -16.89
C GLY A 46 -23.96 -8.53 -16.58
N SER A 47 -25.17 -7.98 -16.60
CA SER A 47 -26.36 -8.78 -16.32
C SER A 47 -27.34 -8.72 -17.49
N THR A 48 -27.57 -7.52 -17.99
CA THR A 48 -28.49 -7.33 -19.12
C THR A 48 -27.74 -7.35 -20.43
N GLY A 49 -26.93 -8.39 -20.63
CA GLY A 49 -26.17 -8.51 -21.86
C GLY A 49 -25.36 -7.26 -22.17
N SER A 50 -24.78 -6.66 -21.13
CA SER A 50 -23.98 -5.45 -21.31
C SER A 50 -22.54 -5.70 -20.89
N MET A 51 -21.67 -4.72 -21.17
CA MET A 51 -20.26 -4.85 -20.84
C MET A 51 -19.93 -4.11 -19.55
N VAL A 52 -19.34 -4.83 -18.60
CA VAL A 52 -18.96 -4.26 -17.32
C VAL A 52 -17.48 -4.49 -17.04
N TRP A 53 -17.05 -4.22 -15.81
CA TRP A 53 -15.66 -4.39 -15.44
C TRP A 53 -15.51 -5.19 -14.15
N ASN A 54 -14.65 -6.21 -14.18
CA ASN A 54 -14.36 -7.01 -13.01
C ASN A 54 -13.45 -6.24 -12.07
N PRO A 55 -13.28 -6.72 -10.81
CA PRO A 55 -12.47 -6.10 -9.77
C PRO A 55 -11.54 -4.99 -10.24
N GLU A 56 -12.01 -3.76 -10.08
CA GLU A 56 -11.27 -2.58 -10.52
C GLU A 56 -10.57 -1.88 -9.34
N ALA A 57 -11.18 -0.82 -8.81
CA ALA A 57 -10.59 -0.03 -7.75
C ALA A 57 -10.56 -0.76 -6.40
N PRO A 58 -9.36 -1.21 -5.98
CA PRO A 58 -9.17 -1.89 -4.70
C PRO A 58 -8.88 -0.90 -3.59
N ILE A 59 -8.23 -1.37 -2.52
CA ILE A 59 -7.87 -0.49 -1.42
C ILE A 59 -6.45 0.03 -1.61
N CYS A 60 -6.06 0.95 -0.75
CA CYS A 60 -4.72 1.53 -0.81
C CYS A 60 -4.43 2.40 0.40
N GLU A 61 -3.20 2.35 0.87
CA GLU A 61 -2.80 3.14 2.03
C GLU A 61 -1.28 3.11 2.20
N SER A 62 -0.78 3.92 3.12
CA SER A 62 0.65 3.97 3.39
C SER A 62 1.07 2.82 4.30
N VAL A 63 2.08 2.07 3.85
CA VAL A 63 2.58 0.93 4.60
C VAL A 63 2.67 1.23 6.10
N LYS A 64 1.64 0.80 6.82
CA LYS A 64 1.57 1.05 8.26
C LYS A 64 2.65 0.30 9.02
N CYS A 65 3.36 1.02 9.88
CA CYS A 65 4.39 0.42 10.72
C CYS A 65 4.01 0.57 12.19
N GLN A 66 3.78 -0.54 12.84
CA GLN A 66 3.37 -0.54 14.24
C GLN A 66 4.51 -0.06 15.14
N SER A 67 4.39 -0.33 16.43
CA SER A 67 5.40 0.08 17.40
C SER A 67 6.81 -0.23 16.89
N PRO A 68 7.75 0.73 17.03
CA PRO A 68 9.14 0.54 16.58
C PRO A 68 9.81 -0.66 17.27
N PRO A 69 10.90 -1.18 16.68
CA PRO A 69 11.61 -2.33 17.22
C PRO A 69 11.74 -2.29 18.73
N SER A 70 11.92 -3.47 19.32
CA SER A 70 12.08 -3.60 20.77
C SER A 70 13.51 -3.97 21.13
N ILE A 71 14.34 -2.95 21.35
CA ILE A 71 15.74 -3.16 21.69
C ILE A 71 15.89 -3.75 23.09
N SER A 72 17.13 -4.00 23.48
CA SER A 72 17.42 -4.54 24.81
C SER A 72 17.88 -3.45 25.75
N ASN A 73 17.52 -3.56 27.02
CA ASN A 73 17.90 -2.58 28.02
C ASN A 73 17.39 -1.19 27.64
N GLY A 74 16.31 -1.16 26.89
CA GLY A 74 15.73 0.10 26.47
C GLY A 74 14.33 -0.06 25.90
N ARG A 75 13.86 0.97 25.21
CA ARG A 75 12.52 0.95 24.62
C ARG A 75 12.33 2.09 23.64
N HIS A 76 11.12 2.21 23.12
CA HIS A 76 10.78 3.27 22.19
C HIS A 76 9.82 4.26 22.83
N ASN A 77 9.67 5.41 22.20
CA ASN A 77 8.77 6.44 22.70
C ASN A 77 7.38 6.28 22.09
N GLY A 78 7.18 6.88 20.92
CA GLY A 78 5.91 6.76 20.23
C GLY A 78 4.75 7.31 21.03
N TYR A 79 3.84 7.99 20.34
CA TYR A 79 2.66 8.56 20.98
C TYR A 79 1.40 7.85 20.50
N GLU A 80 1.44 7.36 19.27
CA GLU A 80 0.33 6.64 18.68
C GLU A 80 0.53 5.14 18.76
N ASP A 81 -0.35 4.38 18.12
CA ASP A 81 -0.25 2.93 18.11
C ASP A 81 0.32 2.41 16.80
N PHE A 82 0.25 3.24 15.76
CA PHE A 82 0.76 2.86 14.45
C PHE A 82 1.58 3.99 13.83
N TYR A 83 2.15 3.72 12.67
CA TYR A 83 2.97 4.71 11.97
C TYR A 83 2.91 4.49 10.46
N THR A 84 3.26 5.51 9.69
CA THR A 84 3.22 5.42 8.24
C THR A 84 4.55 5.83 7.63
N ASP A 85 4.60 5.82 6.30
CA ASP A 85 5.81 6.19 5.57
C ASP A 85 6.16 7.64 5.80
N GLY A 86 7.02 7.87 6.78
CA GLY A 86 7.46 9.21 7.09
C GLY A 86 7.28 9.58 8.56
N SER A 87 7.37 8.59 9.43
CA SER A 87 7.23 8.82 10.86
C SER A 87 8.56 8.65 11.58
N VAL A 88 8.67 9.22 12.77
CA VAL A 88 9.90 9.12 13.54
C VAL A 88 9.61 8.81 15.01
N VAL A 89 10.55 8.14 15.66
CA VAL A 89 10.41 7.78 17.06
C VAL A 89 11.77 7.81 17.76
N THR A 90 11.75 8.14 19.04
CA THR A 90 12.98 8.23 19.82
C THR A 90 13.05 7.11 20.85
N TYR A 91 14.10 6.32 20.78
CA TYR A 91 14.28 5.20 21.72
C TYR A 91 14.82 5.69 23.05
N SER A 92 14.59 4.92 24.10
CA SER A 92 15.01 5.31 25.45
C SER A 92 15.33 4.10 26.32
N CYS A 93 16.27 4.30 27.24
CA CYS A 93 16.68 3.25 28.15
C CYS A 93 15.59 2.91 29.16
N ASN A 94 15.62 1.68 29.67
CA ASN A 94 14.60 1.23 30.60
C ASN A 94 14.76 1.85 31.99
N SER A 95 15.57 1.21 32.84
CA SER A 95 15.77 1.69 34.20
C SER A 95 16.73 2.86 34.25
N GLY A 96 17.83 2.76 33.52
CA GLY A 96 18.84 3.80 33.54
C GLY A 96 20.02 3.50 32.67
N TYR A 97 19.77 2.80 31.59
CA TYR A 97 20.80 2.42 30.66
C TYR A 97 21.28 3.64 29.85
N SER A 98 21.93 3.40 28.72
CA SER A 98 22.36 4.50 27.85
C SER A 98 22.21 4.11 26.38
N LEU A 99 21.36 4.86 25.69
CA LEU A 99 21.06 4.60 24.30
C LEU A 99 22.30 4.66 23.44
N ILE A 100 22.34 3.75 22.49
CA ILE A 100 23.44 3.64 21.55
C ILE A 100 22.96 4.04 20.16
N GLY A 101 23.90 4.42 19.31
CA GLY A 101 23.56 4.84 17.96
C GLY A 101 22.70 6.08 17.96
N ASN A 102 21.55 6.01 17.32
CA ASN A 102 20.63 7.14 17.25
C ASN A 102 19.26 6.76 17.79
N SER A 103 18.73 7.59 18.69
CA SER A 103 17.43 7.34 19.28
C SER A 103 16.32 7.45 18.24
N GLY A 104 16.54 8.29 17.23
CA GLY A 104 15.56 8.48 16.19
C GLY A 104 15.41 7.27 15.28
N VAL A 105 14.17 6.93 14.94
CA VAL A 105 13.90 5.81 14.06
C VAL A 105 12.88 6.19 12.98
N LEU A 106 13.27 6.11 11.73
CA LEU A 106 12.39 6.46 10.61
C LEU A 106 11.41 5.35 10.30
N CYS A 107 10.13 5.69 10.29
CA CYS A 107 9.09 4.74 9.92
C CYS A 107 8.81 4.86 8.43
N SER A 108 9.28 3.88 7.67
CA SER A 108 9.10 3.89 6.23
C SER A 108 8.99 2.49 5.67
N GLY A 109 8.49 2.40 4.45
CA GLY A 109 8.33 1.11 3.80
C GLY A 109 7.70 0.06 4.70
N GLY A 110 6.84 0.51 5.61
CA GLY A 110 6.19 -0.39 6.53
C GLY A 110 7.16 -0.99 7.54
N GLU A 111 8.33 -0.39 7.67
CA GLU A 111 9.34 -0.86 8.60
C GLU A 111 10.05 0.32 9.26
N TRP A 112 11.01 0.00 10.13
CA TRP A 112 11.76 1.03 10.83
C TRP A 112 13.24 0.97 10.44
N SER A 113 13.86 2.14 10.34
CA SER A 113 15.26 2.23 9.98
C SER A 113 16.05 3.03 11.00
N ASP A 114 17.31 2.65 11.19
CA ASP A 114 18.19 3.35 12.13
C ASP A 114 17.78 3.10 13.59
N PRO A 115 17.49 1.84 13.96
CA PRO A 115 17.14 1.49 15.33
C PRO A 115 18.38 1.42 16.22
N PRO A 116 18.33 2.03 17.42
CA PRO A 116 19.47 2.07 18.32
C PRO A 116 19.49 0.94 19.33
N THR A 117 20.43 1.04 20.25
CA THR A 117 20.57 0.12 21.35
C THR A 117 20.68 0.89 22.61
N CYS A 118 21.00 0.22 23.67
CA CYS A 118 21.08 0.89 24.94
C CYS A 118 21.89 0.08 25.91
N GLN A 119 23.09 0.58 26.13
CA GLN A 119 24.04 -0.03 27.04
C GLN A 119 24.24 0.84 28.27
N ILE A 120 24.60 0.21 29.37
CA ILE A 120 24.83 0.93 30.61
C ILE A 120 26.04 1.85 30.46
N ARG A 1 -16.40 -3.94 -29.74
CA ARG A 1 -15.38 -2.95 -29.42
C ARG A 1 -14.70 -3.25 -28.09
N ARG A 2 -13.65 -2.51 -27.80
CA ARG A 2 -12.90 -2.67 -26.56
C ARG A 2 -13.65 -2.04 -25.39
N CYS A 3 -13.16 -2.28 -24.17
CA CYS A 3 -13.78 -1.73 -22.98
C CYS A 3 -13.27 -0.31 -22.72
N PRO A 4 -14.02 0.48 -21.93
CA PRO A 4 -13.64 1.86 -21.62
C PRO A 4 -12.41 1.95 -20.72
N SER A 5 -11.89 3.16 -20.57
CA SER A 5 -10.71 3.39 -19.73
C SER A 5 -10.91 2.78 -18.35
N PRO A 6 -10.25 1.65 -18.06
CA PRO A 6 -10.37 0.99 -16.76
C PRO A 6 -9.94 1.91 -15.62
N ARG A 7 -10.62 1.79 -14.48
CA ARG A 7 -10.32 2.62 -13.32
C ARG A 7 -8.84 2.71 -13.07
N ASP A 8 -8.35 3.94 -13.06
CA ASP A 8 -6.94 4.22 -12.86
C ASP A 8 -6.51 4.01 -11.40
N ILE A 9 -7.49 3.76 -10.53
CA ILE A 9 -7.25 3.57 -9.09
C ILE A 9 -6.42 4.71 -8.49
N ASP A 10 -6.49 4.85 -7.18
CA ASP A 10 -5.70 5.85 -6.48
C ASP A 10 -4.49 5.21 -5.84
N ASN A 11 -3.47 6.00 -5.55
CA ASN A 11 -2.23 5.49 -4.95
C ASN A 11 -1.80 4.17 -5.62
N GLY A 12 -2.14 4.02 -6.89
CA GLY A 12 -1.79 2.81 -7.61
C GLY A 12 -1.63 3.04 -9.10
N GLN A 13 -1.24 1.99 -9.83
CA GLN A 13 -1.05 2.08 -11.27
C GLN A 13 -1.51 0.79 -11.95
N LEU A 14 -2.16 0.94 -13.10
CA LEU A 14 -2.67 -0.21 -13.84
C LEU A 14 -1.64 -0.77 -14.81
N ASP A 15 -1.80 -2.06 -15.12
CA ASP A 15 -0.94 -2.74 -16.09
C ASP A 15 -1.81 -3.35 -17.19
N ILE A 16 -2.22 -2.50 -18.13
CA ILE A 16 -3.12 -2.92 -19.19
C ILE A 16 -2.42 -3.74 -20.26
N GLY A 17 -2.70 -5.04 -20.26
CA GLY A 17 -2.17 -5.93 -21.27
C GLY A 17 -3.25 -6.39 -22.22
N GLY A 18 -4.35 -5.64 -22.27
CA GLY A 18 -5.47 -5.99 -23.13
C GLY A 18 -6.77 -5.41 -22.61
N VAL A 19 -7.47 -4.66 -23.45
CA VAL A 19 -8.73 -4.03 -23.05
C VAL A 19 -9.89 -4.49 -23.92
N ASP A 20 -9.83 -5.73 -24.39
CA ASP A 20 -10.90 -6.28 -25.22
C ASP A 20 -11.82 -7.18 -24.41
N PHE A 21 -13.09 -7.24 -24.83
CA PHE A 21 -14.08 -8.06 -24.13
C PHE A 21 -13.55 -9.47 -23.90
N GLY A 22 -12.93 -9.68 -22.75
CA GLY A 22 -12.40 -10.99 -22.42
C GLY A 22 -10.94 -10.92 -21.95
N SER A 23 -10.39 -9.72 -21.87
CA SER A 23 -9.00 -9.55 -21.42
C SER A 23 -8.95 -9.29 -19.93
N SER A 24 -7.81 -8.80 -19.45
CA SER A 24 -7.64 -8.50 -18.04
C SER A 24 -6.49 -7.53 -17.81
N ILE A 25 -6.56 -6.78 -16.72
CA ILE A 25 -5.54 -5.80 -16.39
C ILE A 25 -4.82 -6.21 -15.10
N THR A 26 -3.79 -5.45 -14.73
CA THR A 26 -3.05 -5.74 -13.50
C THR A 26 -2.88 -4.47 -12.67
N TYR A 27 -3.40 -4.49 -11.45
CA TYR A 27 -3.34 -3.33 -10.58
C TYR A 27 -2.16 -3.39 -9.61
N SER A 28 -1.60 -2.22 -9.34
CA SER A 28 -0.47 -2.11 -8.41
C SER A 28 -0.52 -0.76 -7.69
N CYS A 29 0.25 -0.64 -6.61
CA CYS A 29 0.29 0.59 -5.84
C CYS A 29 1.27 1.59 -6.43
N ASN A 30 1.10 2.86 -6.10
CA ASN A 30 1.96 3.92 -6.62
C ASN A 30 3.42 3.68 -6.24
N SER A 31 3.80 4.17 -5.07
CA SER A 31 5.18 4.01 -4.59
C SER A 31 5.22 4.01 -3.07
N GLY A 32 5.94 3.04 -2.51
CA GLY A 32 6.05 2.95 -1.07
C GLY A 32 4.73 2.58 -0.42
N TYR A 33 3.84 1.96 -1.21
CA TYR A 33 2.54 1.57 -0.72
C TYR A 33 2.40 0.05 -0.71
N HIS A 34 1.20 -0.43 -0.39
CA HIS A 34 0.90 -1.85 -0.41
C HIS A 34 -0.53 -2.09 -0.86
N LEU A 35 -0.68 -2.70 -2.03
CA LEU A 35 -1.99 -2.97 -2.59
C LEU A 35 -2.63 -4.18 -1.94
N ILE A 36 -3.77 -3.97 -1.30
CA ILE A 36 -4.49 -5.05 -0.65
C ILE A 36 -5.68 -5.48 -1.48
N GLY A 37 -6.08 -6.74 -1.34
CA GLY A 37 -7.22 -7.24 -2.07
C GLY A 37 -6.85 -7.72 -3.46
N GLU A 38 -7.57 -7.23 -4.46
CA GLU A 38 -7.36 -7.64 -5.84
C GLU A 38 -6.16 -6.95 -6.48
N SER A 39 -5.92 -7.31 -7.73
CA SER A 39 -4.82 -6.77 -8.49
C SER A 39 -4.98 -7.07 -9.97
N LYS A 40 -6.22 -7.22 -10.42
CA LYS A 40 -6.48 -7.56 -11.80
C LYS A 40 -7.96 -7.38 -12.17
N SER A 41 -8.21 -6.56 -13.19
CA SER A 41 -9.56 -6.33 -13.70
C SER A 41 -9.86 -7.27 -14.85
N TYR A 42 -11.12 -7.62 -15.07
CA TYR A 42 -11.45 -8.49 -16.20
C TYR A 42 -12.49 -7.86 -17.11
N CYS A 43 -12.02 -7.39 -18.26
CA CYS A 43 -12.89 -6.76 -19.24
C CYS A 43 -13.97 -7.72 -19.69
N GLU A 44 -15.17 -7.54 -19.15
CA GLU A 44 -16.29 -8.40 -19.46
C GLU A 44 -17.47 -7.60 -20.01
N LEU A 45 -18.61 -8.26 -20.17
CA LEU A 45 -19.80 -7.61 -20.69
C LEU A 45 -20.71 -7.15 -19.56
N GLY A 46 -21.49 -6.10 -19.81
CA GLY A 46 -22.38 -5.58 -18.80
C GLY A 46 -23.63 -6.44 -18.64
N SER A 47 -24.77 -5.80 -18.41
CA SER A 47 -26.02 -6.51 -18.23
C SER A 47 -26.80 -6.59 -19.54
N THR A 48 -26.78 -5.49 -20.29
CA THR A 48 -27.48 -5.44 -21.57
C THR A 48 -26.50 -5.59 -22.73
N GLY A 49 -25.49 -6.44 -22.53
CA GLY A 49 -24.51 -6.68 -23.57
C GLY A 49 -23.57 -5.49 -23.76
N SER A 50 -23.44 -4.69 -22.70
CA SER A 50 -22.57 -3.52 -22.75
C SER A 50 -21.13 -3.89 -22.42
N MET A 51 -20.33 -2.89 -22.07
CA MET A 51 -18.93 -3.11 -21.72
C MET A 51 -18.67 -2.72 -20.28
N VAL A 52 -17.97 -3.58 -19.56
CA VAL A 52 -17.67 -3.32 -18.16
C VAL A 52 -16.32 -3.93 -17.77
N TRP A 53 -15.88 -3.66 -16.55
CA TRP A 53 -14.61 -4.19 -16.07
C TRP A 53 -14.78 -4.92 -14.75
N ASN A 54 -14.35 -6.17 -14.71
CA ASN A 54 -14.41 -6.96 -13.49
C ASN A 54 -13.42 -6.40 -12.49
N PRO A 55 -13.52 -6.82 -11.21
CA PRO A 55 -12.67 -6.37 -10.10
C PRO A 55 -11.40 -5.65 -10.55
N GLU A 56 -11.53 -4.33 -10.72
CA GLU A 56 -10.42 -3.51 -11.20
C GLU A 56 -9.61 -2.92 -10.04
N ALA A 57 -9.95 -1.70 -9.63
CA ALA A 57 -9.21 -1.00 -8.58
C ALA A 57 -9.41 -1.66 -7.22
N PRO A 58 -8.38 -2.37 -6.72
CA PRO A 58 -8.42 -3.01 -5.42
C PRO A 58 -8.03 -2.02 -4.32
N ILE A 59 -7.51 -2.51 -3.20
CA ILE A 59 -7.11 -1.64 -2.11
C ILE A 59 -5.69 -1.13 -2.31
N CYS A 60 -5.35 -0.06 -1.61
CA CYS A 60 -4.02 0.53 -1.69
C CYS A 60 -3.82 1.59 -0.62
N GLU A 61 -2.71 1.49 0.10
CA GLU A 61 -2.39 2.45 1.14
C GLU A 61 -0.89 2.52 1.38
N SER A 62 -0.47 3.43 2.25
CA SER A 62 0.94 3.58 2.58
C SER A 62 1.32 2.64 3.71
N VAL A 63 2.29 1.77 3.45
CA VAL A 63 2.75 0.79 4.45
C VAL A 63 2.86 1.44 5.83
N LYS A 64 1.81 1.31 6.63
CA LYS A 64 1.76 1.90 7.95
C LYS A 64 2.53 1.07 8.97
N CYS A 65 3.24 1.76 9.86
CA CYS A 65 4.00 1.11 10.92
C CYS A 65 3.45 1.51 12.28
N GLN A 66 3.04 0.53 13.07
CA GLN A 66 2.48 0.80 14.37
C GLN A 66 3.55 1.32 15.33
N SER A 67 3.24 1.30 16.62
CA SER A 67 4.18 1.78 17.64
C SER A 67 5.56 1.16 17.43
N PRO A 68 6.62 1.98 17.54
CA PRO A 68 7.99 1.49 17.36
C PRO A 68 8.33 0.40 18.37
N PRO A 69 9.30 -0.47 18.03
CA PRO A 69 9.71 -1.58 18.89
C PRO A 69 9.85 -1.21 20.35
N SER A 70 9.90 -2.21 21.21
CA SER A 70 10.03 -2.00 22.64
C SER A 70 11.39 -2.51 23.14
N ILE A 71 12.37 -1.63 23.13
CA ILE A 71 13.71 -1.99 23.56
C ILE A 71 13.75 -2.25 25.07
N SER A 72 14.88 -2.73 25.56
CA SER A 72 15.03 -3.03 26.98
C SER A 72 15.61 -1.84 27.72
N ASN A 73 15.02 -1.52 28.86
CA ASN A 73 15.48 -0.40 29.67
C ASN A 73 15.26 0.92 28.96
N GLY A 74 14.25 0.96 28.09
CA GLY A 74 13.98 2.18 27.35
C GLY A 74 12.61 2.19 26.72
N ARG A 75 12.30 3.26 25.99
CA ARG A 75 11.03 3.42 25.32
C ARG A 75 11.18 4.27 24.07
N HIS A 76 10.07 4.56 23.41
CA HIS A 76 10.11 5.36 22.20
C HIS A 76 9.26 6.62 22.35
N ASN A 77 9.52 7.59 21.47
CA ASN A 77 8.80 8.86 21.49
C ASN A 77 7.58 8.81 20.56
N GLY A 78 6.94 9.95 20.35
CA GLY A 78 5.76 10.00 19.50
C GLY A 78 4.50 9.73 20.28
N TYR A 79 4.38 8.50 20.76
CA TYR A 79 3.24 8.06 21.52
C TYR A 79 2.01 8.03 20.66
N GLU A 80 2.24 7.78 19.37
CA GLU A 80 1.17 7.71 18.42
C GLU A 80 0.62 6.30 18.37
N ASP A 81 -0.29 6.04 17.44
CA ASP A 81 -0.86 4.72 17.28
C ASP A 81 -0.38 4.06 16.00
N PHE A 82 0.03 4.89 15.05
CA PHE A 82 0.51 4.40 13.77
C PHE A 82 1.47 5.38 13.12
N TYR A 83 2.24 4.88 12.17
CA TYR A 83 3.21 5.69 11.45
C TYR A 83 3.24 5.29 9.98
N THR A 84 3.80 6.14 9.14
CA THR A 84 3.84 5.86 7.70
C THR A 84 5.26 5.85 7.16
N ASP A 85 5.41 5.32 5.95
CA ASP A 85 6.71 5.25 5.29
C ASP A 85 7.33 6.62 5.19
N GLY A 86 8.21 6.92 6.12
CA GLY A 86 8.89 8.20 6.12
C GLY A 86 8.81 8.90 7.47
N SER A 87 8.38 8.18 8.50
CA SER A 87 8.29 8.75 9.84
C SER A 87 9.51 8.37 10.67
N VAL A 88 9.73 9.10 11.74
CA VAL A 88 10.86 8.84 12.62
C VAL A 88 10.48 9.05 14.08
N VAL A 89 11.09 8.26 14.95
CA VAL A 89 10.83 8.35 16.38
C VAL A 89 12.13 8.28 17.17
N THR A 90 12.14 8.90 18.34
CA THR A 90 13.33 8.91 19.17
C THR A 90 13.13 8.02 20.40
N TYR A 91 14.08 7.14 20.63
CA TYR A 91 14.02 6.23 21.76
C TYR A 91 14.74 6.80 22.97
N SER A 92 14.36 6.35 24.15
CA SER A 92 14.96 6.83 25.39
C SER A 92 14.96 5.75 26.46
N CYS A 93 16.05 5.66 27.21
CA CYS A 93 16.17 4.69 28.28
C CYS A 93 15.24 5.05 29.44
N ASN A 94 14.83 4.04 30.20
CA ASN A 94 13.92 4.24 31.32
C ASN A 94 14.70 4.44 32.62
N SER A 95 15.32 3.36 33.11
CA SER A 95 16.09 3.41 34.35
C SER A 95 17.16 4.48 34.28
N GLY A 96 17.57 4.84 33.06
CA GLY A 96 18.59 5.85 32.89
C GLY A 96 19.82 5.31 32.18
N TYR A 97 19.61 4.33 31.30
CA TYR A 97 20.70 3.73 30.55
C TYR A 97 21.23 4.70 29.50
N SER A 98 22.13 4.20 28.67
CA SER A 98 22.72 5.02 27.62
C SER A 98 22.29 4.56 26.24
N LEU A 99 21.37 5.31 25.63
CA LEU A 99 20.88 5.01 24.30
C LEU A 99 22.00 4.59 23.35
N ILE A 100 21.95 3.36 22.90
CA ILE A 100 22.95 2.83 21.99
C ILE A 100 22.52 3.07 20.55
N GLY A 101 23.50 3.15 19.65
CA GLY A 101 23.18 3.41 18.27
C GLY A 101 22.57 4.78 18.08
N ASN A 102 21.38 4.83 17.53
CA ASN A 102 20.67 6.09 17.32
C ASN A 102 19.21 5.97 17.70
N SER A 103 18.80 6.80 18.66
CA SER A 103 17.42 6.83 19.12
C SER A 103 16.45 6.94 17.96
N GLY A 104 16.92 7.54 16.88
CA GLY A 104 16.09 7.72 15.70
C GLY A 104 15.73 6.42 15.03
N VAL A 105 14.43 6.13 14.96
CA VAL A 105 13.93 4.92 14.31
C VAL A 105 13.14 5.28 13.06
N LEU A 106 13.62 4.87 11.90
CA LEU A 106 12.99 5.20 10.64
C LEU A 106 11.79 4.29 10.36
N CYS A 107 10.62 4.91 10.23
CA CYS A 107 9.41 4.19 9.88
C CYS A 107 9.26 4.13 8.37
N SER A 108 9.73 3.05 7.77
CA SER A 108 9.69 2.90 6.32
C SER A 108 9.23 1.49 5.93
N GLY A 109 8.76 1.37 4.69
CA GLY A 109 8.30 0.07 4.20
C GLY A 109 7.40 -0.64 5.19
N GLY A 110 6.67 0.12 6.00
CA GLY A 110 5.79 -0.47 6.98
C GLY A 110 6.55 -1.14 8.11
N GLU A 111 7.81 -0.74 8.28
CA GLU A 111 8.65 -1.29 9.34
C GLU A 111 9.54 -0.21 9.92
N TRP A 112 10.22 -0.53 11.00
CA TRP A 112 11.10 0.41 11.67
C TRP A 112 12.56 0.00 11.55
N SER A 113 13.40 0.90 11.06
CA SER A 113 14.83 0.61 11.03
C SER A 113 15.48 1.13 12.29
N ASP A 114 16.28 0.25 12.88
CA ASP A 114 16.82 0.36 14.21
C ASP A 114 16.06 -0.69 14.90
N PRO A 115 15.51 -0.57 16.08
CA PRO A 115 15.71 0.44 17.13
C PRO A 115 17.11 0.43 17.73
N PRO A 116 17.36 1.34 18.69
CA PRO A 116 18.62 1.41 19.42
C PRO A 116 18.60 0.55 20.67
N THR A 117 19.66 0.64 21.45
CA THR A 117 19.75 -0.13 22.69
C THR A 117 19.94 0.79 23.88
N CYS A 118 20.03 0.21 25.07
CA CYS A 118 20.22 0.98 26.29
C CYS A 118 21.21 0.30 27.22
N GLN A 119 22.46 0.70 27.13
CA GLN A 119 23.52 0.11 27.95
C GLN A 119 24.23 1.19 28.76
N ILE A 120 24.97 0.75 29.78
CA ILE A 120 25.70 1.67 30.65
C ILE A 120 27.10 1.91 30.10
N ARG A 1 13.88 5.39 30.78
CA ARG A 1 14.25 4.16 30.08
C ARG A 1 13.55 4.07 28.72
N ARG A 2 13.49 5.20 28.02
CA ARG A 2 12.86 5.25 26.71
C ARG A 2 13.86 4.94 25.61
N CYS A 3 13.36 4.72 24.40
CA CYS A 3 14.21 4.43 23.26
C CYS A 3 14.59 5.70 22.51
N PRO A 4 15.66 5.65 21.71
CA PRO A 4 16.13 6.80 20.94
C PRO A 4 15.14 7.21 19.85
N SER A 5 15.42 8.33 19.19
CA SER A 5 14.55 8.83 18.15
C SER A 5 14.20 7.73 17.14
N PRO A 6 12.94 7.22 17.17
CA PRO A 6 12.50 6.17 16.24
C PRO A 6 12.80 6.53 14.78
N ARG A 7 12.94 5.51 13.95
CA ARG A 7 13.24 5.72 12.53
C ARG A 7 12.00 6.10 11.75
N ASP A 8 12.22 6.60 10.55
CA ASP A 8 11.15 7.04 9.69
C ASP A 8 11.13 6.25 8.38
N ILE A 9 10.38 6.74 7.40
CA ILE A 9 10.28 6.07 6.10
C ILE A 9 10.21 7.11 4.98
N ASP A 10 10.62 6.71 3.78
CA ASP A 10 10.66 7.62 2.64
C ASP A 10 9.32 7.71 1.91
N ASN A 11 8.80 6.56 1.48
CA ASN A 11 7.55 6.52 0.72
C ASN A 11 6.35 6.31 1.63
N GLY A 12 6.46 6.76 2.88
CA GLY A 12 5.36 6.62 3.81
C GLY A 12 5.55 7.45 5.07
N GLN A 13 4.76 7.15 6.09
CA GLN A 13 4.85 7.85 7.36
C GLN A 13 4.87 6.86 8.52
N LEU A 14 5.04 7.37 9.74
CA LEU A 14 5.07 6.50 10.91
C LEU A 14 4.00 6.91 11.93
N ASP A 15 3.64 5.97 12.78
CA ASP A 15 2.64 6.21 13.82
C ASP A 15 3.21 5.81 15.18
N ILE A 16 3.94 6.73 15.80
CA ILE A 16 4.59 6.45 17.08
C ILE A 16 3.64 6.64 18.25
N GLY A 17 3.07 5.53 18.71
CA GLY A 17 2.19 5.58 19.86
C GLY A 17 2.94 5.37 21.16
N GLY A 18 4.28 5.42 21.10
CA GLY A 18 5.09 5.23 22.28
C GLY A 18 6.54 4.98 21.95
N VAL A 19 7.45 5.41 22.83
CA VAL A 19 8.87 5.23 22.62
C VAL A 19 9.55 4.62 23.85
N ASP A 20 8.75 4.10 24.77
CA ASP A 20 9.28 3.49 25.98
C ASP A 20 9.46 1.98 25.79
N PHE A 21 10.43 1.39 26.49
CA PHE A 21 10.68 -0.03 26.39
C PHE A 21 9.39 -0.82 26.54
N GLY A 22 8.84 -1.27 25.41
CA GLY A 22 7.59 -2.01 25.44
C GLY A 22 6.55 -1.42 24.50
N SER A 23 6.90 -0.34 23.81
CA SER A 23 5.98 0.28 22.87
C SER A 23 6.29 -0.14 21.45
N SER A 24 5.40 0.20 20.53
CA SER A 24 5.58 -0.16 19.13
C SER A 24 5.07 0.94 18.22
N ILE A 25 5.83 1.21 17.17
CA ILE A 25 5.46 2.23 16.20
C ILE A 25 4.69 1.58 15.05
N THR A 26 4.16 2.40 14.15
CA THR A 26 3.39 1.88 13.02
C THR A 26 3.78 2.57 11.72
N TYR A 27 4.38 1.81 10.81
CA TYR A 27 4.80 2.34 9.52
C TYR A 27 3.68 2.20 8.49
N SER A 28 3.53 3.22 7.66
CA SER A 28 2.50 3.22 6.63
C SER A 28 2.98 3.96 5.39
N CYS A 29 2.55 3.50 4.21
CA CYS A 29 2.94 4.12 2.95
C CYS A 29 2.29 5.50 2.80
N ASN A 30 2.77 6.26 1.82
CA ASN A 30 2.26 7.60 1.57
C ASN A 30 0.81 7.55 1.09
N SER A 31 0.62 7.22 -0.18
CA SER A 31 -0.71 7.13 -0.76
C SER A 31 -0.69 6.27 -2.02
N GLY A 32 -1.71 5.43 -2.19
CA GLY A 32 -1.77 4.56 -3.34
C GLY A 32 -0.56 3.65 -3.43
N TYR A 33 0.02 3.34 -2.27
CA TYR A 33 1.20 2.50 -2.20
C TYR A 33 0.93 1.24 -1.38
N HIS A 34 1.85 0.28 -1.46
CA HIS A 34 1.73 -0.95 -0.68
C HIS A 34 3.00 -1.20 0.12
N LEU A 35 2.87 -1.21 1.43
CA LEU A 35 4.01 -1.42 2.31
C LEU A 35 4.31 -2.91 2.46
N ILE A 36 5.55 -3.29 2.18
CA ILE A 36 5.95 -4.68 2.28
C ILE A 36 6.81 -4.92 3.51
N GLY A 37 6.96 -6.19 3.86
CA GLY A 37 7.75 -6.55 5.02
C GLY A 37 7.05 -6.21 6.33
N GLU A 38 7.77 -5.57 7.24
CA GLU A 38 7.21 -5.18 8.53
C GLU A 38 6.42 -3.89 8.41
N SER A 39 5.94 -3.39 9.54
CA SER A 39 5.19 -2.15 9.57
C SER A 39 4.98 -1.69 11.01
N LYS A 40 5.94 -2.01 11.87
CA LYS A 40 5.85 -1.66 13.27
C LYS A 40 7.19 -1.84 13.97
N SER A 41 7.78 -0.75 14.43
CA SER A 41 9.05 -0.78 15.15
C SER A 41 8.79 -1.08 16.62
N TYR A 42 9.53 -2.01 17.19
CA TYR A 42 9.33 -2.35 18.61
C TYR A 42 10.47 -1.82 19.47
N CYS A 43 10.09 -0.97 20.42
CA CYS A 43 11.06 -0.36 21.32
C CYS A 43 11.67 -1.39 22.26
N GLU A 44 12.98 -1.57 22.15
CA GLU A 44 13.70 -2.52 22.98
C GLU A 44 15.18 -2.16 23.03
N LEU A 45 15.95 -2.94 23.77
CA LEU A 45 17.38 -2.70 23.87
C LEU A 45 18.17 -3.96 23.53
N GLY A 46 19.36 -3.77 22.97
CA GLY A 46 20.19 -4.90 22.58
C GLY A 46 21.45 -4.51 21.85
N SER A 47 22.02 -3.36 22.22
CA SER A 47 23.24 -2.89 21.59
C SER A 47 24.33 -2.71 22.64
N THR A 48 24.84 -3.83 23.14
CA THR A 48 25.87 -3.80 24.17
C THR A 48 25.35 -3.13 25.43
N GLY A 49 24.04 -3.16 25.61
CA GLY A 49 23.42 -2.55 26.78
C GLY A 49 22.75 -1.23 26.44
N SER A 50 22.46 -1.01 25.16
CA SER A 50 21.81 0.21 24.72
C SER A 50 20.44 -0.07 24.14
N MET A 51 19.63 0.97 24.02
CA MET A 51 18.28 0.85 23.51
C MET A 51 18.24 0.98 21.99
N VAL A 52 17.46 0.13 21.36
CA VAL A 52 17.31 0.13 19.91
C VAL A 52 15.83 0.01 19.53
N TRP A 53 15.56 -0.12 18.24
CA TRP A 53 14.19 -0.24 17.76
C TRP A 53 14.05 -1.45 16.83
N ASN A 54 13.07 -2.30 17.12
CA ASN A 54 12.81 -3.47 16.29
C ASN A 54 12.24 -3.04 14.95
N PRO A 55 12.23 -3.95 13.95
CA PRO A 55 11.74 -3.70 12.59
C PRO A 55 10.86 -2.47 12.44
N GLU A 56 11.46 -1.39 11.95
CA GLU A 56 10.76 -0.12 11.80
C GLU A 56 10.40 0.16 10.35
N ALA A 57 11.36 0.68 9.58
CA ALA A 57 11.14 1.06 8.20
C ALA A 57 11.11 -0.14 7.25
N PRO A 58 9.91 -0.51 6.75
CA PRO A 58 9.73 -1.60 5.82
C PRO A 58 9.83 -1.12 4.37
N ILE A 59 9.23 -1.86 3.45
CA ILE A 59 9.25 -1.47 2.05
C ILE A 59 7.97 -0.73 1.68
N CYS A 60 7.98 -0.08 0.52
CA CYS A 60 6.83 0.66 0.04
C CYS A 60 6.93 0.94 -1.45
N GLU A 61 5.82 0.77 -2.16
CA GLU A 61 5.79 1.01 -3.60
C GLU A 61 4.37 1.34 -4.06
N SER A 62 4.25 1.71 -5.33
CA SER A 62 2.94 2.05 -5.89
C SER A 62 2.18 0.79 -6.29
N VAL A 63 1.09 0.53 -5.58
CA VAL A 63 0.25 -0.63 -5.85
C VAL A 63 0.00 -0.81 -7.34
N LYS A 64 0.78 -1.68 -7.96
CA LYS A 64 0.66 -1.93 -9.39
C LYS A 64 -0.51 -2.87 -9.71
N CYS A 65 -1.39 -2.44 -10.62
CA CYS A 65 -2.52 -3.24 -11.03
C CYS A 65 -2.36 -3.65 -12.49
N GLN A 66 -2.31 -4.96 -12.74
CA GLN A 66 -2.15 -5.45 -14.10
C GLN A 66 -3.39 -5.16 -14.94
N SER A 67 -3.54 -5.90 -16.03
CA SER A 67 -4.69 -5.71 -16.92
C SER A 67 -5.98 -5.68 -16.12
N PRO A 68 -6.91 -4.76 -16.47
CA PRO A 68 -8.19 -4.65 -15.77
C PRO A 68 -8.96 -5.95 -15.80
N PRO A 69 -9.95 -6.11 -14.90
CA PRO A 69 -10.76 -7.33 -14.81
C PRO A 69 -11.10 -7.90 -16.18
N SER A 70 -11.41 -9.20 -16.21
CA SER A 70 -11.76 -9.88 -17.45
C SER A 70 -13.24 -10.22 -17.47
N ILE A 71 -14.06 -9.28 -17.95
CA ILE A 71 -15.50 -9.47 -18.02
C ILE A 71 -15.87 -10.51 -19.07
N SER A 72 -17.17 -10.72 -19.24
CA SER A 72 -17.67 -11.68 -20.23
C SER A 72 -18.21 -10.97 -21.46
N ASN A 73 -18.05 -11.60 -22.62
CA ASN A 73 -18.52 -11.03 -23.87
C ASN A 73 -18.01 -9.60 -24.04
N GLY A 74 -16.85 -9.31 -23.49
CA GLY A 74 -16.27 -7.99 -23.61
C GLY A 74 -14.78 -7.95 -23.35
N ARG A 75 -14.25 -6.75 -23.14
CA ARG A 75 -12.83 -6.57 -22.89
C ARG A 75 -12.57 -5.18 -22.31
N HIS A 76 -11.30 -4.86 -22.14
CA HIS A 76 -10.91 -3.57 -21.57
C HIS A 76 -10.04 -2.77 -22.53
N ASN A 77 -9.88 -1.48 -22.23
CA ASN A 77 -9.06 -0.60 -23.06
C ASN A 77 -7.67 -0.44 -22.46
N GLY A 78 -6.88 0.49 -23.01
CA GLY A 78 -5.53 0.69 -22.53
C GLY A 78 -4.53 -0.16 -23.28
N TYR A 79 -4.63 -1.47 -23.06
CA TYR A 79 -3.78 -2.44 -23.69
C TYR A 79 -2.38 -2.35 -23.13
N GLU A 80 -2.31 -1.91 -21.89
CA GLU A 80 -1.03 -1.80 -21.21
C GLU A 80 -0.68 -3.13 -20.55
N ASP A 81 0.39 -3.14 -19.78
CA ASP A 81 0.81 -4.35 -19.08
C ASP A 81 0.62 -4.19 -17.58
N PHE A 82 0.60 -2.94 -17.12
CA PHE A 82 0.43 -2.66 -15.71
C PHE A 82 -0.18 -1.29 -15.50
N TYR A 83 -0.73 -1.08 -14.31
CA TYR A 83 -1.35 0.18 -13.96
C TYR A 83 -1.05 0.53 -12.50
N THR A 84 -1.31 1.76 -12.10
CA THR A 84 -1.01 2.20 -10.74
C THR A 84 -2.19 2.91 -10.10
N ASP A 85 -1.99 3.32 -8.85
CA ASP A 85 -3.03 4.03 -8.10
C ASP A 85 -3.37 5.34 -8.77
N GLY A 86 -4.42 5.32 -9.56
CA GLY A 86 -4.88 6.52 -10.24
C GLY A 86 -5.00 6.33 -11.74
N SER A 87 -5.00 5.08 -12.20
CA SER A 87 -5.14 4.81 -13.62
C SER A 87 -6.59 4.52 -13.97
N VAL A 88 -6.95 4.73 -15.22
CA VAL A 88 -8.32 4.50 -15.67
C VAL A 88 -8.35 3.75 -16.99
N VAL A 89 -9.43 3.00 -17.20
CA VAL A 89 -9.60 2.22 -18.41
C VAL A 89 -11.07 2.08 -18.77
N THR A 90 -11.35 2.07 -20.07
CA THR A 90 -12.71 1.95 -20.55
C THR A 90 -12.95 0.55 -21.11
N TYR A 91 -14.01 -0.09 -20.65
CA TYR A 91 -14.34 -1.45 -21.08
C TYR A 91 -15.23 -1.42 -22.31
N SER A 92 -15.23 -2.51 -23.06
CA SER A 92 -16.04 -2.62 -24.27
C SER A 92 -16.39 -4.07 -24.58
N CYS A 93 -17.56 -4.28 -25.17
CA CYS A 93 -18.00 -5.63 -25.53
C CYS A 93 -17.24 -6.15 -26.73
N ASN A 94 -17.28 -7.47 -26.93
CA ASN A 94 -16.57 -8.10 -28.04
C ASN A 94 -17.41 -8.07 -29.32
N SER A 95 -18.45 -8.90 -29.37
CA SER A 95 -19.30 -8.99 -30.55
C SER A 95 -20.15 -7.73 -30.71
N GLY A 96 -20.46 -7.07 -29.60
CA GLY A 96 -21.26 -5.87 -29.66
C GLY A 96 -22.39 -5.88 -28.63
N TYR A 97 -22.13 -6.44 -27.46
CA TYR A 97 -23.12 -6.49 -26.40
C TYR A 97 -23.36 -5.10 -25.83
N SER A 98 -24.17 -5.04 -24.78
CA SER A 98 -24.47 -3.78 -24.12
C SER A 98 -23.75 -3.69 -22.79
N LEU A 99 -22.65 -2.94 -22.77
CA LEU A 99 -21.84 -2.80 -21.56
C LEU A 99 -22.71 -2.46 -20.37
N ILE A 100 -22.53 -3.24 -19.32
CA ILE A 100 -23.26 -3.04 -18.08
C ILE A 100 -22.46 -2.14 -17.15
N GLY A 101 -23.15 -1.43 -16.26
CA GLY A 101 -22.46 -0.53 -15.36
C GLY A 101 -21.76 0.59 -16.09
N ASN A 102 -20.49 0.78 -15.79
CA ASN A 102 -19.69 1.82 -16.44
C ASN A 102 -18.45 1.23 -17.10
N SER A 103 -18.08 1.78 -18.25
CA SER A 103 -16.91 1.31 -18.99
C SER A 103 -15.63 1.72 -18.28
N GLY A 104 -15.67 2.87 -17.61
CA GLY A 104 -14.51 3.35 -16.89
C GLY A 104 -14.18 2.52 -15.68
N VAL A 105 -12.89 2.25 -15.48
CA VAL A 105 -12.43 1.46 -14.34
C VAL A 105 -11.25 2.15 -13.65
N LEU A 106 -11.44 2.51 -12.39
CA LEU A 106 -10.39 3.20 -11.64
C LEU A 106 -9.38 2.23 -11.05
N CYS A 107 -8.14 2.30 -11.53
CA CYS A 107 -7.07 1.47 -11.00
C CYS A 107 -6.51 2.10 -9.73
N SER A 108 -6.92 1.57 -8.59
CA SER A 108 -6.49 2.11 -7.31
C SER A 108 -6.17 1.00 -6.31
N GLY A 109 -5.30 1.31 -5.35
CA GLY A 109 -4.92 0.35 -4.35
C GLY A 109 -4.44 -0.97 -4.93
N GLY A 110 -4.00 -0.93 -6.19
CA GLY A 110 -3.52 -2.14 -6.83
C GLY A 110 -4.65 -3.00 -7.39
N GLU A 111 -5.87 -2.47 -7.37
CA GLU A 111 -7.01 -3.20 -7.89
C GLU A 111 -7.84 -2.32 -8.81
N TRP A 112 -8.88 -2.90 -9.39
CA TRP A 112 -9.75 -2.18 -10.30
C TRP A 112 -11.14 -2.03 -9.71
N SER A 113 -11.70 -0.83 -9.82
CA SER A 113 -13.03 -0.56 -9.27
C SER A 113 -13.99 -0.12 -10.37
N ASP A 114 -15.26 -0.49 -10.20
CA ASP A 114 -16.30 -0.12 -11.15
C ASP A 114 -16.17 -0.88 -12.48
N PRO A 115 -15.96 -2.21 -12.41
CA PRO A 115 -15.85 -3.04 -13.61
C PRO A 115 -17.23 -3.35 -14.20
N PRO A 116 -17.40 -3.20 -15.53
CA PRO A 116 -18.68 -3.42 -16.18
C PRO A 116 -18.87 -4.84 -16.68
N THR A 117 -19.96 -5.04 -17.39
CA THR A 117 -20.26 -6.34 -18.00
C THR A 117 -20.64 -6.15 -19.45
N CYS A 118 -21.31 -7.14 -20.02
CA CYS A 118 -21.74 -7.06 -21.40
C CYS A 118 -22.90 -8.00 -21.67
N GLN A 119 -24.10 -7.47 -21.52
CA GLN A 119 -25.31 -8.25 -21.74
C GLN A 119 -26.19 -7.60 -22.79
N ILE A 120 -27.09 -8.39 -23.36
CA ILE A 120 -28.01 -7.91 -24.38
C ILE A 120 -29.30 -7.39 -23.75
N ARG A 1 -21.65 -7.44 -25.19
CA ARG A 1 -21.62 -8.13 -23.90
C ARG A 1 -20.62 -7.46 -22.96
N ARG A 2 -20.70 -7.81 -21.68
CA ARG A 2 -19.80 -7.26 -20.68
C ARG A 2 -18.34 -7.37 -21.13
N CYS A 3 -17.44 -6.75 -20.38
CA CYS A 3 -16.02 -6.77 -20.69
C CYS A 3 -15.35 -8.01 -20.10
N PRO A 4 -14.17 -8.38 -20.62
CA PRO A 4 -13.43 -9.54 -20.14
C PRO A 4 -12.88 -9.33 -18.73
N SER A 5 -12.39 -10.40 -18.12
CA SER A 5 -11.85 -10.33 -16.77
C SER A 5 -10.83 -9.20 -16.65
N PRO A 6 -11.21 -8.07 -16.00
CA PRO A 6 -10.32 -6.94 -15.83
C PRO A 6 -8.93 -7.36 -15.39
N ARG A 7 -7.98 -6.44 -15.47
CA ARG A 7 -6.62 -6.71 -15.05
C ARG A 7 -6.56 -6.74 -13.53
N ASP A 8 -5.42 -7.18 -13.00
CA ASP A 8 -5.27 -7.31 -11.58
C ASP A 8 -4.05 -6.56 -11.05
N ILE A 9 -3.82 -6.67 -9.76
CA ILE A 9 -2.70 -6.02 -9.10
C ILE A 9 -2.21 -6.86 -7.92
N ASP A 10 -0.89 -6.88 -7.73
CA ASP A 10 -0.30 -7.68 -6.65
C ASP A 10 -0.41 -6.96 -5.31
N ASN A 11 0.20 -5.79 -5.21
CA ASN A 11 0.18 -5.02 -3.98
C ASN A 11 -1.00 -4.06 -3.95
N GLY A 12 -2.17 -4.57 -4.33
CA GLY A 12 -3.36 -3.76 -4.33
C GLY A 12 -4.64 -4.58 -4.48
N GLN A 13 -5.78 -3.89 -4.50
CA GLN A 13 -7.07 -4.55 -4.64
C GLN A 13 -7.97 -3.75 -5.58
N LEU A 14 -8.69 -4.46 -6.46
CA LEU A 14 -9.58 -3.80 -7.41
C LEU A 14 -10.96 -3.58 -6.82
N ASP A 15 -11.65 -2.58 -7.34
CA ASP A 15 -13.02 -2.28 -6.91
C ASP A 15 -13.96 -2.30 -8.10
N ILE A 16 -14.39 -3.49 -8.50
CA ILE A 16 -15.25 -3.64 -9.67
C ILE A 16 -16.63 -3.06 -9.42
N GLY A 17 -16.89 -1.89 -10.01
CA GLY A 17 -18.19 -1.26 -9.88
C GLY A 17 -19.01 -1.39 -11.14
N GLY A 18 -18.60 -2.28 -12.04
CA GLY A 18 -19.31 -2.48 -13.29
C GLY A 18 -18.41 -3.01 -14.38
N VAL A 19 -18.76 -4.17 -14.93
CA VAL A 19 -17.98 -4.80 -15.98
C VAL A 19 -18.69 -4.73 -17.33
N ASP A 20 -19.62 -3.79 -17.46
CA ASP A 20 -20.37 -3.62 -18.70
C ASP A 20 -19.77 -2.49 -19.54
N PHE A 21 -20.06 -2.51 -20.83
CA PHE A 21 -19.56 -1.49 -21.75
C PHE A 21 -19.98 -0.10 -21.29
N GLY A 22 -19.11 0.54 -20.51
CA GLY A 22 -19.41 1.87 -20.01
C GLY A 22 -19.19 2.01 -18.51
N SER A 23 -18.77 0.93 -17.86
CA SER A 23 -18.53 0.95 -16.42
C SER A 23 -17.08 1.34 -16.13
N SER A 24 -16.70 1.28 -14.86
CA SER A 24 -15.34 1.64 -14.45
C SER A 24 -14.96 0.96 -13.14
N ILE A 25 -13.68 0.61 -13.03
CA ILE A 25 -13.15 -0.04 -11.84
C ILE A 25 -12.33 0.95 -11.02
N THR A 26 -12.02 0.57 -9.79
CA THR A 26 -11.22 1.42 -8.91
C THR A 26 -10.10 0.62 -8.25
N TYR A 27 -8.87 0.88 -8.68
CA TYR A 27 -7.72 0.18 -8.15
C TYR A 27 -7.27 0.79 -6.83
N SER A 28 -6.70 -0.06 -5.96
CA SER A 28 -6.23 0.39 -4.66
C SER A 28 -5.10 -0.49 -4.15
N CYS A 29 -4.43 -0.05 -3.10
CA CYS A 29 -3.33 -0.81 -2.52
C CYS A 29 -3.85 -1.79 -1.47
N ASN A 30 -2.96 -2.66 -0.99
CA ASN A 30 -3.33 -3.66 0.00
C ASN A 30 -3.62 -3.02 1.35
N SER A 31 -2.57 -2.78 2.13
CA SER A 31 -2.70 -2.17 3.45
C SER A 31 -1.41 -1.45 3.84
N GLY A 32 -1.54 -0.21 4.26
CA GLY A 32 -0.37 0.56 4.64
C GLY A 32 0.53 0.82 3.45
N TYR A 33 -0.05 0.77 2.26
CA TYR A 33 0.70 0.99 1.03
C TYR A 33 0.25 2.27 0.33
N HIS A 34 0.92 2.62 -0.76
CA HIS A 34 0.53 3.77 -1.56
C HIS A 34 0.48 3.39 -3.03
N LEU A 35 -0.60 3.77 -3.70
CA LEU A 35 -0.80 3.43 -5.10
C LEU A 35 -0.34 4.58 -5.99
N ILE A 36 0.65 4.31 -6.82
CA ILE A 36 1.18 5.33 -7.73
C ILE A 36 0.56 5.18 -9.11
N GLY A 37 0.40 6.31 -9.78
CA GLY A 37 -0.20 6.29 -11.10
C GLY A 37 -1.71 6.34 -11.05
N GLU A 38 -2.37 5.73 -12.04
CA GLU A 38 -3.82 5.71 -12.07
C GLU A 38 -4.38 4.87 -10.94
N SER A 39 -5.69 4.72 -10.93
CA SER A 39 -6.38 3.96 -9.89
C SER A 39 -7.84 3.77 -10.26
N LYS A 40 -8.12 3.74 -11.56
CA LYS A 40 -9.48 3.57 -12.03
C LYS A 40 -9.49 3.14 -13.49
N SER A 41 -10.13 2.02 -13.75
CA SER A 41 -10.21 1.47 -15.10
C SER A 41 -11.60 1.68 -15.68
N TYR A 42 -11.70 1.72 -17.00
CA TYR A 42 -13.01 1.94 -17.63
C TYR A 42 -13.30 0.93 -18.72
N CYS A 43 -14.43 0.26 -18.59
CA CYS A 43 -14.88 -0.73 -19.56
C CYS A 43 -15.41 -0.04 -20.81
N GLU A 44 -14.57 0.07 -21.82
CA GLU A 44 -14.96 0.71 -23.07
C GLU A 44 -14.82 -0.24 -24.25
N LEU A 45 -15.02 0.29 -25.44
CA LEU A 45 -14.92 -0.51 -26.65
C LEU A 45 -13.52 -0.42 -27.25
N GLY A 46 -13.06 -1.52 -27.84
CA GLY A 46 -11.74 -1.55 -28.43
C GLY A 46 -11.61 -0.59 -29.60
N SER A 47 -11.27 -1.14 -30.77
CA SER A 47 -11.12 -0.33 -31.97
C SER A 47 -12.19 -0.67 -33.00
N THR A 48 -12.60 -1.93 -33.02
CA THR A 48 -13.62 -2.40 -33.95
C THR A 48 -14.87 -2.84 -33.21
N GLY A 49 -15.22 -2.12 -32.16
CA GLY A 49 -16.40 -2.47 -31.37
C GLY A 49 -16.14 -3.64 -30.44
N SER A 50 -14.89 -3.87 -30.12
CA SER A 50 -14.51 -4.97 -29.24
C SER A 50 -14.64 -4.57 -27.78
N MET A 51 -13.98 -5.33 -26.90
CA MET A 51 -14.02 -5.05 -25.47
C MET A 51 -12.63 -4.71 -24.95
N VAL A 52 -12.56 -3.74 -24.06
CA VAL A 52 -11.29 -3.31 -23.50
C VAL A 52 -11.49 -2.60 -22.17
N TRP A 53 -10.42 -2.47 -21.40
CA TRP A 53 -10.48 -1.83 -20.10
C TRP A 53 -9.50 -0.66 -20.01
N ASN A 54 -10.01 0.52 -19.70
CA ASN A 54 -9.17 1.70 -19.54
C ASN A 54 -8.34 1.56 -18.26
N PRO A 55 -7.29 2.41 -18.10
CA PRO A 55 -6.36 2.42 -16.97
C PRO A 55 -6.76 1.52 -15.81
N GLU A 56 -6.19 0.31 -15.81
CA GLU A 56 -6.51 -0.68 -14.80
C GLU A 56 -5.46 -0.73 -13.68
N ALA A 57 -4.52 -1.68 -13.75
CA ALA A 57 -3.54 -1.89 -12.69
C ALA A 57 -2.43 -0.83 -12.70
N PRO A 58 -2.43 0.08 -11.70
CA PRO A 58 -1.40 1.09 -11.56
C PRO A 58 -0.23 0.56 -10.74
N ILE A 59 0.53 1.45 -10.10
CA ILE A 59 1.66 1.03 -9.28
C ILE A 59 1.27 1.01 -7.80
N CYS A 60 2.05 0.29 -7.01
CA CYS A 60 1.80 0.18 -5.57
C CYS A 60 3.08 -0.15 -4.82
N GLU A 61 3.28 0.51 -3.69
CA GLU A 61 4.45 0.29 -2.86
C GLU A 61 4.10 0.34 -1.39
N SER A 62 5.06 0.00 -0.54
CA SER A 62 4.84 0.00 0.90
C SER A 62 5.58 1.15 1.56
N VAL A 63 4.82 1.97 2.29
CA VAL A 63 5.40 3.10 3.01
C VAL A 63 6.56 2.63 3.89
N LYS A 64 7.76 2.66 3.34
CA LYS A 64 8.95 2.21 4.05
C LYS A 64 9.31 3.15 5.21
N CYS A 65 9.57 2.56 6.38
CA CYS A 65 9.98 3.33 7.54
C CYS A 65 11.42 2.98 7.88
N GLN A 66 12.30 3.97 7.83
CA GLN A 66 13.70 3.75 8.14
C GLN A 66 13.88 3.45 9.63
N SER A 67 15.09 3.67 10.13
CA SER A 67 15.38 3.43 11.53
C SER A 67 14.37 4.14 12.42
N PRO A 68 13.97 3.51 13.54
CA PRO A 68 13.00 4.10 14.47
C PRO A 68 13.53 5.41 15.06
N PRO A 69 12.61 6.26 15.55
CA PRO A 69 12.98 7.56 16.13
C PRO A 69 14.19 7.46 17.06
N SER A 70 14.88 8.59 17.23
CA SER A 70 16.05 8.64 18.09
C SER A 70 15.72 9.37 19.40
N ILE A 71 15.29 8.61 20.40
CA ILE A 71 14.94 9.17 21.68
C ILE A 71 16.17 9.67 22.43
N SER A 72 15.96 10.27 23.59
CA SER A 72 17.05 10.77 24.41
C SER A 72 17.46 9.72 25.45
N ASN A 73 18.75 9.64 25.72
CA ASN A 73 19.27 8.68 26.68
C ASN A 73 18.88 7.27 26.30
N GLY A 74 18.74 7.03 25.00
CA GLY A 74 18.37 5.71 24.52
C GLY A 74 18.24 5.65 23.01
N ARG A 75 17.82 4.50 22.50
CA ARG A 75 17.65 4.30 21.07
C ARG A 75 16.94 2.99 20.80
N HIS A 76 16.81 2.64 19.54
CA HIS A 76 16.15 1.39 19.16
C HIS A 76 17.14 0.22 19.18
N ASN A 77 16.63 -0.98 18.95
CA ASN A 77 17.47 -2.17 18.99
C ASN A 77 17.68 -2.77 17.60
N GLY A 78 16.62 -2.74 16.77
CA GLY A 78 16.70 -3.30 15.44
C GLY A 78 18.01 -3.03 14.74
N TYR A 79 18.27 -1.75 14.50
CA TYR A 79 19.47 -1.30 13.85
C TYR A 79 19.47 -1.76 12.41
N GLU A 80 18.26 -1.95 11.87
CA GLU A 80 18.11 -2.33 10.50
C GLU A 80 18.29 -1.12 9.60
N ASP A 81 17.94 -1.23 8.34
CA ASP A 81 18.07 -0.10 7.42
C ASP A 81 16.70 0.40 6.98
N PHE A 82 15.71 -0.47 7.05
CA PHE A 82 14.36 -0.09 6.64
C PHE A 82 13.32 -0.99 7.27
N TYR A 83 12.09 -0.50 7.30
CA TYR A 83 10.98 -1.25 7.87
C TYR A 83 9.71 -1.01 7.04
N THR A 84 8.69 -1.81 7.27
CA THR A 84 7.44 -1.68 6.51
C THR A 84 6.23 -1.58 7.43
N ASP A 85 5.09 -1.23 6.85
CA ASP A 85 3.86 -1.11 7.61
C ASP A 85 3.52 -2.41 8.31
N GLY A 86 3.83 -2.44 9.59
CA GLY A 86 3.56 -3.61 10.38
C GLY A 86 4.79 -4.16 11.08
N SER A 87 5.86 -3.38 11.10
CA SER A 87 7.09 -3.82 11.76
C SER A 87 7.15 -3.27 13.18
N VAL A 88 7.94 -3.91 14.02
CA VAL A 88 8.07 -3.49 15.41
C VAL A 88 9.54 -3.45 15.84
N VAL A 89 9.82 -2.66 16.87
CA VAL A 89 11.17 -2.53 17.38
C VAL A 89 11.15 -2.23 18.87
N THR A 90 12.20 -2.63 19.56
CA THR A 90 12.29 -2.42 21.00
C THR A 90 13.38 -1.41 21.34
N TYR A 91 12.98 -0.33 21.99
CA TYR A 91 13.91 0.72 22.36
C TYR A 91 14.69 0.37 23.62
N SER A 92 15.86 0.97 23.77
CA SER A 92 16.70 0.72 24.93
C SER A 92 17.62 1.91 25.22
N CYS A 93 17.84 2.17 26.50
CA CYS A 93 18.69 3.28 26.92
C CYS A 93 20.16 3.02 26.58
N ASN A 94 20.96 4.08 26.64
CA ASN A 94 22.37 3.98 26.34
C ASN A 94 23.18 3.77 27.63
N SER A 95 23.20 4.78 28.49
CA SER A 95 23.93 4.70 29.75
C SER A 95 23.26 3.74 30.72
N GLY A 96 21.94 3.69 30.68
CA GLY A 96 21.19 2.82 31.56
C GLY A 96 20.01 3.52 32.23
N TYR A 97 19.27 4.28 31.43
CA TYR A 97 18.12 5.01 31.93
C TYR A 97 16.92 4.08 32.06
N SER A 98 15.75 4.65 32.34
CA SER A 98 14.53 3.88 32.47
C SER A 98 13.57 4.20 31.35
N LEU A 99 13.54 3.35 30.32
CA LEU A 99 12.68 3.55 29.18
C LEU A 99 11.26 3.83 29.61
N ILE A 100 10.61 4.68 28.84
CA ILE A 100 9.26 5.09 29.12
C ILE A 100 8.34 4.77 27.95
N GLY A 101 7.04 4.75 28.20
CA GLY A 101 6.08 4.48 27.15
C GLY A 101 6.44 3.27 26.31
N ASN A 102 6.80 2.21 27.00
CA ASN A 102 7.16 0.92 26.42
C ASN A 102 8.10 1.01 25.22
N SER A 103 9.17 0.22 25.30
CA SER A 103 10.18 0.15 24.24
C SER A 103 9.57 -0.19 22.89
N GLY A 104 8.51 -1.00 22.92
CA GLY A 104 7.86 -1.42 21.68
C GLY A 104 7.43 -0.26 20.81
N VAL A 105 7.79 -0.32 19.54
CA VAL A 105 7.40 0.72 18.58
C VAL A 105 6.75 0.07 17.36
N LEU A 106 5.84 0.79 16.71
CA LEU A 106 5.14 0.24 15.55
C LEU A 106 5.55 0.97 14.27
N CYS A 107 6.06 0.20 13.31
CA CYS A 107 6.42 0.75 12.02
C CYS A 107 5.20 0.71 11.10
N SER A 108 4.56 1.86 10.95
CA SER A 108 3.36 1.97 10.12
C SER A 108 3.23 3.37 9.53
N GLY A 109 2.27 3.53 8.61
CA GLY A 109 2.05 4.82 7.98
C GLY A 109 3.34 5.47 7.51
N GLY A 110 4.35 4.65 7.23
CA GLY A 110 5.63 5.19 6.79
C GLY A 110 6.37 5.89 7.91
N GLU A 111 5.99 5.60 9.14
CA GLU A 111 6.63 6.20 10.30
C GLU A 111 6.52 5.28 11.51
N TRP A 112 7.00 5.75 12.66
CA TRP A 112 6.97 4.97 13.88
C TRP A 112 6.00 5.57 14.88
N SER A 113 5.07 4.74 15.36
CA SER A 113 4.08 5.20 16.32
C SER A 113 4.39 4.68 17.72
N ASP A 114 3.79 5.33 18.72
CA ASP A 114 3.97 4.95 20.11
C ASP A 114 5.43 4.74 20.49
N PRO A 115 6.32 5.66 20.09
CA PRO A 115 7.74 5.60 20.45
C PRO A 115 7.92 5.88 21.95
N PRO A 116 8.95 5.31 22.59
CA PRO A 116 9.16 5.47 24.01
C PRO A 116 10.13 6.57 24.37
N THR A 117 10.29 6.75 25.68
CA THR A 117 11.24 7.71 26.23
C THR A 117 12.24 6.98 27.07
N CYS A 118 12.91 7.70 27.95
CA CYS A 118 13.95 7.09 28.73
C CYS A 118 14.42 8.03 29.82
N GLN A 119 13.78 7.93 30.98
CA GLN A 119 14.07 8.78 32.11
C GLN A 119 14.48 7.98 33.33
N ILE A 120 14.85 8.68 34.39
CA ILE A 120 15.25 8.04 35.64
C ILE A 120 14.06 7.85 36.56
N ARG A 1 18.19 7.22 29.22
CA ARG A 1 18.81 7.45 27.92
C ARG A 1 17.82 7.17 26.79
N ARG A 2 17.94 7.93 25.70
CA ARG A 2 17.07 7.77 24.55
C ARG A 2 17.72 6.91 23.48
N CYS A 3 16.89 6.31 22.63
CA CYS A 3 17.37 5.48 21.54
C CYS A 3 18.06 6.35 20.49
N PRO A 4 18.65 5.76 19.44
CA PRO A 4 19.30 6.51 18.39
C PRO A 4 18.32 6.89 17.29
N SER A 5 18.81 7.62 16.29
CA SER A 5 17.97 8.03 15.18
C SER A 5 17.23 6.83 14.59
N PRO A 6 15.92 6.70 14.86
CA PRO A 6 15.13 5.58 14.37
C PRO A 6 15.38 5.31 12.89
N ARG A 7 15.00 4.11 12.46
CA ARG A 7 15.14 3.72 11.07
C ARG A 7 14.28 4.63 10.21
N ASP A 8 14.20 4.31 8.93
CA ASP A 8 13.40 5.09 8.01
C ASP A 8 12.74 4.20 6.96
N ILE A 9 12.06 4.84 6.02
CA ILE A 9 11.38 4.12 4.95
C ILE A 9 11.40 4.96 3.66
N ASP A 10 11.55 4.29 2.53
CA ASP A 10 11.63 4.96 1.24
C ASP A 10 10.27 5.49 0.79
N ASN A 11 9.31 4.58 0.60
CA ASN A 11 7.98 4.96 0.13
C ASN A 11 7.03 5.19 1.30
N GLY A 12 7.57 5.64 2.43
CA GLY A 12 6.74 5.89 3.59
C GLY A 12 7.25 7.04 4.43
N GLN A 13 6.50 7.35 5.49
CA GLN A 13 6.88 8.42 6.40
C GLN A 13 6.68 7.98 7.85
N LEU A 14 7.70 8.19 8.68
CA LEU A 14 7.64 7.79 10.07
C LEU A 14 6.93 8.82 10.94
N ASP A 15 6.42 8.37 12.07
CA ASP A 15 5.73 9.24 13.01
C ASP A 15 6.32 9.09 14.41
N ILE A 16 7.46 9.72 14.63
CA ILE A 16 8.16 9.62 15.91
C ILE A 16 7.41 10.34 17.02
N GLY A 17 6.69 9.58 17.83
CA GLY A 17 5.98 10.14 18.95
C GLY A 17 6.78 10.01 20.24
N GLY A 18 8.07 9.74 20.11
CA GLY A 18 8.92 9.57 21.27
C GLY A 18 10.08 8.64 21.02
N VAL A 19 11.25 8.99 21.53
CA VAL A 19 12.45 8.16 21.34
C VAL A 19 13.07 7.79 22.68
N ASP A 20 12.23 7.63 23.69
CA ASP A 20 12.69 7.26 25.03
C ASP A 20 12.44 5.78 25.28
N PHE A 21 13.30 5.15 26.08
CA PHE A 21 13.17 3.74 26.39
C PHE A 21 11.75 3.42 26.85
N GLY A 22 10.91 3.03 25.90
CA GLY A 22 9.53 2.73 26.23
C GLY A 22 8.54 3.40 25.29
N SER A 23 9.04 4.20 24.36
CA SER A 23 8.19 4.89 23.40
C SER A 23 7.97 4.02 22.17
N SER A 24 7.32 4.59 21.15
CA SER A 24 7.04 3.86 19.93
C SER A 24 6.87 4.81 18.76
N ILE A 25 7.14 4.31 17.56
CA ILE A 25 7.02 5.11 16.35
C ILE A 25 5.93 4.55 15.44
N THR A 26 5.49 5.34 14.47
CA THR A 26 4.45 4.91 13.55
C THR A 26 4.91 5.01 12.10
N TYR A 27 4.92 3.88 11.40
CA TYR A 27 5.35 3.83 10.01
C TYR A 27 4.15 3.87 9.07
N SER A 28 4.25 4.69 8.03
CA SER A 28 3.18 4.81 7.05
C SER A 28 3.75 5.00 5.66
N CYS A 29 2.94 4.69 4.64
CA CYS A 29 3.37 4.84 3.25
C CYS A 29 3.35 6.30 2.83
N ASN A 30 3.95 6.59 1.68
CA ASN A 30 4.00 7.95 1.17
C ASN A 30 2.60 8.46 0.86
N SER A 31 2.09 8.10 -0.31
CA SER A 31 0.76 8.52 -0.73
C SER A 31 0.21 7.59 -1.80
N GLY A 32 -1.05 7.18 -1.63
CA GLY A 32 -1.67 6.27 -2.58
C GLY A 32 -0.98 4.92 -2.60
N TYR A 33 -0.31 4.58 -1.51
CA TYR A 33 0.39 3.31 -1.41
C TYR A 33 -0.23 2.43 -0.34
N HIS A 34 0.33 1.23 -0.15
CA HIS A 34 -0.16 0.31 0.87
C HIS A 34 1.00 -0.31 1.62
N LEU A 35 1.11 0.05 2.91
CA LEU A 35 2.17 -0.48 3.75
C LEU A 35 1.83 -1.89 4.22
N ILE A 36 2.73 -2.83 3.94
CA ILE A 36 2.51 -4.21 4.32
C ILE A 36 3.26 -4.56 5.59
N GLY A 37 2.73 -5.53 6.33
CA GLY A 37 3.35 -5.94 7.57
C GLY A 37 2.97 -5.04 8.73
N GLU A 38 3.94 -4.70 9.57
CA GLU A 38 3.69 -3.82 10.70
C GLU A 38 3.73 -2.36 10.28
N SER A 39 3.59 -1.47 11.26
CA SER A 39 3.58 -0.06 11.01
C SER A 39 3.99 0.73 12.24
N LYS A 40 4.69 0.08 13.16
CA LYS A 40 5.10 0.75 14.39
C LYS A 40 6.43 0.23 14.92
N SER A 41 7.25 1.15 15.40
CA SER A 41 8.55 0.82 15.98
C SER A 41 8.50 1.02 17.48
N TYR A 42 9.21 0.18 18.23
CA TYR A 42 9.20 0.33 19.69
C TYR A 42 10.60 0.51 20.28
N CYS A 43 10.79 1.65 20.93
CA CYS A 43 12.05 1.96 21.57
C CYS A 43 12.27 1.09 22.80
N GLU A 44 13.01 0.01 22.63
CA GLU A 44 13.28 -0.91 23.73
C GLU A 44 14.77 -1.10 23.93
N LEU A 45 15.12 -2.02 24.83
CA LEU A 45 16.52 -2.30 25.13
C LEU A 45 17.03 -3.48 24.32
N GLY A 46 18.34 -3.51 24.08
CA GLY A 46 18.93 -4.59 23.33
C GLY A 46 19.00 -5.88 24.12
N SER A 47 20.20 -6.49 24.15
CA SER A 47 20.40 -7.73 24.88
C SER A 47 21.37 -7.53 26.04
N THR A 48 22.33 -6.64 25.85
CA THR A 48 23.32 -6.34 26.87
C THR A 48 22.97 -5.06 27.63
N GLY A 49 21.67 -4.81 27.78
CA GLY A 49 21.22 -3.62 28.47
C GLY A 49 21.48 -2.36 27.67
N SER A 50 21.52 -2.50 26.36
CA SER A 50 21.76 -1.35 25.47
C SER A 50 20.45 -0.76 24.99
N MET A 51 20.51 0.02 23.93
CA MET A 51 19.33 0.64 23.34
C MET A 51 19.10 0.14 21.93
N VAL A 52 17.83 0.00 21.56
CA VAL A 52 17.48 -0.47 20.23
C VAL A 52 16.05 -0.07 19.87
N TRP A 53 15.67 -0.32 18.63
CA TRP A 53 14.34 0.02 18.15
C TRP A 53 13.62 -1.21 17.61
N ASN A 54 12.44 -1.49 18.14
CA ASN A 54 11.63 -2.61 17.69
C ASN A 54 11.11 -2.34 16.29
N PRO A 55 10.62 -3.38 15.58
CA PRO A 55 10.10 -3.33 14.21
C PRO A 55 9.88 -1.93 13.68
N GLU A 56 10.85 -1.48 12.87
CA GLU A 56 10.84 -0.12 12.32
C GLU A 56 10.16 -0.03 10.95
N ALA A 57 10.94 -0.15 9.89
CA ALA A 57 10.43 0.03 8.53
C ALA A 57 9.75 -1.22 7.98
N PRO A 58 8.41 -1.18 7.82
CA PRO A 58 7.64 -2.28 7.23
C PRO A 58 7.75 -2.27 5.70
N ILE A 59 6.74 -2.81 5.03
CA ILE A 59 6.72 -2.83 3.57
C ILE A 59 5.93 -1.65 3.03
N CYS A 60 6.06 -1.40 1.72
CA CYS A 60 5.36 -0.31 1.08
C CYS A 60 5.42 -0.48 -0.44
N GLU A 61 4.28 -0.33 -1.09
CA GLU A 61 4.21 -0.47 -2.52
C GLU A 61 3.11 0.41 -3.11
N SER A 62 3.15 0.60 -4.42
CA SER A 62 2.16 1.43 -5.08
C SER A 62 0.95 0.60 -5.49
N VAL A 63 -0.20 0.98 -4.96
CA VAL A 63 -1.46 0.32 -5.26
C VAL A 63 -1.58 -0.07 -6.72
N LYS A 64 -1.15 -1.28 -7.07
CA LYS A 64 -1.27 -1.73 -8.44
C LYS A 64 -2.46 -2.67 -8.60
N CYS A 65 -3.03 -2.68 -9.80
CA CYS A 65 -4.22 -3.48 -10.09
C CYS A 65 -3.99 -4.38 -11.29
N GLN A 66 -4.42 -5.62 -11.17
CA GLN A 66 -4.23 -6.60 -12.20
C GLN A 66 -5.04 -6.30 -13.44
N SER A 67 -5.00 -7.26 -14.35
CA SER A 67 -5.79 -7.21 -15.56
C SER A 67 -7.23 -6.85 -15.20
N PRO A 68 -7.78 -5.79 -15.79
CA PRO A 68 -9.12 -5.32 -15.45
C PRO A 68 -10.12 -6.47 -15.37
N PRO A 69 -11.18 -6.30 -14.56
CA PRO A 69 -12.19 -7.35 -14.36
C PRO A 69 -12.63 -8.01 -15.66
N SER A 70 -13.09 -9.24 -15.55
CA SER A 70 -13.55 -9.99 -16.71
C SER A 70 -15.07 -10.02 -16.77
N ILE A 71 -15.66 -9.04 -17.45
CA ILE A 71 -17.11 -8.97 -17.58
C ILE A 71 -17.64 -10.09 -18.45
N SER A 72 -18.95 -10.21 -18.51
CA SER A 72 -19.58 -11.26 -19.30
C SER A 72 -19.92 -10.74 -20.70
N ASN A 73 -19.60 -11.54 -21.71
CA ASN A 73 -19.86 -11.17 -23.09
C ASN A 73 -19.00 -9.98 -23.50
N GLY A 74 -17.84 -9.85 -22.86
CA GLY A 74 -16.95 -8.75 -23.19
C GLY A 74 -15.60 -8.89 -22.52
N ARG A 75 -14.69 -7.96 -22.82
CA ARG A 75 -13.34 -7.99 -22.28
C ARG A 75 -12.78 -6.60 -22.09
N HIS A 76 -11.49 -6.55 -21.86
CA HIS A 76 -10.77 -5.29 -21.68
C HIS A 76 -9.57 -5.22 -22.60
N ASN A 77 -9.09 -4.00 -22.83
CA ASN A 77 -7.95 -3.79 -23.70
C ASN A 77 -6.64 -3.97 -22.92
N GLY A 78 -6.16 -2.89 -22.31
CA GLY A 78 -4.94 -2.95 -21.53
C GLY A 78 -3.75 -3.41 -22.36
N TYR A 79 -2.56 -2.96 -21.96
CA TYR A 79 -1.33 -3.33 -22.66
C TYR A 79 -0.42 -4.15 -21.76
N GLU A 80 -0.45 -3.84 -20.47
CA GLU A 80 0.37 -4.53 -19.49
C GLU A 80 -0.45 -5.52 -18.69
N ASP A 81 0.20 -6.14 -17.71
CA ASP A 81 -0.48 -7.07 -16.82
C ASP A 81 -0.86 -6.37 -15.53
N PHE A 82 -0.02 -5.42 -15.14
CA PHE A 82 -0.23 -4.64 -13.94
C PHE A 82 -0.74 -3.24 -14.27
N TYR A 83 -1.27 -2.57 -13.27
CA TYR A 83 -1.78 -1.22 -13.42
C TYR A 83 -1.68 -0.54 -12.06
N THR A 84 -1.82 0.78 -12.02
CA THR A 84 -1.69 1.46 -10.73
C THR A 84 -2.59 2.69 -10.62
N ASP A 85 -2.47 3.38 -9.48
CA ASP A 85 -3.26 4.58 -9.23
C ASP A 85 -3.19 5.54 -10.38
N GLY A 86 -4.18 5.46 -11.25
CA GLY A 86 -4.25 6.37 -12.35
C GLY A 86 -4.29 5.67 -13.70
N SER A 87 -4.46 4.35 -13.69
CA SER A 87 -4.52 3.61 -14.96
C SER A 87 -5.97 3.41 -15.39
N VAL A 88 -6.19 3.47 -16.70
CA VAL A 88 -7.53 3.29 -17.25
C VAL A 88 -7.52 2.27 -18.37
N VAL A 89 -8.63 1.58 -18.54
CA VAL A 89 -8.76 0.58 -19.60
C VAL A 89 -10.15 0.58 -20.20
N THR A 90 -10.21 0.28 -21.49
CA THR A 90 -11.48 0.26 -22.21
C THR A 90 -11.96 -1.17 -22.43
N TYR A 91 -13.22 -1.42 -22.08
CA TYR A 91 -13.80 -2.75 -22.24
C TYR A 91 -14.48 -2.90 -23.60
N SER A 92 -14.57 -4.14 -24.07
CA SER A 92 -15.19 -4.41 -25.37
C SER A 92 -15.93 -5.74 -25.37
N CYS A 93 -17.14 -5.73 -25.91
CA CYS A 93 -17.95 -6.95 -25.99
C CYS A 93 -17.35 -7.95 -26.98
N ASN A 94 -17.71 -9.21 -26.81
CA ASN A 94 -17.19 -10.27 -27.69
C ASN A 94 -18.17 -10.57 -28.83
N SER A 95 -19.13 -11.46 -28.56
CA SER A 95 -20.10 -11.86 -29.57
C SER A 95 -20.65 -10.66 -30.34
N GLY A 96 -20.66 -9.50 -29.69
CA GLY A 96 -21.15 -8.29 -30.35
C GLY A 96 -22.21 -7.59 -29.51
N TYR A 97 -22.01 -7.58 -28.20
CA TYR A 97 -22.95 -6.94 -27.29
C TYR A 97 -22.70 -5.43 -27.23
N SER A 98 -23.41 -4.76 -26.32
CA SER A 98 -23.27 -3.32 -26.17
C SER A 98 -22.62 -2.98 -24.83
N LEU A 99 -21.42 -2.43 -24.92
CA LEU A 99 -20.67 -2.00 -23.74
C LEU A 99 -21.57 -1.19 -22.80
N ILE A 100 -21.89 -1.78 -21.66
CA ILE A 100 -22.76 -1.14 -20.69
C ILE A 100 -21.96 -0.22 -19.79
N GLY A 101 -22.64 0.76 -19.20
CA GLY A 101 -21.96 1.71 -18.34
C GLY A 101 -20.87 2.45 -19.07
N ASN A 102 -19.67 2.45 -18.51
CA ASN A 102 -18.53 3.09 -19.13
C ASN A 102 -17.45 2.07 -19.48
N SER A 103 -16.94 2.16 -20.69
CA SER A 103 -15.89 1.25 -21.14
C SER A 103 -14.60 1.50 -20.36
N GLY A 104 -14.42 2.74 -19.94
CA GLY A 104 -13.23 3.10 -19.18
C GLY A 104 -13.30 2.65 -17.74
N VAL A 105 -12.29 1.91 -17.30
CA VAL A 105 -12.22 1.44 -15.92
C VAL A 105 -11.02 2.05 -15.22
N LEU A 106 -11.26 2.70 -14.08
CA LEU A 106 -10.19 3.34 -13.34
C LEU A 106 -9.41 2.34 -12.49
N CYS A 107 -8.10 2.45 -12.53
CA CYS A 107 -7.23 1.62 -11.72
C CYS A 107 -6.61 2.44 -10.60
N SER A 108 -7.07 2.23 -9.37
CA SER A 108 -6.55 2.96 -8.23
C SER A 108 -6.94 2.29 -6.92
N GLY A 109 -5.96 2.17 -6.02
CA GLY A 109 -6.22 1.55 -4.74
C GLY A 109 -5.98 0.05 -4.77
N GLY A 110 -5.28 -0.42 -5.79
CA GLY A 110 -5.02 -1.84 -5.93
C GLY A 110 -6.14 -2.56 -6.63
N GLU A 111 -7.17 -1.81 -7.05
CA GLU A 111 -8.31 -2.39 -7.72
C GLU A 111 -8.76 -1.55 -8.92
N TRP A 112 -9.91 -1.93 -9.43
CA TRP A 112 -10.53 -1.25 -10.56
C TRP A 112 -11.88 -0.67 -10.15
N SER A 113 -12.35 0.32 -10.92
CA SER A 113 -13.62 0.96 -10.61
C SER A 113 -14.42 1.26 -11.88
N ASP A 114 -15.72 1.48 -11.68
CA ASP A 114 -16.63 1.80 -12.78
C ASP A 114 -16.45 0.88 -14.00
N PRO A 115 -16.51 -0.44 -13.78
CA PRO A 115 -16.41 -1.42 -14.87
C PRO A 115 -17.73 -1.58 -15.60
N PRO A 116 -17.70 -1.84 -16.91
CA PRO A 116 -18.90 -1.96 -17.73
C PRO A 116 -19.43 -3.37 -17.85
N THR A 117 -20.44 -3.52 -18.71
CA THR A 117 -21.05 -4.80 -18.99
C THR A 117 -21.27 -4.96 -20.49
N CYS A 118 -22.01 -5.99 -20.87
CA CYS A 118 -22.26 -6.25 -22.29
C CYS A 118 -23.65 -6.82 -22.49
N GLN A 119 -24.60 -5.95 -22.80
CA GLN A 119 -25.97 -6.36 -23.03
C GLN A 119 -26.45 -5.89 -24.39
N ILE A 120 -27.45 -6.59 -24.92
CA ILE A 120 -28.00 -6.25 -26.23
C ILE A 120 -29.01 -5.12 -26.10
N ARG A 1 14.88 5.42 30.59
CA ARG A 1 13.52 5.77 30.20
C ARG A 1 13.15 5.15 28.86
N ARG A 2 12.03 5.59 28.31
CA ARG A 2 11.55 5.07 27.03
C ARG A 2 12.60 5.25 25.93
N CYS A 3 12.21 4.98 24.70
CA CYS A 3 13.10 5.12 23.56
C CYS A 3 12.91 6.49 22.92
N PRO A 4 13.91 6.94 22.14
CA PRO A 4 13.83 8.24 21.45
C PRO A 4 12.78 8.21 20.35
N SER A 5 12.42 9.38 19.85
CA SER A 5 11.41 9.48 18.81
C SER A 5 11.73 8.55 17.64
N PRO A 6 10.99 7.42 17.53
CA PRO A 6 11.21 6.46 16.46
C PRO A 6 11.49 7.12 15.12
N ARG A 7 12.07 6.36 14.19
CA ARG A 7 12.36 6.87 12.87
C ARG A 7 11.08 7.10 12.10
N ASP A 8 11.18 7.75 10.96
CA ASP A 8 10.00 8.05 10.17
C ASP A 8 10.01 7.33 8.83
N ILE A 9 9.04 7.65 7.99
CA ILE A 9 8.90 7.03 6.68
C ILE A 9 8.30 8.01 5.69
N ASP A 10 8.68 7.85 4.42
CA ASP A 10 8.13 8.70 3.37
C ASP A 10 6.87 8.05 2.80
N ASN A 11 6.05 8.83 2.14
CA ASN A 11 4.80 8.33 1.57
C ASN A 11 4.06 7.44 2.58
N GLY A 12 4.28 7.72 3.86
CA GLY A 12 3.66 6.93 4.91
C GLY A 12 3.74 7.61 6.27
N GLN A 13 3.01 7.07 7.24
CA GLN A 13 3.00 7.62 8.59
C GLN A 13 3.11 6.51 9.61
N LEU A 14 3.60 6.86 10.79
CA LEU A 14 3.76 5.89 11.87
C LEU A 14 2.54 5.87 12.79
N ASP A 15 2.42 4.80 13.56
CA ASP A 15 1.33 4.66 14.52
C ASP A 15 1.90 4.30 15.89
N ILE A 16 2.48 5.30 16.55
CA ILE A 16 3.15 5.08 17.83
C ILE A 16 2.15 4.91 18.97
N GLY A 17 1.97 3.67 19.40
CA GLY A 17 1.12 3.38 20.53
C GLY A 17 1.94 3.13 21.79
N GLY A 18 3.22 3.46 21.73
CA GLY A 18 4.10 3.25 22.86
C GLY A 18 5.56 3.38 22.48
N VAL A 19 6.36 4.05 23.32
CA VAL A 19 7.77 4.26 23.02
C VAL A 19 8.68 3.76 24.14
N ASP A 20 8.09 3.18 25.19
CA ASP A 20 8.89 2.68 26.30
C ASP A 20 9.64 1.42 25.91
N PHE A 21 10.63 1.05 26.71
CA PHE A 21 11.44 -0.13 26.45
C PHE A 21 10.57 -1.37 26.33
N GLY A 22 10.13 -1.67 25.11
CA GLY A 22 9.31 -2.83 24.88
C GLY A 22 8.05 -2.53 24.08
N SER A 23 7.85 -1.24 23.75
CA SER A 23 6.68 -0.84 22.99
C SER A 23 6.91 -1.07 21.51
N SER A 24 5.82 -1.10 20.73
CA SER A 24 5.93 -1.31 19.30
C SER A 24 5.11 -0.28 18.54
N ILE A 25 5.58 0.06 17.34
CA ILE A 25 4.90 1.05 16.51
C ILE A 25 4.24 0.38 15.30
N THR A 26 3.42 1.13 14.57
CA THR A 26 2.76 0.62 13.39
C THR A 26 2.88 1.57 12.22
N TYR A 27 3.64 1.16 11.21
CA TYR A 27 3.88 2.00 10.04
C TYR A 27 2.77 1.84 9.00
N SER A 28 2.51 2.92 8.26
CA SER A 28 1.48 2.90 7.22
C SER A 28 1.84 3.84 6.08
N CYS A 29 1.21 3.63 4.92
CA CYS A 29 1.47 4.46 3.75
C CYS A 29 0.62 5.74 3.78
N ASN A 30 0.92 6.67 2.89
CA ASN A 30 0.21 7.93 2.83
C ASN A 30 -1.24 7.73 2.38
N SER A 31 -1.44 7.70 1.07
CA SER A 31 -2.78 7.52 0.51
C SER A 31 -2.70 6.90 -0.88
N GLY A 32 -3.52 5.88 -1.11
CA GLY A 32 -3.50 5.19 -2.39
C GLY A 32 -2.22 4.43 -2.61
N TYR A 33 -1.54 4.11 -1.51
CA TYR A 33 -0.28 3.38 -1.58
C TYR A 33 -0.42 2.03 -0.87
N HIS A 34 0.64 1.23 -0.93
CA HIS A 34 0.66 -0.06 -0.26
C HIS A 34 2.02 -0.31 0.37
N LEU A 35 2.02 -0.43 1.69
CA LEU A 35 3.26 -0.66 2.44
C LEU A 35 3.70 -2.11 2.33
N ILE A 36 4.92 -2.32 1.87
CA ILE A 36 5.46 -3.66 1.71
C ILE A 36 6.41 -4.00 2.83
N GLY A 37 6.72 -5.29 2.96
CA GLY A 37 7.61 -5.74 4.01
C GLY A 37 7.00 -5.58 5.39
N GLU A 38 7.82 -5.21 6.37
CA GLU A 38 7.33 -5.02 7.73
C GLU A 38 6.39 -3.83 7.80
N SER A 39 5.97 -3.51 9.01
CA SER A 39 5.07 -2.39 9.25
C SER A 39 4.92 -2.13 10.74
N LYS A 40 5.97 -2.41 11.49
CA LYS A 40 5.92 -2.25 12.94
C LYS A 40 7.32 -2.16 13.54
N SER A 41 7.56 -1.10 14.31
CA SER A 41 8.85 -0.91 14.98
C SER A 41 8.80 -1.49 16.38
N TYR A 42 9.91 -2.04 16.87
CA TYR A 42 9.91 -2.58 18.24
C TYR A 42 10.98 -1.93 19.10
N CYS A 43 10.52 -1.20 20.11
CA CYS A 43 11.42 -0.52 21.02
C CYS A 43 12.21 -1.51 21.86
N GLU A 44 13.46 -1.74 21.46
CA GLU A 44 14.32 -2.67 22.16
C GLU A 44 15.64 -1.99 22.54
N LEU A 45 16.48 -2.72 23.26
CA LEU A 45 17.77 -2.20 23.70
C LEU A 45 18.81 -2.27 22.58
N GLY A 46 19.86 -1.48 22.71
CA GLY A 46 20.90 -1.46 21.70
C GLY A 46 21.94 -2.55 21.92
N SER A 47 22.93 -2.26 22.75
CA SER A 47 23.99 -3.22 23.03
C SER A 47 24.60 -2.97 24.40
N THR A 48 24.90 -1.71 24.70
CA THR A 48 25.49 -1.34 25.97
C THR A 48 24.41 -0.90 26.98
N GLY A 49 23.15 -1.22 26.69
CA GLY A 49 22.08 -0.85 27.59
C GLY A 49 21.28 0.35 27.10
N SER A 50 21.51 0.74 25.85
CA SER A 50 20.80 1.86 25.26
C SER A 50 19.45 1.41 24.71
N MET A 51 18.53 2.37 24.54
CA MET A 51 17.21 2.05 24.02
C MET A 51 17.11 2.39 22.55
N VAL A 52 17.01 1.37 21.71
CA VAL A 52 16.91 1.56 20.27
C VAL A 52 15.54 1.11 19.76
N TRP A 53 15.40 1.02 18.44
CA TRP A 53 14.13 0.62 17.85
C TRP A 53 14.33 -0.48 16.82
N ASN A 54 13.35 -1.37 16.71
CA ASN A 54 13.37 -2.44 15.73
C ASN A 54 12.67 -1.99 14.47
N PRO A 55 12.83 -2.74 13.35
CA PRO A 55 12.25 -2.45 12.04
C PRO A 55 11.11 -1.43 12.06
N GLU A 56 11.45 -0.18 11.77
CA GLU A 56 10.48 0.92 11.79
C GLU A 56 9.87 1.16 10.42
N ALA A 57 10.64 1.82 9.53
CA ALA A 57 10.14 2.20 8.21
C ALA A 57 10.28 1.08 7.18
N PRO A 58 9.16 0.45 6.77
CA PRO A 58 9.15 -0.58 5.75
C PRO A 58 9.15 0.02 4.35
N ILE A 59 8.62 -0.72 3.37
CA ILE A 59 8.53 -0.21 2.01
C ILE A 59 7.19 0.50 1.81
N CYS A 60 7.09 1.21 0.70
CA CYS A 60 5.87 1.94 0.38
C CYS A 60 5.88 2.42 -1.06
N GLU A 61 4.83 2.10 -1.80
CA GLU A 61 4.71 2.52 -3.19
C GLU A 61 3.26 2.73 -3.56
N SER A 62 3.03 3.25 -4.76
CA SER A 62 1.68 3.52 -5.23
C SER A 62 0.98 2.24 -5.66
N VAL A 63 -0.24 2.07 -5.15
CA VAL A 63 -1.06 0.90 -5.43
C VAL A 63 -0.90 0.39 -6.87
N LYS A 64 -0.17 -0.70 -7.02
CA LYS A 64 0.00 -1.32 -8.32
C LYS A 64 -1.13 -2.29 -8.60
N CYS A 65 -2.14 -1.83 -9.33
CA CYS A 65 -3.27 -2.69 -9.68
C CYS A 65 -2.95 -3.54 -10.89
N GLN A 66 -3.16 -4.84 -10.76
CA GLN A 66 -2.91 -5.76 -11.86
C GLN A 66 -3.99 -5.64 -12.91
N SER A 67 -4.16 -6.67 -13.72
CA SER A 67 -5.16 -6.67 -14.77
C SER A 67 -6.52 -6.22 -14.23
N PRO A 68 -7.25 -5.37 -14.98
CA PRO A 68 -8.56 -4.87 -14.56
C PRO A 68 -9.57 -5.99 -14.34
N PRO A 69 -10.69 -5.68 -13.67
CA PRO A 69 -11.74 -6.67 -13.39
C PRO A 69 -12.09 -7.53 -14.60
N SER A 70 -12.65 -8.70 -14.32
CA SER A 70 -13.05 -9.63 -15.39
C SER A 70 -14.56 -9.70 -15.47
N ILE A 71 -15.15 -8.83 -16.29
CA ILE A 71 -16.61 -8.80 -16.44
C ILE A 71 -17.11 -10.04 -17.16
N SER A 72 -18.43 -10.22 -17.13
CA SER A 72 -19.05 -11.36 -17.78
C SER A 72 -19.23 -11.10 -19.28
N ASN A 73 -18.97 -12.13 -20.08
CA ASN A 73 -19.09 -12.00 -21.53
C ASN A 73 -18.22 -10.87 -22.05
N GLY A 74 -17.12 -10.60 -21.34
CA GLY A 74 -16.23 -9.53 -21.77
C GLY A 74 -14.82 -9.69 -21.24
N ARG A 75 -14.01 -8.66 -21.42
CA ARG A 75 -12.62 -8.67 -20.97
C ARG A 75 -12.00 -7.29 -21.08
N HIS A 76 -10.70 -7.22 -20.78
CA HIS A 76 -9.97 -5.96 -20.84
C HIS A 76 -8.89 -6.00 -21.91
N ASN A 77 -8.28 -4.86 -22.19
CA ASN A 77 -7.22 -4.77 -23.18
C ASN A 77 -6.25 -3.64 -22.86
N GLY A 78 -5.08 -4.00 -22.32
CA GLY A 78 -4.08 -3.02 -21.99
C GLY A 78 -2.77 -3.27 -22.69
N TYR A 79 -1.81 -2.37 -22.49
CA TYR A 79 -0.49 -2.50 -23.11
C TYR A 79 0.56 -2.89 -22.08
N GLU A 80 0.28 -2.57 -20.82
CA GLU A 80 1.20 -2.87 -19.74
C GLU A 80 0.76 -4.13 -18.99
N ASP A 81 1.45 -4.42 -17.89
CA ASP A 81 1.12 -5.58 -17.09
C ASP A 81 0.51 -5.17 -15.75
N PHE A 82 0.84 -3.95 -15.32
CA PHE A 82 0.33 -3.43 -14.06
C PHE A 82 -0.29 -2.05 -14.26
N TYR A 83 -0.79 -1.47 -13.17
CA TYR A 83 -1.43 -0.16 -13.23
C TYR A 83 -1.38 0.52 -11.86
N THR A 84 -1.62 1.84 -11.83
CA THR A 84 -1.58 2.57 -10.58
C THR A 84 -2.56 3.75 -10.57
N ASP A 85 -2.54 4.51 -9.49
CA ASP A 85 -3.42 5.66 -9.34
C ASP A 85 -3.33 6.59 -10.54
N GLY A 86 -4.22 6.38 -11.49
CA GLY A 86 -4.25 7.22 -12.67
C GLY A 86 -4.10 6.43 -13.96
N SER A 87 -4.37 5.13 -13.90
CA SER A 87 -4.26 4.30 -15.10
C SER A 87 -5.65 3.95 -15.63
N VAL A 88 -5.76 3.76 -16.94
CA VAL A 88 -7.03 3.44 -17.55
C VAL A 88 -6.90 2.26 -18.50
N VAL A 89 -8.00 1.55 -18.69
CA VAL A 89 -8.04 0.40 -19.58
C VAL A 89 -9.40 0.30 -20.26
N THR A 90 -9.41 -0.22 -21.48
CA THR A 90 -10.65 -0.37 -22.23
C THR A 90 -11.10 -1.82 -22.25
N TYR A 91 -12.36 -2.04 -21.91
CA TYR A 91 -12.94 -3.37 -21.87
C TYR A 91 -13.48 -3.78 -23.24
N SER A 92 -13.58 -5.09 -23.45
CA SER A 92 -14.09 -5.60 -24.72
C SER A 92 -14.92 -6.87 -24.52
N CYS A 93 -16.11 -6.90 -25.14
CA CYS A 93 -17.00 -8.05 -25.02
C CYS A 93 -16.42 -9.26 -25.76
N ASN A 94 -16.77 -10.44 -25.29
CA ASN A 94 -16.27 -11.68 -25.88
C ASN A 94 -17.19 -12.20 -26.99
N SER A 95 -18.35 -12.71 -26.62
CA SER A 95 -19.31 -13.24 -27.57
C SER A 95 -19.71 -12.18 -28.61
N GLY A 96 -19.48 -10.92 -28.29
CA GLY A 96 -19.84 -9.84 -29.19
C GLY A 96 -20.90 -8.93 -28.61
N TYR A 97 -20.94 -8.87 -27.29
CA TYR A 97 -21.91 -8.05 -26.58
C TYR A 97 -21.62 -6.56 -26.78
N SER A 98 -22.36 -5.72 -26.08
CA SER A 98 -22.18 -4.29 -26.17
C SER A 98 -21.65 -3.74 -24.84
N LEU A 99 -20.41 -3.27 -24.88
CA LEU A 99 -19.76 -2.72 -23.70
C LEU A 99 -20.65 -1.69 -23.01
N ILE A 100 -21.11 -2.02 -21.81
CA ILE A 100 -21.96 -1.14 -21.03
C ILE A 100 -21.16 -0.39 -19.99
N GLY A 101 -21.66 0.77 -19.56
CA GLY A 101 -20.96 1.54 -18.55
C GLY A 101 -19.58 1.97 -18.99
N ASN A 102 -19.43 2.10 -20.29
CA ASN A 102 -18.18 2.51 -20.89
C ASN A 102 -17.06 1.52 -20.57
N SER A 103 -16.36 1.08 -21.62
CA SER A 103 -15.28 0.13 -21.48
C SER A 103 -14.16 0.68 -20.61
N GLY A 104 -14.03 1.99 -20.58
CA GLY A 104 -12.99 2.62 -19.81
C GLY A 104 -13.06 2.28 -18.33
N VAL A 105 -11.91 2.00 -17.74
CA VAL A 105 -11.83 1.65 -16.32
C VAL A 105 -10.66 2.36 -15.65
N LEU A 106 -10.95 3.12 -14.60
CA LEU A 106 -9.92 3.84 -13.87
C LEU A 106 -9.21 2.94 -12.88
N CYS A 107 -7.88 3.06 -12.83
CA CYS A 107 -7.08 2.31 -11.89
C CYS A 107 -6.56 3.24 -10.80
N SER A 108 -7.10 3.11 -9.59
CA SER A 108 -6.67 3.96 -8.48
C SER A 108 -7.07 3.37 -7.13
N GLY A 109 -6.11 3.27 -6.23
CA GLY A 109 -6.36 2.73 -4.91
C GLY A 109 -6.25 1.23 -4.85
N GLY A 110 -5.39 0.67 -5.69
CA GLY A 110 -5.23 -0.77 -5.74
C GLY A 110 -6.45 -1.47 -6.29
N GLU A 111 -7.34 -0.70 -6.91
CA GLU A 111 -8.56 -1.25 -7.49
C GLU A 111 -8.93 -0.56 -8.78
N TRP A 112 -10.06 -0.97 -9.36
CA TRP A 112 -10.54 -0.41 -10.60
C TRP A 112 -11.96 0.13 -10.43
N SER A 113 -12.19 1.34 -10.91
CA SER A 113 -13.51 1.96 -10.79
C SER A 113 -14.19 2.10 -12.14
N ASP A 114 -15.51 2.19 -12.12
CA ASP A 114 -16.30 2.35 -13.34
C ASP A 114 -16.16 1.14 -14.27
N PRO A 115 -16.22 -0.09 -13.72
CA PRO A 115 -16.14 -1.31 -14.54
C PRO A 115 -17.40 -1.48 -15.40
N PRO A 116 -17.23 -1.86 -16.67
CA PRO A 116 -18.35 -2.01 -17.60
C PRO A 116 -19.02 -3.37 -17.54
N THR A 117 -19.95 -3.56 -18.45
CA THR A 117 -20.67 -4.81 -18.58
C THR A 117 -20.77 -5.21 -20.05
N CYS A 118 -21.49 -6.28 -20.33
CA CYS A 118 -21.64 -6.73 -21.71
C CYS A 118 -23.06 -7.20 -21.97
N GLN A 119 -23.89 -6.30 -22.50
CA GLN A 119 -25.28 -6.61 -22.78
C GLN A 119 -25.59 -6.36 -24.24
N ILE A 120 -26.66 -6.99 -24.72
CA ILE A 120 -27.08 -6.84 -26.10
C ILE A 120 -28.02 -5.64 -26.26
N ARG A 1 15.11 6.90 29.25
CA ARG A 1 16.06 7.22 28.19
C ARG A 1 15.49 6.87 26.82
N ARG A 2 14.70 7.79 26.27
CA ARG A 2 14.08 7.58 24.97
C ARG A 2 15.09 7.12 23.94
N CYS A 3 14.60 6.47 22.89
CA CYS A 3 15.44 5.99 21.81
C CYS A 3 15.91 7.17 20.95
N PRO A 4 16.78 6.93 19.96
CA PRO A 4 17.26 7.98 19.07
C PRO A 4 16.33 8.18 17.89
N SER A 5 16.72 9.03 16.96
CA SER A 5 15.91 9.28 15.78
C SER A 5 15.66 7.99 15.01
N PRO A 6 14.44 7.45 15.08
CA PRO A 6 14.11 6.19 14.40
C PRO A 6 14.53 6.21 12.93
N ARG A 7 14.90 5.05 12.41
CA ARG A 7 15.31 4.94 11.01
C ARG A 7 14.19 5.42 10.11
N ASP A 8 14.55 5.77 8.89
CA ASP A 8 13.59 6.32 7.96
C ASP A 8 13.26 5.34 6.85
N ILE A 9 12.40 5.78 5.93
CA ILE A 9 11.98 4.95 4.80
C ILE A 9 11.91 5.79 3.53
N ASP A 10 12.28 5.18 2.41
CA ASP A 10 12.29 5.87 1.13
C ASP A 10 10.88 6.00 0.55
N ASN A 11 10.30 4.89 0.14
CA ASN A 11 8.96 4.89 -0.45
C ASN A 11 7.89 4.71 0.62
N GLY A 12 8.06 5.41 1.75
CA GLY A 12 7.09 5.30 2.82
C GLY A 12 7.14 6.46 3.79
N GLN A 13 6.36 6.37 4.86
CA GLN A 13 6.30 7.43 5.87
C GLN A 13 6.13 6.83 7.26
N LEU A 14 7.00 7.24 8.19
CA LEU A 14 6.94 6.73 9.55
C LEU A 14 5.77 7.32 10.32
N ASP A 15 5.35 6.62 11.37
CA ASP A 15 4.27 7.06 12.23
C ASP A 15 4.70 6.98 13.68
N ILE A 16 5.54 7.93 14.10
CA ILE A 16 6.07 7.94 15.46
C ILE A 16 4.99 8.26 16.48
N GLY A 17 4.57 7.24 17.21
CA GLY A 17 3.59 7.43 18.26
C GLY A 17 4.16 7.13 19.63
N GLY A 18 5.49 7.17 19.74
CA GLY A 18 6.15 6.89 21.00
C GLY A 18 7.60 6.48 20.80
N VAL A 19 8.52 7.25 21.38
CA VAL A 19 9.94 6.96 21.27
C VAL A 19 10.56 6.67 22.63
N ASP A 20 9.76 6.13 23.53
CA ASP A 20 10.23 5.80 24.88
C ASP A 20 10.42 4.30 25.03
N PHE A 21 11.40 3.91 25.84
CA PHE A 21 11.70 2.50 26.08
C PHE A 21 10.43 1.72 26.37
N GLY A 22 9.88 1.08 25.33
CA GLY A 22 8.67 0.30 25.49
C GLY A 22 7.54 0.77 24.58
N SER A 23 7.89 1.55 23.55
CA SER A 23 6.89 2.05 22.61
C SER A 23 7.03 1.35 21.26
N SER A 24 6.47 1.96 20.22
CA SER A 24 6.55 1.39 18.88
C SER A 24 6.12 2.39 17.82
N ILE A 25 6.71 2.28 16.64
CA ILE A 25 6.39 3.17 15.54
C ILE A 25 5.57 2.45 14.47
N THR A 26 5.10 3.19 13.48
CA THR A 26 4.31 2.61 12.41
C THR A 26 4.82 3.04 11.03
N TYR A 27 5.30 2.06 10.27
CA TYR A 27 5.81 2.32 8.93
C TYR A 27 4.72 2.17 7.88
N SER A 28 4.70 3.08 6.92
CA SER A 28 3.71 3.05 5.85
C SER A 28 4.31 3.50 4.52
N CYS A 29 3.59 3.25 3.44
CA CYS A 29 4.05 3.63 2.11
C CYS A 29 3.58 5.04 1.76
N ASN A 30 4.16 5.62 0.71
CA ASN A 30 3.80 6.97 0.29
C ASN A 30 2.35 7.01 -0.20
N SER A 31 2.14 6.64 -1.46
CA SER A 31 0.81 6.64 -2.04
C SER A 31 0.73 5.63 -3.18
N GLY A 32 -0.37 4.88 -3.24
CA GLY A 32 -0.53 3.88 -4.26
C GLY A 32 0.56 2.83 -4.21
N TYR A 33 1.12 2.63 -3.02
CA TYR A 33 2.18 1.66 -2.82
C TYR A 33 1.76 0.58 -1.83
N HIS A 34 2.58 -0.45 -1.70
CA HIS A 34 2.32 -1.52 -0.74
C HIS A 34 3.56 -1.84 0.08
N LEU A 35 3.45 -1.68 1.39
CA LEU A 35 4.56 -1.93 2.29
C LEU A 35 4.66 -3.42 2.62
N ILE A 36 5.83 -3.98 2.36
CA ILE A 36 6.05 -5.40 2.63
C ILE A 36 6.88 -5.60 3.89
N GLY A 37 6.93 -6.83 4.36
CA GLY A 37 7.68 -7.13 5.56
C GLY A 37 6.97 -6.63 6.82
N GLU A 38 7.72 -5.99 7.70
CA GLU A 38 7.15 -5.44 8.93
C GLU A 38 6.48 -4.11 8.65
N SER A 39 5.99 -3.47 9.71
CA SER A 39 5.32 -2.20 9.60
C SER A 39 5.30 -1.46 10.92
N LYS A 40 6.23 -1.80 11.81
CA LYS A 40 6.27 -1.19 13.13
C LYS A 40 7.61 -1.40 13.81
N SER A 41 8.25 -0.31 14.21
CA SER A 41 9.52 -0.36 14.93
C SER A 41 9.25 -0.37 16.42
N TYR A 42 9.98 -1.18 17.18
CA TYR A 42 9.73 -1.22 18.63
C TYR A 42 10.90 -0.67 19.43
N CYS A 43 10.61 0.36 20.22
CA CYS A 43 11.62 0.99 21.05
C CYS A 43 11.95 0.10 22.25
N GLU A 44 13.09 -0.57 22.18
CA GLU A 44 13.51 -1.46 23.24
C GLU A 44 14.86 -1.06 23.80
N LEU A 45 15.42 -1.89 24.67
CA LEU A 45 16.70 -1.63 25.30
C LEU A 45 17.84 -2.26 24.50
N GLY A 46 18.97 -1.57 24.45
CA GLY A 46 20.11 -2.07 23.72
C GLY A 46 21.08 -2.85 24.58
N SER A 47 22.09 -2.16 25.10
CA SER A 47 23.09 -2.80 25.94
C SER A 47 22.55 -3.07 27.34
N THR A 48 21.49 -3.86 27.42
CA THR A 48 20.88 -4.20 28.69
C THR A 48 20.40 -2.96 29.43
N GLY A 49 20.04 -1.93 28.67
CA GLY A 49 19.58 -0.70 29.27
C GLY A 49 19.62 0.47 28.30
N SER A 50 20.51 0.39 27.32
CA SER A 50 20.65 1.45 26.33
C SER A 50 19.36 1.63 25.53
N MET A 51 19.47 2.30 24.39
CA MET A 51 18.31 2.56 23.54
C MET A 51 18.50 1.90 22.17
N VAL A 52 17.42 1.32 21.66
CA VAL A 52 17.44 0.66 20.36
C VAL A 52 16.05 0.61 19.75
N TRP A 53 16.00 0.35 18.45
CA TRP A 53 14.72 0.28 17.74
C TRP A 53 14.54 -1.05 17.03
N ASN A 54 13.49 -1.77 17.39
CA ASN A 54 13.17 -3.04 16.76
C ASN A 54 12.70 -2.82 15.32
N PRO A 55 12.64 -3.89 14.50
CA PRO A 55 12.23 -3.86 13.10
C PRO A 55 11.43 -2.62 12.71
N GLU A 56 12.11 -1.64 12.12
CA GLU A 56 11.49 -0.38 11.74
C GLU A 56 11.15 -0.31 10.26
N ALA A 57 12.15 -0.06 9.43
CA ALA A 57 11.95 0.14 8.00
C ALA A 57 11.72 -1.17 7.23
N PRO A 58 10.48 -1.41 6.77
CA PRO A 58 10.12 -2.58 5.97
C PRO A 58 10.34 -2.31 4.49
N ILE A 59 9.60 -3.02 3.63
CA ILE A 59 9.71 -2.82 2.19
C ILE A 59 8.59 -1.91 1.69
N CYS A 60 8.70 -1.49 0.44
CA CYS A 60 7.68 -0.63 -0.17
C CYS A 60 7.78 -0.67 -1.69
N GLU A 61 6.64 -0.57 -2.36
CA GLU A 61 6.59 -0.60 -3.81
C GLU A 61 5.25 -0.09 -4.33
N SER A 62 5.14 0.07 -5.65
CA SER A 62 3.91 0.55 -6.26
C SER A 62 3.00 -0.62 -6.64
N VAL A 63 1.87 -0.72 -5.96
CA VAL A 63 0.90 -1.77 -6.21
C VAL A 63 0.62 -1.92 -7.69
N LYS A 64 1.27 -2.90 -8.32
CA LYS A 64 1.08 -3.16 -9.74
C LYS A 64 -0.17 -3.99 -9.99
N CYS A 65 -1.14 -3.40 -10.70
CA CYS A 65 -2.38 -4.10 -11.01
C CYS A 65 -2.32 -4.68 -12.42
N GLN A 66 -2.64 -5.96 -12.54
CA GLN A 66 -2.63 -6.62 -13.84
C GLN A 66 -3.90 -6.28 -14.62
N SER A 67 -4.27 -7.15 -15.56
CA SER A 67 -5.46 -6.93 -16.36
C SER A 67 -6.66 -6.58 -15.48
N PRO A 68 -7.48 -5.60 -15.88
CA PRO A 68 -8.67 -5.19 -15.12
C PRO A 68 -9.66 -6.33 -14.94
N PRO A 69 -10.59 -6.19 -13.99
CA PRO A 69 -11.60 -7.22 -13.71
C PRO A 69 -12.13 -7.89 -14.98
N SER A 70 -12.64 -9.11 -14.82
CA SER A 70 -13.19 -9.86 -15.93
C SER A 70 -14.71 -9.95 -15.82
N ILE A 71 -15.39 -8.98 -16.42
CA ILE A 71 -16.85 -8.93 -16.37
C ILE A 71 -17.46 -10.06 -17.20
N SER A 72 -18.78 -10.16 -17.14
CA SER A 72 -19.50 -11.18 -17.89
C SER A 72 -20.15 -10.58 -19.13
N ASN A 73 -20.06 -11.30 -20.24
CA ASN A 73 -20.64 -10.83 -21.49
C ASN A 73 -19.86 -9.64 -22.03
N GLY A 74 -18.59 -9.56 -21.68
CA GLY A 74 -17.76 -8.47 -22.14
C GLY A 74 -16.29 -8.68 -21.84
N ARG A 75 -15.53 -7.60 -21.84
CA ARG A 75 -14.09 -7.67 -21.59
C ARG A 75 -13.50 -6.28 -21.41
N HIS A 76 -12.19 -6.24 -21.24
CA HIS A 76 -11.48 -4.98 -21.06
C HIS A 76 -10.62 -4.65 -22.28
N ASN A 77 -10.08 -3.43 -22.31
CA ASN A 77 -9.25 -2.99 -23.43
C ASN A 77 -7.78 -3.00 -23.04
N GLY A 78 -7.31 -1.89 -22.47
CA GLY A 78 -5.92 -1.81 -22.04
C GLY A 78 -4.94 -1.88 -23.19
N TYR A 79 -3.76 -1.29 -22.98
CA TYR A 79 -2.72 -1.28 -24.00
C TYR A 79 -1.51 -2.10 -23.55
N GLU A 80 -1.23 -2.02 -22.26
CA GLU A 80 -0.10 -2.73 -21.68
C GLU A 80 -0.54 -4.03 -21.02
N ASP A 81 0.38 -4.69 -20.33
CA ASP A 81 0.10 -5.95 -19.65
C ASP A 81 -0.15 -5.73 -18.16
N PHE A 82 0.36 -4.62 -17.64
CA PHE A 82 0.20 -4.29 -16.23
C PHE A 82 -0.25 -2.85 -16.03
N TYR A 83 -0.49 -2.48 -14.78
CA TYR A 83 -0.94 -1.13 -14.45
C TYR A 83 -0.51 -0.74 -13.05
N THR A 84 -0.51 0.56 -12.76
CA THR A 84 -0.10 1.06 -11.46
C THR A 84 -1.17 2.00 -10.88
N ASP A 85 -0.86 2.58 -9.72
CA ASP A 85 -1.77 3.49 -9.05
C ASP A 85 -1.99 4.74 -9.88
N GLY A 86 -3.05 4.72 -10.67
CA GLY A 86 -3.39 5.87 -11.49
C GLY A 86 -3.56 5.53 -12.96
N SER A 87 -3.77 4.25 -13.26
CA SER A 87 -3.98 3.81 -14.63
C SER A 87 -5.46 3.72 -14.95
N VAL A 88 -5.79 3.68 -16.25
CA VAL A 88 -7.18 3.61 -16.67
C VAL A 88 -7.35 2.63 -17.83
N VAL A 89 -8.53 2.02 -17.90
CA VAL A 89 -8.85 1.06 -18.95
C VAL A 89 -10.32 1.14 -19.32
N THR A 90 -10.62 0.87 -20.58
CA THR A 90 -11.99 0.91 -21.06
C THR A 90 -12.53 -0.51 -21.30
N TYR A 91 -13.72 -0.77 -20.76
CA TYR A 91 -14.34 -2.08 -20.91
C TYR A 91 -15.21 -2.13 -22.17
N SER A 92 -15.51 -3.35 -22.62
CA SER A 92 -16.33 -3.52 -23.81
C SER A 92 -16.99 -4.90 -23.84
N CYS A 93 -18.25 -4.93 -24.25
CA CYS A 93 -18.99 -6.18 -24.33
C CYS A 93 -18.47 -7.05 -25.47
N ASN A 94 -18.83 -8.34 -25.46
CA ASN A 94 -18.39 -9.26 -26.51
C ASN A 94 -19.50 -9.51 -27.52
N SER A 95 -20.37 -10.46 -27.22
CA SER A 95 -21.47 -10.82 -28.10
C SER A 95 -22.18 -9.57 -28.64
N GLY A 96 -22.19 -8.51 -27.85
CA GLY A 96 -22.84 -7.29 -28.27
C GLY A 96 -23.79 -6.74 -27.24
N TYR A 97 -23.35 -6.72 -25.98
CA TYR A 97 -24.18 -6.22 -24.88
C TYR A 97 -24.00 -4.71 -24.72
N SER A 98 -24.59 -4.17 -23.67
CA SER A 98 -24.52 -2.73 -23.40
C SER A 98 -23.68 -2.44 -22.16
N LEU A 99 -22.49 -1.91 -22.38
CA LEU A 99 -21.58 -1.56 -21.30
C LEU A 99 -22.32 -0.84 -20.17
N ILE A 100 -22.40 -1.49 -19.03
CA ILE A 100 -23.08 -0.91 -17.87
C ILE A 100 -22.11 -0.03 -17.08
N GLY A 101 -22.67 0.90 -16.32
CA GLY A 101 -21.83 1.81 -15.56
C GLY A 101 -20.93 2.61 -16.46
N ASN A 102 -19.64 2.56 -16.18
CA ASN A 102 -18.65 3.27 -17.00
C ASN A 102 -17.59 2.31 -17.51
N SER A 103 -17.26 2.43 -18.79
CA SER A 103 -16.26 1.58 -19.41
C SER A 103 -14.88 1.83 -18.80
N GLY A 104 -14.66 3.06 -18.35
CA GLY A 104 -13.39 3.41 -17.75
C GLY A 104 -13.20 2.80 -16.38
N VAL A 105 -12.00 2.28 -16.13
CA VAL A 105 -11.69 1.66 -14.84
C VAL A 105 -10.37 2.20 -14.28
N LEU A 106 -10.45 2.83 -13.12
CA LEU A 106 -9.27 3.40 -12.48
C LEU A 106 -8.44 2.34 -11.77
N CYS A 107 -7.19 2.20 -12.20
CA CYS A 107 -6.27 1.26 -11.57
C CYS A 107 -5.60 1.94 -10.38
N SER A 108 -6.07 1.63 -9.18
CA SER A 108 -5.52 2.24 -7.99
C SER A 108 -5.38 1.23 -6.85
N GLY A 109 -4.45 1.51 -5.96
CA GLY A 109 -4.22 0.63 -4.82
C GLY A 109 -4.12 -0.82 -5.21
N GLY A 110 -3.57 -1.09 -6.39
CA GLY A 110 -3.44 -2.46 -6.86
C GLY A 110 -4.77 -3.09 -7.20
N GLU A 111 -5.82 -2.28 -7.26
CA GLU A 111 -7.14 -2.77 -7.59
C GLU A 111 -7.78 -1.89 -8.67
N TRP A 112 -8.95 -2.30 -9.13
CA TRP A 112 -9.65 -1.57 -10.16
C TRP A 112 -10.98 -1.04 -9.65
N SER A 113 -11.22 0.25 -9.84
CA SER A 113 -12.43 0.89 -9.37
C SER A 113 -13.35 1.28 -10.53
N ASP A 114 -14.65 1.21 -10.30
CA ASP A 114 -15.64 1.58 -11.31
C ASP A 114 -15.71 0.57 -12.45
N PRO A 115 -15.76 -0.73 -12.14
CA PRO A 115 -15.87 -1.78 -13.15
C PRO A 115 -17.29 -1.86 -13.71
N PRO A 116 -17.44 -1.87 -15.04
CA PRO A 116 -18.75 -1.90 -15.69
C PRO A 116 -19.30 -3.31 -15.86
N THR A 117 -20.44 -3.38 -16.54
CA THR A 117 -21.08 -4.64 -16.82
C THR A 117 -21.56 -4.68 -18.27
N CYS A 118 -22.28 -5.73 -18.63
CA CYS A 118 -22.77 -5.87 -19.99
C CYS A 118 -24.18 -6.46 -20.00
N GLN A 119 -25.17 -5.58 -20.06
CA GLN A 119 -26.56 -6.00 -20.08
C GLN A 119 -27.24 -5.53 -21.36
N ILE A 120 -28.45 -6.04 -21.59
CA ILE A 120 -29.21 -5.68 -22.78
C ILE A 120 -30.19 -4.55 -22.48
N ARG A 1 16.39 6.70 29.02
CA ARG A 1 17.17 6.85 27.80
C ARG A 1 16.30 6.64 26.57
N ARG A 2 16.07 7.71 25.82
CA ARG A 2 15.27 7.65 24.61
C ARG A 2 16.03 6.94 23.50
N CYS A 3 15.29 6.39 22.53
CA CYS A 3 15.90 5.71 21.40
C CYS A 3 16.46 6.70 20.39
N PRO A 4 17.40 6.26 19.54
CA PRO A 4 18.01 7.12 18.53
C PRO A 4 17.02 7.51 17.44
N SER A 5 17.42 8.45 16.60
CA SER A 5 16.56 8.91 15.51
C SER A 5 16.04 7.74 14.70
N PRO A 6 14.75 7.39 14.87
CA PRO A 6 14.14 6.28 14.14
C PRO A 6 14.32 6.39 12.63
N ARG A 7 14.18 5.26 11.95
CA ARG A 7 14.29 5.24 10.50
C ARG A 7 13.36 6.27 9.88
N ASP A 8 13.28 6.27 8.58
CA ASP A 8 12.49 7.26 7.87
C ASP A 8 11.65 6.65 6.75
N ILE A 9 12.26 5.71 6.04
CA ILE A 9 11.64 5.06 4.89
C ILE A 9 11.42 6.05 3.75
N ASP A 10 11.67 5.61 2.52
CA ASP A 10 11.53 6.48 1.36
C ASP A 10 10.16 6.35 0.70
N ASN A 11 9.65 5.13 0.62
CA ASN A 11 8.35 4.89 0.00
C ASN A 11 7.24 4.89 1.03
N GLY A 12 7.47 5.57 2.15
CA GLY A 12 6.48 5.65 3.20
C GLY A 12 6.76 6.76 4.19
N GLN A 13 5.84 6.95 5.14
CA GLN A 13 5.99 7.97 6.16
C GLN A 13 5.79 7.39 7.55
N LEU A 14 6.73 7.67 8.45
CA LEU A 14 6.67 7.14 9.81
C LEU A 14 5.76 8.00 10.69
N ASP A 15 5.36 7.42 11.81
CA ASP A 15 4.50 8.11 12.77
C ASP A 15 5.08 7.98 14.17
N ILE A 16 6.06 8.81 14.48
CA ILE A 16 6.72 8.79 15.77
C ILE A 16 5.82 9.31 16.88
N GLY A 17 5.26 8.40 17.66
CA GLY A 17 4.40 8.79 18.77
C GLY A 17 5.10 8.67 20.11
N GLY A 18 6.43 8.53 20.08
CA GLY A 18 7.19 8.39 21.30
C GLY A 18 8.53 7.72 21.05
N VAL A 19 9.61 8.34 21.52
CA VAL A 19 10.95 7.80 21.30
C VAL A 19 11.62 7.41 22.61
N ASP A 20 10.83 7.08 23.62
CA ASP A 20 11.36 6.66 24.91
C ASP A 20 11.31 5.15 25.06
N PHE A 21 12.10 4.63 26.00
CA PHE A 21 12.15 3.20 26.25
C PHE A 21 10.78 2.65 26.57
N GLY A 22 10.07 2.18 25.54
CA GLY A 22 8.75 1.63 25.73
C GLY A 22 7.73 2.17 24.74
N SER A 23 8.11 3.23 24.02
CA SER A 23 7.21 3.83 23.04
C SER A 23 7.12 2.97 21.78
N SER A 24 6.40 3.46 20.78
CA SER A 24 6.25 2.72 19.53
C SER A 24 5.97 3.66 18.35
N ILE A 25 6.52 3.33 17.18
CA ILE A 25 6.31 4.13 15.98
C ILE A 25 5.33 3.46 15.04
N THR A 26 4.92 4.18 14.00
CA THR A 26 4.00 3.65 13.00
C THR A 26 4.50 3.92 11.59
N TYR A 27 4.72 2.85 10.83
CA TYR A 27 5.21 2.97 9.46
C TYR A 27 4.07 2.84 8.46
N SER A 28 4.06 3.73 7.46
CA SER A 28 3.04 3.71 6.44
C SER A 28 3.63 4.09 5.08
N CYS A 29 2.93 3.71 4.01
CA CYS A 29 3.39 4.01 2.66
C CYS A 29 2.98 5.41 2.24
N ASN A 30 3.58 5.90 1.16
CA ASN A 30 3.28 7.23 0.66
C ASN A 30 1.83 7.33 0.17
N SER A 31 1.59 6.90 -1.06
CA SER A 31 0.26 6.94 -1.64
C SER A 31 0.11 5.90 -2.75
N GLY A 32 -1.01 5.20 -2.75
CA GLY A 32 -1.24 4.17 -3.75
C GLY A 32 -0.23 3.04 -3.66
N TYR A 33 0.35 2.88 -2.47
CA TYR A 33 1.36 1.85 -2.24
C TYR A 33 0.84 0.81 -1.26
N HIS A 34 1.68 -0.17 -0.95
CA HIS A 34 1.34 -1.21 0.00
C HIS A 34 2.57 -1.62 0.81
N LEU A 35 2.53 -1.36 2.11
CA LEU A 35 3.64 -1.67 2.99
C LEU A 35 3.68 -3.16 3.28
N ILE A 36 4.88 -3.73 3.24
CA ILE A 36 5.05 -5.16 3.48
C ILE A 36 5.72 -5.42 4.83
N GLY A 37 5.45 -6.59 5.39
CA GLY A 37 6.03 -6.95 6.68
C GLY A 37 5.35 -6.23 7.84
N GLU A 38 6.16 -5.72 8.77
CA GLU A 38 5.63 -5.02 9.93
C GLU A 38 5.16 -3.61 9.54
N SER A 39 4.67 -2.86 10.52
CA SER A 39 4.19 -1.51 10.28
C SER A 39 4.32 -0.65 11.53
N LYS A 40 5.22 -1.07 12.43
CA LYS A 40 5.43 -0.36 13.67
C LYS A 40 6.85 -0.55 14.18
N SER A 41 7.28 0.31 15.09
CA SER A 41 8.61 0.23 15.66
C SER A 41 8.57 0.46 17.17
N TYR A 42 8.87 -0.59 17.93
CA TYR A 42 8.84 -0.49 19.38
C TYR A 42 10.21 -0.08 19.93
N CYS A 43 10.23 1.04 20.64
CA CYS A 43 11.46 1.55 21.24
C CYS A 43 11.89 0.66 22.40
N GLU A 44 12.81 -0.24 22.13
CA GLU A 44 13.30 -1.16 23.15
C GLU A 44 14.81 -1.09 23.28
N LEU A 45 15.37 -1.93 24.14
CA LEU A 45 16.81 -1.95 24.36
C LEU A 45 17.49 -2.93 23.41
N GLY A 46 18.74 -2.63 23.07
CA GLY A 46 19.49 -3.49 22.17
C GLY A 46 20.00 -4.73 22.84
N SER A 47 21.32 -4.89 22.88
CA SER A 47 21.94 -6.05 23.50
C SER A 47 22.76 -5.64 24.72
N THR A 48 23.50 -4.55 24.59
CA THR A 48 24.33 -4.04 25.67
C THR A 48 23.63 -2.91 26.42
N GLY A 49 22.43 -3.19 26.92
CA GLY A 49 21.67 -2.19 27.64
C GLY A 49 21.53 -0.90 26.86
N SER A 50 21.59 -1.01 25.52
CA SER A 50 21.46 0.15 24.65
C SER A 50 20.01 0.38 24.27
N MET A 51 19.81 1.21 23.24
CA MET A 51 18.46 1.52 22.76
C MET A 51 18.35 1.20 21.27
N VAL A 52 17.21 0.63 20.88
CA VAL A 52 16.99 0.26 19.49
C VAL A 52 15.51 0.34 19.13
N TRP A 53 15.20 -0.01 17.89
CA TRP A 53 13.82 0.01 17.41
C TRP A 53 13.44 -1.32 16.76
N ASN A 54 12.37 -1.93 17.27
CA ASN A 54 11.92 -3.21 16.75
C ASN A 54 10.39 -3.34 16.86
N PRO A 55 9.66 -3.51 15.73
CA PRO A 55 10.24 -3.62 14.39
C PRO A 55 10.89 -2.33 13.91
N GLU A 56 11.36 -2.34 12.67
CA GLU A 56 12.03 -1.19 12.08
C GLU A 56 11.18 -0.58 10.96
N ALA A 57 11.83 -0.14 9.87
CA ALA A 57 11.15 0.45 8.72
C ALA A 57 10.90 -0.60 7.65
N PRO A 58 9.77 -1.33 7.75
CA PRO A 58 9.36 -2.36 6.79
C PRO A 58 9.47 -1.95 5.33
N ILE A 59 8.73 -2.65 4.48
CA ILE A 59 8.76 -2.41 3.04
C ILE A 59 7.60 -1.51 2.60
N CYS A 60 7.72 -1.01 1.37
CA CYS A 60 6.68 -0.15 0.79
C CYS A 60 6.89 -0.03 -0.71
N GLU A 61 5.92 -0.49 -1.48
CA GLU A 61 6.00 -0.44 -2.94
C GLU A 61 4.66 -0.07 -3.56
N SER A 62 4.64 0.04 -4.89
CA SER A 62 3.43 0.39 -5.61
C SER A 62 2.64 -0.86 -5.98
N VAL A 63 1.62 -1.15 -5.18
CA VAL A 63 0.76 -2.27 -5.42
C VAL A 63 0.06 -2.14 -6.76
N LYS A 64 0.54 -2.89 -7.75
CA LYS A 64 0.02 -2.81 -9.11
C LYS A 64 -1.25 -3.62 -9.31
N CYS A 65 -1.90 -3.38 -10.45
CA CYS A 65 -3.10 -4.10 -10.84
C CYS A 65 -2.91 -4.71 -12.22
N GLN A 66 -3.06 -6.01 -12.33
CA GLN A 66 -2.90 -6.69 -13.60
C GLN A 66 -4.05 -6.31 -14.53
N SER A 67 -4.34 -7.17 -15.50
CA SER A 67 -5.43 -6.92 -16.42
C SER A 67 -6.71 -6.63 -15.67
N PRO A 68 -7.55 -5.72 -16.19
CA PRO A 68 -8.81 -5.34 -15.54
C PRO A 68 -9.76 -6.53 -15.38
N PRO A 69 -10.74 -6.42 -14.47
CA PRO A 69 -11.70 -7.49 -14.21
C PRO A 69 -12.19 -8.15 -15.49
N SER A 70 -12.64 -9.39 -15.38
CA SER A 70 -13.13 -10.14 -16.52
C SER A 70 -14.66 -10.21 -16.50
N ILE A 71 -15.29 -9.18 -17.07
CA ILE A 71 -16.75 -9.13 -17.12
C ILE A 71 -17.30 -10.18 -18.07
N SER A 72 -18.61 -10.36 -18.04
CA SER A 72 -19.27 -11.32 -18.92
C SER A 72 -19.71 -10.67 -20.22
N ASN A 73 -19.49 -11.37 -21.33
CA ASN A 73 -19.86 -10.86 -22.63
C ASN A 73 -19.17 -9.53 -22.91
N GLY A 74 -17.98 -9.35 -22.33
CA GLY A 74 -17.24 -8.13 -22.54
C GLY A 74 -15.80 -8.23 -22.10
N ARG A 75 -15.00 -7.22 -22.46
CA ARG A 75 -13.58 -7.23 -22.14
C ARG A 75 -13.07 -5.81 -21.89
N HIS A 76 -11.74 -5.71 -21.87
CA HIS A 76 -11.09 -4.43 -21.65
C HIS A 76 -10.03 -4.15 -22.70
N ASN A 77 -9.70 -2.88 -22.88
CA ASN A 77 -8.65 -2.49 -23.83
C ASN A 77 -7.44 -2.00 -23.08
N GLY A 78 -6.57 -2.90 -22.70
CA GLY A 78 -5.40 -2.51 -21.97
C GLY A 78 -4.22 -2.21 -22.88
N TYR A 79 -3.33 -1.35 -22.41
CA TYR A 79 -2.16 -0.97 -23.19
C TYR A 79 -0.93 -1.71 -22.69
N GLU A 80 -0.86 -1.90 -21.39
CA GLU A 80 0.26 -2.58 -20.77
C GLU A 80 -0.15 -3.95 -20.26
N ASP A 81 0.80 -4.63 -19.61
CA ASP A 81 0.53 -5.93 -19.02
C ASP A 81 0.08 -5.78 -17.58
N PHE A 82 0.51 -4.69 -16.95
CA PHE A 82 0.14 -4.40 -15.57
C PHE A 82 -0.29 -2.94 -15.43
N TYR A 83 -0.80 -2.60 -14.25
CA TYR A 83 -1.25 -1.23 -14.01
C TYR A 83 -0.88 -0.79 -12.60
N THR A 84 -0.82 0.53 -12.39
CA THR A 84 -0.44 1.08 -11.10
C THR A 84 -1.52 2.00 -10.54
N ASP A 85 -1.30 2.49 -9.33
CA ASP A 85 -2.25 3.38 -8.69
C ASP A 85 -2.43 4.65 -9.50
N GLY A 86 -3.45 4.64 -10.34
CA GLY A 86 -3.75 5.78 -11.16
C GLY A 86 -3.81 5.46 -12.65
N SER A 87 -3.99 4.18 -12.97
CA SER A 87 -4.09 3.76 -14.37
C SER A 87 -5.55 3.58 -14.77
N VAL A 88 -5.83 3.63 -16.06
CA VAL A 88 -7.20 3.47 -16.53
C VAL A 88 -7.26 2.74 -17.87
N VAL A 89 -8.29 1.91 -18.01
CA VAL A 89 -8.53 1.15 -19.22
C VAL A 89 -10.04 1.03 -19.44
N THR A 90 -10.44 0.99 -20.70
CA THR A 90 -11.86 0.93 -21.04
C THR A 90 -12.32 -0.50 -21.29
N TYR A 91 -13.63 -0.71 -21.19
CA TYR A 91 -14.22 -2.03 -21.41
C TYR A 91 -15.03 -2.05 -22.70
N SER A 92 -15.18 -3.24 -23.27
CA SER A 92 -15.93 -3.39 -24.52
C SER A 92 -16.59 -4.75 -24.62
N CYS A 93 -17.82 -4.77 -25.13
CA CYS A 93 -18.56 -6.01 -25.27
C CYS A 93 -18.04 -6.84 -26.43
N ASN A 94 -18.11 -8.16 -26.28
CA ASN A 94 -17.62 -9.08 -27.31
C ASN A 94 -18.61 -9.22 -28.46
N SER A 95 -19.60 -10.09 -28.27
CA SER A 95 -20.61 -10.34 -29.30
C SER A 95 -21.25 -9.05 -29.79
N GLY A 96 -21.19 -8.01 -28.97
CA GLY A 96 -21.77 -6.73 -29.35
C GLY A 96 -22.81 -6.24 -28.35
N TYR A 97 -22.64 -6.60 -27.09
CA TYR A 97 -23.56 -6.19 -26.04
C TYR A 97 -23.44 -4.68 -25.79
N SER A 98 -24.11 -4.21 -24.75
CA SER A 98 -24.09 -2.79 -24.41
C SER A 98 -23.32 -2.54 -23.12
N LEU A 99 -22.13 -1.97 -23.26
CA LEU A 99 -21.29 -1.64 -22.12
C LEU A 99 -22.09 -0.97 -21.02
N ILE A 100 -22.23 -1.66 -19.91
CA ILE A 100 -22.99 -1.15 -18.77
C ILE A 100 -22.10 -0.36 -17.82
N GLY A 101 -22.72 0.46 -16.99
CA GLY A 101 -21.97 1.26 -16.04
C GLY A 101 -20.94 2.13 -16.74
N ASN A 102 -19.71 2.06 -16.25
CA ASN A 102 -18.62 2.85 -16.82
C ASN A 102 -17.62 1.95 -17.55
N SER A 103 -17.37 2.24 -18.82
CA SER A 103 -16.42 1.48 -19.60
C SER A 103 -15.00 1.70 -19.08
N GLY A 104 -14.74 2.91 -18.60
CA GLY A 104 -13.44 3.22 -18.05
C GLY A 104 -13.30 2.70 -16.63
N VAL A 105 -12.20 2.01 -16.37
CA VAL A 105 -11.93 1.46 -15.05
C VAL A 105 -10.67 2.08 -14.46
N LEU A 106 -10.69 2.35 -13.17
CA LEU A 106 -9.54 2.97 -12.52
C LEU A 106 -8.69 1.96 -11.77
N CYS A 107 -7.42 1.89 -12.12
CA CYS A 107 -6.48 1.01 -11.42
C CYS A 107 -5.92 1.75 -10.21
N SER A 108 -6.38 1.36 -9.04
CA SER A 108 -5.94 2.01 -7.80
C SER A 108 -5.85 1.01 -6.66
N GLY A 109 -5.01 1.34 -5.68
CA GLY A 109 -4.85 0.48 -4.53
C GLY A 109 -4.48 -0.95 -4.91
N GLY A 110 -3.95 -1.13 -6.11
CA GLY A 110 -3.57 -2.45 -6.55
C GLY A 110 -4.71 -3.19 -7.23
N GLU A 111 -5.90 -2.61 -7.21
CA GLU A 111 -7.06 -3.23 -7.83
C GLU A 111 -7.77 -2.27 -8.77
N TRP A 112 -8.87 -2.72 -9.33
CA TRP A 112 -9.64 -1.91 -10.26
C TRP A 112 -10.95 -1.46 -9.62
N SER A 113 -11.52 -0.37 -10.15
CA SER A 113 -12.77 0.15 -9.62
C SER A 113 -13.69 0.64 -10.73
N ASP A 114 -14.98 0.55 -10.50
CA ASP A 114 -15.97 0.99 -11.46
C ASP A 114 -15.99 0.11 -12.71
N PRO A 115 -16.00 -1.22 -12.54
CA PRO A 115 -16.05 -2.15 -13.67
C PRO A 115 -17.44 -2.20 -14.29
N PRO A 116 -17.52 -2.23 -15.64
CA PRO A 116 -18.80 -2.24 -16.34
C PRO A 116 -19.33 -3.64 -16.59
N THR A 117 -20.43 -3.69 -17.34
CA THR A 117 -21.05 -4.94 -17.72
C THR A 117 -21.39 -4.92 -19.20
N CYS A 118 -22.07 -5.96 -19.68
CA CYS A 118 -22.44 -6.05 -21.07
C CYS A 118 -23.81 -6.67 -21.24
N GLN A 119 -24.82 -5.82 -21.38
CA GLN A 119 -26.19 -6.27 -21.54
C GLN A 119 -26.78 -5.73 -22.85
N ILE A 120 -27.80 -6.41 -23.33
CA ILE A 120 -28.46 -6.02 -24.58
C ILE A 120 -29.50 -4.92 -24.31
N ARG A 1 -21.84 -6.05 -25.10
CA ARG A 1 -20.44 -6.48 -25.24
C ARG A 1 -19.61 -6.00 -24.05
N ARG A 2 -18.74 -6.86 -23.56
CA ARG A 2 -17.88 -6.53 -22.43
C ARG A 2 -16.42 -6.58 -22.81
N CYS A 3 -15.55 -6.25 -21.86
CA CYS A 3 -14.11 -6.23 -22.09
C CYS A 3 -13.48 -7.57 -21.72
N PRO A 4 -12.27 -7.85 -22.25
CA PRO A 4 -11.56 -9.10 -21.98
C PRO A 4 -11.03 -9.19 -20.55
N SER A 5 -10.44 -10.33 -20.20
CA SER A 5 -9.88 -10.53 -18.88
C SER A 5 -8.98 -9.36 -18.48
N PRO A 6 -9.46 -8.49 -17.56
CA PRO A 6 -8.68 -7.34 -17.11
C PRO A 6 -7.25 -7.68 -16.74
N ARG A 7 -6.33 -6.77 -17.04
CA ARG A 7 -4.92 -6.97 -16.70
C ARG A 7 -4.78 -7.26 -15.21
N ASP A 8 -3.63 -7.77 -14.82
CA ASP A 8 -3.41 -8.13 -13.43
C ASP A 8 -2.30 -7.30 -12.79
N ILE A 9 -1.98 -7.65 -11.56
CA ILE A 9 -0.94 -6.95 -10.81
C ILE A 9 -0.13 -7.96 -9.98
N ASP A 10 1.17 -7.69 -9.84
CA ASP A 10 2.06 -8.60 -9.12
C ASP A 10 1.86 -8.52 -7.62
N ASN A 11 2.21 -7.38 -7.03
CA ASN A 11 2.11 -7.21 -5.59
C ASN A 11 0.76 -6.62 -5.18
N GLY A 12 -0.25 -6.87 -6.00
CA GLY A 12 -1.57 -6.33 -5.72
C GLY A 12 -2.70 -7.29 -6.08
N GLN A 13 -3.94 -6.82 -5.91
CA GLN A 13 -5.12 -7.62 -6.23
C GLN A 13 -6.18 -6.74 -6.89
N LEU A 14 -6.81 -7.26 -7.93
CA LEU A 14 -7.83 -6.52 -8.64
C LEU A 14 -9.17 -6.56 -7.93
N ASP A 15 -10.06 -5.65 -8.32
CA ASP A 15 -11.41 -5.60 -7.79
C ASP A 15 -12.42 -5.40 -8.91
N ILE A 16 -12.59 -6.43 -9.72
CA ILE A 16 -13.48 -6.37 -10.88
C ILE A 16 -14.95 -6.29 -10.46
N GLY A 17 -15.51 -5.09 -10.56
CA GLY A 17 -16.91 -4.90 -10.23
C GLY A 17 -17.77 -4.73 -11.48
N GLY A 18 -17.22 -5.14 -12.63
CA GLY A 18 -17.94 -5.03 -13.88
C GLY A 18 -17.00 -4.98 -15.07
N VAL A 19 -17.29 -5.80 -16.08
CA VAL A 19 -16.44 -5.86 -17.27
C VAL A 19 -17.18 -5.39 -18.52
N ASP A 20 -18.19 -4.54 -18.33
CA ASP A 20 -18.96 -4.02 -19.46
C ASP A 20 -18.39 -2.69 -19.94
N PHE A 21 -18.60 -2.40 -21.23
CA PHE A 21 -18.11 -1.15 -21.82
C PHE A 21 -18.63 0.04 -21.03
N GLY A 22 -17.86 0.47 -20.04
CA GLY A 22 -18.27 1.59 -19.21
C GLY A 22 -18.11 1.30 -17.74
N SER A 23 -17.84 0.04 -17.39
CA SER A 23 -17.65 -0.35 -16.00
C SER A 23 -16.29 0.12 -15.51
N SER A 24 -15.88 -0.38 -14.35
CA SER A 24 -14.59 0.01 -13.78
C SER A 24 -14.07 -1.02 -12.79
N ILE A 25 -12.75 -1.09 -12.68
CA ILE A 25 -12.10 -2.03 -11.75
C ILE A 25 -11.40 -1.27 -10.64
N THR A 26 -10.95 -1.99 -9.63
CA THR A 26 -10.23 -1.38 -8.52
C THR A 26 -8.97 -2.17 -8.17
N TYR A 27 -7.81 -1.57 -8.43
CA TYR A 27 -6.54 -2.22 -8.14
C TYR A 27 -6.13 -2.00 -6.69
N SER A 28 -5.61 -3.04 -6.06
CA SER A 28 -5.18 -2.97 -4.67
C SER A 28 -3.86 -3.69 -4.48
N CYS A 29 -3.24 -3.50 -3.32
CA CYS A 29 -1.98 -4.14 -3.01
C CYS A 29 -2.21 -5.48 -2.30
N ASN A 30 -1.19 -6.35 -2.33
CA ASN A 30 -1.30 -7.66 -1.69
C ASN A 30 -1.56 -7.54 -0.20
N SER A 31 -0.51 -7.27 0.57
CA SER A 31 -0.63 -7.13 2.01
C SER A 31 0.52 -6.30 2.58
N GLY A 32 0.19 -5.35 3.45
CA GLY A 32 1.21 -4.50 4.01
C GLY A 32 1.94 -3.71 2.96
N TYR A 33 1.26 -3.49 1.83
CA TYR A 33 1.86 -2.75 0.71
C TYR A 33 1.07 -1.46 0.45
N HIS A 34 1.62 -0.62 -0.42
CA HIS A 34 0.96 0.64 -0.77
C HIS A 34 0.89 0.81 -2.28
N LEU A 35 -0.30 1.15 -2.78
CA LEU A 35 -0.52 1.32 -4.20
C LEU A 35 -0.20 2.74 -4.64
N ILE A 36 0.59 2.88 -5.69
CA ILE A 36 0.98 4.20 -6.18
C ILE A 36 0.23 4.55 -7.47
N GLY A 37 0.07 5.85 -7.70
CA GLY A 37 -0.66 6.31 -8.87
C GLY A 37 -2.14 6.06 -8.73
N GLU A 38 -2.77 5.58 -9.79
CA GLU A 38 -4.20 5.29 -9.75
C GLU A 38 -4.43 3.93 -9.09
N SER A 39 -5.68 3.52 -9.02
CA SER A 39 -6.05 2.24 -8.41
C SER A 39 -7.36 1.73 -8.97
N LYS A 40 -7.71 2.17 -10.17
CA LYS A 40 -8.95 1.78 -10.81
C LYS A 40 -8.80 1.72 -12.32
N SER A 41 -9.44 0.72 -12.92
CA SER A 41 -9.40 0.54 -14.36
C SER A 41 -10.77 0.79 -14.96
N TYR A 42 -10.82 1.32 -16.18
CA TYR A 42 -12.09 1.61 -16.83
C TYR A 42 -12.24 0.83 -18.13
N CYS A 43 -13.29 0.03 -18.20
CA CYS A 43 -13.56 -0.76 -19.40
C CYS A 43 -14.01 0.15 -20.52
N GLU A 44 -13.05 0.83 -21.12
CA GLU A 44 -13.32 1.77 -22.19
C GLU A 44 -12.99 1.18 -23.56
N LEU A 45 -13.22 1.96 -24.60
CA LEU A 45 -12.97 1.51 -25.96
C LEU A 45 -11.53 1.80 -26.38
N GLY A 46 -11.08 1.13 -27.44
CA GLY A 46 -9.73 1.33 -27.92
C GLY A 46 -9.64 2.42 -28.96
N SER A 47 -8.88 2.18 -30.02
CA SER A 47 -8.72 3.16 -31.09
C SER A 47 -9.72 2.93 -32.21
N THR A 48 -9.94 1.67 -32.55
CA THR A 48 -10.88 1.32 -33.62
C THR A 48 -12.23 0.91 -33.04
N GLY A 49 -12.74 1.71 -32.11
CA GLY A 49 -14.03 1.42 -31.50
C GLY A 49 -14.05 0.08 -30.77
N SER A 50 -12.89 -0.48 -30.50
CA SER A 50 -12.79 -1.74 -29.80
C SER A 50 -13.04 -1.57 -28.30
N MET A 51 -12.65 -2.56 -27.52
CA MET A 51 -12.84 -2.50 -26.08
C MET A 51 -11.54 -2.80 -25.35
N VAL A 52 -11.12 -1.87 -24.49
CA VAL A 52 -9.87 -2.03 -23.76
C VAL A 52 -10.03 -1.56 -22.32
N TRP A 53 -9.06 -1.92 -21.49
CA TRP A 53 -9.06 -1.52 -20.09
C TRP A 53 -8.09 -0.36 -19.88
N ASN A 54 -8.58 0.71 -19.27
CA ASN A 54 -7.77 1.90 -19.07
C ASN A 54 -8.34 2.76 -17.94
N PRO A 55 -7.53 3.14 -16.93
CA PRO A 55 -6.10 2.80 -16.85
C PRO A 55 -5.87 1.31 -16.60
N GLU A 56 -4.60 0.95 -16.39
CA GLU A 56 -4.22 -0.44 -16.18
C GLU A 56 -3.77 -0.67 -14.74
N ALA A 57 -2.89 -1.66 -14.54
CA ALA A 57 -2.37 -1.98 -13.22
C ALA A 57 -1.34 -0.95 -12.76
N PRO A 58 -1.67 -0.15 -11.75
CA PRO A 58 -0.77 0.89 -11.20
C PRO A 58 0.47 0.28 -10.54
N ILE A 59 0.96 0.93 -9.48
CA ILE A 59 2.14 0.45 -8.78
C ILE A 59 1.78 -0.17 -7.43
N CYS A 60 2.72 -0.90 -6.84
CA CYS A 60 2.50 -1.54 -5.56
C CYS A 60 3.83 -1.97 -4.93
N GLU A 61 4.08 -1.50 -3.71
CA GLU A 61 5.31 -1.84 -3.00
C GLU A 61 5.04 -2.01 -1.51
N SER A 62 6.10 -2.31 -0.76
CA SER A 62 5.98 -2.50 0.68
C SER A 62 6.11 -1.17 1.42
N VAL A 63 5.05 -0.82 2.15
CA VAL A 63 5.03 0.42 2.91
C VAL A 63 6.28 0.58 3.76
N LYS A 64 7.26 1.31 3.23
CA LYS A 64 8.50 1.53 3.96
C LYS A 64 8.29 2.47 5.14
N CYS A 65 8.95 2.16 6.26
CA CYS A 65 8.82 2.99 7.46
C CYS A 65 10.16 3.61 7.82
N GLN A 66 10.15 4.92 8.00
CA GLN A 66 11.34 5.65 8.30
C GLN A 66 11.92 5.34 9.66
N SER A 67 12.96 6.07 9.99
CA SER A 67 13.60 5.97 11.27
C SER A 67 12.56 6.10 12.37
N PRO A 68 12.39 5.07 13.22
CA PRO A 68 11.38 5.08 14.26
C PRO A 68 11.26 6.43 14.96
N PRO A 69 10.09 6.73 15.53
CA PRO A 69 9.83 8.00 16.22
C PRO A 69 10.97 8.40 17.15
N SER A 70 11.05 9.70 17.43
CA SER A 70 12.08 10.23 18.32
C SER A 70 11.49 10.68 19.64
N ILE A 71 11.45 9.77 20.60
CA ILE A 71 10.90 10.07 21.92
C ILE A 71 11.79 11.03 22.69
N SER A 72 11.30 11.50 23.82
CA SER A 72 12.05 12.42 24.67
C SER A 72 12.92 11.66 25.65
N ASN A 73 14.16 12.11 25.81
CA ASN A 73 15.11 11.47 26.70
C ASN A 73 15.46 10.07 26.20
N GLY A 74 15.36 9.89 24.90
CA GLY A 74 15.68 8.60 24.30
C GLY A 74 15.44 8.58 22.80
N ARG A 75 15.68 7.42 22.20
CA ARG A 75 15.52 7.26 20.76
C ARG A 75 15.63 5.79 20.37
N HIS A 76 15.57 5.53 19.08
CA HIS A 76 15.67 4.16 18.59
C HIS A 76 17.10 3.83 18.19
N ASN A 77 17.35 2.55 17.94
CA ASN A 77 18.69 2.09 17.53
C ASN A 77 18.72 1.76 16.06
N GLY A 78 18.10 0.65 15.69
CA GLY A 78 18.05 0.25 14.30
C GLY A 78 19.42 0.04 13.69
N TYR A 79 19.49 -0.81 12.68
CA TYR A 79 20.74 -1.10 11.99
C TYR A 79 20.73 -0.55 10.57
N GLU A 80 19.53 -0.44 10.00
CA GLU A 80 19.36 0.05 8.65
C GLU A 80 18.93 1.52 8.63
N ASP A 81 18.63 2.02 7.45
CA ASP A 81 18.17 3.40 7.29
C ASP A 81 16.67 3.46 7.10
N PHE A 82 16.09 2.36 6.62
CA PHE A 82 14.66 2.29 6.40
C PHE A 82 14.09 0.97 6.93
N TYR A 83 12.77 0.84 6.87
CA TYR A 83 12.11 -0.37 7.36
C TYR A 83 10.89 -0.70 6.51
N THR A 84 10.39 -1.93 6.65
CA THR A 84 9.24 -2.37 5.88
C THR A 84 8.17 -3.00 6.78
N ASP A 85 6.96 -3.11 6.24
CA ASP A 85 5.84 -3.69 6.97
C ASP A 85 6.24 -5.02 7.59
N GLY A 86 6.63 -4.97 8.84
CA GLY A 86 7.01 -6.17 9.55
C GLY A 86 8.39 -6.09 10.19
N SER A 87 8.83 -4.88 10.49
CA SER A 87 10.14 -4.69 11.12
C SER A 87 9.98 -4.23 12.57
N VAL A 88 11.04 -4.38 13.35
CA VAL A 88 11.00 -3.97 14.75
C VAL A 88 12.27 -3.20 15.14
N VAL A 89 12.16 -2.41 16.20
CA VAL A 89 13.28 -1.62 16.69
C VAL A 89 13.18 -1.46 18.19
N THR A 90 14.34 -1.36 18.85
CA THR A 90 14.37 -1.21 20.30
C THR A 90 14.83 0.17 20.70
N TYR A 91 13.98 0.87 21.42
CA TYR A 91 14.27 2.23 21.85
C TYR A 91 15.25 2.25 23.02
N SER A 92 15.92 3.38 23.21
CA SER A 92 16.87 3.53 24.29
C SER A 92 17.05 5.00 24.70
N CYS A 93 17.12 5.22 26.00
CA CYS A 93 17.29 6.57 26.54
C CYS A 93 18.67 7.13 26.23
N ASN A 94 18.81 8.44 26.37
CA ASN A 94 20.08 9.12 26.11
C ASN A 94 20.89 9.29 27.38
N SER A 95 20.42 10.17 28.26
CA SER A 95 21.13 10.45 29.51
C SER A 95 21.08 9.25 30.45
N GLY A 96 19.98 8.51 30.42
CA GLY A 96 19.83 7.36 31.28
C GLY A 96 18.46 7.27 31.92
N TYR A 97 17.43 7.55 31.12
CA TYR A 97 16.06 7.50 31.59
C TYR A 97 15.55 6.07 31.58
N SER A 98 14.24 5.88 31.76
CA SER A 98 13.66 4.54 31.77
C SER A 98 12.67 4.35 30.62
N LEU A 99 13.09 3.60 29.60
CA LEU A 99 12.25 3.31 28.46
C LEU A 99 10.88 2.82 28.90
N ILE A 100 9.85 3.53 28.48
CA ILE A 100 8.49 3.24 28.87
C ILE A 100 7.73 2.53 27.75
N GLY A 101 6.65 1.84 28.12
CA GLY A 101 5.85 1.14 27.13
C GLY A 101 6.68 0.23 26.26
N ASN A 102 7.75 -0.28 26.84
CA ASN A 102 8.66 -1.18 26.15
C ASN A 102 9.26 -0.53 24.92
N SER A 103 10.58 -0.57 24.84
CA SER A 103 11.31 0.03 23.74
C SER A 103 10.89 -0.54 22.39
N GLY A 104 10.46 -1.79 22.39
CA GLY A 104 10.06 -2.44 21.15
C GLY A 104 9.05 -1.64 20.37
N VAL A 105 9.31 -1.47 19.07
CA VAL A 105 8.41 -0.76 18.18
C VAL A 105 8.16 -1.59 16.92
N LEU A 106 6.94 -1.52 16.40
CA LEU A 106 6.57 -2.31 15.22
C LEU A 106 6.50 -1.45 13.96
N CYS A 107 7.26 -1.86 12.95
CA CYS A 107 7.23 -1.18 11.66
C CYS A 107 6.14 -1.80 10.79
N SER A 108 4.97 -1.18 10.79
CA SER A 108 3.83 -1.67 10.03
C SER A 108 3.07 -0.54 9.36
N GLY A 109 2.24 -0.89 8.38
CA GLY A 109 1.45 0.11 7.68
C GLY A 109 2.28 1.31 7.26
N GLY A 110 3.58 1.11 7.09
CA GLY A 110 4.45 2.20 6.70
C GLY A 110 4.77 3.14 7.84
N GLU A 111 4.24 2.85 9.02
CA GLU A 111 4.49 3.68 10.19
C GLU A 111 4.90 2.82 11.38
N TRP A 112 5.17 3.47 12.51
CA TRP A 112 5.58 2.77 13.72
C TRP A 112 4.45 2.76 14.75
N SER A 113 4.09 1.57 15.21
CA SER A 113 3.03 1.42 16.18
C SER A 113 3.58 1.01 17.55
N ASP A 114 2.95 1.51 18.60
CA ASP A 114 3.34 1.19 19.96
C ASP A 114 4.72 1.75 20.31
N PRO A 115 5.01 3.02 19.95
CA PRO A 115 6.27 3.66 20.31
C PRO A 115 6.35 3.87 21.81
N PRO A 116 7.56 3.85 22.40
CA PRO A 116 7.72 3.97 23.83
C PRO A 116 8.01 5.40 24.30
N THR A 117 8.19 5.51 25.60
CA THR A 117 8.55 6.76 26.24
C THR A 117 9.82 6.57 27.03
N CYS A 118 10.06 7.44 27.97
CA CYS A 118 11.29 7.38 28.71
C CYS A 118 11.26 8.32 29.89
N GLN A 119 10.86 7.76 31.02
CA GLN A 119 10.71 8.51 32.25
C GLN A 119 11.80 8.21 33.25
N ILE A 120 11.59 8.70 34.45
CA ILE A 120 12.53 8.51 35.55
C ILE A 120 11.92 7.58 36.60
N ARG A 1 -14.19 -2.01 -30.63
CA ARG A 1 -14.39 -0.90 -29.71
C ARG A 1 -13.84 -1.23 -28.33
N ARG A 2 -13.33 -0.22 -27.64
CA ARG A 2 -12.76 -0.40 -26.30
C ARG A 2 -13.77 -0.01 -25.23
N CYS A 3 -13.38 -0.21 -23.98
CA CYS A 3 -14.24 0.12 -22.85
C CYS A 3 -14.00 1.56 -22.39
N PRO A 4 -14.95 2.13 -21.64
CA PRO A 4 -14.84 3.51 -21.15
C PRO A 4 -13.72 3.68 -20.13
N SER A 5 -13.51 4.92 -19.69
CA SER A 5 -12.46 5.22 -18.73
C SER A 5 -12.56 4.32 -17.50
N PRO A 6 -11.62 3.38 -17.33
CA PRO A 6 -11.62 2.45 -16.20
C PRO A 6 -11.72 3.20 -14.87
N ARG A 7 -12.28 2.54 -13.86
CA ARG A 7 -12.41 3.13 -12.54
C ARG A 7 -11.05 3.35 -11.92
N ASP A 8 -11.00 4.23 -10.94
CA ASP A 8 -9.75 4.58 -10.33
C ASP A 8 -9.64 4.07 -8.89
N ILE A 9 -8.52 4.39 -8.26
CA ILE A 9 -8.27 3.97 -6.89
C ILE A 9 -7.56 5.08 -6.11
N ASP A 10 -7.86 5.20 -4.83
CA ASP A 10 -7.28 6.25 -4.00
C ASP A 10 -5.88 5.88 -3.52
N ASN A 11 -5.79 4.83 -2.70
CA ASN A 11 -4.50 4.40 -2.17
C ASN A 11 -3.88 3.31 -3.04
N GLY A 12 -4.06 3.44 -4.35
CA GLY A 12 -3.52 2.47 -5.27
C GLY A 12 -3.18 3.06 -6.63
N GLN A 13 -2.61 2.25 -7.51
CA GLN A 13 -2.25 2.70 -8.84
C GLN A 13 -2.63 1.65 -9.89
N LEU A 14 -3.44 2.06 -10.87
CA LEU A 14 -3.90 1.16 -11.91
C LEU A 14 -2.80 0.84 -12.91
N ASP A 15 -2.97 -0.27 -13.63
CA ASP A 15 -2.03 -0.69 -14.65
C ASP A 15 -2.79 -1.02 -15.94
N ILE A 16 -3.25 0.00 -16.63
CA ILE A 16 -4.03 -0.17 -17.85
C ILE A 16 -3.16 -0.70 -18.99
N GLY A 17 -3.14 -2.01 -19.15
CA GLY A 17 -2.38 -2.62 -20.22
C GLY A 17 -3.26 -2.90 -21.44
N GLY A 18 -4.39 -2.21 -21.52
CA GLY A 18 -5.31 -2.41 -22.62
C GLY A 18 -6.74 -2.10 -22.23
N VAL A 19 -7.43 -1.35 -23.08
CA VAL A 19 -8.82 -0.98 -22.79
C VAL A 19 -9.78 -1.51 -23.85
N ASP A 20 -9.29 -2.37 -24.74
CA ASP A 20 -10.13 -2.94 -25.79
C ASP A 20 -11.06 -3.99 -25.21
N PHE A 21 -12.09 -4.34 -25.97
CA PHE A 21 -13.06 -5.34 -25.54
C PHE A 21 -12.36 -6.67 -25.30
N GLY A 22 -11.98 -6.91 -24.05
CA GLY A 22 -11.29 -8.14 -23.70
C GLY A 22 -9.99 -7.89 -22.96
N SER A 23 -9.59 -6.61 -22.88
CA SER A 23 -8.36 -6.26 -22.19
C SER A 23 -8.53 -6.42 -20.68
N SER A 24 -7.44 -6.23 -19.95
CA SER A 24 -7.47 -6.35 -18.50
C SER A 24 -6.55 -5.34 -17.85
N ILE A 25 -6.96 -4.84 -16.68
CA ILE A 25 -6.16 -3.86 -15.94
C ILE A 25 -5.53 -4.49 -14.71
N THR A 26 -4.54 -3.81 -14.14
CA THR A 26 -3.86 -4.32 -12.95
C THR A 26 -3.87 -3.26 -11.84
N TYR A 27 -4.58 -3.57 -10.76
CA TYR A 27 -4.68 -2.64 -9.63
C TYR A 27 -3.60 -2.92 -8.59
N SER A 28 -3.02 -1.84 -8.07
CA SER A 28 -1.98 -1.94 -7.05
C SER A 28 -2.17 -0.87 -5.98
N CYS A 29 -1.36 -0.94 -4.92
CA CYS A 29 -1.45 0.03 -3.83
C CYS A 29 -0.49 1.20 -4.07
N ASN A 30 -0.63 2.23 -3.24
CA ASN A 30 0.20 3.42 -3.37
C ASN A 30 1.68 3.09 -3.16
N SER A 31 2.10 3.09 -1.89
CA SER A 31 3.48 2.79 -1.55
C SER A 31 3.58 2.34 -0.09
N GLY A 32 4.00 1.09 0.10
CA GLY A 32 4.07 0.54 1.45
C GLY A 32 2.73 -0.01 1.91
N TYR A 33 1.69 0.23 1.12
CA TYR A 33 0.35 -0.25 1.45
C TYR A 33 0.18 -1.70 1.03
N HIS A 34 -0.98 -2.27 1.34
CA HIS A 34 -1.30 -3.62 0.91
C HIS A 34 -2.68 -3.66 0.25
N LEU A 35 -2.72 -4.24 -0.92
CA LEU A 35 -3.97 -4.35 -1.68
C LEU A 35 -4.67 -5.66 -1.39
N ILE A 36 -5.81 -5.57 -0.71
CA ILE A 36 -6.56 -6.77 -0.36
C ILE A 36 -7.49 -7.19 -1.49
N GLY A 37 -7.71 -8.50 -1.59
CA GLY A 37 -8.56 -9.03 -2.64
C GLY A 37 -7.81 -9.15 -3.96
N GLU A 38 -8.53 -9.02 -5.07
CA GLU A 38 -7.90 -9.10 -6.39
C GLU A 38 -7.17 -7.82 -6.73
N SER A 39 -6.51 -7.82 -7.88
CA SER A 39 -5.76 -6.67 -8.33
C SER A 39 -5.79 -6.56 -9.85
N LYS A 40 -6.86 -7.05 -10.45
CA LYS A 40 -6.98 -7.01 -11.90
C LYS A 40 -8.43 -6.86 -12.35
N SER A 41 -8.62 -6.02 -13.37
CA SER A 41 -9.93 -5.79 -13.95
C SER A 41 -9.98 -6.37 -15.36
N TYR A 42 -11.18 -6.62 -15.87
CA TYR A 42 -11.29 -7.21 -17.21
C TYR A 42 -12.34 -6.50 -18.05
N CYS A 43 -11.88 -5.93 -19.17
CA CYS A 43 -12.76 -5.25 -20.10
C CYS A 43 -13.66 -6.25 -20.81
N GLU A 44 -14.76 -6.58 -20.15
CA GLU A 44 -15.70 -7.54 -20.71
C GLU A 44 -16.98 -6.84 -21.13
N LEU A 45 -17.87 -7.60 -21.76
CA LEU A 45 -19.14 -7.07 -22.24
C LEU A 45 -20.20 -7.13 -21.16
N GLY A 46 -21.21 -6.26 -21.27
CA GLY A 46 -22.27 -6.24 -20.30
C GLY A 46 -23.38 -7.22 -20.62
N SER A 47 -24.62 -6.81 -20.42
CA SER A 47 -25.78 -7.66 -20.68
C SER A 47 -26.29 -7.47 -22.09
N THR A 48 -26.27 -6.22 -22.57
CA THR A 48 -26.73 -5.91 -23.91
C THR A 48 -25.58 -5.83 -24.90
N GLY A 49 -24.67 -6.79 -24.80
CA GLY A 49 -23.52 -6.82 -25.71
C GLY A 49 -22.69 -5.55 -25.62
N SER A 50 -22.84 -4.81 -24.53
CA SER A 50 -22.10 -3.57 -24.33
C SER A 50 -20.67 -3.87 -23.87
N MET A 51 -20.02 -2.85 -23.32
CA MET A 51 -18.65 -3.00 -22.82
C MET A 51 -18.54 -2.49 -21.39
N VAL A 52 -18.17 -3.38 -20.49
CA VAL A 52 -18.02 -3.04 -19.09
C VAL A 52 -16.64 -3.44 -18.58
N TRP A 53 -16.37 -3.13 -17.32
CA TRP A 53 -15.08 -3.44 -16.72
C TRP A 53 -15.21 -4.39 -15.54
N ASN A 54 -14.55 -5.54 -15.64
CA ASN A 54 -14.57 -6.52 -14.56
C ASN A 54 -13.77 -6.01 -13.38
N PRO A 55 -13.97 -6.61 -12.18
CA PRO A 55 -13.33 -6.24 -10.93
C PRO A 55 -12.11 -5.35 -11.07
N GLU A 56 -12.32 -4.04 -10.90
CA GLU A 56 -11.26 -3.07 -11.04
C GLU A 56 -10.66 -2.65 -9.69
N ALA A 57 -11.32 -1.72 -8.99
CA ALA A 57 -10.79 -1.20 -7.73
C ALA A 57 -10.96 -2.19 -6.58
N PRO A 58 -9.86 -2.81 -6.10
CA PRO A 58 -9.88 -3.72 -4.97
C PRO A 58 -9.77 -2.94 -3.65
N ILE A 59 -9.26 -3.59 -2.61
CA ILE A 59 -9.09 -2.94 -1.32
C ILE A 59 -7.65 -2.46 -1.15
N CYS A 60 -7.47 -1.53 -0.23
CA CYS A 60 -6.15 -0.98 0.03
C CYS A 60 -6.05 -0.46 1.47
N GLU A 61 -4.92 -0.72 2.11
CA GLU A 61 -4.70 -0.28 3.48
C GLU A 61 -3.23 0.09 3.67
N SER A 62 -2.94 0.74 4.79
CA SER A 62 -1.57 1.14 5.08
C SER A 62 -0.95 0.31 6.20
N VAL A 63 0.12 -0.39 5.86
CA VAL A 63 0.83 -1.23 6.82
C VAL A 63 1.07 -0.48 8.13
N LYS A 64 0.21 -0.71 9.11
CA LYS A 64 0.31 -0.05 10.40
C LYS A 64 1.38 -0.71 11.28
N CYS A 65 2.26 0.11 11.84
CA CYS A 65 3.31 -0.37 12.74
C CYS A 65 3.08 0.16 14.14
N GLN A 66 2.87 -0.76 15.08
CA GLN A 66 2.63 -0.39 16.47
C GLN A 66 3.89 0.15 17.11
N SER A 67 3.88 0.21 18.44
CA SER A 67 4.99 0.67 19.22
C SER A 67 6.32 0.15 18.66
N PRO A 68 7.33 1.04 18.52
CA PRO A 68 8.65 0.66 17.99
C PRO A 68 9.33 -0.40 18.86
N PRO A 69 10.28 -1.14 18.29
CA PRO A 69 11.00 -2.21 19.01
C PRO A 69 11.46 -1.79 20.41
N SER A 70 11.67 -2.78 21.26
CA SER A 70 12.12 -2.55 22.62
C SER A 70 13.60 -2.90 22.77
N ILE A 71 14.46 -1.91 22.59
CA ILE A 71 15.89 -2.11 22.67
C ILE A 71 16.35 -2.44 24.09
N SER A 72 17.64 -2.70 24.25
CA SER A 72 18.20 -3.01 25.55
C SER A 72 18.73 -1.75 26.22
N ASN A 73 18.58 -1.68 27.54
CA ASN A 73 19.05 -0.54 28.31
C ASN A 73 18.39 0.75 27.82
N GLY A 74 17.19 0.62 27.28
CA GLY A 74 16.48 1.78 26.79
C GLY A 74 15.07 1.47 26.33
N ARG A 75 14.45 2.43 25.66
CA ARG A 75 13.08 2.27 25.18
C ARG A 75 12.79 3.29 24.09
N HIS A 76 11.54 3.32 23.64
CA HIS A 76 11.12 4.26 22.60
C HIS A 76 10.21 5.34 23.19
N ASN A 77 10.01 6.41 22.42
CA ASN A 77 9.16 7.51 22.87
C ASN A 77 7.76 7.36 22.30
N GLY A 78 7.56 7.86 21.08
CA GLY A 78 6.26 7.77 20.43
C GLY A 78 5.20 8.57 21.15
N TYR A 79 4.23 9.08 20.39
CA TYR A 79 3.13 9.85 20.96
C TYR A 79 1.83 9.09 20.85
N GLU A 80 1.65 8.40 19.74
CA GLU A 80 0.46 7.62 19.50
C GLU A 80 0.68 6.16 19.85
N ASP A 81 -0.30 5.32 19.53
CA ASP A 81 -0.20 3.88 19.81
C ASP A 81 0.20 3.10 18.56
N PHE A 82 -0.03 3.70 17.39
CA PHE A 82 0.31 3.06 16.14
C PHE A 82 1.09 4.00 15.22
N TYR A 83 1.56 3.48 14.09
CA TYR A 83 2.33 4.28 13.14
C TYR A 83 2.20 3.69 11.74
N THR A 84 2.63 4.44 10.73
CA THR A 84 2.54 3.99 9.34
C THR A 84 3.63 4.61 8.47
N ASP A 85 3.57 4.31 7.18
CA ASP A 85 4.54 4.81 6.21
C ASP A 85 4.71 6.31 6.34
N GLY A 86 5.70 6.71 7.12
CA GLY A 86 6.01 8.11 7.29
C GLY A 86 6.00 8.55 8.73
N SER A 87 6.17 7.61 9.66
CA SER A 87 6.19 7.95 11.08
C SER A 87 7.59 7.74 11.66
N VAL A 88 7.91 8.50 12.69
CA VAL A 88 9.22 8.40 13.33
C VAL A 88 9.09 8.45 14.85
N VAL A 89 10.09 7.90 15.52
CA VAL A 89 10.11 7.86 16.97
C VAL A 89 11.54 7.97 17.50
N THR A 90 11.69 8.64 18.62
CA THR A 90 13.01 8.80 19.22
C THR A 90 13.18 7.89 20.42
N TYR A 91 14.23 7.09 20.39
CA TYR A 91 14.50 6.14 21.46
C TYR A 91 15.24 6.79 22.62
N SER A 92 15.19 6.14 23.78
CA SER A 92 15.85 6.68 24.97
C SER A 92 16.22 5.59 25.95
N CYS A 93 17.40 5.73 26.57
CA CYS A 93 17.89 4.78 27.54
C CYS A 93 17.07 4.81 28.82
N ASN A 94 17.24 3.78 29.65
CA ASN A 94 16.52 3.69 30.92
C ASN A 94 17.32 4.33 32.04
N SER A 95 18.43 3.70 32.41
CA SER A 95 19.27 4.20 33.49
C SER A 95 20.08 5.41 33.04
N GLY A 96 20.54 5.39 31.80
CA GLY A 96 21.31 6.51 31.28
C GLY A 96 22.43 6.07 30.36
N TYR A 97 22.14 5.09 29.51
CA TYR A 97 23.11 4.60 28.53
C TYR A 97 23.27 5.60 27.40
N SER A 98 23.92 5.19 26.32
CA SER A 98 24.12 6.06 25.16
C SER A 98 23.40 5.53 23.93
N LEU A 99 22.29 6.18 23.58
CA LEU A 99 21.52 5.80 22.41
C LEU A 99 22.41 5.70 21.19
N ILE A 100 22.46 4.52 20.60
CA ILE A 100 23.30 4.25 19.46
C ILE A 100 22.51 4.29 18.16
N GLY A 101 23.21 4.41 17.03
CA GLY A 101 22.54 4.44 15.75
C GLY A 101 21.41 5.45 15.70
N ASN A 102 21.55 6.48 16.51
CA ASN A 102 20.57 7.55 16.59
C ASN A 102 19.22 7.01 17.04
N SER A 103 18.64 7.70 18.00
CA SER A 103 17.35 7.31 18.58
C SER A 103 16.25 7.23 17.52
N GLY A 104 16.43 7.98 16.44
CA GLY A 104 15.42 8.02 15.39
C GLY A 104 15.12 6.67 14.78
N VAL A 105 13.83 6.36 14.65
CA VAL A 105 13.37 5.11 14.03
C VAL A 105 12.25 5.41 13.04
N LEU A 106 12.47 5.06 11.77
CA LEU A 106 11.49 5.32 10.73
C LEU A 106 10.43 4.23 10.69
N CYS A 107 9.16 4.64 10.56
CA CYS A 107 8.07 3.68 10.46
C CYS A 107 7.53 3.64 9.04
N SER A 108 7.84 2.56 8.32
CA SER A 108 7.37 2.41 6.95
C SER A 108 7.45 0.96 6.49
N GLY A 109 6.39 0.50 5.84
CA GLY A 109 6.34 -0.87 5.36
C GLY A 109 5.89 -1.83 6.45
N GLY A 110 5.15 -1.31 7.42
CA GLY A 110 4.69 -2.13 8.51
C GLY A 110 5.81 -2.52 9.45
N GLU A 111 6.95 -1.83 9.34
CA GLU A 111 8.09 -2.11 10.18
C GLU A 111 8.82 -0.83 10.55
N TRP A 112 9.90 -0.98 11.32
CA TRP A 112 10.69 0.15 11.76
C TRP A 112 12.14 0.02 11.28
N SER A 113 12.62 1.02 10.57
CA SER A 113 14.02 1.02 10.17
C SER A 113 14.85 1.56 11.31
N ASP A 114 15.86 0.77 11.65
CA ASP A 114 16.65 0.87 12.86
C ASP A 114 16.18 -0.33 13.58
N PRO A 115 15.68 -0.31 14.80
CA PRO A 115 15.82 0.69 15.88
C PRO A 115 17.27 0.88 16.31
N PRO A 116 17.51 1.79 17.26
CA PRO A 116 18.85 2.06 17.76
C PRO A 116 19.25 1.13 18.88
N THR A 117 20.47 1.34 19.36
CA THR A 117 20.99 0.60 20.49
C THR A 117 21.20 1.53 21.64
N CYS A 118 21.97 1.10 22.61
CA CYS A 118 22.16 1.89 23.79
C CYS A 118 23.27 1.32 24.66
N GLN A 119 24.48 1.76 24.39
CA GLN A 119 25.67 1.29 25.09
C GLN A 119 26.34 2.41 25.85
N ILE A 120 27.35 2.04 26.62
CA ILE A 120 28.10 3.00 27.42
C ILE A 120 29.22 3.64 26.60
N ARG A 1 14.87 6.97 30.56
CA ARG A 1 14.25 7.81 29.55
C ARG A 1 13.60 6.96 28.45
N ARG A 2 13.04 7.63 27.45
CA ARG A 2 12.40 6.95 26.34
C ARG A 2 13.42 6.63 25.25
N CYS A 3 12.92 6.12 24.12
CA CYS A 3 13.79 5.74 23.01
C CYS A 3 14.10 6.94 22.12
N PRO A 4 15.17 6.86 21.31
CA PRO A 4 15.57 7.93 20.40
C PRO A 4 14.64 8.04 19.20
N SER A 5 14.83 9.10 18.41
CA SER A 5 14.01 9.32 17.23
C SER A 5 13.96 8.07 16.36
N PRO A 6 12.82 7.36 16.35
CA PRO A 6 12.67 6.15 15.53
C PRO A 6 13.15 6.35 14.11
N ARG A 7 13.63 5.27 13.49
CA ARG A 7 14.10 5.33 12.12
C ARG A 7 12.94 5.53 11.17
N ASP A 8 13.18 6.31 10.13
CA ASP A 8 12.17 6.65 9.18
C ASP A 8 12.14 5.70 7.99
N ILE A 9 11.27 5.99 7.03
CA ILE A 9 11.15 5.19 5.83
C ILE A 9 11.04 6.07 4.59
N ASP A 10 11.51 5.55 3.46
CA ASP A 10 11.52 6.32 2.22
C ASP A 10 10.13 6.42 1.60
N ASN A 11 9.61 5.30 1.11
CA ASN A 11 8.30 5.27 0.48
C ASN A 11 7.21 4.99 1.50
N GLY A 12 7.30 5.67 2.65
CA GLY A 12 6.31 5.48 3.69
C GLY A 12 6.38 6.54 4.77
N GLN A 13 5.50 6.43 5.76
CA GLN A 13 5.46 7.37 6.87
C GLN A 13 5.15 6.66 8.18
N LEU A 14 5.91 6.99 9.22
CA LEU A 14 5.73 6.37 10.53
C LEU A 14 4.56 6.98 11.30
N ASP A 15 4.06 6.22 12.26
CA ASP A 15 2.97 6.67 13.13
C ASP A 15 3.34 6.45 14.58
N ILE A 16 4.20 7.33 15.11
CA ILE A 16 4.67 7.21 16.47
C ILE A 16 3.59 7.51 17.50
N GLY A 17 3.18 6.48 18.23
CA GLY A 17 2.20 6.66 19.29
C GLY A 17 2.83 6.53 20.67
N GLY A 18 4.15 6.67 20.72
CA GLY A 18 4.87 6.54 21.98
C GLY A 18 6.28 6.03 21.77
N VAL A 19 7.24 6.63 22.47
CA VAL A 19 8.63 6.24 22.34
C VAL A 19 9.21 5.71 23.66
N ASP A 20 8.35 5.45 24.62
CA ASP A 20 8.79 4.93 25.91
C ASP A 20 9.29 3.50 25.78
N PHE A 21 10.11 3.08 26.73
CA PHE A 21 10.65 1.73 26.71
C PHE A 21 9.53 0.70 26.68
N GLY A 22 9.13 0.31 25.47
CA GLY A 22 8.07 -0.65 25.31
C GLY A 22 6.97 -0.16 24.38
N SER A 23 7.02 1.12 24.02
CA SER A 23 6.01 1.70 23.13
C SER A 23 6.00 0.95 21.80
N SER A 24 5.20 1.46 20.86
CA SER A 24 5.11 0.83 19.53
C SER A 24 4.75 1.87 18.47
N ILE A 25 5.38 1.74 17.30
CA ILE A 25 5.13 2.66 16.19
C ILE A 25 4.33 1.96 15.09
N THR A 26 3.81 2.74 14.16
CA THR A 26 3.03 2.19 13.05
C THR A 26 3.54 2.71 11.72
N TYR A 27 4.19 1.84 10.94
CA TYR A 27 4.72 2.23 9.65
C TYR A 27 3.65 2.18 8.57
N SER A 28 3.79 3.06 7.58
CA SER A 28 2.83 3.12 6.48
C SER A 28 3.51 3.59 5.21
N CYS A 29 2.83 3.41 4.08
CA CYS A 29 3.38 3.81 2.78
C CYS A 29 3.02 5.27 2.49
N ASN A 30 3.75 5.87 1.55
CA ASN A 30 3.52 7.26 1.17
C ASN A 30 2.07 7.46 0.70
N SER A 31 1.84 7.20 -0.58
CA SER A 31 0.51 7.35 -1.15
C SER A 31 0.33 6.42 -2.36
N GLY A 32 -0.82 5.76 -2.42
CA GLY A 32 -1.07 4.83 -3.51
C GLY A 32 -0.05 3.72 -3.53
N TYR A 33 0.52 3.42 -2.37
CA TYR A 33 1.53 2.38 -2.25
C TYR A 33 1.05 1.25 -1.34
N HIS A 34 1.83 0.18 -1.28
CA HIS A 34 1.51 -0.95 -0.42
C HIS A 34 2.74 -1.40 0.35
N LEU A 35 2.65 -1.35 1.68
CA LEU A 35 3.75 -1.75 2.53
C LEU A 35 3.78 -3.26 2.70
N ILE A 36 4.95 -3.84 2.55
CA ILE A 36 5.10 -5.29 2.65
C ILE A 36 5.67 -5.69 4.00
N GLY A 37 5.32 -6.89 4.44
CA GLY A 37 5.79 -7.37 5.73
C GLY A 37 5.09 -6.68 6.89
N GLU A 38 5.81 -6.50 7.99
CA GLU A 38 5.25 -5.83 9.16
C GLU A 38 4.95 -4.37 8.85
N SER A 39 4.47 -3.65 9.86
CA SER A 39 4.16 -2.25 9.72
C SER A 39 4.09 -1.58 11.09
N LYS A 40 4.84 -2.14 12.04
CA LYS A 40 4.85 -1.62 13.41
C LYS A 40 6.21 -1.82 14.07
N SER A 41 6.72 -0.76 14.69
CA SER A 41 8.00 -0.82 15.38
C SER A 41 7.78 -0.87 16.89
N TYR A 42 8.69 -1.51 17.60
CA TYR A 42 8.55 -1.65 19.05
C TYR A 42 9.78 -1.10 19.77
N CYS A 43 9.55 -0.18 20.70
CA CYS A 43 10.63 0.41 21.49
C CYS A 43 11.12 -0.57 22.53
N GLU A 44 12.05 -1.41 22.12
CA GLU A 44 12.62 -2.42 22.99
C GLU A 44 14.02 -2.03 23.44
N LEU A 45 14.59 -2.83 24.33
CA LEU A 45 15.93 -2.56 24.83
C LEU A 45 16.99 -3.22 23.95
N GLY A 46 18.20 -2.66 23.98
CA GLY A 46 19.27 -3.21 23.18
C GLY A 46 19.96 -4.38 23.84
N SER A 47 21.28 -4.45 23.72
CA SER A 47 22.05 -5.53 24.30
C SER A 47 22.70 -5.09 25.62
N THR A 48 23.12 -3.83 25.67
CA THR A 48 23.75 -3.29 26.87
C THR A 48 22.72 -2.60 27.77
N GLY A 49 21.53 -3.17 27.83
CA GLY A 49 20.47 -2.60 28.64
C GLY A 49 20.06 -1.22 28.15
N SER A 50 20.26 -0.96 26.87
CA SER A 50 19.90 0.32 26.28
C SER A 50 18.49 0.30 25.72
N MET A 51 18.14 1.32 24.95
CA MET A 51 16.83 1.42 24.33
C MET A 51 16.96 1.52 22.81
N VAL A 52 16.22 0.67 22.11
CA VAL A 52 16.26 0.65 20.66
C VAL A 52 14.87 0.43 20.07
N TRP A 53 14.79 0.33 18.76
CA TRP A 53 13.52 0.14 18.07
C TRP A 53 13.53 -1.13 17.21
N ASN A 54 12.58 -2.01 17.46
CA ASN A 54 12.48 -3.26 16.70
C ASN A 54 11.02 -3.68 16.52
N PRO A 55 10.56 -3.94 15.27
CA PRO A 55 11.39 -3.84 14.07
C PRO A 55 11.62 -2.40 13.65
N GLU A 56 12.05 -2.20 12.40
CA GLU A 56 12.35 -0.87 11.90
C GLU A 56 11.32 -0.41 10.84
N ALA A 57 11.74 -0.36 9.56
CA ALA A 57 10.88 0.09 8.49
C ALA A 57 10.74 -0.99 7.42
N PRO A 58 9.63 -1.73 7.44
CA PRO A 58 9.35 -2.78 6.44
C PRO A 58 9.49 -2.28 5.01
N ILE A 59 8.84 -2.97 4.08
CA ILE A 59 8.93 -2.62 2.66
C ILE A 59 7.78 -1.68 2.25
N CYS A 60 7.83 -1.22 1.01
CA CYS A 60 6.81 -0.32 0.48
C CYS A 60 6.98 -0.14 -1.02
N GLU A 61 5.89 -0.24 -1.76
CA GLU A 61 5.92 -0.09 -3.20
C GLU A 61 4.60 0.46 -3.73
N SER A 62 4.51 0.65 -5.04
CA SER A 62 3.30 1.17 -5.66
C SER A 62 2.32 0.04 -5.98
N VAL A 63 1.14 0.12 -5.40
CA VAL A 63 0.10 -0.88 -5.61
C VAL A 63 -0.08 -1.19 -7.10
N LYS A 64 0.52 -2.29 -7.54
CA LYS A 64 0.45 -2.69 -8.94
C LYS A 64 -0.84 -3.45 -9.24
N CYS A 65 -1.68 -2.87 -10.09
CA CYS A 65 -2.93 -3.50 -10.48
C CYS A 65 -2.75 -4.21 -11.82
N GLN A 66 -3.03 -5.50 -11.83
CA GLN A 66 -2.90 -6.30 -13.04
C GLN A 66 -4.05 -5.97 -14.00
N SER A 67 -4.44 -6.93 -14.82
CA SER A 67 -5.52 -6.71 -15.77
C SER A 67 -6.78 -6.26 -15.04
N PRO A 68 -7.58 -5.39 -15.67
CA PRO A 68 -8.83 -4.89 -15.09
C PRO A 68 -9.83 -6.01 -14.84
N PRO A 69 -10.86 -5.77 -14.02
CA PRO A 69 -11.87 -6.76 -13.69
C PRO A 69 -12.31 -7.57 -14.91
N SER A 70 -12.83 -8.77 -14.67
CA SER A 70 -13.30 -9.64 -15.73
C SER A 70 -14.83 -9.66 -15.76
N ILE A 71 -15.41 -8.75 -16.53
CA ILE A 71 -16.86 -8.66 -16.64
C ILE A 71 -17.44 -9.86 -17.38
N SER A 72 -18.75 -9.85 -17.57
CA SER A 72 -19.42 -10.93 -18.28
C SER A 72 -19.82 -10.49 -19.68
N ASN A 73 -19.76 -11.43 -20.62
CA ASN A 73 -20.12 -11.16 -22.00
C ASN A 73 -19.28 -10.02 -22.57
N GLY A 74 -18.06 -9.88 -22.06
CA GLY A 74 -17.18 -8.84 -22.54
C GLY A 74 -15.74 -9.02 -22.09
N ARG A 75 -14.94 -7.97 -22.22
CA ARG A 75 -13.54 -8.02 -21.83
C ARG A 75 -12.96 -6.62 -21.71
N HIS A 76 -11.66 -6.56 -21.44
CA HIS A 76 -10.96 -5.28 -21.32
C HIS A 76 -10.04 -5.04 -22.50
N ASN A 77 -9.45 -3.85 -22.56
CA ASN A 77 -8.52 -3.50 -23.62
C ASN A 77 -7.10 -3.47 -23.10
N GLY A 78 -6.68 -2.31 -22.58
CA GLY A 78 -5.33 -2.19 -22.03
C GLY A 78 -4.25 -2.53 -23.04
N TYR A 79 -3.05 -2.05 -22.79
CA TYR A 79 -1.92 -2.30 -23.68
C TYR A 79 -0.80 -3.04 -22.95
N GLU A 80 -0.62 -2.71 -21.68
CA GLU A 80 0.43 -3.31 -20.86
C GLU A 80 -0.10 -4.55 -20.14
N ASP A 81 0.72 -5.11 -19.26
CA ASP A 81 0.33 -6.28 -18.49
C ASP A 81 -0.06 -5.90 -17.07
N PHE A 82 0.46 -4.77 -16.61
CA PHE A 82 0.16 -4.29 -15.26
C PHE A 82 -0.29 -2.82 -15.29
N TYR A 83 -0.64 -2.30 -14.13
CA TYR A 83 -1.10 -0.92 -14.02
C TYR A 83 -0.79 -0.36 -12.64
N THR A 84 -0.84 0.96 -12.51
CA THR A 84 -0.56 1.62 -11.24
C THR A 84 -1.64 2.63 -10.89
N ASP A 85 -1.43 3.36 -9.80
CA ASP A 85 -2.39 4.35 -9.34
C ASP A 85 -2.48 5.51 -10.32
N GLY A 86 -3.44 5.41 -11.22
CA GLY A 86 -3.66 6.46 -12.19
C GLY A 86 -3.68 5.94 -13.62
N SER A 87 -4.14 4.70 -13.80
CA SER A 87 -4.22 4.11 -15.13
C SER A 87 -5.68 3.96 -15.57
N VAL A 88 -5.89 3.85 -16.88
CA VAL A 88 -7.23 3.71 -17.42
C VAL A 88 -7.29 2.61 -18.48
N VAL A 89 -8.45 1.96 -18.58
CA VAL A 89 -8.65 0.89 -19.56
C VAL A 89 -10.08 0.92 -20.09
N THR A 90 -10.23 0.52 -21.35
CA THR A 90 -11.54 0.49 -21.98
C THR A 90 -12.04 -0.94 -22.17
N TYR A 91 -13.25 -1.20 -21.70
CA TYR A 91 -13.85 -2.52 -21.82
C TYR A 91 -14.60 -2.67 -23.13
N SER A 92 -14.75 -3.92 -23.58
CA SER A 92 -15.47 -4.19 -24.82
C SER A 92 -16.16 -5.55 -24.76
N CYS A 93 -17.39 -5.60 -25.26
CA CYS A 93 -18.16 -6.84 -25.26
C CYS A 93 -17.57 -7.85 -26.24
N ASN A 94 -17.88 -9.13 -26.02
CA ASN A 94 -17.36 -10.20 -26.87
C ASN A 94 -18.30 -10.48 -28.04
N SER A 95 -19.44 -11.10 -27.74
CA SER A 95 -20.41 -11.46 -28.76
C SER A 95 -20.98 -10.22 -29.46
N GLY A 96 -20.86 -9.07 -28.80
CA GLY A 96 -21.37 -7.84 -29.37
C GLY A 96 -22.43 -7.19 -28.50
N TYR A 97 -22.31 -7.38 -27.19
CA TYR A 97 -23.25 -6.82 -26.24
C TYR A 97 -23.09 -5.30 -26.17
N SER A 98 -23.77 -4.68 -25.22
CA SER A 98 -23.72 -3.24 -25.07
C SER A 98 -22.96 -2.84 -23.81
N LEU A 99 -21.74 -2.33 -24.00
CA LEU A 99 -20.90 -1.88 -22.91
C LEU A 99 -21.71 -1.04 -21.92
N ILE A 100 -21.95 -1.61 -20.75
CA ILE A 100 -22.75 -0.95 -19.73
C ILE A 100 -21.89 0.02 -18.91
N GLY A 101 -22.55 0.95 -18.24
CA GLY A 101 -21.82 1.92 -17.45
C GLY A 101 -20.78 2.66 -18.27
N ASN A 102 -19.55 2.67 -17.77
CA ASN A 102 -18.47 3.34 -18.48
C ASN A 102 -17.40 2.32 -18.90
N SER A 103 -16.96 2.44 -20.14
CA SER A 103 -15.94 1.54 -20.67
C SER A 103 -14.60 1.80 -19.98
N GLY A 104 -14.39 3.04 -19.58
CA GLY A 104 -13.16 3.43 -18.91
C GLY A 104 -13.12 2.95 -17.48
N VAL A 105 -12.00 2.35 -17.09
CA VAL A 105 -11.82 1.87 -15.73
C VAL A 105 -10.55 2.45 -15.12
N LEU A 106 -10.69 3.10 -13.97
CA LEU A 106 -9.56 3.74 -13.30
C LEU A 106 -8.77 2.75 -12.46
N CYS A 107 -7.48 2.63 -12.75
CA CYS A 107 -6.61 1.79 -11.96
C CYS A 107 -6.03 2.59 -10.79
N SER A 108 -6.56 2.34 -9.60
CA SER A 108 -6.12 3.07 -8.42
C SER A 108 -6.08 2.19 -7.19
N GLY A 109 -5.24 2.57 -6.23
CA GLY A 109 -5.11 1.81 -5.00
C GLY A 109 -4.98 0.33 -5.24
N GLY A 110 -4.30 -0.04 -6.32
CA GLY A 110 -4.13 -1.45 -6.65
C GLY A 110 -5.44 -2.12 -7.06
N GLU A 111 -6.47 -1.32 -7.29
CA GLU A 111 -7.76 -1.84 -7.70
C GLU A 111 -8.30 -1.05 -8.88
N TRP A 112 -9.47 -1.45 -9.37
CA TRP A 112 -10.09 -0.79 -10.51
C TRP A 112 -11.43 -0.18 -10.12
N SER A 113 -11.78 0.92 -10.76
CA SER A 113 -13.03 1.62 -10.44
C SER A 113 -13.85 1.88 -11.70
N ASP A 114 -15.13 2.20 -11.49
CA ASP A 114 -16.07 2.50 -12.56
C ASP A 114 -15.97 1.48 -13.70
N PRO A 115 -16.06 0.18 -13.39
CA PRO A 115 -16.04 -0.88 -14.40
C PRO A 115 -17.42 -1.07 -15.04
N PRO A 116 -17.46 -1.42 -16.33
CA PRO A 116 -18.71 -1.58 -17.06
C PRO A 116 -19.23 -3.00 -17.10
N THR A 117 -20.25 -3.20 -17.93
CA THR A 117 -20.84 -4.50 -18.13
C THR A 117 -21.18 -4.70 -19.61
N CYS A 118 -21.92 -5.76 -19.91
CA CYS A 118 -22.30 -6.04 -21.28
C CYS A 118 -23.70 -6.62 -21.36
N GLN A 119 -24.67 -5.75 -21.60
CA GLN A 119 -26.06 -6.16 -21.71
C GLN A 119 -26.65 -5.76 -23.05
N ILE A 120 -27.71 -6.45 -23.43
CA ILE A 120 -28.37 -6.17 -24.71
C ILE A 120 -29.40 -5.05 -24.56
N ARG A 1 -13.90 -2.39 -30.81
CA ARG A 1 -13.44 -3.53 -30.04
C ARG A 1 -12.97 -3.08 -28.66
N ARG A 2 -12.12 -3.89 -28.03
CA ARG A 2 -11.56 -3.57 -26.73
C ARG A 2 -12.67 -3.32 -25.70
N CYS A 3 -12.29 -3.38 -24.43
CA CYS A 3 -13.24 -3.16 -23.34
C CYS A 3 -13.35 -1.68 -23.00
N PRO A 4 -14.46 -1.28 -22.35
CA PRO A 4 -14.69 0.12 -21.97
C PRO A 4 -13.74 0.58 -20.87
N SER A 5 -13.79 1.86 -20.55
CA SER A 5 -12.93 2.43 -19.52
C SER A 5 -13.03 1.60 -18.24
N PRO A 6 -11.97 0.83 -17.91
CA PRO A 6 -11.96 0.00 -16.71
C PRO A 6 -12.25 0.81 -15.45
N ARG A 7 -13.01 0.20 -14.54
CA ARG A 7 -13.35 0.85 -13.28
C ARG A 7 -12.10 1.36 -12.59
N ASP A 8 -12.25 2.42 -11.82
CA ASP A 8 -11.11 3.02 -11.14
C ASP A 8 -11.08 2.65 -9.67
N ILE A 9 -10.12 3.23 -8.96
CA ILE A 9 -9.96 2.96 -7.54
C ILE A 9 -9.71 4.27 -6.78
N ASP A 10 -10.17 4.32 -5.53
CA ASP A 10 -10.03 5.53 -4.72
C ASP A 10 -8.64 5.66 -4.11
N ASN A 11 -8.28 4.70 -3.26
CA ASN A 11 -6.98 4.72 -2.58
C ASN A 11 -5.94 3.93 -3.37
N GLY A 12 -6.13 3.85 -4.69
CA GLY A 12 -5.19 3.11 -5.52
C GLY A 12 -5.02 3.71 -6.90
N GLN A 13 -4.23 3.05 -7.74
CA GLN A 13 -3.99 3.51 -9.10
C GLN A 13 -3.97 2.34 -10.08
N LEU A 14 -4.76 2.44 -11.13
CA LEU A 14 -4.85 1.37 -12.13
C LEU A 14 -3.60 1.32 -12.99
N ASP A 15 -3.32 0.13 -13.53
CA ASP A 15 -2.19 -0.07 -14.42
C ASP A 15 -2.65 -0.80 -15.67
N ILE A 16 -3.34 -0.07 -16.56
CA ILE A 16 -3.89 -0.65 -17.78
C ILE A 16 -2.80 -1.04 -18.76
N GLY A 17 -2.58 -2.34 -18.90
CA GLY A 17 -1.59 -2.84 -19.85
C GLY A 17 -2.23 -3.52 -21.04
N GLY A 18 -3.53 -3.31 -21.22
CA GLY A 18 -4.25 -3.93 -22.32
C GLY A 18 -5.75 -3.92 -22.10
N VAL A 19 -6.48 -3.33 -23.04
CA VAL A 19 -7.93 -3.23 -22.92
C VAL A 19 -8.65 -4.06 -23.97
N ASP A 20 -8.01 -5.13 -24.43
CA ASP A 20 -8.61 -6.00 -25.43
C ASP A 20 -9.16 -7.27 -24.80
N PHE A 21 -10.03 -7.95 -25.55
CA PHE A 21 -10.65 -9.18 -25.07
C PHE A 21 -9.59 -10.24 -24.76
N GLY A 22 -9.18 -10.28 -23.50
CA GLY A 22 -8.17 -11.24 -23.09
C GLY A 22 -6.97 -10.59 -22.44
N SER A 23 -7.01 -9.27 -22.27
CA SER A 23 -5.91 -8.54 -21.64
C SER A 23 -6.06 -8.58 -20.13
N SER A 24 -5.43 -7.64 -19.45
CA SER A 24 -5.52 -7.57 -17.99
C SER A 24 -4.96 -6.26 -17.47
N ILE A 25 -5.45 -5.86 -16.30
CA ILE A 25 -4.99 -4.63 -15.65
C ILE A 25 -4.29 -4.95 -14.34
N THR A 26 -3.70 -3.93 -13.73
CA THR A 26 -3.02 -4.11 -12.46
C THR A 26 -3.43 -3.03 -11.46
N TYR A 27 -4.19 -3.43 -10.45
CA TYR A 27 -4.65 -2.50 -9.42
C TYR A 27 -3.59 -2.34 -8.35
N SER A 28 -3.32 -1.08 -8.00
CA SER A 28 -2.32 -0.77 -6.98
C SER A 28 -2.84 0.30 -6.04
N CYS A 29 -2.20 0.41 -4.88
CA CYS A 29 -2.60 1.41 -3.89
C CYS A 29 -1.98 2.77 -4.19
N ASN A 30 -2.46 3.80 -3.51
CA ASN A 30 -1.95 5.15 -3.72
C ASN A 30 -0.49 5.25 -3.32
N SER A 31 -0.23 5.34 -2.02
CA SER A 31 1.13 5.45 -1.51
C SER A 31 1.21 4.96 -0.07
N GLY A 32 2.22 4.17 0.24
CA GLY A 32 2.36 3.65 1.58
C GLY A 32 1.13 2.90 2.02
N TYR A 33 0.40 2.37 1.06
CA TYR A 33 -0.83 1.63 1.34
C TYR A 33 -0.69 0.16 0.93
N HIS A 34 -1.61 -0.67 1.39
CA HIS A 34 -1.62 -2.09 1.05
C HIS A 34 -2.88 -2.45 0.29
N LEU A 35 -2.72 -2.98 -0.91
CA LEU A 35 -3.86 -3.40 -1.71
C LEU A 35 -4.25 -4.82 -1.34
N ILE A 36 -5.40 -4.96 -0.69
CA ILE A 36 -5.86 -6.27 -0.24
C ILE A 36 -6.58 -7.01 -1.35
N GLY A 37 -6.59 -8.34 -1.26
CA GLY A 37 -7.23 -9.15 -2.27
C GLY A 37 -6.45 -9.19 -3.56
N GLU A 38 -7.14 -9.25 -4.69
CA GLU A 38 -6.48 -9.27 -5.99
C GLU A 38 -5.95 -7.90 -6.34
N SER A 39 -5.08 -7.84 -7.34
CA SER A 39 -4.49 -6.58 -7.78
C SER A 39 -4.36 -6.54 -9.29
N LYS A 40 -5.20 -7.30 -9.97
CA LYS A 40 -5.16 -7.37 -11.43
C LYS A 40 -6.55 -7.62 -12.00
N SER A 41 -6.88 -6.88 -13.06
CA SER A 41 -8.16 -7.04 -13.73
C SER A 41 -7.99 -7.75 -15.06
N TYR A 42 -9.07 -8.30 -15.59
CA TYR A 42 -9.01 -9.05 -16.83
C TYR A 42 -10.12 -8.66 -17.79
N CYS A 43 -9.74 -8.23 -18.98
CA CYS A 43 -10.71 -7.83 -19.99
C CYS A 43 -11.33 -9.05 -20.66
N GLU A 44 -12.47 -9.47 -20.14
CA GLU A 44 -13.17 -10.62 -20.69
C GLU A 44 -14.51 -10.20 -21.28
N LEU A 45 -15.31 -11.18 -21.68
CA LEU A 45 -16.62 -10.90 -22.24
C LEU A 45 -17.71 -11.16 -21.22
N GLY A 46 -18.82 -10.45 -21.36
CA GLY A 46 -19.92 -10.61 -20.42
C GLY A 46 -21.13 -11.29 -21.04
N SER A 47 -21.57 -10.78 -22.18
CA SER A 47 -22.72 -11.34 -22.88
C SER A 47 -22.29 -12.44 -23.85
N THR A 48 -21.47 -13.37 -23.36
CA THR A 48 -20.98 -14.47 -24.19
C THR A 48 -20.35 -13.94 -25.47
N GLY A 49 -19.83 -12.72 -25.40
CA GLY A 49 -19.21 -12.11 -26.56
C GLY A 49 -18.91 -10.65 -26.33
N SER A 50 -19.74 -9.99 -25.52
CA SER A 50 -19.56 -8.59 -25.22
C SER A 50 -18.19 -8.34 -24.58
N MET A 51 -18.06 -7.21 -23.91
CA MET A 51 -16.81 -6.85 -23.25
C MET A 51 -17.05 -6.47 -21.80
N VAL A 52 -16.18 -6.94 -20.92
CA VAL A 52 -16.30 -6.68 -19.49
C VAL A 52 -14.94 -6.70 -18.80
N TRP A 53 -14.93 -6.33 -17.52
CA TRP A 53 -13.70 -6.31 -16.75
C TRP A 53 -13.86 -7.06 -15.43
N ASN A 54 -12.92 -7.95 -15.13
CA ASN A 54 -12.97 -8.72 -13.90
C ASN A 54 -11.60 -9.30 -13.55
N PRO A 55 -11.17 -9.21 -12.27
CA PRO A 55 -11.95 -8.59 -11.18
C PRO A 55 -12.04 -7.07 -11.30
N GLU A 56 -12.47 -6.42 -10.23
CA GLU A 56 -12.62 -4.98 -10.21
C GLU A 56 -11.59 -4.32 -9.27
N ALA A 57 -11.93 -3.16 -8.72
CA ALA A 57 -11.06 -2.44 -7.80
C ALA A 57 -11.00 -3.14 -6.45
N PRO A 58 -9.83 -3.66 -6.05
CA PRO A 58 -9.67 -4.38 -4.79
C PRO A 58 -9.73 -3.45 -3.58
N ILE A 59 -9.03 -3.82 -2.51
CA ILE A 59 -9.02 -3.02 -1.28
C ILE A 59 -7.73 -2.23 -1.15
N CYS A 60 -7.70 -1.34 -0.17
CA CYS A 60 -6.51 -0.51 0.06
C CYS A 60 -6.51 0.05 1.48
N GLU A 61 -5.36 -0.03 2.15
CA GLU A 61 -5.23 0.48 3.52
C GLU A 61 -3.85 1.07 3.74
N SER A 62 -3.74 1.96 4.73
CA SER A 62 -2.47 2.62 5.05
C SER A 62 -1.55 1.70 5.85
N VAL A 63 -0.32 1.57 5.37
CA VAL A 63 0.67 0.76 6.03
C VAL A 63 0.78 1.07 7.52
N LYS A 64 0.06 0.32 8.34
CA LYS A 64 0.07 0.54 9.77
C LYS A 64 1.30 -0.09 10.42
N CYS A 65 2.14 0.75 11.02
CA CYS A 65 3.35 0.28 11.69
C CYS A 65 3.11 0.17 13.19
N GLN A 66 3.26 -1.05 13.70
CA GLN A 66 3.08 -1.29 15.12
C GLN A 66 4.22 -0.69 15.93
N SER A 67 4.42 -1.19 17.14
CA SER A 67 5.48 -0.69 18.01
C SER A 67 6.82 -0.62 17.26
N PRO A 68 7.60 0.45 17.50
CA PRO A 68 8.89 0.63 16.82
C PRO A 68 9.87 -0.51 17.14
N PRO A 69 10.93 -0.66 16.33
CA PRO A 69 11.93 -1.71 16.51
C PRO A 69 12.34 -1.89 17.97
N SER A 70 12.85 -3.08 18.28
CA SER A 70 13.31 -3.38 19.63
C SER A 70 14.82 -3.44 19.69
N ILE A 71 15.45 -2.30 19.95
CA ILE A 71 16.90 -2.22 20.02
C ILE A 71 17.45 -2.96 21.24
N SER A 72 18.77 -3.06 21.31
CA SER A 72 19.41 -3.73 22.43
C SER A 72 19.82 -2.71 23.50
N ASN A 73 19.70 -3.12 24.75
CA ASN A 73 20.06 -2.23 25.87
C ASN A 73 19.21 -0.97 25.86
N GLY A 74 18.01 -1.07 25.32
CA GLY A 74 17.13 0.07 25.27
C GLY A 74 15.69 -0.30 24.94
N ARG A 75 14.89 0.70 24.60
CA ARG A 75 13.49 0.49 24.26
C ARG A 75 12.90 1.72 23.60
N HIS A 76 11.60 1.66 23.33
CA HIS A 76 10.90 2.78 22.69
C HIS A 76 9.87 3.40 23.62
N ASN A 77 9.36 4.57 23.25
CA ASN A 77 8.35 5.25 24.06
C ASN A 77 6.95 5.02 23.49
N GLY A 78 6.55 5.86 22.55
CA GLY A 78 5.24 5.71 21.94
C GLY A 78 4.11 5.94 22.92
N TYR A 79 3.02 6.52 22.43
CA TYR A 79 1.85 6.79 23.26
C TYR A 79 0.68 5.91 22.83
N GLU A 80 0.64 5.59 21.55
CA GLU A 80 -0.43 4.76 20.99
C GLU A 80 0.02 3.31 20.88
N ASP A 81 -0.80 2.48 20.23
CA ASP A 81 -0.50 1.07 20.05
C ASP A 81 -0.03 0.79 18.63
N PHE A 82 -0.45 1.63 17.71
CA PHE A 82 -0.09 1.48 16.30
C PHE A 82 0.39 2.80 15.71
N TYR A 83 0.91 2.75 14.48
CA TYR A 83 1.41 3.94 13.81
C TYR A 83 1.18 3.86 12.30
N THR A 84 1.36 4.98 11.62
CA THR A 84 1.16 5.04 10.17
C THR A 84 2.25 5.89 9.51
N ASP A 85 2.10 6.09 8.20
CA ASP A 85 3.07 6.88 7.45
C ASP A 85 3.10 8.31 7.94
N GLY A 86 4.03 8.59 8.84
CA GLY A 86 4.18 9.92 9.37
C GLY A 86 4.12 9.98 10.88
N SER A 87 4.49 8.88 11.54
CA SER A 87 4.49 8.83 12.99
C SER A 87 5.92 8.83 13.52
N VAL A 88 6.11 9.35 14.72
CA VAL A 88 7.44 9.40 15.32
C VAL A 88 7.43 8.85 16.75
N VAL A 89 8.59 8.36 17.18
CA VAL A 89 8.74 7.81 18.52
C VAL A 89 10.15 8.06 19.05
N THR A 90 10.26 8.16 20.37
CA THR A 90 11.55 8.39 20.99
C THR A 90 12.02 7.16 21.75
N TYR A 91 13.22 6.72 21.41
CA TYR A 91 13.79 5.52 22.03
C TYR A 91 14.46 5.87 23.36
N SER A 92 14.69 4.85 24.18
CA SER A 92 15.29 5.06 25.49
C SER A 92 16.09 3.85 25.95
N CYS A 93 17.33 4.09 26.38
CA CYS A 93 18.19 3.02 26.86
C CYS A 93 17.68 2.48 28.19
N ASN A 94 18.03 1.23 28.50
CA ASN A 94 17.57 0.60 29.73
C ASN A 94 18.59 0.77 30.86
N SER A 95 19.71 0.07 30.76
CA SER A 95 20.75 0.14 31.78
C SER A 95 21.23 1.58 31.98
N GLY A 96 21.00 2.42 30.97
CA GLY A 96 21.42 3.81 31.06
C GLY A 96 22.43 4.16 30.00
N TYR A 97 22.34 3.50 28.85
CA TYR A 97 23.24 3.75 27.74
C TYR A 97 22.95 5.10 27.11
N SER A 98 23.63 5.39 26.00
CA SER A 98 23.45 6.64 25.30
C SER A 98 22.75 6.41 23.96
N LEU A 99 21.51 6.86 23.88
CA LEU A 99 20.71 6.73 22.66
C LEU A 99 21.50 7.17 21.44
N ILE A 100 21.80 6.22 20.58
CA ILE A 100 22.56 6.49 19.37
C ILE A 100 21.65 6.75 18.18
N GLY A 101 22.18 7.37 17.14
CA GLY A 101 21.37 7.67 15.97
C GLY A 101 20.09 8.38 16.33
N ASN A 102 20.12 9.07 17.45
CA ASN A 102 18.98 9.82 17.96
C ASN A 102 17.79 8.90 18.21
N SER A 103 17.18 9.07 19.37
CA SER A 103 16.05 8.26 19.79
C SER A 103 14.88 8.40 18.81
N GLY A 104 14.82 9.55 18.15
CA GLY A 104 13.73 9.81 17.22
C GLY A 104 13.66 8.80 16.10
N VAL A 105 12.48 8.23 15.89
CA VAL A 105 12.24 7.27 14.82
C VAL A 105 11.11 7.75 13.92
N LEU A 106 11.17 7.39 12.65
CA LEU A 106 10.12 7.79 11.71
C LEU A 106 9.31 6.60 11.23
N CYS A 107 8.07 6.50 11.69
CA CYS A 107 7.18 5.45 11.24
C CYS A 107 6.71 5.75 9.83
N SER A 108 7.28 5.05 8.86
CA SER A 108 6.94 5.27 7.46
C SER A 108 6.99 3.97 6.68
N GLY A 109 6.31 3.95 5.53
CA GLY A 109 6.28 2.77 4.69
C GLY A 109 5.98 1.50 5.47
N GLY A 110 5.18 1.63 6.53
CA GLY A 110 4.84 0.48 7.34
C GLY A 110 6.00 -0.01 8.19
N GLU A 111 7.10 0.74 8.18
CA GLU A 111 8.27 0.37 8.96
C GLU A 111 8.86 1.60 9.65
N TRP A 112 9.85 1.37 10.50
CA TRP A 112 10.49 2.45 11.24
C TRP A 112 11.88 2.75 10.66
N SER A 113 12.09 4.01 10.30
CA SER A 113 13.37 4.43 9.72
C SER A 113 14.24 5.13 10.76
N ASP A 114 15.55 5.16 10.48
CA ASP A 114 16.52 5.80 11.34
C ASP A 114 16.38 5.37 12.80
N PRO A 115 16.25 4.06 13.07
CA PRO A 115 16.16 3.54 14.44
C PRO A 115 17.49 3.70 15.16
N PRO A 116 17.45 3.99 16.48
CA PRO A 116 18.64 4.23 17.27
C PRO A 116 19.25 2.99 17.89
N THR A 117 20.24 3.23 18.73
CA THR A 117 20.93 2.17 19.45
C THR A 117 21.13 2.57 20.91
N CYS A 118 22.08 1.95 21.59
CA CYS A 118 22.36 2.28 22.98
C CYS A 118 23.79 1.92 23.35
N GLN A 119 24.68 2.87 23.17
CA GLN A 119 26.09 2.67 23.49
C GLN A 119 26.54 3.61 24.59
N ILE A 120 27.77 3.42 25.05
CA ILE A 120 28.32 4.24 26.12
C ILE A 120 29.28 5.29 25.56
N ARG A 1 22.36 2.87 25.90
CA ARG A 1 22.84 2.54 24.56
C ARG A 1 21.68 2.49 23.57
N ARG A 2 21.56 3.54 22.77
CA ARG A 2 20.53 3.61 21.74
C ARG A 2 19.17 3.17 22.26
N CYS A 3 18.22 3.05 21.34
CA CYS A 3 16.85 2.63 21.67
C CYS A 3 16.73 1.12 21.47
N PRO A 4 15.55 0.52 21.77
CA PRO A 4 15.34 -0.90 21.63
C PRO A 4 14.79 -1.26 20.26
N SER A 5 14.56 -2.55 20.03
CA SER A 5 14.02 -3.01 18.76
C SER A 5 12.75 -2.24 18.40
N PRO A 6 12.84 -1.30 17.44
CA PRO A 6 11.69 -0.50 17.02
C PRO A 6 10.45 -1.35 16.74
N ARG A 7 9.28 -0.75 16.90
CA ARG A 7 8.03 -1.44 16.65
C ARG A 7 7.94 -1.83 15.19
N ASP A 8 6.98 -2.67 14.86
CA ASP A 8 6.82 -3.15 13.49
C ASP A 8 5.49 -2.75 12.90
N ILE A 9 5.24 -3.23 11.69
CA ILE A 9 4.00 -2.94 10.98
C ILE A 9 3.57 -4.15 10.15
N ASP A 10 2.27 -4.42 10.14
CA ASP A 10 1.75 -5.58 9.43
C ASP A 10 1.94 -5.46 7.92
N ASN A 11 1.16 -4.59 7.29
CA ASN A 11 1.24 -4.40 5.86
C ASN A 11 2.26 -3.32 5.51
N GLY A 12 3.41 -3.38 6.14
CA GLY A 12 4.45 -2.40 5.88
C GLY A 12 5.84 -2.88 6.23
N GLN A 13 6.84 -2.10 5.85
CA GLN A 13 8.24 -2.44 6.12
C GLN A 13 8.97 -1.22 6.69
N LEU A 14 9.69 -1.42 7.79
CA LEU A 14 10.41 -0.33 8.44
C LEU A 14 11.71 -0.03 7.71
N ASP A 15 12.30 1.12 8.06
CA ASP A 15 13.58 1.54 7.51
C ASP A 15 14.47 2.06 8.63
N ILE A 16 14.97 1.15 9.45
CA ILE A 16 15.81 1.52 10.59
C ILE A 16 17.19 2.02 10.14
N GLY A 17 17.31 3.33 9.96
CA GLY A 17 18.59 3.90 9.57
C GLY A 17 19.36 4.44 10.76
N GLY A 18 18.97 4.01 11.97
CA GLY A 18 19.63 4.46 13.17
C GLY A 18 18.75 4.27 14.40
N VAL A 19 19.31 3.66 15.44
CA VAL A 19 18.56 3.39 16.65
C VAL A 19 19.12 4.15 17.86
N ASP A 20 20.16 4.95 17.65
CA ASP A 20 20.76 5.71 18.74
C ASP A 20 19.83 6.83 19.20
N PHE A 21 19.97 7.23 20.46
CA PHE A 21 19.14 8.28 21.04
C PHE A 21 19.13 9.51 20.14
N GLY A 22 18.01 9.73 19.45
CA GLY A 22 17.90 10.86 18.57
C GLY A 22 17.76 10.47 17.11
N SER A 23 17.92 9.18 16.81
CA SER A 23 17.82 8.69 15.45
C SER A 23 16.37 8.72 14.98
N SER A 24 16.13 8.14 13.81
CA SER A 24 14.79 8.09 13.24
C SER A 24 14.61 6.90 12.31
N ILE A 25 13.38 6.47 12.14
CA ILE A 25 13.07 5.33 11.28
C ILE A 25 12.14 5.75 10.15
N THR A 26 11.98 4.88 9.16
CA THR A 26 11.10 5.16 8.03
C THR A 26 10.12 4.01 7.80
N TYR A 27 8.84 4.27 8.08
CA TYR A 27 7.81 3.26 7.90
C TYR A 27 7.24 3.29 6.48
N SER A 28 7.09 2.12 5.90
CA SER A 28 6.56 2.00 4.55
C SER A 28 5.58 0.82 4.46
N CYS A 29 4.84 0.76 3.36
CA CYS A 29 3.88 -0.31 3.16
C CYS A 29 4.54 -1.51 2.48
N ASN A 30 3.88 -2.67 2.56
CA ASN A 30 4.41 -3.89 1.97
C ASN A 30 4.63 -3.73 0.47
N SER A 31 3.56 -3.86 -0.30
CA SER A 31 3.63 -3.73 -1.74
C SER A 31 2.26 -3.40 -2.33
N GLY A 32 2.23 -2.43 -3.23
CA GLY A 32 0.98 -2.02 -3.83
C GLY A 32 -0.01 -1.52 -2.79
N TYR A 33 0.52 -1.05 -1.66
CA TYR A 33 -0.30 -0.55 -0.57
C TYR A 33 -0.12 0.95 -0.39
N HIS A 34 -0.81 1.52 0.58
CA HIS A 34 -0.70 2.94 0.88
C HIS A 34 -0.67 3.19 2.38
N LEU A 35 0.47 3.66 2.86
CA LEU A 35 0.65 3.93 4.28
C LEU A 35 0.00 5.26 4.66
N ILE A 36 -0.87 5.22 5.66
CA ILE A 36 -1.58 6.42 6.09
C ILE A 36 -0.94 7.03 7.33
N GLY A 37 -1.11 8.34 7.48
CA GLY A 37 -0.54 9.04 8.62
C GLY A 37 0.95 9.28 8.46
N GLU A 38 1.68 9.23 9.56
CA GLU A 38 3.12 9.43 9.54
C GLU A 38 3.82 8.26 8.86
N SER A 39 5.11 8.40 8.62
CA SER A 39 5.90 7.36 7.98
C SER A 39 7.33 7.34 8.50
N LYS A 40 7.55 7.94 9.66
CA LYS A 40 8.88 8.00 10.23
C LYS A 40 8.83 7.98 11.76
N SER A 41 9.68 7.16 12.35
CA SER A 41 9.76 7.06 13.81
C SER A 41 10.98 7.82 14.31
N TYR A 42 10.92 8.31 15.54
CA TYR A 42 12.02 9.07 16.11
C TYR A 42 12.48 8.49 17.43
N CYS A 43 13.76 8.11 17.47
CA CYS A 43 14.36 7.55 18.68
C CYS A 43 14.54 8.62 19.73
N GLU A 44 13.56 8.74 20.61
CA GLU A 44 13.59 9.75 21.66
C GLU A 44 13.73 9.09 23.02
N LEU A 45 13.85 9.92 24.05
CA LEU A 45 14.00 9.43 25.41
C LEU A 45 12.64 9.31 26.09
N GLY A 46 12.57 8.47 27.12
CA GLY A 46 11.32 8.26 27.83
C GLY A 46 11.12 9.25 28.94
N SER A 47 10.85 8.75 30.14
CA SER A 47 10.64 9.60 31.31
C SER A 47 11.81 9.52 32.27
N THR A 48 12.34 8.32 32.46
CA THR A 48 13.47 8.11 33.36
C THR A 48 14.78 8.06 32.57
N GLY A 49 15.05 9.12 31.82
CA GLY A 49 16.27 9.18 31.03
C GLY A 49 16.47 7.93 30.19
N SER A 50 15.36 7.25 29.88
CA SER A 50 15.41 6.03 29.08
C SER A 50 15.44 6.34 27.59
N MET A 51 15.16 5.34 26.78
CA MET A 51 15.14 5.51 25.33
C MET A 51 13.90 4.84 24.74
N VAL A 52 13.09 5.64 24.06
CA VAL A 52 11.85 5.15 23.46
C VAL A 52 11.79 5.48 21.98
N TRP A 53 10.69 5.14 21.34
CA TRP A 53 10.49 5.40 19.92
C TRP A 53 9.18 6.15 19.68
N ASN A 54 9.25 7.27 18.98
CA ASN A 54 8.06 8.05 18.70
C ASN A 54 8.19 8.84 17.39
N PRO A 55 7.21 8.75 16.48
CA PRO A 55 6.01 7.92 16.64
C PRO A 55 6.29 6.43 16.44
N GLU A 56 5.23 5.65 16.29
CA GLU A 56 5.36 4.22 16.10
C GLU A 56 4.96 3.81 14.68
N ALA A 57 4.51 2.57 14.52
CA ALA A 57 4.09 2.06 13.22
C ALA A 57 2.74 2.65 12.81
N PRO A 58 2.72 3.48 11.76
CA PRO A 58 1.48 4.12 11.29
C PRO A 58 0.50 3.12 10.68
N ILE A 59 -0.30 3.59 9.72
CA ILE A 59 -1.29 2.74 9.07
C ILE A 59 -0.79 2.24 7.72
N CYS A 60 -1.49 1.24 7.17
CA CYS A 60 -1.13 0.67 5.88
C CYS A 60 -2.27 -0.18 5.34
N GLU A 61 -2.73 0.14 4.13
CA GLU A 61 -3.81 -0.60 3.51
C GLU A 61 -3.52 -0.87 2.04
N SER A 62 -4.42 -1.60 1.38
CA SER A 62 -4.25 -1.94 -0.02
C SER A 62 -4.97 -0.94 -0.91
N VAL A 63 -4.22 -0.31 -1.81
CA VAL A 63 -4.77 0.66 -2.74
C VAL A 63 -6.04 0.15 -3.40
N LYS A 64 -7.18 0.59 -2.89
CA LYS A 64 -8.47 0.19 -3.41
C LYS A 64 -8.73 0.81 -4.78
N CYS A 65 -8.81 -0.03 -5.81
CA CYS A 65 -9.08 0.43 -7.17
C CYS A 65 -10.56 0.29 -7.49
N GLN A 66 -11.19 1.40 -7.83
CA GLN A 66 -12.61 1.40 -8.14
C GLN A 66 -12.87 0.74 -9.50
N SER A 67 -14.01 1.05 -10.10
CA SER A 67 -14.37 0.49 -11.40
C SER A 67 -13.22 0.61 -12.39
N PRO A 68 -12.96 -0.44 -13.18
CA PRO A 68 -11.88 -0.44 -14.18
C PRO A 68 -12.07 0.65 -15.23
N PRO A 69 -11.00 1.00 -15.97
CA PRO A 69 -11.06 2.04 -17.00
C PRO A 69 -12.33 2.00 -17.84
N SER A 70 -12.66 3.12 -18.46
CA SER A 70 -13.84 3.21 -19.30
C SER A 70 -13.44 3.32 -20.77
N ILE A 71 -13.35 2.16 -21.43
CA ILE A 71 -12.96 2.12 -22.84
C ILE A 71 -14.05 2.70 -23.73
N SER A 72 -13.82 2.66 -25.03
CA SER A 72 -14.78 3.17 -25.99
C SER A 72 -15.57 2.03 -26.63
N ASN A 73 -16.83 2.30 -26.95
CA ASN A 73 -17.69 1.31 -27.57
C ASN A 73 -17.72 0.02 -26.74
N GLY A 74 -17.54 0.16 -25.43
CA GLY A 74 -17.56 -1.00 -24.56
C GLY A 74 -17.54 -0.61 -23.09
N ARG A 75 -17.39 -1.61 -22.23
CA ARG A 75 -17.34 -1.37 -20.79
C ARG A 75 -16.73 -2.56 -20.06
N HIS A 76 -16.71 -2.49 -18.74
CA HIS A 76 -16.17 -3.55 -17.92
C HIS A 76 -17.28 -4.42 -17.34
N ASN A 77 -16.89 -5.51 -16.68
CA ASN A 77 -17.86 -6.41 -16.06
C ASN A 77 -17.92 -6.18 -14.56
N GLY A 78 -17.00 -6.81 -13.83
CA GLY A 78 -16.94 -6.63 -12.40
C GLY A 78 -18.20 -7.06 -11.69
N TYR A 79 -18.05 -7.55 -10.47
CA TYR A 79 -19.20 -7.99 -9.67
C TYR A 79 -19.39 -7.07 -8.47
N GLU A 80 -18.27 -6.57 -7.95
CA GLU A 80 -18.28 -5.68 -6.81
C GLU A 80 -18.21 -4.22 -7.26
N ASP A 81 -18.04 -3.31 -6.30
CA ASP A 81 -17.96 -1.90 -6.60
C ASP A 81 -16.51 -1.39 -6.51
N PHE A 82 -15.67 -2.14 -5.81
CA PHE A 82 -14.27 -1.75 -5.64
C PHE A 82 -13.34 -2.94 -5.89
N TYR A 83 -12.04 -2.67 -5.86
CA TYR A 83 -11.04 -3.72 -6.09
C TYR A 83 -9.74 -3.40 -5.35
N THR A 84 -8.88 -4.40 -5.23
CA THR A 84 -7.60 -4.22 -4.53
C THR A 84 -6.44 -4.67 -5.38
N ASP A 85 -5.22 -4.43 -4.89
CA ASP A 85 -4.02 -4.83 -5.61
C ASP A 85 -3.98 -6.33 -5.83
N GLY A 86 -4.44 -6.74 -6.99
CA GLY A 86 -4.44 -8.15 -7.33
C GLY A 86 -5.82 -8.65 -7.75
N SER A 87 -6.63 -7.76 -8.31
CA SER A 87 -7.96 -8.13 -8.77
C SER A 87 -8.03 -8.10 -10.29
N VAL A 88 -9.00 -8.83 -10.85
CA VAL A 88 -9.15 -8.87 -12.30
C VAL A 88 -10.60 -8.63 -12.71
N VAL A 89 -10.77 -8.07 -13.91
CA VAL A 89 -12.09 -7.79 -14.45
C VAL A 89 -12.12 -8.03 -15.96
N THR A 90 -13.27 -8.44 -16.46
CA THR A 90 -13.41 -8.71 -17.89
C THR A 90 -14.18 -7.59 -18.58
N TYR A 91 -13.69 -7.13 -19.72
CA TYR A 91 -14.32 -6.06 -20.47
C TYR A 91 -15.26 -6.61 -21.53
N SER A 92 -16.19 -5.78 -21.96
CA SER A 92 -17.15 -6.18 -22.98
C SER A 92 -17.69 -4.98 -23.75
N CYS A 93 -17.84 -5.14 -25.06
CA CYS A 93 -18.34 -4.07 -25.92
C CYS A 93 -19.82 -3.81 -25.67
N ASN A 94 -20.29 -2.65 -26.11
CA ASN A 94 -21.69 -2.26 -25.92
C ASN A 94 -22.56 -2.69 -27.11
N SER A 95 -22.48 -1.93 -28.19
CA SER A 95 -23.27 -2.22 -29.39
C SER A 95 -23.00 -3.63 -29.90
N GLY A 96 -21.79 -4.13 -29.61
CA GLY A 96 -21.43 -5.47 -30.03
C GLY A 96 -20.13 -5.50 -30.80
N TYR A 97 -19.19 -4.64 -30.42
CA TYR A 97 -17.88 -4.59 -31.05
C TYR A 97 -17.07 -5.83 -30.68
N SER A 98 -15.81 -5.85 -31.09
CA SER A 98 -14.94 -6.97 -30.79
C SER A 98 -13.88 -6.58 -29.77
N LEU A 99 -14.02 -7.11 -28.56
CA LEU A 99 -13.08 -6.86 -27.48
C LEU A 99 -11.64 -6.98 -27.96
N ILE A 100 -10.93 -5.87 -27.97
CA ILE A 100 -9.56 -5.84 -28.42
C ILE A 100 -8.60 -6.12 -27.27
N GLY A 101 -7.40 -6.58 -27.59
CA GLY A 101 -6.44 -6.92 -26.57
C GLY A 101 -6.93 -8.04 -25.69
N ASN A 102 -7.02 -7.76 -24.40
CA ASN A 102 -7.52 -8.75 -23.44
C ASN A 102 -8.64 -8.16 -22.60
N SER A 103 -9.74 -8.90 -22.50
CA SER A 103 -10.88 -8.47 -21.72
C SER A 103 -10.50 -8.38 -20.25
N GLY A 104 -9.53 -9.19 -19.85
CA GLY A 104 -9.06 -9.18 -18.48
C GLY A 104 -8.21 -7.98 -18.16
N VAL A 105 -8.52 -7.31 -17.05
CA VAL A 105 -7.77 -6.14 -16.61
C VAL A 105 -7.25 -6.36 -15.20
N LEU A 106 -5.98 -6.04 -14.98
CA LEU A 106 -5.37 -6.25 -13.67
C LEU A 106 -5.54 -5.04 -12.77
N CYS A 107 -6.12 -5.26 -11.59
CA CYS A 107 -6.29 -4.22 -10.60
C CYS A 107 -5.08 -4.20 -9.67
N SER A 108 -4.17 -3.27 -9.92
CA SER A 108 -2.96 -3.17 -9.13
C SER A 108 -2.48 -1.73 -9.01
N GLY A 109 -1.55 -1.51 -8.07
CA GLY A 109 -1.01 -0.18 -7.86
C GLY A 109 -2.08 0.89 -7.77
N GLY A 110 -3.27 0.49 -7.35
CA GLY A 110 -4.37 1.44 -7.25
C GLY A 110 -4.94 1.83 -8.60
N GLU A 111 -4.53 1.11 -9.64
CA GLU A 111 -5.00 1.39 -10.99
C GLU A 111 -5.20 0.09 -11.76
N TRP A 112 -5.59 0.20 -13.02
CA TRP A 112 -5.83 -0.95 -13.85
C TRP A 112 -4.82 -1.04 -14.99
N SER A 113 -4.51 -2.25 -15.41
CA SER A 113 -3.55 -2.46 -16.49
C SER A 113 -4.10 -3.40 -17.56
N ASP A 114 -3.40 -3.45 -18.69
CA ASP A 114 -3.77 -4.31 -19.81
C ASP A 114 -5.26 -4.18 -20.15
N PRO A 115 -5.75 -2.93 -20.29
CA PRO A 115 -7.14 -2.69 -20.66
C PRO A 115 -7.38 -2.89 -22.16
N PRO A 116 -8.55 -3.44 -22.53
CA PRO A 116 -8.88 -3.72 -23.93
C PRO A 116 -9.58 -2.57 -24.64
N THR A 117 -10.04 -2.88 -25.85
CA THR A 117 -10.77 -1.91 -26.66
C THR A 117 -12.01 -2.55 -27.25
N CYS A 118 -12.54 -1.94 -28.30
CA CYS A 118 -13.73 -2.46 -28.96
C CYS A 118 -13.79 -2.04 -30.42
N GLN A 119 -13.21 -2.85 -31.28
CA GLN A 119 -13.18 -2.57 -32.70
C GLN A 119 -13.90 -3.66 -33.48
N ILE A 120 -14.29 -3.33 -34.70
CA ILE A 120 -15.00 -4.27 -35.56
C ILE A 120 -14.02 -5.18 -36.30
N ARG A 1 20.94 1.06 26.43
CA ARG A 1 21.45 0.47 25.20
C ARG A 1 20.41 0.55 24.09
N ARG A 2 20.72 1.31 23.05
CA ARG A 2 19.84 1.46 21.90
C ARG A 2 18.44 1.87 22.33
N CYS A 3 17.62 2.25 21.35
CA CYS A 3 16.26 2.67 21.61
C CYS A 3 15.39 1.47 21.97
N PRO A 4 14.24 1.70 22.61
CA PRO A 4 13.33 0.62 22.99
C PRO A 4 12.75 -0.06 21.77
N SER A 5 12.11 -1.22 21.97
CA SER A 5 11.56 -1.97 20.87
C SER A 5 10.63 -1.10 20.02
N PRO A 6 11.06 -0.73 18.80
CA PRO A 6 10.26 0.09 17.92
C PRO A 6 8.80 -0.36 17.83
N ARG A 7 7.96 0.48 17.25
CA ARG A 7 6.57 0.14 17.05
C ARG A 7 6.47 -1.01 16.05
N ASP A 8 5.26 -1.49 15.81
CA ASP A 8 5.06 -2.62 14.91
C ASP A 8 3.97 -2.38 13.86
N ILE A 9 3.26 -1.25 13.99
CA ILE A 9 2.17 -0.88 13.09
C ILE A 9 1.14 -2.00 12.92
N ASP A 10 -0.08 -1.61 12.55
CA ASP A 10 -1.14 -2.57 12.33
C ASP A 10 -1.38 -2.76 10.85
N ASN A 11 -1.96 -3.90 10.49
CA ASN A 11 -2.24 -4.23 9.09
C ASN A 11 -1.05 -3.87 8.19
N GLY A 12 0.15 -3.89 8.76
CA GLY A 12 1.33 -3.56 8.01
C GLY A 12 2.58 -4.28 8.53
N GLN A 13 3.76 -3.81 8.14
CA GLN A 13 5.01 -4.41 8.58
C GLN A 13 6.04 -3.34 8.95
N LEU A 14 7.18 -3.79 9.46
CA LEU A 14 8.26 -2.88 9.84
C LEU A 14 9.56 -3.25 9.14
N ASP A 15 10.40 -2.25 8.89
CA ASP A 15 11.70 -2.49 8.27
C ASP A 15 12.80 -1.88 9.13
N ILE A 16 12.98 -2.47 10.31
CA ILE A 16 13.95 -1.96 11.28
C ILE A 16 15.36 -2.42 10.98
N GLY A 17 16.16 -1.54 10.39
CA GLY A 17 17.54 -1.85 10.12
C GLY A 17 18.46 -1.36 11.22
N GLY A 18 17.87 -0.88 12.32
CA GLY A 18 18.67 -0.40 13.43
C GLY A 18 17.79 0.19 14.52
N VAL A 19 18.34 0.30 15.72
CA VAL A 19 17.60 0.85 16.86
C VAL A 19 18.49 1.69 17.76
N ASP A 20 19.47 2.36 17.15
CA ASP A 20 20.40 3.20 17.90
C ASP A 20 20.07 4.67 17.74
N PHE A 21 20.50 5.48 18.69
CA PHE A 21 20.26 6.92 18.65
C PHE A 21 20.77 7.51 17.34
N GLY A 22 19.88 7.58 16.35
CA GLY A 22 20.25 8.13 15.06
C GLY A 22 19.80 7.26 13.91
N SER A 23 19.34 6.04 14.21
CA SER A 23 18.87 5.13 13.17
C SER A 23 17.48 5.53 12.69
N SER A 24 16.94 4.76 11.76
CA SER A 24 15.61 5.03 11.23
C SER A 24 14.99 3.77 10.68
N ILE A 25 13.69 3.62 10.90
CA ILE A 25 12.97 2.44 10.44
C ILE A 25 12.18 2.76 9.18
N THR A 26 11.70 1.72 8.51
CA THR A 26 10.90 1.90 7.30
C THR A 26 9.60 1.11 7.40
N TYR A 27 8.51 1.82 7.64
CA TYR A 27 7.21 1.19 7.80
C TYR A 27 6.59 0.81 6.47
N SER A 28 5.67 -0.14 6.50
CA SER A 28 5.00 -0.59 5.30
C SER A 28 3.74 -1.36 5.65
N CYS A 29 3.00 -1.77 4.62
CA CYS A 29 1.77 -2.52 4.82
C CYS A 29 2.01 -4.01 4.63
N ASN A 30 0.98 -4.80 4.91
CA ASN A 30 1.09 -6.26 4.79
C ASN A 30 1.12 -6.69 3.33
N SER A 31 -0.07 -6.82 2.73
CA SER A 31 -0.19 -7.23 1.34
C SER A 31 -1.42 -6.61 0.71
N GLY A 32 -1.28 -6.16 -0.53
CA GLY A 32 -2.39 -5.53 -1.23
C GLY A 32 -2.95 -4.36 -0.45
N TYR A 33 -2.09 -3.75 0.36
CA TYR A 33 -2.49 -2.61 1.18
C TYR A 33 -1.73 -1.35 0.77
N HIS A 34 -2.13 -0.21 1.33
CA HIS A 34 -1.47 1.05 1.03
C HIS A 34 -1.28 1.86 2.30
N LEU A 35 -0.02 2.12 2.64
CA LEU A 35 0.31 2.87 3.83
C LEU A 35 0.20 4.37 3.58
N ILE A 36 -0.58 5.05 4.40
CA ILE A 36 -0.78 6.48 4.24
C ILE A 36 0.05 7.26 5.23
N GLY A 37 0.39 8.50 4.86
CA GLY A 37 1.20 9.34 5.73
C GLY A 37 2.66 8.98 5.69
N GLU A 38 3.32 9.07 6.85
CA GLU A 38 4.74 8.74 6.94
C GLU A 38 4.96 7.25 6.74
N SER A 39 6.19 6.82 6.97
CA SER A 39 6.57 5.42 6.85
C SER A 39 8.02 5.22 7.28
N LYS A 40 8.45 6.02 8.25
CA LYS A 40 9.81 5.93 8.74
C LYS A 40 9.94 6.51 10.15
N SER A 41 10.34 5.64 11.09
CA SER A 41 10.53 6.05 12.48
C SER A 41 11.96 6.47 12.70
N TYR A 42 12.17 7.54 13.49
CA TYR A 42 13.55 7.98 13.76
C TYR A 42 13.88 7.85 15.23
N CYS A 43 14.88 7.02 15.51
CA CYS A 43 15.33 6.77 16.87
C CYS A 43 15.97 8.02 17.46
N GLU A 44 15.35 8.56 18.51
CA GLU A 44 15.87 9.75 19.17
C GLU A 44 15.54 9.74 20.66
N LEU A 45 16.01 10.77 21.35
CA LEU A 45 15.80 10.89 22.78
C LEU A 45 14.33 11.08 23.12
N GLY A 46 14.01 10.95 24.40
CA GLY A 46 12.64 11.10 24.84
C GLY A 46 12.48 12.29 25.78
N SER A 47 12.57 12.01 27.08
CA SER A 47 12.44 13.06 28.09
C SER A 47 13.44 12.86 29.21
N THR A 48 13.52 11.63 29.72
CA THR A 48 14.44 11.31 30.80
C THR A 48 15.52 10.33 30.32
N GLY A 49 15.83 10.39 29.03
CA GLY A 49 16.84 9.50 28.47
C GLY A 49 16.34 8.08 28.31
N SER A 50 15.06 7.95 27.96
CA SER A 50 14.46 6.63 27.76
C SER A 50 14.45 6.21 26.31
N MET A 51 14.95 7.08 25.46
CA MET A 51 15.02 6.84 24.03
C MET A 51 13.64 6.54 23.44
N VAL A 52 13.23 7.36 22.48
CA VAL A 52 11.95 7.18 21.84
C VAL A 52 12.12 7.02 20.33
N TRP A 53 11.01 7.01 19.60
CA TRP A 53 11.05 6.84 18.16
C TRP A 53 10.18 7.88 17.45
N ASN A 54 10.76 8.56 16.48
CA ASN A 54 10.02 9.54 15.68
C ASN A 54 9.01 8.81 14.82
N PRO A 55 8.05 9.54 14.20
CA PRO A 55 7.00 9.00 13.35
C PRO A 55 7.22 7.55 12.91
N GLU A 56 6.69 6.64 13.73
CA GLU A 56 6.88 5.21 13.51
C GLU A 56 5.78 4.59 12.68
N ALA A 57 4.59 4.42 13.28
CA ALA A 57 3.49 3.74 12.62
C ALA A 57 2.49 4.70 11.96
N PRO A 58 2.50 4.77 10.61
CA PRO A 58 1.57 5.60 9.85
C PRO A 58 0.23 4.89 9.65
N ILE A 59 -0.48 5.23 8.57
CA ILE A 59 -1.75 4.59 8.26
C ILE A 59 -1.55 3.37 7.37
N CYS A 60 -2.60 2.58 7.19
CA CYS A 60 -2.54 1.39 6.36
C CYS A 60 -3.95 0.87 6.07
N GLU A 61 -4.17 0.43 4.84
CA GLU A 61 -5.48 -0.08 4.46
C GLU A 61 -5.39 -0.93 3.20
N SER A 62 -6.49 -1.60 2.87
CA SER A 62 -6.53 -2.44 1.68
C SER A 62 -6.77 -1.63 0.42
N VAL A 63 -5.83 -1.71 -0.50
CA VAL A 63 -5.90 -0.98 -1.75
C VAL A 63 -7.27 -1.11 -2.40
N LYS A 64 -8.02 -0.03 -2.37
CA LYS A 64 -9.32 -0.01 -3.01
C LYS A 64 -9.26 0.71 -4.34
N CYS A 65 -9.64 0.00 -5.39
CA CYS A 65 -9.59 0.52 -6.74
C CYS A 65 -11.01 0.79 -7.26
N GLN A 66 -11.23 1.99 -7.75
CA GLN A 66 -12.53 2.36 -8.29
C GLN A 66 -12.80 1.60 -9.58
N SER A 67 -13.67 2.15 -10.42
CA SER A 67 -13.98 1.53 -11.69
C SER A 67 -12.71 1.27 -12.49
N PRO A 68 -12.62 0.11 -13.17
CA PRO A 68 -11.43 -0.26 -13.96
C PRO A 68 -11.15 0.77 -15.06
N PRO A 69 -9.93 0.75 -15.62
CA PRO A 69 -9.53 1.69 -16.67
C PRO A 69 -10.62 1.90 -17.71
N SER A 70 -10.57 3.05 -18.38
CA SER A 70 -11.54 3.37 -19.41
C SER A 70 -10.90 3.34 -20.79
N ILE A 71 -10.93 2.17 -21.42
CA ILE A 71 -10.33 2.00 -22.74
C ILE A 71 -11.12 2.75 -23.80
N SER A 72 -10.58 2.81 -25.01
CA SER A 72 -11.24 3.50 -26.11
C SER A 72 -12.16 2.56 -26.86
N ASN A 73 -13.39 3.01 -27.10
CA ASN A 73 -14.38 2.21 -27.81
C ASN A 73 -14.78 1.00 -26.99
N GLY A 74 -14.67 1.11 -25.66
CA GLY A 74 -15.02 0.01 -24.80
C GLY A 74 -15.34 0.44 -23.38
N ARG A 75 -15.70 -0.52 -22.54
CA ARG A 75 -16.04 -0.26 -21.15
C ARG A 75 -15.69 -1.45 -20.28
N HIS A 76 -16.22 -1.43 -19.06
CA HIS A 76 -15.97 -2.50 -18.11
C HIS A 76 -17.26 -2.97 -17.45
N ASN A 77 -17.23 -4.20 -16.94
CA ASN A 77 -18.40 -4.79 -16.28
C ASN A 77 -18.29 -4.62 -14.76
N GLY A 78 -18.68 -5.63 -13.98
CA GLY A 78 -18.64 -5.51 -12.53
C GLY A 78 -19.79 -4.66 -12.03
N TYR A 79 -19.74 -3.38 -12.36
CA TYR A 79 -20.76 -2.43 -11.99
C TYR A 79 -20.77 -2.24 -10.50
N GLU A 80 -19.59 -2.41 -9.90
CA GLU A 80 -19.44 -2.20 -8.49
C GLU A 80 -19.09 -0.75 -8.21
N ASP A 81 -18.78 -0.45 -6.96
CA ASP A 81 -18.41 0.91 -6.59
C ASP A 81 -16.90 1.01 -6.42
N PHE A 82 -16.29 -0.09 -6.03
CA PHE A 82 -14.86 -0.14 -5.82
C PHE A 82 -14.36 -1.58 -5.97
N TYR A 83 -13.06 -1.79 -5.71
CA TYR A 83 -12.48 -3.12 -5.83
C TYR A 83 -11.20 -3.20 -5.02
N THR A 84 -10.71 -4.41 -4.76
CA THR A 84 -9.50 -4.58 -3.94
C THR A 84 -8.64 -5.73 -4.41
N ASP A 85 -7.55 -5.97 -3.67
CA ASP A 85 -6.62 -7.03 -4.00
C ASP A 85 -7.33 -8.35 -4.20
N GLY A 86 -7.62 -8.65 -5.44
CA GLY A 86 -8.27 -9.90 -5.78
C GLY A 86 -9.60 -9.72 -6.48
N SER A 87 -9.78 -8.59 -7.15
CA SER A 87 -11.01 -8.33 -7.88
C SER A 87 -10.78 -8.38 -9.39
N VAL A 88 -11.77 -8.86 -10.12
CA VAL A 88 -11.66 -8.96 -11.57
C VAL A 88 -12.84 -8.28 -12.25
N VAL A 89 -12.65 -7.92 -13.51
CA VAL A 89 -13.70 -7.27 -14.29
C VAL A 89 -13.53 -7.57 -15.77
N THR A 90 -14.64 -7.65 -16.48
CA THR A 90 -14.60 -7.93 -17.91
C THR A 90 -14.96 -6.69 -18.72
N TYR A 91 -14.09 -6.37 -19.66
CA TYR A 91 -14.28 -5.19 -20.51
C TYR A 91 -15.19 -5.50 -21.69
N SER A 92 -15.77 -4.46 -22.28
CA SER A 92 -16.65 -4.64 -23.41
C SER A 92 -16.58 -3.46 -24.37
N CYS A 93 -16.41 -3.77 -25.66
CA CYS A 93 -16.34 -2.73 -26.69
C CYS A 93 -17.69 -2.07 -26.89
N ASN A 94 -17.67 -0.79 -27.27
CA ASN A 94 -18.90 -0.03 -27.46
C ASN A 94 -19.46 -0.20 -28.87
N SER A 95 -18.81 0.42 -29.85
CA SER A 95 -19.25 0.35 -31.23
C SER A 95 -19.34 -1.10 -31.72
N GLY A 96 -18.66 -2.00 -31.03
CA GLY A 96 -18.67 -3.40 -31.44
C GLY A 96 -17.30 -3.88 -31.84
N TYR A 97 -16.26 -3.28 -31.26
CA TYR A 97 -14.89 -3.65 -31.55
C TYR A 97 -14.58 -5.03 -31.00
N SER A 98 -13.32 -5.43 -31.08
CA SER A 98 -12.89 -6.72 -30.58
C SER A 98 -12.00 -6.57 -29.35
N LEU A 99 -12.56 -6.95 -28.20
CA LEU A 99 -11.83 -6.87 -26.94
C LEU A 99 -10.43 -7.45 -27.08
N ILE A 100 -9.43 -6.57 -27.06
CA ILE A 100 -8.04 -6.99 -27.19
C ILE A 100 -7.40 -7.19 -25.82
N GLY A 101 -6.39 -8.05 -25.77
CA GLY A 101 -5.71 -8.32 -24.51
C GLY A 101 -6.64 -8.87 -23.45
N ASN A 102 -7.68 -9.52 -23.92
CA ASN A 102 -8.68 -10.12 -23.05
C ASN A 102 -9.36 -9.07 -22.18
N SER A 103 -10.67 -9.17 -22.09
CA SER A 103 -11.48 -8.24 -21.33
C SER A 103 -11.17 -8.32 -19.84
N GLY A 104 -10.68 -9.47 -19.40
CA GLY A 104 -10.37 -9.67 -18.00
C GLY A 104 -9.36 -8.68 -17.47
N VAL A 105 -9.66 -8.07 -16.32
CA VAL A 105 -8.77 -7.12 -15.68
C VAL A 105 -8.63 -7.41 -14.19
N LEU A 106 -7.41 -7.57 -13.73
CA LEU A 106 -7.16 -7.88 -12.33
C LEU A 106 -7.00 -6.61 -11.50
N CYS A 107 -7.72 -6.55 -10.38
CA CYS A 107 -7.61 -5.44 -9.46
C CYS A 107 -6.74 -5.82 -8.28
N SER A 108 -5.50 -5.33 -8.25
CA SER A 108 -4.58 -5.67 -7.17
C SER A 108 -3.55 -4.57 -6.94
N GLY A 109 -3.46 -4.11 -5.70
CA GLY A 109 -2.49 -3.08 -5.35
C GLY A 109 -3.01 -1.69 -5.64
N GLY A 110 -4.33 -1.55 -5.71
CA GLY A 110 -4.91 -0.25 -5.99
C GLY A 110 -4.99 0.05 -7.47
N GLU A 111 -4.42 -0.84 -8.28
CA GLU A 111 -4.41 -0.65 -9.72
C GLU A 111 -5.03 -1.81 -10.46
N TRP A 112 -5.17 -1.64 -11.77
CA TRP A 112 -5.73 -2.66 -12.64
C TRP A 112 -4.66 -3.13 -13.63
N SER A 113 -4.43 -4.43 -13.68
CA SER A 113 -3.42 -4.98 -14.58
C SER A 113 -4.05 -5.75 -15.74
N ASP A 114 -3.37 -5.72 -16.87
CA ASP A 114 -3.82 -6.43 -18.06
C ASP A 114 -5.09 -5.83 -18.65
N PRO A 115 -5.15 -4.49 -18.77
CA PRO A 115 -6.32 -3.81 -19.38
C PRO A 115 -6.37 -4.06 -20.89
N PRO A 116 -7.58 -4.26 -21.43
CA PRO A 116 -7.77 -4.56 -22.85
C PRO A 116 -7.90 -3.33 -23.72
N THR A 117 -8.19 -3.59 -24.99
CA THR A 117 -8.41 -2.54 -25.97
C THR A 117 -9.69 -2.84 -26.76
N CYS A 118 -9.82 -2.22 -27.92
CA CYS A 118 -10.98 -2.45 -28.75
C CYS A 118 -10.66 -2.22 -30.22
N GLN A 119 -10.24 -3.28 -30.90
CA GLN A 119 -9.90 -3.20 -32.30
C GLN A 119 -10.76 -4.15 -33.12
N ILE A 120 -10.86 -3.86 -34.41
CA ILE A 120 -11.65 -4.69 -35.31
C ILE A 120 -10.79 -5.77 -35.96
N ARG A 1 -16.72 -1.82 -29.35
CA ARG A 1 -16.80 -0.53 -28.68
C ARG A 1 -16.14 -0.57 -27.30
N ARG A 2 -15.12 -1.42 -27.17
CA ARG A 2 -14.38 -1.55 -25.93
C ARG A 2 -15.30 -1.62 -24.72
N CYS A 3 -14.71 -1.55 -23.53
CA CYS A 3 -15.45 -1.59 -22.28
C CYS A 3 -15.87 -0.19 -21.88
N PRO A 4 -16.64 -0.03 -20.79
CA PRO A 4 -17.08 1.28 -20.32
C PRO A 4 -16.07 1.92 -19.38
N SER A 5 -16.49 2.98 -18.71
CA SER A 5 -15.62 3.67 -17.78
C SER A 5 -15.11 2.69 -16.71
N PRO A 6 -13.83 2.29 -16.79
CA PRO A 6 -13.25 1.35 -15.82
C PRO A 6 -13.46 1.80 -14.39
N ARG A 7 -13.78 0.85 -13.52
CA ARG A 7 -14.01 1.14 -12.11
C ARG A 7 -12.82 1.89 -11.53
N ASP A 8 -13.07 2.55 -10.41
CA ASP A 8 -12.05 3.36 -9.79
C ASP A 8 -11.68 2.85 -8.41
N ILE A 9 -10.82 3.60 -7.72
CA ILE A 9 -10.38 3.23 -6.38
C ILE A 9 -10.32 4.47 -5.49
N ASP A 10 -10.63 4.30 -4.21
CA ASP A 10 -10.64 5.41 -3.27
C ASP A 10 -9.23 5.80 -2.86
N ASN A 11 -8.54 4.91 -2.16
CA ASN A 11 -7.19 5.16 -1.70
C ASN A 11 -6.16 4.68 -2.72
N GLY A 12 -6.45 4.93 -4.00
CA GLY A 12 -5.53 4.51 -5.05
C GLY A 12 -5.75 5.25 -6.36
N GLN A 13 -4.94 4.89 -7.36
CA GLN A 13 -5.03 5.50 -8.68
C GLN A 13 -4.89 4.43 -9.76
N LEU A 14 -5.68 4.55 -10.82
CA LEU A 14 -5.65 3.58 -11.91
C LEU A 14 -4.55 3.90 -12.92
N ASP A 15 -4.15 2.88 -13.67
CA ASP A 15 -3.17 3.02 -14.72
C ASP A 15 -3.68 2.36 -15.99
N ILE A 16 -4.67 2.99 -16.62
CA ILE A 16 -5.32 2.43 -17.80
C ILE A 16 -4.43 2.50 -19.03
N GLY A 17 -3.90 1.35 -19.43
CA GLY A 17 -3.11 1.28 -20.64
C GLY A 17 -3.99 0.98 -21.85
N GLY A 18 -5.28 0.73 -21.61
CA GLY A 18 -6.20 0.43 -22.69
C GLY A 18 -7.56 0.00 -22.16
N VAL A 19 -8.60 0.22 -22.95
CA VAL A 19 -9.95 -0.14 -22.54
C VAL A 19 -10.62 -1.10 -23.52
N ASP A 20 -9.89 -1.54 -24.54
CA ASP A 20 -10.45 -2.46 -25.54
C ASP A 20 -10.61 -3.86 -24.97
N PHE A 21 -11.43 -4.66 -25.65
CA PHE A 21 -11.67 -6.04 -25.24
C PHE A 21 -10.35 -6.77 -25.07
N GLY A 22 -9.91 -6.87 -23.82
CA GLY A 22 -8.66 -7.53 -23.52
C GLY A 22 -7.64 -6.60 -22.89
N SER A 23 -7.95 -5.30 -22.86
CA SER A 23 -7.05 -4.34 -22.24
C SER A 23 -7.14 -4.43 -20.73
N SER A 24 -5.99 -4.37 -20.07
CA SER A 24 -5.95 -4.47 -18.62
C SER A 24 -5.46 -3.20 -17.98
N ILE A 25 -6.07 -2.83 -16.87
CA ILE A 25 -5.69 -1.64 -16.13
C ILE A 25 -4.78 -2.01 -14.97
N THR A 26 -4.11 -1.02 -14.41
CA THR A 26 -3.21 -1.27 -13.29
C THR A 26 -3.58 -0.39 -12.10
N TYR A 27 -4.09 -1.03 -11.06
CA TYR A 27 -4.50 -0.30 -9.85
C TYR A 27 -3.30 -0.05 -8.93
N SER A 28 -3.29 1.11 -8.30
CA SER A 28 -2.23 1.49 -7.37
C SER A 28 -2.80 2.28 -6.21
N CYS A 29 -2.08 2.32 -5.10
CA CYS A 29 -2.53 3.05 -3.92
C CYS A 29 -2.14 4.53 -4.02
N ASN A 30 -2.71 5.34 -3.13
CA ASN A 30 -2.43 6.77 -3.13
C ASN A 30 -0.96 7.05 -2.82
N SER A 31 -0.62 7.04 -1.53
CA SER A 31 0.75 7.28 -1.11
C SER A 31 0.99 6.74 0.30
N GLY A 32 2.06 5.97 0.45
CA GLY A 32 2.36 5.38 1.74
C GLY A 32 1.37 4.31 2.13
N TYR A 33 0.69 3.75 1.13
CA TYR A 33 -0.30 2.71 1.36
C TYR A 33 0.14 1.39 0.73
N HIS A 34 -0.67 0.36 0.91
CA HIS A 34 -0.38 -0.95 0.32
C HIS A 34 -1.64 -1.58 -0.24
N LEU A 35 -1.64 -1.84 -1.54
CA LEU A 35 -2.78 -2.43 -2.21
C LEU A 35 -2.77 -3.95 -2.05
N ILE A 36 -3.84 -4.48 -1.47
CA ILE A 36 -3.93 -5.92 -1.24
C ILE A 36 -4.77 -6.61 -2.31
N GLY A 37 -4.59 -7.92 -2.43
CA GLY A 37 -5.33 -8.68 -3.42
C GLY A 37 -4.88 -8.37 -4.84
N GLU A 38 -5.83 -8.38 -5.77
CA GLU A 38 -5.52 -8.09 -7.17
C GLU A 38 -4.97 -6.69 -7.30
N SER A 39 -4.76 -6.26 -8.54
CA SER A 39 -4.26 -4.93 -8.82
C SER A 39 -4.28 -4.65 -10.32
N LYS A 40 -5.23 -5.26 -11.03
CA LYS A 40 -5.33 -5.07 -12.47
C LYS A 40 -6.71 -5.50 -12.98
N SER A 41 -7.43 -4.55 -13.59
CA SER A 41 -8.75 -4.83 -14.15
C SER A 41 -8.62 -5.33 -15.57
N TYR A 42 -9.38 -6.37 -15.94
CA TYR A 42 -9.28 -6.87 -17.32
C TYR A 42 -10.55 -6.61 -18.11
N CYS A 43 -10.39 -5.87 -19.20
CA CYS A 43 -11.50 -5.53 -20.06
C CYS A 43 -11.96 -6.74 -20.86
N GLU A 44 -13.22 -7.13 -20.64
CA GLU A 44 -13.79 -8.26 -21.35
C GLU A 44 -15.31 -8.16 -21.37
N LEU A 45 -15.90 -9.02 -22.18
CA LEU A 45 -17.34 -9.06 -22.35
C LEU A 45 -18.02 -9.79 -21.19
N GLY A 46 -19.29 -9.47 -20.95
CA GLY A 46 -20.03 -10.10 -19.88
C GLY A 46 -20.41 -11.54 -20.20
N SER A 47 -21.70 -11.82 -20.15
CA SER A 47 -22.20 -13.16 -20.44
C SER A 47 -23.12 -13.15 -21.65
N THR A 48 -23.90 -12.08 -21.79
CA THR A 48 -24.82 -11.94 -22.90
C THR A 48 -24.22 -11.09 -24.02
N GLY A 49 -22.90 -11.17 -24.16
CA GLY A 49 -22.23 -10.40 -25.19
C GLY A 49 -22.10 -8.94 -24.83
N SER A 50 -22.21 -8.63 -23.54
CA SER A 50 -22.10 -7.26 -23.06
C SER A 50 -20.65 -6.89 -22.76
N MET A 51 -20.44 -5.73 -22.16
CA MET A 51 -19.10 -5.28 -21.81
C MET A 51 -18.94 -5.18 -20.30
N VAL A 52 -17.79 -5.60 -19.81
CA VAL A 52 -17.52 -5.57 -18.38
C VAL A 52 -16.02 -5.48 -18.10
N TRP A 53 -15.67 -5.31 -16.83
CA TRP A 53 -14.27 -5.20 -16.43
C TRP A 53 -13.94 -6.22 -15.34
N ASN A 54 -12.87 -6.97 -15.55
CA ASN A 54 -12.43 -7.97 -14.57
C ASN A 54 -11.79 -7.29 -13.37
N PRO A 55 -11.59 -8.04 -12.26
CA PRO A 55 -11.01 -7.57 -11.00
C PRO A 55 -10.23 -6.26 -11.14
N GLU A 56 -10.90 -5.15 -10.82
CA GLU A 56 -10.30 -3.84 -10.97
C GLU A 56 -9.74 -3.31 -9.66
N ALA A 57 -10.64 -2.80 -8.80
CA ALA A 57 -10.23 -2.18 -7.54
C ALA A 57 -10.04 -3.19 -6.41
N PRO A 58 -8.77 -3.45 -6.01
CA PRO A 58 -8.46 -4.35 -4.89
C PRO A 58 -8.56 -3.62 -3.55
N ILE A 59 -7.80 -4.09 -2.56
CA ILE A 59 -7.78 -3.45 -1.25
C ILE A 59 -6.70 -2.39 -1.19
N CYS A 60 -6.77 -1.55 -0.16
CA CYS A 60 -5.77 -0.50 0.02
C CYS A 60 -5.87 0.11 1.42
N GLU A 61 -4.72 0.35 2.04
CA GLU A 61 -4.68 0.94 3.37
C GLU A 61 -3.30 1.52 3.67
N SER A 62 -3.17 2.14 4.84
CA SER A 62 -1.91 2.74 5.25
C SER A 62 -1.04 1.74 5.99
N VAL A 63 0.07 1.36 5.37
CA VAL A 63 1.01 0.42 5.96
C VAL A 63 1.34 0.80 7.39
N LYS A 64 0.77 0.07 8.33
CA LYS A 64 0.96 0.34 9.75
C LYS A 64 2.21 -0.36 10.30
N CYS A 65 2.87 0.30 11.25
CA CYS A 65 4.02 -0.27 11.93
C CYS A 65 3.62 -0.69 13.33
N GLN A 66 4.09 -1.86 13.74
CA GLN A 66 3.75 -2.35 15.07
C GLN A 66 4.45 -1.50 16.12
N SER A 67 4.40 -1.95 17.36
CA SER A 67 5.00 -1.22 18.45
C SER A 67 6.52 -1.29 18.45
N PRO A 68 7.19 -0.17 18.11
CA PRO A 68 8.63 -0.04 18.18
C PRO A 68 9.23 -0.77 19.30
N PRO A 69 10.54 -0.66 19.44
CA PRO A 69 11.50 -0.24 18.42
C PRO A 69 11.74 -1.27 17.33
N SER A 70 12.81 -1.05 16.59
CA SER A 70 13.31 -1.98 15.59
C SER A 70 14.83 -2.14 15.78
N ILE A 71 15.30 -1.79 16.99
CA ILE A 71 16.72 -1.84 17.32
C ILE A 71 17.01 -3.02 18.26
N SER A 72 18.14 -2.93 18.97
CA SER A 72 18.51 -3.95 19.94
C SER A 72 18.92 -3.27 21.25
N ASN A 73 18.66 -3.96 22.35
CA ASN A 73 19.02 -3.43 23.66
C ASN A 73 18.41 -2.04 23.87
N GLY A 74 17.24 -1.81 23.26
CA GLY A 74 16.59 -0.52 23.40
C GLY A 74 15.08 -0.63 23.44
N ARG A 75 14.40 0.50 23.33
CA ARG A 75 12.94 0.53 23.37
C ARG A 75 12.39 1.87 22.90
N HIS A 76 11.07 2.02 23.02
CA HIS A 76 10.40 3.22 22.57
C HIS A 76 9.67 3.92 23.71
N ASN A 77 9.08 5.07 23.40
CA ASN A 77 8.32 5.84 24.38
C ASN A 77 6.90 6.11 23.88
N GLY A 78 6.52 5.48 22.77
CA GLY A 78 5.18 5.69 22.22
C GLY A 78 4.09 5.50 23.25
N TYR A 79 2.86 5.89 22.89
CA TYR A 79 1.73 5.77 23.80
C TYR A 79 0.70 4.79 23.24
N GLU A 80 0.71 4.60 21.94
CA GLU A 80 -0.24 3.69 21.29
C GLU A 80 0.36 2.29 21.17
N ASP A 81 -0.37 1.42 20.47
CA ASP A 81 0.08 0.05 20.27
C ASP A 81 0.54 -0.17 18.83
N PHE A 82 0.02 0.65 17.92
CA PHE A 82 0.36 0.55 16.50
C PHE A 82 0.65 1.92 15.92
N TYR A 83 1.13 1.94 14.68
CA TYR A 83 1.46 3.20 14.02
C TYR A 83 1.16 3.12 12.53
N THR A 84 1.01 4.28 11.90
CA THR A 84 0.70 4.36 10.48
C THR A 84 1.79 5.08 9.71
N ASP A 85 1.68 5.07 8.39
CA ASP A 85 2.65 5.71 7.52
C ASP A 85 2.74 7.20 7.81
N GLY A 86 3.69 7.56 8.66
CA GLY A 86 3.89 8.96 9.01
C GLY A 86 3.88 9.20 10.50
N SER A 87 4.37 8.22 11.27
CA SER A 87 4.42 8.37 12.73
C SER A 87 5.87 8.50 13.21
N VAL A 88 6.02 9.02 14.43
CA VAL A 88 7.35 9.20 15.00
C VAL A 88 7.35 8.85 16.49
N VAL A 89 8.49 8.35 16.97
CA VAL A 89 8.61 7.96 18.36
C VAL A 89 10.05 8.10 18.85
N THR A 90 10.21 8.49 20.12
CA THR A 90 11.54 8.62 20.70
C THR A 90 11.91 7.33 21.44
N TYR A 91 13.14 6.87 21.23
CA TYR A 91 13.56 5.59 21.79
C TYR A 91 14.46 5.77 23.01
N SER A 92 14.52 4.71 23.82
CA SER A 92 15.36 4.69 25.01
C SER A 92 15.99 3.32 25.21
N CYS A 93 17.21 3.28 25.71
CA CYS A 93 17.91 2.02 25.91
C CYS A 93 17.31 1.22 27.07
N ASN A 94 17.37 -0.10 26.96
CA ASN A 94 16.80 -0.99 27.97
C ASN A 94 17.68 -1.05 29.22
N SER A 95 18.77 -1.81 29.15
CA SER A 95 19.67 -1.99 30.29
C SER A 95 20.29 -0.67 30.72
N GLY A 96 20.27 0.33 29.83
CA GLY A 96 20.84 1.61 30.15
C GLY A 96 21.95 2.02 29.20
N TYR A 97 21.89 1.51 27.97
CA TYR A 97 22.88 1.84 26.97
C TYR A 97 22.76 3.29 26.54
N SER A 98 23.52 3.67 25.53
CA SER A 98 23.47 5.02 25.00
C SER A 98 22.88 5.00 23.60
N LEU A 99 21.66 5.53 23.47
CA LEU A 99 20.99 5.55 22.19
C LEU A 99 21.85 6.16 21.11
N ILE A 100 22.07 5.39 20.06
CA ILE A 100 22.87 5.82 18.94
C ILE A 100 21.98 6.39 17.84
N GLY A 101 22.58 7.14 16.93
CA GLY A 101 21.82 7.74 15.85
C GLY A 101 20.69 8.60 16.36
N ASN A 102 19.48 8.35 15.87
CA ASN A 102 18.31 9.13 16.26
C ASN A 102 17.34 8.32 17.10
N SER A 103 16.85 8.93 18.16
CA SER A 103 15.83 8.32 18.99
C SER A 103 14.49 8.46 18.28
N GLY A 104 14.35 9.56 17.53
CA GLY A 104 13.17 9.77 16.73
C GLY A 104 13.13 8.78 15.59
N VAL A 105 12.11 7.93 15.58
CA VAL A 105 11.99 6.88 14.59
C VAL A 105 10.76 7.07 13.74
N LEU A 106 10.93 7.07 12.43
CA LEU A 106 9.81 7.30 11.51
C LEU A 106 9.05 6.01 11.24
N CYS A 107 7.73 6.10 11.31
CA CYS A 107 6.87 4.97 10.99
C CYS A 107 6.38 5.11 9.56
N SER A 108 7.01 4.38 8.66
CA SER A 108 6.65 4.44 7.25
C SER A 108 6.85 3.08 6.57
N GLY A 109 6.37 2.97 5.33
CA GLY A 109 6.49 1.73 4.60
C GLY A 109 6.11 0.51 5.41
N GLY A 110 5.24 0.72 6.41
CA GLY A 110 4.82 -0.37 7.26
C GLY A 110 5.91 -0.85 8.19
N GLU A 111 6.90 0.01 8.40
CA GLU A 111 8.01 -0.30 9.29
C GLU A 111 8.60 0.97 9.85
N TRP A 112 9.63 0.83 10.69
CA TRP A 112 10.26 1.99 11.29
C TRP A 112 11.56 2.33 10.57
N SER A 113 11.70 3.60 10.20
CA SER A 113 12.87 4.07 9.48
C SER A 113 13.74 4.95 10.37
N ASP A 114 15.02 5.04 10.02
CA ASP A 114 15.97 5.85 10.77
C ASP A 114 16.00 5.48 12.26
N PRO A 115 15.97 4.18 12.60
CA PRO A 115 16.01 3.74 13.99
C PRO A 115 17.42 3.88 14.59
N PRO A 116 17.51 4.04 15.92
CA PRO A 116 18.80 4.18 16.59
C PRO A 116 19.42 2.86 16.99
N THR A 117 20.47 2.96 17.78
CA THR A 117 21.15 1.79 18.32
C THR A 117 21.39 1.99 19.80
N CYS A 118 21.87 0.97 20.48
CA CYS A 118 22.12 1.09 21.91
C CYS A 118 23.49 0.52 22.26
N GLN A 119 24.47 1.42 22.38
CA GLN A 119 25.83 1.02 22.70
C GLN A 119 26.37 1.85 23.85
N ILE A 120 27.46 1.35 24.44
CA ILE A 120 28.09 2.05 25.56
C ILE A 120 29.15 3.03 25.08
N ARG A 1 15.40 6.71 29.81
CA ARG A 1 15.22 7.65 28.70
C ARG A 1 14.42 7.02 27.57
N ARG A 2 14.26 7.76 26.48
CA ARG A 2 13.51 7.28 25.33
C ARG A 2 14.40 6.44 24.43
N CYS A 3 13.78 5.83 23.41
CA CYS A 3 14.49 4.99 22.46
C CYS A 3 15.24 5.83 21.43
N PRO A 4 16.23 5.23 20.75
CA PRO A 4 17.02 5.93 19.72
C PRO A 4 16.20 6.21 18.46
N SER A 5 16.79 6.95 17.54
CA SER A 5 16.11 7.29 16.29
C SER A 5 15.63 6.03 15.57
N PRO A 6 14.31 5.79 15.55
CA PRO A 6 13.74 4.62 14.89
C PRO A 6 14.25 4.45 13.46
N ARG A 7 14.45 3.20 13.06
CA ARG A 7 14.93 2.91 11.72
C ARG A 7 13.99 3.51 10.68
N ASP A 8 14.54 3.85 9.53
CA ASP A 8 13.76 4.48 8.48
C ASP A 8 13.22 3.46 7.50
N ILE A 9 12.64 3.95 6.41
CA ILE A 9 12.07 3.09 5.38
C ILE A 9 12.20 3.73 4.01
N ASP A 10 12.38 2.90 2.99
CA ASP A 10 12.48 3.37 1.63
C ASP A 10 11.10 3.52 1.02
N ASN A 11 10.98 4.37 0.00
CA ASN A 11 9.69 4.61 -0.66
C ASN A 11 8.57 4.74 0.37
N GLY A 12 8.91 5.22 1.56
CA GLY A 12 7.93 5.38 2.61
C GLY A 12 8.35 6.40 3.66
N GLN A 13 7.48 6.64 4.63
CA GLN A 13 7.77 7.59 5.69
C GLN A 13 7.37 7.02 7.05
N LEU A 14 8.03 7.50 8.10
CA LEU A 14 7.73 7.03 9.45
C LEU A 14 6.68 7.90 10.11
N ASP A 15 5.94 7.31 11.05
CA ASP A 15 4.93 8.04 11.80
C ASP A 15 5.23 7.90 13.29
N ILE A 16 6.32 8.50 13.72
CA ILE A 16 6.77 8.41 15.10
C ILE A 16 6.01 9.34 16.02
N GLY A 17 4.97 8.82 16.65
CA GLY A 17 4.20 9.61 17.59
C GLY A 17 4.70 9.46 19.02
N GLY A 18 5.91 8.93 19.16
CA GLY A 18 6.47 8.73 20.48
C GLY A 18 7.63 7.74 20.47
N VAL A 19 8.76 8.14 21.03
CA VAL A 19 9.94 7.29 21.06
C VAL A 19 10.31 6.88 22.49
N ASP A 20 9.39 7.07 23.42
CA ASP A 20 9.64 6.74 24.82
C ASP A 20 9.50 5.23 25.06
N PHE A 21 10.14 4.75 26.11
CA PHE A 21 10.08 3.33 26.48
C PHE A 21 8.64 2.85 26.63
N GLY A 22 8.05 2.45 25.52
CA GLY A 22 6.68 1.97 25.54
C GLY A 22 5.82 2.58 24.44
N SER A 23 6.38 3.52 23.68
CA SER A 23 5.65 4.17 22.60
C SER A 23 5.59 3.26 21.38
N SER A 24 4.98 3.76 20.30
CA SER A 24 4.85 2.99 19.08
C SER A 24 4.93 3.88 17.84
N ILE A 25 5.36 3.30 16.72
CA ILE A 25 5.47 4.05 15.46
C ILE A 25 4.52 3.49 14.41
N THR A 26 4.39 4.22 13.30
CA THR A 26 3.54 3.78 12.20
C THR A 26 4.24 4.01 10.85
N TYR A 27 4.68 2.93 10.22
CA TYR A 27 5.37 3.00 8.94
C TYR A 27 4.37 3.18 7.81
N SER A 28 4.78 3.88 6.75
CA SER A 28 3.91 4.12 5.61
C SER A 28 4.72 4.32 4.33
N CYS A 29 4.07 4.10 3.19
CA CYS A 29 4.72 4.24 1.90
C CYS A 29 4.68 5.70 1.43
N ASN A 30 5.52 6.03 0.45
CA ASN A 30 5.59 7.39 -0.07
C ASN A 30 4.28 7.79 -0.75
N SER A 31 4.13 7.43 -2.02
CA SER A 31 2.93 7.76 -2.77
C SER A 31 2.69 6.76 -3.88
N GLY A 32 1.44 6.30 -4.01
CA GLY A 32 1.11 5.33 -5.02
C GLY A 32 1.80 4.00 -4.77
N TYR A 33 2.16 3.76 -3.53
CA TYR A 33 2.84 2.53 -3.14
C TYR A 33 1.99 1.72 -2.17
N HIS A 34 2.48 0.53 -1.82
CA HIS A 34 1.79 -0.32 -0.85
C HIS A 34 2.80 -1.01 0.05
N LEU A 35 2.74 -0.69 1.33
CA LEU A 35 3.65 -1.26 2.32
C LEU A 35 3.22 -2.68 2.67
N ILE A 36 4.18 -3.60 2.66
CA ILE A 36 3.88 -4.99 2.96
C ILE A 36 4.28 -5.33 4.39
N GLY A 37 3.74 -6.43 4.89
CA GLY A 37 4.03 -6.85 6.26
C GLY A 37 3.38 -5.94 7.29
N GLU A 38 4.14 -5.60 8.33
CA GLU A 38 3.64 -4.73 9.38
C GLU A 38 3.64 -3.28 8.91
N SER A 39 3.14 -2.39 9.78
CA SER A 39 3.09 -0.97 9.47
C SER A 39 3.28 -0.14 10.73
N LYS A 40 3.91 -0.72 11.73
CA LYS A 40 4.11 -0.03 12.99
C LYS A 40 5.44 -0.44 13.64
N SER A 41 5.70 0.11 14.82
CA SER A 41 6.91 -0.20 15.57
C SER A 41 6.65 0.06 17.05
N TYR A 42 7.28 -0.73 17.91
CA TYR A 42 7.08 -0.59 19.35
C TYR A 42 8.38 -0.37 20.10
N CYS A 43 8.47 0.77 20.77
CA CYS A 43 9.64 1.10 21.57
C CYS A 43 9.71 0.22 22.81
N GLU A 44 10.71 -0.65 22.87
CA GLU A 44 10.85 -1.55 24.00
C GLU A 44 12.32 -1.70 24.41
N LEU A 45 12.55 -2.55 25.39
CA LEU A 45 13.90 -2.80 25.90
C LEU A 45 14.57 -3.93 25.11
N GLY A 46 15.86 -3.75 24.82
CA GLY A 46 16.59 -4.75 24.07
C GLY A 46 17.54 -5.55 24.94
N SER A 47 18.50 -4.88 25.56
CA SER A 47 19.48 -5.54 26.41
C SER A 47 18.97 -5.68 27.85
N THR A 48 17.75 -6.20 27.98
CA THR A 48 17.15 -6.39 29.30
C THR A 48 17.16 -5.08 30.09
N GLY A 49 17.07 -3.97 29.38
CA GLY A 49 17.07 -2.67 30.03
C GLY A 49 17.37 -1.55 29.05
N SER A 50 18.10 -1.87 27.99
CA SER A 50 18.45 -0.89 26.97
C SER A 50 17.20 -0.41 26.24
N MET A 51 17.40 0.18 25.06
CA MET A 51 16.31 0.68 24.24
C MET A 51 16.35 0.07 22.85
N VAL A 52 15.18 -0.28 22.31
CA VAL A 52 15.10 -0.87 20.99
C VAL A 52 13.75 -0.61 20.35
N TRP A 53 13.57 -1.09 19.12
CA TRP A 53 12.34 -0.90 18.39
C TRP A 53 11.88 -2.19 17.72
N ASN A 54 10.65 -2.60 17.99
CA ASN A 54 10.12 -3.83 17.42
C ASN A 54 8.61 -3.71 17.15
N PRO A 55 8.15 -4.00 15.91
CA PRO A 55 9.00 -4.42 14.79
C PRO A 55 9.79 -3.25 14.20
N GLU A 56 10.35 -3.46 13.01
CA GLU A 56 11.15 -2.45 12.34
C GLU A 56 10.44 -1.93 11.09
N ALA A 57 11.21 -1.46 10.10
CA ALA A 57 10.67 -0.93 8.87
C ALA A 57 10.23 -2.05 7.92
N PRO A 58 8.93 -2.14 7.60
CA PRO A 58 8.40 -3.19 6.73
C PRO A 58 8.80 -2.97 5.26
N ILE A 59 7.94 -3.44 4.35
CA ILE A 59 8.21 -3.32 2.92
C ILE A 59 7.44 -2.16 2.30
N CYS A 60 7.80 -1.81 1.08
CA CYS A 60 7.13 -0.72 0.36
C CYS A 60 7.41 -0.82 -1.14
N GLU A 61 6.34 -0.77 -1.93
CA GLU A 61 6.47 -0.86 -3.38
C GLU A 61 5.31 -0.15 -4.08
N SER A 62 5.33 -0.15 -5.41
CA SER A 62 4.28 0.51 -6.18
C SER A 62 3.05 -0.38 -6.29
N VAL A 63 1.93 0.12 -5.78
CA VAL A 63 0.67 -0.61 -5.81
C VAL A 63 0.41 -1.22 -7.18
N LYS A 64 0.76 -2.50 -7.34
CA LYS A 64 0.56 -3.20 -8.60
C LYS A 64 -0.87 -3.71 -8.73
N CYS A 65 -1.58 -3.23 -9.73
CA CYS A 65 -2.96 -3.66 -9.96
C CYS A 65 -3.00 -4.67 -11.10
N GLN A 66 -3.43 -5.89 -10.78
CA GLN A 66 -3.52 -6.95 -11.77
C GLN A 66 -4.63 -6.68 -12.77
N SER A 67 -5.13 -7.75 -13.41
CA SER A 67 -6.19 -7.61 -14.39
C SER A 67 -7.34 -6.77 -13.85
N PRO A 68 -7.91 -5.87 -14.68
CA PRO A 68 -9.03 -5.02 -14.26
C PRO A 68 -10.24 -5.83 -13.84
N PRO A 69 -11.17 -5.21 -13.09
CA PRO A 69 -12.38 -5.88 -12.61
C PRO A 69 -13.03 -6.77 -13.68
N SER A 70 -13.79 -7.75 -13.23
CA SER A 70 -14.48 -8.65 -14.15
C SER A 70 -15.98 -8.38 -14.14
N ILE A 71 -16.42 -7.51 -15.03
CA ILE A 71 -17.83 -7.15 -15.13
C ILE A 71 -18.67 -8.31 -15.64
N SER A 72 -19.97 -8.10 -15.72
CA SER A 72 -20.89 -9.13 -16.21
C SER A 72 -21.24 -8.88 -17.67
N ASN A 73 -21.32 -9.97 -18.44
CA ASN A 73 -21.64 -9.88 -19.86
C ASN A 73 -20.56 -9.11 -20.61
N GLY A 74 -19.34 -9.18 -20.11
CA GLY A 74 -18.24 -8.49 -20.75
C GLY A 74 -16.89 -8.90 -20.19
N ARG A 75 -15.87 -8.11 -20.51
CA ARG A 75 -14.52 -8.37 -20.05
C ARG A 75 -13.62 -7.18 -20.32
N HIS A 76 -12.34 -7.34 -20.03
CA HIS A 76 -11.36 -6.27 -20.24
C HIS A 76 -10.39 -6.61 -21.37
N ASN A 77 -9.63 -5.61 -21.80
CA ASN A 77 -8.66 -5.80 -22.87
C ASN A 77 -7.26 -5.99 -22.30
N GLY A 78 -6.59 -4.89 -22.01
CA GLY A 78 -5.26 -4.96 -21.43
C GLY A 78 -4.27 -5.65 -22.36
N TYR A 79 -3.02 -5.19 -22.34
CA TYR A 79 -1.98 -5.77 -23.16
C TYR A 79 -0.94 -6.47 -22.30
N GLU A 80 -0.75 -5.97 -21.08
CA GLU A 80 0.20 -6.53 -20.15
C GLU A 80 -0.48 -7.49 -19.17
N ASP A 81 0.27 -7.93 -18.16
CA ASP A 81 -0.25 -8.86 -17.17
C ASP A 81 -0.57 -8.14 -15.86
N PHE A 82 0.13 -7.03 -15.63
CA PHE A 82 -0.07 -6.24 -14.41
C PHE A 82 -0.22 -4.77 -14.75
N TYR A 83 -0.52 -3.96 -13.73
CA TYR A 83 -0.69 -2.53 -13.91
C TYR A 83 -0.25 -1.75 -12.67
N THR A 84 -0.02 -0.45 -12.84
CA THR A 84 0.41 0.40 -11.74
C THR A 84 -0.35 1.72 -11.75
N ASP A 85 0.05 2.62 -10.84
CA ASP A 85 -0.60 3.93 -10.74
C ASP A 85 -0.43 4.72 -12.02
N GLY A 86 -1.41 4.62 -12.89
CA GLY A 86 -1.39 5.37 -14.13
C GLY A 86 -1.58 4.50 -15.36
N SER A 87 -2.32 3.40 -15.21
CA SER A 87 -2.57 2.50 -16.33
C SER A 87 -4.03 2.59 -16.77
N VAL A 88 -4.29 2.25 -18.02
CA VAL A 88 -5.65 2.30 -18.55
C VAL A 88 -5.98 1.03 -19.32
N VAL A 89 -7.26 0.69 -19.32
CA VAL A 89 -7.75 -0.50 -20.02
C VAL A 89 -9.16 -0.26 -20.55
N THR A 90 -9.49 -0.90 -21.67
CA THR A 90 -10.80 -0.75 -22.27
C THR A 90 -11.60 -2.04 -22.17
N TYR A 91 -12.76 -1.95 -21.55
CA TYR A 91 -13.63 -3.11 -21.36
C TYR A 91 -14.41 -3.44 -22.63
N SER A 92 -14.92 -4.66 -22.70
CA SER A 92 -15.69 -5.10 -23.86
C SER A 92 -16.71 -6.18 -23.48
N CYS A 93 -17.93 -6.01 -23.97
CA CYS A 93 -19.00 -6.97 -23.69
C CYS A 93 -18.73 -8.29 -24.41
N ASN A 94 -19.44 -9.34 -23.99
CA ASN A 94 -19.28 -10.65 -24.62
C ASN A 94 -20.39 -10.92 -25.62
N SER A 95 -21.52 -11.41 -25.13
CA SER A 95 -22.67 -11.72 -25.98
C SER A 95 -22.93 -10.61 -26.98
N GLY A 96 -22.57 -9.38 -26.62
CA GLY A 96 -22.77 -8.25 -27.50
C GLY A 96 -23.54 -7.12 -26.85
N TYR A 97 -23.30 -6.91 -25.55
CA TYR A 97 -23.95 -5.84 -24.82
C TYR A 97 -23.33 -4.50 -25.16
N SER A 98 -23.76 -3.46 -24.44
CA SER A 98 -23.25 -2.12 -24.67
C SER A 98 -22.41 -1.65 -23.49
N LEU A 99 -21.13 -1.47 -23.74
CA LEU A 99 -20.21 -1.00 -22.72
C LEU A 99 -20.73 0.26 -22.04
N ILE A 100 -21.08 0.15 -20.77
CA ILE A 100 -21.62 1.26 -20.01
C ILE A 100 -20.53 1.92 -19.18
N GLY A 101 -20.74 3.18 -18.79
CA GLY A 101 -19.76 3.88 -17.98
C GLY A 101 -18.38 3.85 -18.58
N ASN A 102 -18.36 3.88 -19.91
CA ASN A 102 -17.13 3.88 -20.71
C ASN A 102 -16.19 2.72 -20.35
N SER A 103 -15.63 2.12 -21.39
CA SER A 103 -14.72 1.00 -21.24
C SER A 103 -13.43 1.41 -20.55
N GLY A 104 -13.09 2.69 -20.65
CA GLY A 104 -11.88 3.18 -20.04
C GLY A 104 -11.84 2.96 -18.53
N VAL A 105 -10.77 2.31 -18.07
CA VAL A 105 -10.60 2.02 -16.65
C VAL A 105 -9.23 2.47 -16.18
N LEU A 106 -9.18 3.37 -15.21
CA LEU A 106 -7.91 3.88 -14.69
C LEU A 106 -7.35 2.99 -13.60
N CYS A 107 -6.12 2.51 -13.80
CA CYS A 107 -5.44 1.71 -12.80
C CYS A 107 -4.67 2.63 -11.86
N SER A 108 -5.21 2.83 -10.67
CA SER A 108 -4.58 3.71 -9.69
C SER A 108 -4.73 3.16 -8.28
N GLY A 109 -3.85 3.61 -7.38
CA GLY A 109 -3.89 3.16 -6.00
C GLY A 109 -4.03 1.66 -5.88
N GLY A 110 -3.46 0.94 -6.85
CA GLY A 110 -3.55 -0.51 -6.83
C GLY A 110 -4.95 -1.02 -7.11
N GLU A 111 -5.82 -0.14 -7.57
CA GLU A 111 -7.19 -0.51 -7.88
C GLU A 111 -7.62 0.11 -9.21
N TRP A 112 -8.83 -0.24 -9.65
CA TRP A 112 -9.35 0.27 -10.90
C TRP A 112 -10.56 1.17 -10.64
N SER A 113 -10.54 2.36 -11.24
CA SER A 113 -11.62 3.32 -11.05
C SER A 113 -12.40 3.52 -12.34
N ASP A 114 -13.70 3.75 -12.18
CA ASP A 114 -14.58 4.00 -13.33
C ASP A 114 -14.78 2.74 -14.17
N PRO A 115 -15.03 1.58 -13.56
CA PRO A 115 -15.28 0.34 -14.29
C PRO A 115 -16.63 0.38 -14.99
N PRO A 116 -16.73 -0.21 -16.19
CA PRO A 116 -17.96 -0.20 -16.97
C PRO A 116 -18.87 -1.38 -16.70
N THR A 117 -19.93 -1.46 -17.50
CA THR A 117 -20.90 -2.53 -17.41
C THR A 117 -21.22 -3.06 -18.79
N CYS A 118 -22.35 -3.72 -18.94
CA CYS A 118 -22.75 -4.25 -20.23
C CYS A 118 -24.27 -4.40 -20.32
N GLN A 119 -24.93 -3.34 -20.75
CA GLN A 119 -26.37 -3.35 -20.88
C GLN A 119 -26.78 -3.27 -22.35
N ILE A 120 -28.03 -3.66 -22.62
CA ILE A 120 -28.55 -3.65 -23.97
C ILE A 120 -29.20 -2.32 -24.30
N ARG A 1 21.87 0.96 26.50
CA ARG A 1 22.15 0.20 25.29
C ARG A 1 20.99 0.30 24.31
N ARG A 2 21.30 0.80 23.10
CA ARG A 2 20.30 0.96 22.05
C ARG A 2 18.96 1.44 22.60
N CYS A 3 17.90 1.25 21.82
CA CYS A 3 16.56 1.66 22.21
C CYS A 3 15.65 0.44 22.38
N PRO A 4 14.54 0.60 23.11
CA PRO A 4 13.58 -0.48 23.32
C PRO A 4 12.86 -0.88 22.03
N SER A 5 12.09 -1.96 22.09
CA SER A 5 11.35 -2.42 20.92
C SER A 5 10.59 -1.28 20.27
N PRO A 6 11.01 -0.85 19.05
CA PRO A 6 10.35 0.25 18.34
C PRO A 6 8.87 -0.04 18.10
N ARG A 7 8.10 1.02 17.86
CA ARG A 7 6.68 0.87 17.60
C ARG A 7 6.48 0.08 16.32
N ASP A 8 5.22 -0.22 16.00
CA ASP A 8 4.93 -0.98 14.80
C ASP A 8 3.74 -0.42 14.05
N ILE A 9 3.35 -1.11 12.99
CA ILE A 9 2.21 -0.69 12.18
C ILE A 9 1.28 -1.87 11.92
N ASP A 10 0.00 -1.58 11.71
CA ASP A 10 -0.99 -2.62 11.50
C ASP A 10 -0.93 -3.16 10.07
N ASN A 11 -1.26 -2.32 9.10
CA ASN A 11 -1.24 -2.73 7.70
C ASN A 11 0.09 -2.38 7.06
N GLY A 12 1.16 -2.51 7.83
CA GLY A 12 2.48 -2.19 7.32
C GLY A 12 3.57 -3.03 7.97
N GLN A 13 4.80 -2.85 7.51
CA GLN A 13 5.94 -3.58 8.04
C GLN A 13 7.14 -2.64 8.20
N LEU A 14 7.81 -2.73 9.34
CA LEU A 14 8.96 -1.89 9.63
C LEU A 14 10.23 -2.48 9.01
N ASP A 15 11.21 -1.60 8.78
CA ASP A 15 12.49 -2.01 8.26
C ASP A 15 13.59 -1.68 9.27
N ILE A 16 13.64 -2.45 10.35
CA ILE A 16 14.61 -2.22 11.41
C ILE A 16 16.03 -2.54 10.98
N GLY A 17 16.73 -1.52 10.50
CA GLY A 17 18.12 -1.70 10.13
C GLY A 17 19.06 -1.48 11.30
N GLY A 18 18.48 -1.39 12.50
CA GLY A 18 19.27 -1.17 13.70
C GLY A 18 18.49 -0.42 14.76
N VAL A 19 18.75 -0.74 16.02
CA VAL A 19 18.04 -0.09 17.12
C VAL A 19 19.00 0.65 18.05
N ASP A 20 20.27 0.71 17.68
CA ASP A 20 21.28 1.38 18.51
C ASP A 20 21.07 2.90 18.51
N PHE A 21 21.56 3.55 19.56
CA PHE A 21 21.43 4.99 19.69
C PHE A 21 21.87 5.69 18.42
N GLY A 22 20.90 6.12 17.63
CA GLY A 22 21.20 6.80 16.38
C GLY A 22 20.79 5.98 15.17
N SER A 23 20.12 4.86 15.41
CA SER A 23 19.67 4.01 14.32
C SER A 23 18.38 4.54 13.71
N SER A 24 17.84 3.85 12.72
CA SER A 24 16.61 4.29 12.07
C SER A 24 15.83 3.11 11.51
N ILE A 25 14.51 3.24 11.51
CA ILE A 25 13.62 2.22 10.99
C ILE A 25 12.81 2.76 9.83
N THR A 26 12.45 1.89 8.90
CA THR A 26 11.67 2.31 7.74
C THR A 26 10.27 1.71 7.75
N TYR A 27 9.26 2.58 7.80
CA TYR A 27 7.88 2.12 7.81
C TYR A 27 7.36 1.88 6.41
N SER A 28 6.62 0.80 6.25
CA SER A 28 6.07 0.43 4.95
C SER A 28 4.75 -0.31 5.10
N CYS A 29 4.06 -0.49 3.97
CA CYS A 29 2.77 -1.17 3.98
C CYS A 29 2.92 -2.66 3.76
N ASN A 30 1.85 -3.40 4.01
CA ASN A 30 1.86 -4.85 3.85
C ASN A 30 2.04 -5.24 2.39
N SER A 31 0.98 -5.09 1.60
CA SER A 31 1.02 -5.41 0.19
C SER A 31 -0.14 -4.74 -0.55
N GLY A 32 0.15 -4.24 -1.75
CA GLY A 32 -0.87 -3.57 -2.54
C GLY A 32 -1.55 -2.46 -1.76
N TYR A 33 -0.83 -1.90 -0.79
CA TYR A 33 -1.37 -0.83 0.05
C TYR A 33 -0.63 0.48 -0.20
N HIS A 34 -1.05 1.52 0.52
CA HIS A 34 -0.39 2.82 0.45
C HIS A 34 -0.24 3.37 1.86
N LEU A 35 0.94 3.89 2.16
CA LEU A 35 1.24 4.38 3.50
C LEU A 35 0.86 5.85 3.66
N ILE A 36 0.21 6.17 4.77
CA ILE A 36 -0.21 7.54 5.03
C ILE A 36 0.59 8.16 6.17
N GLY A 37 1.21 9.28 5.85
CA GLY A 37 2.01 10.00 6.82
C GLY A 37 3.50 9.86 6.58
N GLU A 38 4.28 9.83 7.66
CA GLU A 38 5.73 9.67 7.56
C GLU A 38 6.08 8.33 6.91
N SER A 39 7.09 7.63 7.44
CA SER A 39 7.51 6.35 6.94
C SER A 39 8.85 5.93 7.53
N LYS A 40 9.04 6.21 8.81
CA LYS A 40 10.29 5.90 9.47
C LYS A 40 10.20 6.04 10.99
N SER A 41 11.25 5.58 11.64
CA SER A 41 11.36 5.65 13.10
C SER A 41 12.83 5.78 13.46
N TYR A 42 13.17 6.61 14.45
CA TYR A 42 14.60 6.78 14.73
C TYR A 42 14.95 6.68 16.20
N CYS A 43 15.94 5.84 16.47
CA CYS A 43 16.43 5.63 17.82
C CYS A 43 17.25 6.81 18.30
N GLU A 44 16.61 7.70 19.03
CA GLU A 44 17.29 8.89 19.55
C GLU A 44 17.02 9.06 21.05
N LEU A 45 17.70 10.02 21.63
CA LEU A 45 17.59 10.29 23.06
C LEU A 45 16.30 11.04 23.38
N GLY A 46 15.85 10.93 24.63
CA GLY A 46 14.65 11.61 25.05
C GLY A 46 14.90 13.02 25.54
N SER A 47 14.09 13.47 26.48
CA SER A 47 14.22 14.82 27.03
C SER A 47 15.24 14.84 28.17
N THR A 48 15.06 13.95 29.13
CA THR A 48 15.96 13.87 30.28
C THR A 48 17.32 13.29 29.87
N GLY A 49 17.35 12.60 28.73
CA GLY A 49 18.58 12.00 28.26
C GLY A 49 18.47 10.49 28.11
N SER A 50 17.25 9.96 28.15
CA SER A 50 17.03 8.54 28.01
C SER A 50 17.03 8.14 26.54
N MET A 51 16.54 6.93 26.27
CA MET A 51 16.48 6.41 24.91
C MET A 51 15.03 6.36 24.44
N VAL A 52 14.79 6.90 23.26
CA VAL A 52 13.45 6.93 22.70
C VAL A 52 13.47 6.71 21.21
N TRP A 53 12.31 6.81 20.57
CA TRP A 53 12.22 6.62 19.13
C TRP A 53 11.49 7.76 18.44
N ASN A 54 12.15 8.35 17.45
CA ASN A 54 11.53 9.38 16.64
C ASN A 54 10.43 8.72 15.82
N PRO A 55 9.58 9.50 15.10
CA PRO A 55 8.43 9.02 14.34
C PRO A 55 8.14 7.53 14.47
N GLU A 56 6.95 7.25 14.99
CA GLU A 56 6.54 5.90 15.31
C GLU A 56 5.96 5.18 14.11
N ALA A 57 4.72 5.50 13.78
CA ALA A 57 4.01 4.87 12.69
C ALA A 57 4.67 5.24 11.39
N PRO A 58 4.01 5.54 10.26
CA PRO A 58 2.59 5.92 10.05
C PRO A 58 1.65 4.73 9.80
N ILE A 59 0.51 5.04 9.18
CA ILE A 59 -0.52 4.04 8.91
C ILE A 59 -0.41 3.51 7.49
N CYS A 60 -1.34 2.65 7.11
CA CYS A 60 -1.34 2.06 5.77
C CYS A 60 -2.72 1.56 5.37
N GLU A 61 -3.27 2.16 4.32
CA GLU A 61 -4.57 1.75 3.81
C GLU A 61 -4.42 0.96 2.52
N SER A 62 -5.52 0.41 2.03
CA SER A 62 -5.50 -0.37 0.80
C SER A 62 -5.93 0.48 -0.40
N VAL A 63 -5.00 0.72 -1.30
CA VAL A 63 -5.27 1.52 -2.50
C VAL A 63 -6.53 1.03 -3.20
N LYS A 64 -7.63 1.73 -2.97
CA LYS A 64 -8.92 1.37 -3.56
C LYS A 64 -9.02 1.84 -5.00
N CYS A 65 -9.28 0.91 -5.92
CA CYS A 65 -9.45 1.25 -7.33
C CYS A 65 -10.92 1.14 -7.72
N GLN A 66 -11.49 2.27 -8.13
CA GLN A 66 -12.90 2.30 -8.50
C GLN A 66 -13.13 1.54 -9.81
N SER A 67 -14.21 1.87 -10.51
CA SER A 67 -14.53 1.23 -11.77
C SER A 67 -13.32 1.17 -12.70
N PRO A 68 -13.09 0.01 -13.35
CA PRO A 68 -11.96 -0.16 -14.27
C PRO A 68 -12.00 0.87 -15.40
N PRO A 69 -10.87 1.09 -16.09
CA PRO A 69 -10.78 2.06 -17.17
C PRO A 69 -12.02 2.05 -18.06
N SER A 70 -12.25 3.17 -18.75
CA SER A 70 -13.39 3.30 -19.63
C SER A 70 -12.96 3.25 -21.09
N ILE A 71 -12.91 2.04 -21.64
CA ILE A 71 -12.50 1.86 -23.02
C ILE A 71 -13.56 2.39 -23.99
N SER A 72 -13.24 2.37 -25.28
CA SER A 72 -14.17 2.83 -26.29
C SER A 72 -14.90 1.67 -26.94
N ASN A 73 -16.17 1.86 -27.24
CA ASN A 73 -16.97 0.82 -27.88
C ASN A 73 -17.05 -0.42 -27.00
N GLY A 74 -16.95 -0.23 -25.70
CA GLY A 74 -17.03 -1.34 -24.77
C GLY A 74 -17.22 -0.91 -23.34
N ARG A 75 -17.04 -1.84 -22.41
CA ARG A 75 -17.20 -1.57 -20.99
C ARG A 75 -16.56 -2.67 -20.16
N HIS A 76 -16.72 -2.57 -18.84
CA HIS A 76 -16.16 -3.55 -17.93
C HIS A 76 -17.27 -4.33 -17.22
N ASN A 77 -16.88 -5.42 -16.56
CA ASN A 77 -17.84 -6.24 -15.84
C ASN A 77 -17.83 -5.91 -14.35
N GLY A 78 -17.10 -6.68 -13.54
CA GLY A 78 -17.02 -6.40 -12.11
C GLY A 78 -18.38 -6.43 -11.44
N TYR A 79 -19.09 -5.29 -11.53
CA TYR A 79 -20.41 -5.09 -10.97
C TYR A 79 -20.33 -4.48 -9.57
N GLU A 80 -19.15 -3.98 -9.21
CA GLU A 80 -18.97 -3.36 -7.92
C GLU A 80 -18.80 -1.86 -8.07
N ASP A 81 -18.52 -1.19 -6.96
CA ASP A 81 -18.31 0.25 -6.97
C ASP A 81 -16.85 0.59 -6.73
N PHE A 82 -16.14 -0.32 -6.07
CA PHE A 82 -14.73 -0.13 -5.76
C PHE A 82 -13.97 -1.45 -5.87
N TYR A 83 -12.64 -1.36 -5.84
CA TYR A 83 -11.80 -2.53 -5.92
C TYR A 83 -10.51 -2.34 -5.13
N THR A 84 -9.85 -3.43 -4.77
CA THR A 84 -8.62 -3.35 -3.99
C THR A 84 -7.46 -4.02 -4.71
N ASP A 85 -6.31 -4.05 -4.03
CA ASP A 85 -5.11 -4.66 -4.59
C ASP A 85 -5.26 -6.17 -4.69
N GLY A 86 -5.63 -6.61 -5.87
CA GLY A 86 -5.80 -8.03 -6.11
C GLY A 86 -7.16 -8.39 -6.68
N SER A 87 -7.86 -7.41 -7.22
CA SER A 87 -9.17 -7.65 -7.82
C SER A 87 -9.05 -7.82 -9.33
N VAL A 88 -10.08 -8.40 -9.93
CA VAL A 88 -10.08 -8.62 -11.37
C VAL A 88 -11.43 -8.30 -11.99
N VAL A 89 -11.41 -7.94 -13.26
CA VAL A 89 -12.63 -7.60 -13.99
C VAL A 89 -12.51 -7.98 -15.46
N THR A 90 -13.64 -8.33 -16.06
CA THR A 90 -13.67 -8.71 -17.46
C THR A 90 -14.33 -7.62 -18.31
N TYR A 91 -13.65 -7.22 -19.36
CA TYR A 91 -14.15 -6.17 -20.24
C TYR A 91 -15.00 -6.76 -21.36
N SER A 92 -15.87 -5.95 -21.93
CA SER A 92 -16.75 -6.39 -23.01
C SER A 92 -17.18 -5.23 -23.90
N CYS A 93 -17.26 -5.49 -25.20
CA CYS A 93 -17.68 -4.47 -26.16
C CYS A 93 -19.18 -4.21 -26.06
N ASN A 94 -19.61 -3.06 -26.54
CA ASN A 94 -21.02 -2.69 -26.50
C ASN A 94 -21.75 -3.09 -27.77
N SER A 95 -21.44 -2.39 -28.86
CA SER A 95 -22.09 -2.67 -30.15
C SER A 95 -21.79 -4.09 -30.62
N GLY A 96 -20.69 -4.66 -30.12
CA GLY A 96 -20.32 -6.01 -30.50
C GLY A 96 -18.96 -6.07 -31.15
N TYR A 97 -18.05 -5.19 -30.71
CA TYR A 97 -16.71 -5.15 -31.25
C TYR A 97 -15.91 -6.37 -30.83
N SER A 98 -14.64 -6.37 -31.19
CA SER A 98 -13.73 -7.46 -30.82
C SER A 98 -12.73 -6.99 -29.79
N LEU A 99 -12.98 -7.32 -28.53
CA LEU A 99 -12.12 -6.90 -27.43
C LEU A 99 -10.65 -7.07 -27.76
N ILE A 100 -9.90 -5.99 -27.62
CA ILE A 100 -8.47 -6.00 -27.87
C ILE A 100 -7.74 -6.40 -26.59
N GLY A 101 -6.55 -6.96 -26.74
CA GLY A 101 -5.79 -7.39 -25.59
C GLY A 101 -6.50 -8.47 -24.82
N ASN A 102 -6.62 -8.28 -23.51
CA ASN A 102 -7.30 -9.25 -22.65
C ASN A 102 -8.46 -8.61 -21.90
N SER A 103 -9.55 -9.35 -21.75
CA SER A 103 -10.73 -8.85 -21.05
C SER A 103 -10.46 -8.70 -19.56
N GLY A 104 -9.57 -9.55 -19.05
CA GLY A 104 -9.24 -9.50 -17.64
C GLY A 104 -8.40 -8.29 -17.26
N VAL A 105 -8.76 -7.63 -16.17
CA VAL A 105 -8.03 -6.46 -15.69
C VAL A 105 -7.72 -6.58 -14.21
N LEU A 106 -6.43 -6.60 -13.87
CA LEU A 106 -6.00 -6.73 -12.49
C LEU A 106 -6.04 -5.39 -11.76
N CYS A 107 -6.79 -5.35 -10.67
CA CYS A 107 -6.87 -4.15 -9.85
C CYS A 107 -5.78 -4.19 -8.78
N SER A 108 -4.72 -3.44 -9.02
CA SER A 108 -3.59 -3.41 -8.10
C SER A 108 -3.03 -2.01 -7.97
N GLY A 109 -2.33 -1.76 -6.87
CA GLY A 109 -1.75 -0.45 -6.63
C GLY A 109 -2.72 0.68 -6.89
N GLY A 110 -3.99 0.44 -6.61
CA GLY A 110 -5.00 1.45 -6.83
C GLY A 110 -5.18 1.77 -8.30
N GLU A 111 -4.58 0.95 -9.17
CA GLU A 111 -4.69 1.14 -10.60
C GLU A 111 -5.09 -0.16 -11.29
N TRP A 112 -5.44 -0.06 -12.57
CA TRP A 112 -5.85 -1.23 -13.33
C TRP A 112 -4.81 -1.58 -14.38
N SER A 113 -4.48 -2.86 -14.48
CA SER A 113 -3.50 -3.33 -15.44
C SER A 113 -4.11 -4.30 -16.44
N ASP A 114 -3.53 -4.36 -17.64
CA ASP A 114 -4.02 -5.25 -18.68
C ASP A 114 -5.41 -4.87 -19.20
N PRO A 115 -5.72 -3.56 -19.33
CA PRO A 115 -7.02 -3.12 -19.83
C PRO A 115 -7.12 -3.27 -21.35
N PRO A 116 -8.24 -3.81 -21.86
CA PRO A 116 -8.42 -4.05 -23.29
C PRO A 116 -9.08 -2.90 -24.02
N THR A 117 -9.40 -3.18 -25.28
CA THR A 117 -10.08 -2.22 -26.14
C THR A 117 -11.24 -2.90 -26.86
N CYS A 118 -11.67 -2.32 -27.97
CA CYS A 118 -12.75 -2.90 -28.74
C CYS A 118 -12.66 -2.49 -30.20
N GLN A 119 -11.96 -3.31 -30.98
CA GLN A 119 -11.79 -3.06 -32.39
C GLN A 119 -12.30 -4.23 -33.22
N ILE A 120 -12.63 -3.95 -34.47
CA ILE A 120 -13.14 -4.98 -35.38
C ILE A 120 -12.00 -5.79 -35.98
N ARG A 1 -17.22 -0.52 -28.61
CA ARG A 1 -15.85 -0.97 -28.88
C ARG A 1 -15.08 -1.17 -27.58
N ARG A 2 -13.78 -1.46 -27.71
CA ARG A 2 -12.91 -1.64 -26.56
C ARG A 2 -13.59 -2.43 -25.45
N CYS A 3 -13.03 -2.34 -24.25
CA CYS A 3 -13.57 -3.05 -23.08
C CYS A 3 -14.41 -2.13 -22.22
N PRO A 4 -15.11 -2.70 -21.21
CA PRO A 4 -15.95 -1.94 -20.28
C PRO A 4 -15.21 -0.76 -19.63
N SER A 5 -15.55 -0.46 -18.38
CA SER A 5 -14.96 0.68 -17.66
C SER A 5 -13.52 0.90 -17.96
N PRO A 6 -12.53 0.27 -17.32
CA PRO A 6 -12.61 -0.73 -16.22
C PRO A 6 -12.88 -0.14 -14.84
N ARG A 7 -13.41 -0.99 -13.95
CA ARG A 7 -13.72 -0.60 -12.59
C ARG A 7 -12.53 0.07 -11.93
N ASP A 8 -12.82 0.86 -10.92
CA ASP A 8 -11.78 1.59 -10.20
C ASP A 8 -11.60 1.02 -8.81
N ILE A 9 -10.75 1.66 -8.03
CA ILE A 9 -10.47 1.23 -6.67
C ILE A 9 -10.64 2.40 -5.70
N ASP A 10 -11.07 2.09 -4.48
CA ASP A 10 -11.30 3.10 -3.46
C ASP A 10 -10.01 3.47 -2.73
N ASN A 11 -9.21 2.45 -2.41
CA ASN A 11 -7.96 2.66 -1.68
C ASN A 11 -6.77 2.55 -2.64
N GLY A 12 -6.94 3.08 -3.84
CA GLY A 12 -5.87 3.03 -4.82
C GLY A 12 -6.21 3.79 -6.09
N GLN A 13 -5.34 3.66 -7.09
CA GLN A 13 -5.55 4.33 -8.37
C GLN A 13 -5.16 3.39 -9.52
N LEU A 14 -5.95 3.43 -10.59
CA LEU A 14 -5.70 2.57 -11.75
C LEU A 14 -4.71 3.20 -12.71
N ASP A 15 -3.99 2.34 -13.42
CA ASP A 15 -3.07 2.77 -14.45
C ASP A 15 -3.48 2.15 -15.78
N ILE A 16 -4.58 2.65 -16.34
CA ILE A 16 -5.13 2.11 -17.58
C ILE A 16 -4.24 2.41 -18.77
N GLY A 17 -3.42 1.44 -19.14
CA GLY A 17 -2.55 1.60 -20.28
C GLY A 17 -3.22 1.15 -21.58
N GLY A 18 -4.51 0.85 -21.52
CA GLY A 18 -5.24 0.42 -22.70
C GLY A 18 -6.49 -0.36 -22.36
N VAL A 19 -7.58 -0.06 -23.07
CA VAL A 19 -8.85 -0.72 -22.85
C VAL A 19 -9.25 -1.57 -24.05
N ASP A 20 -8.25 -2.00 -24.82
CA ASP A 20 -8.50 -2.82 -26.01
C ASP A 20 -8.23 -4.29 -25.73
N PHE A 21 -9.06 -5.16 -26.30
CA PHE A 21 -8.90 -6.61 -26.12
C PHE A 21 -7.45 -7.02 -26.33
N GLY A 22 -6.70 -7.08 -25.24
CA GLY A 22 -5.31 -7.45 -25.31
C GLY A 22 -4.43 -6.53 -24.48
N SER A 23 -5.03 -5.49 -23.89
CA SER A 23 -4.28 -4.56 -23.05
C SER A 23 -4.36 -5.00 -21.60
N SER A 24 -4.04 -4.10 -20.69
CA SER A 24 -4.10 -4.40 -19.27
C SER A 24 -3.98 -3.15 -18.44
N ILE A 25 -4.59 -3.18 -17.26
CA ILE A 25 -4.55 -2.05 -16.34
C ILE A 25 -3.58 -2.35 -15.20
N THR A 26 -3.13 -1.30 -14.52
CA THR A 26 -2.21 -1.47 -13.41
C THR A 26 -2.76 -0.79 -12.16
N TYR A 27 -3.08 -1.59 -11.14
CA TYR A 27 -3.65 -1.06 -9.92
C TYR A 27 -2.58 -0.72 -8.89
N SER A 28 -2.89 0.28 -8.07
CA SER A 28 -1.97 0.71 -7.03
C SER A 28 -2.73 1.37 -5.87
N CYS A 29 -2.24 1.18 -4.66
CA CYS A 29 -2.88 1.77 -3.49
C CYS A 29 -2.69 3.28 -3.48
N ASN A 30 -3.44 3.96 -2.61
CA ASN A 30 -3.37 5.41 -2.51
C ASN A 30 -2.03 5.84 -1.93
N SER A 31 -1.94 5.87 -0.60
CA SER A 31 -0.71 6.26 0.08
C SER A 31 -0.62 5.61 1.44
N GLY A 32 0.55 5.07 1.76
CA GLY A 32 0.74 4.40 3.04
C GLY A 32 -0.09 3.14 3.13
N TYR A 33 -0.40 2.55 1.98
CA TYR A 33 -1.20 1.34 1.94
C TYR A 33 -0.42 0.18 1.30
N HIS A 34 -0.98 -1.02 1.40
CA HIS A 34 -0.35 -2.20 0.80
C HIS A 34 -1.38 -3.01 0.04
N LEU A 35 -1.23 -3.06 -1.29
CA LEU A 35 -2.14 -3.79 -2.14
C LEU A 35 -1.83 -5.29 -2.11
N ILE A 36 -2.82 -6.09 -1.74
CA ILE A 36 -2.64 -7.53 -1.66
C ILE A 36 -3.11 -8.22 -2.94
N GLY A 37 -2.58 -9.41 -3.17
CA GLY A 37 -2.94 -10.16 -4.37
C GLY A 37 -2.29 -9.59 -5.61
N GLU A 38 -3.07 -9.46 -6.68
CA GLU A 38 -2.57 -8.92 -7.93
C GLU A 38 -2.65 -7.40 -7.93
N SER A 39 -2.33 -6.80 -9.07
CA SER A 39 -2.38 -5.36 -9.23
C SER A 39 -2.43 -4.98 -10.70
N LYS A 40 -2.99 -5.88 -11.52
CA LYS A 40 -3.09 -5.64 -12.94
C LYS A 40 -4.29 -6.37 -13.54
N SER A 41 -5.09 -5.64 -14.30
CA SER A 41 -6.26 -6.20 -14.95
C SER A 41 -5.98 -6.47 -16.40
N TYR A 42 -6.76 -7.34 -17.02
CA TYR A 42 -6.53 -7.65 -18.44
C TYR A 42 -7.82 -7.61 -19.25
N CYS A 43 -7.81 -6.75 -20.27
CA CYS A 43 -8.95 -6.61 -21.16
C CYS A 43 -9.02 -7.80 -22.09
N GLU A 44 -9.61 -8.87 -21.62
CA GLU A 44 -9.71 -10.10 -22.41
C GLU A 44 -11.12 -10.28 -22.99
N LEU A 45 -11.31 -11.39 -23.69
CA LEU A 45 -12.59 -11.70 -24.31
C LEU A 45 -13.49 -12.47 -23.35
N GLY A 46 -14.79 -12.20 -23.41
CA GLY A 46 -15.73 -12.87 -22.54
C GLY A 46 -15.96 -14.31 -22.95
N SER A 47 -17.21 -14.64 -23.26
CA SER A 47 -17.56 -16.00 -23.68
C SER A 47 -17.83 -16.05 -25.18
N THR A 48 -18.53 -15.04 -25.68
CA THR A 48 -18.86 -14.97 -27.10
C THR A 48 -18.02 -13.91 -27.80
N GLY A 49 -16.73 -13.88 -27.48
CA GLY A 49 -15.83 -12.92 -28.08
C GLY A 49 -16.10 -11.51 -27.62
N SER A 50 -16.80 -11.38 -26.48
CA SER A 50 -17.11 -10.07 -25.92
C SER A 50 -15.85 -9.42 -25.35
N MET A 51 -16.06 -8.40 -24.51
CA MET A 51 -14.95 -7.69 -23.89
C MET A 51 -15.10 -7.74 -22.37
N VAL A 52 -14.13 -8.37 -21.73
CA VAL A 52 -14.15 -8.50 -20.28
C VAL A 52 -12.86 -8.01 -19.68
N TRP A 53 -12.89 -7.78 -18.37
CA TRP A 53 -11.73 -7.27 -17.67
C TRP A 53 -11.22 -8.26 -16.63
N ASN A 54 -9.99 -8.73 -16.81
CA ASN A 54 -9.37 -9.64 -15.87
C ASN A 54 -9.02 -8.89 -14.59
N PRO A 55 -8.71 -9.63 -13.50
CA PRO A 55 -8.38 -9.11 -12.19
C PRO A 55 -8.02 -7.62 -12.15
N GLU A 56 -9.00 -6.80 -11.77
CA GLU A 56 -8.84 -5.35 -11.77
C GLU A 56 -8.54 -4.78 -10.38
N ALA A 57 -9.52 -4.83 -9.48
CA ALA A 57 -9.39 -4.21 -8.17
C ALA A 57 -9.09 -5.20 -7.07
N PRO A 58 -7.82 -5.64 -6.97
CA PRO A 58 -7.34 -6.53 -5.90
C PRO A 58 -7.63 -5.94 -4.52
N ILE A 59 -6.83 -6.33 -3.52
CA ILE A 59 -7.00 -5.83 -2.16
C ILE A 59 -6.10 -4.61 -1.91
N CYS A 60 -6.40 -3.90 -0.83
CA CYS A 60 -5.63 -2.73 -0.44
C CYS A 60 -5.95 -2.33 1.00
N GLU A 61 -4.90 -2.02 1.76
CA GLU A 61 -5.06 -1.64 3.16
C GLU A 61 -3.91 -0.76 3.61
N SER A 62 -3.99 -0.28 4.86
CA SER A 62 -2.96 0.58 5.42
C SER A 62 -1.82 -0.25 6.02
N VAL A 63 -0.61 0.00 5.54
CA VAL A 63 0.57 -0.72 6.02
C VAL A 63 0.71 -0.59 7.53
N LYS A 64 0.23 -1.59 8.25
CA LYS A 64 0.30 -1.59 9.71
C LYS A 64 1.70 -1.94 10.21
N CYS A 65 2.28 -1.05 11.02
CA CYS A 65 3.60 -1.29 11.59
C CYS A 65 3.47 -1.66 13.06
N GLN A 66 4.06 -2.79 13.42
CA GLN A 66 4.00 -3.26 14.79
C GLN A 66 4.96 -2.45 15.67
N SER A 67 5.47 -3.07 16.73
CA SER A 67 6.38 -2.37 17.63
C SER A 67 7.57 -1.80 16.87
N PRO A 68 8.00 -0.57 17.21
CA PRO A 68 9.13 0.08 16.56
C PRO A 68 10.42 -0.74 16.69
N PRO A 69 11.41 -0.46 15.84
CA PRO A 69 12.69 -1.18 15.86
C PRO A 69 13.22 -1.40 17.26
N SER A 70 14.10 -2.38 17.40
CA SER A 70 14.72 -2.68 18.68
C SER A 70 16.21 -2.36 18.63
N ILE A 71 16.56 -1.12 18.98
CA ILE A 71 17.95 -0.69 18.95
C ILE A 71 18.76 -1.37 20.03
N SER A 72 20.08 -1.23 19.93
CA SER A 72 20.97 -1.83 20.92
C SER A 72 21.18 -0.91 22.10
N ASN A 73 21.09 -1.47 23.30
CA ASN A 73 21.27 -0.70 24.52
C ASN A 73 20.12 0.29 24.70
N GLY A 74 18.96 -0.07 24.16
CA GLY A 74 17.79 0.78 24.29
C GLY A 74 16.50 0.09 23.90
N ARG A 75 15.45 0.89 23.70
CA ARG A 75 14.14 0.35 23.36
C ARG A 75 13.19 1.47 22.96
N HIS A 76 11.93 1.11 22.74
CA HIS A 76 10.91 2.08 22.38
C HIS A 76 9.99 2.38 23.54
N ASN A 77 9.12 3.36 23.37
CA ASN A 77 8.18 3.74 24.43
C ASN A 77 6.74 3.42 24.05
N GLY A 78 6.54 2.83 22.86
CA GLY A 78 5.20 2.50 22.41
C GLY A 78 4.39 1.76 23.47
N TYR A 79 3.12 2.10 23.58
CA TYR A 79 2.24 1.48 24.56
C TYR A 79 1.24 0.55 23.87
N GLU A 80 0.94 0.85 22.62
CA GLU A 80 0.01 0.04 21.84
C GLU A 80 0.70 -1.21 21.30
N ASP A 81 0.02 -1.93 20.42
CA ASP A 81 0.56 -3.14 19.85
C ASP A 81 0.85 -2.97 18.35
N PHE A 82 0.23 -1.97 17.75
CA PHE A 82 0.42 -1.72 16.33
C PHE A 82 0.39 -0.23 16.01
N TYR A 83 0.76 0.11 14.77
CA TYR A 83 0.79 1.49 14.33
C TYR A 83 0.49 1.58 12.84
N THR A 84 0.21 2.79 12.36
CA THR A 84 -0.10 2.99 10.95
C THR A 84 0.79 4.05 10.32
N ASP A 85 0.55 4.32 9.04
CA ASP A 85 1.33 5.31 8.31
C ASP A 85 1.07 6.70 8.84
N GLY A 86 1.95 7.15 9.72
CA GLY A 86 1.83 8.46 10.30
C GLY A 86 1.83 8.46 11.82
N SER A 87 2.41 7.42 12.41
CA SER A 87 2.48 7.31 13.86
C SER A 87 3.90 7.59 14.34
N VAL A 88 4.03 7.95 15.62
CA VAL A 88 5.35 8.25 16.17
C VAL A 88 5.56 7.55 17.51
N VAL A 89 6.82 7.35 17.85
CA VAL A 89 7.19 6.71 19.11
C VAL A 89 8.55 7.21 19.57
N THR A 90 8.74 7.24 20.88
CA THR A 90 10.01 7.70 21.45
C THR A 90 10.83 6.51 21.92
N TYR A 91 12.12 6.58 21.68
CA TYR A 91 13.02 5.51 22.07
C TYR A 91 13.68 5.82 23.40
N SER A 92 14.17 4.78 24.07
CA SER A 92 14.79 4.96 25.38
C SER A 92 15.91 3.93 25.61
N CYS A 93 17.05 4.41 26.08
CA CYS A 93 18.18 3.53 26.37
C CYS A 93 17.87 2.68 27.59
N ASN A 94 18.62 1.57 27.74
CA ASN A 94 18.42 0.68 28.88
C ASN A 94 19.43 0.96 29.99
N SER A 95 20.61 0.35 29.87
CA SER A 95 21.67 0.54 30.85
C SER A 95 21.81 2.00 31.27
N GLY A 96 21.48 2.91 30.36
CA GLY A 96 21.58 4.33 30.66
C GLY A 96 22.38 5.09 29.63
N TYR A 97 22.26 4.69 28.37
CA TYR A 97 22.99 5.32 27.29
C TYR A 97 22.33 6.65 26.90
N SER A 98 22.83 7.26 25.83
CA SER A 98 22.30 8.53 25.36
C SER A 98 21.64 8.36 24.00
N LEU A 99 20.31 8.41 23.98
CA LEU A 99 19.53 8.26 22.76
C LEU A 99 20.13 9.09 21.62
N ILE A 100 20.57 8.42 20.58
CA ILE A 100 21.18 9.06 19.43
C ILE A 100 20.22 9.06 18.25
N GLY A 101 20.39 10.01 17.34
CA GLY A 101 19.54 10.07 16.17
C GLY A 101 18.09 10.27 16.54
N ASN A 102 17.89 11.07 17.56
CA ASN A 102 16.57 11.41 18.09
C ASN A 102 15.72 10.18 18.37
N SER A 103 15.33 10.03 19.63
CA SER A 103 14.51 8.91 20.07
C SER A 103 13.24 8.80 19.23
N GLY A 104 12.78 9.92 18.71
CA GLY A 104 11.57 9.94 17.90
C GLY A 104 11.67 9.06 16.67
N VAL A 105 10.61 8.32 16.39
CA VAL A 105 10.57 7.42 15.24
C VAL A 105 9.25 7.57 14.49
N LEU A 106 9.31 7.60 13.17
CA LEU A 106 8.11 7.75 12.35
C LEU A 106 7.63 6.41 11.84
N CYS A 107 6.36 6.09 12.10
CA CYS A 107 5.76 4.87 11.61
C CYS A 107 5.11 5.13 10.25
N SER A 108 5.80 4.74 9.19
CA SER A 108 5.31 4.95 7.84
C SER A 108 5.64 3.77 6.94
N GLY A 109 4.91 3.66 5.84
CA GLY A 109 5.13 2.57 4.91
C GLY A 109 5.25 1.23 5.59
N GLY A 110 4.52 1.06 6.70
CA GLY A 110 4.57 -0.18 7.44
C GLY A 110 5.89 -0.41 8.14
N GLU A 111 6.76 0.59 8.11
CA GLU A 111 8.06 0.49 8.76
C GLU A 111 8.31 1.71 9.63
N TRP A 112 9.48 1.75 10.26
CA TRP A 112 9.84 2.85 11.13
C TRP A 112 11.05 3.59 10.59
N SER A 113 10.88 4.89 10.37
CA SER A 113 11.96 5.72 9.84
C SER A 113 12.57 6.59 10.93
N ASP A 114 13.84 6.93 10.74
CA ASP A 114 14.56 7.77 11.69
C ASP A 114 14.78 7.07 13.04
N PRO A 115 15.16 5.78 13.03
CA PRO A 115 15.43 5.05 14.26
C PRO A 115 16.70 5.54 14.95
N PRO A 116 16.70 5.62 16.28
CA PRO A 116 17.83 6.13 17.04
C PRO A 116 18.80 5.06 17.47
N THR A 117 19.72 5.46 18.33
CA THR A 117 20.74 4.56 18.88
C THR A 117 20.94 4.85 20.35
N CYS A 118 21.99 4.28 20.93
CA CYS A 118 22.29 4.48 22.33
C CYS A 118 23.79 4.51 22.58
N GLN A 119 24.36 5.71 22.59
CA GLN A 119 25.78 5.88 22.81
C GLN A 119 26.04 6.70 24.07
N ILE A 120 27.24 6.55 24.62
CA ILE A 120 27.63 7.26 25.82
C ILE A 120 28.26 8.61 25.49
#